data_8OIP
#
_entry.id   8OIP
#
_cell.length_a   1.00
_cell.length_b   1.00
_cell.length_c   1.00
_cell.angle_alpha   90.00
_cell.angle_beta   90.00
_cell.angle_gamma   90.00
#
_symmetry.space_group_name_H-M   'P 1'
#
loop_
_entity.id
_entity.type
_entity.pdbx_description
1 polymer '39S ribosomal protein L19, mitochondrial'
2 polymer bL31m
3 polymer '12S rRNA'
4 polymer '28S ribosomal protein S35, mitochondrial isoform 1'
5 polymer 'Mitochondrial ribosomal protein S24'
6 polymer 'Aurora kinase A interacting protein 1'
7 polymer 'bS6m,Mitochondrial ribosomal protein S6'
8 polymer 'Mitochondrial ribosomal protein S7'
9 polymer 'P-site Met-tRNA(fMet)'
10 polymer 'Mitochondrial ribosomal protein S10'
11 polymer mRNA
12 polymer 'Mitochondrial ribosomal protein S12'
13 polymer 'Mitochondrial ribosomal protein S14'
14 polymer '28S ribosomal protein S15, mitochondrial'
15 polymer '28S ribosomal protein S16, mitochondrial'
16 polymer uS17m
17 polymer '28S ribosomal protein S18b, mitochondrial'
18 polymer 'Mitochondrial ribosomal protein S18C'
19 polymer '28S ribosomal protein S21, mitochondrial'
20 polymer 'Mitochondrial ribosomal protein S22'
21 polymer mS23
22 polymer 'Mitochondrial ribosomal protein S25'
23 polymer 'Mitochondrial ribosomal protein S26'
24 polymer 'Mitochondrial ribosomal protein S27'
25 polymer 'Mitoribosomal protein ms28, mrps28'
26 polymer 'Death associated protein 3'
27 polymer '28S ribosomal protein S31, mitochondrial'
28 polymer 'Mitochondrial ribosomal protein S33'
29 polymer 'Peptide chain release factor 1, mitochondrial'
30 polymer 'Mitochondrial ribosomal protein S2'
31 polymer 'Coiled-coil-helix-coiled-coil-helix domain containing 1'
32 polymer '28S ribosomal protein S5, mitochondrial isoform X2'
33 polymer mS39
34 polymer uS9m
35 polymer 'Mitochondrial ribosomal protein S11'
36 polymer 'Mitochondrial ribosomal protein S34'
37 non-polymer 'MAGNESIUM ION'
38 non-polymer SPERMINE
39 non-polymer SPERMIDINE
40 non-polymer 'POTASSIUM ION'
41 non-polymer 'ZINC ION'
42 non-polymer 'FE-S-O HYBRID CLUSTER'
43 non-polymer "ADENOSINE-5'-TRIPHOSPHATE"
44 non-polymer "GUANOSINE-5'-DIPHOSPHATE"
45 water water
#
loop_
_entity_poly.entity_id
_entity_poly.type
_entity_poly.pdbx_seq_one_letter_code
_entity_poly.pdbx_strand_id
1 'polypeptide(L)'
;MGVVVSTQRAGMAASITRGSWAAVGLGQSFPPTRALLPAPASVICRTLAGSGRQQVTGSSEPGAFQPPPKPVIVDKRRPQ
RPETRFLSPEFIPPRGRTNPLKFQIERKDMLERRKILHIPEFYVGSILRVTTADPYASAKTSQFLGICIQRSGSGLGATF
ILRNTIEGQGVEICFELYNPRIQEIQVVKLEKRLDNSLLYLRDALPEYSTFDVNMKPITQEFNQEVPVNQLKVKMKPKPW
SKRWERPKFNIKGIRFDLCLTEEQMREAQKWSQPWLEFDMMREYDTSKIEAAIWDEIEASKNS
;
BX
2 'polypeptide(L)'
;MAAKGSLLRLLWQRVVTGAAPESCRHLYTSSWRADCNRALLTRLHRQTYARLYPVLLVKQDGSTIHIRYREPRRMLTMPV
DLDSLSPEERRARFRKREAKFKEKKEEPELSDDFDVEQYKRFWTKK
;
Bd
3 'polyribonucleotide'
;ACACAGGUUUGGUCCUGGCCUUUCUAUUAAUUCUUAAUAAAAUUACACAUGCAAGUAUCCGCGCCCCGGUGAGAAUGCCC
UCCAGAUCUUAAAGAUCAAAAGGAGCAGGUAUCAAGCACACCUAUAACGGUAGCUCAUAACGCCUUGCUCAACCACACCC
CCACGGGAAACAGCAGUGAUAAAAAUUAAGCCAUGAACGAAAGUUUGACUAAGUUAUAUUAAUUAGAGUUGGUAAAUCUC
GUGCCAGCCACCGCGGUCAUACGAUUAACCCAAAUUAAUAGAUCCACGGCGUAAAGAGUGUUUAAGAAAAAAAAUCACAA
UAGAGUUAAAUUAUAACUAAGCUGUAAAAAGCCCUAGUUAAAAUAAAAUAACCCACGAAAGUGACUCUAAUAAUCCUGAC
ACACGAUAGCUAGGACCCAAACUGGGA(5MU)UAGAUACCCCACUAUGCCUAGCCCUAAACCCAAAUAGUUACAUAACAA
AACUAUUCGCCAGAGUACUACUCGCAACUGCCUAAAACUCAAAGGACUUGGCGGUGCUUCACAUCCACCUAGAGGAGCCU
GUUCUAUAAUCGAUAAACCCCGAUAGACCUUACCAACCCUUGCCAAUUCAGCCUAUAUACCGCCAUCUUCAGCAAACCCU
AAAAAGGAACAAUAGUAAGCACAAUCAUAGCACAUAAAAACGUUAGGUCAAGGUGUAGCUUAUGGGUUGGAAAGAAAUGG
GCUACAUUUUCUACAUAAGAAUAUCCACCACACGAAAGUUUUUAUGAAACUAAAAACCAAAGGAGGAUUUAGCAGUAAAU
CAAGAAUAGAGUGCUUGAUUGAAUAAGGCCAUGAAGCACGCACACACCG(B8T)C(5MC)GUCACCCUCCUCAAGCAUGU
AGUAAUAAAAAUAACCUAUAUUCAAUUACACAACCAUGCAAGAAGAGACAAGUCGUAACAAGGUAAGCAUACUGG(MA6)
(MA6)AGUGUGCUUGGAUUACC
;
AA
4 'polypeptide(L)'
;MITVSCSRGGRARHVSLRSRASGPPVDSLRACPLPLAVCADMAATSLPAWLILKSRAGTFRAFSTAMSPATRSPRPALRT
TERTSKPERALRRKALPPRTEKMAVDQDWPSVYPVAAPFKPSAVPLPVRMGYPVKRGVPMAKEGNLELLKIPNFLHLTPV
AIKRHCEALKDFCTEWPAALDSDEKCEKHFPIEIDTADYVSAGPSIRNPKARVVTLRVKLSSLNLDDHAKKKLIKLVGDR
YCKSTDVLTIKTDRCPLKRQNYDYAVYLLTVLYHESWKTEEWEKKKTEADMEEYIWENSTSEKNILETLLQIKAAEKNLE
LSKEELLGTKEVEDYRKSVVSLKNEGDNENTLSQYKESVKRLLNLA
;
AB
5 'polypeptide(L)'
;MVASVCGGGLRPLVLSWSRELPCAWRALHISAVCAKNRAARVRVSKGDKPVTYEEAHAPHYIAHRKGWLSLHTGNLDGED
HAAERTVEDVFLRKFMLGTFPGCLADQLVLKRRANQLEICALVLRQLPPHKFYFLVGYSETLLSHFYKCPVHLHLQTVPS
KVVYKYI
;
AC
6 'polypeptide(L)'
;MFLVRLTSQLLRAVPGAGRSGSPRVSEVLGRHACRPRYSTQPPGPSGIASLPGKHVHPELEEMLVPRKMSISPLESWLTI
RYLLPRLGAGTPGTVSPAQLYQCPPSQVGEGVKQGDKEVRDTPQMQCKNILKIRRRKMNHHKYRKLVKRTRFLRRKVREG
RLRQKQVKFERDLKRIWQKAGLKEAPAGWQTPKIYLKNQ
;
AD
7 'polypeptide(L)'
;MGYDPSPVAHSLRLTPTTLGKGPQEAALAAALEHRAVGRGGRGSTPRVYPAGAARGRRPKRERSGTRMRGQSRGKGARTD
QTAPQRTRTRGRTLARSSPRMRRKAWKVPAGSRTIRSKRGGSGSCRVGGVCSSRWQLAEGTRGAALLQWLPGQGAGPRAG
CRPQRAGLSRGRGAAALRRGRGVARGGAWLGEGAWRPVCAAARAFKPGLARPERAFAAWEPSGPAVRQVSAVPALFHPGR
RFREEPRAVHSGMPRYELALILKAMQRPETAAALKRTLEALMDRGAVVRNLENLGERMLPYKISAHNQRHSRGGYFLVDF
YAPATTVESMMEHLSRDIDVIRPNIVKHPLTQEVKECEGIVPVPLEEKLYSTKKRK
;
AE
8 'polypeptide(L)'
;MAAPAVKAARGWSCSALGVRIAVLRFPGLTQVRWSRYGPEYKDPQIDKEYYRKPLAEQTEEEKYERDFKKTQLIKAAPAT
KTSSVFEDPVISKFTNMMMKGGNKVLARSLMTQTLEAVKRKQFAKYHAASAEEQATIERNPYTIFHQALKNCEPVIGLVP
ILKGGHFYQVPVPLADRRRRFLAMKWMIAECREKKHRRVLMPEKLSQELLEAFHNQGPVIKRKHDMHKMAEANRALAHYR
WW
;
AF
9 'polyribonucleotide' AGUAAGGUCAGCUAAAUAAGCUAUCGGGCCCAUACCCCGAAAAUGUUGGUUAUACCCUUCCCGUACUACCA(FME) AG
10 'polypeptide(L)'
;MAARTAFGALARRLWQGSRNFSVSSSRSSTAKNGGFLLTTMKWVQFSNLHVDVPKDMTKPEITISDEPDTLYKRLSVLVK
GHDKAVLDSYEYFAVLAAKELGISIKVHEPPRKIERFTLLKSVHIFKKHRVQYEMRTLYRCLELEHLTGSTADVYLEYIQ
RNLPEGVAMEVTKTKLEQLPEHIRKPIWETMPEEKEESKS
;
AH
11 'polyribonucleotide' AAUGAGACA AI
12 'polypeptide(L)'
;MSWSGLLRGLGTSLNCGLALVPRPWATRPMATLNQMHRLGPPKHPPGKMGPTAGRPQLKGVVLRTFIRKPKKPNSANRKC
CRVRLSTGREAVCFIPGEGHSLQEHHVVLVQGGRTQDLPGVKLTVVRGKYDCGHVQKKK
;
AJ
13 'polypeptide(L)'
;MAASMLGFLLRTVRQMVPSSASGQVRSYYVDWKMLRDVKRRKMAYEYADERLRINSLRKNTILPKDLQEVADEEIASLPR
DSCPVRIRNRCVMTSRPRGVKRRWRLSRIVFRHLADHGQLSGVQRAMW
;
AK
14 'polypeptide(L)'
;MLRAAWRALSSIRTQAVTQAPVLGLPGGGCARFPSVQRALPSRPAGLILRAARGYAAQKPGEEQGLTGEDRLISHCLCLN
IQPNQDDPPPSMLLLDYQNVPGIHKVDDVVKRLLSLEMANQKEKLKIKKMQLMNKVLENPEDTSSLEARIVALTVKIRNY
EEHMQKHRKDKAHKRFLLMSIDQRKKMLKNLRETNYAVFEKICKELGIEYTFPPPYHRKAHRRWVTKKALCTQVFREVQK
LKKQKRALRAAAVAAHKQG
;
AL
15 'polypeptide(L)'
;MVQLTTVLCRAYRGGHLTIRLALGGCTNRPFYRIVAAHSKCPRDGRFVEQLGSYDPLPNSHGEKLVALNFDRIRHWIGCG
AHLSKPVEKLLGLSGFYPLHPMMITNAERLRRKRAREVLLASQKTDTEATETKAS
;
AM
16 'polypeptide(L)'
;MSIARSSVHAKWVVGKVIGTAMQKTAKVRVTRLVLDPYLLKYFNKRKTYFAHDALQQCTVGDIVLLKALPVPRTKHVKHE
LAEIIFKVGQVIDPVTGKPCAGTTYLESPISPESTRLTKNLEALQLSSTQ
;
AN
17 'polypeptide(L)'
;MAASILNVLLRRLPGVSPFRGAYGVQVLLQTLCTKAPPEDDSLPQVPISPYKDEPWKYLDSEEYQNRYGSRPVWADYRRN
HKGGIPPQRTRKMCIRGNKVAGNPCPICRDQKLHVDFRNVKLLEQFVCAHTGIIFHAPYTGVCMKQHKKLTQAIQKARDH
GLLRYHIPQVEPRDLDFSTTHGAVSSTPPAPTLVSGDPWYPWYSWKQPPERELSRLRRLYQGRLREESGPPPELMPEVPL
TAPAEASSTEPGAPQSAL
;
AO
18 'polypeptide(L)'
;MAAVVSLCSRLGRRKSTDFVNAAVCLTDPGTHAVLWRSCSQYKQVASNEDLPVPMENPYKEPLKKCILCEKHVDYKNVQL
LSQFISPFTGCIYGRHITGLCGKKQKEITKAIKRAQILGFMPVTYKDPAYLKDPKVCNIKYRE
;
AP
19 'polypeptide(L)'
;M(AYA)NHLKFIARTVMVQEGNVEGAYRTLNRILTMDGLIEDIKRRRYYEKPCRRRQRESYETCRRIYNMEMARKINFLM
RKNRADPWQGC
;
AQ
20 'polypeptide(L)'
;MPHEPRETRNLSLPLPALVARIIMATLKASALLRSLQTNSCGTGRVCFPVRARPRPRALLQPLPGASGTGTLCRGLGSES
ESGNSEIRKPTFMDEEVQNILIKMTGLDLQKIFKPALQELKPPTYKLMTQAQLEEATKQAVEAAKVRLKMPPVLEERAPI
NDVLAEDKILEGTETAKYVFTDISYSIPHRERFIVVREPSGTLRKASWEERDRMIQVYFPREGRRILTPVIFKEENLQTM
YSQDQHVDVLNLCVAQFEPDSAEYIKIHHHTYEDIDKCGKYDLLRSTRHFGGMAWYFVNKKKIDGLLIDQIQRDLVSDAT
SLVHLYHILHPDGQSAQEAKKQGAEGLHLIKVFAKTEAQKGAYIELTLQAYQEAFITHSAAS
;
AR
21 'polypeptide(L)'
;MAGSRLETVGSIFSRTRDLIRAGVLKEKPLWLDIYNAFPPLREPVFRRPRLRYGKAKAAVQDIFYHEDRIRAKFYSAYGS
GPKAFDLFNPNFKSTCQRFVEKYIELQRLGETDEEKLFVEAGKALLAEGVTLRRVGEARTQQEGSPISRKSEPTGIKPQT
AVEENQPWKEVPQDQPLEAPEKESKGLPPP
;
AS
22 'polypeptide(L)'
;MPMKGRFPIRRTLQYLGQGDVVFKDSVKVMTVNYNTHGELGEGARKFVFFNIPQIQYKNPWVQITMFKNMTPSPFLRFYL
DSGEQVLVDVESKSNKEIVEHIRKILGKNEETLEKEEQEKKQLSHPAHFGPRKYCLRECMCEVEGQVPCPGLVPLPKEMT
GKYKAALKATAQD
;
AT
23 'polypeptide(L)'
;MLRVLGGLGARPAGRLPAPLLLPTRGRKTRHDPPAKSKAGRVATPPAVDPTEFFVLTERYRQYRQTVRALRLEFMSEVRK
KLHEARAGVQAERKAQEDAAEHRELMAWNQAENQRLHELRLARLRQEALEQERRQAEEAVLQAREAQAWAQLKEQEVLQL
QEEAKTFITRENLEARVEEALDSPKSYNWAITREGLVVRPQQKGS
;
AU
24 'polypeptide(L)'
;VVKSCRRCLLSAAYVDSHKWEARDKEDCHLADLASLMDKTYERKLPVSSLTISRFVDNIASREDIDHAEYYLYKFRHSPN
CWYLRDWTIHTWIRQCLKYGAQDKALYTLKNKVQYGIFPDNYTFNLLMDYFIKKENYKDALSVVFEIMMQEAFEVPSTQL
LSLYVLYHCLAEKTDLSWEEERNFGASLLLPGLKQKNSVGLSSQLYGYALLGKVELQQGLRAVYCNMPLLWQPGYLHRAL
QVMEKVASSPEDGQLCGEALDVLDRVLKAVTAPAQGTSEEQPQEGEESQRSEELVEQLDVEETEQSKLPQYLERFEALRS
KLQALGKVESESLLTLSTQLAKAQLPTCEAEDIAVYEQRLQQWHGERVRLIQREQEQRERARQDYEARRAAKASA
;
AV
25 'polypeptide(L)'
;MAALCRTRAVTAKSHFLRVFFFSRPCRGTGTESGSGSESSESTEPKQRPGGFASALERHSELQQKAEFGRMRGSPKNVES
FASMLRHSPLTQMGPAKNKLVIGQIFHIVEDDLYIDFGGKFHCVCKRPEVDGEKYQKGTRVRLRLLDLELTSRFLGATTD
TTILEADAVLLGLQESKDSKSKEERHEK
;
AW
26 'polypeptide(L)'
;MAQLLANLTSIQVMLKGVTRLISRVHKLDPGHVLYMGTQAPQSLAAHLDNQVPVKSPRAISRTSEDDPAKHREQHEGQHY
NISLQELKTVFPHGLPPRFAMQVKTFNEACLMVRKPALELLHYLKNTNFAHPAVRYVLYGEKGTGKTLSLCHILHFCAKQ
NWLILHIPDAHIWVKNCRDLLQSNYNKQRFDQPLEASTWLKNFKTANEHFLSQIKVQEKYVWNKRESTEKGRPLGEVVEQ
GIMRVRNATDAVGIVLKELKRQSSLGIFHLLVAVDGVNALWGRTTLKREDKSPIAPEELALIHNLRKMVKNDWQGGAIVL
TVSQTGSLFKPRNAYLPQELLGKEGFDALDPFIPILVSNYNPKEFESCIQYYLENNWLQHEKAHTEEGKKELLFLSNRNP
GQLERLCAYL
;
AX
27 'polypeptide(L)'
;MLPRVSAVIPLRPLSRLPLCSGGPEASAAAILLLDSLRGTVRTENNIQRYFGTNNLVYSKKDEQSGPTCEISKETESKGS
VKENSKKDLLNIIKGMKVELSTVNVQTTKPSNKRQLKNLETAIGRIKKAPEDTPQKRSESLSSELVAAVSAVADSLPFDR
RMTKSELLRQLQKHEEDSRDKKKKLIFSNIISDMKVARSATARVSTRPVHQIQFDEGTDDFADQEKTLNLKKRKNIFKGR
RLNIFEPQAVTEEAPETEAVPSLWDIEFAKQLAAVTERPFQNGFEEMIQWTKEGKLWEFPINNEAGFDDDGSEFHEHIFL
DKYLQDFPKQGPIRHFMELVTCGLSKNPYLSVKQKVEHIEWFRNYFNEKRVILKESGIQLN
;
AY
28 'polypeptide(L)'
;MRDGFRAPAEVSSLVESPRIGRINFINQLGGLTGTLAPAAQEMSSLSEYAVRMSRLSARLFGEVARPTDSKSMKVVKLFS
EQPLAKRKETYDWYPNHNTYFALMGTLRFLGLYRDEHQDFRDEQLRLKKLRGKGKPRKGEGKRAMKKK
;
AZ
29 'polypeptide(L)'
;MNRHLCVWLFRHPSLNGYLQCHIQLHSHQFRQIHLDTRLQVFRQNRNCILHLLSKNWSRRYCHQDTKMLWKHKALQKYME
NLSKEYQTLEQCLQHIPVNEENRRSLNRRHAELAPLAAIYQEIQETEQAIEELESMCKSLNKQDEKQLQELALEERQTID
QKINMLYNELFQSLVPKEKYDKNDVILEVTAGRTTGGDICQQFTREIFDMYQNYSCYKHWQFELLNYTPADYGGLHHAAA
RISGDGVYKHLKYEGGIHRVQRIPEVGLSSRMQRIHTGTMSVIVLPQPDEVDVKLDPKDLRIDTFRAKGAGGQHVNKTDS
AVRLVHIPTGLVVECQQERSQIKNKEIAFRVLRARLYQQIIEKDKRQQQSARKLQVGTRAQSERIRTYNFTQDRVSDHRI
AYEVRDIKEFLCGGKGLDQLIQRLLQSADEEAIAELLDEHLKSAKGGSGGSGDYKDHDGDYKDHDIDYKDDDDK
;
Aa
30 'polypeptide(L)'
;MASGPLLPRLLGAGAPRRPLRLHLVPTATPGPAGPTGRTLGSNAAPAAREPELGNDLRDRILSEPLKHADFFNLKELFSV
RSLFDARVHLGHKAGCRHRFMEPYLFGSRLGQDIIDLEQTAAHLQLALNFTAHVAYREGIILFVSRHRQFAHLIETTARD
CGEYAHTRYFKGGLLTNAPLLLGPGVRLPDLIIFLHTLNNVFEPHVAVRDAAKMNIPTVGIVDTNCNPALITYPVPGNDD
SPPAVRLFCRLFQVAISRAKEKRRQVEALYRLQGPAGAERGPAAPPPPE
;
Ab
31 'polypeptide(L)'
;M(AYA)TPSLRGRLARLGNPRRPILKPNKPLILANHVGERRREKGEATCITEMSVMMACWKQNEFRDEACRKEIQDFFDC
ASRAEAARKMRSIQENLGELGSLPPKKLNKLLHRFPNKPHVS
;
Ac
32 'polypeptide(L)'
;MAAAVRAAGFFPGLFGASAGNLWSRQLYLNTFPAASILTSKTFPSNGPLSPPGTRDNHHFTSLACALQTQCSISSPSNWM
GQQYRSYSFFTKLTADELWKGALAESGAGARKGRGKRTKKKRRKDLNRGQIIGEGRHGFLWPGLNIPLMRNGAVQTIAQR
SKEDQEKVEADMVQQREEWDRRRKMKVKRERGWSGNTWGGVSLGPPDPGPNGETYDDFDTRILEVRNVFNMTAKEGRKRS
VRVLVAVGNGKGAAGFAIGKATERADAFRKAKNRAVHYLHYIERYEDHTIYHDISLKFKRTHIKMKKQPRGYGLHCHRAI
MTICRLIGIKDLYAKVSGSVNMLNLTRGLFLGLSRQETHQQLADKKSLHVVEFREECGPLPIVVASPQGALRKDPEPEDE
VPDITLDWEDVKAAQGMKRSVWSGLKRAAT
;
Ad
33 'polypeptide(L)'
;MAAVASARWLGVRSGLCLPLTGRRVGPCGRTPRSRFYSGSAAHPEVEGANVTGIEEVVIPKKKTWDKVAILQALASTVHR
DSTAAPYVFQDDPYLIPTSSVESHSFLLAKKSGENAAKFIINSYPKYFQKDIAEPHIPCLMPEYFEPQIEDVSEAALQER
IKLRKVKASVDMFDQLLQAGTTVSLETTNSLLDLLCYYGNQEPSANYNFQQREQSEELEEATEADNEKSKTKAGHHLGVT
WRTKNNAERIFALMPEKNAHSYCTMIRGMVKHQAPTQALNLYTVLLNNRLRADVYTFNSLIEATALVVNEKFEEKWNNIL
DLLKQMVTQNVKPNLQTFNTILKCLRRFYAFGKLPALQTLREMKAIGIEPSLATYHYVIQLFYQHESPSKGSSLIIYDIM
NEVMGKRFSPRDPDDDMFFQSAMRVCSSLRDLELAYQVHGLLNTGDNWKLIGSDHRRNFYYSKFFNLLCFMEQIDVTLKW
YKDLIPSVFFPHSQTMIDLLQALDVANRLDMVPQIWKDSKEYGHTFRNELKEEILMLMARDQHPPELQVAFADCAADIKS
TYESQDARQTAPEWPASSLNYVAVLFLRAGRTQEAWKMLGLFRKHNKIPRAELLNEFLDSAKASSSPAQAIELVKLASAF
SLPVCEGLTRRVMAEFTLTQEQREALGELTALTSDSSSDSDSDSDSDISEGK
;
Ae
34 'polypeptide(L)'
;MAAPCVFCGAAVSYRLFLGCRVSFARGQVLWKAAAPELQAGARCQILRLRHTAVVTTKKNVAASRRETYTVDFIKKQIEE
FNIGKRHLANMMGEDPETFTQEDIDRAIAYLFPSGLFEKRARPIMKHPEEIFPKQRAIQWGEDGRPFHFLFYTGKQSYYS
LMHDTYGKLLDVEKHHNQLRAKDLLAEKTKILKDPIGSRWLIKEELEEMLVEKLSDQDYAQFIRLLERLSALPCGATEED
FVNRFRRSIPIQSKKQLIEPLQYDEQGMAFSRGEGKRKTAKAEVVVYGQGSGRIDVNGVDYLLYFPVTQDREQLMFPLHF
LDRLGKHDMTCAVSGGGRSAQAGAVRLAMARALCSFVTEDEVEWMRQAGLLTADPRVRERKKPGQEGARRKFTWKKR
;
Ag
35 'polypeptide(L)'
;MQVVRNAGSRLLQSWAWPPKTRIVAGLPASTIHRSAPHLQDAAAKLDIEDKEEARTPSHSSFSIYPPIPGQENSLRWAGK
KFEEIPIAHIKASYNNTQIQVVSAAHQPLAHASCGTEGFRNAKKGTGIAAQTAGIAAAAKATGKGVTHVRVVVKGLGPGR
LSAIKGLTMGGLEVISITDNTPIPH(5F0)GCRPRKARRL
;
Ai
36 'polypeptide(L)'
;MRERRLLGRVTQDTHTGRARIWLHSAPPEAPGRALGLHTVLTAQGVQGLHQDVGSSIFQDGWDGERRVSCHSFFSPRRDT
TGVRRADPQPRQHVDKTLIGSGSQSAGPSVSSSSPTGKPAPVPGRLTAFREALPCRSQADYHLSGLRGTSEESIPPPAAH
WARPHLGPRAPPGAARPARVAAAAVPWPPPCAPPPGPGRSRRPRAGGTLGVRVRDLPGRGPPRSPAPAPARAPGPPSSSV
GHGPPGLFCASGRARTPLRETPAASGIGRARRRAAASSGQSTEAPAAMARKKVRPRLIAELARRVRALREQRERPRDSQR
YALDYETMMRPHSGNRLPMRAWADVRHESRLLQLLNRLPLFGLGRLVTRKSWLWQHDEPCYWRLTRVRPDYAAENLDHGK
AWGILTFKGKTESEAREIEQVMYHDWRLVPKHEEEAFTAFTLVPEDTPLSVPYPPLLRAMILAQRQKYGDTSTEEPMLNL
ERARIDPWDYPAKLEAKTKTKGAAV
;
Aj
#
loop_
_chem_comp.id
_chem_comp.type
_chem_comp.name
_chem_comp.formula
5MC RNA linking 5-METHYLCYTIDINE-5'-MONOPHOSPHATE 'C10 H16 N3 O8 P'
5MU RNA linking '5-METHYLURIDINE 5'-MONOPHOSPHATE' 'C10 H15 N2 O9 P'
A RNA linking ADENOSINE-5'-MONOPHOSPHATE 'C10 H14 N5 O7 P'
ATP non-polymer ADENOSINE-5'-TRIPHOSPHATE 'C10 H16 N5 O13 P3'
B8T RNA linking '4-methyl, cytidine-5'-monophosphate' 'C10 H16 N3 O8 P'
C RNA linking CYTIDINE-5'-MONOPHOSPHATE 'C9 H14 N3 O8 P'
FS2 non-polymer 'FE-S-O HYBRID CLUSTER' 'Fe4 O3 S2'
G RNA linking GUANOSINE-5'-MONOPHOSPHATE 'C10 H14 N5 O8 P'
GDP RNA linking GUANOSINE-5'-DIPHOSPHATE 'C10 H15 N5 O11 P2'
K non-polymer 'POTASSIUM ION' 'K 1'
MA6 RNA linking 6N-DIMETHYLADENOSINE-5'-MONOPHOSHATE 'C12 H18 N5 O7 P'
MG non-polymer 'MAGNESIUM ION' 'Mg 2'
SPD non-polymer SPERMIDINE 'C7 H19 N3'
SPM non-polymer SPERMINE 'C10 H26 N4'
U RNA linking URIDINE-5'-MONOPHOSPHATE 'C9 H13 N2 O9 P'
ZN non-polymer 'ZINC ION' 'Zn 2'
#
# COMPACT_ATOMS: atom_id res chain seq x y z
N ALA A 64 106.06 -36.86 -59.49
CA ALA A 64 104.75 -37.36 -59.89
C ALA A 64 104.83 -38.82 -60.29
N PHE A 65 104.15 -39.68 -59.53
CA PHE A 65 104.14 -41.11 -59.77
C PHE A 65 102.88 -41.48 -60.55
N GLN A 66 103.06 -42.26 -61.61
CA GLN A 66 101.96 -42.77 -62.41
C GLN A 66 101.77 -44.25 -62.11
N PRO A 67 100.61 -44.68 -61.63
CA PRO A 67 100.40 -46.10 -61.34
C PRO A 67 100.51 -46.93 -62.60
N PRO A 68 101.06 -48.14 -62.51
CA PRO A 68 101.24 -48.96 -63.71
C PRO A 68 99.90 -49.34 -64.32
N PRO A 69 99.84 -49.49 -65.63
CA PRO A 69 98.57 -49.89 -66.27
C PRO A 69 98.20 -51.32 -65.91
N LYS A 70 96.91 -51.61 -66.05
CA LYS A 70 96.39 -52.93 -65.74
C LYS A 70 96.83 -53.93 -66.81
N PRO A 71 97.57 -54.98 -66.45
CA PRO A 71 97.99 -55.97 -67.45
C PRO A 71 97.02 -57.14 -67.53
N VAL A 72 97.29 -58.02 -68.48
CA VAL A 72 96.51 -59.24 -68.67
C VAL A 72 97.43 -60.43 -68.39
N ILE A 73 97.04 -61.26 -67.43
CA ILE A 73 97.82 -62.43 -67.03
C ILE A 73 97.16 -63.73 -67.46
N VAL A 74 96.17 -63.66 -68.35
CA VAL A 74 95.49 -64.86 -68.83
C VAL A 74 96.37 -65.54 -69.86
N ASP A 75 96.57 -66.85 -69.70
CA ASP A 75 97.39 -67.64 -70.62
C ASP A 75 96.49 -68.45 -71.54
N LYS A 76 96.90 -68.55 -72.81
CA LYS A 76 96.14 -69.29 -73.80
C LYS A 76 96.27 -70.79 -73.66
N ARG A 77 97.21 -71.27 -72.83
CA ARG A 77 97.38 -72.71 -72.65
C ARG A 77 96.13 -73.35 -72.04
N ARG A 78 95.56 -72.71 -71.02
CA ARG A 78 94.37 -73.23 -70.36
C ARG A 78 93.11 -72.88 -71.13
N LYS B 104 -78.73 50.39 -46.84
CA LYS B 104 -77.96 51.62 -46.70
C LYS B 104 -78.69 52.61 -45.80
N LYS B 105 -77.92 53.40 -45.05
CA LYS B 105 -78.50 54.40 -44.15
C LYS B 105 -77.46 55.49 -43.91
N GLU B 106 -77.94 56.64 -43.46
CA GLU B 106 -77.06 57.78 -43.22
C GLU B 106 -77.75 58.73 -42.25
N GLU B 107 -77.16 58.92 -41.07
CA GLU B 107 -77.66 59.89 -40.09
C GLU B 107 -76.54 60.27 -39.12
N PRO B 108 -75.54 61.03 -39.56
CA PRO B 108 -74.43 61.37 -38.67
C PRO B 108 -74.71 62.56 -37.77
N GLU B 109 -75.60 63.46 -38.21
CA GLU B 109 -75.93 64.65 -37.43
C GLU B 109 -77.05 64.30 -36.44
N LEU B 110 -76.64 63.62 -35.36
CA LEU B 110 -77.58 63.28 -34.30
C LEU B 110 -77.99 64.54 -33.54
N SER B 111 -79.28 64.62 -33.20
CA SER B 111 -79.83 65.78 -32.51
C SER B 111 -79.40 65.71 -31.04
N ASP B 112 -78.20 66.21 -30.77
CA ASP B 112 -77.62 66.19 -29.43
C ASP B 112 -77.23 67.60 -29.02
N ASP B 113 -77.54 67.96 -27.78
CA ASP B 113 -77.28 69.30 -27.27
C ASP B 113 -76.54 69.21 -25.95
N PHE B 114 -75.40 69.89 -25.86
CA PHE B 114 -74.63 70.01 -24.63
C PHE B 114 -73.57 71.09 -24.77
N ASP B 115 -73.51 72.00 -23.80
CA ASP B 115 -72.56 73.11 -23.82
C ASP B 115 -71.61 72.96 -22.65
N VAL B 116 -70.31 72.90 -22.94
CA VAL B 116 -69.32 72.80 -21.88
C VAL B 116 -69.25 74.08 -21.08
N GLU B 117 -69.40 75.23 -21.74
CA GLU B 117 -69.30 76.53 -21.07
C GLU B 117 -70.44 76.80 -20.11
N GLN B 118 -71.50 75.98 -20.11
CA GLN B 118 -72.60 76.20 -19.19
C GLN B 118 -72.15 76.04 -17.73
N TYR B 119 -71.26 75.08 -17.46
CA TYR B 119 -70.79 74.81 -16.12
C TYR B 119 -69.42 75.43 -15.85
N LYS B 120 -69.09 76.53 -16.52
CA LYS B 120 -67.82 77.21 -16.29
C LYS B 120 -67.72 77.77 -14.88
N ARG B 121 -68.86 78.03 -14.24
CA ARG B 121 -68.82 78.67 -12.93
C ARG B 121 -68.37 77.71 -11.84
N PHE B 122 -69.06 76.58 -11.70
CA PHE B 122 -68.65 75.59 -10.71
C PHE B 122 -67.25 75.07 -11.02
N TRP B 123 -66.86 75.09 -12.30
CA TRP B 123 -65.53 74.71 -12.74
C TRP B 123 -64.42 75.49 -12.05
N THR B 124 -64.63 76.78 -11.79
CA THR B 124 -63.57 77.57 -11.17
C THR B 124 -63.48 77.32 -9.68
N LYS B 125 -64.55 77.60 -8.93
CA LYS B 125 -64.50 77.52 -7.48
C LYS B 125 -65.83 77.05 -6.94
N LYS B 126 -65.80 76.47 -5.75
CA LYS B 126 -67.01 76.01 -5.07
C LYS B 126 -67.97 77.17 -4.80
N1 5MU C 428 -33.19 -30.52 -28.48
C2 5MU C 428 -31.78 -30.49 -28.64
N3 5MU C 428 -31.20 -30.93 -29.77
C4 5MU C 428 -31.93 -31.41 -30.78
C5 5MU C 428 -33.40 -31.46 -30.63
C5M 5MU C 428 -34.26 -32.00 -31.75
C6 5MU C 428 -33.97 -31.00 -29.46
O2 5MU C 428 -31.07 -30.05 -27.71
O4 5MU C 428 -31.39 -31.82 -31.82
C1' 5MU C 428 -33.78 -30.05 -27.23
C2' 5MU C 428 -33.86 -28.51 -27.18
O2' 5MU C 428 -33.68 -28.09 -25.84
C3' 5MU C 428 -35.30 -28.27 -27.63
C4' 5MU C 428 -36.04 -29.44 -27.02
O3' 5MU C 428 -35.80 -27.02 -27.20
O4' 5MU C 428 -35.10 -30.54 -27.15
C5' 5MU C 428 -37.34 -29.80 -27.69
O5' 5MU C 428 -37.16 -30.04 -29.08
P 5MU C 428 -38.34 -30.64 -29.96
OP1 5MU C 428 -39.57 -29.79 -29.73
OP2 5MU C 428 -37.83 -30.85 -31.36
N1 B8T C 846 -12.38 -14.16 -17.49
C2 B8T C 846 -13.19 -15.30 -17.44
N3 B8T C 846 -14.16 -15.47 -18.37
C4 B8T C 846 -14.32 -14.54 -19.34
C5 B8T C 846 -13.51 -13.38 -19.41
C6 B8T C 846 -12.56 -13.24 -18.48
O2 B8T C 846 -13.01 -16.12 -16.53
C1' B8T C 846 -11.33 -14.01 -16.47
C2' B8T C 846 -10.00 -14.59 -16.92
C3' B8T C 846 -9.30 -13.34 -17.47
C4' B8T C 846 -9.79 -12.25 -16.53
C41 B8T C 846 -16.14 -15.95 -20.19
C5' B8T C 846 -9.79 -10.85 -17.09
N4 B8T C 846 -15.30 -14.77 -20.23
O2' B8T C 846 -9.31 -15.07 -15.79
O3' B8T C 846 -7.90 -13.45 -17.51
O4' B8T C 846 -11.14 -12.64 -16.21
O5' B8T C 846 -10.83 -10.66 -18.02
OP1 B8T C 846 -10.19 -8.26 -18.46
OP2 B8T C 846 -12.36 -9.32 -19.50
P B8T C 846 -11.38 -9.20 -18.35
P 5MC C 848 -5.92 -18.89 -22.09
OP1 5MC C 848 -4.47 -19.26 -21.91
OP2 5MC C 848 -6.28 -17.68 -22.92
O5' 5MC C 848 -6.67 -20.15 -22.71
C5' 5MC C 848 -6.62 -21.42 -22.09
C4' 5MC C 848 -7.52 -22.41 -22.77
O4' 5MC C 848 -8.88 -21.91 -22.75
C3' 5MC C 848 -7.25 -22.64 -24.25
O3' 5MC C 848 -6.18 -23.54 -24.47
C2' 5MC C 848 -8.59 -23.14 -24.76
O2' 5MC C 848 -8.77 -24.52 -24.45
C1' 5MC C 848 -9.57 -22.33 -23.90
N1 5MC C 848 -10.07 -21.13 -24.62
C2 5MC C 848 -11.31 -21.20 -25.28
O2 5MC C 848 -11.94 -22.27 -25.26
N3 5MC C 848 -11.82 -20.13 -25.94
C4 5MC C 848 -11.14 -18.97 -25.96
N4 5MC C 848 -11.63 -17.89 -26.62
C5 5MC C 848 -9.84 -18.88 -25.28
C6 5MC C 848 -9.36 -20.00 -24.61
CM5 5MC C 848 -9.05 -17.59 -25.29
C2 MA6 C 944 -15.96 -25.04 -31.07
C4 MA6 C 944 -14.73 -26.80 -31.92
C5 MA6 C 944 -15.92 -27.61 -31.91
P MA6 C 944 -12.02 -31.87 -34.74
OP1 MA6 C 944 -10.74 -32.58 -34.85
OP2 MA6 C 944 -13.19 -32.55 -34.21
O5' MA6 C 944 -11.79 -30.56 -33.87
C5' MA6 C 944 -10.61 -29.78 -34.01
C4' MA6 C 944 -10.70 -28.50 -33.22
O4' MA6 C 944 -11.87 -27.74 -33.66
C1' MA6 C 944 -12.47 -27.10 -32.55
N9 MA6 C 944 -13.84 -27.61 -32.39
N3 MA6 C 944 -14.80 -25.54 -31.50
N1 MA6 C 944 -17.07 -25.77 -31.05
C6 MA6 C 944 -17.09 -27.03 -31.46
N6 MA6 C 944 -18.34 -27.74 -31.40
C9 MA6 C 944 -19.45 -27.14 -30.68
C10 MA6 C 944 -18.54 -29.03 -32.03
N7 MA6 C 944 -15.44 -28.94 -32.46
C8 MA6 C 944 -14.13 -28.80 -32.71
C2' MA6 C 944 -11.60 -27.39 -31.33
O2' MA6 C 944 -10.63 -26.35 -31.22
C3' MA6 C 944 -10.93 -28.69 -31.73
O3' MA6 C 944 -9.73 -28.93 -31.03
C2 MA6 C 945 -16.63 -25.11 -27.40
C4 MA6 C 945 -14.93 -26.64 -27.53
C5 MA6 C 945 -15.91 -27.69 -27.61
P MA6 C 945 -9.69 -30.03 -29.87
OP1 MA6 C 945 -8.60 -30.94 -30.19
OP2 MA6 C 945 -11.02 -30.56 -29.69
O5' MA6 C 945 -9.27 -29.19 -28.58
C5' MA6 C 945 -10.10 -29.17 -27.44
C4' MA6 C 945 -10.57 -27.78 -27.15
O4' MA6 C 945 -11.56 -27.39 -28.15
C1' MA6 C 945 -12.55 -26.59 -27.56
N9 MA6 C 945 -13.82 -27.32 -27.60
N3 MA6 C 945 -15.32 -25.39 -27.44
N1 MA6 C 945 -17.56 -26.06 -27.47
C6 MA6 C 945 -17.23 -27.33 -27.57
N6 MA6 C 945 -18.29 -28.32 -27.63
C9 MA6 C 945 -19.56 -28.06 -26.97
C10 MA6 C 945 -18.11 -29.58 -28.35
N7 MA6 C 945 -15.09 -28.96 -27.71
C8 MA6 C 945 -13.81 -28.59 -27.71
C2' MA6 C 945 -12.11 -26.32 -26.11
O2' MA6 C 945 -11.27 -25.18 -26.12
C3' MA6 C 945 -11.29 -27.57 -25.84
O3' MA6 C 945 -10.41 -27.44 -24.73
N ARG D 92 0.02 45.57 20.96
CA ARG D 92 -0.83 46.39 20.11
C ARG D 92 -2.02 46.91 20.88
N ARG D 93 -3.00 47.47 20.16
CA ARG D 93 -4.21 47.98 20.79
C ARG D 93 -5.00 46.85 21.44
N LYS D 94 -5.48 47.09 22.65
CA LYS D 94 -6.25 46.13 23.41
C LYS D 94 -7.73 46.49 23.36
N ALA D 95 -8.56 45.63 23.93
CA ALA D 95 -10.00 45.80 23.94
C ALA D 95 -10.44 46.26 25.32
N LEU D 96 -11.07 47.42 25.38
CA LEU D 96 -11.57 47.93 26.66
C LEU D 96 -12.74 47.08 27.14
N PRO D 97 -12.95 46.99 28.45
CA PRO D 97 -14.11 46.29 28.96
C PRO D 97 -15.39 46.95 28.48
N PRO D 98 -16.44 46.18 28.23
CA PRO D 98 -17.68 46.77 27.74
C PRO D 98 -18.33 47.67 28.79
N ARG D 99 -19.11 48.64 28.32
CA ARG D 99 -19.77 49.57 29.21
C ARG D 99 -20.87 48.93 30.04
N THR D 100 -21.22 47.68 29.76
CA THR D 100 -22.22 46.97 30.56
C THR D 100 -21.82 46.94 32.03
N GLU D 101 -20.53 46.77 32.31
CA GLU D 101 -20.07 46.72 33.69
C GLU D 101 -20.33 48.04 34.41
N LYS D 102 -20.12 49.17 33.73
CA LYS D 102 -20.33 50.48 34.34
C LYS D 102 -21.78 50.92 34.31
N MET D 103 -22.67 50.15 33.70
CA MET D 103 -24.07 50.51 33.63
C MET D 103 -24.70 50.43 35.02
N ALA D 104 -25.49 51.44 35.37
CA ALA D 104 -26.15 51.45 36.66
C ALA D 104 -27.33 50.50 36.69
N VAL D 105 -27.73 50.11 37.91
CA VAL D 105 -28.87 49.23 38.05
C VAL D 105 -30.18 49.96 37.73
N ASP D 106 -30.31 51.21 38.16
CA ASP D 106 -31.55 51.96 38.04
C ASP D 106 -31.46 53.09 37.02
N GLN D 107 -30.48 53.05 36.11
CA GLN D 107 -30.38 54.07 35.09
C GLN D 107 -31.52 53.94 34.08
N ASP D 108 -31.92 55.08 33.52
CA ASP D 108 -33.01 55.09 32.55
C ASP D 108 -32.53 54.58 31.20
N TRP D 109 -33.20 53.54 30.70
CA TRP D 109 -32.80 52.91 29.45
C TRP D 109 -32.93 53.82 28.23
N PRO D 110 -34.05 54.56 28.05
CA PRO D 110 -34.22 55.31 26.79
C PRO D 110 -33.13 56.33 26.52
N SER D 111 -32.42 56.80 27.54
CA SER D 111 -31.29 57.69 27.30
C SER D 111 -30.16 56.98 26.56
N VAL D 112 -30.01 55.67 26.78
CA VAL D 112 -28.97 54.92 26.08
C VAL D 112 -29.30 54.79 24.59
N TYR D 113 -30.56 54.48 24.28
CA TYR D 113 -31.03 54.32 22.90
C TYR D 113 -32.12 55.36 22.63
N PRO D 114 -31.76 56.53 22.12
CA PRO D 114 -32.78 57.52 21.80
C PRO D 114 -33.50 57.22 20.50
N VAL D 115 -32.78 56.65 19.53
CA VAL D 115 -33.31 56.36 18.21
C VAL D 115 -33.10 54.89 17.91
N ALA D 116 -33.65 54.45 16.78
CA ALA D 116 -33.48 53.06 16.35
C ALA D 116 -32.03 52.82 15.96
N ALA D 117 -31.41 51.86 16.63
CA ALA D 117 -30.02 51.51 16.40
C ALA D 117 -29.87 50.00 16.43
N PRO D 118 -28.89 49.45 15.73
CA PRO D 118 -28.68 48.00 15.75
C PRO D 118 -28.22 47.51 17.10
N PHE D 119 -28.43 46.22 17.34
CA PHE D 119 -28.08 45.61 18.62
C PHE D 119 -26.57 45.64 18.83
N LYS D 120 -26.13 46.47 19.77
CA LYS D 120 -24.71 46.54 20.12
C LYS D 120 -24.46 45.66 21.33
N PRO D 121 -23.66 44.59 21.21
CA PRO D 121 -23.48 43.69 22.36
C PRO D 121 -22.90 44.37 23.59
N SER D 122 -22.04 45.37 23.41
CA SER D 122 -21.46 46.06 24.56
C SER D 122 -22.46 47.00 25.20
N ALA D 123 -23.43 47.51 24.44
CA ALA D 123 -24.37 48.51 24.92
C ALA D 123 -25.65 47.90 25.50
N VAL D 124 -25.73 46.57 25.58
CA VAL D 124 -26.95 45.93 26.09
C VAL D 124 -26.59 45.11 27.31
N PRO D 125 -27.03 45.50 28.51
CA PRO D 125 -26.72 44.72 29.71
C PRO D 125 -27.36 43.34 29.72
N LEU D 126 -28.40 43.11 28.93
CA LEU D 126 -29.11 41.85 28.97
C LEU D 126 -28.28 40.73 28.36
N PRO D 127 -28.00 39.65 29.09
CA PRO D 127 -27.36 38.48 28.48
C PRO D 127 -28.38 37.67 27.69
N VAL D 128 -28.32 37.78 26.38
CA VAL D 128 -29.31 37.18 25.49
C VAL D 128 -28.60 36.20 24.56
N ARG D 129 -29.16 34.99 24.44
CA ARG D 129 -28.61 33.95 23.59
C ARG D 129 -29.66 33.52 22.58
N MET D 130 -29.25 33.40 21.32
CA MET D 130 -30.14 32.87 20.29
C MET D 130 -29.30 32.13 19.26
N GLY D 131 -29.97 31.24 18.53
CA GLY D 131 -29.30 30.36 17.59
C GLY D 131 -29.51 28.91 17.97
N TYR D 132 -29.60 28.03 16.98
CA TYR D 132 -29.86 26.63 17.28
C TYR D 132 -28.67 26.03 18.02
N PRO D 133 -28.88 25.37 19.15
CA PRO D 133 -27.75 24.85 19.92
C PRO D 133 -27.11 23.64 19.27
N VAL D 134 -25.90 23.35 19.71
CA VAL D 134 -25.17 22.16 19.28
C VAL D 134 -25.86 20.94 19.89
N LYS D 135 -25.47 19.75 19.43
CA LYS D 135 -26.12 18.52 19.90
C LYS D 135 -26.13 18.43 21.43
N ARG D 136 -25.03 18.80 22.07
CA ARG D 136 -24.95 18.86 23.53
C ARG D 136 -24.27 20.18 23.88
N GLY D 137 -25.05 21.23 24.04
CA GLY D 137 -24.50 22.53 24.31
C GLY D 137 -25.58 23.56 24.55
N VAL D 138 -25.19 24.83 24.41
CA VAL D 138 -26.10 25.94 24.65
C VAL D 138 -26.00 26.89 23.47
N PRO D 139 -27.05 27.69 23.22
CA PRO D 139 -26.99 28.66 22.13
C PRO D 139 -25.90 29.70 22.36
N MET D 140 -25.43 30.27 21.25
CA MET D 140 -24.27 31.14 21.28
C MET D 140 -24.53 32.41 22.08
N ALA D 141 -23.46 33.07 22.49
CA ALA D 141 -23.53 34.25 23.33
C ALA D 141 -23.94 35.48 22.52
N LYS D 142 -24.08 36.60 23.21
CA LYS D 142 -24.52 37.84 22.58
C LYS D 142 -23.40 38.60 21.89
N GLU D 143 -22.15 38.21 22.10
CA GLU D 143 -21.02 38.87 21.46
C GLU D 143 -20.61 38.09 20.22
N GLY D 144 -20.45 38.79 19.10
CA GLY D 144 -20.07 38.17 17.86
C GLY D 144 -21.14 37.30 17.23
N ASN D 145 -22.40 37.54 17.53
CA ASN D 145 -23.51 36.75 17.01
C ASN D 145 -24.29 37.56 15.98
N LEU D 146 -24.44 37.01 14.78
CA LEU D 146 -25.17 37.70 13.72
C LEU D 146 -26.67 37.57 13.87
N GLU D 147 -27.15 36.52 14.53
CA GLU D 147 -28.58 36.30 14.64
C GLU D 147 -29.26 37.41 15.42
N LEU D 148 -28.57 37.95 16.43
CA LEU D 148 -29.09 39.07 17.20
C LEU D 148 -28.92 40.40 16.49
N LEU D 149 -28.24 40.42 15.34
CA LEU D 149 -28.05 41.64 14.57
C LEU D 149 -29.03 41.78 13.43
N LYS D 150 -29.49 40.67 12.85
CA LYS D 150 -30.49 40.72 11.79
C LYS D 150 -31.84 41.22 12.31
N ILE D 151 -32.20 40.83 13.53
CA ILE D 151 -33.54 41.11 14.06
C ILE D 151 -33.72 42.62 14.21
N PRO D 152 -34.88 43.17 13.82
CA PRO D 152 -35.17 44.57 14.15
C PRO D 152 -35.48 44.72 15.62
N ASN D 153 -34.55 45.30 16.38
CA ASN D 153 -34.72 45.42 17.82
C ASN D 153 -35.81 46.44 18.15
N PHE D 154 -36.39 46.29 19.34
CA PHE D 154 -37.36 47.22 19.89
C PHE D 154 -36.88 47.77 21.22
N LEU D 155 -35.57 47.97 21.34
CA LEU D 155 -35.01 48.53 22.56
C LEU D 155 -35.31 50.03 22.68
N HIS D 156 -35.52 50.71 21.56
CA HIS D 156 -35.80 52.14 21.59
C HIS D 156 -37.28 52.44 21.80
N LEU D 157 -38.13 51.42 21.87
CA LEU D 157 -39.55 51.59 22.11
C LEU D 157 -39.99 50.82 23.35
N THR D 158 -39.18 50.90 24.41
CA THR D 158 -39.55 50.25 25.66
C THR D 158 -40.81 50.91 26.24
N PRO D 159 -41.66 50.15 26.91
CA PRO D 159 -42.89 50.74 27.46
C PRO D 159 -42.65 51.91 28.38
N VAL D 160 -41.54 51.92 29.12
CA VAL D 160 -41.18 53.10 29.91
C VAL D 160 -40.96 54.30 28.99
N ALA D 161 -40.25 54.09 27.89
CA ALA D 161 -39.99 55.18 26.94
C ALA D 161 -41.25 55.58 26.17
N ILE D 162 -42.14 54.62 25.91
CA ILE D 162 -43.35 54.93 25.13
C ILE D 162 -44.21 55.95 25.86
N LYS D 163 -44.42 55.74 27.17
CA LYS D 163 -45.21 56.69 27.95
C LYS D 163 -44.55 58.06 27.98
N ARG D 164 -43.23 58.10 28.15
CA ARG D 164 -42.50 59.37 28.13
C ARG D 164 -42.57 60.02 26.75
N HIS D 165 -42.44 59.23 25.69
CA HIS D 165 -42.51 59.78 24.34
C HIS D 165 -43.89 60.34 24.03
N CYS D 166 -44.93 59.55 24.28
CA CYS D 166 -46.28 59.96 23.90
C CYS D 166 -46.76 61.16 24.70
N GLU D 167 -46.43 61.21 26.00
CA GLU D 167 -46.93 62.29 26.84
C GLU D 167 -46.42 63.64 26.36
N ALA D 168 -45.16 63.70 25.93
CA ALA D 168 -44.62 64.95 25.38
C ALA D 168 -45.33 65.35 24.09
N LEU D 169 -45.81 64.36 23.31
CA LEU D 169 -46.51 64.66 22.08
C LEU D 169 -47.94 65.14 22.29
N LYS D 170 -48.46 65.04 23.52
CA LYS D 170 -49.86 65.39 23.75
C LYS D 170 -50.14 66.86 23.52
N ASP D 171 -49.10 67.70 23.50
CA ASP D 171 -49.31 69.11 23.20
C ASP D 171 -49.84 69.31 21.80
N PHE D 172 -49.30 68.56 20.82
CA PHE D 172 -49.67 68.70 19.42
C PHE D 172 -50.92 67.85 19.15
N CYS D 173 -52.04 68.28 19.73
CA CYS D 173 -53.30 67.56 19.50
C CYS D 173 -54.46 68.50 19.81
N THR D 174 -55.61 68.17 19.22
CA THR D 174 -56.86 68.87 19.50
C THR D 174 -57.97 67.84 19.62
N GLU D 175 -58.91 68.09 20.53
CA GLU D 175 -59.92 67.10 20.87
C GLU D 175 -60.95 66.94 19.76
N TRP D 176 -61.48 65.74 19.65
CA TRP D 176 -62.61 65.48 18.75
C TRP D 176 -63.88 66.03 19.37
N PRO D 177 -64.70 66.78 18.62
CA PRO D 177 -65.91 67.37 19.22
C PRO D 177 -66.81 66.34 19.88
N ALA D 178 -67.26 66.63 21.10
CA ALA D 178 -68.02 65.63 21.85
C ALA D 178 -69.39 65.37 21.25
N ALA D 179 -69.98 66.37 20.59
CA ALA D 179 -71.33 66.20 20.03
C ALA D 179 -71.36 65.15 18.93
N LEU D 180 -70.23 64.92 18.26
CA LEU D 180 -70.14 63.90 17.22
C LEU D 180 -69.73 62.55 17.80
N ASP D 181 -70.49 62.09 18.79
CA ASP D 181 -70.18 60.81 19.44
C ASP D 181 -70.70 59.64 18.63
N SER D 182 -72.01 59.59 18.40
CA SER D 182 -72.60 58.52 17.62
C SER D 182 -72.27 58.70 16.14
N ASP D 183 -72.03 57.59 15.45
CA ASP D 183 -71.73 57.65 14.03
C ASP D 183 -72.92 58.15 13.22
N GLU D 184 -74.13 57.96 13.72
CA GLU D 184 -75.31 58.46 13.03
C GLU D 184 -75.30 59.98 12.97
N LYS D 185 -74.89 60.64 14.06
CA LYS D 185 -74.82 62.09 14.05
C LYS D 185 -73.76 62.61 13.09
N CYS D 186 -72.69 61.86 12.87
CA CYS D 186 -71.66 62.28 11.93
C CYS D 186 -72.23 62.41 10.52
N GLU D 187 -73.09 61.45 10.13
CA GLU D 187 -73.75 61.55 8.83
C GLU D 187 -74.69 62.75 8.79
N LYS D 188 -75.39 63.02 9.89
CA LYS D 188 -76.34 64.13 9.93
C LYS D 188 -75.65 65.47 9.72
N HIS D 189 -74.51 65.68 10.36
CA HIS D 189 -73.80 66.95 10.27
C HIS D 189 -72.75 66.98 9.17
N PHE D 190 -72.30 65.82 8.69
CA PHE D 190 -71.31 65.76 7.61
C PHE D 190 -71.71 64.64 6.66
N PRO D 191 -72.33 64.97 5.52
CA PRO D 191 -72.83 63.93 4.61
C PRO D 191 -71.85 63.48 3.54
N ILE D 192 -70.64 64.03 3.50
CA ILE D 192 -69.65 63.69 2.48
C ILE D 192 -68.40 63.15 3.18
N GLU D 193 -67.97 61.96 2.78
CA GLU D 193 -66.73 61.38 3.24
C GLU D 193 -65.83 61.10 2.05
N ILE D 194 -64.54 61.38 2.20
CA ILE D 194 -63.57 61.28 1.11
C ILE D 194 -62.44 60.36 1.54
N ASP D 195 -62.13 59.38 0.70
CA ASP D 195 -61.08 58.41 0.98
C ASP D 195 -59.83 58.75 0.18
N THR D 196 -58.70 58.84 0.89
CA THR D 196 -57.41 59.08 0.27
C THR D 196 -56.38 58.14 0.88
N ALA D 197 -55.33 57.85 0.12
CA ALA D 197 -54.31 56.90 0.53
C ALA D 197 -52.92 57.49 0.39
N ASP D 198 -52.07 57.21 1.37
CA ASP D 198 -50.66 57.55 1.33
C ASP D 198 -49.85 56.30 1.60
N TYR D 199 -48.75 56.14 0.85
CA TYR D 199 -47.94 54.92 0.92
C TYR D 199 -46.53 55.25 1.34
N VAL D 200 -45.98 54.43 2.23
CA VAL D 200 -44.61 54.57 2.71
C VAL D 200 -43.87 53.26 2.41
N SER D 201 -42.71 53.37 1.78
CA SER D 201 -41.91 52.22 1.42
C SER D 201 -40.43 52.57 1.54
N ALA D 202 -39.61 51.55 1.77
CA ALA D 202 -38.18 51.76 1.95
C ALA D 202 -37.52 51.91 0.58
N GLY D 203 -36.91 53.07 0.36
CA GLY D 203 -36.22 53.36 -0.88
C GLY D 203 -35.89 54.82 -1.04
N PRO D 204 -35.14 55.17 -2.08
CA PRO D 204 -34.79 56.58 -2.31
C PRO D 204 -35.92 57.39 -2.94
N SER D 205 -37.07 56.80 -3.24
CA SER D 205 -38.16 57.51 -3.89
C SER D 205 -39.48 57.23 -3.19
N ILE D 206 -40.35 58.24 -3.14
CA ILE D 206 -41.67 58.10 -2.54
C ILE D 206 -42.79 58.04 -3.58
N ARG D 207 -42.49 58.28 -4.85
CA ARG D 207 -43.53 58.38 -5.88
C ARG D 207 -44.18 57.04 -6.09
N ASN D 208 -45.42 56.89 -5.62
CA ASN D 208 -46.23 55.71 -5.89
C ASN D 208 -47.43 56.13 -6.74
N PRO D 209 -47.57 55.60 -7.96
CA PRO D 209 -48.70 56.03 -8.82
C PRO D 209 -50.06 55.61 -8.28
N LYS D 210 -50.12 54.77 -7.25
CA LYS D 210 -51.38 54.35 -6.66
C LYS D 210 -51.87 55.29 -5.58
N ALA D 211 -51.15 56.39 -5.33
CA ALA D 211 -51.52 57.34 -4.29
C ALA D 211 -52.35 58.51 -4.82
N ARG D 212 -52.67 58.53 -6.10
CA ARG D 212 -53.43 59.63 -6.69
C ARG D 212 -54.93 59.39 -6.69
N VAL D 213 -55.39 58.24 -6.23
CA VAL D 213 -56.81 57.90 -6.29
C VAL D 213 -57.56 58.63 -5.19
N VAL D 214 -58.77 59.08 -5.50
CA VAL D 214 -59.65 59.73 -4.54
C VAL D 214 -61.04 59.11 -4.67
N THR D 215 -61.59 58.66 -3.54
CA THR D 215 -62.90 58.03 -3.50
C THR D 215 -63.83 58.93 -2.71
N LEU D 216 -64.87 59.44 -3.37
CA LEU D 216 -65.84 60.34 -2.76
C LEU D 216 -67.18 59.60 -2.66
N ARG D 217 -67.70 59.47 -1.44
CA ARG D 217 -68.94 58.76 -1.18
C ARG D 217 -69.95 59.70 -0.54
N VAL D 218 -71.15 59.76 -1.11
CA VAL D 218 -72.19 60.67 -0.67
C VAL D 218 -73.48 59.88 -0.46
N LYS D 219 -74.12 60.09 0.68
CA LYS D 219 -75.43 59.52 0.95
C LYS D 219 -76.49 60.39 0.30
N LEU D 220 -77.24 59.81 -0.65
CA LEU D 220 -78.20 60.60 -1.42
C LEU D 220 -79.37 61.11 -0.58
N SER D 221 -79.69 60.45 0.53
CA SER D 221 -80.80 60.87 1.35
C SER D 221 -80.58 62.22 2.02
N SER D 222 -79.35 62.72 2.03
CA SER D 222 -79.02 64.00 2.65
C SER D 222 -79.03 65.15 1.66
N LEU D 223 -79.39 64.91 0.41
CA LEU D 223 -79.40 65.96 -0.60
C LEU D 223 -80.82 66.46 -0.83
N ASN D 224 -80.95 67.41 -1.76
CA ASN D 224 -82.23 68.05 -2.06
C ASN D 224 -82.82 67.60 -3.39
N LEU D 225 -82.61 66.33 -3.76
CA LEU D 225 -83.15 65.83 -5.02
C LEU D 225 -84.67 65.69 -4.95
N ASP D 226 -85.32 66.03 -6.06
CA ASP D 226 -86.75 65.83 -6.18
C ASP D 226 -87.04 64.40 -6.62
N ASP D 227 -88.33 64.08 -6.75
CA ASP D 227 -88.71 62.76 -7.23
C ASP D 227 -88.22 62.53 -8.66
N HIS D 228 -88.39 63.54 -9.52
CA HIS D 228 -87.90 63.42 -10.89
C HIS D 228 -86.39 63.55 -10.96
N ALA D 229 -85.82 64.47 -10.18
CA ALA D 229 -84.37 64.70 -10.22
C ALA D 229 -83.60 63.48 -9.73
N LYS D 230 -84.08 62.85 -8.65
CA LYS D 230 -83.38 61.67 -8.12
C LYS D 230 -83.42 60.51 -9.12
N LYS D 231 -84.55 60.30 -9.79
CA LYS D 231 -84.65 59.23 -10.77
C LYS D 231 -83.70 59.47 -11.94
N LYS D 232 -83.58 60.71 -12.40
CA LYS D 232 -82.66 61.01 -13.49
C LYS D 232 -81.21 60.81 -13.06
N LEU D 233 -80.87 61.18 -11.83
CA LEU D 233 -79.50 61.04 -11.37
C LEU D 233 -79.06 59.58 -11.33
N ILE D 234 -79.95 58.68 -10.89
CA ILE D 234 -79.62 57.26 -10.88
C ILE D 234 -79.44 56.75 -12.30
N LYS D 235 -80.34 57.14 -13.21
CA LYS D 235 -80.20 56.75 -14.61
C LYS D 235 -79.00 57.37 -15.28
N LEU D 236 -78.45 58.46 -14.72
CA LEU D 236 -77.33 59.15 -15.33
C LEU D 236 -75.99 58.62 -14.83
N VAL D 237 -75.86 58.38 -13.52
CA VAL D 237 -74.58 57.96 -12.98
C VAL D 237 -74.28 56.50 -13.26
N GLY D 238 -75.30 55.67 -13.49
CA GLY D 238 -75.09 54.28 -13.83
C GLY D 238 -74.86 53.36 -12.65
N ASP D 239 -73.79 52.57 -12.70
CA ASP D 239 -73.52 51.57 -11.68
C ASP D 239 -72.85 52.12 -10.44
N ARG D 240 -72.50 53.41 -10.43
CA ARG D 240 -71.85 54.01 -9.27
C ARG D 240 -72.79 54.15 -8.08
N TYR D 241 -74.09 53.95 -8.26
CA TYR D 241 -75.07 54.10 -7.20
C TYR D 241 -75.54 52.72 -6.75
N CYS D 242 -75.51 52.49 -5.44
CA CYS D 242 -76.01 51.25 -4.86
C CYS D 242 -77.46 51.42 -4.45
N LYS D 243 -78.32 50.53 -4.92
CA LYS D 243 -79.75 50.63 -4.66
C LYS D 243 -80.13 50.19 -3.25
N SER D 244 -79.26 49.45 -2.56
CA SER D 244 -79.57 48.96 -1.22
C SER D 244 -79.10 49.95 -0.15
N THR D 245 -77.87 50.41 -0.24
CA THR D 245 -77.32 51.33 0.76
C THR D 245 -77.53 52.79 0.40
N ASP D 246 -78.03 53.10 -0.79
CA ASP D 246 -78.30 54.47 -1.22
C ASP D 246 -77.08 55.36 -1.10
N VAL D 247 -75.92 54.82 -1.47
CA VAL D 247 -74.66 55.55 -1.42
C VAL D 247 -74.15 55.72 -2.85
N LEU D 248 -73.56 56.88 -3.11
CA LEU D 248 -73.02 57.21 -4.42
C LEU D 248 -71.50 57.30 -4.30
N THR D 249 -70.80 56.49 -5.09
CA THR D 249 -69.34 56.41 -5.04
C THR D 249 -68.77 56.92 -6.35
N ILE D 250 -67.90 57.92 -6.27
CA ILE D 250 -67.23 58.51 -7.43
C ILE D 250 -65.74 58.29 -7.25
N LYS D 251 -65.11 57.63 -8.22
CA LYS D 251 -63.69 57.33 -8.18
C LYS D 251 -63.00 58.00 -9.36
N THR D 252 -61.98 58.78 -9.08
CA THR D 252 -61.25 59.52 -10.10
C THR D 252 -59.76 59.17 -10.05
N ASP D 253 -59.18 58.91 -11.22
CA ASP D 253 -57.79 58.51 -11.32
C ASP D 253 -57.00 59.29 -12.36
N ARG D 254 -57.66 60.07 -13.22
CA ARG D 254 -56.98 60.69 -14.34
C ARG D 254 -56.04 61.80 -13.91
N CYS D 255 -56.38 62.55 -12.87
CA CYS D 255 -55.51 63.64 -12.48
C CYS D 255 -54.25 63.10 -11.80
N PRO D 256 -53.07 63.64 -12.14
CA PRO D 256 -51.83 63.12 -11.56
C PRO D 256 -51.75 63.23 -10.05
N LEU D 257 -52.31 64.29 -9.46
CA LEU D 257 -52.16 64.56 -8.04
C LEU D 257 -53.47 64.30 -7.31
N LYS D 258 -53.36 64.05 -6.01
CA LYS D 258 -54.55 63.83 -5.20
C LYS D 258 -55.36 65.10 -5.03
N ARG D 259 -54.71 66.27 -5.05
CA ARG D 259 -55.45 67.51 -4.90
C ARG D 259 -56.23 67.83 -6.17
N GLN D 260 -55.67 67.53 -7.34
CA GLN D 260 -56.41 67.72 -8.59
C GLN D 260 -57.57 66.74 -8.69
N ASN D 261 -57.35 65.49 -8.28
CA ASN D 261 -58.43 64.51 -8.28
C ASN D 261 -59.53 64.90 -7.30
N TYR D 262 -59.15 65.42 -6.14
CA TYR D 262 -60.15 65.87 -5.16
C TYR D 262 -60.98 67.02 -5.72
N ASP D 263 -60.33 67.98 -6.39
CA ASP D 263 -61.08 69.06 -7.01
C ASP D 263 -61.91 68.54 -8.17
N TYR D 264 -61.41 67.56 -8.91
CA TYR D 264 -62.19 66.98 -10.00
C TYR D 264 -63.35 66.14 -9.46
N ALA D 265 -63.12 65.42 -8.36
CA ALA D 265 -64.18 64.58 -7.80
C ALA D 265 -65.35 65.41 -7.31
N VAL D 266 -65.07 66.53 -6.64
CA VAL D 266 -66.15 67.40 -6.18
C VAL D 266 -66.80 68.09 -7.37
N TYR D 267 -66.06 68.32 -8.45
CA TYR D 267 -66.64 68.92 -9.64
C TYR D 267 -67.68 67.99 -10.27
N LEU D 268 -67.42 66.69 -10.27
CA LEU D 268 -68.40 65.75 -10.79
C LEU D 268 -69.67 65.74 -9.94
N LEU D 269 -69.52 65.81 -8.62
CA LEU D 269 -70.69 65.78 -7.75
C LEU D 269 -71.60 66.98 -7.99
N THR D 270 -71.01 68.17 -8.14
CA THR D 270 -71.84 69.36 -8.30
C THR D 270 -72.46 69.46 -9.69
N VAL D 271 -71.76 68.99 -10.72
CA VAL D 271 -72.33 69.07 -12.06
C VAL D 271 -73.40 67.99 -12.26
N LEU D 272 -73.29 66.87 -11.55
CA LEU D 272 -74.33 65.85 -11.63
C LEU D 272 -75.60 66.27 -10.92
N TYR D 273 -75.53 67.17 -9.95
CA TYR D 273 -76.70 67.66 -9.25
C TYR D 273 -77.38 68.79 -9.99
N HIS D 274 -76.61 69.74 -10.52
CA HIS D 274 -77.19 70.83 -11.30
C HIS D 274 -77.77 70.36 -12.62
N GLU D 275 -77.42 69.16 -13.07
CA GLU D 275 -77.95 68.63 -14.32
C GLU D 275 -79.19 67.76 -14.12
N SER D 276 -79.35 67.15 -12.95
CA SER D 276 -80.54 66.36 -12.68
C SER D 276 -81.79 67.21 -12.52
N TRP D 277 -81.66 68.54 -12.42
CA TRP D 277 -82.79 69.42 -12.28
C TRP D 277 -83.19 70.09 -13.59
N LYS D 278 -82.48 69.83 -14.68
CA LYS D 278 -82.80 70.42 -15.98
C LYS D 278 -83.69 69.44 -16.73
N THR D 279 -84.99 69.68 -16.68
CA THR D 279 -85.97 68.85 -17.39
C THR D 279 -85.97 69.28 -18.85
N GLU D 280 -85.08 68.69 -19.64
CA GLU D 280 -84.94 69.05 -21.04
C GLU D 280 -86.15 68.56 -21.84
N GLU D 281 -86.33 69.13 -23.04
CA GLU D 281 -87.54 68.87 -23.81
C GLU D 281 -87.65 67.40 -24.20
N TRP D 282 -86.54 66.78 -24.60
CA TRP D 282 -86.59 65.40 -25.07
C TRP D 282 -86.91 64.42 -23.96
N GLU D 283 -86.85 64.85 -22.69
CA GLU D 283 -87.11 63.93 -21.58
C GLU D 283 -88.54 63.42 -21.58
N LYS D 284 -89.48 64.12 -22.23
CA LYS D 284 -90.86 63.66 -22.26
C LYS D 284 -91.05 62.43 -23.14
N LYS D 285 -90.06 62.09 -23.96
CA LYS D 285 -90.15 60.93 -24.84
C LYS D 285 -89.81 59.64 -24.09
N LYS D 286 -90.45 59.43 -22.95
CA LYS D 286 -90.19 58.23 -22.15
C LYS D 286 -90.98 57.05 -22.68
N THR D 287 -90.33 55.88 -22.69
CA THR D 287 -90.95 54.64 -23.13
C THR D 287 -91.46 53.87 -21.91
N GLU D 288 -92.59 53.19 -22.08
CA GLU D 288 -93.18 52.44 -20.96
C GLU D 288 -92.32 51.28 -20.50
N ALA D 289 -91.34 50.86 -21.31
CA ALA D 289 -90.42 49.81 -20.91
C ALA D 289 -89.21 50.37 -20.16
N ASP D 290 -88.97 51.67 -20.21
CA ASP D 290 -87.87 52.30 -19.50
C ASP D 290 -88.24 52.75 -18.10
N MET D 291 -89.51 52.64 -17.71
CA MET D 291 -89.93 53.08 -16.39
C MET D 291 -89.40 52.14 -15.31
N GLU D 292 -88.84 52.72 -14.26
CA GLU D 292 -88.30 51.92 -13.16
C GLU D 292 -89.39 51.32 -12.29
N GLU D 293 -90.61 51.86 -12.35
CA GLU D 293 -91.73 51.37 -11.57
C GLU D 293 -92.96 51.26 -12.46
N TYR D 294 -93.87 50.36 -12.06
CA TYR D 294 -95.08 50.13 -12.84
C TYR D 294 -96.12 51.19 -12.50
N ILE D 295 -96.68 51.81 -13.53
CA ILE D 295 -97.70 52.84 -13.39
C ILE D 295 -99.01 52.30 -13.94
N TRP D 296 -100.09 52.47 -13.17
CA TRP D 296 -101.39 51.95 -13.61
C TRP D 296 -101.95 52.76 -14.77
N GLU D 297 -101.74 54.07 -14.77
CA GLU D 297 -102.32 54.93 -15.79
C GLU D 297 -101.73 54.62 -17.16
N ASN D 298 -102.60 54.51 -18.16
CA ASN D 298 -102.21 54.26 -19.55
C ASN D 298 -101.31 53.02 -19.64
N SER D 299 -101.86 51.89 -19.24
CA SER D 299 -101.14 50.63 -19.22
C SER D 299 -101.94 49.57 -19.97
N THR D 300 -101.24 48.55 -20.46
CA THR D 300 -101.89 47.47 -21.18
C THR D 300 -102.85 46.71 -20.28
N SER D 301 -102.49 46.55 -19.00
CA SER D 301 -103.41 45.90 -18.05
C SER D 301 -104.69 46.71 -17.89
N GLU D 302 -104.59 48.04 -17.96
CA GLU D 302 -105.77 48.88 -17.89
C GLU D 302 -106.70 48.62 -19.07
N LYS D 303 -106.14 48.46 -20.27
CA LYS D 303 -106.96 48.19 -21.44
C LYS D 303 -107.71 46.87 -21.31
N ASN D 304 -107.05 45.85 -20.76
CA ASN D 304 -107.72 44.57 -20.57
C ASN D 304 -108.88 44.69 -19.60
N ILE D 305 -108.72 45.49 -18.54
CA ILE D 305 -109.79 45.67 -17.56
C ILE D 305 -111.01 46.30 -18.20
N LEU D 306 -110.81 47.31 -19.04
CA LEU D 306 -111.94 47.97 -19.69
C LEU D 306 -112.71 46.99 -20.56
N GLU D 307 -112.00 46.18 -21.35
CA GLU D 307 -112.66 45.18 -22.17
C GLU D 307 -113.33 44.11 -21.32
N THR D 308 -112.68 43.70 -20.23
CA THR D 308 -113.25 42.66 -19.37
C THR D 308 -114.53 43.13 -18.68
N LEU D 309 -114.61 44.41 -18.31
CA LEU D 309 -115.78 44.92 -17.61
C LEU D 309 -116.93 45.22 -18.54
N LEU D 310 -116.66 45.78 -19.73
CA LEU D 310 -117.76 46.10 -20.64
C LEU D 310 -118.44 44.83 -21.16
N GLN D 311 -117.69 43.75 -21.34
CA GLN D 311 -118.30 42.49 -21.75
C GLN D 311 -119.27 41.98 -20.71
N ILE D 312 -118.89 42.07 -19.43
CA ILE D 312 -119.80 41.64 -18.36
C ILE D 312 -121.03 42.54 -18.32
N LYS D 313 -120.83 43.85 -18.44
CA LYS D 313 -121.97 44.76 -18.46
C LYS D 313 -122.88 44.50 -19.65
N ALA D 314 -122.29 44.27 -20.83
CA ALA D 314 -123.09 43.92 -22.00
C ALA D 314 -123.80 42.59 -21.80
N ALA D 315 -123.11 41.62 -21.19
CA ALA D 315 -123.74 40.33 -20.92
C ALA D 315 -124.90 40.48 -19.93
N GLU D 316 -124.72 41.33 -18.92
CA GLU D 316 -125.77 41.58 -17.93
C GLU D 316 -126.82 42.57 -18.42
N LYS D 317 -126.69 43.06 -19.66
CA LYS D 317 -127.66 43.99 -20.25
C LYS D 317 -127.80 45.26 -19.40
N ASN D 318 -126.68 45.78 -18.92
CA ASN D 318 -126.63 47.05 -18.22
C ASN D 318 -126.17 48.13 -19.18
N LEU D 319 -127.02 49.13 -19.41
CA LEU D 319 -126.77 50.15 -20.41
C LEU D 319 -125.90 51.30 -19.89
N GLU D 320 -125.54 51.30 -18.62
CA GLU D 320 -124.66 52.34 -18.08
C GLU D 320 -123.22 52.04 -18.47
N LEU D 321 -122.60 52.97 -19.20
CA LEU D 321 -121.23 52.80 -19.69
C LEU D 321 -120.51 54.13 -19.59
N SER D 322 -119.49 54.20 -18.76
CA SER D 322 -118.69 55.41 -18.61
C SER D 322 -117.31 55.03 -18.09
N LYS D 323 -116.28 55.71 -18.61
CA LYS D 323 -114.92 55.45 -18.16
C LYS D 323 -114.77 55.79 -16.68
N GLU D 324 -115.35 56.93 -16.25
CA GLU D 324 -115.25 57.32 -14.85
C GLU D 324 -115.99 56.33 -13.95
N GLU D 325 -117.14 55.83 -14.40
CA GLU D 325 -117.92 54.91 -13.59
C GLU D 325 -117.15 53.62 -13.32
N LEU D 326 -116.63 52.99 -14.38
CA LEU D 326 -115.95 51.71 -14.20
C LEU D 326 -114.61 51.87 -13.50
N LEU D 327 -113.86 52.92 -13.84
CA LEU D 327 -112.56 53.14 -13.22
C LEU D 327 -112.64 53.73 -11.83
N GLY D 328 -113.80 54.24 -11.42
CA GLY D 328 -114.00 54.75 -10.08
C GLY D 328 -114.51 53.73 -9.09
N THR D 329 -114.69 52.48 -9.50
CA THR D 329 -115.20 51.45 -8.62
C THR D 329 -114.17 51.09 -7.56
N LYS D 330 -114.66 50.72 -6.37
CA LYS D 330 -113.77 50.30 -5.29
C LYS D 330 -113.02 49.03 -5.66
N GLU D 331 -113.68 48.09 -6.35
CA GLU D 331 -113.03 46.85 -6.72
C GLU D 331 -111.85 47.10 -7.66
N VAL D 332 -112.00 48.02 -8.61
CA VAL D 332 -110.90 48.37 -9.49
C VAL D 332 -109.75 48.98 -8.69
N GLU D 333 -110.08 49.77 -7.67
CA GLU D 333 -109.04 50.34 -6.81
C GLU D 333 -108.26 49.24 -6.10
N ASP D 334 -108.96 48.21 -5.62
CA ASP D 334 -108.26 47.06 -5.06
C ASP D 334 -107.41 46.37 -6.11
N TYR D 335 -107.92 46.27 -7.34
CA TYR D 335 -107.14 45.68 -8.43
C TYR D 335 -105.90 46.52 -8.73
N ARG D 336 -106.05 47.85 -8.73
CA ARG D 336 -104.90 48.72 -9.01
C ARG D 336 -103.81 48.54 -7.97
N LYS D 337 -104.18 48.47 -6.69
CA LYS D 337 -103.18 48.29 -5.64
C LYS D 337 -102.48 46.93 -5.77
N SER D 338 -103.24 45.88 -6.09
CA SER D 338 -102.64 44.55 -6.18
C SER D 338 -101.66 44.45 -7.33
N VAL D 339 -102.02 44.98 -8.51
CA VAL D 339 -101.16 44.85 -9.68
C VAL D 339 -99.88 45.67 -9.51
N VAL D 340 -100.01 46.90 -9.04
CA VAL D 340 -98.83 47.74 -8.84
C VAL D 340 -97.89 47.11 -7.82
N SER D 341 -98.43 46.61 -6.71
CA SER D 341 -97.60 45.94 -5.71
C SER D 341 -96.98 44.67 -6.27
N LEU D 342 -97.74 43.92 -7.06
CA LEU D 342 -97.23 42.65 -7.59
C LEU D 342 -96.04 42.86 -8.51
N LYS D 343 -96.12 43.84 -9.42
CA LYS D 343 -95.04 44.06 -10.38
C LYS D 343 -93.84 44.77 -9.77
N ASN D 344 -94.04 45.55 -8.71
CA ASN D 344 -92.93 46.28 -8.10
C ASN D 344 -92.25 45.46 -7.01
N GLU D 345 -93.02 45.05 -5.99
CA GLU D 345 -92.44 44.27 -4.90
C GLU D 345 -92.01 42.89 -5.38
N GLY D 346 -92.77 42.28 -6.28
CA GLY D 346 -92.48 40.96 -6.79
C GLY D 346 -93.47 39.93 -6.27
N ASP D 347 -93.31 38.71 -6.78
CA ASP D 347 -94.19 37.62 -6.39
C ASP D 347 -93.97 37.24 -4.94
N ASN D 348 -95.07 36.95 -4.24
CA ASN D 348 -95.01 36.52 -2.85
C ASN D 348 -96.28 35.75 -2.55
N GLU D 349 -96.23 34.98 -1.46
CA GLU D 349 -97.40 34.17 -1.07
C GLU D 349 -98.59 35.06 -0.75
N ASN D 350 -98.37 36.16 -0.04
CA ASN D 350 -99.47 37.07 0.27
C ASN D 350 -99.85 37.91 -0.94
N THR D 351 -98.86 38.31 -1.75
CA THR D 351 -99.14 39.13 -2.91
C THR D 351 -100.04 38.42 -3.91
N LEU D 352 -99.74 37.15 -4.19
CA LEU D 352 -100.62 36.35 -5.05
C LEU D 352 -101.98 36.15 -4.39
N SER D 353 -101.99 35.94 -3.07
CA SER D 353 -103.26 35.80 -2.36
C SER D 353 -104.10 37.06 -2.48
N GLN D 354 -103.47 38.23 -2.40
CA GLN D 354 -104.19 39.47 -2.64
C GLN D 354 -104.69 39.54 -4.07
N TYR D 355 -103.89 39.08 -5.03
CA TYR D 355 -104.30 39.08 -6.42
C TYR D 355 -105.49 38.15 -6.64
N LYS D 356 -105.52 37.01 -5.94
CA LYS D 356 -106.65 36.09 -6.06
C LYS D 356 -107.94 36.76 -5.61
N GLU D 357 -107.90 37.47 -4.49
CA GLU D 357 -109.11 38.09 -3.96
C GLU D 357 -109.64 39.15 -4.91
N SER D 358 -108.76 39.98 -5.48
CA SER D 358 -109.19 41.04 -6.37
C SER D 358 -109.88 40.49 -7.62
N VAL D 359 -109.31 39.45 -8.22
CA VAL D 359 -109.90 38.88 -9.42
C VAL D 359 -111.22 38.18 -9.11
N LYS D 360 -111.28 37.49 -7.98
CA LYS D 360 -112.51 36.77 -7.63
C LYS D 360 -113.67 37.73 -7.43
N ARG D 361 -113.43 38.86 -6.74
CA ARG D 361 -114.50 39.82 -6.52
C ARG D 361 -114.82 40.63 -7.77
N LEU D 362 -113.83 40.85 -8.63
CA LEU D 362 -114.09 41.60 -9.86
C LEU D 362 -114.86 40.76 -10.88
N LEU D 363 -114.71 39.44 -10.83
CA LEU D 363 -115.39 38.54 -11.75
C LEU D 363 -116.63 37.88 -11.15
N ASN D 364 -117.05 38.31 -9.96
CA ASN D 364 -118.23 37.77 -9.28
C ASN D 364 -118.12 36.27 -9.04
N LEU D 365 -116.90 35.78 -8.82
CA LEU D 365 -116.66 34.37 -8.54
C LEU D 365 -116.28 34.20 -7.08
N ALA D 366 -116.98 33.31 -6.39
CA ALA D 366 -116.71 33.04 -4.98
C ALA D 366 -116.64 31.54 -4.71
N LYS E 36 -26.69 15.13 -5.54
CA LYS E 36 -26.51 15.73 -4.22
C LYS E 36 -26.53 17.26 -4.32
N ASN E 37 -27.31 17.89 -3.44
CA ASN E 37 -27.40 19.34 -3.43
C ASN E 37 -26.08 19.96 -3.01
N ARG E 38 -25.73 21.09 -3.63
CA ARG E 38 -24.48 21.77 -3.34
C ARG E 38 -24.65 23.27 -3.13
N ALA E 39 -25.87 23.77 -3.01
CA ALA E 39 -26.09 25.21 -2.96
C ALA E 39 -25.68 25.77 -1.60
N ALA E 40 -24.68 26.64 -1.61
CA ALA E 40 -24.25 27.39 -0.43
C ALA E 40 -24.01 26.46 0.77
N ARG E 41 -23.23 25.41 0.53
CA ARG E 41 -22.90 24.44 1.57
C ARG E 41 -21.40 24.30 1.70
N VAL E 42 -20.96 23.96 2.91
CA VAL E 42 -19.56 23.64 3.18
C VAL E 42 -19.47 22.15 3.47
N ARG E 43 -18.63 21.45 2.73
CA ARG E 43 -18.56 20.01 2.81
C ARG E 43 -17.80 19.57 4.05
N VAL E 44 -18.14 18.37 4.53
CA VAL E 44 -17.48 17.81 5.71
C VAL E 44 -16.08 17.37 5.33
N SER E 45 -15.09 17.79 6.11
CA SER E 45 -13.70 17.40 5.91
C SER E 45 -13.09 17.21 7.30
N LYS E 46 -13.14 15.97 7.79
CA LYS E 46 -12.64 15.62 9.12
C LYS E 46 -13.27 16.53 10.18
N GLY E 47 -12.46 17.03 11.10
CA GLY E 47 -12.95 17.91 12.14
C GLY E 47 -12.04 19.09 12.40
N ASP E 48 -11.36 19.57 11.36
CA ASP E 48 -10.33 20.60 11.52
C ASP E 48 -10.67 21.92 10.86
N LYS E 49 -11.80 22.05 10.19
CA LYS E 49 -12.15 23.29 9.51
C LYS E 49 -13.22 24.04 10.28
N PRO E 50 -12.93 25.24 10.77
CA PRO E 50 -13.95 26.02 11.47
C PRO E 50 -15.04 26.48 10.52
N VAL E 51 -16.25 26.57 11.06
CA VAL E 51 -17.42 27.03 10.31
C VAL E 51 -18.21 27.99 11.18
N THR E 52 -18.58 29.13 10.63
CA THR E 52 -19.39 30.09 11.36
C THR E 52 -20.87 29.66 11.33
N TYR E 53 -21.70 30.41 12.06
CA TYR E 53 -23.11 30.05 12.15
C TYR E 53 -23.81 30.17 10.80
N GLU E 54 -23.48 31.21 10.03
CA GLU E 54 -24.15 31.41 8.73
C GLU E 54 -23.83 30.28 7.76
N GLU E 55 -22.56 29.86 7.71
CA GLU E 55 -22.15 28.86 6.74
C GLU E 55 -22.47 27.43 7.18
N ALA E 56 -22.82 27.22 8.44
CA ALA E 56 -23.06 25.87 8.95
C ALA E 56 -24.47 25.38 8.69
N HIS E 57 -25.34 26.20 8.10
CA HIS E 57 -26.72 25.82 7.86
C HIS E 57 -27.01 25.81 6.37
N ALA E 58 -27.71 24.77 5.92
CA ALA E 58 -28.05 24.62 4.52
C ALA E 58 -29.09 25.66 4.12
N PRO E 59 -29.20 25.96 2.82
CA PRO E 59 -30.14 27.00 2.39
C PRO E 59 -31.60 26.70 2.70
N HIS E 60 -31.97 25.43 2.85
CA HIS E 60 -33.36 25.13 3.18
C HIS E 60 -33.70 25.49 4.62
N TYR E 61 -32.72 25.87 5.43
CA TYR E 61 -32.96 26.33 6.79
C TYR E 61 -33.31 27.81 6.87
N ILE E 62 -33.31 28.52 5.75
CA ILE E 62 -33.67 29.94 5.76
C ILE E 62 -35.10 30.09 6.26
N ALA E 63 -35.31 31.10 7.09
CA ALA E 63 -36.58 31.37 7.77
C ALA E 63 -36.96 30.25 8.75
N HIS E 64 -36.04 29.33 9.03
CA HIS E 64 -36.25 28.30 10.03
C HIS E 64 -35.25 28.38 11.16
N ARG E 65 -33.98 28.60 10.85
CA ARG E 65 -32.95 28.69 11.88
C ARG E 65 -32.15 29.98 11.75
N LYS E 66 -32.02 30.49 10.53
CA LYS E 66 -31.31 31.74 10.28
C LYS E 66 -32.17 32.66 9.43
N GLY E 67 -32.05 33.95 9.70
CA GLY E 67 -32.82 34.96 8.98
C GLY E 67 -32.15 35.41 7.71
N TRP E 68 -32.74 36.42 7.09
CA TRP E 68 -32.23 36.98 5.85
C TRP E 68 -31.20 38.07 6.14
N LEU E 69 -30.09 38.02 5.40
CA LEU E 69 -29.02 39.00 5.59
C LEU E 69 -29.44 40.41 5.22
N SER E 70 -30.49 40.57 4.41
CA SER E 70 -30.98 41.88 4.01
C SER E 70 -32.48 41.92 4.18
N LEU E 71 -33.00 43.07 4.57
CA LEU E 71 -34.44 43.27 4.76
C LEU E 71 -34.85 44.58 4.09
N HIS E 72 -35.82 44.51 3.19
CA HIS E 72 -36.34 45.70 2.54
C HIS E 72 -37.74 45.40 2.04
N THR E 73 -38.43 46.47 1.61
CA THR E 73 -39.83 46.40 1.21
C THR E 73 -40.02 45.81 -0.19
N GLY E 74 -38.97 45.78 -1.01
CA GLY E 74 -39.15 45.48 -2.42
C GLY E 74 -39.77 44.13 -2.71
N ASN E 75 -39.52 43.14 -1.85
CA ASN E 75 -40.01 41.79 -2.08
C ASN E 75 -41.29 41.48 -1.34
N LEU E 76 -42.10 42.49 -1.03
CA LEU E 76 -43.39 42.27 -0.41
C LEU E 76 -44.41 41.86 -1.48
N ASP E 77 -45.68 41.81 -1.12
CA ASP E 77 -46.70 41.33 -2.04
C ASP E 77 -47.02 42.37 -3.11
N GLY E 78 -47.51 43.53 -2.71
CA GLY E 78 -47.92 44.53 -3.66
C GLY E 78 -47.02 45.74 -3.71
N GLU E 79 -45.71 45.54 -3.66
CA GLU E 79 -44.74 46.62 -3.66
C GLU E 79 -43.87 46.53 -4.92
N ASP E 80 -43.57 47.69 -5.49
CA ASP E 80 -42.73 47.80 -6.67
C ASP E 80 -41.29 48.07 -6.25
N HIS E 81 -40.44 48.36 -7.24
CA HIS E 81 -39.04 48.72 -7.01
C HIS E 81 -38.30 47.63 -6.24
N ALA E 82 -38.25 46.44 -6.84
CA ALA E 82 -37.53 45.31 -6.27
C ALA E 82 -36.23 45.01 -6.97
N ALA E 83 -36.10 45.36 -8.26
CA ALA E 83 -34.86 45.10 -8.99
C ALA E 83 -33.78 46.12 -8.63
N GLU E 84 -34.17 47.38 -8.42
CA GLU E 84 -33.19 48.39 -8.06
C GLU E 84 -32.56 48.10 -6.70
N ARG E 85 -33.35 47.60 -5.75
CA ARG E 85 -32.81 47.24 -4.45
C ARG E 85 -31.82 46.08 -4.57
N THR E 86 -32.14 45.10 -5.43
CA THR E 86 -31.29 43.92 -5.55
C THR E 86 -29.90 44.27 -6.09
N VAL E 87 -29.84 45.09 -7.13
CA VAL E 87 -28.55 45.45 -7.71
C VAL E 87 -27.74 46.30 -6.73
N GLU E 88 -28.41 47.20 -6.01
CA GLU E 88 -27.71 47.98 -4.99
C GLU E 88 -27.19 47.10 -3.87
N ASP E 89 -27.96 46.07 -3.50
CA ASP E 89 -27.51 45.14 -2.47
C ASP E 89 -26.25 44.41 -2.89
N VAL E 90 -26.21 43.94 -4.14
CA VAL E 90 -25.06 43.18 -4.61
C VAL E 90 -23.81 44.06 -4.64
N PHE E 91 -23.97 45.32 -5.04
CA PHE E 91 -22.82 46.23 -5.10
C PHE E 91 -22.19 46.41 -3.73
N LEU E 92 -23.01 46.54 -2.68
CA LEU E 92 -22.47 46.69 -1.33
C LEU E 92 -21.76 45.44 -0.87
N ARG E 93 -22.24 44.26 -1.29
CA ARG E 93 -21.53 43.02 -0.98
C ARG E 93 -20.15 43.00 -1.60
N LYS E 94 -19.97 43.68 -2.74
CA LYS E 94 -18.68 43.75 -3.40
C LYS E 94 -17.85 44.96 -2.98
N PHE E 95 -18.50 46.03 -2.52
CA PHE E 95 -17.76 47.21 -2.12
C PHE E 95 -17.21 47.07 -0.71
N MET E 96 -18.04 46.62 0.24
CA MET E 96 -17.57 46.44 1.61
C MET E 96 -16.51 45.36 1.70
N LEU E 97 -16.64 44.30 0.89
CA LEU E 97 -15.63 43.25 0.90
C LEU E 97 -14.28 43.75 0.38
N GLY E 98 -14.29 44.71 -0.54
CA GLY E 98 -13.05 45.23 -1.09
C GLY E 98 -12.49 46.42 -0.34
N THR E 99 -13.37 47.19 0.32
CA THR E 99 -12.90 48.33 1.09
C THR E 99 -12.12 47.89 2.32
N PHE E 100 -12.53 46.78 2.93
CA PHE E 100 -11.90 46.25 4.13
C PHE E 100 -11.25 44.90 3.81
N PRO E 101 -10.07 44.89 3.19
CA PRO E 101 -9.48 43.63 2.72
C PRO E 101 -9.02 42.78 3.89
N GLY E 102 -9.53 41.55 3.96
CA GLY E 102 -9.06 40.59 4.94
C GLY E 102 -9.66 40.75 6.32
N CYS E 103 -9.96 41.98 6.71
CA CYS E 103 -10.45 42.26 8.06
C CYS E 103 -11.95 42.06 8.22
N LEU E 104 -12.67 41.78 7.13
CA LEU E 104 -14.10 41.51 7.24
C LEU E 104 -14.33 40.10 7.76
N ALA E 105 -15.20 39.97 8.76
CA ALA E 105 -15.43 38.67 9.39
C ALA E 105 -16.35 37.80 8.55
N ASP E 106 -17.57 38.26 8.32
CA ASP E 106 -18.56 37.49 7.56
C ASP E 106 -19.47 38.46 6.82
N GLN E 107 -20.62 37.96 6.38
CA GLN E 107 -21.48 38.72 5.47
C GLN E 107 -22.05 39.96 6.15
N LEU E 108 -22.34 40.97 5.32
CA LEU E 108 -22.94 42.20 5.79
C LEU E 108 -24.42 41.98 6.16
N VAL E 109 -24.97 42.94 6.88
CA VAL E 109 -26.41 42.99 7.16
C VAL E 109 -26.90 44.37 6.75
N LEU E 110 -27.83 44.42 5.79
CA LEU E 110 -28.32 45.66 5.23
C LEU E 110 -29.77 45.87 5.64
N LYS E 111 -30.04 46.99 6.31
CA LYS E 111 -31.39 47.36 6.71
C LYS E 111 -31.76 48.67 6.04
N ARG E 112 -32.96 48.72 5.46
CA ARG E 112 -33.44 49.92 4.77
C ARG E 112 -34.69 50.42 5.48
N ARG E 113 -34.56 51.55 6.17
CA ARG E 113 -35.67 52.19 6.87
C ARG E 113 -35.86 53.57 6.27
N ALA E 114 -37.11 53.92 5.98
CA ALA E 114 -37.43 55.17 5.28
C ALA E 114 -36.59 55.26 4.00
N ASN E 115 -35.78 56.30 3.88
CA ASN E 115 -34.85 56.41 2.76
C ASN E 115 -33.40 56.24 3.17
N GLN E 116 -33.15 55.90 4.42
CA GLN E 116 -31.79 55.73 4.92
C GLN E 116 -31.38 54.27 4.85
N LEU E 117 -30.08 54.04 4.66
CA LEU E 117 -29.53 52.71 4.48
C LEU E 117 -28.53 52.44 5.60
N GLU E 118 -28.79 51.39 6.37
CA GLU E 118 -27.92 51.01 7.48
C GLU E 118 -27.14 49.76 7.10
N ILE E 119 -25.83 49.81 7.29
CA ILE E 119 -24.94 48.69 7.00
C ILE E 119 -24.28 48.27 8.30
N CYS E 120 -24.51 47.02 8.70
CA CYS E 120 -23.92 46.46 9.90
C CYS E 120 -22.87 45.43 9.50
N ALA E 121 -21.68 45.53 10.08
CA ALA E 121 -20.56 44.69 9.69
C ALA E 121 -19.85 44.15 10.91
N LEU E 122 -19.17 43.02 10.74
CA LEU E 122 -18.27 42.46 11.73
C LEU E 122 -16.86 42.53 11.16
N VAL E 123 -15.96 43.24 11.86
CA VAL E 123 -14.62 43.50 11.37
C VAL E 123 -13.60 42.97 12.38
N LEU E 124 -12.58 42.29 11.87
CA LEU E 124 -11.51 41.78 12.73
C LEU E 124 -10.63 42.92 13.22
N ARG E 125 -9.85 42.63 14.27
CA ARG E 125 -8.90 43.59 14.83
C ARG E 125 -7.60 43.53 14.03
N GLN E 126 -7.65 44.12 12.83
CA GLN E 126 -6.51 44.11 11.92
C GLN E 126 -5.94 45.49 11.70
N LEU E 127 -6.75 46.44 11.27
CA LEU E 127 -6.24 47.78 10.99
C LEU E 127 -6.20 48.62 12.27
N PRO E 128 -5.32 49.62 12.32
CA PRO E 128 -5.34 50.54 13.45
C PRO E 128 -6.64 51.34 13.48
N PRO E 129 -7.07 51.81 14.65
CA PRO E 129 -8.33 52.55 14.73
C PRO E 129 -8.35 53.80 13.87
N HIS E 130 -7.20 54.39 13.58
CA HIS E 130 -7.16 55.55 12.69
C HIS E 130 -7.66 55.18 11.30
N LYS E 131 -7.25 54.03 10.79
CA LYS E 131 -7.69 53.62 9.46
C LYS E 131 -9.16 53.23 9.45
N PHE E 132 -9.66 52.65 10.54
CA PHE E 132 -11.07 52.28 10.59
C PHE E 132 -11.97 53.51 10.48
N TYR E 133 -11.64 54.58 11.20
CA TYR E 133 -12.45 55.79 11.11
C TYR E 133 -12.28 56.48 9.77
N PHE E 134 -11.11 56.36 9.14
CA PHE E 134 -10.93 56.88 7.78
C PHE E 134 -11.87 56.16 6.82
N LEU E 135 -11.88 54.83 6.87
CA LEU E 135 -12.73 54.07 5.96
C LEU E 135 -14.21 54.26 6.26
N VAL E 136 -14.57 54.41 7.54
CA VAL E 136 -15.95 54.69 7.89
C VAL E 136 -16.38 56.03 7.32
N GLY E 137 -15.53 57.06 7.49
CA GLY E 137 -15.84 58.35 6.91
C GLY E 137 -15.86 58.33 5.39
N TYR E 138 -14.94 57.58 4.79
CA TYR E 138 -14.89 57.47 3.34
C TYR E 138 -16.11 56.74 2.79
N SER E 139 -16.51 55.65 3.44
CA SER E 139 -17.64 54.87 2.95
C SER E 139 -18.95 55.64 3.08
N GLU E 140 -19.16 56.33 4.21
CA GLU E 140 -20.42 57.02 4.43
C GLU E 140 -20.64 58.12 3.40
N THR E 141 -19.59 58.89 3.09
CA THR E 141 -19.75 59.99 2.14
C THR E 141 -19.89 59.49 0.71
N LEU E 142 -19.08 58.51 0.32
CA LEU E 142 -19.10 58.05 -1.07
C LEU E 142 -20.42 57.38 -1.42
N LEU E 143 -20.93 56.51 -0.55
CA LEU E 143 -22.18 55.83 -0.84
C LEU E 143 -23.37 56.79 -0.81
N SER E 144 -23.35 57.75 0.11
CA SER E 144 -24.46 58.69 0.22
C SER E 144 -24.58 59.55 -1.03
N HIS E 145 -23.45 59.97 -1.60
CA HIS E 145 -23.47 60.74 -2.82
C HIS E 145 -23.61 59.89 -4.07
N PHE E 146 -23.56 58.56 -3.94
CA PHE E 146 -23.71 57.67 -5.09
C PHE E 146 -25.14 57.18 -5.25
N TYR E 147 -25.76 56.76 -4.15
CA TYR E 147 -27.16 56.32 -4.16
C TYR E 147 -28.14 57.43 -3.84
N LYS E 148 -27.65 58.64 -3.58
CA LYS E 148 -28.51 59.80 -3.28
C LYS E 148 -29.41 59.53 -2.08
N CYS E 149 -28.89 58.81 -1.10
CA CYS E 149 -29.62 58.52 0.13
C CYS E 149 -28.64 58.50 1.30
N PRO E 150 -29.08 58.90 2.49
CA PRO E 150 -28.19 58.83 3.66
C PRO E 150 -27.82 57.40 3.97
N VAL E 151 -26.59 57.21 4.44
CA VAL E 151 -26.05 55.89 4.73
C VAL E 151 -25.54 55.86 6.15
N HIS E 152 -25.88 54.80 6.88
CA HIS E 152 -25.37 54.55 8.22
C HIS E 152 -24.47 53.32 8.19
N LEU E 153 -23.30 53.43 8.82
CA LEU E 153 -22.33 52.35 8.84
C LEU E 153 -21.97 52.06 10.29
N HIS E 154 -22.48 50.95 10.82
CA HIS E 154 -22.23 50.53 12.19
C HIS E 154 -21.32 49.31 12.19
N LEU E 155 -20.28 49.36 13.01
CA LEU E 155 -19.27 48.32 13.05
C LEU E 155 -19.21 47.69 14.43
N GLN E 156 -19.08 46.37 14.46
CA GLN E 156 -18.79 45.62 15.67
C GLN E 156 -17.50 44.85 15.45
N THR E 157 -16.56 45.01 16.38
CA THR E 157 -15.22 44.45 16.24
C THR E 157 -15.10 43.18 17.08
N VAL E 158 -14.55 42.13 16.48
CA VAL E 158 -14.37 40.84 17.15
C VAL E 158 -12.89 40.45 17.06
N PRO E 159 -12.37 39.69 18.03
CA PRO E 159 -10.95 39.32 17.96
C PRO E 159 -10.63 38.37 16.82
N SER E 160 -11.53 37.44 16.52
CA SER E 160 -11.34 36.49 15.44
C SER E 160 -12.70 36.03 14.94
N LYS E 161 -12.70 35.21 13.90
CA LYS E 161 -13.95 34.69 13.36
C LYS E 161 -14.63 33.80 14.40
N VAL E 162 -15.93 34.00 14.56
CA VAL E 162 -16.70 33.23 15.53
C VAL E 162 -16.95 31.85 14.98
N VAL E 163 -16.65 30.82 15.77
CA VAL E 163 -16.75 29.43 15.35
C VAL E 163 -17.96 28.80 16.03
N TYR E 164 -18.82 28.17 15.23
CA TYR E 164 -20.04 27.55 15.73
C TYR E 164 -19.94 26.03 15.83
N LYS E 165 -19.26 25.38 14.87
CA LYS E 165 -19.11 23.94 14.87
C LYS E 165 -17.68 23.57 14.48
N TYR E 166 -17.37 22.29 14.60
CA TYR E 166 -16.06 21.71 14.28
C TYR E 166 -15.02 22.37 15.19
N ILE E 167 -13.83 22.68 14.67
CA ILE E 167 -12.71 23.22 15.45
C ILE E 167 -12.49 22.42 16.73
N LYS F 128 -5.31 -22.50 -7.57
CA LYS F 128 -5.13 -23.88 -7.13
C LYS F 128 -4.24 -24.63 -8.12
N ASN F 129 -3.86 -25.87 -7.76
CA ASN F 129 -2.99 -26.67 -8.60
C ASN F 129 -3.65 -27.11 -9.90
N ILE F 130 -4.97 -26.92 -10.04
CA ILE F 130 -5.64 -27.28 -11.27
C ILE F 130 -5.12 -26.48 -12.46
N LEU F 131 -4.51 -25.31 -12.22
CA LEU F 131 -3.93 -24.54 -13.30
C LEU F 131 -2.74 -25.24 -13.95
N LYS F 132 -2.20 -26.28 -13.33
CA LYS F 132 -1.10 -27.06 -13.89
C LYS F 132 -1.57 -28.39 -14.48
N ILE F 133 -2.57 -29.03 -13.88
CA ILE F 133 -3.08 -30.28 -14.44
C ILE F 133 -3.76 -30.01 -15.78
N ARG F 134 -4.49 -28.89 -15.88
CA ARG F 134 -5.13 -28.55 -17.15
C ARG F 134 -4.11 -28.28 -18.24
N ARG F 135 -3.00 -27.61 -17.89
CA ARG F 135 -1.95 -27.36 -18.86
C ARG F 135 -1.34 -28.67 -19.35
N ARG F 136 -1.12 -29.63 -18.45
CA ARG F 136 -0.64 -30.94 -18.85
C ARG F 136 -1.71 -31.76 -19.54
N LYS F 137 -2.99 -31.47 -19.29
CA LYS F 137 -4.07 -32.18 -19.98
C LYS F 137 -4.12 -31.81 -21.45
N MET F 138 -4.03 -30.51 -21.76
CA MET F 138 -4.11 -30.07 -23.15
C MET F 138 -2.94 -30.57 -23.96
N ASN F 139 -1.73 -30.55 -23.39
CA ASN F 139 -0.56 -31.00 -24.12
C ASN F 139 -0.66 -32.49 -24.47
N HIS F 140 -1.11 -33.30 -23.51
CA HIS F 140 -1.26 -34.73 -23.79
C HIS F 140 -2.38 -34.97 -24.81
N HIS F 141 -3.46 -34.18 -24.72
CA HIS F 141 -4.57 -34.32 -25.66
C HIS F 141 -4.18 -33.90 -27.07
N LYS F 142 -3.32 -32.90 -27.21
CA LYS F 142 -2.84 -32.50 -28.53
C LYS F 142 -1.79 -33.46 -29.07
N TYR F 143 -0.95 -34.01 -28.19
CA TYR F 143 0.03 -35.00 -28.64
C TYR F 143 -0.66 -36.28 -29.11
N ARG F 144 -1.73 -36.68 -28.43
CA ARG F 144 -2.45 -37.88 -28.84
C ARG F 144 -3.21 -37.70 -30.14
N LYS F 145 -3.31 -36.48 -30.65
CA LYS F 145 -3.84 -36.24 -31.98
C LYS F 145 -2.75 -36.07 -33.02
N LEU F 146 -1.56 -35.62 -32.63
CA LEU F 146 -0.44 -35.59 -33.55
C LEU F 146 0.01 -36.99 -33.93
N VAL F 147 -0.05 -37.93 -33.00
CA VAL F 147 0.28 -39.31 -33.33
C VAL F 147 -0.77 -39.91 -34.26
N LYS F 148 -2.05 -39.68 -33.96
CA LYS F 148 -3.12 -40.26 -34.77
C LYS F 148 -3.09 -39.71 -36.19
N ARG F 149 -2.86 -38.40 -36.35
CA ARG F 149 -2.87 -37.81 -37.68
C ARG F 149 -1.72 -38.32 -38.53
N THR F 150 -0.55 -38.51 -37.93
CA THR F 150 0.64 -38.94 -38.65
C THR F 150 1.10 -40.31 -38.17
N ARG F 151 0.15 -41.23 -37.98
CA ARG F 151 0.50 -42.55 -37.47
C ARG F 151 1.39 -43.31 -38.44
N PHE F 152 1.08 -43.26 -39.74
CA PHE F 152 1.87 -44.00 -40.71
C PHE F 152 3.21 -43.37 -40.99
N LEU F 153 3.36 -42.06 -40.76
CA LEU F 153 4.68 -41.45 -40.87
C LEU F 153 5.63 -41.99 -39.81
N ARG F 154 5.14 -42.17 -38.58
CA ARG F 154 5.96 -42.76 -37.53
C ARG F 154 6.26 -44.22 -37.81
N ARG F 155 5.33 -44.93 -38.44
CA ARG F 155 5.56 -46.32 -38.80
C ARG F 155 6.75 -46.45 -39.75
N LYS F 156 6.82 -45.57 -40.75
CA LYS F 156 7.93 -45.60 -41.69
C LYS F 156 9.25 -45.30 -40.99
N VAL F 157 9.27 -44.29 -40.12
CA VAL F 157 10.51 -43.89 -39.47
C VAL F 157 10.96 -44.96 -38.48
N ARG F 158 10.03 -45.55 -37.73
CA ARG F 158 10.38 -46.57 -36.76
C ARG F 158 11.03 -47.77 -37.43
N GLU F 159 10.46 -48.23 -38.55
CA GLU F 159 11.09 -49.31 -39.30
C GLU F 159 12.41 -48.87 -39.91
N GLY F 160 12.50 -47.60 -40.33
CA GLY F 160 13.76 -47.09 -40.86
C GLY F 160 14.86 -47.06 -39.82
N ARG F 161 14.53 -46.64 -38.60
CA ARG F 161 15.52 -46.64 -37.53
C ARG F 161 15.88 -48.06 -37.10
N LEU F 162 14.93 -49.00 -37.17
CA LEU F 162 15.23 -50.38 -36.81
C LEU F 162 16.19 -51.03 -37.80
N ARG F 163 16.08 -50.71 -39.08
CA ARG F 163 17.02 -51.26 -40.06
C ARG F 163 18.43 -50.75 -39.79
N GLN F 164 18.57 -49.45 -39.55
CA GLN F 164 19.90 -48.90 -39.24
C GLN F 164 20.40 -49.43 -37.90
N LYS F 165 19.51 -49.71 -36.96
CA LYS F 165 19.91 -50.32 -35.70
C LYS F 165 20.47 -51.71 -35.93
N GLN F 166 19.80 -52.51 -36.78
CA GLN F 166 20.30 -53.83 -37.10
C GLN F 166 21.59 -53.77 -37.90
N VAL F 167 21.64 -52.88 -38.90
CA VAL F 167 22.84 -52.77 -39.74
C VAL F 167 24.04 -52.34 -38.92
N LYS F 168 23.87 -51.34 -38.05
CA LYS F 168 24.96 -50.90 -37.20
C LYS F 168 25.43 -52.02 -36.27
N PHE F 169 24.50 -52.85 -35.81
CA PHE F 169 24.89 -54.00 -34.99
C PHE F 169 25.72 -55.00 -35.78
N GLU F 170 25.39 -55.20 -37.06
CA GLU F 170 26.16 -56.11 -37.89
C GLU F 170 27.59 -55.62 -38.06
N ARG F 171 27.77 -54.31 -38.29
CA ARG F 171 29.11 -53.76 -38.45
C ARG F 171 29.93 -53.93 -37.18
N ASP F 172 29.30 -53.78 -36.02
CA ASP F 172 30.01 -53.96 -34.76
C ASP F 172 30.52 -55.38 -34.61
N LEU F 173 29.70 -56.37 -34.97
CA LEU F 173 30.17 -57.76 -34.92
C LEU F 173 31.19 -58.03 -36.02
N LYS F 174 31.02 -57.42 -37.19
CA LYS F 174 31.99 -57.57 -38.26
C LYS F 174 33.35 -57.00 -37.86
N ARG F 175 33.35 -55.92 -37.08
CA ARG F 175 34.61 -55.35 -36.61
C ARG F 175 35.34 -56.29 -35.68
N ILE F 176 34.59 -57.09 -34.90
CA ILE F 176 35.20 -57.94 -33.89
C ILE F 176 36.11 -58.99 -34.54
N TRP F 177 35.59 -59.71 -35.53
CA TRP F 177 36.37 -60.82 -36.09
C TRP F 177 37.46 -60.32 -37.03
N GLN F 178 37.27 -59.16 -37.67
CA GLN F 178 38.32 -58.64 -38.55
C GLN F 178 39.53 -58.19 -37.75
N LYS F 179 39.31 -57.57 -36.59
CA LYS F 179 40.43 -57.14 -35.77
C LYS F 179 41.12 -58.29 -35.05
N ALA F 180 40.44 -59.43 -34.92
CA ALA F 180 41.03 -60.59 -34.27
C ALA F 180 41.96 -61.37 -35.19
N GLY F 181 42.05 -60.99 -36.47
CA GLY F 181 42.93 -61.64 -37.41
C GLY F 181 42.24 -62.58 -38.37
N LEU F 182 41.00 -62.95 -38.11
CA LEU F 182 40.27 -63.84 -39.00
C LEU F 182 39.89 -63.13 -40.29
N LYS F 183 39.72 -63.91 -41.35
CA LYS F 183 39.24 -63.41 -42.63
C LYS F 183 37.73 -63.51 -42.75
N GLU F 184 37.18 -64.66 -42.34
CA GLU F 184 35.75 -64.91 -42.41
C GLU F 184 35.21 -65.13 -41.00
N ALA F 185 33.91 -64.92 -40.85
CA ALA F 185 33.26 -65.15 -39.57
C ALA F 185 33.37 -66.63 -39.21
N PRO F 186 33.34 -66.96 -37.91
CA PRO F 186 33.45 -68.36 -37.50
C PRO F 186 32.34 -69.21 -38.10
N ALA F 187 32.68 -70.44 -38.43
CA ALA F 187 31.74 -71.34 -39.09
C ALA F 187 30.53 -71.61 -38.20
N GLY F 188 29.35 -71.65 -38.82
CA GLY F 188 28.12 -71.87 -38.09
C GLY F 188 27.54 -70.64 -37.42
N TRP F 189 28.13 -69.47 -37.63
CA TRP F 189 27.66 -68.24 -36.99
C TRP F 189 26.94 -67.37 -38.02
N GLN F 190 25.63 -67.30 -37.89
CA GLN F 190 24.81 -66.38 -38.66
C GLN F 190 24.16 -65.41 -37.67
N THR F 191 24.43 -64.12 -37.84
CA THR F 191 23.97 -63.12 -36.89
C THR F 191 22.45 -63.01 -36.93
N PRO F 192 21.76 -63.20 -35.81
CA PRO F 192 20.30 -63.11 -35.82
C PRO F 192 19.84 -61.67 -35.93
N LYS F 193 18.58 -61.51 -36.36
CA LYS F 193 17.94 -60.20 -36.45
C LYS F 193 17.18 -59.97 -35.15
N ILE F 194 17.88 -59.47 -34.14
CA ILE F 194 17.28 -59.27 -32.82
C ILE F 194 16.18 -58.22 -32.88
N TYR F 195 16.41 -57.14 -33.62
CA TYR F 195 15.44 -56.06 -33.72
C TYR F 195 14.43 -56.35 -34.84
N LEU F 196 13.76 -57.49 -34.71
CA LEU F 196 12.77 -57.93 -35.67
C LEU F 196 11.53 -58.39 -34.92
N LYS F 197 10.36 -58.11 -35.50
CA LYS F 197 9.10 -58.46 -34.84
C LYS F 197 8.94 -59.97 -34.79
N ASN F 198 8.75 -60.50 -33.58
CA ASN F 198 8.57 -61.93 -33.35
C ASN F 198 7.60 -62.11 -32.20
N GLN F 199 7.42 -63.37 -31.79
CA GLN F 199 6.56 -63.69 -30.66
C GLN F 199 7.03 -64.97 -29.99
N PRO G 254 -15.42 -85.21 18.37
CA PRO G 254 -15.82 -85.19 16.96
C PRO G 254 -15.01 -84.18 16.15
N ARG G 255 -14.83 -84.45 14.86
CA ARG G 255 -14.07 -83.56 13.99
C ARG G 255 -14.90 -82.95 12.87
N TYR G 256 -15.71 -83.76 12.19
CA TYR G 256 -16.58 -83.29 11.12
C TYR G 256 -18.03 -83.56 11.46
N GLU G 257 -18.91 -82.69 10.99
CA GLU G 257 -20.35 -82.81 11.19
C GLU G 257 -21.04 -82.76 9.84
N LEU G 258 -21.95 -83.70 9.61
CA LEU G 258 -22.65 -83.85 8.33
C LEU G 258 -24.08 -83.37 8.53
N ALA G 259 -24.38 -82.15 8.07
CA ALA G 259 -25.74 -81.62 8.13
C ALA G 259 -26.53 -82.26 7.00
N LEU G 260 -27.24 -83.34 7.32
CA LEU G 260 -27.91 -84.16 6.33
C LEU G 260 -29.41 -83.90 6.36
N ILE G 261 -29.98 -83.62 5.20
CA ILE G 261 -31.41 -83.42 5.03
C ILE G 261 -31.92 -84.48 4.08
N LEU G 262 -32.94 -85.23 4.50
CA LEU G 262 -33.48 -86.32 3.71
C LEU G 262 -34.90 -86.02 3.27
N LYS G 263 -35.27 -86.59 2.13
CA LYS G 263 -36.63 -86.46 1.62
C LYS G 263 -37.61 -87.20 2.53
N ALA G 264 -38.78 -86.60 2.73
CA ALA G 264 -39.77 -87.18 3.63
C ALA G 264 -40.31 -88.48 3.05
N MET G 265 -40.22 -89.56 3.84
CA MET G 265 -40.70 -90.87 3.41
C MET G 265 -40.99 -91.70 4.65
N GLN G 266 -41.39 -92.95 4.43
CA GLN G 266 -41.80 -93.82 5.52
C GLN G 266 -40.59 -94.38 6.27
N ARG G 267 -40.88 -95.12 7.32
CA ARG G 267 -39.82 -95.66 8.19
C ARG G 267 -38.86 -96.61 7.46
N PRO G 268 -39.31 -97.60 6.69
CA PRO G 268 -38.34 -98.55 6.10
C PRO G 268 -37.32 -97.92 5.18
N GLU G 269 -37.75 -97.08 4.24
CA GLU G 269 -36.81 -96.48 3.30
C GLU G 269 -35.91 -95.44 3.98
N THR G 270 -36.43 -94.75 5.00
CA THR G 270 -35.59 -93.81 5.74
C THR G 270 -34.45 -94.53 6.45
N ALA G 271 -34.73 -95.68 7.06
CA ALA G 271 -33.68 -96.48 7.66
C ALA G 271 -32.70 -96.98 6.62
N ALA G 272 -33.21 -97.41 5.47
CA ALA G 272 -32.33 -97.86 4.39
C ALA G 272 -31.44 -96.74 3.88
N ALA G 273 -32.00 -95.54 3.74
CA ALA G 273 -31.21 -94.40 3.26
C ALA G 273 -30.07 -94.08 4.22
N LEU G 274 -30.35 -94.09 5.52
CA LEU G 274 -29.30 -93.84 6.50
C LEU G 274 -28.29 -94.98 6.52
N LYS G 275 -28.76 -96.22 6.33
CA LYS G 275 -27.86 -97.37 6.38
C LYS G 275 -26.79 -97.29 5.30
N ARG G 276 -27.19 -96.95 4.07
CA ARG G 276 -26.22 -96.87 2.98
C ARG G 276 -25.40 -95.59 3.05
N THR G 277 -25.97 -94.50 3.55
CA THR G 277 -25.21 -93.26 3.70
C THR G 277 -24.09 -93.45 4.71
N LEU G 278 -24.37 -94.11 5.84
CA LEU G 278 -23.32 -94.42 6.80
C LEU G 278 -22.32 -95.41 6.22
N GLU G 279 -22.80 -96.36 5.41
CA GLU G 279 -21.89 -97.31 4.77
C GLU G 279 -20.91 -96.61 3.84
N ALA G 280 -21.39 -95.60 3.11
CA ALA G 280 -20.49 -94.84 2.24
C ALA G 280 -19.42 -94.12 3.04
N LEU G 281 -19.79 -93.58 4.20
CA LEU G 281 -18.81 -92.89 5.04
C LEU G 281 -17.73 -93.85 5.52
N MET G 282 -18.13 -95.06 5.94
CA MET G 282 -17.15 -96.02 6.44
C MET G 282 -16.21 -96.51 5.35
N ASP G 283 -16.68 -96.54 4.10
CA ASP G 283 -15.81 -96.96 3.01
C ASP G 283 -14.69 -95.96 2.76
N ARG G 284 -14.93 -94.68 3.05
CA ARG G 284 -13.92 -93.65 2.81
C ARG G 284 -12.91 -93.52 3.95
N GLY G 285 -13.07 -94.30 5.02
CA GLY G 285 -12.16 -94.25 6.14
C GLY G 285 -12.58 -93.27 7.21
N ALA G 286 -13.82 -93.37 7.67
CA ALA G 286 -14.35 -92.48 8.68
C ALA G 286 -14.92 -93.30 9.83
N VAL G 287 -14.66 -92.86 11.06
CA VAL G 287 -15.19 -93.51 12.25
C VAL G 287 -16.32 -92.63 12.78
N VAL G 288 -17.55 -93.00 12.47
CA VAL G 288 -18.71 -92.22 12.88
C VAL G 288 -18.95 -92.40 14.38
N ARG G 289 -19.22 -91.30 15.07
CA ARG G 289 -19.42 -91.32 16.51
C ARG G 289 -20.85 -91.68 16.88
N ASN G 290 -21.82 -90.90 16.42
CA ASN G 290 -23.22 -91.15 16.72
C ASN G 290 -24.08 -90.52 15.64
N LEU G 291 -25.35 -90.91 15.63
CA LEU G 291 -26.34 -90.36 14.72
C LEU G 291 -27.41 -89.64 15.52
N GLU G 292 -27.69 -88.40 15.16
CA GLU G 292 -28.67 -87.58 15.85
C GLU G 292 -29.83 -87.28 14.91
N ASN G 293 -31.05 -87.45 15.42
CA ASN G 293 -32.28 -87.24 14.66
C ASN G 293 -32.95 -85.96 15.12
N LEU G 294 -33.20 -85.06 14.18
CA LEU G 294 -33.89 -83.80 14.47
C LEU G 294 -35.36 -83.84 14.07
N GLY G 295 -35.88 -85.00 13.69
CA GLY G 295 -37.27 -85.12 13.30
C GLY G 295 -37.52 -84.56 11.92
N GLU G 296 -38.78 -84.66 11.50
CA GLU G 296 -39.22 -84.12 10.22
C GLU G 296 -39.85 -82.75 10.44
N ARG G 297 -39.48 -81.79 9.61
CA ARG G 297 -39.99 -80.43 9.70
C ARG G 297 -40.28 -79.92 8.30
N MET G 298 -41.18 -78.94 8.22
CA MET G 298 -41.41 -78.27 6.95
C MET G 298 -40.21 -77.40 6.60
N LEU G 299 -39.72 -77.53 5.37
CA LEU G 299 -38.55 -76.80 4.97
C LEU G 299 -38.83 -75.30 4.97
N PRO G 300 -37.84 -74.48 5.29
CA PRO G 300 -38.05 -73.02 5.26
C PRO G 300 -38.46 -72.51 3.89
N TYR G 301 -37.95 -73.11 2.82
CA TYR G 301 -38.31 -72.74 1.47
C TYR G 301 -38.20 -73.98 0.58
N LYS G 302 -38.88 -73.93 -0.56
CA LYS G 302 -38.85 -75.05 -1.49
C LYS G 302 -37.46 -75.20 -2.07
N ILE G 303 -36.92 -76.42 -2.02
CA ILE G 303 -35.58 -76.72 -2.48
C ILE G 303 -35.68 -77.63 -3.70
N SER G 304 -35.03 -77.24 -4.78
CA SER G 304 -35.04 -78.04 -6.01
C SER G 304 -33.82 -78.95 -6.02
N ALA G 305 -34.06 -80.25 -6.03
CA ALA G 305 -32.98 -81.23 -6.07
C ALA G 305 -33.45 -82.47 -6.83
N HIS G 306 -32.65 -82.90 -7.81
CA HIS G 306 -32.94 -84.08 -8.62
C HIS G 306 -34.30 -83.97 -9.30
N ASN G 307 -34.54 -82.81 -9.92
CA ASN G 307 -35.74 -82.56 -10.71
C ASN G 307 -37.01 -82.75 -9.89
N GLN G 308 -36.98 -82.32 -8.63
CA GLN G 308 -38.13 -82.40 -7.76
C GLN G 308 -38.23 -81.11 -6.95
N ARG G 309 -39.46 -80.77 -6.54
CA ARG G 309 -39.72 -79.65 -5.65
C ARG G 309 -40.15 -80.20 -4.30
N HIS G 310 -39.35 -79.95 -3.28
CA HIS G 310 -39.58 -80.49 -1.94
C HIS G 310 -39.97 -79.38 -0.99
N SER G 311 -41.02 -79.63 -0.20
CA SER G 311 -41.45 -78.72 0.84
C SER G 311 -41.35 -79.30 2.24
N ARG G 312 -41.25 -80.62 2.37
CA ARG G 312 -41.10 -81.28 3.67
C ARG G 312 -39.92 -82.25 3.60
N GLY G 313 -39.13 -82.29 4.67
CA GLY G 313 -37.99 -83.17 4.71
C GLY G 313 -37.58 -83.47 6.14
N GLY G 314 -36.81 -84.54 6.29
CA GLY G 314 -36.28 -84.95 7.59
C GLY G 314 -34.84 -84.51 7.74
N TYR G 315 -34.48 -84.12 8.97
CA TYR G 315 -33.14 -83.65 9.28
C TYR G 315 -32.41 -84.70 10.09
N PHE G 316 -31.17 -85.00 9.68
CA PHE G 316 -30.33 -85.94 10.41
C PHE G 316 -28.91 -85.38 10.48
N LEU G 317 -28.22 -85.72 11.55
CA LEU G 317 -26.89 -85.19 11.81
C LEU G 317 -25.93 -86.32 12.10
N VAL G 318 -24.79 -86.33 11.41
CA VAL G 318 -23.77 -87.35 11.57
C VAL G 318 -22.44 -86.66 11.83
N ASP G 319 -21.76 -87.11 12.89
CA ASP G 319 -20.44 -86.58 13.24
C ASP G 319 -19.42 -87.72 13.20
N PHE G 320 -18.25 -87.43 12.65
CA PHE G 320 -17.27 -88.49 12.40
C PHE G 320 -15.87 -87.88 12.33
N TYR G 321 -14.88 -88.76 12.46
CA TYR G 321 -13.48 -88.42 12.23
C TYR G 321 -13.08 -88.94 10.86
N ALA G 322 -12.61 -88.05 10.00
CA ALA G 322 -12.23 -88.43 8.65
C ALA G 322 -10.97 -87.70 8.23
N PRO G 323 -10.17 -88.30 7.34
CA PRO G 323 -9.02 -87.58 6.79
C PRO G 323 -9.45 -86.40 5.95
N ALA G 324 -8.58 -85.40 5.86
CA ALA G 324 -8.92 -84.15 5.19
C ALA G 324 -9.13 -84.36 3.69
N THR G 325 -8.44 -85.32 3.09
CA THR G 325 -8.50 -85.50 1.65
C THR G 325 -9.76 -86.23 1.19
N THR G 326 -10.50 -86.86 2.11
CA THR G 326 -11.67 -87.64 1.75
C THR G 326 -12.98 -86.85 1.87
N VAL G 327 -12.91 -85.56 2.20
CA VAL G 327 -14.13 -84.77 2.32
C VAL G 327 -14.78 -84.58 0.95
N GLU G 328 -13.98 -84.35 -0.08
CA GLU G 328 -14.53 -84.15 -1.41
C GLU G 328 -15.26 -85.39 -1.91
N SER G 329 -14.71 -86.58 -1.65
CA SER G 329 -15.35 -87.81 -2.10
C SER G 329 -16.71 -87.99 -1.43
N MET G 330 -16.80 -87.72 -0.14
CA MET G 330 -18.07 -87.84 0.56
C MET G 330 -19.09 -86.85 0.01
N MET G 331 -18.68 -85.60 -0.22
CA MET G 331 -19.58 -84.60 -0.79
C MET G 331 -20.02 -84.98 -2.20
N GLU G 332 -19.08 -85.48 -3.01
CA GLU G 332 -19.42 -85.89 -4.37
C GLU G 332 -20.37 -87.08 -4.37
N HIS G 333 -20.16 -88.04 -3.47
CA HIS G 333 -21.02 -89.21 -3.42
C HIS G 333 -22.46 -88.83 -3.04
N LEU G 334 -22.62 -87.95 -2.05
CA LEU G 334 -23.95 -87.57 -1.62
C LEU G 334 -24.68 -86.75 -2.68
N SER G 335 -23.93 -86.05 -3.54
CA SER G 335 -24.57 -85.27 -4.60
C SER G 335 -25.27 -86.17 -5.61
N ARG G 336 -24.68 -87.33 -5.92
CA ARG G 336 -25.28 -88.24 -6.89
C ARG G 336 -26.48 -88.96 -6.31
N ASP G 337 -26.52 -89.16 -4.99
CA ASP G 337 -27.65 -89.83 -4.36
C ASP G 337 -28.91 -89.00 -4.52
N ILE G 338 -30.04 -89.67 -4.72
CA ILE G 338 -31.30 -88.99 -4.98
C ILE G 338 -32.18 -88.84 -3.74
N ASP G 339 -31.96 -89.65 -2.69
CA ASP G 339 -32.78 -89.57 -1.50
C ASP G 339 -32.32 -88.48 -0.53
N VAL G 340 -31.18 -87.85 -0.78
CA VAL G 340 -30.70 -86.72 0.02
C VAL G 340 -30.93 -85.45 -0.77
N ILE G 341 -31.58 -84.48 -0.15
CA ILE G 341 -31.96 -83.25 -0.85
C ILE G 341 -30.86 -82.20 -0.77
N ARG G 342 -30.20 -82.06 0.38
CA ARG G 342 -29.11 -81.10 0.49
C ARG G 342 -28.09 -81.54 1.53
N PRO G 343 -26.94 -82.04 1.13
CA PRO G 343 -25.86 -82.36 2.07
C PRO G 343 -24.87 -81.22 2.23
N ASN G 344 -24.42 -81.02 3.46
CA ASN G 344 -23.39 -80.04 3.76
C ASN G 344 -22.49 -80.58 4.86
N ILE G 345 -21.20 -80.30 4.77
CA ILE G 345 -20.21 -80.76 5.74
C ILE G 345 -19.52 -79.56 6.33
N VAL G 346 -19.54 -79.45 7.66
CA VAL G 346 -18.84 -78.40 8.38
C VAL G 346 -18.04 -79.05 9.49
N LYS G 347 -16.97 -78.35 9.90
CA LYS G 347 -16.20 -78.82 11.05
C LYS G 347 -17.09 -78.78 12.29
N HIS G 348 -16.89 -79.76 13.17
CA HIS G 348 -17.76 -79.86 14.34
C HIS G 348 -17.55 -78.65 15.24
N PRO G 349 -18.62 -77.98 15.67
CA PRO G 349 -18.45 -76.76 16.49
C PRO G 349 -17.76 -77.01 17.81
N LEU G 350 -17.78 -78.25 18.32
CA LEU G 350 -17.11 -78.54 19.58
C LEU G 350 -15.60 -78.60 19.46
N THR G 351 -15.05 -78.62 18.25
CA THR G 351 -13.60 -78.63 18.09
C THR G 351 -12.98 -77.35 18.66
N GLN G 352 -13.59 -76.20 18.38
CA GLN G 352 -13.12 -74.95 18.94
C GLN G 352 -13.67 -74.77 20.35
N GLU G 353 -12.86 -74.17 21.22
CA GLU G 353 -13.24 -73.92 22.59
C GLU G 353 -13.79 -72.50 22.73
N VAL G 354 -14.77 -72.34 23.60
CA VAL G 354 -15.36 -71.03 23.85
C VAL G 354 -14.31 -70.15 24.49
N LYS G 355 -13.81 -69.16 23.75
CA LYS G 355 -12.78 -68.28 24.26
C LYS G 355 -13.27 -67.52 25.48
N GLU G 356 -12.44 -67.46 26.51
CA GLU G 356 -12.82 -66.78 27.75
C GLU G 356 -13.02 -65.30 27.52
N CYS G 357 -14.06 -64.75 28.12
CA CYS G 357 -14.38 -63.34 27.99
C CYS G 357 -14.45 -62.70 29.37
N GLU G 358 -14.16 -61.40 29.42
CA GLU G 358 -14.14 -60.66 30.66
C GLU G 358 -15.23 -59.61 30.76
N GLY G 359 -15.54 -58.90 29.68
CA GLY G 359 -16.59 -57.93 29.70
C GLY G 359 -16.51 -57.01 28.51
N ILE G 360 -17.51 -56.13 28.42
CA ILE G 360 -17.58 -55.12 27.36
C ILE G 360 -16.73 -53.94 27.80
N VAL G 361 -15.50 -53.86 27.32
CA VAL G 361 -14.59 -52.78 27.68
C VAL G 361 -15.08 -51.49 27.05
N PRO G 362 -15.39 -50.46 27.83
CA PRO G 362 -15.87 -49.20 27.25
C PRO G 362 -14.73 -48.44 26.59
N VAL G 363 -14.94 -48.02 25.35
CA VAL G 363 -13.95 -47.27 24.60
C VAL G 363 -14.14 -45.78 24.89
N PRO G 364 -13.18 -45.11 25.50
CA PRO G 364 -13.31 -43.66 25.71
C PRO G 364 -13.24 -42.90 24.40
N LEU G 365 -13.88 -41.74 24.38
CA LEU G 365 -13.82 -40.89 23.20
C LEU G 365 -12.40 -40.40 22.97
N GLU G 366 -12.00 -40.32 21.70
CA GLU G 366 -10.63 -40.00 21.34
C GLU G 366 -10.44 -38.49 21.24
N GLU G 367 -9.35 -38.01 21.85
CA GLU G 367 -8.98 -36.60 21.83
C GLU G 367 -7.72 -36.41 20.99
N LYS G 368 -7.25 -35.17 20.96
CA LYS G 368 -6.02 -34.80 20.24
C LYS G 368 -6.11 -35.18 18.77
N LEU G 369 -7.27 -34.91 18.17
CA LEU G 369 -7.47 -35.16 16.75
C LEU G 369 -7.29 -33.92 15.89
N TYR G 370 -7.09 -32.75 16.50
CA TYR G 370 -6.92 -31.51 15.74
C TYR G 370 -5.98 -30.60 16.50
N SER G 371 -5.45 -29.61 15.79
CA SER G 371 -4.57 -28.63 16.40
C SER G 371 -5.35 -27.73 17.36
N THR G 372 -4.60 -27.10 18.27
CA THR G 372 -5.20 -26.25 19.28
C THR G 372 -5.27 -24.79 18.87
N LYS G 373 -5.19 -24.50 17.57
CA LYS G 373 -5.28 -23.13 17.11
C LYS G 373 -6.70 -22.61 17.26
N LYS G 374 -6.83 -21.29 17.34
CA LYS G 374 -8.13 -20.65 17.50
C LYS G 374 -8.94 -20.80 16.22
N ARG G 375 -10.04 -21.53 16.30
CA ARG G 375 -10.88 -21.79 15.14
C ARG G 375 -11.73 -20.56 14.80
N SER H 35 -52.63 7.18 3.07
CA SER H 35 -53.65 6.98 4.07
C SER H 35 -53.51 7.99 5.20
N ARG H 36 -54.48 8.91 5.30
CA ARG H 36 -54.46 9.92 6.35
C ARG H 36 -54.85 9.35 7.71
N TYR H 37 -55.44 8.15 7.75
CA TYR H 37 -55.78 7.51 9.01
C TYR H 37 -54.60 6.68 9.51
N GLY H 38 -54.27 6.84 10.78
CA GLY H 38 -53.22 6.06 11.37
C GLY H 38 -53.67 4.64 11.67
N PRO H 39 -52.72 3.83 12.15
CA PRO H 39 -53.05 2.43 12.47
C PRO H 39 -54.06 2.28 13.59
N GLU H 40 -54.22 3.29 14.45
CA GLU H 40 -55.15 3.17 15.57
C GLU H 40 -56.60 3.23 15.12
N TYR H 41 -56.90 4.00 14.08
CA TYR H 41 -58.27 4.15 13.63
C TYR H 41 -58.83 2.82 13.12
N LYS H 42 -60.12 2.61 13.36
CA LYS H 42 -60.79 1.38 12.97
C LYS H 42 -62.02 1.70 12.12
N ASP H 43 -62.59 0.66 11.54
CA ASP H 43 -63.77 0.79 10.70
C ASP H 43 -65.02 0.98 11.58
N PRO H 44 -65.80 2.02 11.34
CA PRO H 44 -67.00 2.25 12.18
C PRO H 44 -68.06 1.18 11.96
N GLN H 45 -68.90 1.02 12.97
CA GLN H 45 -70.07 0.15 12.90
C GLN H 45 -71.30 0.99 12.60
N ILE H 46 -72.04 0.62 11.56
CA ILE H 46 -73.14 1.43 11.07
C ILE H 46 -74.51 0.85 11.43
N ASP H 47 -74.62 -0.47 11.57
CA ASP H 47 -75.92 -1.09 11.82
C ASP H 47 -76.53 -0.58 13.13
N LYS H 48 -77.69 0.07 13.02
CA LYS H 48 -78.34 0.62 14.20
C LYS H 48 -78.84 -0.48 15.12
N GLU H 49 -79.32 -1.59 14.55
CA GLU H 49 -79.86 -2.68 15.36
C GLU H 49 -78.81 -3.30 16.28
N TYR H 50 -77.53 -3.16 15.95
CA TYR H 50 -76.49 -3.70 16.82
C TYR H 50 -76.40 -2.97 18.15
N TYR H 51 -76.83 -1.71 18.19
CA TYR H 51 -76.76 -0.92 19.42
C TYR H 51 -78.06 -0.91 20.20
N ARG H 52 -79.21 -1.07 19.53
CA ARG H 52 -80.49 -0.92 20.21
C ARG H 52 -80.89 -2.14 21.02
N LYS H 53 -80.31 -3.31 20.75
CA LYS H 53 -80.62 -4.53 21.48
C LYS H 53 -79.33 -5.22 21.92
N PRO H 54 -78.56 -4.61 22.82
CA PRO H 54 -77.35 -5.27 23.34
C PRO H 54 -77.56 -6.10 24.60
N LEU H 55 -78.70 -5.93 25.29
CA LEU H 55 -78.92 -6.57 26.57
C LEU H 55 -79.24 -8.05 26.47
N ALA H 56 -79.44 -8.56 25.26
CA ALA H 56 -79.76 -9.97 25.06
C ALA H 56 -78.52 -10.84 24.92
N GLU H 57 -77.32 -10.26 25.04
CA GLU H 57 -76.10 -11.02 24.89
C GLU H 57 -75.05 -10.43 25.82
N GLN H 58 -74.09 -11.27 26.23
CA GLN H 58 -73.06 -10.87 27.18
C GLN H 58 -71.70 -10.68 26.52
N THR H 59 -71.26 -11.65 25.70
CA THR H 59 -69.95 -11.55 25.08
C THR H 59 -69.86 -10.35 24.15
N GLU H 60 -70.91 -10.11 23.36
CA GLU H 60 -70.93 -8.96 22.48
C GLU H 60 -70.95 -7.65 23.25
N GLU H 61 -71.54 -7.65 24.46
CA GLU H 61 -71.51 -6.45 25.29
C GLU H 61 -70.09 -6.08 25.68
N GLU H 62 -69.27 -7.09 26.03
CA GLU H 62 -67.88 -6.82 26.36
C GLU H 62 -67.11 -6.26 25.18
N LYS H 63 -67.52 -6.60 23.96
CA LYS H 63 -66.78 -6.19 22.78
C LYS H 63 -66.88 -4.69 22.55
N TYR H 64 -68.09 -4.14 22.58
CA TYR H 64 -68.26 -2.72 22.28
C TYR H 64 -68.06 -1.82 23.50
N GLU H 65 -68.22 -2.35 24.71
CA GLU H 65 -67.91 -1.53 25.89
C GLU H 65 -66.43 -1.26 26.00
N ARG H 66 -65.59 -2.21 25.56
CA ARG H 66 -64.15 -1.99 25.48
C ARG H 66 -63.75 -1.22 24.24
N ASP H 67 -64.65 -1.06 23.27
CA ASP H 67 -64.32 -0.33 22.05
C ASP H 67 -64.00 1.13 22.36
N PHE H 68 -64.79 1.74 23.25
CA PHE H 68 -64.52 3.10 23.68
C PHE H 68 -63.73 3.17 24.98
N LYS H 69 -63.79 2.12 25.81
CA LYS H 69 -62.99 2.09 27.04
C LYS H 69 -61.50 2.04 26.73
N LYS H 70 -61.12 1.41 25.61
CA LYS H 70 -59.76 1.50 25.11
C LYS H 70 -59.48 2.85 24.45
N THR H 71 -60.49 3.70 24.31
CA THR H 71 -60.36 5.02 23.71
C THR H 71 -59.77 4.95 22.30
N GLN H 72 -60.24 3.97 21.53
CA GLN H 72 -59.77 3.80 20.17
C GLN H 72 -60.49 4.76 19.24
N LEU H 73 -59.72 5.46 18.40
CA LEU H 73 -60.28 6.42 17.47
C LEU H 73 -61.09 5.73 16.39
N ILE H 74 -62.09 6.43 15.87
CA ILE H 74 -63.01 5.89 14.88
C ILE H 74 -62.93 6.75 13.62
N LYS H 75 -62.82 6.09 12.47
CA LYS H 75 -62.78 6.80 11.20
C LYS H 75 -64.10 7.50 10.93
N ALA H 76 -64.06 8.48 10.03
CA ALA H 76 -65.27 9.16 9.60
C ALA H 76 -66.15 8.20 8.79
N ALA H 77 -67.45 8.43 8.85
CA ALA H 77 -68.38 7.59 8.12
C ALA H 77 -68.19 7.76 6.62
N PRO H 78 -68.03 6.68 5.86
CA PRO H 78 -67.88 6.82 4.41
C PRO H 78 -69.14 7.40 3.77
N ALA H 79 -68.93 8.13 2.67
CA ALA H 79 -70.05 8.79 2.01
C ALA H 79 -71.02 7.80 1.39
N THR H 80 -70.52 6.65 0.93
CA THR H 80 -71.38 5.68 0.25
C THR H 80 -72.29 4.95 1.22
N LYS H 81 -71.71 4.35 2.26
CA LYS H 81 -72.51 3.56 3.20
C LYS H 81 -73.34 4.47 4.11
N THR H 82 -74.56 4.05 4.39
CA THR H 82 -75.47 4.80 5.24
C THR H 82 -76.33 3.81 6.01
N SER H 83 -76.92 4.30 7.10
CA SER H 83 -77.77 3.47 7.95
C SER H 83 -79.19 3.30 7.40
N SER H 84 -79.44 3.73 6.17
CA SER H 84 -80.76 3.55 5.59
C SER H 84 -81.05 2.07 5.38
N VAL H 85 -82.27 1.65 5.75
CA VAL H 85 -82.64 0.24 5.65
C VAL H 85 -82.86 -0.21 4.21
N PHE H 86 -82.92 0.72 3.26
CA PHE H 86 -83.18 0.39 1.88
C PHE H 86 -81.91 0.17 1.06
N GLU H 87 -80.74 0.21 1.69
CA GLU H 87 -79.50 -0.06 0.99
C GLU H 87 -79.14 -1.54 1.08
N ASP H 88 -78.18 -1.95 0.25
CA ASP H 88 -77.71 -3.32 0.25
C ASP H 88 -76.24 -3.34 -0.16
N PRO H 89 -75.38 -4.05 0.58
CA PRO H 89 -73.95 -4.00 0.25
C PRO H 89 -73.61 -4.52 -1.13
N VAL H 90 -74.33 -5.53 -1.62
CA VAL H 90 -74.02 -6.07 -2.94
C VAL H 90 -74.39 -5.08 -4.03
N ILE H 91 -75.39 -4.22 -3.78
CA ILE H 91 -75.76 -3.22 -4.76
C ILE H 91 -74.69 -2.14 -4.87
N SER H 92 -74.12 -1.72 -3.75
CA SER H 92 -73.13 -0.66 -3.76
C SER H 92 -71.87 -1.09 -4.53
N LYS H 93 -71.41 -2.31 -4.30
CA LYS H 93 -70.24 -2.81 -5.02
C LYS H 93 -70.52 -2.89 -6.51
N PHE H 94 -71.71 -3.39 -6.89
CA PHE H 94 -72.07 -3.47 -8.29
C PHE H 94 -72.23 -2.09 -8.90
N THR H 95 -72.78 -1.14 -8.13
CA THR H 95 -72.93 0.23 -8.62
C THR H 95 -71.58 0.88 -8.87
N ASN H 96 -70.61 0.64 -7.98
CA ASN H 96 -69.29 1.24 -8.13
C ASN H 96 -68.60 0.76 -9.40
N MET H 97 -68.68 -0.54 -9.69
CA MET H 97 -67.99 -1.08 -10.85
C MET H 97 -68.58 -0.53 -12.15
N MET H 98 -69.89 -0.29 -12.19
CA MET H 98 -70.49 0.29 -13.39
C MET H 98 -69.98 1.70 -13.65
N MET H 99 -69.52 2.39 -12.60
CA MET H 99 -69.09 3.77 -12.74
C MET H 99 -67.83 3.86 -13.60
N LYS H 100 -67.84 4.79 -14.55
CA LYS H 100 -66.68 5.08 -15.38
C LYS H 100 -66.27 6.52 -15.13
N GLY H 101 -65.00 6.73 -14.81
CA GLY H 101 -64.51 8.05 -14.48
C GLY H 101 -64.82 8.44 -13.05
N GLY H 102 -65.74 9.37 -12.86
CA GLY H 102 -66.14 9.79 -11.52
C GLY H 102 -67.61 10.09 -11.41
N ASN H 103 -68.41 9.59 -12.36
CA ASN H 103 -69.84 9.87 -12.40
C ASN H 103 -70.58 8.85 -11.53
N LYS H 104 -70.62 9.15 -10.23
CA LYS H 104 -71.43 8.34 -9.33
C LYS H 104 -72.91 8.57 -9.55
N VAL H 105 -73.30 9.79 -9.95
CA VAL H 105 -74.70 10.07 -10.24
C VAL H 105 -75.17 9.23 -11.42
N LEU H 106 -74.36 9.17 -12.47
CA LEU H 106 -74.74 8.39 -13.65
C LEU H 106 -74.79 6.89 -13.32
N ALA H 107 -73.82 6.41 -12.56
CA ALA H 107 -73.82 4.99 -12.17
C ALA H 107 -75.03 4.66 -11.31
N ARG H 108 -75.35 5.52 -10.34
CA ARG H 108 -76.53 5.31 -9.53
C ARG H 108 -77.80 5.41 -10.37
N SER H 109 -77.83 6.32 -11.33
CA SER H 109 -78.99 6.43 -12.22
C SER H 109 -79.18 5.17 -13.03
N LEU H 110 -78.10 4.60 -13.56
CA LEU H 110 -78.21 3.37 -14.34
C LEU H 110 -78.69 2.20 -13.48
N MET H 111 -78.19 2.10 -12.25
CA MET H 111 -78.62 1.04 -11.36
C MET H 111 -80.07 1.19 -10.92
N THR H 112 -80.57 2.44 -10.86
CA THR H 112 -81.97 2.65 -10.53
C THR H 112 -82.87 2.20 -11.66
N GLN H 113 -82.53 2.55 -12.91
CA GLN H 113 -83.35 2.16 -14.04
C GLN H 113 -83.36 0.65 -14.23
N THR H 114 -82.19 0.01 -14.04
CA THR H 114 -82.10 -1.44 -14.23
C THR H 114 -83.02 -2.18 -13.26
N LEU H 115 -83.06 -1.76 -12.00
CA LEU H 115 -83.99 -2.37 -11.06
C LEU H 115 -85.42 -2.09 -11.46
N GLU H 116 -85.71 -0.87 -11.92
CA GLU H 116 -87.04 -0.57 -12.43
C GLU H 116 -87.37 -1.41 -13.65
N ALA H 117 -86.41 -1.53 -14.58
CA ALA H 117 -86.67 -2.29 -15.81
C ALA H 117 -86.96 -3.76 -15.51
N VAL H 118 -86.22 -4.35 -14.56
CA VAL H 118 -86.50 -5.72 -14.15
C VAL H 118 -87.88 -5.81 -13.53
N LYS H 119 -88.23 -4.82 -12.70
CA LYS H 119 -89.54 -4.84 -12.04
C LYS H 119 -90.68 -4.75 -13.03
N ARG H 120 -90.53 -3.90 -14.06
CA ARG H 120 -91.59 -3.76 -15.06
C ARG H 120 -91.83 -5.06 -15.81
N LYS H 121 -90.74 -5.74 -16.21
CA LYS H 121 -90.89 -6.98 -16.98
C LYS H 121 -91.55 -8.07 -16.16
N GLN H 122 -91.16 -8.21 -14.89
CA GLN H 122 -91.75 -9.24 -14.05
C GLN H 122 -93.21 -8.92 -13.73
N PHE H 123 -93.55 -7.65 -13.57
CA PHE H 123 -94.95 -7.28 -13.33
C PHE H 123 -95.81 -7.61 -14.54
N ALA H 124 -95.31 -7.35 -15.74
CA ALA H 124 -96.08 -7.67 -16.95
C ALA H 124 -96.29 -9.17 -17.09
N LYS H 125 -95.25 -9.96 -16.80
CA LYS H 125 -95.37 -11.41 -16.91
C LYS H 125 -96.32 -11.99 -15.89
N TYR H 126 -96.40 -11.38 -14.70
CA TYR H 126 -97.33 -11.84 -13.68
C TYR H 126 -98.78 -11.69 -14.15
N HIS H 127 -99.08 -10.57 -14.81
CA HIS H 127 -100.45 -10.32 -15.25
C HIS H 127 -100.92 -11.36 -16.26
N ALA H 128 -100.06 -11.72 -17.21
CA ALA H 128 -100.41 -12.70 -18.24
C ALA H 128 -99.90 -14.08 -17.84
N ALA H 129 -100.57 -14.66 -16.85
CA ALA H 129 -100.22 -15.97 -16.36
C ALA H 129 -101.46 -16.66 -15.81
N SER H 130 -101.39 -17.98 -15.73
CA SER H 130 -102.49 -18.79 -15.21
C SER H 130 -102.47 -18.78 -13.68
N ALA H 131 -103.42 -19.50 -13.09
CA ALA H 131 -103.53 -19.52 -11.62
C ALA H 131 -102.29 -20.12 -10.97
N GLU H 132 -101.78 -21.22 -11.52
CA GLU H 132 -100.59 -21.84 -10.94
C GLU H 132 -99.33 -21.06 -11.28
N GLU H 133 -99.31 -20.37 -12.42
CA GLU H 133 -98.14 -19.59 -12.81
C GLU H 133 -98.02 -18.28 -12.04
N GLN H 134 -99.14 -17.76 -11.53
CA GLN H 134 -99.11 -16.46 -10.87
C GLN H 134 -98.23 -16.49 -9.62
N ALA H 135 -98.45 -17.45 -8.74
CA ALA H 135 -97.62 -17.56 -7.54
C ALA H 135 -96.37 -18.41 -7.80
N THR H 136 -95.66 -18.07 -8.87
CA THR H 136 -94.31 -18.54 -9.15
C THR H 136 -93.37 -17.40 -9.48
N ILE H 137 -93.87 -16.37 -10.16
CA ILE H 137 -93.03 -15.28 -10.63
C ILE H 137 -92.63 -14.40 -9.45
N GLU H 138 -91.35 -14.04 -9.39
CA GLU H 138 -90.83 -13.17 -8.34
C GLU H 138 -90.83 -11.73 -8.84
N ARG H 139 -91.41 -10.84 -8.04
CA ARG H 139 -91.49 -9.42 -8.39
C ARG H 139 -90.55 -8.56 -7.56
N ASN H 140 -89.58 -9.17 -6.87
CA ASN H 140 -88.64 -8.42 -6.05
C ASN H 140 -87.32 -8.32 -6.78
N PRO H 141 -86.94 -7.15 -7.32
CA PRO H 141 -85.66 -7.06 -8.03
C PRO H 141 -84.46 -7.38 -7.17
N TYR H 142 -84.49 -7.02 -5.89
CA TYR H 142 -83.38 -7.33 -5.01
C TYR H 142 -83.20 -8.83 -4.84
N THR H 143 -84.31 -9.57 -4.70
CA THR H 143 -84.22 -11.03 -4.66
C THR H 143 -83.67 -11.58 -5.95
N ILE H 144 -84.09 -11.03 -7.09
CA ILE H 144 -83.57 -11.48 -8.38
C ILE H 144 -82.09 -11.16 -8.49
N PHE H 145 -81.69 -9.95 -8.10
CA PHE H 145 -80.30 -9.54 -8.26
C PHE H 145 -79.38 -10.39 -7.39
N HIS H 146 -79.76 -10.64 -6.14
CA HIS H 146 -78.92 -11.47 -5.26
C HIS H 146 -78.83 -12.89 -5.77
N GLN H 147 -79.95 -13.45 -6.25
CA GLN H 147 -79.94 -14.83 -6.72
C GLN H 147 -79.19 -14.98 -8.03
N ALA H 148 -79.25 -13.96 -8.89
CA ALA H 148 -78.60 -14.03 -10.19
C ALA H 148 -77.09 -14.16 -10.04
N LEU H 149 -76.49 -13.37 -9.15
CA LEU H 149 -75.05 -13.39 -8.99
C LEU H 149 -74.57 -14.68 -8.33
N LYS H 150 -75.38 -15.25 -7.44
CA LYS H 150 -74.98 -16.51 -6.81
C LYS H 150 -74.97 -17.69 -7.78
N ASN H 151 -75.52 -17.52 -8.98
CA ASN H 151 -75.48 -18.56 -10.00
C ASN H 151 -74.40 -18.32 -11.04
N CYS H 152 -73.83 -17.12 -11.11
CA CYS H 152 -72.77 -16.79 -12.06
C CYS H 152 -71.38 -16.94 -11.47
N GLU H 153 -71.26 -17.36 -10.22
CA GLU H 153 -69.96 -17.46 -9.58
C GLU H 153 -69.32 -18.80 -9.91
N PRO H 154 -68.11 -18.82 -10.46
CA PRO H 154 -67.42 -20.10 -10.68
C PRO H 154 -67.06 -20.76 -9.36
N VAL H 155 -66.98 -22.09 -9.40
CA VAL H 155 -66.72 -22.87 -8.19
C VAL H 155 -65.22 -23.14 -8.06
N ILE H 156 -64.52 -23.23 -9.19
CA ILE H 156 -63.09 -23.50 -9.17
C ILE H 156 -62.42 -22.78 -10.33
N GLY H 157 -61.40 -21.98 -10.02
CA GLY H 157 -60.72 -21.18 -11.01
C GLY H 157 -59.42 -21.79 -11.50
N LEU H 158 -58.67 -21.01 -12.26
CA LEU H 158 -57.40 -21.42 -12.83
C LEU H 158 -56.35 -20.34 -12.59
N VAL H 159 -55.13 -20.77 -12.30
CA VAL H 159 -54.00 -19.86 -12.18
C VAL H 159 -52.79 -20.45 -12.90
N PRO H 160 -52.13 -19.72 -13.79
CA PRO H 160 -50.95 -20.27 -14.46
C PRO H 160 -49.81 -20.50 -13.46
N ILE H 161 -49.09 -21.59 -13.66
CA ILE H 161 -47.93 -21.94 -12.86
C ILE H 161 -46.78 -22.27 -13.79
N LEU H 162 -45.63 -21.64 -13.57
CA LEU H 162 -44.46 -21.83 -14.41
C LEU H 162 -43.59 -22.94 -13.83
N LYS H 163 -43.35 -23.98 -14.62
CA LYS H 163 -42.48 -25.08 -14.21
C LYS H 163 -41.92 -25.74 -15.46
N GLY H 164 -40.60 -25.94 -15.48
CA GLY H 164 -39.96 -26.54 -16.63
C GLY H 164 -39.94 -25.67 -17.87
N GLY H 165 -40.03 -24.35 -17.70
CA GLY H 165 -40.03 -23.44 -18.83
C GLY H 165 -41.34 -23.34 -19.57
N HIS H 166 -42.44 -23.86 -19.00
CA HIS H 166 -43.74 -23.81 -19.65
C HIS H 166 -44.80 -23.48 -18.61
N PHE H 167 -45.94 -22.99 -19.09
CA PHE H 167 -47.04 -22.59 -18.22
C PHE H 167 -48.15 -23.63 -18.29
N TYR H 168 -48.56 -24.12 -17.13
CA TYR H 168 -49.64 -25.10 -17.02
C TYR H 168 -50.79 -24.48 -16.24
N GLN H 169 -51.99 -24.53 -16.81
CA GLN H 169 -53.17 -23.99 -16.12
C GLN H 169 -53.60 -24.96 -15.04
N VAL H 170 -53.41 -24.58 -13.78
CA VAL H 170 -53.64 -25.44 -12.63
C VAL H 170 -54.87 -24.95 -11.89
N PRO H 171 -55.86 -25.81 -11.63
CA PRO H 171 -57.06 -25.37 -10.91
C PRO H 171 -56.76 -25.08 -9.44
N VAL H 172 -57.51 -24.12 -8.89
CA VAL H 172 -57.35 -23.73 -7.49
C VAL H 172 -58.70 -23.43 -6.89
N PRO H 173 -58.84 -23.68 -5.59
CA PRO H 173 -60.10 -23.34 -4.90
C PRO H 173 -60.25 -21.86 -4.61
N LEU H 174 -60.75 -21.10 -5.58
CA LEU H 174 -60.88 -19.65 -5.42
C LEU H 174 -61.67 -19.29 -4.16
N ALA H 175 -61.22 -18.24 -3.48
CA ALA H 175 -61.85 -17.76 -2.26
C ALA H 175 -63.20 -17.12 -2.58
N ASP H 176 -64.02 -16.99 -1.53
CA ASP H 176 -65.38 -16.50 -1.71
C ASP H 176 -65.41 -15.07 -2.25
N ARG H 177 -64.53 -14.20 -1.74
CA ARG H 177 -64.48 -12.83 -2.24
C ARG H 177 -64.11 -12.77 -3.72
N ARG H 178 -63.16 -13.61 -4.15
CA ARG H 178 -62.78 -13.62 -5.56
C ARG H 178 -63.92 -14.12 -6.43
N ARG H 179 -64.63 -15.16 -5.98
CA ARG H 179 -65.75 -15.67 -6.76
C ARG H 179 -66.85 -14.64 -6.89
N ARG H 180 -67.17 -13.94 -5.80
CA ARG H 180 -68.20 -12.91 -5.86
C ARG H 180 -67.79 -11.78 -6.78
N PHE H 181 -66.54 -11.33 -6.69
CA PHE H 181 -66.06 -10.28 -7.58
C PHE H 181 -66.04 -10.74 -9.03
N LEU H 182 -65.64 -11.98 -9.27
CA LEU H 182 -65.55 -12.47 -10.64
C LEU H 182 -66.91 -12.54 -11.31
N ALA H 183 -67.96 -12.86 -10.56
CA ALA H 183 -69.31 -12.88 -11.14
C ALA H 183 -69.73 -11.49 -11.59
N MET H 184 -69.46 -10.47 -10.78
CA MET H 184 -69.85 -9.12 -11.15
C MET H 184 -69.12 -8.64 -12.39
N LYS H 185 -67.82 -8.95 -12.50
CA LYS H 185 -67.05 -8.51 -13.66
C LYS H 185 -67.57 -9.14 -14.94
N TRP H 186 -67.97 -10.41 -14.88
CA TRP H 186 -68.50 -11.08 -16.06
C TRP H 186 -69.81 -10.44 -16.50
N MET H 187 -70.66 -10.05 -15.55
CA MET H 187 -71.90 -9.36 -15.89
C MET H 187 -71.62 -8.06 -16.64
N ILE H 188 -70.70 -7.24 -16.11
CA ILE H 188 -70.41 -5.95 -16.72
C ILE H 188 -69.71 -6.14 -18.06
N ALA H 189 -68.80 -7.09 -18.15
CA ALA H 189 -68.06 -7.30 -19.39
C ALA H 189 -68.98 -7.71 -20.53
N GLU H 190 -69.96 -8.57 -20.25
CA GLU H 190 -70.83 -9.06 -21.32
C GLU H 190 -71.73 -7.96 -21.85
N CYS H 191 -72.40 -7.23 -20.96
CA CYS H 191 -73.37 -6.23 -21.38
C CYS H 191 -72.73 -4.96 -21.93
N ARG H 192 -71.42 -4.81 -21.80
CA ARG H 192 -70.74 -3.65 -22.38
C ARG H 192 -70.21 -3.92 -23.78
N GLU H 193 -69.90 -5.17 -24.11
CA GLU H 193 -69.22 -5.51 -25.35
C GLU H 193 -70.18 -5.95 -26.46
N LYS H 194 -70.93 -7.03 -26.24
CA LYS H 194 -71.69 -7.66 -27.31
C LYS H 194 -73.15 -7.21 -27.34
N LYS H 195 -73.45 -6.04 -26.80
CA LYS H 195 -74.77 -5.45 -26.98
C LYS H 195 -74.78 -4.57 -28.23
N HIS H 196 -75.98 -4.31 -28.74
CA HIS H 196 -76.12 -3.46 -29.90
C HIS H 196 -75.97 -1.99 -29.50
N ARG H 197 -75.67 -1.16 -30.49
CA ARG H 197 -75.48 0.27 -30.22
C ARG H 197 -76.79 0.97 -29.88
N ARG H 198 -77.90 0.50 -30.45
CA ARG H 198 -79.18 1.16 -30.20
C ARG H 198 -79.71 0.84 -28.80
N VAL H 199 -79.59 -0.42 -28.36
CA VAL H 199 -80.19 -0.85 -27.10
C VAL H 199 -79.46 -0.19 -25.94
N LEU H 200 -80.24 0.38 -25.02
CA LEU H 200 -79.67 1.09 -23.88
C LEU H 200 -79.04 0.13 -22.89
N MET H 201 -78.14 0.68 -22.07
CA MET H 201 -77.51 -0.11 -21.02
C MET H 201 -78.49 -0.64 -19.98
N PRO H 202 -79.39 0.17 -19.40
CA PRO H 202 -80.27 -0.37 -18.34
C PRO H 202 -81.13 -1.54 -18.80
N GLU H 203 -81.63 -1.51 -20.04
CA GLU H 203 -82.49 -2.59 -20.50
C GLU H 203 -81.69 -3.83 -20.87
N LYS H 204 -80.49 -3.65 -21.43
CA LYS H 204 -79.67 -4.81 -21.77
C LYS H 204 -79.24 -5.58 -20.53
N LEU H 205 -78.85 -4.86 -19.47
CA LEU H 205 -78.47 -5.53 -18.24
C LEU H 205 -79.68 -6.20 -17.59
N SER H 206 -80.86 -5.61 -17.73
CA SER H 206 -82.06 -6.23 -17.17
C SER H 206 -82.34 -7.58 -17.81
N GLN H 207 -82.15 -7.68 -19.13
CA GLN H 207 -82.38 -8.95 -19.82
C GLN H 207 -81.45 -10.04 -19.30
N GLU H 208 -80.17 -9.70 -19.11
CA GLU H 208 -79.21 -10.71 -18.68
C GLU H 208 -79.48 -11.18 -17.26
N LEU H 209 -79.99 -10.29 -16.39
CA LEU H 209 -80.32 -10.72 -15.03
C LEU H 209 -81.40 -11.78 -15.02
N LEU H 210 -82.44 -11.60 -15.85
CA LEU H 210 -83.47 -12.62 -15.98
C LEU H 210 -82.90 -13.90 -16.60
N GLU H 211 -82.01 -13.75 -17.59
CA GLU H 211 -81.38 -14.92 -18.20
C GLU H 211 -80.56 -15.70 -17.18
N ALA H 212 -79.81 -14.99 -16.32
CA ALA H 212 -79.02 -15.66 -15.30
C ALA H 212 -79.91 -16.22 -14.19
N PHE H 213 -81.08 -15.62 -13.97
CA PHE H 213 -81.99 -16.13 -12.96
C PHE H 213 -82.56 -17.49 -13.34
N HIS H 214 -82.62 -17.78 -14.64
CA HIS H 214 -83.14 -19.06 -15.13
C HIS H 214 -82.03 -20.02 -15.55
N ASN H 215 -80.77 -19.70 -15.23
CA ASN H 215 -79.63 -20.57 -15.54
C ASN H 215 -79.50 -20.84 -17.05
N GLN H 216 -79.72 -19.80 -17.85
CA GLN H 216 -79.60 -19.96 -19.30
C GLN H 216 -78.89 -18.81 -19.98
N GLY H 217 -78.38 -17.84 -19.22
CA GLY H 217 -77.71 -16.70 -19.81
C GLY H 217 -76.33 -17.04 -20.32
N PRO H 218 -75.79 -16.18 -21.21
CA PRO H 218 -74.41 -16.40 -21.68
C PRO H 218 -73.39 -16.37 -20.56
N VAL H 219 -73.65 -15.63 -19.48
CA VAL H 219 -72.76 -15.63 -18.33
C VAL H 219 -72.68 -17.03 -17.73
N ILE H 220 -73.84 -17.70 -17.61
CA ILE H 220 -73.84 -19.07 -17.11
C ILE H 220 -73.06 -19.97 -18.05
N LYS H 221 -73.15 -19.72 -19.36
CA LYS H 221 -72.36 -20.48 -20.32
C LYS H 221 -70.86 -20.26 -20.10
N ARG H 222 -70.46 -19.02 -19.82
CA ARG H 222 -69.06 -18.73 -19.55
C ARG H 222 -68.60 -19.41 -18.26
N LYS H 223 -69.48 -19.44 -17.25
CA LYS H 223 -69.14 -20.14 -16.01
C LYS H 223 -68.89 -21.62 -16.27
N HIS H 224 -69.73 -22.25 -17.09
CA HIS H 224 -69.53 -23.66 -17.43
C HIS H 224 -68.26 -23.87 -18.24
N ASP H 225 -67.93 -22.91 -19.11
CA ASP H 225 -66.71 -23.02 -19.91
C ASP H 225 -65.47 -23.05 -19.03
N MET H 226 -65.45 -22.23 -17.98
CA MET H 226 -64.34 -22.27 -17.04
C MET H 226 -64.29 -23.60 -16.30
N HIS H 227 -65.45 -24.20 -16.03
CA HIS H 227 -65.47 -25.54 -15.44
C HIS H 227 -64.97 -26.59 -16.42
N LYS H 228 -65.26 -26.41 -17.71
CA LYS H 228 -64.77 -27.36 -18.71
C LYS H 228 -63.25 -27.41 -18.73
N MET H 229 -62.60 -26.25 -18.70
CA MET H 229 -61.14 -26.22 -18.72
C MET H 229 -60.57 -26.75 -17.40
N ALA H 230 -61.22 -26.45 -16.28
CA ALA H 230 -60.73 -26.93 -14.99
C ALA H 230 -60.81 -28.45 -14.91
N GLU H 231 -61.91 -29.03 -15.40
CA GLU H 231 -62.03 -30.49 -15.36
C GLU H 231 -61.08 -31.16 -16.33
N ALA H 232 -60.80 -30.53 -17.48
CA ALA H 232 -59.86 -31.11 -18.43
C ALA H 232 -58.45 -31.20 -17.84
N ASN H 233 -58.01 -30.15 -17.15
CA ASN H 233 -56.72 -30.16 -16.47
C ASN H 233 -56.86 -30.59 -15.01
N ARG H 234 -57.52 -31.73 -14.76
CA ARG H 234 -57.69 -32.21 -13.40
C ARG H 234 -56.48 -32.99 -12.91
N ALA H 235 -55.58 -33.41 -13.80
CA ALA H 235 -54.37 -34.11 -13.41
C ALA H 235 -53.20 -33.18 -13.14
N LEU H 236 -53.34 -31.89 -13.43
CA LEU H 236 -52.30 -30.91 -13.17
C LEU H 236 -52.44 -30.24 -11.82
N ALA H 237 -53.41 -30.65 -11.00
CA ALA H 237 -53.61 -30.04 -9.69
C ALA H 237 -52.45 -30.33 -8.74
N HIS H 238 -51.62 -31.33 -9.05
CA HIS H 238 -50.50 -31.65 -8.18
C HIS H 238 -49.37 -30.63 -8.27
N TYR H 239 -49.37 -29.79 -9.31
CA TYR H 239 -48.30 -28.82 -9.47
C TYR H 239 -48.33 -27.76 -8.37
N ARG H 240 -49.53 -27.30 -7.99
CA ARG H 240 -49.63 -26.26 -6.98
C ARG H 240 -49.16 -26.76 -5.62
N TRP H 241 -48.62 -25.84 -4.83
CA TRP H 241 -47.96 -26.16 -3.58
C TRP H 241 -48.61 -25.46 -2.38
N TRP H 242 -49.93 -25.32 -2.42
CA TRP H 242 -50.64 -24.70 -1.31
C TRP H 242 -52.08 -25.21 -1.22
N FME I 72 -4.28 -53.18 -91.83
CN FME I 72 -4.32 -53.99 -92.88
O1 FME I 72 -3.59 -53.91 -93.86
CA FME I 72 -5.15 -53.35 -90.67
CB FME I 72 -4.84 -54.67 -89.96
CG FME I 72 -5.89 -55.06 -88.92
SD FME I 72 -5.47 -56.63 -88.12
CE FME I 72 -3.94 -56.20 -87.30
C FME I 72 -4.98 -52.16 -89.72
O FME I 72 -4.54 -52.38 -88.57
N LEU J 49 -25.68 59.37 40.67
CA LEU J 49 -26.89 59.79 39.97
C LEU J 49 -26.61 60.99 39.08
N HIS J 50 -27.54 61.25 38.15
CA HIS J 50 -27.40 62.38 37.21
C HIS J 50 -28.04 63.62 37.83
N VAL J 51 -27.37 64.13 38.87
CA VAL J 51 -27.86 65.32 39.57
C VAL J 51 -27.82 66.53 38.64
N ASP J 52 -26.72 66.69 37.89
CA ASP J 52 -26.60 67.79 36.95
C ASP J 52 -27.36 67.44 35.67
N VAL J 53 -28.39 68.23 35.36
CA VAL J 53 -29.20 68.01 34.17
C VAL J 53 -29.36 69.32 33.41
N PRO J 54 -29.53 69.29 32.09
CA PRO J 54 -29.82 70.52 31.35
C PRO J 54 -31.20 71.06 31.70
N LYS J 55 -31.26 72.23 32.33
CA LYS J 55 -32.52 72.78 32.79
C LYS J 55 -33.33 73.32 31.62
N ASP J 56 -34.54 72.81 31.44
CA ASP J 56 -35.49 73.28 30.43
C ASP J 56 -34.88 73.23 29.02
N MET J 57 -34.67 72.00 28.56
CA MET J 57 -34.13 71.75 27.23
C MET J 57 -35.23 71.51 26.19
N THR J 58 -36.41 72.08 26.40
CA THR J 58 -37.55 71.90 25.52
C THR J 58 -37.91 73.24 24.88
N LYS J 59 -38.02 73.25 23.54
CA LYS J 59 -38.35 74.48 22.84
C LYS J 59 -39.14 74.23 21.56
N PRO J 60 -40.32 73.58 21.62
CA PRO J 60 -41.16 73.50 20.42
C PRO J 60 -42.25 74.57 20.43
N GLU J 61 -42.74 74.96 19.25
CA GLU J 61 -43.81 75.95 19.16
C GLU J 61 -44.96 75.38 18.35
N ILE J 62 -46.19 75.66 18.79
CA ILE J 62 -47.39 75.18 18.13
C ILE J 62 -48.28 76.40 17.88
N THR J 63 -48.15 77.01 16.70
CA THR J 63 -48.94 78.19 16.36
C THR J 63 -50.37 77.80 16.02
N ILE J 64 -51.33 78.20 16.85
CA ILE J 64 -52.74 77.87 16.62
C ILE J 64 -53.31 78.89 15.67
N SER J 65 -53.50 78.49 14.40
CA SER J 65 -54.02 79.42 13.40
C SER J 65 -55.54 79.49 13.48
N ASP J 66 -56.17 80.13 12.49
CA ASP J 66 -57.62 80.26 12.46
C ASP J 66 -58.31 79.27 11.52
N GLU J 67 -57.57 78.53 10.72
CA GLU J 67 -58.18 77.57 9.81
C GLU J 67 -58.84 76.44 10.60
N PRO J 68 -60.09 76.09 10.30
CA PRO J 68 -60.73 74.96 11.00
C PRO J 68 -59.97 73.67 10.72
N ASP J 69 -59.89 72.81 11.73
CA ASP J 69 -59.16 71.55 11.60
C ASP J 69 -59.95 70.57 10.74
N THR J 70 -59.23 69.63 10.13
CA THR J 70 -59.83 68.62 9.28
C THR J 70 -60.24 67.42 10.12
N LEU J 71 -61.49 67.00 9.99
CA LEU J 71 -62.04 65.88 10.74
C LEU J 71 -62.01 64.62 9.89
N TYR J 72 -61.42 63.55 10.44
CA TYR J 72 -61.35 62.26 9.76
C TYR J 72 -62.35 61.31 10.41
N LYS J 73 -63.28 60.79 9.61
CA LYS J 73 -64.27 59.86 10.12
C LYS J 73 -63.61 58.60 10.67
N ARG J 74 -62.66 58.05 9.92
CA ARG J 74 -62.01 56.81 10.31
C ARG J 74 -60.68 56.70 9.57
N LEU J 75 -59.65 56.25 10.28
CA LEU J 75 -58.31 56.09 9.70
C LEU J 75 -57.92 54.63 9.80
N SER J 76 -57.50 54.06 8.68
CA SER J 76 -57.12 52.66 8.61
C SER J 76 -55.65 52.54 8.30
N VAL J 77 -54.93 51.75 9.09
CA VAL J 77 -53.51 51.48 8.89
C VAL J 77 -53.35 49.98 8.67
N LEU J 78 -52.72 49.62 7.55
CA LEU J 78 -52.50 48.22 7.19
C LEU J 78 -51.01 47.99 7.04
N VAL J 79 -50.40 47.30 8.00
CA VAL J 79 -48.98 46.99 7.97
C VAL J 79 -48.80 45.59 7.40
N LYS J 80 -47.82 45.44 6.50
CA LYS J 80 -47.51 44.18 5.86
C LYS J 80 -46.04 43.86 6.07
N GLY J 81 -45.74 42.61 6.40
CA GLY J 81 -44.37 42.21 6.65
C GLY J 81 -44.18 40.73 6.41
N HIS J 82 -42.94 40.29 6.59
CA HIS J 82 -42.59 38.89 6.35
C HIS J 82 -42.62 38.04 7.61
N ASP J 83 -42.36 38.63 8.77
CA ASP J 83 -42.28 37.89 10.03
C ASP J 83 -43.39 38.34 10.96
N LYS J 84 -44.09 37.37 11.55
CA LYS J 84 -45.19 37.68 12.46
C LYS J 84 -44.70 38.34 13.73
N ALA J 85 -43.53 37.92 14.22
CA ALA J 85 -43.06 38.41 15.53
C ALA J 85 -42.85 39.91 15.51
N VAL J 86 -42.29 40.45 14.42
CA VAL J 86 -42.10 41.90 14.32
C VAL J 86 -43.45 42.60 14.32
N LEU J 87 -44.40 42.08 13.55
CA LEU J 87 -45.72 42.70 13.50
C LEU J 87 -46.46 42.56 14.84
N ASP J 88 -46.24 41.44 15.54
CA ASP J 88 -46.85 41.28 16.86
C ASP J 88 -46.32 42.33 17.83
N SER J 89 -45.02 42.59 17.81
CA SER J 89 -44.47 43.62 18.68
C SER J 89 -44.87 45.02 18.22
N TYR J 90 -44.94 45.23 16.90
CA TYR J 90 -45.29 46.55 16.39
C TYR J 90 -46.73 46.90 16.74
N GLU J 91 -47.63 45.91 16.73
CA GLU J 91 -49.01 46.16 17.14
C GLU J 91 -49.06 46.62 18.60
N TYR J 92 -48.29 45.98 19.47
CA TYR J 92 -48.27 46.36 20.88
C TYR J 92 -47.77 47.79 21.05
N PHE J 93 -46.75 48.18 20.30
CA PHE J 93 -46.26 49.55 20.35
C PHE J 93 -47.34 50.53 19.87
N ALA J 94 -48.02 50.20 18.78
CA ALA J 94 -49.04 51.10 18.27
C ALA J 94 -50.23 51.20 19.21
N VAL J 95 -50.66 50.07 19.78
CA VAL J 95 -51.81 50.08 20.69
C VAL J 95 -51.48 50.86 21.95
N LEU J 96 -50.29 50.65 22.51
CA LEU J 96 -49.92 51.35 23.75
C LEU J 96 -49.87 52.86 23.53
N ALA J 97 -49.29 53.30 22.42
CA ALA J 97 -49.25 54.73 22.13
C ALA J 97 -50.66 55.28 21.85
N ALA J 98 -51.49 54.50 21.15
CA ALA J 98 -52.84 54.94 20.85
C ALA J 98 -53.68 55.10 22.10
N LYS J 99 -53.56 54.16 23.05
CA LYS J 99 -54.34 54.25 24.28
C LYS J 99 -53.98 55.50 25.07
N GLU J 100 -52.70 55.83 25.14
CA GLU J 100 -52.26 56.99 25.91
C GLU J 100 -52.81 58.29 25.31
N LEU J 101 -52.86 58.39 23.99
CA LEU J 101 -53.44 59.55 23.33
C LEU J 101 -54.96 59.57 23.39
N GLY J 102 -55.59 58.45 23.75
CA GLY J 102 -57.03 58.38 23.79
C GLY J 102 -57.67 58.29 22.42
N ILE J 103 -57.45 57.17 21.73
CA ILE J 103 -57.95 57.00 20.37
C ILE J 103 -59.00 55.90 20.25
N SER J 104 -59.01 54.91 21.14
CA SER J 104 -59.98 53.82 21.12
C SER J 104 -59.93 53.07 19.78
N ILE J 105 -58.78 52.44 19.54
CA ILE J 105 -58.51 51.76 18.29
C ILE J 105 -58.94 50.29 18.39
N LYS J 106 -59.11 49.66 17.24
CA LYS J 106 -59.41 48.24 17.15
C LYS J 106 -58.42 47.57 16.22
N VAL J 107 -57.96 46.38 16.59
CA VAL J 107 -56.92 45.67 15.87
C VAL J 107 -57.47 44.33 15.40
N HIS J 108 -57.30 44.03 14.12
CA HIS J 108 -57.71 42.76 13.54
C HIS J 108 -56.65 42.30 12.55
N GLU J 109 -56.62 40.99 12.32
CA GLU J 109 -55.61 40.38 11.46
C GLU J 109 -56.24 39.92 10.16
N PRO J 110 -55.97 40.58 9.02
CA PRO J 110 -56.47 40.08 7.75
C PRO J 110 -55.81 38.77 7.38
N PRO J 111 -56.47 37.92 6.60
CA PRO J 111 -55.85 36.66 6.19
C PRO J 111 -54.61 36.89 5.36
N ARG J 112 -53.64 36.00 5.52
CA ARG J 112 -52.38 36.09 4.80
C ARG J 112 -52.51 35.51 3.40
N LYS J 113 -51.57 35.88 2.53
CA LYS J 113 -51.47 35.30 1.20
C LYS J 113 -50.02 34.91 0.93
N ILE J 114 -49.85 33.85 0.16
CA ILE J 114 -48.55 33.25 -0.09
C ILE J 114 -48.29 33.22 -1.59
N GLU J 115 -47.14 33.71 -2.01
CA GLU J 115 -46.73 33.71 -3.41
C GLU J 115 -45.68 32.64 -3.63
N ARG J 116 -45.92 31.80 -4.64
CA ARG J 116 -45.02 30.69 -4.95
C ARG J 116 -44.64 30.72 -6.42
N PHE J 117 -43.42 30.27 -6.71
CA PHE J 117 -42.96 30.12 -8.08
C PHE J 117 -41.90 29.03 -8.12
N THR J 118 -41.68 28.48 -9.31
CA THR J 118 -40.82 27.33 -9.51
C THR J 118 -39.72 27.65 -10.52
N LEU J 119 -38.50 27.23 -10.20
CA LEU J 119 -37.36 27.42 -11.06
C LEU J 119 -36.65 26.09 -11.28
N LEU J 120 -35.93 26.00 -12.41
CA LEU J 120 -35.17 24.80 -12.70
C LEU J 120 -34.05 24.62 -11.68
N LYS J 121 -33.60 23.37 -11.53
CA LYS J 121 -32.60 23.05 -10.52
C LYS J 121 -31.20 23.17 -11.08
N SER J 122 -30.86 22.34 -12.08
CA SER J 122 -29.52 22.35 -12.63
C SER J 122 -29.38 23.41 -13.71
N VAL J 123 -28.16 23.58 -14.20
CA VAL J 123 -27.87 24.60 -15.22
C VAL J 123 -27.97 24.05 -16.63
N HIS J 124 -28.22 22.75 -16.77
CA HIS J 124 -28.37 22.13 -18.08
C HIS J 124 -29.22 20.88 -17.93
N ILE J 125 -30.10 20.66 -18.90
CA ILE J 125 -31.12 19.60 -18.90
C ILE J 125 -31.69 19.38 -17.50
N PHE J 126 -32.05 18.13 -17.19
CA PHE J 126 -32.64 17.76 -15.91
C PHE J 126 -33.85 18.64 -15.56
N LYS J 127 -34.89 18.50 -16.38
CA LYS J 127 -36.11 19.28 -16.18
C LYS J 127 -37.13 18.56 -15.31
N LYS J 128 -36.82 17.37 -14.82
CA LYS J 128 -37.71 16.64 -13.93
C LYS J 128 -37.45 16.96 -12.46
N HIS J 129 -36.44 17.79 -12.17
CA HIS J 129 -36.09 18.17 -10.81
C HIS J 129 -36.24 19.68 -10.69
N ARG J 130 -37.06 20.12 -9.75
CA ARG J 130 -37.34 21.54 -9.56
C ARG J 130 -37.03 21.95 -8.13
N VAL J 131 -36.63 23.22 -7.98
CA VAL J 131 -36.46 23.84 -6.67
C VAL J 131 -37.44 25.00 -6.60
N GLN J 132 -38.32 24.97 -5.60
CA GLN J 132 -39.36 25.97 -5.47
C GLN J 132 -38.98 27.01 -4.41
N TYR J 133 -39.67 28.14 -4.45
CA TYR J 133 -39.45 29.22 -3.50
C TYR J 133 -40.80 29.79 -3.10
N GLU J 134 -40.79 30.62 -2.06
CA GLU J 134 -42.03 31.09 -1.47
C GLU J 134 -41.79 32.41 -0.77
N MET J 135 -42.65 33.39 -1.02
CA MET J 135 -42.60 34.69 -0.35
C MET J 135 -43.88 34.88 0.44
N ARG J 136 -43.74 35.05 1.76
CA ARG J 136 -44.87 35.11 2.67
C ARG J 136 -45.05 36.54 3.15
N THR J 137 -46.23 37.10 2.91
CA THR J 137 -46.57 38.45 3.36
C THR J 137 -47.67 38.36 4.41
N LEU J 138 -47.33 38.64 5.66
CA LEU J 138 -48.30 38.62 6.74
C LEU J 138 -48.88 40.01 6.96
N TYR J 139 -50.15 40.06 7.34
CA TYR J 139 -50.89 41.31 7.40
C TYR J 139 -51.34 41.62 8.83
N ARG J 140 -51.59 42.91 9.06
CA ARG J 140 -52.10 43.39 10.34
C ARG J 140 -52.71 44.78 10.14
N CYS J 141 -53.95 44.97 10.55
CA CYS J 141 -54.67 46.21 10.32
C CYS J 141 -55.04 46.86 11.64
N LEU J 142 -54.80 48.17 11.75
CA LEU J 142 -55.14 48.94 12.93
C LEU J 142 -56.08 50.08 12.52
N GLU J 143 -57.32 50.00 12.95
CA GLU J 143 -58.32 51.00 12.61
C GLU J 143 -58.33 52.11 13.65
N LEU J 144 -58.46 53.35 13.17
CA LEU J 144 -58.59 54.51 14.04
C LEU J 144 -59.91 55.20 13.73
N GLU J 145 -60.67 55.55 14.76
CA GLU J 145 -61.97 56.17 14.59
C GLU J 145 -62.02 57.49 15.36
N HIS J 146 -62.72 58.46 14.77
CA HIS J 146 -62.90 59.79 15.37
C HIS J 146 -61.55 60.41 15.73
N LEU J 147 -60.73 60.61 14.70
CA LEU J 147 -59.41 61.18 14.83
C LEU J 147 -59.37 62.53 14.12
N THR J 148 -58.97 63.57 14.84
CA THR J 148 -58.86 64.89 14.23
C THR J 148 -57.62 64.99 13.36
N GLY J 149 -57.58 66.02 12.52
CA GLY J 149 -56.44 66.19 11.63
C GLY J 149 -55.14 66.43 12.36
N SER J 150 -55.19 67.30 13.38
CA SER J 150 -53.97 67.60 14.14
C SER J 150 -53.45 66.36 14.87
N THR J 151 -54.35 65.59 15.49
CA THR J 151 -53.92 64.36 16.14
C THR J 151 -53.48 63.31 15.14
N ALA J 152 -54.04 63.35 13.92
CA ALA J 152 -53.64 62.40 12.90
C ALA J 152 -52.19 62.60 12.47
N ASP J 153 -51.78 63.86 12.32
CA ASP J 153 -50.43 64.13 11.83
C ASP J 153 -49.37 63.60 12.78
N VAL J 154 -49.53 63.85 14.07
CA VAL J 154 -48.52 63.42 15.04
C VAL J 154 -48.52 61.91 15.20
N TYR J 155 -49.70 61.30 15.24
CA TYR J 155 -49.78 59.85 15.43
C TYR J 155 -49.14 59.12 14.25
N LEU J 156 -49.41 59.56 13.03
CA LEU J 156 -48.85 58.89 11.86
C LEU J 156 -47.34 59.07 11.79
N GLU J 157 -46.85 60.29 11.96
CA GLU J 157 -45.41 60.52 11.84
C GLU J 157 -44.65 59.81 12.96
N TYR J 158 -45.22 59.76 14.17
CA TYR J 158 -44.61 58.99 15.23
C TYR J 158 -44.61 57.50 14.90
N ILE J 159 -45.71 57.02 14.30
CA ILE J 159 -45.78 55.63 13.88
C ILE J 159 -44.81 55.34 12.74
N GLN J 160 -44.73 56.25 11.76
CA GLN J 160 -43.93 55.99 10.58
C GLN J 160 -42.42 55.99 10.89
N ARG J 161 -41.98 56.90 11.77
CA ARG J 161 -40.56 56.98 12.07
C ARG J 161 -40.06 55.72 12.78
N ASN J 162 -40.91 55.08 13.56
CA ASN J 162 -40.55 53.87 14.29
C ASN J 162 -40.88 52.60 13.52
N LEU J 163 -41.15 52.72 12.22
CA LEU J 163 -41.45 51.55 11.41
C LEU J 163 -40.21 50.67 11.28
N PRO J 164 -40.32 49.36 11.54
CA PRO J 164 -39.16 48.48 11.35
C PRO J 164 -38.77 48.41 9.88
N GLU J 165 -37.56 47.90 9.64
CA GLU J 165 -37.01 47.89 8.29
C GLU J 165 -37.69 46.85 7.42
N GLY J 166 -38.23 45.79 8.00
CA GLY J 166 -38.79 44.70 7.23
C GLY J 166 -40.27 44.80 6.91
N VAL J 167 -40.91 45.93 7.20
CA VAL J 167 -42.35 46.08 6.99
C VAL J 167 -42.64 47.41 6.31
N ALA J 168 -43.85 47.51 5.76
CA ALA J 168 -44.37 48.74 5.20
C ALA J 168 -45.85 48.83 5.52
N MET J 169 -46.45 50.00 5.28
CA MET J 169 -47.83 50.20 5.67
C MET J 169 -48.52 51.14 4.70
N GLU J 170 -49.85 51.05 4.68
CA GLU J 170 -50.71 51.89 3.87
C GLU J 170 -51.78 52.50 4.75
N VAL J 171 -52.06 53.79 4.57
CA VAL J 171 -53.04 54.51 5.37
C VAL J 171 -54.22 54.89 4.47
N THR J 172 -55.42 54.58 4.93
CA THR J 172 -56.66 54.95 4.24
C THR J 172 -57.44 55.88 5.16
N LYS J 173 -57.43 57.17 4.85
CA LYS J 173 -58.05 58.18 5.68
C LYS J 173 -59.38 58.57 5.08
N THR J 174 -60.45 58.45 5.87
CA THR J 174 -61.80 58.79 5.43
C THR J 174 -62.16 60.18 5.98
N LYS J 175 -61.66 61.21 5.30
CA LYS J 175 -61.97 62.57 5.67
C LYS J 175 -63.44 62.87 5.41
N LEU J 176 -64.08 63.57 6.35
CA LEU J 176 -65.46 63.99 6.19
C LEU J 176 -65.55 65.52 6.14
N GLU J 177 -66.52 66.01 5.39
CA GLU J 177 -66.75 67.44 5.26
C GLU J 177 -68.18 67.67 4.79
N GLN J 178 -68.61 68.93 4.86
CA GLN J 178 -69.98 69.29 4.51
C GLN J 178 -70.14 69.31 2.99
N LEU J 179 -71.32 69.72 2.54
CA LEU J 179 -71.63 69.79 1.12
C LEU J 179 -70.84 70.93 0.47
N PRO J 180 -70.63 70.85 -0.84
CA PRO J 180 -69.97 71.96 -1.53
C PRO J 180 -70.84 73.22 -1.49
N GLU J 181 -70.19 74.35 -1.76
CA GLU J 181 -70.90 75.63 -1.72
C GLU J 181 -72.03 75.66 -2.74
N HIS J 182 -71.78 75.17 -3.95
CA HIS J 182 -72.80 75.15 -4.99
C HIS J 182 -73.99 74.29 -4.58
N ILE J 183 -73.73 73.13 -3.99
CA ILE J 183 -74.82 72.24 -3.58
C ILE J 183 -75.55 72.83 -2.37
N ARG J 184 -74.80 73.29 -1.38
CA ARG J 184 -75.41 73.84 -0.15
C ARG J 184 -76.21 75.09 -0.47
N LYS J 185 -75.56 76.10 -1.05
CA LYS J 185 -76.27 77.30 -1.48
C LYS J 185 -77.28 76.92 -2.58
N PRO J 186 -78.55 77.27 -2.42
CA PRO J 186 -79.56 76.82 -3.40
C PRO J 186 -79.33 77.46 -4.76
N ILE J 187 -79.01 76.62 -5.74
CA ILE J 187 -78.88 77.05 -7.13
C ILE J 187 -79.70 76.10 -7.99
N TRP J 188 -80.97 76.46 -8.21
CA TRP J 188 -81.96 75.63 -8.91
C TRP J 188 -81.79 74.13 -8.63
N ALA L 31 19.67 -35.06 2.16
CA ALA L 31 20.96 -35.59 1.71
C ALA L 31 21.85 -35.91 2.90
N THR L 32 22.00 -37.20 3.19
CA THR L 32 22.80 -37.64 4.32
C THR L 32 24.29 -37.59 3.98
N LEU L 33 25.13 -38.03 4.92
CA LEU L 33 26.56 -37.93 4.74
C LEU L 33 27.07 -38.79 3.58
N ASN L 34 26.60 -40.03 3.49
CA ASN L 34 27.08 -40.92 2.44
C ASN L 34 26.71 -40.40 1.06
N GLN L 35 25.48 -39.90 0.91
CA GLN L 35 25.05 -39.37 -0.38
C GLN L 35 25.86 -38.14 -0.78
N MET L 36 26.17 -37.27 0.18
CA MET L 36 27.00 -36.11 -0.13
C MET L 36 28.39 -36.52 -0.55
N HIS L 37 28.94 -37.56 0.09
CA HIS L 37 30.27 -38.04 -0.28
C HIS L 37 30.27 -38.61 -1.69
N ARG L 38 29.23 -39.35 -2.06
CA ARG L 38 29.20 -40.00 -3.37
C ARG L 38 29.08 -38.98 -4.49
N LEU L 39 28.21 -37.98 -4.32
CA LEU L 39 27.96 -37.01 -5.38
C LEU L 39 29.04 -35.93 -5.46
N GLY L 40 29.83 -35.76 -4.41
CA GLY L 40 30.86 -34.74 -4.40
C GLY L 40 30.30 -33.35 -4.20
N PRO L 41 31.17 -32.38 -3.98
CA PRO L 41 30.71 -31.01 -3.78
C PRO L 41 30.10 -30.46 -5.05
N PRO L 42 29.11 -29.57 -4.95
CA PRO L 42 28.52 -28.98 -6.15
C PRO L 42 29.48 -27.98 -6.77
N LYS L 43 29.67 -28.09 -8.09
CA LYS L 43 30.56 -27.20 -8.83
C LYS L 43 29.74 -26.43 -9.85
N HIS L 44 29.95 -25.11 -9.90
CA HIS L 44 29.18 -24.26 -10.79
C HIS L 44 29.50 -24.60 -12.25
N PRO L 45 28.49 -24.78 -13.10
CA PRO L 45 28.78 -25.06 -14.51
C PRO L 45 29.38 -23.85 -15.19
N PRO L 46 30.17 -24.05 -16.23
CA PRO L 46 30.73 -22.91 -16.96
C PRO L 46 29.64 -22.14 -17.69
N GLY L 47 29.90 -20.85 -17.90
CA GLY L 47 28.92 -20.00 -18.55
C GLY L 47 28.73 -20.38 -20.00
N LYS L 48 27.52 -20.17 -20.50
CA LYS L 48 27.20 -20.41 -21.90
C LYS L 48 27.62 -19.23 -22.75
N MET L 49 28.19 -19.53 -23.92
CA MET L 49 28.65 -18.47 -24.82
C MET L 49 27.46 -17.69 -25.37
N GLY L 50 27.66 -16.39 -25.55
CA GLY L 50 26.62 -15.51 -26.00
C GLY L 50 26.54 -15.41 -27.51
N PRO L 51 25.81 -14.40 -28.00
CA PRO L 51 25.69 -14.22 -29.46
C PRO L 51 27.00 -13.89 -30.15
N THR L 52 27.99 -13.38 -29.43
CA THR L 52 29.28 -13.02 -30.03
C THR L 52 30.33 -14.10 -29.87
N ALA L 53 29.92 -15.30 -29.45
CA ALA L 53 30.83 -16.45 -29.34
C ALA L 53 32.01 -16.16 -28.42
N GLY L 54 31.75 -15.43 -27.34
CA GLY L 54 32.77 -15.15 -26.34
C GLY L 54 33.72 -14.03 -26.70
N ARG L 55 33.64 -13.49 -27.91
CA ARG L 55 34.53 -12.40 -28.29
C ARG L 55 33.85 -11.06 -28.01
N PRO L 56 34.60 -10.08 -27.50
CA PRO L 56 33.95 -8.80 -27.12
C PRO L 56 33.29 -8.09 -28.28
N GLN L 57 33.98 -7.94 -29.41
CA GLN L 57 33.45 -7.23 -30.56
C GLN L 57 33.73 -8.00 -31.83
N LEU L 58 32.82 -7.91 -32.79
CA LEU L 58 32.94 -8.60 -34.06
C LEU L 58 32.72 -7.62 -35.20
N LYS L 59 33.28 -7.96 -36.36
CA LYS L 59 33.14 -7.17 -37.57
C LYS L 59 32.25 -7.91 -38.56
N GLY L 60 31.26 -7.21 -39.11
CA GLY L 60 30.32 -7.80 -40.04
C GLY L 60 30.11 -6.91 -41.25
N VAL L 61 29.45 -7.49 -42.25
CA VAL L 61 29.14 -6.81 -43.50
C VAL L 61 27.62 -6.68 -43.60
N VAL L 62 27.14 -5.47 -43.91
CA VAL L 62 25.72 -5.23 -43.97
C VAL L 62 25.11 -5.99 -45.14
N LEU L 63 24.04 -6.74 -44.87
CA LEU L 63 23.32 -7.48 -45.90
C LEU L 63 21.99 -6.85 -46.26
N ARG L 64 21.26 -6.33 -45.29
CA ARG L 64 19.97 -5.71 -45.55
C ARG L 64 19.60 -4.81 -44.38
N THR L 65 18.97 -3.69 -44.69
CA THR L 65 18.51 -2.74 -43.68
C THR L 65 16.98 -2.74 -43.66
N PHE L 66 16.41 -2.95 -42.48
CA PHE L 66 14.96 -2.97 -42.32
C PHE L 66 14.61 -2.39 -40.95
N ILE L 67 13.32 -2.34 -40.66
CA ILE L 67 12.80 -1.76 -39.43
C ILE L 67 12.03 -2.83 -38.66
N ARG L 68 12.32 -2.95 -37.37
CA ARG L 68 11.66 -3.90 -36.49
C ARG L 68 10.82 -3.15 -35.47
N LYS L 69 9.69 -3.78 -35.09
CA LYS L 69 8.78 -3.13 -34.16
C LYS L 69 8.76 -3.88 -32.82
N PRO L 70 8.71 -3.15 -31.71
CA PRO L 70 8.80 -3.79 -30.39
C PRO L 70 7.47 -4.40 -29.99
N LYS L 71 7.45 -4.93 -28.77
CA LYS L 71 6.26 -5.52 -28.18
C LYS L 71 5.60 -4.53 -27.23
N LYS L 72 4.28 -4.67 -27.08
CA LYS L 72 3.53 -3.75 -26.24
C LYS L 72 3.98 -3.89 -24.78
N PRO L 73 3.86 -2.83 -23.98
CA PRO L 73 3.25 -1.52 -24.29
C PRO L 73 4.22 -0.51 -24.91
N ASN L 74 5.36 -0.95 -25.43
CA ASN L 74 6.30 -0.06 -26.10
C ASN L 74 6.16 -0.25 -27.60
N SER L 75 5.78 0.82 -28.31
CA SER L 75 5.56 0.77 -29.75
C SER L 75 6.39 1.86 -30.41
N ALA L 76 7.13 1.48 -31.45
CA ALA L 76 7.98 2.41 -32.20
C ALA L 76 8.44 1.71 -33.48
N ASN L 77 9.32 2.37 -34.22
CA ASN L 77 9.96 1.79 -35.40
C ASN L 77 11.47 1.79 -35.15
N ARG L 78 11.99 0.65 -34.72
CA ARG L 78 13.41 0.55 -34.39
C ARG L 78 14.22 0.23 -35.64
N LYS L 79 15.25 1.03 -35.89
CA LYS L 79 16.10 0.86 -37.06
C LYS L 79 17.09 -0.26 -36.79
N CYS L 80 16.87 -1.41 -37.41
CA CYS L 80 17.75 -2.55 -37.28
C CYS L 80 18.48 -2.81 -38.59
N CYS L 81 19.32 -3.84 -38.58
CA CYS L 81 20.02 -4.29 -39.77
C CYS L 81 20.36 -5.77 -39.62
N ARG L 82 20.65 -6.41 -40.74
CA ARG L 82 21.02 -7.82 -40.76
C ARG L 82 22.40 -7.95 -41.38
N VAL L 83 23.35 -8.50 -40.63
CA VAL L 83 24.74 -8.59 -41.06
C VAL L 83 25.23 -10.02 -40.87
N ARG L 84 26.26 -10.37 -41.63
CA ARG L 84 26.95 -11.64 -41.49
C ARG L 84 28.30 -11.39 -40.81
N LEU L 85 28.53 -12.07 -39.69
CA LEU L 85 29.69 -11.81 -38.87
C LEU L 85 30.94 -12.44 -39.48
N SER L 86 32.10 -12.19 -38.84
CA SER L 86 33.35 -12.73 -39.34
C SER L 86 33.44 -14.24 -39.18
N THR L 87 32.62 -14.84 -38.30
CA THR L 87 32.61 -16.28 -38.14
C THR L 87 31.76 -16.99 -39.20
N GLY L 88 31.09 -16.24 -40.07
CA GLY L 88 30.28 -16.80 -41.13
C GLY L 88 28.81 -16.87 -40.84
N ARG L 89 28.42 -16.77 -39.57
CA ARG L 89 27.01 -16.81 -39.21
C ARG L 89 26.34 -15.48 -39.54
N GLU L 90 25.04 -15.54 -39.78
CA GLU L 90 24.22 -14.37 -40.10
C GLU L 90 23.26 -14.11 -38.95
N ALA L 91 23.31 -12.89 -38.41
CA ALA L 91 22.51 -12.53 -37.25
C ALA L 91 21.91 -11.15 -37.44
N VAL L 92 20.93 -10.84 -36.59
CA VAL L 92 20.22 -9.57 -36.64
C VAL L 92 20.85 -8.62 -35.64
N CYS L 93 21.08 -7.38 -36.07
CA CYS L 93 21.71 -6.37 -35.23
C CYS L 93 20.83 -5.12 -35.17
N PHE L 94 21.18 -4.22 -34.26
CA PHE L 94 20.43 -3.01 -34.00
C PHE L 94 21.35 -1.79 -34.08
N ILE L 95 20.82 -0.67 -34.56
CA ILE L 95 21.58 0.57 -34.69
C ILE L 95 21.10 1.53 -33.61
N PRO L 96 21.92 1.87 -32.62
CA PRO L 96 21.53 2.89 -31.64
C PRO L 96 21.64 4.29 -32.23
N GLY L 97 21.07 5.25 -31.49
CA GLY L 97 21.09 6.63 -31.92
C GLY L 97 19.99 6.94 -32.92
N GLU L 98 19.91 8.22 -33.27
CA GLU L 98 18.90 8.71 -34.20
C GLU L 98 19.57 9.02 -35.54
N GLY L 99 19.03 8.44 -36.61
CA GLY L 99 19.55 8.69 -37.93
C GLY L 99 20.79 7.89 -38.26
N HIS L 100 20.84 7.33 -39.47
CA HIS L 100 22.01 6.59 -39.91
C HIS L 100 22.04 6.59 -41.43
N SER L 101 23.22 6.31 -41.98
CA SER L 101 23.42 6.28 -43.42
C SER L 101 23.97 4.93 -43.87
N LEU L 102 23.63 3.86 -43.16
CA LEU L 102 24.13 2.54 -43.50
C LEU L 102 23.43 2.01 -44.73
N GLN L 103 24.20 1.50 -45.68
CA GLN L 103 23.68 0.87 -46.88
C GLN L 103 24.20 -0.55 -46.98
N GLU L 104 23.66 -1.29 -47.96
CA GLU L 104 24.06 -2.68 -48.13
C GLU L 104 25.53 -2.77 -48.51
N HIS L 105 26.17 -3.85 -48.05
CA HIS L 105 27.60 -4.10 -48.28
C HIS L 105 28.47 -3.01 -47.67
N HIS L 106 28.13 -2.60 -46.45
CA HIS L 106 28.98 -1.73 -45.64
C HIS L 106 29.59 -2.53 -44.49
N VAL L 107 30.71 -2.02 -43.97
CA VAL L 107 31.45 -2.67 -42.90
C VAL L 107 31.16 -1.93 -41.60
N VAL L 108 30.69 -2.67 -40.59
CA VAL L 108 30.37 -2.12 -39.28
C VAL L 108 30.96 -3.03 -38.22
N LEU L 109 30.91 -2.56 -36.98
CA LEU L 109 31.39 -3.30 -35.82
C LEU L 109 30.23 -3.50 -34.85
N VAL L 110 30.08 -4.71 -34.33
CA VAL L 110 28.94 -5.08 -33.51
C VAL L 110 29.40 -5.43 -32.09
N GLN L 111 28.64 -4.99 -31.10
CA GLN L 111 28.89 -5.30 -29.70
C GLN L 111 28.00 -6.44 -29.26
N GLY L 112 28.01 -6.72 -27.96
CA GLY L 112 27.25 -7.83 -27.41
C GLY L 112 26.08 -7.44 -26.55
N GLY L 113 25.67 -6.17 -26.60
CA GLY L 113 24.52 -5.72 -25.83
C GLY L 113 23.22 -6.28 -26.38
N ARG L 114 22.15 -6.07 -25.63
CA ARG L 114 20.85 -6.59 -26.00
C ARG L 114 19.80 -5.49 -25.84
N THR L 115 18.80 -5.51 -26.72
CA THR L 115 17.70 -4.56 -26.66
C THR L 115 16.50 -5.24 -26.00
N GLN L 116 16.00 -4.64 -24.91
CA GLN L 116 14.96 -5.28 -24.12
C GLN L 116 13.63 -5.31 -24.87
N ASP L 117 13.34 -4.27 -25.65
CA ASP L 117 12.03 -4.18 -26.29
C ASP L 117 11.87 -5.16 -27.45
N LEU L 118 12.96 -5.49 -28.13
CA LEU L 118 12.89 -6.30 -29.34
C LEU L 118 13.31 -7.73 -29.05
N PRO L 119 12.42 -8.70 -29.13
CA PRO L 119 12.83 -10.10 -28.98
C PRO L 119 13.73 -10.53 -30.12
N GLY L 120 14.68 -11.38 -29.79
CA GLY L 120 15.60 -11.91 -30.80
C GLY L 120 16.87 -11.10 -31.04
N VAL L 121 16.73 -9.78 -31.11
CA VAL L 121 17.89 -8.92 -31.36
C VAL L 121 18.82 -8.99 -30.16
N LYS L 122 20.09 -9.31 -30.41
CA LYS L 122 21.06 -9.42 -29.32
C LYS L 122 22.41 -8.81 -29.67
N LEU L 123 22.46 -7.88 -30.63
CA LEU L 123 23.70 -7.19 -30.97
C LEU L 123 23.39 -5.74 -31.25
N THR L 124 24.38 -4.88 -31.05
CA THR L 124 24.26 -3.45 -31.34
C THR L 124 25.50 -2.98 -32.08
N VAL L 125 25.29 -2.17 -33.13
CA VAL L 125 26.40 -1.56 -33.84
C VAL L 125 26.99 -0.45 -33.00
N VAL L 126 28.32 -0.46 -32.83
CA VAL L 126 28.99 0.61 -32.11
C VAL L 126 29.21 1.78 -33.05
N ARG L 127 28.65 2.93 -32.71
CA ARG L 127 28.78 4.11 -33.57
C ARG L 127 30.20 4.64 -33.53
N GLY L 128 30.67 5.12 -34.67
CA GLY L 128 31.96 5.77 -34.77
C GLY L 128 33.09 4.92 -35.31
N LYS L 129 32.81 3.72 -35.79
CA LYS L 129 33.84 2.83 -36.31
C LYS L 129 33.49 2.39 -37.73
N TYR L 130 34.51 2.34 -38.59
CA TYR L 130 34.39 1.88 -39.97
C TYR L 130 33.42 2.80 -40.72
N ASP L 131 32.38 2.28 -41.36
CA ASP L 131 31.56 3.08 -42.26
C ASP L 131 30.40 3.78 -41.58
N CYS L 132 30.18 3.56 -40.28
CA CYS L 132 29.12 4.23 -39.54
C CYS L 132 29.74 5.23 -38.57
N GLY L 133 29.31 6.48 -38.66
CA GLY L 133 29.83 7.54 -37.82
C GLY L 133 28.92 7.85 -36.65
N HIS L 134 29.31 8.86 -35.89
CA HIS L 134 28.53 9.28 -34.74
C HIS L 134 27.23 9.94 -35.19
N VAL L 135 26.30 10.08 -34.24
CA VAL L 135 25.06 10.78 -34.52
C VAL L 135 25.38 12.23 -34.88
N GLN L 136 24.67 12.75 -35.89
CA GLN L 136 24.91 14.09 -36.38
C GLN L 136 24.01 15.07 -35.65
N LYS L 137 24.61 16.08 -35.02
CA LYS L 137 23.83 17.09 -34.32
C LYS L 137 22.99 17.88 -35.32
N LYS L 138 21.78 18.26 -34.90
CA LYS L 138 20.87 18.97 -35.78
C LYS L 138 21.49 20.30 -36.23
N LYS L 139 21.45 20.55 -37.52
CA LYS L 139 22.03 21.76 -38.10
C LYS L 139 21.16 22.30 -39.23
N TYR M 28 -17.68 48.60 -19.38
CA TYR M 28 -17.96 47.42 -20.19
C TYR M 28 -19.16 46.66 -19.66
N TYR M 29 -20.15 46.44 -20.52
CA TYR M 29 -21.20 45.48 -20.20
C TYR M 29 -20.64 44.06 -20.31
N VAL M 30 -21.37 43.12 -19.70
CA VAL M 30 -20.86 41.76 -19.57
C VAL M 30 -20.67 41.07 -20.92
N ASP M 31 -21.34 41.54 -21.96
CA ASP M 31 -21.23 40.92 -23.27
C ASP M 31 -21.57 41.94 -24.34
N TRP M 32 -21.13 41.66 -25.58
CA TRP M 32 -21.48 42.52 -26.70
C TRP M 32 -22.99 42.55 -26.91
N LYS M 33 -23.68 41.43 -26.65
CA LYS M 33 -25.12 41.40 -26.81
C LYS M 33 -25.80 42.40 -25.89
N MET M 34 -25.33 42.50 -24.65
CA MET M 34 -25.90 43.45 -23.71
C MET M 34 -25.69 44.89 -24.18
N LEU M 35 -24.53 45.17 -24.76
CA LEU M 35 -24.28 46.51 -25.29
C LEU M 35 -25.24 46.86 -26.42
N ARG M 36 -25.53 45.89 -27.29
CA ARG M 36 -26.48 46.14 -28.37
C ARG M 36 -27.86 46.47 -27.84
N ASP M 37 -28.27 45.81 -26.75
CA ASP M 37 -29.59 46.08 -26.18
C ASP M 37 -29.68 47.50 -25.63
N VAL M 38 -28.59 47.99 -25.02
CA VAL M 38 -28.60 49.36 -24.49
C VAL M 38 -28.78 50.37 -25.61
N LYS M 39 -28.08 50.18 -26.72
CA LYS M 39 -28.29 51.05 -27.87
C LYS M 39 -29.72 50.95 -28.39
N ARG M 40 -30.26 49.73 -28.43
CA ARG M 40 -31.61 49.54 -28.92
C ARG M 40 -32.65 50.20 -28.02
N ARG M 41 -32.48 50.09 -26.70
CA ARG M 41 -33.41 50.75 -25.79
C ARG M 41 -33.28 52.26 -25.88
N LYS M 42 -32.06 52.76 -26.02
CA LYS M 42 -31.85 54.21 -26.11
C LYS M 42 -32.50 54.77 -27.38
N MET M 43 -32.35 54.07 -28.50
CA MET M 43 -32.95 54.55 -29.75
C MET M 43 -34.47 54.52 -29.67
N ALA M 44 -35.03 53.50 -29.02
CA ALA M 44 -36.48 53.41 -28.91
C ALA M 44 -37.05 54.57 -28.10
N TYR M 45 -36.34 54.98 -27.05
CA TYR M 45 -36.83 56.07 -26.21
C TYR M 45 -36.89 57.39 -26.98
N GLU M 46 -35.89 57.65 -27.82
CA GLU M 46 -35.88 58.90 -28.58
C GLU M 46 -37.05 58.99 -29.53
N TYR M 47 -37.36 57.90 -30.23
CA TYR M 47 -38.44 57.87 -31.22
C TYR M 47 -39.73 57.30 -30.67
N ALA M 48 -39.89 57.26 -29.34
CA ALA M 48 -41.09 56.67 -28.76
C ALA M 48 -42.30 57.54 -29.02
N ASP M 49 -42.18 58.85 -28.79
CA ASP M 49 -43.33 59.74 -28.98
C ASP M 49 -43.64 59.93 -30.45
N GLU M 50 -42.61 60.06 -31.30
CA GLU M 50 -42.84 60.25 -32.73
C GLU M 50 -43.52 59.03 -33.34
N ARG M 51 -43.12 57.84 -32.94
CA ARG M 51 -43.79 56.63 -33.41
C ARG M 51 -45.23 56.58 -32.94
N LEU M 52 -45.49 56.98 -31.69
CA LEU M 52 -46.84 56.92 -31.16
C LEU M 52 -47.79 57.82 -31.95
N ARG M 53 -47.34 59.03 -32.30
CA ARG M 53 -48.20 59.94 -33.04
C ARG M 53 -48.54 59.39 -34.41
N ILE M 54 -47.54 58.87 -35.14
CA ILE M 54 -47.79 58.34 -36.47
C ILE M 54 -48.61 57.06 -36.40
N ASN M 55 -48.29 56.19 -35.45
CA ASN M 55 -49.01 54.92 -35.31
C ASN M 55 -50.48 55.14 -34.96
N SER M 56 -50.83 56.29 -34.41
CA SER M 56 -52.23 56.58 -34.12
C SER M 56 -53.04 56.69 -35.39
N LEU M 57 -52.47 57.30 -36.44
CA LEU M 57 -53.18 57.43 -37.70
C LEU M 57 -53.47 56.07 -38.32
N ARG M 58 -52.51 55.14 -38.26
CA ARG M 58 -52.68 53.84 -38.90
C ARG M 58 -53.76 53.02 -38.20
N LYS M 59 -53.82 53.07 -36.88
CA LYS M 59 -54.71 52.22 -36.10
C LYS M 59 -56.14 52.76 -36.01
N ASN M 60 -56.49 53.77 -36.79
CA ASN M 60 -57.83 54.33 -36.78
C ASN M 60 -58.43 54.24 -38.17
N THR M 61 -59.68 53.78 -38.26
CA THR M 61 -60.33 53.55 -39.54
C THR M 61 -61.17 54.72 -40.02
N ILE M 62 -61.26 55.80 -39.25
CA ILE M 62 -62.07 56.94 -39.67
C ILE M 62 -61.31 57.87 -40.61
N LEU M 63 -59.99 57.87 -40.56
CA LEU M 63 -59.21 58.68 -41.48
C LEU M 63 -59.25 58.08 -42.88
N PRO M 64 -59.04 58.89 -43.92
CA PRO M 64 -59.05 58.35 -45.29
C PRO M 64 -57.94 57.34 -45.51
N LYS M 65 -58.21 56.37 -46.38
CA LYS M 65 -57.24 55.32 -46.66
C LYS M 65 -56.00 55.88 -47.34
N ASP M 66 -56.13 56.97 -48.09
CA ASP M 66 -54.98 57.57 -48.74
C ASP M 66 -53.96 58.08 -47.71
N LEU M 67 -54.44 58.70 -46.64
CA LEU M 67 -53.54 59.20 -45.61
C LEU M 67 -52.86 58.07 -44.85
N GLN M 68 -53.58 56.96 -44.63
CA GLN M 68 -53.02 55.84 -43.89
C GLN M 68 -51.88 55.19 -44.66
N GLU M 69 -51.99 55.12 -45.99
CA GLU M 69 -50.91 54.54 -46.79
C GLU M 69 -49.65 55.39 -46.70
N VAL M 70 -49.79 56.71 -46.66
CA VAL M 70 -48.64 57.58 -46.51
C VAL M 70 -48.02 57.41 -45.12
N ALA M 71 -48.86 57.22 -44.10
CA ALA M 71 -48.34 57.02 -42.75
C ALA M 71 -47.52 55.74 -42.66
N ASP M 72 -47.96 54.68 -43.35
CA ASP M 72 -47.20 53.43 -43.32
C ASP M 72 -45.81 53.61 -43.91
N GLU M 73 -45.69 54.42 -44.95
CA GLU M 73 -44.37 54.69 -45.52
C GLU M 73 -43.48 55.41 -44.52
N GLU M 74 -44.03 56.38 -43.78
CA GLU M 74 -43.22 57.16 -42.85
C GLU M 74 -42.83 56.33 -41.63
N ILE M 75 -43.76 55.53 -41.10
CA ILE M 75 -43.45 54.75 -39.90
C ILE M 75 -42.39 53.69 -40.21
N ALA M 76 -42.37 53.16 -41.43
CA ALA M 76 -41.36 52.19 -41.82
C ALA M 76 -40.04 52.83 -42.22
N SER M 77 -40.03 54.14 -42.46
CA SER M 77 -38.80 54.84 -42.77
C SER M 77 -37.97 55.16 -41.54
N LEU M 78 -38.53 54.99 -40.35
CA LEU M 78 -37.80 55.21 -39.12
C LEU M 78 -36.73 54.13 -38.95
N PRO M 79 -35.68 54.41 -38.18
CA PRO M 79 -34.60 53.43 -38.02
C PRO M 79 -35.11 52.12 -37.43
N ARG M 80 -34.48 51.02 -37.86
CA ARG M 80 -34.94 49.69 -37.47
C ARG M 80 -34.86 49.48 -35.97
N ASP M 81 -33.78 49.94 -35.33
CA ASP M 81 -33.58 49.70 -33.92
C ASP M 81 -34.63 50.38 -33.05
N SER M 82 -35.33 51.37 -33.58
CA SER M 82 -36.36 52.08 -32.83
C SER M 82 -37.71 51.36 -32.92
N CYS M 83 -37.70 50.09 -32.50
CA CYS M 83 -38.91 49.28 -32.48
C CYS M 83 -39.08 48.66 -31.10
N PRO M 84 -40.22 48.83 -30.45
CA PRO M 84 -40.41 48.24 -29.12
C PRO M 84 -40.32 46.73 -29.11
N VAL M 85 -40.74 46.05 -30.18
CA VAL M 85 -40.70 44.59 -30.20
C VAL M 85 -39.29 44.05 -30.24
N ARG M 86 -38.32 44.81 -30.76
CA ARG M 86 -36.95 44.35 -30.83
C ARG M 86 -36.23 44.41 -29.50
N ILE M 87 -36.85 45.01 -28.48
CA ILE M 87 -36.24 45.05 -27.15
C ILE M 87 -36.26 43.65 -26.55
N ARG M 88 -35.11 43.22 -26.02
CA ARG M 88 -34.96 41.89 -25.45
C ARG M 88 -34.68 42.01 -23.96
N ASN M 89 -35.41 41.24 -23.16
CA ASN M 89 -35.25 41.24 -21.71
C ASN M 89 -34.21 40.19 -21.32
N ARG M 90 -33.09 40.64 -20.80
CA ARG M 90 -32.01 39.78 -20.36
C ARG M 90 -31.81 39.91 -18.86
N CYS M 91 -30.83 39.18 -18.34
CA CYS M 91 -30.40 39.34 -16.97
C CYS M 91 -29.38 40.46 -16.86
N VAL M 92 -29.53 41.30 -15.83
CA VAL M 92 -28.63 42.45 -15.66
C VAL M 92 -27.26 42.05 -15.16
N MET M 93 -27.09 40.81 -14.69
CA MET M 93 -25.81 40.33 -14.18
C MET M 93 -25.04 39.51 -15.20
N THR M 94 -25.67 38.45 -15.74
CA THR M 94 -24.98 37.54 -16.64
C THR M 94 -25.48 37.61 -18.08
N SER M 95 -26.52 38.39 -18.36
CA SER M 95 -27.06 38.56 -19.71
C SER M 95 -27.46 37.23 -20.34
N ARG M 96 -28.25 36.46 -19.59
CA ARG M 96 -28.83 35.25 -20.15
C ARG M 96 -30.11 35.61 -20.90
N PRO M 97 -30.19 35.32 -22.20
CA PRO M 97 -31.34 35.79 -22.99
C PRO M 97 -32.67 35.24 -22.54
N ARG M 98 -32.69 34.10 -21.86
CA ARG M 98 -33.94 33.49 -21.41
C ARG M 98 -33.78 33.00 -19.98
N GLY M 99 -34.88 32.50 -19.42
CA GLY M 99 -34.87 32.06 -18.03
C GLY M 99 -34.69 33.19 -17.04
N VAL M 100 -35.31 34.34 -17.30
CA VAL M 100 -35.14 35.54 -16.48
C VAL M 100 -36.48 35.90 -15.87
N LYS M 101 -36.51 36.03 -14.55
CA LYS M 101 -37.71 36.51 -13.87
C LYS M 101 -37.85 38.01 -14.10
N ARG M 102 -39.06 38.44 -14.47
CA ARG M 102 -39.26 39.85 -14.80
C ARG M 102 -39.22 40.75 -13.58
N ARG M 103 -39.59 40.21 -12.41
CA ARG M 103 -39.67 41.06 -11.22
C ARG M 103 -38.29 41.49 -10.75
N TRP M 104 -37.35 40.54 -10.67
CA TRP M 104 -36.00 40.85 -10.19
C TRP M 104 -35.02 41.13 -11.32
N ARG M 105 -35.43 40.94 -12.58
CA ARG M 105 -34.56 41.16 -13.74
C ARG M 105 -33.27 40.37 -13.61
N LEU M 106 -33.36 39.14 -13.10
CA LEU M 106 -32.20 38.30 -12.87
C LEU M 106 -32.41 36.94 -13.53
N SER M 107 -31.30 36.33 -13.95
CA SER M 107 -31.34 35.00 -14.51
C SER M 107 -31.72 33.99 -13.43
N ARG M 108 -32.18 32.81 -13.87
CA ARG M 108 -32.61 31.81 -12.91
C ARG M 108 -31.46 31.27 -12.09
N ILE M 109 -30.26 31.18 -12.68
CA ILE M 109 -29.10 30.70 -11.92
C ILE M 109 -28.65 31.73 -10.90
N VAL M 110 -28.59 33.00 -11.30
CA VAL M 110 -28.14 34.04 -10.38
C VAL M 110 -29.15 34.23 -9.25
N PHE M 111 -30.45 34.12 -9.57
CA PHE M 111 -31.47 34.28 -8.55
C PHE M 111 -31.33 33.24 -7.45
N ARG M 112 -31.07 31.99 -7.82
CA ARG M 112 -30.84 30.95 -6.82
C ARG M 112 -29.57 31.24 -6.03
N HIS M 113 -28.53 31.75 -6.69
CA HIS M 113 -27.28 32.04 -6.02
C HIS M 113 -27.46 33.08 -4.93
N LEU M 114 -28.26 34.12 -5.20
CA LEU M 114 -28.53 35.14 -4.19
C LEU M 114 -29.52 34.65 -3.14
N ALA M 115 -30.52 33.87 -3.54
CA ALA M 115 -31.57 33.46 -2.60
C ALA M 115 -31.11 32.36 -1.66
N ASP M 116 -30.25 31.46 -2.11
CA ASP M 116 -29.81 30.37 -1.25
C ASP M 116 -28.90 30.85 -0.13
N HIS M 117 -28.21 31.96 -0.32
CA HIS M 117 -27.37 32.54 0.71
C HIS M 117 -28.14 33.44 1.67
N GLY M 118 -29.44 33.62 1.46
CA GLY M 118 -30.22 34.49 2.32
C GLY M 118 -30.07 35.97 2.03
N GLN M 119 -29.53 36.33 0.88
CA GLN M 119 -29.26 37.73 0.56
C GLN M 119 -30.46 38.44 -0.04
N LEU M 120 -31.59 37.75 -0.22
CA LEU M 120 -32.82 38.37 -0.69
C LEU M 120 -33.87 38.30 0.41
N SER M 121 -34.48 39.44 0.71
CA SER M 121 -35.45 39.50 1.79
C SER M 121 -36.75 38.79 1.39
N GLY M 122 -37.30 38.01 2.33
CA GLY M 122 -38.60 37.40 2.14
C GLY M 122 -38.63 36.22 1.20
N VAL M 123 -37.48 35.75 0.74
CA VAL M 123 -37.41 34.62 -0.20
C VAL M 123 -36.90 33.40 0.56
N GLN M 124 -37.68 32.33 0.56
CA GLN M 124 -37.35 31.13 1.31
C GLN M 124 -37.77 29.91 0.48
N ARG M 125 -37.17 28.77 0.82
CA ARG M 125 -37.51 27.53 0.14
C ARG M 125 -38.94 27.13 0.45
N ALA M 126 -39.71 26.83 -0.60
CA ALA M 126 -41.13 26.54 -0.43
C ALA M 126 -41.33 25.15 0.13
N MET M 127 -42.15 25.05 1.18
CA MET M 127 -42.49 23.78 1.80
C MET M 127 -43.96 23.79 2.15
N TRP M 128 -44.73 22.88 1.55
CA TRP M 128 -46.15 22.75 1.87
C TRP M 128 -46.67 21.40 1.38
N GLN N 85 13.71 -85.28 0.10
CA GLN N 85 12.29 -85.35 0.41
C GLN N 85 12.04 -86.44 1.44
N ASP N 86 11.01 -86.26 2.27
CA ASP N 86 10.69 -87.20 3.33
C ASP N 86 9.22 -87.60 3.23
N ASP N 87 8.92 -88.78 3.77
CA ASP N 87 7.58 -89.36 3.73
C ASP N 87 7.24 -89.96 5.09
N PRO N 88 6.57 -89.21 5.95
CA PRO N 88 6.16 -89.75 7.25
C PRO N 88 5.22 -90.93 7.08
N PRO N 89 5.47 -92.04 7.77
CA PRO N 89 4.58 -93.19 7.69
C PRO N 89 3.17 -92.84 8.13
N PRO N 90 2.15 -93.41 7.49
CA PRO N 90 0.77 -93.05 7.83
C PRO N 90 0.34 -93.47 9.22
N SER N 91 0.57 -94.73 9.58
CA SER N 91 0.09 -95.27 10.85
C SER N 91 1.12 -94.99 11.96
N MET N 92 1.26 -93.71 12.30
CA MET N 92 2.09 -93.27 13.40
C MET N 92 1.32 -92.28 14.25
N LEU N 93 1.45 -92.40 15.57
CA LEU N 93 0.84 -91.45 16.48
C LEU N 93 1.45 -90.07 16.27
N LEU N 94 0.62 -89.04 16.38
CA LEU N 94 1.09 -87.68 16.18
C LEU N 94 2.05 -87.29 17.31
N LEU N 95 2.74 -86.16 17.11
CA LEU N 95 3.84 -85.77 17.99
C LEU N 95 3.42 -85.78 19.46
N ASP N 96 2.27 -85.19 19.77
CA ASP N 96 1.87 -85.05 21.17
C ASP N 96 1.58 -86.39 21.82
N TYR N 97 0.84 -87.27 21.14
CA TYR N 97 0.39 -88.53 21.73
C TYR N 97 1.39 -89.66 21.45
N GLN N 98 2.65 -89.42 21.81
CA GLN N 98 3.70 -90.42 21.67
C GLN N 98 4.33 -90.79 23.00
N ASN N 99 4.79 -89.80 23.78
CA ASN N 99 5.51 -90.09 25.02
C ASN N 99 4.59 -90.53 26.15
N VAL N 100 3.28 -90.37 26.01
CA VAL N 100 2.38 -90.81 27.08
C VAL N 100 2.40 -92.33 27.15
N PRO N 101 2.45 -92.92 28.35
CA PRO N 101 2.55 -94.37 28.46
C PRO N 101 1.23 -95.06 28.15
N GLY N 102 1.31 -96.37 27.96
CA GLY N 102 0.14 -97.20 27.75
C GLY N 102 -0.62 -96.92 26.46
N ILE N 103 0.09 -96.76 25.36
CA ILE N 103 -0.55 -96.56 24.05
C ILE N 103 -0.75 -97.90 23.34
N HIS N 104 0.28 -98.74 23.32
CA HIS N 104 0.21 -99.99 22.58
C HIS N 104 -0.80 -100.97 23.17
N LYS N 105 -1.26 -100.76 24.40
CA LYS N 105 -2.29 -101.60 24.99
C LYS N 105 -3.70 -101.17 24.59
N VAL N 106 -3.83 -100.02 23.93
CA VAL N 106 -5.14 -99.53 23.50
C VAL N 106 -5.54 -100.22 22.20
N ASP N 107 -6.85 -100.38 22.01
CA ASP N 107 -7.36 -101.03 20.81
C ASP N 107 -7.05 -100.18 19.57
N ASP N 108 -7.22 -100.80 18.41
CA ASP N 108 -6.89 -100.14 17.15
C ASP N 108 -7.77 -98.91 16.89
N VAL N 109 -8.93 -98.82 17.55
CA VAL N 109 -9.85 -97.73 17.26
C VAL N 109 -9.22 -96.39 17.65
N VAL N 110 -8.72 -96.29 18.89
CA VAL N 110 -8.14 -95.03 19.34
C VAL N 110 -6.82 -94.74 18.63
N LYS N 111 -6.02 -95.79 18.38
CA LYS N 111 -4.78 -95.61 17.62
C LYS N 111 -5.07 -95.07 16.23
N ARG N 112 -6.18 -95.50 15.63
CA ARG N 112 -6.59 -94.95 14.34
C ARG N 112 -6.98 -93.49 14.46
N LEU N 113 -7.66 -93.12 15.55
CA LEU N 113 -8.11 -91.75 15.75
C LEU N 113 -6.98 -90.79 16.09
N LEU N 114 -5.79 -91.30 16.44
CA LEU N 114 -4.65 -90.46 16.77
C LEU N 114 -3.56 -90.51 15.72
N SER N 115 -3.59 -91.50 14.84
CA SER N 115 -2.62 -91.62 13.77
C SER N 115 -2.73 -90.46 12.78
N LEU N 116 -1.80 -90.42 11.83
CA LEU N 116 -1.75 -89.35 10.84
C LEU N 116 -2.91 -89.44 9.86
N GLU N 117 -3.64 -90.56 9.88
CA GLU N 117 -4.81 -90.68 9.01
C GLU N 117 -5.84 -89.60 9.31
N MET N 118 -6.16 -89.41 10.59
CA MET N 118 -7.15 -88.43 11.02
C MET N 118 -6.50 -87.12 11.47
N ALA N 119 -5.34 -86.78 10.91
CA ALA N 119 -4.66 -85.53 11.20
C ALA N 119 -4.39 -84.78 9.91
N ASN N 120 -4.51 -83.46 9.95
CA ASN N 120 -4.34 -82.63 8.76
C ASN N 120 -2.86 -82.41 8.46
N GLN N 121 -2.61 -81.60 7.43
CA GLN N 121 -1.24 -81.32 7.01
C GLN N 121 -0.41 -80.70 8.14
N LYS N 122 -1.05 -79.95 9.04
CA LYS N 122 -0.32 -79.26 10.09
C LYS N 122 0.41 -80.25 10.99
N GLU N 123 -0.26 -81.33 11.37
CA GLU N 123 0.38 -82.34 12.21
C GLU N 123 1.47 -83.08 11.45
N LYS N 124 1.35 -83.19 10.13
CA LYS N 124 2.39 -83.83 9.33
C LYS N 124 3.70 -83.05 9.39
N LEU N 125 3.61 -81.71 9.34
CA LEU N 125 4.81 -80.89 9.39
C LEU N 125 5.58 -81.10 10.69
N LYS N 126 4.86 -81.24 11.81
CA LYS N 126 5.51 -81.46 13.09
C LYS N 126 6.35 -82.72 13.06
N ILE N 127 5.82 -83.81 12.50
CA ILE N 127 6.57 -85.05 12.43
C ILE N 127 7.78 -84.90 11.51
N LYS N 128 7.61 -84.19 10.39
CA LYS N 128 8.74 -83.94 9.50
C LYS N 128 9.82 -83.14 10.20
N LYS N 129 9.43 -82.05 10.89
CA LYS N 129 10.41 -81.22 11.58
C LYS N 129 11.09 -81.98 12.70
N MET N 130 10.32 -82.78 13.45
CA MET N 130 10.88 -83.53 14.57
C MET N 130 11.93 -84.53 14.09
N GLN N 131 11.61 -85.27 13.02
CA GLN N 131 12.55 -86.25 12.49
C GLN N 131 13.76 -85.59 11.85
N LEU N 132 13.54 -84.51 11.10
CA LEU N 132 14.61 -83.90 10.34
C LEU N 132 15.74 -83.39 11.25
N MET N 133 15.38 -82.71 12.34
CA MET N 133 16.42 -82.17 13.21
C MET N 133 17.14 -83.27 13.96
N ASN N 134 16.45 -84.35 14.31
CA ASN N 134 17.10 -85.46 15.02
C ASN N 134 18.10 -86.21 14.15
N LYS N 135 18.13 -85.97 12.84
CA LYS N 135 19.06 -86.64 11.94
C LYS N 135 20.28 -85.79 11.59
N VAL N 136 20.16 -84.47 11.61
CA VAL N 136 21.24 -83.58 11.20
C VAL N 136 21.76 -82.73 12.35
N LEU N 137 20.87 -82.25 13.23
CA LEU N 137 21.31 -81.39 14.31
C LEU N 137 22.04 -82.19 15.38
N GLU N 138 22.91 -81.49 16.12
CA GLU N 138 23.66 -82.09 17.22
C GLU N 138 22.91 -81.98 18.54
N ASN N 139 22.40 -80.80 18.86
CA ASN N 139 21.64 -80.57 20.09
C ASN N 139 20.21 -80.16 19.73
N PRO N 140 19.26 -81.09 19.74
CA PRO N 140 17.89 -80.73 19.32
C PRO N 140 17.18 -79.76 20.25
N GLU N 141 17.55 -79.72 21.53
CA GLU N 141 16.83 -78.86 22.47
C GLU N 141 17.12 -77.39 22.27
N ASP N 142 18.13 -77.04 21.47
CA ASP N 142 18.47 -75.64 21.21
C ASP N 142 17.72 -75.16 19.98
N THR N 143 16.85 -74.18 20.16
CA THR N 143 16.07 -73.62 19.06
C THR N 143 16.64 -72.31 18.52
N SER N 144 17.38 -71.57 19.33
CA SER N 144 17.93 -70.28 18.91
C SER N 144 19.16 -70.41 18.03
N SER N 145 19.73 -71.61 17.92
CA SER N 145 20.92 -71.80 17.09
C SER N 145 20.58 -71.61 15.62
N LEU N 146 21.56 -71.13 14.85
CA LEU N 146 21.34 -70.88 13.43
C LEU N 146 21.00 -72.17 12.69
N GLU N 147 21.70 -73.26 13.01
CA GLU N 147 21.45 -74.52 12.31
C GLU N 147 20.03 -75.01 12.55
N ALA N 148 19.51 -74.82 13.77
CA ALA N 148 18.14 -75.23 14.05
C ALA N 148 17.14 -74.44 13.20
N ARG N 149 17.35 -73.13 13.08
CA ARG N 149 16.43 -72.31 12.30
C ARG N 149 16.49 -72.66 10.82
N ILE N 150 17.69 -72.98 10.31
CA ILE N 150 17.82 -73.36 8.90
C ILE N 150 17.05 -74.63 8.62
N VAL N 151 17.07 -75.58 9.55
CA VAL N 151 16.26 -76.78 9.41
C VAL N 151 14.78 -76.43 9.40
N ALA N 152 14.37 -75.52 10.29
CA ALA N 152 12.97 -75.11 10.36
C ALA N 152 12.51 -74.46 9.07
N LEU N 153 13.34 -73.59 8.49
CA LEU N 153 12.97 -72.95 7.23
C LEU N 153 12.92 -73.95 6.09
N THR N 154 13.81 -74.93 6.10
CA THR N 154 13.83 -75.93 5.02
C THR N 154 12.53 -76.72 4.99
N VAL N 155 11.97 -77.02 6.16
CA VAL N 155 10.68 -77.72 6.22
C VAL N 155 9.59 -76.87 5.57
N LYS N 156 9.56 -75.57 5.87
CA LYS N 156 8.57 -74.70 5.25
C LYS N 156 8.83 -74.54 3.77
N ILE N 157 10.10 -74.47 3.35
CA ILE N 157 10.40 -74.31 1.93
C ILE N 157 9.91 -75.51 1.14
N ARG N 158 10.15 -76.72 1.65
CA ARG N 158 9.64 -77.92 0.99
C ARG N 158 8.12 -77.93 0.96
N ASN N 159 7.48 -77.48 2.05
CA ASN N 159 6.01 -77.43 2.07
C ASN N 159 5.48 -76.45 1.03
N TYR N 160 6.13 -75.29 0.87
CA TYR N 160 5.67 -74.32 -0.11
C TYR N 160 5.82 -74.85 -1.54
N GLU N 161 6.92 -75.56 -1.82
CA GLU N 161 7.11 -76.11 -3.15
C GLU N 161 6.05 -77.13 -3.51
N GLU N 162 5.65 -77.98 -2.56
CA GLU N 162 4.56 -78.91 -2.81
C GLU N 162 3.26 -78.16 -3.09
N HIS N 163 2.99 -77.10 -2.33
CA HIS N 163 1.80 -76.29 -2.59
C HIS N 163 1.88 -75.61 -3.94
N MET N 164 3.07 -75.11 -4.31
CA MET N 164 3.22 -74.41 -5.59
C MET N 164 2.98 -75.34 -6.78
N GLN N 165 3.45 -76.58 -6.69
CA GLN N 165 3.28 -77.51 -7.81
C GLN N 165 1.80 -77.77 -8.11
N LYS N 166 0.95 -77.71 -7.10
CA LYS N 166 -0.48 -77.89 -7.33
C LYS N 166 -1.13 -76.59 -7.79
N HIS N 167 -1.05 -75.55 -6.97
CA HIS N 167 -1.64 -74.24 -7.31
C HIS N 167 -0.56 -73.41 -7.99
N ARG N 168 -0.52 -73.48 -9.32
CA ARG N 168 0.54 -72.81 -10.06
C ARG N 168 0.32 -71.29 -10.15
N LYS N 169 -0.94 -70.85 -10.27
CA LYS N 169 -1.23 -69.43 -10.45
C LYS N 169 -1.28 -68.66 -9.14
N ASP N 170 -1.08 -69.31 -8.00
CA ASP N 170 -1.06 -68.60 -6.74
C ASP N 170 0.17 -67.71 -6.67
N LYS N 171 -0.03 -66.44 -6.36
CA LYS N 171 1.06 -65.47 -6.29
C LYS N 171 1.46 -65.11 -4.87
N ALA N 172 0.53 -65.20 -3.91
CA ALA N 172 0.88 -64.93 -2.52
C ALA N 172 1.87 -65.95 -1.98
N HIS N 173 1.68 -67.23 -2.32
CA HIS N 173 2.60 -68.26 -1.84
C HIS N 173 3.91 -68.25 -2.61
N LYS N 174 3.88 -67.89 -3.89
CA LYS N 174 5.12 -67.80 -4.65
C LYS N 174 6.04 -66.74 -4.07
N ARG N 175 5.49 -65.62 -3.63
CA ARG N 175 6.29 -64.61 -2.95
C ARG N 175 6.87 -65.15 -1.64
N PHE N 176 6.08 -65.93 -0.90
CA PHE N 176 6.59 -66.52 0.33
C PHE N 176 7.72 -67.49 0.05
N LEU N 177 7.60 -68.28 -1.02
CA LEU N 177 8.64 -69.24 -1.36
C LEU N 177 9.95 -68.53 -1.70
N LEU N 178 9.88 -67.45 -2.48
CA LEU N 178 11.10 -66.72 -2.83
C LEU N 178 11.73 -66.07 -1.60
N MET N 179 10.92 -65.47 -0.73
CA MET N 179 11.48 -64.81 0.45
C MET N 179 12.05 -65.84 1.42
N SER N 180 11.40 -67.01 1.54
CA SER N 180 11.93 -68.05 2.41
C SER N 180 13.28 -68.55 1.93
N ILE N 181 13.44 -68.69 0.61
CA ILE N 181 14.73 -69.09 0.05
C ILE N 181 15.77 -68.01 0.32
N ASP N 182 15.41 -66.75 0.13
CA ASP N 182 16.36 -65.67 0.38
C ASP N 182 16.78 -65.61 1.85
N GLN N 183 15.83 -65.81 2.76
CA GLN N 183 16.17 -65.82 4.18
C GLN N 183 17.09 -66.98 4.53
N ARG N 184 16.82 -68.16 3.99
CA ARG N 184 17.73 -69.29 4.22
C ARG N 184 19.08 -69.03 3.57
N LYS N 185 19.09 -68.41 2.40
CA LYS N 185 20.36 -68.06 1.75
C LYS N 185 21.15 -67.07 2.60
N LYS N 186 20.45 -66.08 3.18
CA LYS N 186 21.12 -65.12 4.06
C LYS N 186 21.64 -65.80 5.31
N MET N 187 20.87 -66.72 5.89
CA MET N 187 21.29 -67.39 7.12
C MET N 187 22.43 -68.38 6.86
N LEU N 188 22.43 -69.02 5.70
CA LEU N 188 23.54 -69.92 5.37
C LEU N 188 24.85 -69.14 5.24
N LYS N 189 24.79 -67.95 4.64
CA LYS N 189 25.98 -67.11 4.53
C LYS N 189 26.50 -66.72 5.91
N ASN N 190 25.58 -66.37 6.82
CA ASN N 190 25.99 -66.00 8.18
C ASN N 190 26.62 -67.19 8.90
N LEU N 191 26.05 -68.38 8.73
CA LEU N 191 26.60 -69.57 9.37
C LEU N 191 27.99 -69.89 8.82
N ARG N 192 28.20 -69.69 7.52
CA ARG N 192 29.48 -70.01 6.90
C ARG N 192 30.60 -69.14 7.46
N GLU N 193 30.32 -67.86 7.71
CA GLU N 193 31.33 -66.94 8.20
C GLU N 193 31.61 -67.08 9.68
N THR N 194 30.86 -67.92 10.40
CA THR N 194 31.06 -68.11 11.83
C THR N 194 31.57 -69.51 12.16
N ASN N 195 30.85 -70.55 11.72
CA ASN N 195 31.21 -71.93 12.02
C ASN N 195 31.21 -72.71 10.71
N TYR N 196 32.40 -72.94 10.15
CA TYR N 196 32.50 -73.60 8.86
C TYR N 196 32.20 -75.09 8.95
N ALA N 197 32.62 -75.72 10.06
CA ALA N 197 32.41 -77.16 10.20
C ALA N 197 30.93 -77.52 10.22
N VAL N 198 30.13 -76.75 10.97
CA VAL N 198 28.70 -77.01 11.00
C VAL N 198 28.06 -76.67 9.67
N PHE N 199 28.52 -75.60 9.01
CA PHE N 199 27.96 -75.21 7.72
C PHE N 199 28.15 -76.28 6.66
N GLU N 200 29.32 -76.94 6.66
CA GLU N 200 29.56 -77.99 5.69
C GLU N 200 28.63 -79.18 5.92
N LYS N 201 28.39 -79.55 7.18
CA LYS N 201 27.50 -80.66 7.48
C LYS N 201 26.06 -80.34 7.12
N ILE N 202 25.61 -79.12 7.40
CA ILE N 202 24.25 -78.73 7.05
C ILE N 202 24.08 -78.73 5.54
N CYS N 203 25.06 -78.18 4.82
CA CYS N 203 24.96 -78.11 3.36
C CYS N 203 24.91 -79.49 2.74
N LYS N 204 25.68 -80.44 3.27
CA LYS N 204 25.72 -81.78 2.70
C LYS N 204 24.45 -82.58 3.01
N GLU N 205 23.95 -82.47 4.24
CA GLU N 205 22.83 -83.31 4.67
C GLU N 205 21.53 -82.89 3.97
N LEU N 206 21.25 -81.59 3.95
CA LEU N 206 19.98 -81.11 3.40
C LEU N 206 19.97 -81.04 1.89
N GLY N 207 21.11 -81.25 1.23
CA GLY N 207 21.18 -81.15 -0.21
C GLY N 207 21.24 -79.75 -0.76
N ILE N 208 21.32 -78.74 0.10
CA ILE N 208 21.39 -77.36 -0.36
C ILE N 208 22.71 -77.13 -1.08
N GLU N 209 22.65 -76.37 -2.17
CA GLU N 209 23.85 -75.98 -2.93
C GLU N 209 24.03 -74.48 -2.77
N TYR N 210 25.12 -74.09 -2.11
CA TYR N 210 25.38 -72.69 -1.83
C TYR N 210 26.21 -72.09 -2.97
N THR N 211 25.62 -71.11 -3.66
CA THR N 211 26.28 -70.41 -4.77
C THR N 211 26.61 -68.99 -4.34
N PHE N 212 27.84 -68.58 -4.58
CA PHE N 212 28.27 -67.24 -4.20
C PHE N 212 27.47 -66.20 -5.00
N PRO N 213 27.11 -65.08 -4.38
CA PRO N 213 26.37 -64.04 -5.09
C PRO N 213 27.19 -63.45 -6.20
N PRO N 214 26.75 -63.56 -7.45
CA PRO N 214 27.51 -63.03 -8.57
C PRO N 214 27.52 -61.51 -8.57
N PRO N 215 28.69 -60.89 -8.73
CA PRO N 215 28.74 -59.43 -8.75
C PRO N 215 28.13 -58.88 -10.03
N TYR N 216 27.69 -57.62 -9.95
CA TYR N 216 27.16 -56.87 -11.09
C TYR N 216 25.95 -57.57 -11.68
N HIS N 217 24.89 -57.63 -10.87
CA HIS N 217 23.61 -58.15 -11.35
C HIS N 217 23.11 -57.31 -12.51
N ARG N 218 23.08 -57.88 -13.70
CA ARG N 218 22.63 -57.18 -14.90
C ARG N 218 21.58 -58.00 -15.62
N LYS N 219 20.73 -57.32 -16.37
CA LYS N 219 19.73 -57.98 -17.19
C LYS N 219 20.34 -58.37 -18.52
N ALA N 220 20.40 -59.67 -18.79
CA ALA N 220 21.02 -60.18 -20.01
C ALA N 220 20.02 -60.09 -21.15
N HIS N 221 20.06 -58.98 -21.88
CA HIS N 221 19.19 -58.79 -23.03
C HIS N 221 19.77 -59.50 -24.25
N ARG N 222 19.01 -59.48 -25.35
CA ARG N 222 19.39 -60.26 -26.52
C ARG N 222 20.67 -59.73 -27.17
N ARG N 223 20.87 -58.42 -27.17
CA ARG N 223 22.08 -57.88 -27.79
C ARG N 223 23.34 -58.31 -27.05
N TRP N 224 23.29 -58.34 -25.72
CA TRP N 224 24.48 -58.70 -24.96
C TRP N 224 24.79 -60.19 -25.08
N VAL N 225 23.77 -61.05 -24.98
CA VAL N 225 24.02 -62.48 -25.05
C VAL N 225 24.48 -62.89 -26.45
N THR N 226 24.02 -62.19 -27.49
CA THR N 226 24.46 -62.49 -28.84
C THR N 226 25.92 -62.12 -29.03
N LYS N 227 26.31 -60.91 -28.61
CA LYS N 227 27.68 -60.47 -28.80
C LYS N 227 28.65 -61.27 -27.93
N LYS N 228 28.22 -61.66 -26.73
CA LYS N 228 29.07 -62.48 -25.88
C LYS N 228 29.34 -63.84 -26.51
N ALA N 229 28.31 -64.43 -27.14
CA ALA N 229 28.51 -65.71 -27.80
C ALA N 229 29.51 -65.61 -28.94
N LEU N 230 29.46 -64.52 -29.71
CA LEU N 230 30.41 -64.35 -30.81
C LEU N 230 31.84 -64.21 -30.31
N CYS N 231 32.03 -63.42 -29.25
CA CYS N 231 33.38 -63.20 -28.74
C CYS N 231 34.00 -64.50 -28.24
N THR N 232 33.22 -65.34 -27.56
CA THR N 232 33.75 -66.63 -27.13
C THR N 232 34.07 -67.53 -28.33
N GLN N 233 33.21 -67.53 -29.35
CA GLN N 233 33.47 -68.34 -30.53
C GLN N 233 34.69 -67.84 -31.30
N VAL N 234 34.83 -66.51 -31.43
CA VAL N 234 36.01 -65.96 -32.09
C VAL N 234 37.26 -66.31 -31.30
N PHE N 235 37.16 -66.29 -29.97
CA PHE N 235 38.33 -66.62 -29.14
C PHE N 235 38.78 -68.06 -29.37
N ARG N 236 37.84 -68.98 -29.50
CA ARG N 236 38.21 -70.37 -29.77
C ARG N 236 38.85 -70.51 -31.15
N GLU N 237 38.33 -69.79 -32.15
CA GLU N 237 38.88 -69.88 -33.50
C GLU N 237 40.31 -69.36 -33.56
N VAL N 238 40.61 -68.30 -32.81
CA VAL N 238 41.98 -67.78 -32.76
C VAL N 238 42.92 -68.83 -32.20
N GLN N 239 42.47 -69.59 -31.21
CA GLN N 239 43.30 -70.65 -30.65
C GLN N 239 43.63 -71.71 -31.70
N LYS N 240 42.63 -72.10 -32.51
CA LYS N 240 42.88 -73.09 -33.55
C LYS N 240 43.87 -72.58 -34.58
N LEU N 241 43.75 -71.30 -34.96
CA LEU N 241 44.69 -70.73 -35.91
C LEU N 241 46.11 -70.74 -35.37
N LYS N 242 46.28 -70.39 -34.09
CA LYS N 242 47.62 -70.40 -33.50
C LYS N 242 48.09 -71.82 -33.24
N LYS N 243 47.19 -72.72 -32.83
CA LYS N 243 47.60 -74.09 -32.53
C LYS N 243 48.10 -74.80 -33.77
N GLN N 244 47.39 -74.67 -34.89
CA GLN N 244 47.86 -75.25 -36.14
C GLN N 244 49.11 -74.54 -36.65
N LYS N 245 49.22 -73.23 -36.37
CA LYS N 245 50.45 -72.52 -36.70
C LYS N 245 51.63 -73.07 -35.91
N ARG N 246 51.39 -73.43 -34.65
CA ARG N 246 52.45 -74.02 -33.83
C ARG N 246 52.87 -75.39 -34.37
N ALA N 247 51.93 -76.13 -34.94
CA ALA N 247 52.23 -77.48 -35.40
C ALA N 247 52.84 -77.47 -36.81
N LEU N 248 52.07 -76.96 -37.78
CA LEU N 248 52.49 -77.08 -39.18
C LEU N 248 53.70 -76.20 -39.49
N ARG N 249 53.66 -74.94 -39.08
CA ARG N 249 54.73 -74.01 -39.46
C ARG N 249 56.05 -74.39 -38.81
N ALA N 250 56.02 -74.82 -37.54
CA ALA N 250 57.24 -75.29 -36.90
C ALA N 250 57.77 -76.55 -37.57
N ALA N 251 56.87 -77.46 -37.97
CA ALA N 251 57.28 -78.67 -38.65
C ALA N 251 57.92 -78.35 -40.01
N ALA N 252 57.38 -77.36 -40.72
CA ALA N 252 57.95 -76.96 -42.00
C ALA N 252 59.38 -76.47 -41.82
N VAL N 253 59.62 -75.65 -40.80
CA VAL N 253 60.99 -75.25 -40.48
C VAL N 253 61.81 -76.46 -40.05
N ALA N 254 61.24 -77.33 -39.23
CA ALA N 254 61.93 -78.53 -38.80
C ALA N 254 62.20 -79.49 -39.95
N ALA N 255 61.43 -79.39 -41.04
CA ALA N 255 61.67 -80.24 -42.20
C ALA N 255 63.04 -79.96 -42.82
N HIS N 256 63.43 -78.68 -42.86
CA HIS N 256 64.76 -78.32 -43.36
C HIS N 256 65.85 -78.91 -42.47
N LYS N 257 65.64 -78.86 -41.15
CA LYS N 257 66.62 -79.42 -40.22
C LYS N 257 66.69 -80.94 -40.35
N GLN N 258 65.53 -81.60 -40.34
CA GLN N 258 65.51 -83.06 -40.44
C GLN N 258 66.00 -83.52 -41.81
N GLY N 259 65.55 -82.86 -42.87
CA GLY N 259 65.94 -83.23 -44.22
C GLY N 259 65.32 -84.53 -44.69
N ARG O 10 63.67 -30.73 -15.97
CA ARG O 10 64.25 -30.91 -17.30
C ARG O 10 65.33 -31.99 -17.26
N ALA O 11 65.39 -32.80 -18.31
CA ALA O 11 66.38 -33.87 -18.43
C ALA O 11 67.41 -33.46 -19.46
N TYR O 12 68.64 -33.24 -19.02
CA TYR O 12 69.72 -32.80 -19.89
C TYR O 12 70.64 -33.97 -20.23
N ARG O 13 71.30 -33.86 -21.38
CA ARG O 13 72.22 -34.91 -21.82
C ARG O 13 73.42 -35.02 -20.88
N GLY O 14 74.04 -33.90 -20.54
CA GLY O 14 75.22 -33.90 -19.69
C GLY O 14 75.28 -32.70 -18.77
N GLY O 15 76.41 -32.01 -18.77
CA GLY O 15 76.59 -30.82 -17.96
C GLY O 15 77.26 -31.13 -16.62
N HIS O 16 77.88 -30.10 -16.07
CA HIS O 16 78.62 -30.22 -14.82
C HIS O 16 78.07 -29.24 -13.79
N LEU O 17 78.01 -29.68 -12.53
CA LEU O 17 77.56 -28.82 -11.45
C LEU O 17 78.47 -27.61 -11.32
N THR O 18 77.87 -26.42 -11.22
CA THR O 18 78.65 -25.19 -11.24
C THR O 18 78.06 -24.20 -10.24
N ILE O 19 78.94 -23.47 -9.55
CA ILE O 19 78.55 -22.37 -8.69
C ILE O 19 78.76 -21.08 -9.47
N ARG O 20 77.70 -20.29 -9.60
CA ARG O 20 77.72 -19.13 -10.47
C ARG O 20 76.87 -18.03 -9.85
N LEU O 21 76.83 -16.88 -10.53
CA LEU O 21 76.02 -15.75 -10.10
C LEU O 21 74.78 -15.66 -10.97
N ALA O 22 73.62 -15.52 -10.33
CA ALA O 22 72.35 -15.37 -11.04
C ALA O 22 71.88 -13.93 -10.90
N LEU O 23 71.59 -13.30 -12.04
CA LEU O 23 71.20 -11.90 -12.03
C LEU O 23 69.79 -11.75 -11.45
N GLY O 24 69.51 -10.54 -10.98
CA GLY O 24 68.20 -10.24 -10.41
C GLY O 24 68.03 -8.75 -10.25
N GLY O 25 66.84 -8.37 -9.78
CA GLY O 25 66.52 -6.98 -9.61
C GLY O 25 66.04 -6.34 -10.90
N CYS O 26 65.78 -5.04 -10.81
CA CYS O 26 65.25 -4.29 -11.94
C CYS O 26 66.38 -3.64 -12.73
N THR O 27 66.01 -2.89 -13.77
CA THR O 27 67.00 -2.24 -14.62
C THR O 27 67.77 -1.18 -13.85
N ASN O 28 69.05 -1.04 -14.16
CA ASN O 28 70.01 -0.13 -13.54
C ASN O 28 70.27 -0.48 -12.08
N ARG O 29 69.65 -1.52 -11.54
CA ARG O 29 69.86 -1.97 -10.16
C ARG O 29 70.12 -3.47 -10.22
N PRO O 30 71.35 -3.86 -10.51
CA PRO O 30 71.68 -5.29 -10.53
C PRO O 30 71.76 -5.88 -9.14
N PHE O 31 71.58 -7.20 -9.08
CA PHE O 31 71.67 -7.94 -7.82
C PHE O 31 71.93 -9.39 -8.15
N TYR O 32 73.07 -9.92 -7.67
CA TYR O 32 73.50 -11.26 -8.01
C TYR O 32 73.29 -12.19 -6.82
N ARG O 33 72.78 -13.39 -7.08
CA ARG O 33 72.64 -14.44 -6.08
C ARG O 33 73.62 -15.54 -6.39
N ILE O 34 74.47 -15.88 -5.42
CA ILE O 34 75.42 -16.98 -5.59
C ILE O 34 74.64 -18.29 -5.49
N VAL O 35 74.50 -19.00 -6.60
CA VAL O 35 73.69 -20.20 -6.66
C VAL O 35 74.52 -21.33 -7.26
N ALA O 36 74.09 -22.56 -7.00
CA ALA O 36 74.75 -23.77 -7.48
C ALA O 36 73.74 -24.60 -8.24
N ALA O 37 73.88 -24.66 -9.57
CA ALA O 37 72.92 -25.35 -10.41
C ALA O 37 73.64 -26.06 -11.54
N HIS O 38 72.90 -26.92 -12.24
CA HIS O 38 73.44 -27.64 -13.39
C HIS O 38 73.78 -26.64 -14.49
N SER O 39 74.93 -26.84 -15.14
CA SER O 39 75.41 -25.86 -16.12
C SER O 39 74.45 -25.70 -17.29
N LYS O 40 73.71 -26.76 -17.62
CA LYS O 40 72.83 -26.68 -18.78
C LYS O 40 71.47 -26.05 -18.48
N CYS O 41 71.22 -25.66 -17.24
CA CYS O 41 69.95 -25.00 -16.93
C CYS O 41 70.08 -23.50 -17.15
N PRO O 42 68.96 -22.78 -17.35
CA PRO O 42 69.04 -21.34 -17.58
C PRO O 42 69.64 -20.61 -16.38
N ARG O 43 70.02 -19.35 -16.62
CA ARG O 43 70.70 -18.57 -15.59
C ARG O 43 69.81 -18.36 -14.37
N ASP O 44 68.54 -18.05 -14.59
CA ASP O 44 67.58 -17.86 -13.51
C ASP O 44 66.74 -19.11 -13.27
N GLY O 45 67.12 -20.24 -13.85
CA GLY O 45 66.33 -21.45 -13.77
C GLY O 45 66.50 -22.18 -12.45
N ARG O 46 66.07 -23.44 -12.46
CA ARG O 46 66.09 -24.24 -11.25
C ARG O 46 67.53 -24.45 -10.78
N PHE O 47 67.69 -24.51 -9.45
CA PHE O 47 69.00 -24.64 -8.83
C PHE O 47 68.94 -25.66 -7.71
N VAL O 48 70.12 -26.12 -7.30
CA VAL O 48 70.19 -27.09 -6.21
C VAL O 48 70.03 -26.40 -4.86
N GLU O 49 70.95 -25.49 -4.53
CA GLU O 49 70.89 -24.74 -3.28
C GLU O 49 71.42 -23.33 -3.51
N GLN O 50 70.75 -22.35 -2.91
CA GLN O 50 71.22 -20.97 -2.94
C GLN O 50 72.20 -20.75 -1.80
N LEU O 51 73.38 -20.24 -2.12
CA LEU O 51 74.46 -20.12 -1.14
C LEU O 51 74.47 -18.76 -0.45
N GLY O 52 74.61 -17.69 -1.21
CA GLY O 52 74.74 -16.36 -0.64
C GLY O 52 74.13 -15.29 -1.52
N SER O 53 74.71 -14.09 -1.44
CA SER O 53 74.24 -12.95 -2.21
C SER O 53 75.40 -11.99 -2.43
N TYR O 54 75.25 -11.09 -3.40
CA TYR O 54 76.30 -10.14 -3.74
C TYR O 54 75.65 -8.87 -4.27
N ASP O 55 75.66 -7.82 -3.45
CA ASP O 55 75.08 -6.55 -3.85
C ASP O 55 76.13 -5.72 -4.59
N PRO O 56 75.91 -5.40 -5.87
CA PRO O 56 76.94 -4.67 -6.63
C PRO O 56 77.00 -3.19 -6.36
N LEU O 57 76.02 -2.61 -5.68
CA LEU O 57 76.02 -1.17 -5.51
C LEU O 57 76.33 -0.78 -4.07
N PRO O 58 77.23 0.18 -3.85
CA PRO O 58 77.52 0.60 -2.48
C PRO O 58 76.32 1.24 -1.83
N ASN O 59 76.17 1.01 -0.52
CA ASN O 59 75.08 1.57 0.25
C ASN O 59 75.51 2.92 0.83
N SER O 60 74.72 3.45 1.77
CA SER O 60 75.06 4.73 2.39
C SER O 60 76.36 4.65 3.16
N HIS O 61 76.73 3.45 3.64
CA HIS O 61 77.99 3.26 4.34
C HIS O 61 79.16 3.03 3.40
N GLY O 62 78.94 3.05 2.09
CA GLY O 62 80.00 2.77 1.14
C GLY O 62 80.50 1.35 1.20
N GLU O 63 79.60 0.38 1.31
CA GLU O 63 79.96 -1.02 1.40
C GLU O 63 79.19 -1.83 0.36
N LYS O 64 79.86 -2.82 -0.23
CA LYS O 64 79.25 -3.76 -1.16
C LYS O 64 79.13 -5.10 -0.44
N LEU O 65 77.92 -5.43 -0.02
CA LEU O 65 77.70 -6.58 0.86
C LEU O 65 77.84 -7.88 0.07
N VAL O 66 78.52 -8.85 0.68
CA VAL O 66 78.67 -10.19 0.12
C VAL O 66 78.35 -11.19 1.20
N ALA O 67 77.58 -12.22 0.85
CA ALA O 67 77.22 -13.29 1.77
C ALA O 67 77.70 -14.62 1.22
N LEU O 68 78.27 -15.45 2.09
CA LEU O 68 78.80 -16.75 1.69
C LEU O 68 78.38 -17.80 2.70
N ASN O 69 78.02 -18.97 2.20
CA ASN O 69 77.65 -20.12 3.04
C ASN O 69 78.86 -21.06 3.08
N PHE O 70 79.79 -20.74 3.98
CA PHE O 70 81.14 -21.31 3.90
C PHE O 70 81.13 -22.82 4.06
N ASP O 71 80.42 -23.32 5.07
CA ASP O 71 80.40 -24.77 5.28
C ASP O 71 79.72 -25.49 4.11
N ARG O 72 78.70 -24.87 3.52
CA ARG O 72 78.08 -25.45 2.34
C ARG O 72 78.90 -25.21 1.07
N ILE O 73 79.60 -24.08 0.99
CA ILE O 73 80.41 -23.80 -0.21
C ILE O 73 81.50 -24.83 -0.37
N ARG O 74 82.20 -25.16 0.73
CA ARG O 74 83.24 -26.18 0.64
C ARG O 74 82.65 -27.57 0.47
N HIS O 75 81.37 -27.75 0.76
CA HIS O 75 80.73 -29.04 0.53
C HIS O 75 80.56 -29.30 -0.96
N TRP O 76 80.05 -28.30 -1.70
CA TRP O 76 79.86 -28.48 -3.14
C TRP O 76 81.19 -28.55 -3.87
N ILE O 77 82.17 -27.76 -3.44
CA ILE O 77 83.50 -27.84 -4.06
C ILE O 77 84.11 -29.21 -3.78
N GLY O 78 83.85 -29.76 -2.60
CA GLY O 78 84.36 -31.08 -2.28
C GLY O 78 83.81 -32.18 -3.16
N CYS O 79 82.57 -32.03 -3.62
CA CYS O 79 81.93 -33.04 -4.45
C CYS O 79 82.15 -32.80 -5.94
N GLY O 80 82.95 -31.81 -6.31
CA GLY O 80 83.31 -31.62 -7.71
C GLY O 80 82.48 -30.61 -8.46
N ALA O 81 82.32 -29.41 -7.90
CA ALA O 81 81.56 -28.34 -8.54
C ALA O 81 82.53 -27.33 -9.14
N HIS O 82 82.29 -26.94 -10.38
CA HIS O 82 83.12 -25.96 -11.05
C HIS O 82 82.75 -24.54 -10.63
N LEU O 83 83.72 -23.64 -10.70
CA LEU O 83 83.53 -22.24 -10.36
C LEU O 83 83.72 -21.39 -11.60
N SER O 84 82.88 -20.36 -11.75
CA SER O 84 83.01 -19.43 -12.85
C SER O 84 84.06 -18.36 -12.54
N LYS O 85 84.32 -17.51 -13.51
CA LYS O 85 85.31 -16.45 -13.32
C LYS O 85 84.96 -15.49 -12.18
N PRO O 86 83.75 -14.93 -12.10
CA PRO O 86 83.51 -13.92 -11.06
C PRO O 86 83.47 -14.48 -9.65
N VAL O 87 82.94 -15.69 -9.45
CA VAL O 87 82.89 -16.24 -8.10
C VAL O 87 84.29 -16.52 -7.58
N GLU O 88 85.21 -16.92 -8.45
CA GLU O 88 86.60 -17.09 -8.03
C GLU O 88 87.20 -15.76 -7.59
N LYS O 89 86.93 -14.69 -8.33
CA LYS O 89 87.39 -13.36 -7.90
C LYS O 89 86.70 -12.95 -6.61
N LEU O 90 85.40 -13.26 -6.47
CA LEU O 90 84.69 -12.90 -5.24
C LEU O 90 85.22 -13.68 -4.04
N LEU O 91 85.46 -14.98 -4.22
CA LEU O 91 86.02 -15.77 -3.12
C LEU O 91 87.45 -15.34 -2.82
N GLY O 92 88.22 -14.98 -3.84
CA GLY O 92 89.60 -14.57 -3.62
C GLY O 92 89.70 -13.33 -2.76
N LEU O 93 88.78 -12.37 -2.94
CA LEU O 93 88.76 -11.18 -2.12
C LEU O 93 88.47 -11.51 -0.66
N SER O 94 87.53 -12.42 -0.42
CA SER O 94 87.19 -12.79 0.96
C SER O 94 88.36 -13.46 1.67
N GLY O 95 89.24 -14.10 0.92
CA GLY O 95 90.35 -14.85 1.51
C GLY O 95 90.13 -16.33 1.59
N PHE O 96 88.96 -16.83 1.16
CA PHE O 96 88.75 -18.27 1.13
C PHE O 96 89.67 -18.94 0.12
N TYR O 97 89.98 -18.26 -0.97
CA TYR O 97 90.87 -18.72 -2.02
C TYR O 97 92.00 -17.71 -2.21
N PRO O 98 93.15 -18.15 -2.73
CA PRO O 98 94.19 -17.19 -3.11
C PRO O 98 93.70 -16.27 -4.22
N LEU O 99 94.29 -15.09 -4.28
CA LEU O 99 93.88 -14.10 -5.27
C LEU O 99 94.00 -14.68 -6.67
N HIS O 100 92.93 -14.56 -7.45
CA HIS O 100 92.94 -15.07 -8.81
C HIS O 100 94.05 -14.39 -9.61
N PRO O 101 94.83 -15.15 -10.39
CA PRO O 101 95.92 -14.52 -11.15
C PRO O 101 95.46 -13.41 -12.08
N MET O 102 94.28 -13.54 -12.69
CA MET O 102 93.77 -12.47 -13.53
C MET O 102 93.35 -11.26 -12.72
N MET O 103 93.06 -11.42 -11.43
CA MET O 103 92.77 -10.26 -10.60
C MET O 103 94.02 -9.40 -10.40
N ILE O 104 95.18 -10.04 -10.26
CA ILE O 104 96.42 -9.30 -10.04
C ILE O 104 96.87 -8.61 -11.32
N THR O 105 96.79 -9.31 -12.45
CA THR O 105 97.26 -8.75 -13.71
C THR O 105 96.46 -7.52 -14.10
N ASN O 106 95.14 -7.57 -13.90
CA ASN O 106 94.32 -6.38 -14.13
C ASN O 106 94.75 -5.23 -13.24
N ALA O 107 95.10 -5.53 -11.99
CA ALA O 107 95.63 -4.50 -11.10
C ALA O 107 96.92 -3.90 -11.65
N GLU O 108 97.83 -4.75 -12.13
CA GLU O 108 99.09 -4.26 -12.68
C GLU O 108 98.85 -3.41 -13.93
N ARG O 109 97.92 -3.84 -14.78
CA ARG O 109 97.59 -3.05 -15.96
C ARG O 109 97.05 -1.68 -15.58
N LEU O 110 96.27 -1.61 -14.51
CA LEU O 110 95.75 -0.32 -14.05
C LEU O 110 96.87 0.62 -13.64
N ARG O 111 97.87 0.09 -12.93
CA ARG O 111 98.99 0.93 -12.50
C ARG O 111 99.76 1.47 -13.71
N ARG O 112 100.05 0.61 -14.69
CA ARG O 112 100.79 1.04 -15.86
C ARG O 112 100.01 2.07 -16.67
N LYS O 113 98.71 1.84 -16.86
CA LYS O 113 97.88 2.83 -17.55
C LYS O 113 97.83 4.14 -16.76
N ARG O 114 97.71 4.05 -15.43
CA ARG O 114 97.72 5.25 -14.62
C ARG O 114 99.08 5.94 -14.67
N ALA O 115 100.16 5.15 -14.65
CA ALA O 115 101.49 5.75 -14.77
C ALA O 115 101.68 6.45 -16.10
N ARG O 116 101.19 5.83 -17.19
CA ARG O 116 101.21 6.50 -18.48
C ARG O 116 100.35 7.76 -18.47
N GLU O 117 99.20 7.69 -17.80
CA GLU O 117 98.32 8.86 -17.72
C GLU O 117 98.98 10.01 -16.96
N VAL O 118 99.69 9.70 -15.87
CA VAL O 118 100.36 10.74 -15.10
C VAL O 118 101.48 11.38 -15.92
N LEU O 119 102.29 10.57 -16.58
CA LEU O 119 103.38 11.10 -17.40
C LEU O 119 102.83 11.91 -18.56
N LEU O 120 101.78 11.41 -19.22
CA LEU O 120 101.24 12.11 -20.39
C LEU O 120 100.68 13.48 -20.00
N ALA O 121 100.02 13.57 -18.85
CA ALA O 121 99.48 14.84 -18.40
C ALA O 121 100.60 15.81 -18.07
N SER O 122 101.65 15.33 -17.40
CA SER O 122 102.75 16.22 -17.01
C SER O 122 103.59 16.64 -18.20
N GLN O 123 103.76 15.75 -19.20
CA GLN O 123 104.53 16.10 -20.38
C GLN O 123 103.87 17.25 -21.14
N LYS O 124 102.55 17.20 -21.26
CA LYS O 124 101.82 18.31 -21.89
C LYS O 124 101.90 19.57 -21.04
N THR O 125 101.95 19.40 -19.71
CA THR O 125 102.04 20.55 -18.81
C THR O 125 103.32 21.34 -19.04
N ASP O 126 104.44 20.65 -19.19
CA ASP O 126 105.72 21.29 -19.43
C ASP O 126 105.91 21.64 -20.91
N SER P 2 72.64 -57.25 1.14
CA SER P 2 71.29 -57.29 1.72
C SER P 2 70.34 -56.39 0.94
N ILE P 3 70.33 -56.54 -0.38
CA ILE P 3 69.46 -55.73 -1.23
C ILE P 3 68.32 -56.59 -1.73
N ALA P 4 67.20 -56.56 -1.01
CA ALA P 4 65.98 -57.29 -1.36
C ALA P 4 64.77 -56.38 -1.23
N ARG P 5 64.93 -55.11 -1.59
CA ARG P 5 63.88 -54.11 -1.44
C ARG P 5 62.81 -54.30 -2.51
N SER P 6 61.88 -53.35 -2.55
CA SER P 6 60.85 -53.29 -3.57
C SER P 6 60.56 -51.84 -3.90
N SER P 7 59.97 -51.61 -5.07
CA SER P 7 59.67 -50.27 -5.54
C SER P 7 58.25 -49.83 -5.23
N VAL P 8 57.39 -50.75 -4.78
CA VAL P 8 56.01 -50.38 -4.48
C VAL P 8 55.94 -49.62 -3.17
N HIS P 9 54.87 -48.84 -3.03
CA HIS P 9 54.65 -48.05 -1.82
C HIS P 9 54.08 -48.86 -0.66
N ALA P 10 53.57 -50.06 -0.92
CA ALA P 10 52.94 -50.90 0.09
C ALA P 10 53.81 -52.13 0.31
N LYS P 11 54.42 -52.22 1.49
CA LYS P 11 55.23 -53.38 1.84
C LYS P 11 54.38 -54.48 2.48
N TRP P 12 53.60 -54.14 3.50
CA TRP P 12 52.70 -55.08 4.15
C TRP P 12 51.29 -54.50 4.11
N VAL P 13 50.33 -55.31 3.67
CA VAL P 13 48.93 -54.91 3.61
C VAL P 13 48.06 -56.07 4.05
N VAL P 14 46.86 -55.75 4.52
CA VAL P 14 45.88 -56.74 4.96
C VAL P 14 44.59 -56.51 4.19
N GLY P 15 44.07 -57.59 3.59
CA GLY P 15 42.86 -57.48 2.80
C GLY P 15 42.07 -58.77 2.85
N LYS P 16 40.85 -58.70 2.32
CA LYS P 16 39.93 -59.82 2.30
C LYS P 16 40.00 -60.52 0.94
N VAL P 17 39.95 -61.85 0.98
CA VAL P 17 40.02 -62.63 -0.26
C VAL P 17 38.71 -62.49 -1.03
N ILE P 18 38.81 -62.18 -2.31
CA ILE P 18 37.64 -62.09 -3.17
C ILE P 18 37.35 -63.41 -3.87
N GLY P 19 38.35 -63.98 -4.55
CA GLY P 19 38.15 -65.21 -5.28
C GLY P 19 39.45 -65.92 -5.54
N THR P 20 39.35 -67.22 -5.76
CA THR P 20 40.49 -68.10 -6.01
C THR P 20 40.28 -68.87 -7.31
N ALA P 21 39.86 -68.15 -8.36
CA ALA P 21 39.54 -68.80 -9.62
C ALA P 21 40.80 -69.23 -10.37
N MET P 22 41.83 -68.39 -10.37
CA MET P 22 43.03 -68.67 -11.13
C MET P 22 43.91 -69.70 -10.41
N GLN P 23 44.98 -70.10 -11.08
CA GLN P 23 45.86 -71.16 -10.57
C GLN P 23 46.91 -70.58 -9.65
N LYS P 24 46.89 -71.02 -8.39
CA LYS P 24 47.90 -70.65 -7.39
C LYS P 24 48.03 -69.13 -7.28
N THR P 25 46.89 -68.44 -7.30
CA THR P 25 46.87 -66.99 -7.11
C THR P 25 45.50 -66.60 -6.58
N ALA P 26 45.49 -65.79 -5.52
CA ALA P 26 44.25 -65.34 -4.89
C ALA P 26 44.12 -63.84 -5.07
N LYS P 27 42.96 -63.40 -5.55
CA LYS P 27 42.67 -61.98 -5.70
C LYS P 27 42.06 -61.47 -4.39
N VAL P 28 42.76 -60.55 -3.74
CA VAL P 28 42.33 -60.02 -2.46
C VAL P 28 41.95 -58.55 -2.64
N ARG P 29 41.15 -58.05 -1.70
CA ARG P 29 40.67 -56.67 -1.72
C ARG P 29 41.17 -55.97 -0.47
N VAL P 30 42.05 -54.99 -0.65
CA VAL P 30 42.61 -54.23 0.45
C VAL P 30 41.72 -53.02 0.71
N THR P 31 41.57 -52.66 1.98
CA THR P 31 40.73 -51.55 2.39
C THR P 31 41.57 -50.56 3.20
N ARG P 32 41.46 -49.29 2.85
CA ARG P 32 42.16 -48.22 3.56
C ARG P 32 41.21 -47.07 3.80
N LEU P 33 41.55 -46.23 4.78
CA LEU P 33 40.74 -45.06 5.11
C LEU P 33 41.31 -43.84 4.40
N VAL P 34 40.44 -43.11 3.71
CA VAL P 34 40.81 -41.92 2.96
C VAL P 34 39.96 -40.76 3.43
N LEU P 35 40.60 -39.62 3.70
CA LEU P 35 39.90 -38.45 4.20
C LEU P 35 39.28 -37.67 3.05
N ASP P 36 37.98 -37.45 3.12
CA ASP P 36 37.31 -36.63 2.12
C ASP P 36 37.61 -35.16 2.39
N PRO P 37 38.15 -34.42 1.43
CA PRO P 37 38.55 -33.03 1.71
C PRO P 37 37.40 -32.14 2.16
N TYR P 38 36.21 -32.35 1.63
CA TYR P 38 35.10 -31.43 1.90
C TYR P 38 34.44 -31.75 3.25
N LEU P 39 34.09 -33.01 3.48
CA LEU P 39 33.38 -33.39 4.70
C LEU P 39 34.32 -33.68 5.87
N LEU P 40 35.62 -33.78 5.63
CA LEU P 40 36.59 -34.10 6.68
C LEU P 40 36.24 -35.39 7.39
N LYS P 41 35.72 -36.36 6.64
CA LYS P 41 35.34 -37.66 7.17
C LYS P 41 36.05 -38.75 6.39
N TYR P 42 36.36 -39.85 7.08
CA TYR P 42 37.10 -40.95 6.48
C TYR P 42 36.16 -42.00 5.91
N PHE P 43 36.40 -42.39 4.67
CA PHE P 43 35.64 -43.45 4.01
C PHE P 43 36.60 -44.50 3.47
N ASN P 44 36.09 -45.71 3.33
CA ASN P 44 36.90 -46.84 2.86
C ASN P 44 37.10 -46.76 1.36
N LYS P 45 38.32 -47.07 0.92
CA LYS P 45 38.67 -47.14 -0.50
C LYS P 45 39.16 -48.54 -0.80
N ARG P 46 38.50 -49.21 -1.73
CA ARG P 46 38.78 -50.61 -2.03
C ARG P 46 39.70 -50.72 -3.25
N LYS P 47 40.76 -51.51 -3.11
CA LYS P 47 41.67 -51.80 -4.21
C LYS P 47 41.91 -53.30 -4.25
N THR P 48 42.07 -53.83 -5.46
CA THR P 48 42.26 -55.26 -5.67
C THR P 48 43.73 -55.59 -5.86
N TYR P 49 44.20 -56.61 -5.15
CA TYR P 49 45.59 -57.05 -5.21
C TYR P 49 45.65 -58.52 -5.57
N PHE P 50 46.71 -58.90 -6.27
CA PHE P 50 46.98 -60.29 -6.62
C PHE P 50 48.09 -60.82 -5.73
N ALA P 51 47.87 -61.98 -5.13
CA ALA P 51 48.84 -62.61 -4.25
C ALA P 51 49.09 -64.04 -4.71
N HIS P 52 50.34 -64.46 -4.67
CA HIS P 52 50.72 -65.80 -5.12
C HIS P 52 50.64 -66.77 -3.94
N ASP P 53 49.77 -67.77 -4.06
CA ASP P 53 49.59 -68.80 -3.04
C ASP P 53 50.16 -70.11 -3.58
N ALA P 54 51.29 -70.54 -3.01
CA ALA P 54 51.94 -71.75 -3.49
C ALA P 54 51.21 -73.01 -3.05
N LEU P 55 50.66 -73.01 -1.84
CA LEU P 55 50.03 -74.20 -1.27
C LEU P 55 48.54 -74.29 -1.55
N GLN P 56 47.95 -73.31 -2.24
CA GLN P 56 46.52 -73.28 -2.54
C GLN P 56 45.70 -73.36 -1.25
N GLN P 57 45.96 -72.40 -0.36
CA GLN P 57 45.35 -72.38 0.97
C GLN P 57 44.28 -71.31 1.13
N CYS P 58 43.84 -70.68 0.04
CA CYS P 58 42.94 -69.54 0.10
C CYS P 58 41.50 -69.99 -0.11
N THR P 59 40.64 -69.62 0.83
CA THR P 59 39.20 -69.82 0.70
C THR P 59 38.51 -68.46 0.71
N VAL P 60 37.50 -68.30 -0.15
CA VAL P 60 36.83 -67.02 -0.29
C VAL P 60 36.22 -66.60 1.04
N GLY P 61 36.55 -65.39 1.49
CA GLY P 61 36.10 -64.88 2.76
C GLY P 61 37.16 -64.77 3.83
N ASP P 62 38.41 -65.11 3.52
CA ASP P 62 39.48 -65.03 4.51
C ASP P 62 40.05 -63.62 4.59
N ILE P 63 40.76 -63.36 5.68
CA ILE P 63 41.53 -62.14 5.85
C ILE P 63 43.00 -62.53 5.83
N VAL P 64 43.75 -61.96 4.90
CA VAL P 64 45.09 -62.42 4.57
C VAL P 64 46.07 -61.25 4.65
N LEU P 65 47.21 -61.49 5.28
CA LEU P 65 48.31 -60.53 5.28
C LEU P 65 49.18 -60.75 4.04
N LEU P 66 49.52 -59.68 3.35
CA LEU P 66 50.31 -59.74 2.13
C LEU P 66 51.66 -59.07 2.34
N LYS P 67 52.70 -59.67 1.76
CA LYS P 67 54.06 -59.16 1.84
C LYS P 67 54.55 -58.80 0.45
N ALA P 68 55.19 -57.64 0.33
CA ALA P 68 55.64 -57.15 -0.96
C ALA P 68 56.66 -58.09 -1.59
N LEU P 69 56.48 -58.38 -2.86
CA LEU P 69 57.38 -59.29 -3.58
C LEU P 69 58.62 -58.53 -4.03
N PRO P 70 59.82 -59.06 -3.76
CA PRO P 70 61.04 -58.33 -4.16
C PRO P 70 61.14 -58.08 -5.65
N VAL P 71 60.69 -59.02 -6.49
CA VAL P 71 60.71 -58.87 -7.93
C VAL P 71 59.33 -59.26 -8.47
N PRO P 72 58.66 -58.39 -9.23
CA PRO P 72 57.35 -58.75 -9.76
C PRO P 72 57.44 -59.96 -10.69
N ARG P 73 56.44 -60.83 -10.60
CA ARG P 73 56.36 -61.99 -11.48
C ARG P 73 55.61 -61.71 -12.76
N THR P 74 54.89 -60.60 -12.84
CA THR P 74 54.18 -60.17 -14.04
C THR P 74 53.76 -58.72 -13.81
N LYS P 75 52.94 -58.19 -14.71
CA LYS P 75 52.52 -56.80 -14.60
C LYS P 75 51.50 -56.58 -13.50
N HIS P 76 50.94 -57.63 -12.92
CA HIS P 76 49.91 -57.50 -11.89
C HIS P 76 50.27 -58.16 -10.57
N VAL P 77 50.90 -59.33 -10.60
CA VAL P 77 51.22 -60.06 -9.38
C VAL P 77 52.49 -59.44 -8.80
N LYS P 78 52.35 -58.60 -7.78
CA LYS P 78 53.47 -57.97 -7.12
C LYS P 78 53.50 -58.25 -5.62
N HIS P 79 52.65 -59.13 -5.12
CA HIS P 79 52.59 -59.45 -3.71
C HIS P 79 52.52 -60.95 -3.51
N GLU P 80 53.04 -61.40 -2.37
CA GLU P 80 53.04 -62.80 -2.01
C GLU P 80 52.33 -62.98 -0.67
N LEU P 81 51.49 -64.01 -0.59
CA LEU P 81 50.80 -64.30 0.65
C LEU P 81 51.80 -64.66 1.74
N ALA P 82 51.53 -64.19 2.95
CA ALA P 82 52.40 -64.47 4.10
C ALA P 82 51.76 -65.37 5.13
N GLU P 83 50.53 -65.10 5.54
CA GLU P 83 49.84 -65.95 6.51
C GLU P 83 48.34 -65.73 6.37
N ILE P 84 47.59 -66.69 6.91
CA ILE P 84 46.13 -66.62 6.94
C ILE P 84 45.74 -66.11 8.32
N ILE P 85 45.40 -64.84 8.42
CA ILE P 85 45.10 -64.24 9.71
C ILE P 85 43.84 -64.84 10.31
N PHE P 86 42.76 -64.91 9.51
CA PHE P 86 41.48 -65.44 9.96
C PHE P 86 40.95 -66.39 8.90
N LYS P 87 41.06 -67.69 9.15
CA LYS P 87 40.44 -68.68 8.28
C LYS P 87 38.92 -68.55 8.39
N VAL P 88 38.24 -68.63 7.24
CA VAL P 88 36.80 -68.40 7.22
C VAL P 88 36.09 -69.52 7.96
N GLY P 89 35.22 -69.14 8.91
CA GLY P 89 34.48 -70.11 9.68
C GLY P 89 35.29 -70.78 10.77
N GLN P 90 36.61 -70.82 10.60
CA GLN P 90 37.52 -71.42 11.57
C GLN P 90 38.40 -70.28 12.09
N VAL P 91 37.92 -69.58 13.11
CA VAL P 91 38.61 -68.44 13.69
C VAL P 91 39.03 -68.80 15.10
N ILE P 92 40.34 -68.72 15.37
CA ILE P 92 40.89 -68.97 16.69
C ILE P 92 41.28 -67.63 17.30
N ASP P 93 40.84 -67.38 18.52
CA ASP P 93 41.13 -66.12 19.19
C ASP P 93 42.63 -66.01 19.43
N PRO P 94 43.30 -64.98 18.92
CA PRO P 94 44.75 -64.86 19.12
C PRO P 94 45.15 -64.72 20.58
N VAL P 95 44.26 -64.25 21.44
CA VAL P 95 44.61 -64.04 22.84
C VAL P 95 44.64 -65.36 23.59
N THR P 96 43.51 -66.06 23.64
CA THR P 96 43.41 -67.30 24.39
C THR P 96 43.78 -68.53 23.58
N GLY P 97 43.98 -68.40 22.27
CA GLY P 97 44.32 -69.54 21.44
C GLY P 97 43.27 -70.63 21.45
N LYS P 98 42.00 -70.25 21.42
CA LYS P 98 40.91 -71.20 21.47
C LYS P 98 39.96 -70.99 20.30
N PRO P 99 39.39 -72.05 19.75
CA PRO P 99 38.41 -71.88 18.66
C PRO P 99 37.20 -71.07 19.14
N CYS P 100 36.69 -70.23 18.25
CA CYS P 100 35.55 -69.38 18.54
C CYS P 100 34.71 -69.21 17.29
N ALA P 101 33.42 -68.94 17.49
CA ALA P 101 32.48 -68.70 16.41
C ALA P 101 31.76 -67.39 16.71
N GLY P 102 32.32 -66.28 16.25
CA GLY P 102 31.74 -64.98 16.52
C GLY P 102 31.98 -64.53 17.95
N THR P 103 30.91 -64.52 18.75
CA THR P 103 31.01 -64.11 20.14
C THR P 103 31.08 -65.27 21.11
N THR P 104 30.44 -66.39 20.79
CA THR P 104 30.42 -67.54 21.70
C THR P 104 31.66 -68.40 21.47
N TYR P 105 32.35 -68.72 22.55
CA TYR P 105 33.52 -69.61 22.47
C TYR P 105 33.07 -71.02 22.12
N LEU P 106 33.72 -71.61 21.11
CA LEU P 106 33.46 -73.01 20.80
C LEU P 106 33.92 -73.93 21.92
N GLU P 107 35.08 -73.65 22.49
CA GLU P 107 35.64 -74.42 23.59
C GLU P 107 35.95 -73.48 24.75
N SER P 108 35.58 -73.90 25.95
CA SER P 108 35.77 -73.06 27.13
C SER P 108 37.25 -72.94 27.46
N PRO P 109 37.80 -71.73 27.54
CA PRO P 109 39.23 -71.59 27.89
C PRO P 109 39.54 -71.90 29.33
N ILE P 110 38.55 -71.98 30.21
CA ILE P 110 38.78 -72.23 31.62
C ILE P 110 38.60 -73.71 31.96
N SER P 111 38.67 -74.59 30.96
CA SER P 111 38.51 -76.03 31.14
C SER P 111 39.69 -76.74 30.48
N PRO P 112 40.87 -76.74 31.12
CA PRO P 112 42.01 -77.45 30.54
C PRO P 112 41.78 -78.94 30.36
N GLU P 113 41.00 -79.56 31.25
CA GLU P 113 40.73 -80.99 31.16
C GLU P 113 39.23 -81.26 31.24
N SER Q 49 48.02 30.27 6.13
CA SER Q 49 47.36 30.61 7.38
C SER Q 49 48.38 30.83 8.50
N PRO Q 50 48.10 31.79 9.39
CA PRO Q 50 49.02 32.09 10.50
C PRO Q 50 48.98 31.01 11.60
N TYR Q 51 49.25 29.78 11.22
CA TYR Q 51 49.31 28.68 12.17
C TYR Q 51 50.47 27.72 11.89
N LYS Q 52 51.36 28.07 10.96
CA LYS Q 52 52.48 27.19 10.65
C LYS Q 52 53.46 27.10 11.81
N ASP Q 53 53.54 28.14 12.64
CA ASP Q 53 54.46 28.12 13.78
C ASP Q 53 54.10 27.03 14.76
N GLU Q 54 52.81 26.83 15.03
CA GLU Q 54 52.35 25.81 15.96
C GLU Q 54 51.04 25.24 15.45
N PRO Q 55 51.10 24.14 14.70
CA PRO Q 55 49.85 23.53 14.20
C PRO Q 55 48.90 23.10 15.30
N TRP Q 56 49.43 22.67 16.46
CA TRP Q 56 48.57 22.23 17.56
C TRP Q 56 47.81 23.38 18.20
N LYS Q 57 48.15 24.63 17.87
CA LYS Q 57 47.43 25.76 18.43
C LYS Q 57 45.97 25.74 18.02
N TYR Q 58 45.69 25.36 16.77
CA TYR Q 58 44.32 25.31 16.29
C TYR Q 58 43.50 24.29 17.07
N LEU Q 59 44.09 23.15 17.41
CA LEU Q 59 43.37 22.13 18.17
C LEU Q 59 42.97 22.66 19.54
N ASP Q 60 43.86 23.41 20.19
CA ASP Q 60 43.53 23.99 21.48
C ASP Q 60 42.70 25.26 21.36
N SER Q 61 42.50 25.77 20.15
CA SER Q 61 41.76 27.00 19.95
C SER Q 61 40.27 26.78 20.23
N GLU Q 62 39.56 27.90 20.42
CA GLU Q 62 38.13 27.82 20.70
C GLU Q 62 37.34 27.49 19.45
N GLU Q 63 37.85 27.85 18.27
CA GLU Q 63 37.11 27.61 17.03
C GLU Q 63 36.95 26.11 16.78
N TYR Q 64 38.00 25.32 17.02
CA TYR Q 64 37.90 23.88 16.82
C TYR Q 64 36.89 23.27 17.78
N GLN Q 65 36.91 23.68 19.05
CA GLN Q 65 35.96 23.15 20.02
C GLN Q 65 34.53 23.52 19.64
N ASN Q 66 34.33 24.75 19.15
CA ASN Q 66 33.00 25.20 18.79
C ASN Q 66 32.41 24.38 17.64
N ARG Q 67 33.22 24.09 16.63
CA ARG Q 67 32.71 23.41 15.44
C ARG Q 67 32.62 21.91 15.65
N TYR Q 68 33.77 21.25 15.88
CA TYR Q 68 33.78 19.79 15.93
C TYR Q 68 33.36 19.25 17.29
N GLY Q 69 33.74 19.92 18.36
CA GLY Q 69 33.40 19.41 19.67
C GLY Q 69 34.26 18.21 20.05
N SER Q 70 33.70 17.36 20.90
CA SER Q 70 34.45 16.20 21.39
C SER Q 70 34.67 15.15 20.30
N ARG Q 71 33.73 15.02 19.36
CA ARG Q 71 33.81 13.99 18.35
C ARG Q 71 34.94 14.29 17.36
N PRO Q 72 35.49 13.26 16.72
CA PRO Q 72 36.57 13.47 15.76
C PRO Q 72 36.10 14.27 14.55
N VAL Q 73 37.08 14.64 13.72
CA VAL Q 73 36.79 15.46 12.54
C VAL Q 73 35.90 14.70 11.55
N TRP Q 74 36.21 13.42 11.33
CA TRP Q 74 35.53 12.63 10.32
C TRP Q 74 34.20 12.05 10.78
N ALA Q 75 33.64 12.53 11.89
CA ALA Q 75 32.40 11.96 12.39
C ALA Q 75 31.21 12.41 11.56
N ASP Q 76 31.18 13.67 11.13
CA ASP Q 76 30.03 14.23 10.44
C ASP Q 76 30.15 14.16 8.92
N TYR Q 77 31.21 13.55 8.39
CA TYR Q 77 31.44 13.49 6.96
C TYR Q 77 30.95 12.15 6.41
N ARG Q 78 30.15 12.21 5.36
CA ARG Q 78 29.65 11.02 4.68
C ARG Q 78 30.05 11.08 3.21
N ARG Q 79 30.48 9.93 2.68
CA ARG Q 79 31.01 9.85 1.33
C ARG Q 79 29.93 9.32 0.38
N ASN Q 80 29.65 10.08 -0.67
CA ASN Q 80 28.64 9.70 -1.66
C ASN Q 80 29.26 8.76 -2.68
N HIS Q 81 28.65 7.60 -2.86
CA HIS Q 81 29.18 6.58 -3.77
C HIS Q 81 28.03 5.98 -4.56
N LYS Q 82 28.35 4.96 -5.35
CA LYS Q 82 27.43 4.47 -6.38
C LYS Q 82 26.36 3.54 -5.83
N GLY Q 83 26.50 3.02 -4.62
CA GLY Q 83 25.51 2.10 -4.10
C GLY Q 83 25.73 1.68 -2.67
N GLY Q 84 25.50 0.40 -2.39
CA GLY Q 84 25.66 -0.12 -1.04
C GLY Q 84 27.10 -0.31 -0.64
N ILE Q 85 27.90 -0.92 -1.51
CA ILE Q 85 29.31 -1.17 -1.24
C ILE Q 85 30.12 0.02 -1.74
N PRO Q 86 30.79 0.75 -0.86
CA PRO Q 86 31.61 1.87 -1.33
C PRO Q 86 32.83 1.37 -2.07
N PRO Q 87 33.34 2.14 -3.03
CA PRO Q 87 34.58 1.75 -3.70
C PRO Q 87 35.72 1.65 -2.71
N GLN Q 88 36.58 0.65 -2.91
CA GLN Q 88 37.68 0.39 -1.98
C GLN Q 88 38.73 1.49 -1.98
N ARG Q 89 38.72 2.38 -2.97
CA ARG Q 89 39.68 3.45 -3.06
C ARG Q 89 38.94 4.77 -3.21
N THR Q 90 39.28 5.74 -2.37
CA THR Q 90 38.62 7.03 -2.38
C THR Q 90 39.24 7.92 -3.47
N ARG Q 91 38.90 9.20 -3.45
CA ARG Q 91 39.48 10.13 -4.41
C ARG Q 91 40.99 10.22 -4.24
N LYS Q 92 41.70 10.34 -5.35
CA LYS Q 92 43.14 10.52 -5.29
C LYS Q 92 43.51 11.84 -4.64
N MET Q 93 42.83 12.92 -5.05
CA MET Q 93 43.05 14.23 -4.48
C MET Q 93 41.87 15.11 -4.83
N CYS Q 94 41.47 15.98 -3.90
CA CYS Q 94 40.33 16.86 -4.08
C CYS Q 94 40.70 18.33 -4.09
N ILE Q 95 41.99 18.65 -4.16
CA ILE Q 95 42.46 20.03 -4.12
C ILE Q 95 43.28 20.34 -5.36
N ARG Q 96 42.92 19.70 -6.48
CA ARG Q 96 43.66 19.84 -7.73
C ARG Q 96 43.87 21.30 -8.09
N GLY Q 97 45.13 21.72 -8.13
CA GLY Q 97 45.47 23.10 -8.43
C GLY Q 97 44.85 24.07 -7.46
N ASN Q 98 43.93 24.91 -7.95
CA ASN Q 98 43.22 25.88 -7.12
C ASN Q 98 41.72 25.62 -7.10
N LYS Q 99 41.29 24.43 -7.51
CA LYS Q 99 39.87 24.10 -7.61
C LYS Q 99 39.55 23.03 -6.59
N VAL Q 100 38.55 23.30 -5.75
CA VAL Q 100 38.08 22.32 -4.76
C VAL Q 100 37.05 21.43 -5.44
N ALA Q 101 37.30 20.13 -5.43
CA ALA Q 101 36.49 19.17 -6.19
C ALA Q 101 35.36 18.66 -5.30
N GLY Q 102 34.18 19.25 -5.47
CA GLY Q 102 32.98 18.75 -4.83
C GLY Q 102 33.05 18.78 -3.32
N ASN Q 103 32.35 17.83 -2.71
CA ASN Q 103 32.35 17.63 -1.27
C ASN Q 103 33.74 17.23 -0.79
N PRO Q 104 34.44 18.11 -0.08
CA PRO Q 104 35.82 17.81 0.31
C PRO Q 104 35.90 16.79 1.43
N CYS Q 105 37.08 16.22 1.57
CA CYS Q 105 37.37 15.28 2.64
C CYS Q 105 37.51 16.03 3.97
N PRO Q 106 37.47 15.32 5.10
CA PRO Q 106 37.56 16.03 6.39
C PRO Q 106 38.80 16.89 6.56
N ILE Q 107 39.92 16.50 5.95
CA ILE Q 107 41.15 17.27 6.12
C ILE Q 107 41.32 18.37 5.08
N CYS Q 108 40.69 18.24 3.91
CA CYS Q 108 40.87 19.19 2.83
C CYS Q 108 39.75 20.22 2.75
N ARG Q 109 38.81 20.21 3.71
CA ARG Q 109 37.73 21.19 3.72
C ARG Q 109 38.01 22.38 4.64
N ASP Q 110 38.87 22.22 5.64
CA ASP Q 110 39.33 23.31 6.48
C ASP Q 110 40.85 23.35 6.41
N GLN Q 111 41.38 24.32 5.66
CA GLN Q 111 42.81 24.37 5.39
C GLN Q 111 43.64 24.69 6.63
N LYS Q 112 43.03 25.12 7.72
CA LYS Q 112 43.80 25.43 8.92
C LYS Q 112 44.36 24.19 9.59
N LEU Q 113 43.86 23.00 9.27
CA LEU Q 113 44.43 21.76 9.80
C LEU Q 113 45.70 21.41 9.03
N HIS Q 114 46.79 21.21 9.78
CA HIS Q 114 48.07 20.84 9.21
C HIS Q 114 48.44 19.44 9.65
N VAL Q 115 48.83 18.61 8.69
CA VAL Q 115 49.24 17.23 8.98
C VAL Q 115 50.74 17.25 9.21
N ASP Q 116 51.13 17.27 10.48
CA ASP Q 116 52.53 17.26 10.88
C ASP Q 116 52.71 16.28 12.03
N PHE Q 117 53.97 16.02 12.38
CA PHE Q 117 54.26 15.11 13.48
C PHE Q 117 54.24 15.80 14.84
N ARG Q 118 54.19 17.14 14.88
CA ARG Q 118 54.18 17.84 16.15
C ARG Q 118 52.86 17.63 16.89
N ASN Q 119 51.74 17.82 16.20
CA ASN Q 119 50.43 17.71 16.84
C ASN Q 119 50.03 16.24 16.90
N VAL Q 120 49.62 15.80 18.10
CA VAL Q 120 49.26 14.41 18.32
C VAL Q 120 47.75 14.28 18.43
N LYS Q 121 47.09 15.37 18.83
CA LYS Q 121 45.63 15.33 18.99
C LYS Q 121 44.93 15.06 17.67
N LEU Q 122 45.39 15.70 16.59
CA LEU Q 122 44.80 15.45 15.27
C LEU Q 122 45.10 14.04 14.80
N LEU Q 123 46.35 13.59 14.95
CA LEU Q 123 46.71 12.27 14.45
C LEU Q 123 46.09 11.16 15.29
N GLU Q 124 45.78 11.43 16.56
CA GLU Q 124 45.15 10.41 17.40
C GLU Q 124 43.76 10.06 16.88
N GLN Q 125 43.07 11.01 16.26
CA GLN Q 125 41.73 10.75 15.75
C GLN Q 125 41.72 9.75 14.61
N PHE Q 126 42.85 9.57 13.92
CA PHE Q 126 42.95 8.63 12.81
C PHE Q 126 43.60 7.31 13.19
N VAL Q 127 43.81 7.06 14.48
CA VAL Q 127 44.39 5.82 14.98
C VAL Q 127 43.43 5.21 15.98
N CYS Q 128 43.13 3.93 15.83
CA CYS Q 128 42.25 3.25 16.77
C CYS Q 128 42.87 3.23 18.16
N ALA Q 129 42.06 3.61 19.15
CA ALA Q 129 42.57 3.70 20.52
C ALA Q 129 42.88 2.33 21.10
N HIS Q 130 42.04 1.34 20.81
CA HIS Q 130 42.17 0.02 21.41
C HIS Q 130 43.02 -0.93 20.57
N THR Q 131 42.72 -1.03 19.27
CA THR Q 131 43.46 -1.95 18.43
C THR Q 131 44.87 -1.43 18.12
N GLY Q 132 45.05 -0.12 18.13
CA GLY Q 132 46.35 0.46 17.81
C GLY Q 132 46.77 0.26 16.37
N ILE Q 133 45.83 0.42 15.42
CA ILE Q 133 46.13 0.30 14.01
C ILE Q 133 45.61 1.55 13.31
N ILE Q 134 46.16 1.81 12.13
CA ILE Q 134 45.81 3.01 11.37
C ILE Q 134 44.55 2.73 10.56
N PHE Q 135 43.59 3.66 10.65
CA PHE Q 135 42.35 3.51 9.89
C PHE Q 135 42.61 3.66 8.39
N HIS Q 136 41.99 2.79 7.61
CA HIS Q 136 42.10 2.86 6.16
C HIS Q 136 41.29 4.04 5.63
N ALA Q 137 41.54 4.36 4.35
CA ALA Q 137 40.85 5.50 3.74
C ALA Q 137 39.33 5.37 3.72
N PRO Q 138 38.74 4.23 3.35
CA PRO Q 138 37.26 4.16 3.37
C PRO Q 138 36.66 4.34 4.75
N TYR Q 139 37.39 4.00 5.82
CA TYR Q 139 36.83 4.11 7.16
C TYR Q 139 36.52 5.55 7.53
N THR Q 140 37.42 6.46 7.21
CA THR Q 140 37.20 7.89 7.48
C THR Q 140 36.56 8.58 6.28
N GLY Q 141 37.22 8.54 5.13
CA GLY Q 141 36.71 9.16 3.93
C GLY Q 141 37.68 10.18 3.34
N VAL Q 142 38.90 10.22 3.87
CA VAL Q 142 39.88 11.19 3.39
C VAL Q 142 40.36 10.79 2.00
N CYS Q 143 40.85 11.79 1.26
CA CYS Q 143 41.41 11.52 -0.05
C CYS Q 143 42.73 10.78 0.08
N MET Q 144 43.09 10.05 -0.99
CA MET Q 144 44.26 9.20 -0.93
C MET Q 144 45.55 9.99 -0.77
N LYS Q 145 45.61 11.21 -1.29
CA LYS Q 145 46.81 12.02 -1.12
C LYS Q 145 47.03 12.38 0.35
N GLN Q 146 45.95 12.76 1.05
CA GLN Q 146 46.09 13.07 2.47
C GLN Q 146 46.26 11.82 3.32
N HIS Q 147 45.69 10.69 2.89
CA HIS Q 147 45.89 9.45 3.63
C HIS Q 147 47.34 9.03 3.64
N LYS Q 148 48.04 9.21 2.51
CA LYS Q 148 49.48 8.94 2.49
C LYS Q 148 50.21 9.88 3.44
N LYS Q 149 49.79 11.15 3.50
CA LYS Q 149 50.42 12.08 4.42
C LYS Q 149 50.21 11.66 5.87
N LEU Q 150 49.01 11.18 6.21
CA LEU Q 150 48.74 10.76 7.58
C LEU Q 150 49.62 9.58 7.97
N THR Q 151 49.73 8.57 7.09
CA THR Q 151 50.53 7.39 7.42
C THR Q 151 52.00 7.75 7.62
N GLN Q 152 52.54 8.60 6.75
CA GLN Q 152 53.92 9.05 6.93
C GLN Q 152 54.06 9.89 8.20
N ALA Q 153 53.12 10.78 8.46
CA ALA Q 153 53.19 11.60 9.67
C ALA Q 153 53.05 10.75 10.93
N ILE Q 154 52.12 9.79 10.92
CA ILE Q 154 51.97 8.90 12.07
C ILE Q 154 53.22 8.07 12.29
N GLN Q 155 53.78 7.54 11.19
CA GLN Q 155 54.99 6.74 11.31
C GLN Q 155 56.17 7.56 11.82
N LYS Q 156 56.29 8.81 11.35
CA LYS Q 156 57.33 9.68 11.86
C LYS Q 156 57.10 10.01 13.33
N ALA Q 157 55.84 10.26 13.72
CA ALA Q 157 55.55 10.61 15.10
C ALA Q 157 55.90 9.46 16.05
N ARG Q 158 55.56 8.23 15.67
CA ARG Q 158 55.93 7.09 16.50
C ARG Q 158 57.45 6.93 16.58
N ASP Q 159 58.17 7.34 15.55
CA ASP Q 159 59.62 7.28 15.59
C ASP Q 159 60.22 8.32 16.54
N HIS Q 160 59.51 9.43 16.75
CA HIS Q 160 59.97 10.46 17.67
C HIS Q 160 59.38 10.33 19.06
N GLY Q 161 58.57 9.32 19.31
CA GLY Q 161 58.00 9.09 20.62
C GLY Q 161 56.82 9.97 20.98
N LEU Q 162 56.34 10.81 20.06
CA LEU Q 162 55.21 11.68 20.35
C LEU Q 162 53.91 10.91 20.47
N LEU Q 163 53.86 9.67 20.00
CA LEU Q 163 52.64 8.87 20.04
C LEU Q 163 52.97 7.49 20.60
N ARG Q 164 52.03 6.93 21.34
CA ARG Q 164 52.23 5.64 22.00
C ARG Q 164 51.85 4.49 21.08
N TYR Q 165 52.64 3.43 21.13
CA TYR Q 165 52.35 2.20 20.40
C TYR Q 165 52.98 1.02 21.11
N HIS Q 166 52.48 -0.16 20.80
CA HIS Q 166 52.90 -1.37 21.53
C HIS Q 166 54.36 -1.68 21.27
N ILE Q 167 55.06 -2.06 22.34
CA ILE Q 167 56.45 -2.48 22.27
C ILE Q 167 56.56 -3.86 22.92
N PRO Q 168 56.64 -4.92 22.12
CA PRO Q 168 56.78 -6.26 22.70
C PRO Q 168 58.11 -6.43 23.41
N GLN Q 169 58.10 -7.25 24.45
CA GLN Q 169 59.32 -7.60 25.16
C GLN Q 169 60.13 -8.61 24.35
N VAL Q 170 61.40 -8.31 24.13
CA VAL Q 170 62.24 -9.08 23.23
C VAL Q 170 63.38 -9.70 24.03
N GLU Q 171 63.60 -10.99 23.83
CA GLU Q 171 64.69 -11.70 24.49
C GLU Q 171 66.04 -11.25 23.93
N PRO Q 172 67.11 -11.44 24.69
CA PRO Q 172 68.45 -11.09 24.17
C PRO Q 172 68.81 -11.90 22.95
N ARG Q 173 69.63 -11.31 22.08
CA ARG Q 173 69.91 -11.91 20.78
C ARG Q 173 70.64 -13.24 20.92
N ASP Q 174 71.63 -13.31 21.80
CA ASP Q 174 72.48 -14.49 21.93
C ASP Q 174 72.18 -15.22 23.23
N LEU Q 175 72.52 -16.51 23.24
CA LEU Q 175 72.34 -17.34 24.42
C LEU Q 175 73.50 -17.23 25.39
N ASP Q 176 74.73 -17.30 24.88
CA ASP Q 176 75.93 -17.17 25.68
C ASP Q 176 76.74 -15.98 25.18
N PHE Q 177 77.14 -15.11 26.10
CA PHE Q 177 77.89 -13.91 25.77
C PHE Q 177 79.37 -14.19 26.05
N SER Q 178 80.08 -14.65 25.03
CA SER Q 178 81.49 -15.00 25.15
C SER Q 178 82.29 -14.32 24.04
N THR Q 179 83.33 -13.58 24.43
CA THR Q 179 84.25 -12.97 23.48
C THR Q 179 85.52 -13.79 23.32
N THR Q 180 85.55 -15.01 23.84
CA THR Q 180 86.76 -15.82 23.82
C THR Q 180 87.07 -16.35 22.43
N HIS Q 181 86.05 -16.59 21.61
CA HIS Q 181 86.26 -17.23 20.31
C HIS Q 181 87.10 -16.35 19.39
N GLY Q 182 87.81 -17.00 18.47
CA GLY Q 182 88.73 -16.30 17.60
C GLY Q 182 88.06 -15.46 16.53
N ALA Q 183 86.76 -15.61 16.31
CA ALA Q 183 86.06 -14.79 15.34
C ALA Q 183 86.02 -13.34 15.77
N VAL Q 184 85.92 -13.08 17.08
CA VAL Q 184 85.90 -11.73 17.59
C VAL Q 184 87.21 -11.32 18.24
N SER Q 185 87.99 -12.27 18.75
CA SER Q 185 89.29 -11.97 19.36
C SER Q 185 90.38 -12.00 18.30
N SER Q 186 91.45 -11.25 18.57
CA SER Q 186 92.55 -11.13 17.62
C SER Q 186 93.35 -12.43 17.55
N THR Q 187 93.62 -12.89 16.30
CA THR Q 187 94.41 -14.07 15.98
C THR Q 187 95.88 -13.70 15.84
N PRO Q 188 96.78 -14.63 16.12
CA PRO Q 188 98.22 -14.35 15.98
C PRO Q 188 98.57 -14.01 14.54
N PRO Q 189 99.47 -13.05 14.33
CA PRO Q 189 99.83 -12.68 12.96
C PRO Q 189 100.55 -13.81 12.24
N ALA Q 190 100.38 -13.84 10.92
CA ALA Q 190 101.06 -14.82 10.10
C ALA Q 190 102.55 -14.48 10.02
N PRO Q 191 103.41 -15.49 9.84
CA PRO Q 191 104.84 -15.19 9.66
C PRO Q 191 105.12 -14.31 8.47
N THR Q 192 104.33 -14.41 7.40
CA THR Q 192 104.47 -13.53 6.25
C THR Q 192 103.80 -12.17 6.47
N LEU Q 193 102.96 -12.03 7.49
CA LEU Q 193 102.33 -10.75 7.76
C LEU Q 193 103.25 -9.81 8.52
N VAL Q 194 103.95 -10.31 9.52
CA VAL Q 194 104.84 -9.46 10.31
C VAL Q 194 106.03 -9.02 9.47
N SER Q 195 106.54 -9.91 8.63
CA SER Q 195 107.70 -9.59 7.78
C SER Q 195 107.36 -8.55 6.71
N GLY Q 196 106.09 -8.40 6.37
CA GLY Q 196 105.69 -7.51 5.29
C GLY Q 196 105.74 -8.14 3.92
N ASP Q 197 106.21 -9.37 3.81
CA ASP Q 197 106.27 -10.06 2.53
C ASP Q 197 104.86 -10.44 2.07
N PRO Q 198 104.60 -10.41 0.76
CA PRO Q 198 103.28 -10.83 0.27
C PRO Q 198 102.95 -12.26 0.66
N TRP Q 199 101.65 -12.53 0.82
CA TRP Q 199 101.21 -13.81 1.36
C TRP Q 199 101.69 -14.99 0.52
N TYR Q 200 101.85 -14.79 -0.78
CA TYR Q 200 102.38 -15.83 -1.65
C TYR Q 200 103.55 -15.30 -2.45
N PRO Q 201 104.51 -16.16 -2.79
CA PRO Q 201 105.67 -15.70 -3.56
C PRO Q 201 105.31 -15.15 -4.93
N TRP Q 202 104.28 -15.68 -5.58
CA TRP Q 202 103.94 -15.27 -6.93
C TRP Q 202 103.03 -14.05 -6.99
N TYR Q 203 102.62 -13.50 -5.84
CA TYR Q 203 101.85 -12.26 -5.86
C TYR Q 203 102.68 -11.10 -6.40
N SER Q 204 103.99 -11.11 -6.14
CA SER Q 204 104.86 -10.04 -6.60
C SER Q 204 105.24 -10.25 -8.06
N TRP Q 205 105.91 -9.26 -8.64
CA TRP Q 205 106.36 -9.32 -10.03
C TRP Q 205 107.82 -9.76 -10.08
N LYS Q 206 108.10 -10.77 -10.90
CA LYS Q 206 109.44 -11.31 -11.04
C LYS Q 206 109.87 -11.22 -12.50
N GLN Q 207 111.11 -10.81 -12.73
CA GLN Q 207 111.62 -10.68 -14.08
C GLN Q 207 111.92 -12.05 -14.66
N PRO Q 208 111.30 -12.44 -15.78
CA PRO Q 208 111.55 -13.77 -16.32
C PRO Q 208 112.96 -13.87 -16.88
N PRO Q 209 113.53 -15.07 -16.93
CA PRO Q 209 114.84 -15.23 -17.58
C PRO Q 209 114.76 -14.90 -19.06
N GLU Q 210 115.88 -14.40 -19.59
CA GLU Q 210 115.91 -13.95 -20.98
C GLU Q 210 115.74 -15.10 -21.96
N ARG Q 211 116.13 -16.32 -21.55
CA ARG Q 211 115.95 -17.47 -22.44
C ARG Q 211 114.48 -17.73 -22.70
N GLU Q 212 113.64 -17.64 -21.66
CA GLU Q 212 112.21 -17.86 -21.85
C GLU Q 212 111.59 -16.77 -22.71
N LEU Q 213 112.06 -15.53 -22.57
CA LEU Q 213 111.55 -14.45 -23.42
C LEU Q 213 111.87 -14.70 -24.88
N SER Q 214 113.07 -15.19 -25.18
CA SER Q 214 113.43 -15.49 -26.56
C SER Q 214 112.55 -16.60 -27.12
N ARG Q 215 112.24 -17.62 -26.31
CA ARG Q 215 111.40 -18.71 -26.77
C ARG Q 215 110.00 -18.22 -27.13
N LEU Q 216 109.43 -17.34 -26.31
CA LEU Q 216 108.09 -16.82 -26.57
C LEU Q 216 108.08 -15.94 -27.82
N ARG Q 217 109.15 -15.17 -28.04
CA ARG Q 217 109.21 -14.32 -29.22
C ARG Q 217 109.22 -15.15 -30.49
N ARG Q 218 109.97 -16.25 -30.49
CA ARG Q 218 109.99 -17.14 -31.67
C ARG Q 218 108.62 -17.77 -31.89
N LEU Q 219 107.96 -18.22 -30.83
CA LEU Q 219 106.68 -18.91 -30.97
C LEU Q 219 105.59 -17.96 -31.46
N TYR Q 220 105.56 -16.73 -30.94
CA TYR Q 220 104.54 -15.75 -31.29
C TYR Q 220 105.11 -14.65 -32.18
N GLN Q 221 106.01 -15.01 -33.08
CA GLN Q 221 106.60 -14.04 -34.00
C GLN Q 221 105.56 -13.55 -35.00
N GLY Q 222 105.71 -12.30 -35.40
CA GLY Q 222 104.77 -11.67 -36.32
C GLY Q 222 103.62 -10.95 -35.65
N ARG Q 223 102.96 -11.62 -34.70
CA ARG Q 223 101.88 -11.03 -33.92
C ARG Q 223 102.35 -10.57 -32.54
N LEU Q 224 103.61 -10.15 -32.43
CA LEU Q 224 104.18 -9.75 -31.15
C LEU Q 224 103.77 -8.32 -30.81
N ARG Q 225 103.74 -8.03 -29.52
CA ARG Q 225 103.43 -6.71 -29.00
C ARG Q 225 104.59 -6.20 -28.16
N GLU Q 226 104.63 -4.88 -27.97
CA GLU Q 226 105.70 -4.28 -27.19
C GLU Q 226 105.63 -4.77 -25.75
N GLU Q 227 106.78 -5.20 -25.22
CA GLU Q 227 106.85 -5.68 -23.86
C GLU Q 227 106.93 -4.51 -22.88
N SER Q 228 106.73 -4.81 -21.60
CA SER Q 228 106.74 -3.81 -20.55
C SER Q 228 107.57 -4.30 -19.38
N GLY Q 229 108.06 -3.35 -18.58
CA GLY Q 229 108.87 -3.65 -17.44
C GLY Q 229 108.06 -3.86 -16.18
N PRO Q 230 108.72 -3.80 -15.02
CA PRO Q 230 108.01 -4.00 -13.76
C PRO Q 230 106.99 -2.91 -13.55
N PRO Q 231 105.86 -3.23 -12.91
CA PRO Q 231 104.84 -2.20 -12.67
C PRO Q 231 105.29 -1.22 -11.62
N PRO Q 232 104.77 0.01 -11.64
CA PRO Q 232 105.07 0.95 -10.56
C PRO Q 232 104.55 0.45 -9.22
N GLU Q 233 105.29 0.77 -8.16
CA GLU Q 233 104.89 0.31 -6.83
C GLU Q 233 103.68 1.07 -6.32
N LEU Q 234 103.65 2.39 -6.50
CA LEU Q 234 102.55 3.22 -6.05
C LEU Q 234 102.06 4.09 -7.21
N MET Q 235 100.73 4.20 -7.32
CA MET Q 235 100.13 4.97 -8.39
C MET Q 235 99.87 6.39 -7.91
N PRO Q 236 100.45 7.42 -8.54
CA PRO Q 236 100.14 8.80 -8.15
C PRO Q 236 98.71 9.16 -8.52
N GLU Q 237 98.32 10.35 -8.08
CA GLU Q 237 96.97 10.87 -8.31
C GLU Q 237 97.01 11.97 -9.35
N VAL Q 238 96.02 11.97 -10.23
CA VAL Q 238 95.92 12.99 -11.28
C VAL Q 238 95.67 14.36 -10.68
N SER R 47 7.67 -41.21 58.29
CA SER R 47 7.13 -41.51 59.61
C SER R 47 5.61 -41.30 59.64
N ASN R 48 5.10 -40.56 58.66
CA ASN R 48 3.67 -40.29 58.56
C ASN R 48 2.98 -41.45 57.88
N GLU R 49 2.08 -42.11 58.61
CA GLU R 49 1.32 -43.24 58.07
C GLU R 49 0.00 -42.83 57.44
N ASP R 50 -0.31 -41.53 57.41
CA ASP R 50 -1.56 -41.04 56.86
C ASP R 50 -1.50 -40.82 55.36
N LEU R 51 -0.33 -40.92 54.74
CA LEU R 51 -0.22 -40.71 53.31
C LEU R 51 -0.87 -41.88 52.56
N PRO R 52 -1.47 -41.61 51.40
CA PRO R 52 -2.10 -42.69 50.64
C PRO R 52 -1.09 -43.68 50.08
N VAL R 53 -1.54 -44.92 49.94
CA VAL R 53 -0.68 -45.99 49.41
C VAL R 53 -0.95 -46.17 47.93
N PRO R 54 0.04 -46.56 47.13
CA PRO R 54 -0.16 -46.79 45.68
C PRO R 54 -0.81 -48.14 45.37
N MET R 55 -2.12 -48.19 45.52
CA MET R 55 -2.90 -49.40 45.27
C MET R 55 -3.93 -49.14 44.17
N GLU R 56 -4.40 -50.24 43.57
CA GLU R 56 -5.42 -50.14 42.54
C GLU R 56 -6.76 -49.74 43.15
N ASN R 57 -7.66 -49.30 42.29
CA ASN R 57 -8.96 -48.81 42.76
C ASN R 57 -9.78 -49.97 43.30
N PRO R 58 -10.20 -49.95 44.56
CA PRO R 58 -11.00 -51.06 45.10
C PRO R 58 -12.47 -51.01 44.71
N TYR R 59 -12.94 -49.90 44.16
CA TYR R 59 -14.34 -49.73 43.81
C TYR R 59 -14.61 -49.95 42.33
N LYS R 60 -13.74 -50.68 41.64
CA LYS R 60 -13.93 -50.96 40.22
C LYS R 60 -15.08 -51.95 40.06
N GLU R 61 -16.24 -51.44 39.67
CA GLU R 61 -17.38 -52.31 39.42
C GLU R 61 -17.09 -53.20 38.22
N PRO R 62 -17.47 -54.48 38.27
CA PRO R 62 -17.19 -55.39 37.16
C PRO R 62 -17.81 -54.90 35.86
N LEU R 63 -17.11 -55.14 34.76
CA LEU R 63 -17.55 -54.68 33.46
C LEU R 63 -18.85 -55.36 33.06
N LYS R 64 -19.69 -54.64 32.32
CA LYS R 64 -20.97 -55.17 31.90
C LYS R 64 -20.79 -56.34 30.95
N LYS R 65 -21.62 -57.37 31.14
CA LYS R 65 -21.61 -58.56 30.32
C LYS R 65 -22.70 -58.47 29.27
N CYS R 66 -22.37 -58.87 28.04
CA CYS R 66 -23.38 -58.91 26.99
C CYS R 66 -24.38 -60.03 27.26
N ILE R 67 -25.46 -60.04 26.49
CA ILE R 67 -26.54 -61.00 26.70
C ILE R 67 -26.03 -62.42 26.50
N LEU R 68 -25.24 -62.65 25.46
CA LEU R 68 -24.77 -63.98 25.10
C LEU R 68 -23.35 -64.25 25.60
N CYS R 69 -22.87 -63.51 26.59
CA CYS R 69 -21.51 -63.72 27.09
C CYS R 69 -21.40 -65.09 27.75
N GLU R 70 -20.26 -65.74 27.51
CA GLU R 70 -19.93 -67.05 28.07
C GLU R 70 -20.89 -68.14 27.61
N LYS R 71 -21.74 -67.83 26.62
CA LYS R 71 -22.67 -68.78 26.05
C LYS R 71 -22.23 -69.15 24.64
N HIS R 72 -22.54 -70.38 24.23
CA HIS R 72 -22.12 -70.91 22.95
C HIS R 72 -23.24 -70.77 21.94
N VAL R 73 -23.05 -69.85 20.98
CA VAL R 73 -24.00 -69.74 19.88
C VAL R 73 -23.81 -70.92 18.92
N ASP R 74 -24.85 -71.18 18.14
CA ASP R 74 -24.82 -72.32 17.23
C ASP R 74 -25.72 -72.01 16.03
N TYR R 75 -25.49 -72.73 14.94
CA TYR R 75 -26.31 -72.59 13.75
C TYR R 75 -27.48 -73.55 13.72
N LYS R 76 -27.63 -74.40 14.73
CA LYS R 76 -28.70 -75.38 14.75
C LYS R 76 -29.90 -74.95 15.58
N ASN R 77 -29.71 -74.11 16.59
CA ASN R 77 -30.82 -73.59 17.39
C ASN R 77 -31.36 -72.36 16.68
N VAL R 78 -32.48 -72.53 15.97
CA VAL R 78 -33.07 -71.42 15.24
C VAL R 78 -33.59 -70.36 16.19
N GLN R 79 -34.12 -70.77 17.35
CA GLN R 79 -34.74 -69.82 18.27
C GLN R 79 -33.76 -68.74 18.70
N LEU R 80 -32.54 -69.15 19.07
CA LEU R 80 -31.54 -68.18 19.48
C LEU R 80 -31.19 -67.23 18.35
N LEU R 81 -31.04 -67.75 17.14
CA LEU R 81 -30.70 -66.90 16.00
C LEU R 81 -31.89 -66.08 15.53
N SER R 82 -33.11 -66.58 15.73
CA SER R 82 -34.29 -65.88 15.23
C SER R 82 -34.65 -64.63 16.02
N GLN R 83 -34.21 -64.55 17.28
CA GLN R 83 -34.59 -63.40 18.11
C GLN R 83 -33.93 -62.11 17.66
N PHE R 84 -32.87 -62.19 16.86
CA PHE R 84 -32.15 -61.01 16.39
C PHE R 84 -32.47 -60.65 14.95
N ILE R 85 -33.62 -61.07 14.45
CA ILE R 85 -34.03 -60.81 13.07
C ILE R 85 -35.37 -60.10 13.08
N SER R 86 -35.49 -59.07 12.26
CA SER R 86 -36.74 -58.32 12.19
C SER R 86 -37.86 -59.21 11.64
N PRO R 87 -38.96 -59.36 12.36
CA PRO R 87 -39.98 -60.34 11.93
C PRO R 87 -40.67 -59.98 10.62
N PHE R 88 -40.74 -58.69 10.27
CA PHE R 88 -41.48 -58.31 9.08
C PHE R 88 -40.64 -58.43 7.81
N THR R 89 -39.37 -58.11 7.87
CA THR R 89 -38.52 -58.04 6.68
C THR R 89 -37.49 -59.15 6.61
N GLY R 90 -36.92 -59.55 7.73
CA GLY R 90 -35.86 -60.55 7.74
C GLY R 90 -34.47 -59.99 7.86
N CYS R 91 -34.32 -58.67 8.04
CA CYS R 91 -33.01 -58.08 8.19
C CYS R 91 -32.40 -58.45 9.54
N ILE R 92 -31.08 -58.29 9.64
CA ILE R 92 -30.34 -58.58 10.86
C ILE R 92 -30.05 -57.25 11.57
N TYR R 93 -30.41 -57.16 12.84
CA TYR R 93 -30.22 -55.95 13.60
C TYR R 93 -28.74 -55.68 13.85
N GLY R 94 -28.40 -54.41 13.97
CA GLY R 94 -27.04 -54.01 14.26
C GLY R 94 -26.75 -54.02 15.75
N ARG R 95 -25.56 -53.51 16.10
CA ARG R 95 -25.16 -53.44 17.50
C ARG R 95 -26.06 -52.50 18.28
N HIS R 96 -26.43 -51.35 17.69
CA HIS R 96 -27.22 -50.36 18.39
C HIS R 96 -28.63 -50.84 18.72
N ILE R 97 -29.07 -51.94 18.11
CA ILE R 97 -30.37 -52.53 18.42
C ILE R 97 -30.22 -53.83 19.18
N THR R 98 -29.31 -54.71 18.75
CA THR R 98 -29.12 -55.99 19.41
C THR R 98 -28.53 -55.80 20.80
N GLY R 99 -27.51 -54.96 20.93
CA GLY R 99 -26.84 -54.73 22.19
C GLY R 99 -25.73 -55.70 22.52
N LEU R 100 -25.48 -56.69 21.66
CA LEU R 100 -24.41 -57.64 21.92
C LEU R 100 -23.04 -56.97 21.76
N CYS R 101 -22.02 -57.64 22.28
CA CYS R 101 -20.65 -57.12 22.23
C CYS R 101 -20.07 -57.34 20.83
N GLY R 102 -18.79 -57.04 20.67
CA GLY R 102 -18.13 -57.21 19.40
C GLY R 102 -17.76 -58.63 19.03
N LYS R 103 -17.79 -59.55 19.99
CA LYS R 103 -17.43 -60.93 19.72
C LYS R 103 -18.64 -61.78 19.34
N LYS R 104 -19.74 -61.62 20.08
CA LYS R 104 -20.95 -62.40 19.83
C LYS R 104 -21.85 -61.78 18.77
N GLN R 105 -21.49 -60.61 18.23
CA GLN R 105 -22.24 -60.07 17.11
C GLN R 105 -21.81 -60.68 15.79
N LYS R 106 -20.49 -60.82 15.59
CA LYS R 106 -20.00 -61.47 14.38
C LYS R 106 -20.36 -62.94 14.36
N GLU R 107 -20.26 -63.62 15.51
CA GLU R 107 -20.58 -65.05 15.56
C GLU R 107 -22.06 -65.28 15.25
N ILE R 108 -22.94 -64.43 15.76
CA ILE R 108 -24.36 -64.53 15.43
C ILE R 108 -24.57 -64.31 13.94
N THR R 109 -23.90 -63.31 13.38
CA THR R 109 -24.04 -63.04 11.95
C THR R 109 -23.57 -64.22 11.11
N LYS R 110 -22.42 -64.80 11.47
CA LYS R 110 -21.94 -65.95 10.72
C LYS R 110 -22.81 -67.17 10.95
N ALA R 111 -23.30 -67.36 12.18
CA ALA R 111 -24.18 -68.50 12.46
C ALA R 111 -25.50 -68.39 11.72
N ILE R 112 -26.05 -67.17 11.62
CA ILE R 112 -27.32 -66.99 10.91
C ILE R 112 -27.14 -67.31 9.44
N LYS R 113 -26.10 -66.75 8.82
CA LYS R 113 -25.92 -66.93 7.38
C LYS R 113 -25.62 -68.39 7.03
N ARG R 114 -25.00 -69.13 7.94
CA ARG R 114 -24.81 -70.56 7.71
C ARG R 114 -26.15 -71.29 7.66
N ALA R 115 -27.08 -70.90 8.53
CA ALA R 115 -28.40 -71.54 8.52
C ALA R 115 -29.23 -71.11 7.32
N GLN R 116 -28.95 -69.95 6.74
CA GLN R 116 -29.71 -69.50 5.57
C GLN R 116 -29.51 -70.44 4.40
N ILE R 117 -28.26 -70.87 4.16
CA ILE R 117 -27.96 -71.68 2.99
C ILE R 117 -28.13 -73.16 3.27
N LEU R 118 -27.74 -73.62 4.46
CA LEU R 118 -27.84 -75.03 4.81
C LEU R 118 -29.28 -75.51 4.93
N GLY R 119 -30.25 -74.60 4.97
CA GLY R 119 -31.64 -74.99 5.01
C GLY R 119 -32.16 -75.27 6.41
N PHE R 120 -32.07 -74.28 7.29
CA PHE R 120 -32.56 -74.42 8.66
C PHE R 120 -33.48 -73.30 9.10
N MET R 121 -33.55 -72.18 8.38
CA MET R 121 -34.41 -71.08 8.78
C MET R 121 -34.75 -70.25 7.54
N PRO R 122 -35.90 -69.59 7.53
CA PRO R 122 -36.26 -68.76 6.37
C PRO R 122 -35.35 -67.55 6.26
N VAL R 123 -35.29 -67.02 5.03
CA VAL R 123 -34.39 -65.91 4.72
C VAL R 123 -35.11 -64.58 4.70
N THR R 124 -36.28 -64.50 4.07
CA THR R 124 -36.99 -63.25 3.88
C THR R 124 -38.01 -62.96 4.96
N TYR R 125 -38.13 -63.81 5.98
CA TYR R 125 -39.04 -63.55 7.07
C TYR R 125 -38.62 -64.38 8.28
N LYS R 126 -39.09 -63.96 9.45
CA LYS R 126 -38.87 -64.72 10.67
C LYS R 126 -39.82 -65.90 10.72
N ASP R 127 -39.31 -67.04 11.18
CA ASP R 127 -40.11 -68.25 11.26
C ASP R 127 -41.29 -68.01 12.20
N PRO R 128 -42.53 -68.17 11.73
CA PRO R 128 -43.68 -67.84 12.59
C PRO R 128 -43.79 -68.69 13.84
N ALA R 129 -43.18 -69.87 13.86
CA ALA R 129 -43.26 -70.70 15.06
C ALA R 129 -42.57 -70.06 16.25
N TYR R 130 -41.54 -69.25 16.00
CA TYR R 130 -40.78 -68.58 17.05
C TYR R 130 -41.12 -67.10 17.15
N LEU R 131 -42.34 -66.73 16.79
CA LEU R 131 -42.76 -65.34 16.84
C LEU R 131 -43.15 -64.89 18.24
N LYS R 132 -43.40 -65.83 19.16
CA LYS R 132 -43.84 -65.51 20.51
C LYS R 132 -42.72 -65.60 21.54
N ASP R 133 -41.46 -65.74 21.09
CA ASP R 133 -40.34 -65.80 22.02
C ASP R 133 -40.15 -64.44 22.70
N PRO R 134 -39.52 -64.43 23.87
CA PRO R 134 -39.30 -63.15 24.57
C PRO R 134 -38.47 -62.18 23.74
N LYS R 135 -38.83 -60.91 23.82
CA LYS R 135 -38.21 -59.86 23.03
C LYS R 135 -36.91 -59.40 23.70
N VAL R 136 -35.82 -59.44 22.96
CA VAL R 136 -34.54 -58.98 23.47
C VAL R 136 -34.06 -57.70 22.79
N CYS R 137 -34.48 -57.45 21.56
CA CYS R 137 -34.06 -56.24 20.85
C CYS R 137 -34.75 -55.01 21.44
N ASN R 138 -34.19 -53.84 21.14
CA ASN R 138 -34.66 -52.58 21.68
C ASN R 138 -35.40 -51.73 20.66
N ILE R 139 -35.86 -52.32 19.56
CA ILE R 139 -36.55 -51.57 18.51
C ILE R 139 -38.05 -51.77 18.66
N LYS R 140 -38.80 -50.67 18.53
CA LYS R 140 -40.25 -50.68 18.60
C LYS R 140 -40.84 -50.23 17.28
N TYR R 141 -41.73 -51.03 16.70
CA TYR R 141 -42.39 -50.69 15.45
C TYR R 141 -43.74 -50.00 15.67
N ARG R 142 -44.51 -50.47 16.64
CA ARG R 142 -45.84 -49.93 16.90
C ARG R 142 -45.74 -48.67 17.74
N GLU R 143 -46.37 -47.60 17.27
CA GLU R 143 -46.39 -46.33 18.00
C GLU R 143 -47.80 -45.76 18.06
N AYA S 2 -39.61 -66.06 -3.83
CA AYA S 2 -40.10 -66.97 -4.85
CB AYA S 2 -39.12 -67.05 -6.01
C AYA S 2 -40.35 -68.35 -4.31
O AYA S 2 -41.31 -69.02 -4.75
CT AYA S 2 -40.41 -65.53 -2.93
OT AYA S 2 -41.26 -66.19 -2.34
CM AYA S 2 -40.22 -64.07 -2.66
N ASN S 3 -39.52 -68.79 -3.37
CA ASN S 3 -39.64 -70.13 -2.82
C ASN S 3 -40.28 -70.14 -1.45
N HIS S 4 -40.25 -68.99 -0.78
CA HIS S 4 -40.83 -68.88 0.55
C HIS S 4 -42.35 -68.81 0.48
N LEU S 5 -42.98 -69.00 1.63
CA LEU S 5 -44.43 -68.87 1.71
C LEU S 5 -44.85 -67.42 1.49
N LYS S 6 -46.07 -67.24 1.00
CA LYS S 6 -46.57 -65.91 0.68
C LYS S 6 -47.34 -65.34 1.87
N PHE S 7 -47.48 -64.01 1.85
CA PHE S 7 -48.30 -63.27 2.83
C PHE S 7 -47.85 -63.50 4.26
N ILE S 8 -46.53 -63.57 4.46
CA ILE S 8 -45.95 -63.61 5.79
C ILE S 8 -45.00 -62.44 6.04
N ALA S 9 -44.15 -62.13 5.06
CA ALA S 9 -43.15 -61.08 5.20
C ALA S 9 -43.70 -59.75 4.72
N ARG S 10 -43.38 -58.68 5.45
CA ARG S 10 -43.78 -57.32 5.11
C ARG S 10 -45.30 -57.22 4.94
N THR S 11 -46.04 -57.80 5.88
CA THR S 11 -47.49 -57.83 5.85
C THR S 11 -48.05 -57.30 7.15
N VAL S 12 -49.09 -56.46 7.04
CA VAL S 12 -49.84 -55.97 8.19
C VAL S 12 -51.32 -56.19 7.91
N MET S 13 -52.09 -56.25 8.99
CA MET S 13 -53.54 -56.43 8.91
C MET S 13 -54.25 -55.22 9.48
N VAL S 14 -55.29 -54.76 8.78
CA VAL S 14 -56.04 -53.60 9.24
C VAL S 14 -56.90 -53.97 10.44
N GLN S 15 -57.22 -52.98 11.26
CA GLN S 15 -58.06 -53.16 12.43
C GLN S 15 -59.19 -52.14 12.40
N GLU S 16 -60.39 -52.58 12.79
CA GLU S 16 -61.58 -51.75 12.88
C GLU S 16 -61.97 -51.12 11.56
N GLY S 17 -61.39 -51.55 10.45
CA GLY S 17 -61.83 -51.14 9.14
C GLY S 17 -61.19 -49.91 8.55
N ASN S 18 -60.08 -49.44 9.10
CA ASN S 18 -59.35 -48.32 8.52
C ASN S 18 -58.10 -48.84 7.81
N VAL S 19 -57.74 -48.21 6.70
CA VAL S 19 -56.62 -48.64 5.90
C VAL S 19 -55.48 -47.62 5.87
N GLU S 20 -55.78 -46.34 6.07
CA GLU S 20 -54.72 -45.33 6.10
C GLU S 20 -53.80 -45.55 7.28
N GLY S 21 -54.36 -45.91 8.45
CA GLY S 21 -53.53 -46.19 9.60
C GLY S 21 -52.64 -47.41 9.43
N ALA S 22 -53.18 -48.47 8.83
CA ALA S 22 -52.39 -49.68 8.60
C ALA S 22 -51.25 -49.42 7.63
N TYR S 23 -51.49 -48.62 6.60
CA TYR S 23 -50.45 -48.34 5.62
C TYR S 23 -49.28 -47.59 6.25
N ARG S 24 -49.58 -46.61 7.12
CA ARG S 24 -48.51 -45.86 7.77
C ARG S 24 -47.68 -46.76 8.68
N THR S 25 -48.32 -47.76 9.30
CA THR S 25 -47.56 -48.73 10.09
C THR S 25 -46.59 -49.51 9.22
N LEU S 26 -47.02 -49.87 8.02
CA LEU S 26 -46.13 -50.59 7.10
C LEU S 26 -44.93 -49.74 6.71
N ASN S 27 -45.15 -48.44 6.45
CA ASN S 27 -44.05 -47.57 6.05
C ASN S 27 -43.03 -47.41 7.17
N ARG S 28 -43.49 -47.28 8.42
CA ARG S 28 -42.55 -47.21 9.53
C ARG S 28 -41.73 -48.48 9.65
N ILE S 29 -42.30 -49.63 9.28
CA ILE S 29 -41.57 -50.88 9.32
C ILE S 29 -40.43 -50.85 8.29
N LEU S 30 -40.72 -50.38 7.08
CA LEU S 30 -39.69 -50.34 6.04
C LEU S 30 -38.67 -49.26 6.30
N THR S 31 -39.11 -48.09 6.78
CA THR S 31 -38.17 -47.00 7.03
C THR S 31 -37.19 -47.36 8.14
N MET S 32 -37.67 -48.00 9.20
CA MET S 32 -36.77 -48.41 10.28
C MET S 32 -35.77 -49.46 9.80
N ASP S 33 -36.21 -50.39 8.96
CA ASP S 33 -35.31 -51.39 8.39
C ASP S 33 -34.52 -50.86 7.20
N GLY S 34 -34.79 -49.64 6.76
CA GLY S 34 -33.99 -49.02 5.72
C GLY S 34 -34.27 -49.46 4.31
N LEU S 35 -35.37 -50.17 4.07
CA LEU S 35 -35.68 -50.63 2.71
C LEU S 35 -36.08 -49.48 1.81
N ILE S 36 -36.78 -48.48 2.35
CA ILE S 36 -37.28 -47.39 1.52
C ILE S 36 -36.12 -46.62 0.89
N GLU S 37 -35.10 -46.30 1.68
CA GLU S 37 -33.92 -45.66 1.12
C GLU S 37 -33.16 -46.60 0.20
N ASP S 38 -33.16 -47.90 0.50
CA ASP S 38 -32.45 -48.86 -0.34
C ASP S 38 -33.07 -48.94 -1.73
N ILE S 39 -34.40 -48.95 -1.82
CA ILE S 39 -35.06 -48.98 -3.11
C ILE S 39 -34.77 -47.70 -3.89
N LYS S 40 -34.67 -46.57 -3.19
CA LYS S 40 -34.34 -45.32 -3.86
C LYS S 40 -32.96 -45.38 -4.51
N ARG S 41 -31.99 -45.97 -3.81
CA ARG S 41 -30.63 -46.03 -4.31
C ARG S 41 -30.41 -47.11 -5.35
N ARG S 42 -31.33 -48.06 -5.49
CA ARG S 42 -31.21 -49.12 -6.49
C ARG S 42 -31.94 -48.81 -7.78
N ARG S 43 -32.60 -47.65 -7.87
CA ARG S 43 -33.22 -47.26 -9.13
C ARG S 43 -32.17 -47.03 -10.21
N TYR S 44 -31.06 -46.40 -9.84
CA TYR S 44 -29.88 -46.28 -10.68
C TYR S 44 -28.71 -46.95 -9.97
N TYR S 45 -27.56 -47.01 -10.64
CA TYR S 45 -26.39 -47.66 -10.11
C TYR S 45 -25.37 -46.62 -9.67
N GLU S 46 -24.83 -46.79 -8.47
CA GLU S 46 -23.77 -45.95 -7.94
C GLU S 46 -22.47 -46.75 -7.96
N LYS S 47 -21.41 -46.14 -8.48
CA LYS S 47 -20.13 -46.81 -8.54
C LYS S 47 -19.58 -47.01 -7.13
N PRO S 48 -18.72 -48.01 -6.93
CA PRO S 48 -18.16 -48.23 -5.59
C PRO S 48 -17.39 -47.03 -5.07
N CYS S 49 -16.87 -46.18 -5.95
CA CYS S 49 -16.25 -44.93 -5.50
C CYS S 49 -17.27 -44.04 -4.79
N ARG S 50 -18.49 -43.96 -5.33
CA ARG S 50 -19.52 -43.14 -4.71
C ARG S 50 -20.08 -43.81 -3.46
N ARG S 51 -20.13 -45.14 -3.42
CA ARG S 51 -20.70 -45.83 -2.28
C ARG S 51 -19.89 -45.58 -1.01
N ARG S 52 -18.56 -45.63 -1.11
CA ARG S 52 -17.74 -45.38 0.07
C ARG S 52 -17.77 -43.90 0.45
N GLN S 53 -17.82 -43.00 -0.53
CA GLN S 53 -17.93 -41.58 -0.21
C GLN S 53 -19.28 -41.26 0.41
N ARG S 54 -20.31 -42.05 0.11
CA ARG S 54 -21.59 -41.86 0.78
C ARG S 54 -21.58 -42.40 2.20
N GLU S 55 -20.87 -43.49 2.45
CA GLU S 55 -20.78 -44.05 3.79
C GLU S 55 -19.81 -43.30 4.68
N SER S 56 -18.98 -42.43 4.12
CA SER S 56 -18.13 -41.56 4.92
C SER S 56 -18.81 -40.24 5.26
N TYR S 57 -19.89 -39.90 4.58
CA TYR S 57 -20.71 -38.75 4.95
C TYR S 57 -21.87 -39.14 5.85
N GLU S 58 -22.43 -40.34 5.66
CA GLU S 58 -23.48 -40.83 6.54
C GLU S 58 -22.94 -41.10 7.94
N THR S 59 -21.75 -41.70 8.03
CA THR S 59 -21.17 -42.00 9.34
C THR S 59 -20.76 -40.73 10.07
N CYS S 60 -20.16 -39.78 9.37
CA CYS S 60 -19.75 -38.53 10.00
C CYS S 60 -20.94 -37.76 10.54
N ARG S 61 -22.02 -37.69 9.77
CA ARG S 61 -23.22 -37.01 10.25
C ARG S 61 -23.79 -37.70 11.48
N ARG S 62 -23.80 -39.04 11.47
CA ARG S 62 -24.32 -39.78 12.61
C ARG S 62 -23.48 -39.58 13.87
N ILE S 63 -22.21 -39.24 13.72
CA ILE S 63 -21.38 -38.97 14.90
C ILE S 63 -21.62 -37.57 15.42
N TYR S 64 -21.61 -36.56 14.54
CA TYR S 64 -21.85 -35.20 14.98
C TYR S 64 -23.24 -35.02 15.55
N ASN S 65 -24.25 -35.59 14.88
CA ASN S 65 -25.62 -35.42 15.36
C ASN S 65 -25.83 -36.09 16.71
N MET S 66 -25.32 -37.31 16.87
CA MET S 66 -25.51 -38.02 18.13
C MET S 66 -24.63 -37.48 19.25
N GLU S 67 -23.62 -36.67 18.93
CA GLU S 67 -22.83 -36.02 19.96
C GLU S 67 -23.40 -34.67 20.36
N MET S 68 -23.84 -33.87 19.38
CA MET S 68 -24.55 -32.64 19.70
C MET S 68 -25.85 -32.93 20.43
N ALA S 69 -26.49 -34.06 20.12
CA ALA S 69 -27.70 -34.44 20.83
C ALA S 69 -27.42 -34.69 22.31
N ARG S 70 -26.31 -35.35 22.61
CA ARG S 70 -25.99 -35.62 24.02
C ARG S 70 -25.73 -34.33 24.79
N LYS S 71 -25.02 -33.39 24.17
CA LYS S 71 -24.74 -32.12 24.84
C LYS S 71 -26.02 -31.36 25.14
N ILE S 72 -26.99 -31.39 24.21
CA ILE S 72 -28.26 -30.72 24.44
C ILE S 72 -28.98 -31.33 25.64
N ASN S 73 -29.04 -32.66 25.69
CA ASN S 73 -29.67 -33.32 26.83
C ASN S 73 -28.89 -33.07 28.11
N PHE S 74 -27.57 -33.07 28.04
CA PHE S 74 -26.75 -32.85 29.23
C PHE S 74 -26.95 -31.44 29.79
N LEU S 75 -27.03 -30.44 28.91
CA LEU S 75 -27.22 -29.06 29.32
C LEU S 75 -28.69 -28.66 29.39
N MET S 76 -29.61 -29.61 29.20
CA MET S 76 -31.03 -29.27 29.19
C MET S 76 -31.51 -28.76 30.55
N ARG S 77 -30.96 -29.30 31.63
CA ARG S 77 -31.42 -28.88 32.96
C ARG S 77 -31.05 -27.44 33.26
N LYS S 78 -30.05 -26.88 32.58
CA LYS S 78 -29.67 -25.49 32.82
C LYS S 78 -30.51 -24.54 31.99
N ASN S 79 -31.84 -24.67 32.08
CA ASN S 79 -32.75 -23.78 31.37
C ASN S 79 -33.81 -23.20 32.29
N ARG S 80 -33.73 -23.46 33.59
CA ARG S 80 -34.65 -22.86 34.54
C ARG S 80 -34.41 -21.37 34.65
N ALA S 81 -35.38 -20.67 35.24
CA ALA S 81 -35.24 -19.23 35.43
C ALA S 81 -34.03 -18.94 36.30
N ASP S 82 -33.21 -17.99 35.87
CA ASP S 82 -31.98 -17.68 36.59
C ASP S 82 -32.32 -17.09 37.95
N PRO S 83 -31.81 -17.66 39.04
CA PRO S 83 -32.15 -17.14 40.37
C PRO S 83 -31.37 -15.89 40.75
N TRP S 84 -30.39 -15.48 39.96
CA TRP S 84 -29.56 -14.33 40.27
C TRP S 84 -29.71 -13.23 39.22
N GLN S 85 -30.95 -12.98 38.81
CA GLN S 85 -31.20 -11.95 37.81
C GLN S 85 -30.93 -10.57 38.41
N GLY S 86 -30.17 -9.76 37.69
CA GLY S 86 -29.81 -8.44 38.19
C GLY S 86 -29.00 -8.48 39.46
N CYS S 87 -28.09 -9.44 39.58
CA CYS S 87 -27.29 -9.59 40.79
C CYS S 87 -26.11 -8.63 40.81
N ARG T 88 86.87 -13.52 44.43
CA ARG T 88 85.45 -13.84 44.27
C ARG T 88 84.61 -12.57 44.38
N LYS T 89 84.62 -11.76 43.33
CA LYS T 89 83.78 -10.57 43.30
C LYS T 89 82.34 -10.94 43.01
N PRO T 90 81.39 -10.18 43.54
CA PRO T 90 79.97 -10.47 43.27
C PRO T 90 79.65 -10.31 41.79
N THR T 91 78.74 -11.16 41.31
CA THR T 91 78.28 -11.10 39.93
C THR T 91 76.75 -11.11 39.91
N PHE T 92 76.20 -10.58 38.81
CA PHE T 92 74.76 -10.41 38.71
C PHE T 92 74.01 -11.74 38.64
N MET T 93 74.67 -12.83 38.26
CA MET T 93 74.02 -14.12 38.12
C MET T 93 74.10 -14.98 39.37
N ASP T 94 74.68 -14.46 40.46
CA ASP T 94 74.76 -15.22 41.69
C ASP T 94 73.37 -15.47 42.27
N GLU T 95 73.22 -16.62 42.93
CA GLU T 95 71.93 -16.94 43.54
C GLU T 95 71.58 -15.99 44.67
N GLU T 96 72.57 -15.49 45.40
CA GLU T 96 72.30 -14.58 46.51
C GLU T 96 71.70 -13.27 46.01
N VAL T 97 72.32 -12.66 45.00
CA VAL T 97 71.81 -11.38 44.50
C VAL T 97 70.49 -11.57 43.77
N GLN T 98 70.34 -12.67 43.03
CA GLN T 98 69.11 -12.91 42.29
C GLN T 98 67.92 -13.06 43.25
N ASN T 99 68.09 -13.84 44.31
CA ASN T 99 67.00 -14.01 45.28
C ASN T 99 66.65 -12.71 45.98
N ILE T 100 67.66 -11.87 46.26
CA ILE T 100 67.39 -10.58 46.87
C ILE T 100 66.57 -9.70 45.92
N LEU T 101 66.96 -9.66 44.64
CA LEU T 101 66.27 -8.81 43.68
C LEU T 101 64.91 -9.37 43.27
N ILE T 102 64.72 -10.69 43.34
CA ILE T 102 63.43 -11.27 42.97
C ILE T 102 62.34 -10.79 43.91
N LYS T 103 62.60 -10.81 45.21
CA LYS T 103 61.63 -10.28 46.17
C LYS T 103 61.74 -8.77 46.33
N MET T 104 62.78 -8.15 45.79
CA MET T 104 62.89 -6.69 45.84
C MET T 104 61.89 -6.03 44.90
N THR T 105 61.75 -6.57 43.69
CA THR T 105 60.85 -5.96 42.71
C THR T 105 59.38 -6.24 43.01
N GLY T 106 59.08 -7.28 43.77
CA GLY T 106 57.71 -7.61 44.06
C GLY T 106 57.04 -8.35 42.91
N LEU T 107 55.71 -8.43 43.00
CA LEU T 107 54.92 -9.14 42.00
C LEU T 107 53.51 -8.55 42.00
N ASP T 108 53.20 -7.74 40.99
CA ASP T 108 51.88 -7.14 40.83
C ASP T 108 51.27 -7.69 39.55
N LEU T 109 50.28 -8.58 39.69
CA LEU T 109 49.72 -9.25 38.54
C LEU T 109 49.01 -8.27 37.60
N GLN T 110 48.33 -7.27 38.16
CA GLN T 110 47.61 -6.31 37.33
C GLN T 110 48.56 -5.51 36.45
N LYS T 111 49.69 -5.06 37.00
CA LYS T 111 50.61 -4.23 36.22
C LYS T 111 51.43 -5.05 35.25
N ILE T 112 51.85 -6.27 35.64
CA ILE T 112 52.67 -7.07 34.75
C ILE T 112 51.87 -7.57 33.56
N PHE T 113 50.57 -7.83 33.74
CA PHE T 113 49.68 -8.24 32.68
C PHE T 113 48.75 -7.07 32.39
N LYS T 114 49.21 -6.16 31.55
CA LYS T 114 48.43 -4.99 31.16
C LYS T 114 47.97 -5.15 29.72
N PRO T 115 46.67 -4.91 29.44
CA PRO T 115 46.19 -5.06 28.05
C PRO T 115 46.93 -4.14 27.09
N ALA T 116 47.64 -4.73 26.13
CA ALA T 116 48.43 -3.99 25.18
C ALA T 116 47.59 -3.58 23.98
N LEU T 117 48.09 -2.59 23.23
CA LEU T 117 47.40 -2.07 22.05
C LEU T 117 47.71 -2.96 20.85
N GLN T 118 47.02 -4.09 20.80
CA GLN T 118 47.21 -5.04 19.70
C GLN T 118 45.88 -5.43 19.08
N GLU T 119 45.87 -6.47 18.25
CA GLU T 119 44.64 -6.96 17.63
C GLU T 119 43.83 -7.68 18.69
N LEU T 120 42.82 -7.00 19.23
CA LEU T 120 42.00 -7.57 20.28
C LEU T 120 41.09 -8.67 19.73
N LYS T 121 40.99 -9.77 20.45
CA LYS T 121 40.09 -10.87 20.11
C LYS T 121 39.08 -11.10 21.23
N PRO T 122 37.93 -11.69 20.93
CA PRO T 122 36.90 -11.90 21.96
C PRO T 122 37.41 -12.81 23.06
N PRO T 123 37.04 -12.54 24.31
CA PRO T 123 37.54 -13.33 25.42
C PRO T 123 36.85 -14.69 25.52
N THR T 124 37.51 -15.60 26.23
CA THR T 124 37.00 -16.95 26.46
C THR T 124 36.61 -17.10 27.92
N TYR T 125 35.41 -17.62 28.17
CA TYR T 125 34.87 -17.77 29.51
C TYR T 125 34.77 -19.26 29.86
N LYS T 126 34.98 -19.56 31.14
CA LYS T 126 34.85 -20.93 31.63
C LYS T 126 34.48 -20.90 33.10
N LEU T 127 33.91 -22.01 33.57
CA LEU T 127 33.46 -22.13 34.95
C LEU T 127 34.53 -22.81 35.79
N MET T 128 34.87 -22.20 36.92
CA MET T 128 35.87 -22.73 37.83
C MET T 128 35.34 -22.68 39.26
N THR T 129 35.77 -23.65 40.06
CA THR T 129 35.49 -23.66 41.49
C THR T 129 36.52 -22.81 42.23
N GLN T 130 36.38 -22.74 43.55
CA GLN T 130 37.36 -22.01 44.35
C GLN T 130 38.74 -22.66 44.26
N ALA T 131 38.79 -24.00 44.32
CA ALA T 131 40.07 -24.69 44.25
C ALA T 131 40.75 -24.46 42.90
N GLN T 132 39.98 -24.51 41.82
CA GLN T 132 40.56 -24.31 40.49
C GLN T 132 41.03 -22.88 40.29
N LEU T 133 40.39 -21.91 40.95
CA LEU T 133 40.79 -20.52 40.81
C LEU T 133 42.21 -20.31 41.31
N GLU T 134 42.56 -20.92 42.45
CA GLU T 134 43.93 -20.82 42.96
C GLU T 134 44.92 -21.48 42.00
N GLU T 135 44.52 -22.60 41.40
CA GLU T 135 45.39 -23.24 40.40
C GLU T 135 45.63 -22.32 39.21
N ALA T 136 44.57 -21.64 38.75
CA ALA T 136 44.73 -20.68 37.67
C ALA T 136 45.62 -19.51 38.10
N THR T 137 45.44 -19.05 39.33
CA THR T 137 46.25 -17.94 39.83
C THR T 137 47.72 -18.31 39.92
N LYS T 138 48.03 -19.51 40.43
CA LYS T 138 49.43 -19.90 40.60
C LYS T 138 50.10 -20.15 39.26
N GLN T 139 49.35 -20.57 38.25
CA GLN T 139 49.92 -20.69 36.91
C GLN T 139 50.31 -19.33 36.37
N ALA T 140 49.50 -18.30 36.64
CA ALA T 140 49.85 -16.94 36.24
C ALA T 140 51.10 -16.46 36.96
N VAL T 141 51.27 -16.86 38.22
CA VAL T 141 52.47 -16.48 38.96
C VAL T 141 53.71 -17.07 38.31
N GLU T 142 53.65 -18.36 37.94
CA GLU T 142 54.77 -18.98 37.27
C GLU T 142 55.05 -18.33 35.92
N ALA T 143 53.99 -18.02 35.16
CA ALA T 143 54.16 -17.30 33.91
C ALA T 143 54.72 -15.90 34.14
N ALA T 144 54.32 -15.26 35.24
CA ALA T 144 54.86 -13.95 35.57
C ALA T 144 56.36 -14.02 35.87
N LYS T 145 56.79 -15.07 36.59
CA LYS T 145 58.20 -15.21 36.92
C LYS T 145 59.05 -15.37 35.66
N VAL T 146 58.58 -16.18 34.70
CA VAL T 146 59.30 -16.34 33.45
C VAL T 146 59.32 -15.02 32.68
N ARG T 147 58.23 -14.26 32.74
CA ARG T 147 58.18 -12.98 32.07
C ARG T 147 59.05 -11.93 32.77
N LEU T 148 59.50 -12.20 33.99
CA LEU T 148 60.32 -11.27 34.77
C LEU T 148 61.80 -11.63 34.74
N LYS T 149 62.23 -12.44 33.78
CA LYS T 149 63.64 -12.75 33.64
C LYS T 149 64.43 -11.48 33.33
N MET T 150 65.24 -11.03 34.28
CA MET T 150 65.97 -9.79 34.09
C MET T 150 67.00 -9.94 32.97
N PRO T 151 67.12 -8.95 32.08
CA PRO T 151 68.11 -9.05 31.02
C PRO T 151 69.51 -9.02 31.59
N PRO T 152 70.46 -9.75 30.99
CA PRO T 152 71.82 -9.73 31.50
C PRO T 152 72.46 -8.35 31.35
N VAL T 153 73.35 -8.03 32.29
CA VAL T 153 74.10 -6.79 32.30
C VAL T 153 75.58 -7.13 32.31
N LEU T 154 76.33 -6.53 31.40
CA LEU T 154 77.76 -6.80 31.26
C LEU T 154 78.50 -5.47 31.14
N GLU T 155 79.82 -5.56 31.10
CA GLU T 155 80.67 -4.39 30.94
C GLU T 155 80.86 -4.08 29.46
N GLU T 156 81.52 -2.96 29.17
CA GLU T 156 81.72 -2.54 27.80
C GLU T 156 82.63 -3.51 27.07
N ARG T 157 82.28 -3.83 25.83
CA ARG T 157 83.04 -4.77 25.02
C ARG T 157 84.29 -4.11 24.44
N ALA T 158 85.35 -4.89 24.35
CA ALA T 158 86.61 -4.39 23.81
C ALA T 158 86.52 -4.29 22.28
N PRO T 159 87.01 -3.19 21.70
CA PRO T 159 86.97 -3.06 20.25
C PRO T 159 87.84 -4.09 19.55
N ILE T 160 87.44 -4.44 18.33
CA ILE T 160 88.13 -5.43 17.52
C ILE T 160 89.03 -4.69 16.53
N ASN T 161 90.33 -4.94 16.62
CA ASN T 161 91.32 -4.38 15.69
C ASN T 161 92.27 -5.52 15.32
N ASP T 162 91.90 -6.27 14.28
CA ASP T 162 92.70 -7.40 13.82
C ASP T 162 92.81 -7.35 12.31
N VAL T 163 94.02 -7.57 11.79
CA VAL T 163 94.29 -7.55 10.36
C VAL T 163 94.73 -8.96 9.98
N LEU T 164 93.92 -9.63 9.15
CA LEU T 164 94.26 -10.99 8.73
C LEU T 164 95.35 -11.00 7.66
N ALA T 165 95.34 -10.03 6.74
CA ALA T 165 96.33 -9.97 5.68
C ALA T 165 96.32 -8.58 5.07
N GLU T 166 97.44 -8.19 4.48
CA GLU T 166 97.58 -6.92 3.78
C GLU T 166 98.05 -7.21 2.36
N ASP T 167 97.39 -6.60 1.38
CA ASP T 167 97.73 -6.77 -0.03
C ASP T 167 97.86 -5.39 -0.64
N LYS T 168 99.11 -4.98 -0.90
CA LYS T 168 99.37 -3.65 -1.46
C LYS T 168 99.18 -3.60 -2.98
N ILE T 169 98.94 -4.73 -3.63
CA ILE T 169 98.74 -4.73 -5.07
C ILE T 169 97.36 -4.23 -5.46
N LEU T 170 96.40 -4.26 -4.55
CA LEU T 170 95.02 -3.81 -4.80
C LEU T 170 94.74 -2.46 -4.17
N GLU T 171 95.72 -1.55 -4.17
CA GLU T 171 95.57 -0.28 -3.49
C GLU T 171 94.45 0.56 -4.11
N GLY T 172 94.39 0.61 -5.43
CA GLY T 172 93.41 1.47 -6.10
C GLY T 172 92.56 0.75 -7.11
N THR T 173 92.38 -0.56 -6.95
CA THR T 173 91.57 -1.33 -7.90
C THR T 173 90.09 -1.05 -7.72
N GLU T 174 89.62 -0.94 -6.48
CA GLU T 174 88.23 -0.67 -6.19
C GLU T 174 88.11 0.52 -5.24
N THR T 175 86.95 1.17 -5.28
CA THR T 175 86.69 2.34 -4.45
C THR T 175 85.92 2.01 -3.18
N ALA T 176 84.98 1.07 -3.25
CA ALA T 176 84.20 0.66 -2.08
C ALA T 176 84.91 -0.49 -1.37
N LYS T 177 84.33 -0.93 -0.25
CA LYS T 177 84.89 -2.01 0.55
C LYS T 177 83.88 -3.15 0.65
N TYR T 178 84.38 -4.38 0.53
CA TYR T 178 83.54 -5.56 0.56
C TYR T 178 83.42 -6.09 1.99
N VAL T 179 82.21 -6.52 2.35
CA VAL T 179 81.93 -7.10 3.65
C VAL T 179 81.44 -8.51 3.44
N PHE T 180 82.16 -9.48 3.99
CA PHE T 180 81.84 -10.89 3.84
C PHE T 180 81.34 -11.44 5.16
N THR T 181 80.16 -12.06 5.12
CA THR T 181 79.55 -12.64 6.32
C THR T 181 79.32 -14.13 6.09
N ASP T 182 79.83 -14.95 7.00
CA ASP T 182 79.56 -16.38 6.96
C ASP T 182 78.18 -16.64 7.53
N ILE T 183 77.30 -17.24 6.72
CA ILE T 183 75.93 -17.51 7.10
C ILE T 183 75.72 -19.01 7.15
N SER T 184 75.18 -19.50 8.26
CA SER T 184 74.84 -20.90 8.45
C SER T 184 73.98 -21.01 9.70
N TYR T 185 72.90 -21.77 9.60
CA TYR T 185 71.94 -21.85 10.70
C TYR T 185 72.51 -22.54 11.93
N SER T 186 73.59 -23.30 11.77
CA SER T 186 74.16 -24.08 12.88
C SER T 186 75.17 -23.30 13.71
N ILE T 187 75.80 -22.28 13.15
CA ILE T 187 76.86 -21.55 13.85
C ILE T 187 76.24 -20.43 14.69
N PRO T 188 76.54 -20.37 15.98
CA PRO T 188 76.03 -19.27 16.82
C PRO T 188 76.58 -17.93 16.36
N HIS T 189 75.78 -16.89 16.56
CA HIS T 189 76.12 -15.57 16.04
C HIS T 189 77.39 -15.00 16.66
N ARG T 190 77.81 -15.50 17.82
CA ARG T 190 79.03 -15.02 18.45
C ARG T 190 80.29 -15.60 17.82
N GLU T 191 80.16 -16.60 16.96
CA GLU T 191 81.31 -17.25 16.34
C GLU T 191 81.41 -17.03 14.84
N ARG T 192 80.50 -16.26 14.25
CA ARG T 192 80.54 -16.04 12.80
C ARG T 192 81.72 -15.15 12.43
N PHE T 193 82.22 -15.34 11.22
CA PHE T 193 83.32 -14.54 10.68
C PHE T 193 82.76 -13.43 9.81
N ILE T 194 83.01 -12.19 10.21
CA ILE T 194 82.64 -11.02 9.42
C ILE T 194 83.93 -10.30 9.08
N VAL T 195 84.33 -10.35 7.82
CA VAL T 195 85.63 -9.87 7.37
C VAL T 195 85.43 -8.82 6.29
N VAL T 196 86.14 -7.71 6.40
CA VAL T 196 85.98 -6.56 5.52
C VAL T 196 87.25 -6.36 4.71
N ARG T 197 87.09 -6.17 3.41
CA ARG T 197 88.20 -5.84 2.51
C ARG T 197 88.20 -4.33 2.28
N GLU T 198 89.06 -3.62 3.00
CA GLU T 198 89.17 -2.18 2.80
C GLU T 198 89.78 -1.88 1.43
N PRO T 199 89.47 -0.71 0.85
CA PRO T 199 90.02 -0.39 -0.48
C PRO T 199 91.54 -0.33 -0.51
N SER T 200 92.20 -0.15 0.63
CA SER T 200 93.66 -0.17 0.67
C SER T 200 94.22 -1.57 0.46
N GLY T 201 93.39 -2.60 0.48
CA GLY T 201 93.85 -3.95 0.30
C GLY T 201 94.10 -4.75 1.56
N THR T 202 93.63 -4.28 2.71
CA THR T 202 93.86 -4.93 3.99
C THR T 202 92.64 -5.77 4.36
N LEU T 203 92.86 -7.06 4.56
CA LEU T 203 91.79 -7.99 4.96
C LEU T 203 91.70 -7.98 6.47
N ARG T 204 90.71 -7.25 7.00
CA ARG T 204 90.57 -7.06 8.44
C ARG T 204 89.17 -7.46 8.89
N LYS T 205 89.07 -7.84 10.16
CA LYS T 205 87.78 -8.18 10.74
C LYS T 205 86.91 -6.94 10.91
N ALA T 206 85.60 -7.15 10.91
CA ALA T 206 84.67 -6.05 11.03
C ALA T 206 84.54 -5.60 12.49
N SER T 207 84.40 -4.30 12.67
CA SER T 207 84.20 -3.75 14.00
C SER T 207 82.82 -4.12 14.52
N TRP T 208 82.62 -3.92 15.83
CA TRP T 208 81.36 -4.31 16.46
C TRP T 208 80.18 -3.55 15.88
N GLU T 209 80.38 -2.27 15.56
CA GLU T 209 79.28 -1.45 15.03
C GLU T 209 78.75 -2.02 13.72
N GLU T 210 79.64 -2.41 12.82
CA GLU T 210 79.20 -2.99 11.55
C GLU T 210 78.91 -4.47 11.66
N ARG T 211 79.56 -5.18 12.60
CA ARG T 211 79.30 -6.61 12.75
C ARG T 211 77.85 -6.87 13.16
N ASP T 212 77.33 -6.07 14.10
CA ASP T 212 75.94 -6.26 14.51
C ASP T 212 74.97 -5.86 13.41
N ARG T 213 75.32 -4.86 12.60
CA ARG T 213 74.45 -4.48 11.49
C ARG T 213 74.37 -5.59 10.45
N MET T 214 75.49 -6.22 10.13
CA MET T 214 75.49 -7.29 9.12
C MET T 214 74.67 -8.48 9.58
N ILE T 215 74.77 -8.84 10.86
CA ILE T 215 74.02 -9.98 11.38
C ILE T 215 72.52 -9.74 11.27
N GLN T 216 72.09 -8.52 11.57
CA GLN T 216 70.66 -8.20 11.47
C GLN T 216 70.18 -8.27 10.02
N VAL T 217 71.00 -7.83 9.08
CA VAL T 217 70.57 -7.80 7.68
C VAL T 217 70.28 -9.21 7.17
N TYR T 218 71.18 -10.15 7.44
CA TYR T 218 71.01 -11.51 6.94
C TYR T 218 70.25 -12.42 7.90
N PHE T 219 70.03 -12.00 9.15
CA PHE T 219 69.24 -12.76 10.11
C PHE T 219 68.25 -11.81 10.78
N PRO T 220 67.25 -11.35 10.05
CA PRO T 220 66.33 -10.35 10.61
C PRO T 220 65.49 -10.92 11.74
N ARG T 221 65.13 -10.06 12.68
CA ARG T 221 64.24 -10.42 13.77
C ARG T 221 63.46 -9.19 14.20
N GLU T 222 62.38 -9.43 14.95
CA GLU T 222 61.45 -8.37 15.29
C GLU T 222 62.10 -7.31 16.16
N GLY T 223 61.80 -6.05 15.86
CA GLY T 223 62.17 -4.94 16.71
C GLY T 223 63.52 -4.33 16.45
N ARG T 224 64.35 -4.93 15.59
CA ARG T 224 65.70 -4.45 15.35
C ARG T 224 65.76 -3.70 14.03
N ARG T 225 66.12 -2.42 14.09
CA ARG T 225 66.34 -1.62 12.90
C ARG T 225 67.79 -1.76 12.44
N ILE T 226 67.98 -1.78 11.12
CA ILE T 226 69.33 -1.90 10.57
C ILE T 226 70.14 -0.66 10.88
N LEU T 227 69.56 0.51 10.61
CA LEU T 227 70.18 1.78 10.98
C LEU T 227 69.74 2.19 12.38
N THR T 228 70.52 3.07 12.99
CA THR T 228 70.21 3.54 14.34
C THR T 228 68.95 4.39 14.30
N PRO T 229 67.90 4.03 15.04
CA PRO T 229 66.67 4.83 15.02
C PRO T 229 66.91 6.21 15.61
N VAL T 230 66.13 7.18 15.12
CA VAL T 230 66.19 8.54 15.62
C VAL T 230 65.64 8.68 17.02
N ILE T 231 64.90 7.67 17.50
CA ILE T 231 64.29 7.75 18.82
C ILE T 231 65.34 7.81 19.93
N PHE T 232 66.54 7.30 19.69
CA PHE T 232 67.57 7.22 20.72
C PHE T 232 68.45 8.45 20.79
N LYS T 233 68.13 9.51 20.04
CA LYS T 233 68.83 10.76 20.20
C LYS T 233 68.50 11.39 21.56
N GLU T 234 69.38 12.29 22.00
CA GLU T 234 69.17 12.92 23.30
C GLU T 234 67.90 13.75 23.33
N GLU T 235 67.60 14.47 22.25
CA GLU T 235 66.39 15.28 22.20
C GLU T 235 65.14 14.43 22.31
N ASN T 236 65.11 13.29 21.61
CA ASN T 236 63.92 12.44 21.62
C ASN T 236 63.73 11.75 22.96
N LEU T 237 64.82 11.38 23.63
CA LEU T 237 64.70 10.70 24.92
C LEU T 237 64.03 11.59 25.96
N GLN T 238 64.37 12.88 25.96
CA GLN T 238 63.74 13.80 26.91
C GLN T 238 62.24 13.89 26.68
N THR T 239 61.80 13.86 25.43
CA THR T 239 60.37 13.88 25.15
C THR T 239 59.69 12.64 25.72
N MET T 240 60.31 11.47 25.56
CA MET T 240 59.76 10.26 26.17
C MET T 240 59.85 10.32 27.69
N TYR T 241 60.96 10.86 28.21
CA TYR T 241 61.11 10.97 29.66
C TYR T 241 60.09 11.92 30.26
N SER T 242 59.78 13.01 29.57
CA SER T 242 58.77 13.93 30.06
C SER T 242 57.39 13.28 30.10
N GLN T 243 57.17 12.28 29.26
CA GLN T 243 55.92 11.53 29.24
C GLN T 243 56.01 10.23 30.02
N ASP T 244 56.96 10.14 30.96
CA ASP T 244 57.23 8.95 31.77
C ASP T 244 57.13 7.66 30.95
N GLN T 245 57.90 7.63 29.86
CA GLN T 245 58.03 6.44 29.02
C GLN T 245 59.30 5.65 29.36
N HIS T 246 59.73 5.67 30.62
CA HIS T 246 61.00 5.07 30.99
C HIS T 246 60.99 3.56 30.77
N VAL T 247 59.87 2.91 31.08
CA VAL T 247 59.79 1.46 30.91
C VAL T 247 59.91 1.09 29.43
N ASP T 248 59.33 1.90 28.55
CA ASP T 248 59.39 1.60 27.11
C ASP T 248 60.80 1.82 26.55
N VAL T 249 61.49 2.87 27.01
CA VAL T 249 62.80 3.18 26.46
C VAL T 249 63.77 2.05 26.75
N LEU T 250 63.74 1.51 27.97
CA LEU T 250 64.58 0.36 28.28
C LEU T 250 64.22 -0.84 27.42
N ASN T 251 62.92 -1.08 27.22
CA ASN T 251 62.50 -2.21 26.40
C ASN T 251 62.89 -2.03 24.94
N LEU T 252 62.91 -0.80 24.45
CA LEU T 252 63.42 -0.56 23.10
C LEU T 252 64.92 -0.80 23.03
N CYS T 253 65.65 -0.40 24.08
CA CYS T 253 67.11 -0.49 24.04
C CYS T 253 67.58 -1.95 24.04
N VAL T 254 66.92 -2.81 24.82
CA VAL T 254 67.34 -4.21 24.87
C VAL T 254 67.06 -4.89 23.53
N ALA T 255 65.97 -4.51 22.86
CA ALA T 255 65.65 -5.13 21.57
C ALA T 255 66.58 -4.61 20.47
N GLN T 256 66.89 -3.31 20.49
CA GLN T 256 67.67 -2.71 19.41
C GLN T 256 69.16 -3.03 19.56
N PHE T 257 69.75 -2.62 20.67
CA PHE T 257 71.19 -2.79 20.87
C PHE T 257 71.49 -4.08 21.63
N GLU T 258 72.75 -4.48 21.58
CA GLU T 258 73.37 -5.62 22.25
C GLU T 258 73.70 -5.26 23.70
N PRO T 259 73.43 -6.15 24.66
CA PRO T 259 73.61 -5.76 26.07
C PRO T 259 75.02 -5.35 26.44
N ASP T 260 76.05 -5.90 25.79
CA ASP T 260 77.41 -5.52 26.09
C ASP T 260 77.93 -4.41 25.19
N SER T 261 77.07 -3.82 24.37
CA SER T 261 77.48 -2.75 23.47
C SER T 261 77.63 -1.44 24.22
N ALA T 262 78.27 -0.47 23.56
CA ALA T 262 78.51 0.83 24.19
C ALA T 262 77.23 1.66 24.25
N GLU T 263 76.44 1.63 23.18
CA GLU T 263 75.21 2.43 23.16
C GLU T 263 74.21 1.94 24.19
N TYR T 264 74.14 0.62 24.39
CA TYR T 264 73.23 0.07 25.39
C TYR T 264 73.57 0.57 26.78
N ILE T 265 74.86 0.65 27.10
CA ILE T 265 75.27 1.07 28.43
C ILE T 265 74.94 2.53 28.67
N LYS T 266 75.26 3.40 27.71
CA LYS T 266 75.03 4.82 27.92
C LYS T 266 73.54 5.16 27.96
N ILE T 267 72.71 4.44 27.19
CA ILE T 267 71.28 4.68 27.24
C ILE T 267 70.69 4.20 28.56
N HIS T 268 71.11 3.02 29.03
CA HIS T 268 70.60 2.52 30.30
C HIS T 268 71.05 3.41 31.46
N HIS T 269 72.32 3.83 31.46
CA HIS T 269 72.80 4.71 32.52
C HIS T 269 72.09 6.06 32.49
N HIS T 270 71.86 6.60 31.30
CA HIS T 270 71.15 7.86 31.19
C HIS T 270 69.71 7.73 31.69
N THR T 271 69.05 6.60 31.39
CA THR T 271 67.71 6.37 31.91
C THR T 271 67.72 6.23 33.42
N TYR T 272 68.69 5.48 33.96
CA TYR T 272 68.77 5.32 35.41
C TYR T 272 69.07 6.64 36.10
N GLU T 273 69.90 7.48 35.48
CA GLU T 273 70.20 8.79 36.07
C GLU T 273 68.96 9.68 36.10
N ASP T 274 68.14 9.62 35.05
CA ASP T 274 66.99 10.52 34.97
C ASP T 274 65.91 10.12 35.97
N ILE T 275 65.61 8.83 36.09
CA ILE T 275 64.58 8.41 37.05
C ILE T 275 65.02 8.72 38.47
N ASP T 276 66.33 8.71 38.72
CA ASP T 276 66.84 9.10 40.03
C ASP T 276 66.58 10.57 40.31
N LYS T 277 66.78 11.42 39.31
CA LYS T 277 66.58 12.85 39.50
C LYS T 277 65.12 13.18 39.76
N CYS T 278 64.20 12.54 39.03
CA CYS T 278 62.78 12.80 39.18
C CYS T 278 62.10 11.90 40.21
N GLY T 279 62.82 10.94 40.78
CA GLY T 279 62.24 10.06 41.77
C GLY T 279 61.09 9.22 41.25
N LYS T 280 61.24 8.66 40.05
CA LYS T 280 60.19 7.86 39.41
C LYS T 280 60.43 6.37 39.57
N TYR T 281 60.96 5.95 40.73
CA TYR T 281 61.25 4.54 40.96
C TYR T 281 59.98 3.68 40.96
N ASP T 282 58.82 4.29 41.17
CA ASP T 282 57.57 3.53 41.19
C ASP T 282 57.22 2.97 39.82
N LEU T 283 57.73 3.56 38.74
CA LEU T 283 57.40 3.09 37.41
C LEU T 283 57.96 1.69 37.14
N LEU T 284 59.15 1.39 37.67
CA LEU T 284 59.81 0.11 37.42
C LEU T 284 59.66 -0.85 38.59
N ARG T 285 58.54 -0.79 39.32
CA ARG T 285 58.36 -1.67 40.46
C ARG T 285 58.26 -3.13 40.02
N SER T 286 57.25 -3.45 39.23
CA SER T 286 57.06 -4.82 38.75
C SER T 286 57.71 -5.05 37.38
N THR T 287 58.40 -4.05 36.84
CA THR T 287 59.08 -4.23 35.56
C THR T 287 60.30 -5.13 35.72
N ARG T 288 60.56 -5.95 34.70
CA ARG T 288 61.72 -6.83 34.74
C ARG T 288 63.03 -6.05 34.76
N HIS T 289 63.01 -4.78 34.37
CA HIS T 289 64.22 -3.96 34.33
C HIS T 289 64.59 -3.36 35.67
N PHE T 290 63.92 -3.77 36.76
CA PHE T 290 64.22 -3.20 38.07
C PHE T 290 65.57 -3.67 38.61
N GLY T 291 66.00 -4.89 38.23
CA GLY T 291 67.28 -5.37 38.69
C GLY T 291 68.44 -4.56 38.17
N GLY T 292 68.32 -4.06 36.94
CA GLY T 292 69.41 -3.27 36.36
C GLY T 292 69.64 -1.96 37.09
N MET T 293 68.57 -1.24 37.41
CA MET T 293 68.73 0.04 38.09
C MET T 293 69.18 -0.13 39.52
N ALA T 294 68.72 -1.18 40.21
CA ALA T 294 69.20 -1.45 41.55
C ALA T 294 70.68 -1.80 41.55
N TRP T 295 71.12 -2.60 40.59
CA TRP T 295 72.53 -2.96 40.51
C TRP T 295 73.39 -1.75 40.15
N TYR T 296 72.89 -0.87 39.29
CA TYR T 296 73.63 0.34 38.95
C TYR T 296 73.80 1.24 40.15
N PHE T 297 72.75 1.39 40.96
CA PHE T 297 72.84 2.24 42.14
C PHE T 297 73.81 1.68 43.17
N VAL T 298 73.80 0.36 43.37
CA VAL T 298 74.67 -0.23 44.38
C VAL T 298 76.14 -0.16 43.96
N ASN T 299 76.43 0.02 42.67
CA ASN T 299 77.79 0.20 42.21
C ASN T 299 78.20 1.67 42.12
N LYS T 300 77.23 2.58 42.02
CA LYS T 300 77.50 4.01 42.04
C LYS T 300 77.37 4.62 43.42
N LYS T 301 77.07 3.81 44.44
CA LYS T 301 76.94 4.26 45.82
C LYS T 301 75.88 5.36 45.94
N LYS T 302 74.80 5.23 45.17
CA LYS T 302 73.68 6.17 45.21
C LYS T 302 72.43 5.39 45.61
N ILE T 303 72.23 5.24 46.91
CA ILE T 303 71.06 4.56 47.46
C ILE T 303 70.18 5.49 48.27
N ASP T 304 70.58 6.75 48.43
CA ASP T 304 69.80 7.69 49.22
C ASP T 304 68.42 7.90 48.60
N GLY T 305 68.36 8.14 47.30
CA GLY T 305 67.08 8.37 46.66
C GLY T 305 66.18 7.15 46.68
N LEU T 306 66.75 5.98 46.40
CA LEU T 306 65.96 4.76 46.32
C LEU T 306 65.39 4.37 47.68
N LEU T 307 66.19 4.50 48.74
CA LEU T 307 65.74 4.08 50.06
C LEU T 307 64.61 4.97 50.59
N ILE T 308 64.65 6.27 50.27
CA ILE T 308 63.61 7.17 50.73
C ILE T 308 62.26 6.78 50.14
N ASP T 309 62.23 6.45 48.85
CA ASP T 309 60.96 6.11 48.21
C ASP T 309 60.37 4.83 48.79
N GLN T 310 61.21 3.82 49.04
CA GLN T 310 60.71 2.53 49.51
C GLN T 310 60.05 2.68 50.88
N ILE T 311 60.65 3.47 51.77
CA ILE T 311 60.05 3.69 53.09
C ILE T 311 58.72 4.43 52.95
N GLN T 312 58.66 5.44 52.07
CA GLN T 312 57.40 6.14 51.85
C GLN T 312 56.35 5.22 51.24
N ARG T 313 56.77 4.16 50.55
CA ARG T 313 55.84 3.15 50.06
C ARG T 313 55.49 2.11 51.11
N ASP T 314 56.03 2.23 52.32
CA ASP T 314 55.79 1.28 53.41
C ASP T 314 56.19 -0.14 53.00
N LEU T 315 57.36 -0.25 52.38
CA LEU T 315 57.95 -1.53 52.00
C LEU T 315 59.33 -1.60 52.67
N VAL T 316 59.35 -2.12 53.89
CA VAL T 316 60.54 -2.09 54.73
C VAL T 316 61.31 -3.41 54.66
N SER T 317 60.57 -4.52 54.59
CA SER T 317 61.21 -5.84 54.59
C SER T 317 62.14 -5.98 53.39
N ASP T 318 61.76 -5.40 52.25
CA ASP T 318 62.66 -5.41 51.09
C ASP T 318 63.66 -4.27 51.16
N ALA T 319 63.35 -3.20 51.89
CA ALA T 319 64.28 -2.08 52.00
C ALA T 319 65.57 -2.49 52.70
N THR T 320 65.45 -3.24 53.80
CA THR T 320 66.64 -3.72 54.50
C THR T 320 67.41 -4.73 53.67
N SER T 321 66.72 -5.46 52.78
CA SER T 321 67.41 -6.35 51.86
C SER T 321 68.32 -5.56 50.91
N LEU T 322 67.86 -4.38 50.48
CA LEU T 322 68.69 -3.52 49.65
C LEU T 322 69.94 -3.09 50.41
N VAL T 323 69.81 -2.76 51.69
CA VAL T 323 70.96 -2.45 52.51
C VAL T 323 71.84 -3.68 52.67
N HIS T 324 71.22 -4.84 52.89
CA HIS T 324 72.00 -6.08 52.97
C HIS T 324 72.76 -6.33 51.68
N LEU T 325 72.18 -5.96 50.54
CA LEU T 325 72.88 -6.06 49.26
C LEU T 325 74.10 -5.15 49.24
N TYR T 326 73.98 -3.95 49.82
CA TYR T 326 75.08 -3.00 49.82
C TYR T 326 76.32 -3.59 50.48
N HIS T 327 76.13 -4.25 51.63
CA HIS T 327 77.28 -4.80 52.36
C HIS T 327 77.99 -5.87 51.54
N ILE T 328 77.22 -6.69 50.82
CA ILE T 328 77.82 -7.74 50.00
C ILE T 328 78.70 -7.14 48.90
N LEU T 329 78.21 -6.10 48.22
CA LEU T 329 78.94 -5.50 47.12
C LEU T 329 80.12 -4.66 47.60
N HIS T 330 79.98 -4.01 48.75
CA HIS T 330 81.02 -3.14 49.31
C HIS T 330 81.33 -3.56 50.73
N PRO T 331 82.07 -4.67 50.91
CA PRO T 331 82.36 -5.16 52.26
C PRO T 331 83.38 -4.30 52.99
N ASP T 332 84.44 -3.89 52.29
CA ASP T 332 85.54 -3.15 52.90
C ASP T 332 85.16 -1.67 53.01
N GLY T 333 84.23 -1.40 53.92
CA GLY T 333 83.74 -0.05 54.13
C GLY T 333 83.29 0.14 55.56
N GLN T 334 83.09 1.40 55.94
CA GLN T 334 82.70 1.72 57.31
C GLN T 334 81.32 1.17 57.63
N SER T 335 80.38 1.28 56.68
CA SER T 335 79.01 0.79 56.93
C SER T 335 79.00 -0.71 57.21
N ALA T 336 79.64 -1.50 56.33
CA ALA T 336 79.65 -2.94 56.53
C ALA T 336 80.39 -3.33 57.80
N GLN T 337 81.38 -2.53 58.21
CA GLN T 337 82.07 -2.77 59.46
C GLN T 337 81.14 -2.62 60.65
N GLU T 338 80.24 -1.63 60.59
CA GLU T 338 79.27 -1.44 61.67
C GLU T 338 78.34 -2.63 61.80
N ALA T 339 77.92 -3.21 60.66
CA ALA T 339 77.04 -4.38 60.71
C ALA T 339 77.71 -5.54 61.44
N LYS T 340 79.03 -5.63 61.38
CA LYS T 340 79.76 -6.64 62.13
C LYS T 340 79.99 -6.20 63.57
N LYS T 341 80.24 -4.91 63.81
CA LYS T 341 80.38 -4.39 65.16
C LYS T 341 79.08 -4.49 65.94
N GLN T 342 78.05 -3.75 65.52
CA GLN T 342 76.81 -3.69 66.30
C GLN T 342 76.02 -4.98 66.18
N GLY T 343 75.93 -5.52 64.96
CA GLY T 343 75.23 -6.78 64.75
C GLY T 343 73.75 -6.70 65.02
N ALA T 344 73.08 -5.71 64.41
CA ALA T 344 71.67 -5.46 64.63
C ALA T 344 70.85 -6.12 63.53
N GLU T 345 69.56 -5.83 63.49
CA GLU T 345 68.65 -6.43 62.53
C GLU T 345 67.51 -5.44 62.30
N GLY T 346 66.62 -5.78 61.37
CA GLY T 346 65.47 -4.94 61.08
C GLY T 346 65.86 -3.56 60.55
N LEU T 347 65.08 -2.57 60.96
CA LEU T 347 65.31 -1.20 60.52
C LEU T 347 66.64 -0.65 60.99
N HIS T 348 67.23 -1.24 62.04
CA HIS T 348 68.51 -0.73 62.53
C HIS T 348 69.62 -0.90 61.51
N LEU T 349 69.46 -1.85 60.58
CA LEU T 349 70.43 -1.98 59.48
C LEU T 349 70.43 -0.74 58.61
N ILE T 350 69.25 -0.15 58.37
CA ILE T 350 69.18 1.12 57.65
C ILE T 350 69.80 2.24 58.47
N LYS T 351 69.56 2.23 59.78
CA LYS T 351 70.12 3.25 60.67
C LYS T 351 71.65 3.21 60.62
N VAL T 352 72.23 2.02 60.55
CA VAL T 352 73.68 1.88 60.42
C VAL T 352 74.17 2.64 59.19
N PHE T 353 73.56 2.34 58.03
CA PHE T 353 73.97 3.02 56.80
C PHE T 353 73.63 4.51 56.84
N ALA T 354 72.48 4.85 57.44
CA ALA T 354 72.03 6.24 57.44
C ALA T 354 73.04 7.16 58.12
N LYS T 355 73.74 6.65 59.15
CA LYS T 355 74.67 7.46 59.94
C LYS T 355 76.12 7.17 59.60
N THR T 356 76.40 6.28 58.64
CA THR T 356 77.78 5.90 58.35
C THR T 356 78.22 6.31 56.96
N GLU T 357 77.54 5.82 55.92
CA GLU T 357 77.93 6.10 54.55
C GLU T 357 76.90 6.91 53.77
N ALA T 358 75.67 7.01 54.26
CA ALA T 358 74.64 7.79 53.57
C ALA T 358 75.09 9.23 53.38
N GLN T 359 75.05 9.70 52.14
CA GLN T 359 75.48 11.06 51.86
C GLN T 359 74.57 12.08 52.54
N LYS T 360 73.26 11.85 52.47
CA LYS T 360 72.26 12.70 53.13
C LYS T 360 71.41 11.82 54.03
N GLY T 361 71.92 11.52 55.22
CA GLY T 361 71.19 10.71 56.18
C GLY T 361 70.13 11.45 56.95
N ALA T 362 70.07 12.78 56.85
CA ALA T 362 69.06 13.55 57.57
C ALA T 362 67.65 13.15 57.12
N TYR T 363 67.42 13.13 55.81
CA TYR T 363 66.13 12.70 55.29
C TYR T 363 65.86 11.24 55.63
N ILE T 364 66.87 10.38 55.50
CA ILE T 364 66.69 8.96 55.72
C ILE T 364 66.26 8.69 57.16
N GLU T 365 66.95 9.31 58.12
CA GLU T 365 66.61 9.09 59.52
C GLU T 365 65.25 9.68 59.85
N LEU T 366 64.96 10.88 59.34
CA LEU T 366 63.65 11.49 59.61
C LEU T 366 62.52 10.69 59.00
N THR T 367 62.68 10.24 57.75
CA THR T 367 61.65 9.41 57.12
C THR T 367 61.49 8.09 57.85
N LEU T 368 62.59 7.46 58.24
CA LEU T 368 62.50 6.24 59.04
C LEU T 368 61.81 6.51 60.37
N GLN T 369 62.11 7.66 60.99
CA GLN T 369 61.38 8.07 62.18
C GLN T 369 59.90 8.27 61.87
N ALA T 370 59.60 8.89 60.73
CA ALA T 370 58.21 9.11 60.33
C ALA T 370 57.48 7.78 60.16
N TYR T 371 58.15 6.80 59.56
CA TYR T 371 57.54 5.48 59.39
C TYR T 371 57.27 4.82 60.74
N GLN T 372 58.23 4.91 61.66
CA GLN T 372 58.09 4.23 62.94
C GLN T 372 56.88 4.75 63.72
N GLU T 373 56.76 6.07 63.85
CA GLU T 373 55.64 6.62 64.62
C GLU T 373 54.31 6.30 63.95
N ALA T 374 54.27 6.37 62.61
CA ALA T 374 53.03 6.05 61.90
C ALA T 374 52.66 4.59 62.06
N PHE T 375 53.65 3.69 61.99
CA PHE T 375 53.36 2.26 62.12
C PHE T 375 52.89 1.91 63.52
N ILE T 376 53.47 2.53 64.54
CA ILE T 376 53.01 2.30 65.91
C ILE T 376 51.57 2.77 66.06
N THR T 377 51.24 3.93 65.49
CA THR T 377 49.87 4.42 65.55
C THR T 377 48.92 3.49 64.80
N HIS T 378 49.33 3.00 63.64
CA HIS T 378 48.49 2.08 62.87
C HIS T 378 48.26 0.78 63.62
N SER T 379 49.30 0.25 64.27
CA SER T 379 49.18 -1.00 65.02
C SER T 379 48.36 -0.79 66.28
N ALA U 2 7.10 5.57 29.25
CA ALA U 2 5.95 5.52 30.14
C ALA U 2 5.87 4.19 30.88
N GLY U 3 6.16 3.12 30.16
CA GLY U 3 6.12 1.79 30.74
C GLY U 3 6.20 0.73 29.67
N SER U 4 6.18 -0.52 30.12
CA SER U 4 6.24 -1.67 29.23
C SER U 4 4.95 -2.46 29.34
N ARG U 5 4.36 -2.80 28.20
CA ARG U 5 3.09 -3.51 28.15
C ARG U 5 3.22 -4.89 27.54
N LEU U 6 4.40 -5.48 27.56
CA LEU U 6 4.61 -6.82 27.02
C LEU U 6 4.36 -7.84 28.13
N GLU U 7 3.39 -8.73 27.89
CA GLU U 7 3.02 -9.71 28.90
C GLU U 7 4.01 -10.87 28.98
N THR U 8 4.59 -11.27 27.85
CA THR U 8 5.38 -12.49 27.78
C THR U 8 6.87 -12.27 28.02
N VAL U 9 7.33 -11.03 28.16
CA VAL U 9 8.74 -10.78 28.38
C VAL U 9 9.19 -11.32 29.74
N GLY U 10 8.41 -11.03 30.77
CA GLY U 10 8.77 -11.49 32.09
C GLY U 10 7.75 -11.04 33.12
N SER U 11 8.10 -11.21 34.39
CA SER U 11 7.22 -10.81 35.47
C SER U 11 7.11 -9.30 35.55
N ILE U 12 6.08 -8.84 36.26
CA ILE U 12 5.90 -7.41 36.48
C ILE U 12 7.10 -6.84 37.24
N PHE U 13 7.63 -7.62 38.18
CA PHE U 13 8.81 -7.17 38.93
C PHE U 13 10.01 -7.01 38.01
N SER U 14 10.22 -7.95 37.09
CA SER U 14 11.40 -7.91 36.24
C SER U 14 11.39 -6.68 35.34
N ARG U 15 10.24 -6.36 34.75
CA ARG U 15 10.18 -5.20 33.87
C ARG U 15 10.30 -3.90 34.64
N THR U 16 9.69 -3.81 35.82
CA THR U 16 9.69 -2.57 36.58
C THR U 16 11.10 -2.18 37.02
N ARG U 17 11.85 -3.15 37.56
CA ARG U 17 13.20 -2.83 38.03
C ARG U 17 14.15 -2.57 36.88
N ASP U 18 13.89 -3.18 35.70
CA ASP U 18 14.75 -2.93 34.55
C ASP U 18 14.53 -1.53 33.98
N LEU U 19 13.26 -1.09 33.90
CA LEU U 19 12.98 0.26 33.44
C LEU U 19 13.55 1.29 34.39
N ILE U 20 13.42 1.05 35.70
CA ILE U 20 13.98 1.97 36.68
C ILE U 20 15.50 2.05 36.55
N ARG U 21 16.16 0.90 36.42
CA ARG U 21 17.60 0.89 36.23
C ARG U 21 17.99 1.53 34.90
N ALA U 22 17.14 1.41 33.88
CA ALA U 22 17.43 2.03 32.59
C ALA U 22 17.46 3.55 32.71
N GLY U 23 16.52 4.12 33.47
CA GLY U 23 16.43 5.55 33.62
C GLY U 23 15.21 6.20 32.98
N VAL U 24 14.20 5.42 32.60
CA VAL U 24 13.01 5.98 31.98
C VAL U 24 11.91 6.23 33.00
N LEU U 25 11.76 5.35 33.99
CA LEU U 25 10.75 5.51 35.04
C LEU U 25 11.42 6.10 36.27
N LYS U 26 11.22 7.40 36.49
CA LYS U 26 11.87 8.11 37.58
C LYS U 26 11.09 8.07 38.88
N GLU U 27 9.86 7.56 38.87
CA GLU U 27 9.01 7.51 40.05
C GLU U 27 8.80 6.04 40.41
N LYS U 28 9.43 5.59 41.48
CA LYS U 28 9.36 4.19 41.86
C LYS U 28 7.95 3.86 42.36
N PRO U 29 7.30 2.84 41.79
CA PRO U 29 5.96 2.47 42.25
C PRO U 29 5.97 2.02 43.71
N LEU U 30 4.87 2.28 44.40
CA LEU U 30 4.81 2.00 45.83
C LEU U 30 4.85 0.49 46.11
N TRP U 31 4.23 -0.31 45.24
CA TRP U 31 4.20 -1.75 45.47
C TRP U 31 5.57 -2.40 45.29
N LEU U 32 6.51 -1.71 44.65
CA LEU U 32 7.81 -2.31 44.38
C LEU U 32 8.58 -2.61 45.67
N ASP U 33 8.53 -1.67 46.62
CA ASP U 33 9.26 -1.88 47.87
C ASP U 33 8.72 -3.08 48.63
N ILE U 34 7.40 -3.27 48.62
CA ILE U 34 6.82 -4.43 49.29
C ILE U 34 7.27 -5.71 48.62
N TYR U 35 7.40 -5.70 47.29
CA TYR U 35 7.78 -6.90 46.56
C TYR U 35 9.19 -7.36 46.95
N ASN U 36 10.12 -6.41 47.06
CA ASN U 36 11.50 -6.78 47.41
C ASN U 36 11.57 -7.40 48.79
N ALA U 37 10.86 -6.82 49.76
CA ALA U 37 10.87 -7.38 51.11
C ALA U 37 10.17 -8.73 51.16
N PHE U 38 9.03 -8.85 50.49
CA PHE U 38 8.22 -10.08 50.51
C PHE U 38 8.05 -10.62 49.10
N PRO U 39 8.86 -11.58 48.68
CA PRO U 39 8.69 -12.16 47.36
C PRO U 39 7.76 -13.36 47.40
N PRO U 40 7.03 -13.63 46.32
CA PRO U 40 6.17 -14.81 46.29
C PRO U 40 6.98 -16.08 46.07
N LEU U 41 6.30 -17.22 46.22
CA LEU U 41 6.97 -18.51 46.06
C LEU U 41 7.48 -18.70 44.64
N ARG U 42 6.67 -18.34 43.64
CA ARG U 42 7.05 -18.48 42.25
C ARG U 42 6.92 -17.12 41.57
N GLU U 43 7.98 -16.70 40.88
CA GLU U 43 7.94 -15.45 40.13
C GLU U 43 6.96 -15.58 38.97
N PRO U 44 6.07 -14.61 38.77
CA PRO U 44 5.03 -14.73 37.72
C PRO U 44 5.55 -14.54 36.30
N VAL U 45 6.12 -15.62 35.74
CA VAL U 45 6.62 -15.62 34.38
C VAL U 45 5.60 -16.28 33.47
N PHE U 46 5.29 -15.64 32.35
CA PHE U 46 4.31 -16.17 31.41
C PHE U 46 4.83 -17.45 30.77
N ARG U 47 3.98 -18.47 30.70
CA ARG U 47 4.33 -19.73 30.05
C ARG U 47 3.14 -20.23 29.26
N ARG U 48 3.41 -20.76 28.07
CA ARG U 48 2.35 -21.23 27.18
C ARG U 48 1.85 -22.59 27.64
N PRO U 49 0.53 -22.75 27.84
CA PRO U 49 -0.03 -24.05 28.27
C PRO U 49 -0.04 -25.10 27.16
N ARG U 50 1.13 -25.72 26.94
CA ARG U 50 1.24 -26.74 25.91
C ARG U 50 0.43 -27.98 26.28
N LEU U 51 -0.11 -28.64 25.26
CA LEU U 51 -0.87 -29.86 25.46
C LEU U 51 0.06 -31.06 25.45
N ARG U 52 -0.19 -32.01 26.34
CA ARG U 52 0.70 -33.15 26.54
C ARG U 52 0.44 -34.20 25.46
N TYR U 53 1.48 -34.54 24.70
CA TYR U 53 1.41 -35.55 23.66
C TYR U 53 2.33 -36.72 23.99
N GLY U 54 1.97 -37.91 23.53
CA GLY U 54 2.84 -39.05 23.65
C GLY U 54 2.57 -39.92 24.87
N LYS U 55 3.62 -40.52 25.41
CA LYS U 55 3.49 -41.42 26.56
C LYS U 55 3.51 -40.68 27.89
N ALA U 56 3.71 -39.37 27.89
CA ALA U 56 3.75 -38.62 29.14
C ALA U 56 2.37 -38.57 29.79
N LYS U 57 2.33 -38.80 31.09
CA LYS U 57 1.11 -38.74 31.88
C LYS U 57 1.28 -37.73 33.00
N ALA U 58 0.21 -37.58 33.80
CA ALA U 58 0.25 -36.68 34.94
C ALA U 58 0.90 -37.37 36.14
N ALA U 59 1.43 -36.55 37.04
CA ALA U 59 2.10 -37.04 38.23
C ALA U 59 1.18 -37.07 39.45
N VAL U 60 -0.11 -36.78 39.27
CA VAL U 60 -1.03 -36.75 40.40
C VAL U 60 -1.33 -38.17 40.85
N GLN U 61 -1.19 -38.41 42.15
CA GLN U 61 -1.38 -39.74 42.72
C GLN U 61 -2.81 -39.91 43.20
N ASP U 62 -3.33 -41.12 43.07
CA ASP U 62 -4.66 -41.43 43.56
C ASP U 62 -4.65 -41.52 45.09
N ILE U 63 -5.73 -41.03 45.70
CA ILE U 63 -5.85 -41.03 47.15
C ILE U 63 -6.60 -42.31 47.53
N PHE U 64 -5.86 -43.33 47.93
CA PHE U 64 -6.43 -44.60 48.37
C PHE U 64 -5.80 -45.02 49.69
N TYR U 65 -6.59 -45.66 50.53
CA TYR U 65 -6.15 -46.09 51.85
C TYR U 65 -6.57 -47.52 52.10
N HIS U 66 -5.91 -48.17 53.06
CA HIS U 66 -6.31 -49.50 53.47
C HIS U 66 -7.74 -49.51 54.02
N GLU U 67 -8.18 -48.38 54.57
CA GLU U 67 -9.58 -48.27 54.99
C GLU U 67 -10.52 -48.38 53.80
N ASP U 68 -10.14 -47.78 52.67
CA ASP U 68 -10.99 -47.83 51.48
C ASP U 68 -11.23 -49.26 51.03
N ARG U 69 -10.22 -50.11 51.14
CA ARG U 69 -10.39 -51.51 50.75
C ARG U 69 -11.44 -52.21 51.62
N ILE U 70 -11.45 -51.90 52.92
CA ILE U 70 -12.47 -52.45 53.79
C ILE U 70 -13.83 -51.86 53.46
N ARG U 71 -13.88 -50.56 53.18
CA ARG U 71 -15.16 -49.91 52.87
C ARG U 71 -15.79 -50.48 51.61
N ALA U 72 -14.98 -50.92 50.65
CA ALA U 72 -15.53 -51.50 49.43
C ALA U 72 -16.32 -52.77 49.72
N LYS U 73 -15.79 -53.63 50.60
CA LYS U 73 -16.49 -54.87 50.93
C LYS U 73 -17.81 -54.58 51.63
N PHE U 74 -17.82 -53.63 52.56
CA PHE U 74 -19.05 -53.29 53.26
C PHE U 74 -20.09 -52.71 52.31
N TYR U 75 -19.67 -51.82 51.42
CA TYR U 75 -20.60 -51.24 50.46
C TYR U 75 -21.10 -52.28 49.46
N SER U 76 -20.23 -53.20 49.05
CA SER U 76 -20.65 -54.24 48.12
C SER U 76 -21.69 -55.17 48.76
N ALA U 77 -21.51 -55.52 50.04
CA ALA U 77 -22.40 -56.47 50.68
C ALA U 77 -23.67 -55.79 51.19
N TYR U 78 -23.51 -54.83 52.11
CA TYR U 78 -24.66 -54.22 52.78
C TYR U 78 -25.14 -52.96 52.09
N GLY U 79 -24.47 -52.50 51.04
CA GLY U 79 -24.90 -51.26 50.41
C GLY U 79 -24.65 -50.07 51.32
N SER U 80 -25.42 -49.01 51.09
CA SER U 80 -25.33 -47.84 51.95
C SER U 80 -26.06 -48.12 53.27
N GLY U 81 -25.42 -47.74 54.37
CA GLY U 81 -25.97 -48.00 55.68
C GLY U 81 -27.27 -47.26 55.91
N PRO U 82 -28.09 -47.75 56.84
CA PRO U 82 -29.35 -47.03 57.14
C PRO U 82 -29.14 -45.61 57.62
N LYS U 83 -28.06 -45.35 58.35
CA LYS U 83 -27.76 -43.99 58.80
C LYS U 83 -27.48 -43.10 57.61
N ALA U 84 -27.98 -41.86 57.67
CA ALA U 84 -27.79 -40.89 56.61
C ALA U 84 -26.50 -40.12 56.83
N PHE U 85 -25.67 -40.05 55.80
CA PHE U 85 -24.41 -39.30 55.89
C PHE U 85 -24.69 -37.81 56.03
N ASP U 86 -23.91 -37.16 56.89
CA ASP U 86 -24.03 -35.72 57.13
C ASP U 86 -22.64 -35.10 57.01
N LEU U 87 -22.47 -34.23 56.02
CA LEU U 87 -21.17 -33.61 55.74
C LEU U 87 -20.99 -32.29 56.48
N PHE U 88 -22.03 -31.78 57.14
CA PHE U 88 -21.90 -30.54 57.88
C PHE U 88 -21.15 -30.72 59.18
N ASN U 89 -21.14 -31.93 59.74
CA ASN U 89 -20.49 -32.18 61.03
C ASN U 89 -19.04 -32.59 60.79
N PRO U 90 -18.06 -31.80 61.23
CA PRO U 90 -16.66 -32.19 61.05
C PRO U 90 -16.30 -33.49 61.75
N ASN U 91 -16.93 -33.78 62.89
CA ASN U 91 -16.64 -34.99 63.66
C ASN U 91 -17.68 -36.08 63.42
N PHE U 92 -18.29 -36.11 62.25
CA PHE U 92 -19.31 -37.11 61.96
C PHE U 92 -18.70 -38.50 61.90
N LYS U 93 -19.41 -39.48 62.46
CA LYS U 93 -18.99 -40.87 62.47
C LYS U 93 -20.01 -41.69 61.70
N SER U 94 -19.64 -42.13 60.50
CA SER U 94 -20.54 -42.90 59.66
C SER U 94 -20.62 -44.34 60.13
N THR U 95 -21.67 -45.04 59.69
CA THR U 95 -21.81 -46.45 60.00
C THR U 95 -20.67 -47.26 59.39
N CYS U 96 -20.29 -46.95 58.14
CA CYS U 96 -19.17 -47.63 57.52
C CYS U 96 -17.87 -47.31 58.26
N GLN U 97 -17.70 -46.05 58.68
CA GLN U 97 -16.50 -45.68 59.43
C GLN U 97 -16.43 -46.43 60.75
N ARG U 98 -17.56 -46.60 61.42
CA ARG U 98 -17.58 -47.42 62.63
C ARG U 98 -17.24 -48.87 62.32
N PHE U 99 -17.74 -49.38 61.19
CA PHE U 99 -17.40 -50.75 60.78
C PHE U 99 -15.90 -50.88 60.55
N VAL U 100 -15.28 -49.89 59.92
CA VAL U 100 -13.83 -49.93 59.70
C VAL U 100 -13.08 -49.88 61.02
N GLU U 101 -13.52 -48.99 61.93
CA GLU U 101 -12.81 -48.84 63.19
C GLU U 101 -12.84 -50.14 64.01
N LYS U 102 -14.00 -50.80 64.05
CA LYS U 102 -14.08 -52.07 64.76
C LYS U 102 -13.37 -53.18 63.99
N TYR U 103 -13.30 -53.07 62.66
CA TYR U 103 -12.53 -54.03 61.87
C TYR U 103 -11.05 -53.95 62.20
N ILE U 104 -10.52 -52.74 62.37
CA ILE U 104 -9.11 -52.56 62.71
C ILE U 104 -8.82 -53.14 64.09
N GLU U 105 -9.70 -52.87 65.06
CA GLU U 105 -9.50 -53.41 66.40
C GLU U 105 -9.60 -54.93 66.41
N LEU U 106 -10.53 -55.49 65.64
CA LEU U 106 -10.69 -56.94 65.62
C LEU U 106 -9.46 -57.63 65.05
N GLN U 107 -8.88 -57.07 63.98
CA GLN U 107 -7.73 -57.70 63.36
C GLN U 107 -6.47 -57.57 64.20
N ARG U 108 -6.46 -56.68 65.19
CA ARG U 108 -5.33 -56.59 66.11
C ARG U 108 -5.24 -57.78 67.04
N LEU U 109 -6.29 -58.60 67.13
CA LEU U 109 -6.27 -59.80 67.95
C LEU U 109 -5.49 -60.94 67.31
N GLY U 110 -5.06 -60.80 66.07
CA GLY U 110 -4.31 -61.82 65.39
C GLY U 110 -5.06 -62.62 64.36
N GLU U 111 -6.22 -62.15 63.90
CA GLU U 111 -7.02 -62.86 62.91
C GLU U 111 -6.60 -62.43 61.51
N THR U 112 -6.38 -63.41 60.64
CA THR U 112 -5.95 -63.15 59.27
C THR U 112 -7.02 -63.42 58.23
N ASP U 113 -7.91 -64.38 58.47
CA ASP U 113 -8.94 -64.72 57.50
C ASP U 113 -9.91 -63.55 57.33
N GLU U 114 -10.15 -63.18 56.07
CA GLU U 114 -11.07 -62.08 55.80
C GLU U 114 -12.50 -62.43 56.19
N GLU U 115 -12.91 -63.68 55.91
CA GLU U 115 -14.28 -64.09 56.22
C GLU U 115 -14.57 -64.02 57.71
N LYS U 116 -13.62 -64.48 58.54
CA LYS U 116 -13.80 -64.39 59.98
C LYS U 116 -13.85 -62.94 60.44
N LEU U 117 -12.98 -62.09 59.88
CA LEU U 117 -12.97 -60.68 60.26
C LEU U 117 -14.28 -59.99 59.87
N PHE U 118 -14.80 -60.30 58.68
CA PHE U 118 -16.02 -59.64 58.22
C PHE U 118 -17.24 -60.10 59.00
N VAL U 119 -17.36 -61.42 59.24
CA VAL U 119 -18.53 -61.94 59.93
C VAL U 119 -18.56 -61.48 61.38
N GLU U 120 -17.42 -61.56 62.07
CA GLU U 120 -17.37 -61.16 63.48
C GLU U 120 -17.67 -59.67 63.63
N ALA U 121 -17.17 -58.85 62.70
CA ALA U 121 -17.46 -57.42 62.75
C ALA U 121 -18.96 -57.16 62.59
N GLY U 122 -19.61 -57.91 61.70
CA GLY U 122 -21.05 -57.78 61.55
C GLY U 122 -21.79 -58.18 62.82
N LYS U 123 -21.39 -59.28 63.44
CA LYS U 123 -22.00 -59.68 64.70
C LYS U 123 -21.72 -58.67 65.80
N ALA U 124 -20.51 -58.11 65.84
CA ALA U 124 -20.16 -57.12 66.84
C ALA U 124 -21.02 -55.86 66.68
N LEU U 125 -21.24 -55.43 65.44
CA LEU U 125 -22.13 -54.28 65.21
C LEU U 125 -23.55 -54.60 65.64
N LEU U 126 -24.02 -55.82 65.40
CA LEU U 126 -25.36 -56.20 65.84
C LEU U 126 -25.49 -56.11 67.35
N ALA U 127 -24.40 -56.33 68.09
CA ALA U 127 -24.43 -56.19 69.54
C ALA U 127 -24.62 -54.75 69.99
N GLU U 128 -24.27 -53.78 69.14
CA GLU U 128 -24.42 -52.37 69.47
C GLU U 128 -25.79 -51.81 69.11
N GLY U 129 -26.63 -52.58 68.41
CA GLY U 129 -27.97 -52.17 68.09
C GLY U 129 -28.19 -51.68 66.67
N VAL U 130 -27.12 -51.45 65.91
CA VAL U 130 -27.29 -50.93 64.55
C VAL U 130 -27.85 -52.02 63.63
N THR U 131 -28.47 -51.58 62.55
CA THR U 131 -29.10 -52.47 61.59
C THR U 131 -28.18 -52.70 60.40
N LEU U 132 -28.06 -53.96 59.99
CA LEU U 132 -27.16 -54.37 58.91
C LEU U 132 -27.88 -55.31 57.96
N ARG U 133 -29.08 -54.91 57.51
CA ARG U 133 -29.85 -55.72 56.57
C ARG U 133 -29.02 -55.99 55.32
N ARG U 134 -28.73 -57.27 55.08
CA ARG U 134 -27.92 -57.67 53.94
C ARG U 134 -28.66 -57.42 52.64
N VAL U 135 -27.96 -56.87 51.65
CA VAL U 135 -28.55 -56.63 50.34
C VAL U 135 -28.51 -57.92 49.52
N GLY U 136 -29.67 -58.33 49.01
CA GLY U 136 -29.77 -59.54 48.23
C GLY U 136 -29.62 -60.80 49.04
N PRO V 2 29.73 -28.08 10.80
CA PRO V 2 29.00 -29.33 10.56
C PRO V 2 27.73 -29.44 11.40
N MET V 3 26.61 -29.71 10.75
CA MET V 3 25.34 -29.91 11.44
C MET V 3 24.98 -31.39 11.59
N LYS V 4 25.15 -32.18 10.54
CA LYS V 4 24.78 -33.58 10.58
C LYS V 4 25.82 -34.38 11.35
N GLY V 5 25.39 -35.54 11.84
CA GLY V 5 26.26 -36.40 12.61
C GLY V 5 25.99 -36.27 14.11
N ARG V 6 26.41 -37.32 14.84
CA ARG V 6 26.18 -37.33 16.28
C ARG V 6 27.09 -36.35 17.01
N PHE V 7 28.37 -36.33 16.65
CA PHE V 7 29.35 -35.44 17.27
C PHE V 7 30.03 -34.65 16.16
N PRO V 8 29.45 -33.53 15.73
CA PRO V 8 30.04 -32.75 14.64
C PRO V 8 31.41 -32.18 14.97
N ILE V 9 31.76 -32.02 16.25
CA ILE V 9 33.04 -31.41 16.59
C ILE V 9 34.20 -32.29 16.13
N ARG V 10 34.00 -33.61 16.10
CA ARG V 10 35.08 -34.52 15.72
C ARG V 10 35.34 -34.52 14.22
N ARG V 11 34.64 -33.70 13.44
CA ARG V 11 34.83 -33.61 12.00
C ARG V 11 35.39 -32.27 11.57
N THR V 12 36.07 -31.55 12.47
CA THR V 12 36.72 -30.29 12.16
C THR V 12 38.23 -30.47 12.18
N LEU V 13 38.93 -29.52 11.54
CA LEU V 13 40.38 -29.66 11.39
C LEU V 13 41.09 -29.62 12.74
N GLN V 14 40.56 -28.87 13.71
CA GLN V 14 41.20 -28.82 15.02
C GLN V 14 41.17 -30.17 15.72
N TYR V 15 40.03 -30.86 15.66
CA TYR V 15 39.94 -32.17 16.33
C TYR V 15 40.86 -33.18 15.66
N LEU V 16 40.95 -33.15 14.33
CA LEU V 16 41.84 -34.07 13.63
C LEU V 16 43.30 -33.78 13.94
N GLY V 17 43.63 -32.51 14.21
CA GLY V 17 45.00 -32.12 14.46
C GLY V 17 45.46 -32.15 15.90
N GLN V 18 44.53 -32.25 16.86
CA GLN V 18 44.90 -32.24 18.27
C GLN V 18 45.26 -33.61 18.81
N GLY V 19 45.06 -34.66 18.04
CA GLY V 19 45.48 -35.99 18.47
C GLY V 19 46.95 -36.22 18.22
N ASP V 20 47.72 -36.48 19.27
CA ASP V 20 49.16 -36.63 19.17
C ASP V 20 49.53 -38.10 19.42
N VAL V 21 49.46 -38.90 18.35
CA VAL V 21 49.95 -40.28 18.36
C VAL V 21 50.65 -40.52 17.03
N VAL V 22 51.98 -40.53 17.05
CA VAL V 22 52.79 -40.69 15.85
C VAL V 22 53.50 -42.03 15.95
N PHE V 23 53.21 -42.92 15.02
CA PHE V 23 53.85 -44.22 15.00
C PHE V 23 55.29 -44.11 14.48
N LYS V 24 56.10 -45.11 14.80
CA LYS V 24 57.45 -45.17 14.29
C LYS V 24 57.43 -45.52 12.81
N ASP V 25 58.57 -45.35 12.15
CA ASP V 25 58.67 -45.63 10.72
C ASP V 25 58.49 -47.10 10.40
N SER V 26 58.57 -47.98 11.39
CA SER V 26 58.44 -49.42 11.16
C SER V 26 57.01 -49.91 11.24
N VAL V 27 56.06 -49.07 11.62
CA VAL V 27 54.67 -49.48 11.74
C VAL V 27 53.96 -49.26 10.41
N LYS V 28 53.33 -50.30 9.89
CA LYS V 28 52.66 -50.25 8.60
C LYS V 28 51.16 -50.52 8.68
N VAL V 29 50.76 -51.58 9.39
CA VAL V 29 49.37 -52.01 9.42
C VAL V 29 48.90 -52.05 10.87
N MET V 30 47.73 -51.47 11.12
CA MET V 30 47.05 -51.58 12.40
C MET V 30 45.68 -52.20 12.16
N THR V 31 45.42 -53.33 12.82
CA THR V 31 44.15 -54.03 12.70
C THR V 31 43.42 -53.95 14.04
N VAL V 32 42.20 -53.44 14.01
CA VAL V 32 41.39 -53.24 15.21
C VAL V 32 40.17 -54.14 15.12
N ASN V 33 39.99 -55.01 16.11
CA ASN V 33 38.81 -55.85 16.22
C ASN V 33 38.03 -55.43 17.46
N TYR V 34 36.72 -55.30 17.32
CA TYR V 34 35.88 -54.90 18.44
C TYR V 34 34.49 -55.49 18.26
N ASN V 35 33.72 -55.46 19.35
CA ASN V 35 32.37 -55.98 19.38
C ASN V 35 31.37 -54.83 19.49
N THR V 36 30.20 -55.05 18.89
CA THR V 36 29.12 -54.06 18.89
C THR V 36 28.14 -54.28 20.05
N HIS V 37 28.42 -55.24 20.92
CA HIS V 37 27.56 -55.52 22.06
C HIS V 37 28.41 -55.85 23.28
N GLY V 38 27.82 -55.68 24.44
CA GLY V 38 28.50 -55.95 25.70
C GLY V 38 29.16 -54.73 26.28
N GLU V 39 29.17 -54.67 27.62
CA GLU V 39 29.76 -53.54 28.32
C GLU V 39 31.28 -53.57 28.32
N LEU V 40 31.89 -54.72 28.04
CA LEU V 40 33.34 -54.81 28.02
C LEU V 40 33.93 -54.05 26.84
N GLY V 41 33.21 -54.02 25.71
CA GLY V 41 33.69 -53.36 24.52
C GLY V 41 33.47 -51.86 24.47
N GLU V 42 33.08 -51.25 25.59
CA GLU V 42 32.86 -49.80 25.61
C GLU V 42 34.14 -49.05 25.27
N GLY V 43 35.27 -49.48 25.81
CA GLY V 43 36.53 -48.83 25.51
C GLY V 43 36.92 -48.97 24.04
N ALA V 44 36.71 -50.16 23.48
CA ALA V 44 37.07 -50.38 22.08
C ALA V 44 36.19 -49.56 21.14
N ARG V 45 34.88 -49.56 21.36
CA ARG V 45 33.97 -48.84 20.47
C ARG V 45 34.22 -47.34 20.53
N LYS V 46 34.41 -46.79 21.72
CA LYS V 46 34.69 -45.37 21.83
C LYS V 46 36.04 -45.02 21.22
N PHE V 47 37.02 -45.93 21.29
CA PHE V 47 38.29 -45.70 20.64
C PHE V 47 38.14 -45.60 19.13
N VAL V 48 37.32 -46.47 18.54
CA VAL V 48 37.08 -46.42 17.10
C VAL V 48 36.31 -45.15 16.73
N PHE V 49 35.33 -44.78 17.55
CA PHE V 49 34.47 -43.65 17.22
C PHE V 49 35.16 -42.30 17.40
N PHE V 50 36.17 -42.21 18.26
CA PHE V 50 36.79 -40.94 18.59
C PHE V 50 38.23 -40.83 18.13
N ASN V 51 39.09 -41.77 18.53
CA ASN V 51 40.52 -41.59 18.37
C ASN V 51 41.05 -42.00 17.00
N ILE V 52 40.42 -42.97 16.35
CA ILE V 52 40.93 -43.48 15.07
C ILE V 52 41.05 -42.38 14.02
N PRO V 53 40.08 -41.48 13.85
CA PRO V 53 40.33 -40.36 12.92
C PRO V 53 41.57 -39.55 13.27
N GLN V 54 41.83 -39.33 14.56
CA GLN V 54 43.03 -38.60 14.95
C GLN V 54 44.29 -39.38 14.61
N ILE V 55 44.28 -40.70 14.85
CA ILE V 55 45.46 -41.51 14.59
C ILE V 55 45.78 -41.53 13.11
N GLN V 56 44.77 -41.73 12.27
CA GLN V 56 45.01 -41.83 10.83
C GLN V 56 45.50 -40.50 10.25
N TYR V 57 45.00 -39.39 10.78
CA TYR V 57 45.39 -38.08 10.25
C TYR V 57 46.88 -37.83 10.45
N LYS V 58 47.43 -38.28 11.58
CA LYS V 58 48.85 -38.12 11.84
C LYS V 58 49.71 -39.19 11.16
N ASN V 59 49.10 -40.26 10.65
CA ASN V 59 49.83 -41.33 9.98
C ASN V 59 49.12 -41.64 8.67
N PRO V 60 49.30 -40.79 7.66
CA PRO V 60 48.60 -41.01 6.38
C PRO V 60 49.00 -42.30 5.68
N TRP V 61 50.21 -42.79 5.91
CA TRP V 61 50.72 -43.96 5.19
C TRP V 61 50.49 -45.28 5.93
N VAL V 62 49.78 -45.26 7.05
CA VAL V 62 49.54 -46.47 7.84
C VAL V 62 48.12 -46.95 7.55
N GLN V 63 48.00 -48.19 7.11
CA GLN V 63 46.69 -48.76 6.83
C GLN V 63 45.96 -49.08 8.14
N ILE V 64 44.71 -48.65 8.23
CA ILE V 64 43.85 -48.92 9.38
C ILE V 64 42.61 -49.65 8.88
N THR V 65 42.37 -50.85 9.39
CA THR V 65 41.27 -51.68 8.93
C THR V 65 40.44 -52.13 10.12
N MET V 66 39.12 -52.11 9.96
CA MET V 66 38.19 -52.48 11.01
C MET V 66 37.61 -53.87 10.76
N PHE V 67 37.36 -54.59 11.85
CA PHE V 67 36.68 -55.88 11.78
C PHE V 67 35.74 -55.98 12.98
N LYS V 68 34.46 -56.20 12.70
CA LYS V 68 33.42 -56.16 13.72
C LYS V 68 32.86 -57.56 13.95
N ASN V 69 32.79 -57.97 15.21
CA ASN V 69 32.14 -59.21 15.62
C ASN V 69 32.77 -60.43 14.94
N MET V 70 34.05 -60.63 15.22
CA MET V 70 34.76 -61.81 14.75
C MET V 70 35.46 -62.51 15.91
N THR V 71 35.81 -61.74 16.93
CA THR V 71 36.48 -62.26 18.11
C THR V 71 35.73 -61.78 19.36
N PRO V 72 35.41 -62.66 20.30
CA PRO V 72 34.67 -62.22 21.50
C PRO V 72 35.42 -61.19 22.33
N SER V 73 36.75 -61.19 22.29
CA SER V 73 37.55 -60.26 23.06
C SER V 73 38.15 -59.21 22.14
N PRO V 74 37.82 -57.93 22.32
CA PRO V 74 38.42 -56.89 21.46
C PRO V 74 39.92 -56.83 21.64
N PHE V 75 40.62 -56.51 20.57
CA PHE V 75 42.07 -56.40 20.61
C PHE V 75 42.54 -55.56 19.42
N LEU V 76 43.79 -55.11 19.52
CA LEU V 76 44.45 -54.39 18.43
C LEU V 76 45.71 -55.14 18.04
N ARG V 77 45.96 -55.21 16.73
CA ARG V 77 47.10 -55.93 16.20
C ARG V 77 47.90 -55.01 15.32
N PHE V 78 49.21 -54.98 15.54
CA PHE V 78 50.13 -54.11 14.79
C PHE V 78 51.11 -54.98 14.03
N TYR V 79 51.32 -54.67 12.76
CA TYR V 79 52.26 -55.38 11.90
C TYR V 79 53.42 -54.45 11.58
N LEU V 80 54.63 -54.89 11.91
CA LEU V 80 55.82 -54.08 11.70
C LEU V 80 56.40 -54.36 10.32
N ASP V 81 57.49 -53.66 9.99
CA ASP V 81 58.15 -53.88 8.70
C ASP V 81 58.94 -55.17 8.69
N SER V 82 59.51 -55.56 9.82
CA SER V 82 60.32 -56.76 9.92
C SER V 82 59.50 -58.01 10.21
N GLY V 83 58.19 -57.97 9.93
CA GLY V 83 57.33 -59.10 10.19
C GLY V 83 56.90 -59.27 11.62
N GLU V 84 57.32 -58.36 12.51
CA GLU V 84 56.96 -58.47 13.92
C GLU V 84 55.49 -58.13 14.10
N GLN V 85 54.83 -58.88 14.98
CA GLN V 85 53.42 -58.68 15.29
C GLN V 85 53.28 -58.24 16.74
N VAL V 86 52.63 -57.10 16.95
CA VAL V 86 52.34 -56.59 18.28
C VAL V 86 50.85 -56.79 18.55
N LEU V 87 50.54 -57.51 19.63
CA LEU V 87 49.17 -57.77 20.01
C LEU V 87 48.84 -56.96 21.26
N VAL V 88 47.82 -56.12 21.18
CA VAL V 88 47.35 -55.31 22.30
C VAL V 88 45.97 -55.81 22.68
N ASP V 89 45.80 -56.18 23.94
CA ASP V 89 44.55 -56.70 24.44
C ASP V 89 43.80 -55.61 25.19
N VAL V 90 42.57 -55.33 24.76
CA VAL V 90 41.71 -54.37 25.41
C VAL V 90 40.38 -55.04 25.71
N GLU V 91 40.05 -55.18 27.00
CA GLU V 91 38.79 -55.76 27.41
C GLU V 91 38.05 -54.93 28.45
N SER V 92 38.76 -54.14 29.26
CA SER V 92 38.13 -53.18 30.16
C SER V 92 38.74 -51.80 30.10
N LYS V 93 39.87 -51.61 29.41
CA LYS V 93 40.50 -50.30 29.33
C LYS V 93 39.59 -49.31 28.62
N SER V 94 39.59 -48.07 29.10
CA SER V 94 38.72 -47.03 28.58
C SER V 94 39.31 -46.43 27.31
N ASN V 95 38.59 -45.47 26.74
CA ASN V 95 39.06 -44.76 25.54
C ASN V 95 40.43 -44.12 25.78
N LYS V 96 40.59 -43.42 26.89
CA LYS V 96 41.84 -42.72 27.17
C LYS V 96 42.99 -43.68 27.39
N GLU V 97 42.72 -44.80 28.07
CA GLU V 97 43.80 -45.72 28.43
C GLU V 97 44.49 -46.29 27.19
N ILE V 98 43.71 -46.67 26.19
CA ILE V 98 44.28 -47.31 25.00
C ILE V 98 45.23 -46.35 24.29
N VAL V 99 44.85 -45.08 24.17
CA VAL V 99 45.69 -44.10 23.49
C VAL V 99 47.02 -43.93 24.22
N GLU V 100 46.97 -43.88 25.55
CA GLU V 100 48.20 -43.83 26.34
C GLU V 100 49.00 -45.11 26.19
N HIS V 101 48.33 -46.26 26.15
CA HIS V 101 49.03 -47.53 25.98
C HIS V 101 49.66 -47.64 24.60
N ILE V 102 48.95 -47.22 23.56
CA ILE V 102 49.49 -47.26 22.20
C ILE V 102 50.67 -46.32 22.08
N ARG V 103 50.55 -45.10 22.64
CA ARG V 103 51.60 -44.10 22.52
C ARG V 103 52.93 -44.57 23.11
N LYS V 104 52.90 -45.53 24.04
CA LYS V 104 54.14 -45.93 24.68
C LYS V 104 54.78 -47.14 24.00
N ILE V 105 53.99 -48.10 23.52
CA ILE V 105 54.56 -49.30 22.92
C ILE V 105 55.18 -48.95 21.55
N LEU V 106 54.49 -48.13 20.75
CA LEU V 106 54.92 -47.84 19.39
C LEU V 106 54.98 -46.36 19.05
N GLY V 107 54.52 -45.48 19.93
CA GLY V 107 54.57 -44.07 19.63
C GLY V 107 55.98 -43.51 19.67
N LYS V 108 56.13 -42.32 19.11
CA LYS V 108 57.43 -41.66 19.09
C LYS V 108 57.61 -40.80 20.34
N ASN V 109 58.86 -40.63 20.74
CA ASN V 109 59.17 -39.87 21.94
C ASN V 109 59.07 -38.37 21.67
N GLU V 110 58.82 -37.61 22.74
CA GLU V 110 58.65 -36.17 22.60
C GLU V 110 59.94 -35.52 22.12
N GLU V 111 61.09 -35.97 22.62
CA GLU V 111 62.36 -35.41 22.18
C GLU V 111 62.61 -35.68 20.71
N THR V 112 62.20 -36.85 20.22
CA THR V 112 62.38 -37.17 18.81
C THR V 112 61.54 -36.27 17.92
N LEU V 113 60.30 -36.01 18.31
CA LEU V 113 59.43 -35.16 17.51
C LEU V 113 59.92 -33.71 17.46
N GLU V 114 60.33 -33.17 18.62
CA GLU V 114 60.74 -31.77 18.66
C GLU V 114 62.06 -31.55 17.92
N LYS V 115 62.97 -32.53 17.97
CA LYS V 115 64.21 -32.40 17.21
C LYS V 115 63.99 -32.62 15.72
N GLU V 116 62.96 -33.37 15.35
CA GLU V 116 62.67 -33.59 13.93
C GLU V 116 62.25 -32.29 13.25
N GLU V 117 61.35 -31.54 13.88
CA GLU V 117 60.91 -30.28 13.31
C GLU V 117 61.98 -29.20 13.44
N GLN V 118 62.85 -29.32 14.43
CA GLN V 118 63.96 -28.37 14.55
C GLN V 118 64.88 -28.45 13.35
N GLU V 119 65.19 -29.66 12.90
CA GLU V 119 65.99 -29.83 11.69
C GLU V 119 65.21 -29.44 10.44
N LYS V 120 63.89 -29.41 10.51
CA LYS V 120 63.09 -28.99 9.37
C LYS V 120 63.13 -27.49 9.18
N LYS V 121 63.34 -26.73 10.26
CA LYS V 121 63.33 -25.28 10.17
C LYS V 121 64.50 -24.77 9.32
N GLN V 122 65.65 -25.42 9.41
CA GLN V 122 66.84 -24.94 8.71
C GLN V 122 66.71 -25.03 7.19
N LEU V 123 65.70 -25.74 6.68
CA LEU V 123 65.49 -25.78 5.24
C LEU V 123 65.11 -24.39 4.71
N SER V 124 64.26 -23.68 5.44
CA SER V 124 63.87 -22.32 5.06
C SER V 124 64.81 -21.34 5.76
N HIS V 125 66.01 -21.23 5.21
CA HIS V 125 67.03 -20.38 5.81
C HIS V 125 66.66 -18.91 5.63
N PRO V 126 66.70 -18.10 6.70
CA PRO V 126 66.31 -16.69 6.57
C PRO V 126 67.22 -15.87 5.66
N ALA V 127 68.43 -16.33 5.39
CA ALA V 127 69.41 -15.54 4.66
C ALA V 127 69.25 -15.62 3.14
N HIS V 128 68.27 -16.37 2.64
CA HIS V 128 68.10 -16.54 1.21
C HIS V 128 67.10 -15.53 0.65
N PHE V 129 67.11 -15.40 -0.68
CA PHE V 129 66.21 -14.51 -1.40
C PHE V 129 65.45 -15.30 -2.45
N GLY V 130 64.28 -14.79 -2.81
CA GLY V 130 63.48 -15.41 -3.84
C GLY V 130 62.00 -15.12 -3.71
N PRO V 131 61.17 -16.03 -4.21
CA PRO V 131 59.71 -15.82 -4.11
C PRO V 131 59.22 -15.85 -2.67
N ARG V 132 58.09 -15.16 -2.46
CA ARG V 132 57.54 -15.04 -1.11
C ARG V 132 57.16 -16.39 -0.52
N LYS V 133 56.78 -17.36 -1.36
CA LYS V 133 56.31 -18.64 -0.86
C LYS V 133 57.43 -19.45 -0.22
N TYR V 134 58.68 -19.22 -0.63
CA TYR V 134 59.81 -19.99 -0.13
C TYR V 134 60.81 -19.16 0.65
N CYS V 135 60.94 -17.87 0.35
CA CYS V 135 61.89 -17.00 1.04
C CYS V 135 61.17 -15.76 1.57
N LEU V 136 61.81 -15.11 2.53
CA LEU V 136 61.21 -13.93 3.16
C LEU V 136 61.27 -12.72 2.22
N ARG V 137 62.47 -12.32 1.83
CA ARG V 137 62.64 -11.19 0.93
C ARG V 137 62.66 -11.66 -0.52
N GLU V 138 62.35 -10.73 -1.43
CA GLU V 138 62.38 -10.99 -2.85
C GLU V 138 63.54 -10.30 -3.57
N CYS V 139 64.08 -9.23 -3.00
CA CYS V 139 65.16 -8.48 -3.61
C CYS V 139 65.98 -7.82 -2.51
N MET V 140 67.16 -7.34 -2.87
CA MET V 140 68.02 -6.68 -1.91
C MET V 140 67.53 -5.28 -1.56
N CYS V 141 66.69 -4.68 -2.41
CA CYS V 141 66.16 -3.35 -2.13
C CYS V 141 65.22 -3.33 -0.94
N GLU V 142 64.73 -4.48 -0.49
CA GLU V 142 63.85 -4.55 0.67
C GLU V 142 64.61 -4.57 1.98
N VAL V 143 65.88 -4.18 1.98
CA VAL V 143 66.71 -4.10 3.17
C VAL V 143 67.10 -2.64 3.36
N GLU V 144 66.79 -2.10 4.54
CA GLU V 144 67.02 -0.69 4.81
C GLU V 144 68.49 -0.35 4.70
N GLY V 145 68.80 0.76 4.02
CA GLY V 145 70.17 1.17 3.84
C GLY V 145 70.67 0.93 2.43
N GLN V 146 70.24 -0.17 1.82
CA GLN V 146 70.65 -0.50 0.46
C GLN V 146 69.95 0.43 -0.54
N VAL V 147 70.46 0.42 -1.76
CA VAL V 147 69.89 1.23 -2.84
C VAL V 147 68.50 0.71 -3.14
N PRO V 148 67.48 1.56 -3.10
CA PRO V 148 66.10 1.08 -3.29
C PRO V 148 65.81 0.75 -4.74
N CYS V 149 64.71 0.03 -4.94
CA CYS V 149 64.27 -0.33 -6.28
C CYS V 149 63.95 0.93 -7.07
N PRO V 150 64.40 1.03 -8.33
CA PRO V 150 64.10 2.24 -9.12
C PRO V 150 62.62 2.46 -9.38
N GLY V 151 61.80 1.42 -9.23
CA GLY V 151 60.37 1.60 -9.41
C GLY V 151 59.76 2.53 -8.39
N LEU V 152 60.14 2.37 -7.12
CA LEU V 152 59.63 3.23 -6.06
C LEU V 152 60.30 4.61 -6.12
N VAL V 153 61.61 4.65 -5.94
CA VAL V 153 62.38 5.88 -5.92
C VAL V 153 63.22 5.92 -7.19
N PRO V 154 62.99 6.87 -8.11
CA PRO V 154 63.82 6.95 -9.31
C PRO V 154 65.28 7.19 -8.97
N LEU V 155 66.16 6.56 -9.74
CA LEU V 155 67.60 6.64 -9.51
C LEU V 155 68.14 7.98 -9.96
N PRO V 156 69.27 8.42 -9.41
CA PRO V 156 69.93 9.63 -9.91
C PRO V 156 70.40 9.46 -11.34
N LYS V 157 70.47 10.58 -12.05
CA LYS V 157 70.79 10.54 -13.48
C LYS V 157 72.20 10.01 -13.72
N GLU V 158 73.14 10.31 -12.82
CA GLU V 158 74.52 9.90 -13.02
C GLU V 158 74.69 8.39 -13.05
N MET V 159 73.75 7.64 -12.45
CA MET V 159 73.85 6.19 -12.41
C MET V 159 73.05 5.51 -13.52
N THR V 160 72.12 6.21 -14.16
CA THR V 160 71.35 5.63 -15.23
C THR V 160 72.24 5.30 -16.43
N GLY V 161 71.98 4.15 -17.04
CA GLY V 161 72.79 3.74 -18.19
C GLY V 161 72.58 4.63 -19.40
N LYS V 162 71.41 5.27 -19.51
CA LYS V 162 71.16 6.18 -20.62
C LYS V 162 72.14 7.36 -20.57
N TYR V 163 72.36 7.91 -19.38
CA TYR V 163 73.33 9.00 -19.25
C TYR V 163 74.77 8.50 -19.39
N LYS V 164 75.05 7.29 -18.92
CA LYS V 164 76.40 6.75 -19.05
C LYS V 164 76.79 6.57 -20.51
N ALA V 165 75.86 6.06 -21.33
CA ALA V 165 76.15 5.84 -22.75
C ALA V 165 76.26 7.15 -23.50
N ALA V 166 75.50 8.16 -23.10
CA ALA V 166 75.53 9.44 -23.81
C ALA V 166 76.91 10.11 -23.71
N LEU V 167 77.52 10.08 -22.52
CA LEU V 167 78.82 10.72 -22.37
C LEU V 167 79.93 9.91 -23.03
N LYS V 168 79.81 8.57 -23.03
CA LYS V 168 80.83 7.75 -23.67
C LYS V 168 80.85 7.98 -25.18
N ALA V 169 79.67 8.10 -25.79
CA ALA V 169 79.59 8.41 -27.22
C ALA V 169 79.92 9.86 -27.51
N THR V 170 79.96 10.72 -26.49
CA THR V 170 80.28 12.13 -26.69
C THR V 170 81.65 12.46 -26.10
N ARG W 27 69.44 -19.05 -29.94
CA ARG W 27 70.71 -19.61 -30.39
C ARG W 27 70.46 -20.61 -31.52
N LYS W 28 71.41 -20.72 -32.44
CA LYS W 28 71.24 -21.58 -33.60
C LYS W 28 71.16 -23.05 -33.19
N THR W 29 70.86 -23.89 -34.17
CA THR W 29 70.76 -25.33 -33.97
C THR W 29 71.80 -26.03 -34.83
N ARG W 30 71.89 -27.35 -34.66
CA ARG W 30 72.88 -28.14 -35.38
C ARG W 30 72.62 -28.13 -36.88
N HIS W 31 71.35 -28.23 -37.28
CA HIS W 31 70.99 -28.43 -38.67
C HIS W 31 70.80 -27.14 -39.45
N ASP W 32 70.85 -25.98 -38.81
CA ASP W 32 70.64 -24.84 -39.69
C ASP W 32 71.95 -24.43 -40.36
N PRO W 33 71.88 -23.89 -41.59
CA PRO W 33 73.10 -23.49 -42.27
C PRO W 33 73.72 -22.28 -41.62
N PRO W 34 75.03 -22.11 -41.73
CA PRO W 34 75.70 -20.92 -41.19
C PRO W 34 75.43 -19.71 -42.08
N ALA W 35 75.90 -18.56 -41.60
CA ALA W 35 75.72 -17.32 -42.35
C ALA W 35 76.66 -17.29 -43.55
N LYS W 36 76.44 -16.30 -44.42
CA LYS W 36 77.24 -16.14 -45.64
C LYS W 36 78.38 -15.15 -45.47
N SER W 37 78.14 -14.02 -44.82
CA SER W 37 79.17 -13.00 -44.68
C SER W 37 80.34 -13.51 -43.85
N LYS W 38 80.04 -14.15 -42.72
CA LYS W 38 81.08 -14.67 -41.84
C LYS W 38 81.34 -16.15 -42.14
N ALA W 39 81.72 -16.42 -43.39
CA ALA W 39 82.05 -17.76 -43.83
C ALA W 39 83.49 -17.90 -44.33
N GLY W 40 84.25 -16.80 -44.37
CA GLY W 40 85.63 -16.87 -44.80
C GLY W 40 86.62 -16.82 -43.65
N ARG W 41 86.36 -15.95 -42.68
CA ARG W 41 87.23 -15.85 -41.51
C ARG W 41 87.05 -17.06 -40.60
N VAL W 42 88.08 -17.32 -39.80
CA VAL W 42 88.06 -18.39 -38.80
C VAL W 42 88.35 -17.86 -37.41
N ALA W 43 89.47 -17.15 -37.25
CA ALA W 43 89.86 -16.58 -35.97
C ALA W 43 90.98 -15.57 -36.20
N THR W 44 91.15 -14.69 -35.23
CA THR W 44 92.23 -13.69 -35.24
C THR W 44 92.74 -13.53 -33.81
N PRO W 45 93.73 -14.33 -33.41
CA PRO W 45 94.22 -14.23 -32.04
C PRO W 45 94.88 -12.90 -31.80
N PRO W 46 94.80 -12.36 -30.59
CA PRO W 46 95.41 -11.07 -30.28
C PRO W 46 96.91 -11.20 -30.13
N ALA W 47 97.55 -10.05 -29.91
CA ALA W 47 98.99 -10.03 -29.71
C ALA W 47 99.34 -10.63 -28.35
N VAL W 48 100.60 -11.02 -28.20
CA VAL W 48 101.10 -11.64 -26.97
C VAL W 48 102.27 -10.82 -26.47
N ASP W 49 102.13 -10.27 -25.26
CA ASP W 49 103.25 -9.62 -24.60
C ASP W 49 104.18 -10.69 -24.02
N PRO W 50 105.44 -10.75 -24.42
CA PRO W 50 106.29 -11.86 -23.96
C PRO W 50 106.48 -11.90 -22.46
N THR W 51 106.92 -10.79 -21.85
CA THR W 51 107.17 -10.78 -20.42
C THR W 51 105.89 -11.02 -19.63
N GLU W 52 104.81 -10.36 -20.03
CA GLU W 52 103.55 -10.47 -19.28
C GLU W 52 102.96 -11.87 -19.40
N PHE W 53 103.03 -12.48 -20.58
CA PHE W 53 102.41 -13.78 -20.78
C PHE W 53 103.09 -14.86 -19.94
N PHE W 54 104.43 -14.83 -19.86
CA PHE W 54 105.14 -15.85 -19.09
C PHE W 54 104.80 -15.74 -17.60
N VAL W 55 104.76 -14.52 -17.08
CA VAL W 55 104.42 -14.34 -15.66
C VAL W 55 102.99 -14.79 -15.40
N LEU W 56 102.07 -14.44 -16.29
CA LEU W 56 100.69 -14.87 -16.14
C LEU W 56 100.57 -16.39 -16.18
N THR W 57 101.32 -17.03 -17.07
CA THR W 57 101.31 -18.49 -17.13
C THR W 57 101.86 -19.09 -15.85
N GLU W 58 102.92 -18.49 -15.29
CA GLU W 58 103.49 -18.99 -14.05
C GLU W 58 102.51 -18.85 -12.89
N ARG W 59 101.79 -17.74 -12.83
CA ARG W 59 100.80 -17.56 -11.76
C ARG W 59 99.72 -18.63 -11.86
N TYR W 60 99.23 -18.92 -13.06
CA TYR W 60 98.18 -19.91 -13.22
C TYR W 60 98.65 -21.29 -12.78
N ARG W 61 99.88 -21.66 -13.11
CA ARG W 61 100.38 -22.99 -12.79
C ARG W 61 100.40 -23.20 -11.27
N GLN W 62 100.81 -22.18 -10.52
CA GLN W 62 100.79 -22.30 -9.06
C GLN W 62 99.36 -22.18 -8.53
N TYR W 63 98.56 -21.29 -9.13
CA TYR W 63 97.19 -21.09 -8.66
C TYR W 63 96.36 -22.35 -8.83
N ARG W 64 96.46 -23.00 -10.00
CA ARG W 64 95.72 -24.25 -10.21
C ARG W 64 96.20 -25.32 -9.25
N GLN W 65 97.50 -25.36 -8.97
CA GLN W 65 98.03 -26.32 -8.02
C GLN W 65 97.47 -26.11 -6.62
N THR W 66 97.37 -24.84 -6.19
CA THR W 66 96.87 -24.55 -4.85
C THR W 66 95.38 -24.90 -4.72
N VAL W 67 94.58 -24.57 -5.73
CA VAL W 67 93.15 -24.85 -5.67
C VAL W 67 92.92 -26.35 -5.69
N ARG W 68 93.73 -27.09 -6.46
CA ARG W 68 93.56 -28.54 -6.52
C ARG W 68 93.77 -29.19 -5.17
N ALA W 69 94.78 -28.73 -4.42
CA ALA W 69 95.01 -29.28 -3.08
C ALA W 69 93.82 -28.98 -2.17
N LEU W 70 93.28 -27.75 -2.25
CA LEU W 70 92.09 -27.43 -1.48
C LEU W 70 90.91 -28.29 -1.90
N ARG W 71 90.77 -28.53 -3.21
CA ARG W 71 89.67 -29.37 -3.69
C ARG W 71 89.78 -30.78 -3.16
N LEU W 72 90.99 -31.34 -3.11
CA LEU W 72 91.18 -32.66 -2.54
C LEU W 72 90.99 -32.66 -1.03
N GLU W 73 91.40 -31.56 -0.37
CA GLU W 73 91.18 -31.47 1.07
C GLU W 73 89.69 -31.43 1.39
N PHE W 74 88.91 -30.68 0.63
CA PHE W 74 87.47 -30.68 0.80
C PHE W 74 86.87 -32.03 0.45
N MET W 75 87.42 -32.72 -0.55
CA MET W 75 86.94 -34.04 -0.91
C MET W 75 87.10 -35.02 0.26
N SER W 76 88.24 -34.97 0.93
CA SER W 76 88.44 -35.85 2.09
C SER W 76 87.52 -35.48 3.23
N GLU W 77 87.19 -34.20 3.39
CA GLU W 77 86.26 -33.79 4.43
C GLU W 77 84.87 -34.39 4.21
N VAL W 78 84.42 -34.40 2.96
CA VAL W 78 83.10 -34.97 2.66
C VAL W 78 83.09 -36.46 2.98
N ARG W 79 84.18 -37.17 2.66
CA ARG W 79 84.25 -38.58 2.98
C ARG W 79 84.15 -38.81 4.48
N LYS W 80 84.83 -37.99 5.27
CA LYS W 80 84.75 -38.11 6.73
C LYS W 80 83.34 -37.88 7.22
N LYS W 81 82.69 -36.83 6.72
CA LYS W 81 81.32 -36.52 7.16
C LYS W 81 80.36 -37.64 6.81
N LEU W 82 80.45 -38.16 5.58
CA LEU W 82 79.53 -39.21 5.16
C LEU W 82 79.77 -40.50 5.93
N HIS W 83 81.04 -40.83 6.18
CA HIS W 83 81.36 -42.06 6.90
C HIS W 83 80.83 -42.01 8.34
N GLU W 84 80.96 -40.87 9.00
CA GLU W 84 80.47 -40.74 10.37
C GLU W 84 78.94 -40.82 10.43
N ALA W 85 78.26 -40.28 9.43
CA ALA W 85 76.80 -40.36 9.41
C ALA W 85 76.31 -41.78 9.19
N ARG W 86 77.08 -42.60 8.50
CA ARG W 86 76.65 -43.97 8.20
C ARG W 86 77.01 -44.92 9.35
N ALA W 87 78.29 -45.02 9.68
CA ALA W 87 78.76 -45.99 10.67
C ALA W 87 79.57 -45.31 11.76
N GLY W 88 79.12 -44.14 12.20
CA GLY W 88 79.76 -43.47 13.31
C GLY W 88 79.39 -44.12 14.63
N VAL W 89 80.18 -43.79 15.66
CA VAL W 89 79.96 -44.36 16.99
C VAL W 89 78.59 -43.95 17.52
N GLN W 90 78.21 -42.69 17.32
CA GLN W 90 76.89 -42.25 17.76
C GLN W 90 75.78 -43.00 17.04
N ALA W 91 76.01 -43.38 15.77
CA ALA W 91 75.01 -44.14 15.05
C ALA W 91 74.78 -45.51 15.70
N GLU W 92 75.85 -46.16 16.13
CA GLU W 92 75.69 -47.44 16.81
C GLU W 92 74.96 -47.27 18.14
N ARG W 93 75.24 -46.18 18.87
CA ARG W 93 74.51 -45.93 20.11
C ARG W 93 73.02 -45.74 19.83
N LYS W 94 72.68 -44.96 18.80
CA LYS W 94 71.29 -44.75 18.44
C LYS W 94 70.63 -46.07 18.04
N ALA W 95 71.30 -46.87 17.22
CA ALA W 95 70.72 -48.13 16.76
C ALA W 95 70.48 -49.08 17.92
N GLN W 96 71.45 -49.17 18.85
CA GLN W 96 71.28 -50.06 19.99
C GLN W 96 70.21 -49.54 20.95
N GLU W 97 70.11 -48.22 21.11
CA GLU W 97 69.14 -47.66 22.04
C GLU W 97 67.71 -47.97 21.61
N ASP W 98 67.39 -47.73 20.34
CA ASP W 98 66.03 -48.03 19.87
C ASP W 98 65.76 -49.53 19.91
N ALA W 99 66.75 -50.35 19.56
CA ALA W 99 66.58 -51.80 19.63
C ALA W 99 66.36 -52.25 21.07
N ALA W 100 67.13 -51.70 22.01
CA ALA W 100 66.95 -52.07 23.40
C ALA W 100 65.59 -51.63 23.93
N GLU W 101 65.15 -50.42 23.54
CA GLU W 101 63.85 -49.94 23.97
C GLU W 101 62.72 -50.81 23.41
N HIS W 102 62.85 -51.25 22.15
CA HIS W 102 61.79 -52.02 21.53
C HIS W 102 61.60 -53.36 22.22
N ARG W 103 62.70 -54.01 22.63
CA ARG W 103 62.59 -55.32 23.27
C ARG W 103 61.88 -55.22 24.61
N GLU W 104 62.28 -54.26 25.45
CA GLU W 104 61.66 -54.14 26.77
C GLU W 104 60.20 -53.73 26.67
N LEU W 105 59.87 -52.84 25.74
CA LEU W 105 58.47 -52.47 25.52
C LEU W 105 57.67 -53.67 25.04
N MET W 106 58.25 -54.48 24.14
CA MET W 106 57.61 -55.73 23.75
C MET W 106 57.49 -56.67 24.95
N ALA W 107 58.52 -56.74 25.78
CA ALA W 107 58.45 -57.58 26.98
C ALA W 107 57.37 -57.10 27.93
N TRP W 108 57.25 -55.78 28.11
CA TRP W 108 56.20 -55.25 28.97
C TRP W 108 54.82 -55.56 28.43
N ASN W 109 54.64 -55.40 27.10
CA ASN W 109 53.34 -55.67 26.51
C ASN W 109 52.96 -57.14 26.66
N GLN W 110 53.93 -58.05 26.52
CA GLN W 110 53.66 -59.47 26.71
C GLN W 110 53.20 -59.75 28.13
N ALA W 111 53.85 -59.12 29.12
CA ALA W 111 53.43 -59.29 30.50
C ALA W 111 52.05 -58.68 30.73
N GLU W 112 51.75 -57.56 30.07
CA GLU W 112 50.45 -56.92 30.23
C GLU W 112 49.33 -57.84 29.75
N ASN W 113 49.53 -58.51 28.61
CA ASN W 113 48.52 -59.44 28.12
C ASN W 113 48.34 -60.60 29.09
N GLN W 114 49.43 -61.11 29.66
CA GLN W 114 49.32 -62.19 30.64
C GLN W 114 48.56 -61.73 31.88
N ARG W 115 48.81 -60.51 32.33
CA ARG W 115 48.10 -60.01 33.51
C ARG W 115 46.61 -59.90 33.23
N LEU W 116 46.23 -59.38 32.06
CA LEU W 116 44.82 -59.32 31.70
C LEU W 116 44.23 -60.72 31.49
N HIS W 117 45.04 -61.65 30.99
CA HIS W 117 44.55 -63.00 30.76
C HIS W 117 44.14 -63.67 32.06
N GLU W 118 44.93 -63.46 33.13
CA GLU W 118 44.57 -64.05 34.42
C GLU W 118 43.25 -63.49 34.93
N LEU W 119 43.01 -62.19 34.76
CA LEU W 119 41.74 -61.61 35.15
C LEU W 119 40.59 -62.20 34.34
N ARG W 120 40.81 -62.41 33.05
CA ARG W 120 39.76 -62.98 32.21
C ARG W 120 39.41 -64.39 32.64
N LEU W 121 40.42 -65.21 32.95
CA LEU W 121 40.15 -66.58 33.38
C LEU W 121 39.37 -66.59 34.70
N ALA W 122 39.73 -65.72 35.63
CA ALA W 122 38.98 -65.63 36.88
C ALA W 122 37.56 -65.14 36.64
N ARG W 123 37.38 -64.13 35.78
CA ARG W 123 36.05 -63.59 35.54
C ARG W 123 35.15 -64.60 34.84
N LEU W 124 35.72 -65.41 33.94
CA LEU W 124 34.92 -66.40 33.24
C LEU W 124 34.40 -67.48 34.18
N ARG W 125 35.18 -67.83 35.21
CA ARG W 125 34.70 -68.81 36.19
C ARG W 125 33.47 -68.29 36.91
N GLN W 126 33.46 -67.00 37.26
CA GLN W 126 32.27 -66.41 37.88
C GLN W 126 31.08 -66.45 36.93
N GLU W 127 31.30 -66.12 35.66
CA GLU W 127 30.23 -66.21 34.68
C GLU W 127 29.78 -67.64 34.47
N ALA W 128 30.74 -68.58 34.40
CA ALA W 128 30.38 -69.98 34.22
C ALA W 128 29.59 -70.51 35.41
N LEU W 129 29.98 -70.13 36.62
CA LEU W 129 29.25 -70.57 37.81
C LEU W 129 27.83 -70.02 37.80
N GLU W 130 27.66 -68.75 37.40
CA GLU W 130 26.32 -68.20 37.27
C GLU W 130 25.53 -68.90 36.18
N GLN W 131 26.19 -69.26 35.07
CA GLN W 131 25.50 -69.92 33.98
C GLN W 131 24.94 -71.27 34.42
N GLU W 132 25.71 -72.03 35.20
CA GLU W 132 25.21 -73.29 35.73
C GLU W 132 24.02 -73.07 36.66
N ARG W 133 24.07 -72.02 37.47
CA ARG W 133 22.91 -71.69 38.31
C ARG W 133 21.70 -71.35 37.47
N ARG W 134 21.89 -70.56 36.40
CA ARG W 134 20.78 -70.25 35.50
C ARG W 134 20.26 -71.50 34.82
N GLN W 135 21.15 -72.41 34.43
CA GLN W 135 20.73 -73.64 33.78
C GLN W 135 19.87 -74.49 34.71
N ALA W 136 20.25 -74.56 35.99
CA ALA W 136 19.47 -75.34 36.95
C ALA W 136 18.07 -74.77 37.13
N GLU W 137 17.97 -73.43 37.20
CA GLU W 137 16.65 -72.80 37.34
C GLU W 137 15.80 -73.05 36.10
N GLU W 138 16.41 -72.98 34.91
CA GLU W 138 15.69 -73.28 33.68
C GLU W 138 15.22 -74.74 33.66
N ALA W 139 16.06 -75.65 34.15
CA ALA W 139 15.71 -77.07 34.13
C ALA W 139 14.48 -77.35 34.98
N VAL W 140 14.38 -76.71 36.15
CA VAL W 140 13.20 -76.91 36.99
C VAL W 140 11.95 -76.37 36.32
N LEU W 141 12.06 -75.19 35.70
CA LEU W 141 10.91 -74.62 35.00
C LEU W 141 10.46 -75.50 33.85
N GLN W 142 11.41 -76.01 33.07
CA GLN W 142 11.06 -76.89 31.97
C GLN W 142 10.46 -78.20 32.46
N ALA W 143 11.02 -78.76 33.54
CA ALA W 143 10.49 -80.01 34.09
C ALA W 143 9.08 -79.82 34.63
N ARG W 144 8.82 -78.69 35.28
CA ARG W 144 7.48 -78.41 35.79
C ARG W 144 6.47 -78.31 34.66
N GLU W 145 6.84 -77.63 33.57
CA GLU W 145 5.94 -77.54 32.42
C GLU W 145 5.83 -78.87 31.70
N ALA W 146 6.89 -79.67 31.68
CA ALA W 146 6.83 -80.97 31.03
C ALA W 146 5.84 -81.90 31.73
N GLN W 147 5.85 -81.90 33.06
CA GLN W 147 4.91 -82.73 33.81
C GLN W 147 3.47 -82.29 33.58
N ALA W 148 3.23 -80.97 33.57
CA ALA W 148 1.87 -80.47 33.40
C ALA W 148 1.32 -80.80 32.02
N TRP W 149 2.15 -80.64 30.98
CA TRP W 149 1.68 -80.89 29.62
C TRP W 149 1.36 -82.36 29.38
N ALA W 150 2.14 -83.27 29.96
CA ALA W 150 1.90 -84.69 29.72
C ALA W 150 0.63 -85.18 30.42
N GLN W 151 0.23 -84.52 31.51
CA GLN W 151 -0.98 -84.94 32.22
C GLN W 151 -2.22 -84.76 31.35
N LEU W 152 -2.32 -83.62 30.65
CA LEU W 152 -3.48 -83.38 29.80
C LEU W 152 -3.53 -84.33 28.61
N LYS W 153 -2.38 -84.65 28.02
CA LYS W 153 -2.35 -85.59 26.91
C LYS W 153 -2.83 -86.97 27.35
N GLU W 154 -2.42 -87.40 28.54
CA GLU W 154 -2.97 -88.63 29.10
C GLU W 154 -4.45 -88.48 29.42
N GLN W 155 -4.87 -87.28 29.86
CA GLN W 155 -6.29 -87.04 30.09
C GLN W 155 -7.08 -87.09 28.78
N GLU W 156 -6.53 -86.48 27.73
CA GLU W 156 -7.24 -86.45 26.44
C GLU W 156 -7.41 -87.84 25.86
N VAL W 157 -6.36 -88.67 25.92
CA VAL W 157 -6.46 -90.02 25.39
C VAL W 157 -7.34 -90.90 26.26
N LEU W 158 -7.41 -90.61 27.57
CA LEU W 158 -8.26 -91.42 28.45
C LEU W 158 -9.74 -91.26 28.09
N GLN W 159 -10.18 -90.04 27.82
CA GLN W 159 -11.58 -89.85 27.45
C GLN W 159 -11.90 -90.43 26.08
N LEU W 160 -10.93 -90.44 25.16
CA LEU W 160 -11.15 -91.12 23.89
C LEU W 160 -11.25 -92.62 24.09
N GLN W 161 -10.55 -93.16 25.09
CA GLN W 161 -10.66 -94.57 25.39
C GLN W 161 -12.09 -94.93 25.78
N GLU W 162 -12.73 -94.10 26.60
CA GLU W 162 -14.12 -94.33 26.98
C GLU W 162 -15.08 -93.99 25.85
N GLU W 163 -14.80 -92.92 25.09
CA GLU W 163 -15.67 -92.55 23.98
C GLU W 163 -15.66 -93.57 22.85
N ALA W 164 -14.60 -94.39 22.75
CA ALA W 164 -14.52 -95.38 21.68
C ALA W 164 -15.57 -96.48 21.84
N LYS W 165 -16.11 -96.67 23.05
CA LYS W 165 -17.08 -97.73 23.25
C LYS W 165 -18.41 -97.44 22.56
N THR W 166 -18.80 -96.17 22.47
CA THR W 166 -20.09 -95.80 21.92
C THR W 166 -20.04 -95.46 20.43
N PHE W 167 -18.88 -95.60 19.79
CA PHE W 167 -18.78 -95.31 18.37
C PHE W 167 -19.58 -96.33 17.56
N ILE W 168 -20.06 -95.89 16.40
CA ILE W 168 -20.90 -96.72 15.55
C ILE W 168 -20.02 -97.60 14.67
N THR W 169 -20.13 -98.91 14.84
CA THR W 169 -19.44 -99.89 14.01
C THR W 169 -20.43 -100.61 13.13
N ARG W 170 -19.91 -101.35 12.14
CA ARG W 170 -20.79 -102.07 11.23
C ARG W 170 -21.60 -103.15 11.95
N GLU W 171 -21.13 -103.64 13.10
CA GLU W 171 -21.87 -104.65 13.85
C GLU W 171 -23.20 -104.10 14.35
N ASN W 172 -23.20 -102.86 14.85
CA ASN W 172 -24.39 -102.27 15.44
C ASN W 172 -24.89 -101.09 14.60
N LEU W 173 -24.76 -101.22 13.27
CA LEU W 173 -25.23 -100.16 12.37
C LEU W 173 -26.75 -100.07 12.39
N GLU W 174 -27.43 -101.21 12.42
CA GLU W 174 -28.90 -101.20 12.45
C GLU W 174 -29.41 -100.66 13.78
N ALA W 175 -28.86 -101.15 14.89
CA ALA W 175 -29.37 -100.78 16.21
C ALA W 175 -29.30 -99.28 16.44
N ARG W 176 -28.16 -98.68 16.12
CA ARG W 176 -28.02 -97.23 16.32
C ARG W 176 -28.98 -96.44 15.44
N VAL W 177 -29.15 -96.86 14.18
CA VAL W 177 -30.06 -96.16 13.29
C VAL W 177 -31.49 -96.28 13.80
N GLU W 178 -31.88 -97.48 14.23
CA GLU W 178 -33.22 -97.67 14.76
C GLU W 178 -33.43 -96.87 16.05
N GLU W 179 -32.42 -96.85 16.92
CA GLU W 179 -32.53 -96.04 18.14
C GLU W 179 -32.62 -94.56 17.82
N ALA W 180 -31.84 -94.10 16.84
CA ALA W 180 -31.85 -92.68 16.49
C ALA W 180 -33.22 -92.23 15.98
N LEU W 181 -33.87 -93.06 15.16
CA LEU W 181 -35.15 -92.69 14.59
C LEU W 181 -36.27 -92.64 15.62
N ASP W 182 -36.04 -93.13 16.83
CA ASP W 182 -37.07 -93.14 17.87
C ASP W 182 -36.81 -92.14 18.98
N SER W 183 -35.69 -91.43 18.98
CA SER W 183 -35.32 -90.50 20.06
C SER W 183 -34.97 -89.15 19.46
N PRO W 184 -35.97 -88.37 19.05
CA PRO W 184 -35.69 -87.03 18.54
C PRO W 184 -35.18 -86.11 19.64
N LYS W 185 -34.32 -85.17 19.25
CA LYS W 185 -33.79 -84.18 20.17
C LYS W 185 -33.54 -82.89 19.40
N SER W 186 -33.59 -81.77 20.12
CA SER W 186 -33.45 -80.46 19.52
C SER W 186 -32.46 -79.63 20.31
N TYR W 187 -31.74 -78.76 19.61
CA TYR W 187 -30.80 -77.83 20.23
C TYR W 187 -31.41 -76.49 20.54
N ASN W 188 -32.70 -76.30 20.28
CA ASN W 188 -33.32 -74.99 20.42
C ASN W 188 -33.40 -74.58 21.88
N TRP W 189 -32.92 -73.37 22.17
CA TRP W 189 -33.10 -72.75 23.48
C TRP W 189 -33.03 -71.24 23.30
N ALA W 190 -33.87 -70.53 24.06
CA ALA W 190 -33.97 -69.09 23.94
C ALA W 190 -33.17 -68.40 25.03
N ILE W 191 -33.00 -67.08 24.88
CA ILE W 191 -32.25 -66.27 25.82
C ILE W 191 -33.09 -65.07 26.22
N THR W 192 -33.03 -64.70 27.49
CA THR W 192 -33.78 -63.56 28.03
C THR W 192 -32.87 -62.33 28.12
N ARG W 193 -33.46 -61.22 28.55
CA ARG W 193 -32.69 -59.99 28.67
C ARG W 193 -31.59 -60.10 29.71
N GLU W 194 -31.89 -60.74 30.83
CA GLU W 194 -30.92 -60.83 31.93
C GLU W 194 -29.83 -61.86 31.67
N GLY W 195 -29.93 -62.64 30.59
CA GLY W 195 -28.93 -63.63 30.26
C GLY W 195 -29.23 -65.04 30.72
N LEU W 196 -30.46 -65.31 31.15
CA LEU W 196 -30.83 -66.65 31.59
C LEU W 196 -31.31 -67.49 30.41
N VAL W 197 -31.02 -68.79 30.48
CA VAL W 197 -31.34 -69.72 29.41
C VAL W 197 -32.73 -70.29 29.64
N VAL W 198 -33.56 -70.25 28.61
CA VAL W 198 -34.92 -70.79 28.66
C VAL W 198 -34.99 -71.99 27.74
N ARG W 199 -35.34 -73.15 28.30
CA ARG W 199 -35.40 -74.38 27.54
C ARG W 199 -36.83 -74.64 27.10
N PRO W 200 -37.10 -74.72 25.80
CA PRO W 200 -38.47 -75.04 25.34
C PRO W 200 -38.91 -76.46 25.64
N GLN W 201 -38.04 -77.30 26.20
CA GLN W 201 -38.44 -78.67 26.52
C GLN W 201 -39.49 -78.73 27.62
N GLN W 202 -39.71 -77.64 28.35
CA GLN W 202 -40.72 -77.62 29.40
C GLN W 202 -42.13 -77.70 28.86
N LYS W 203 -42.33 -77.50 27.56
CA LYS W 203 -43.66 -77.60 26.95
C LYS W 203 -44.20 -79.02 27.03
N CYS X 8 137.75 -50.71 -57.39
CA CYS X 8 136.94 -51.37 -56.37
C CYS X 8 136.09 -52.48 -56.99
N LEU X 9 136.27 -53.70 -56.49
CA LEU X 9 135.55 -54.85 -57.00
C LEU X 9 135.15 -55.75 -55.84
N LEU X 10 134.09 -56.53 -56.06
CA LEU X 10 133.60 -57.51 -55.11
C LEU X 10 133.84 -58.90 -55.67
N SER X 11 134.41 -59.78 -54.86
CA SER X 11 134.67 -61.15 -55.30
C SER X 11 133.37 -61.86 -55.61
N ALA X 12 133.39 -62.70 -56.64
CA ALA X 12 132.23 -63.47 -57.06
C ALA X 12 131.92 -64.65 -56.15
N ALA X 13 132.58 -64.74 -54.99
CA ALA X 13 132.35 -65.87 -54.10
C ALA X 13 130.93 -65.84 -53.52
N TYR X 14 130.35 -64.67 -53.34
CA TYR X 14 129.01 -64.54 -52.78
C TYR X 14 127.93 -64.66 -53.86
N VAL X 15 128.03 -65.72 -54.66
CA VAL X 15 127.03 -66.01 -55.69
C VAL X 15 126.68 -67.48 -55.60
N ASP X 16 125.67 -67.81 -54.80
CA ASP X 16 125.23 -69.19 -54.59
C ASP X 16 123.83 -69.33 -55.17
N SER X 17 123.77 -69.48 -56.50
CA SER X 17 122.49 -69.66 -57.17
C SER X 17 121.89 -71.03 -56.91
N HIS X 18 122.68 -71.96 -56.36
CA HIS X 18 122.14 -73.27 -56.00
C HIS X 18 121.08 -73.16 -54.92
N LYS X 19 121.31 -72.28 -53.93
CA LYS X 19 120.29 -72.05 -52.91
C LYS X 19 119.05 -71.41 -53.50
N TRP X 20 119.23 -70.50 -54.46
CA TRP X 20 118.08 -69.90 -55.14
C TRP X 20 117.26 -70.94 -55.89
N GLU X 21 117.91 -72.02 -56.34
CA GLU X 21 117.17 -73.11 -56.97
C GLU X 21 116.18 -73.74 -56.01
N ALA X 22 116.58 -73.93 -54.75
CA ALA X 22 115.70 -74.56 -53.76
C ALA X 22 114.61 -73.63 -53.26
N ARG X 23 114.75 -72.32 -53.46
CA ARG X 23 113.72 -71.40 -52.99
C ARG X 23 112.41 -71.62 -53.74
N ASP X 24 112.48 -71.84 -55.05
CA ASP X 24 111.29 -72.06 -55.86
C ASP X 24 110.82 -73.51 -55.63
N LYS X 25 109.68 -73.65 -54.95
CA LYS X 25 109.13 -74.96 -54.65
C LYS X 25 107.63 -75.08 -54.93
N GLU X 26 106.94 -73.96 -55.13
CA GLU X 26 105.50 -74.02 -55.33
C GLU X 26 105.15 -74.55 -56.72
N ASP X 27 105.63 -73.88 -57.77
CA ASP X 27 105.42 -74.30 -59.15
C ASP X 27 103.94 -74.40 -59.49
N CYS X 28 103.25 -73.26 -59.43
CA CYS X 28 101.84 -73.18 -59.78
C CYS X 28 101.65 -72.13 -60.87
N HIS X 29 100.64 -72.37 -61.72
CA HIS X 29 100.40 -71.48 -62.85
C HIS X 29 99.97 -70.10 -62.36
N LEU X 30 100.47 -69.07 -63.04
CA LEU X 30 100.22 -67.70 -62.62
C LEU X 30 98.80 -67.23 -62.92
N ALA X 31 98.13 -67.86 -63.89
CA ALA X 31 96.76 -67.46 -64.20
C ALA X 31 95.82 -67.70 -63.02
N ASP X 32 95.99 -68.84 -62.34
CA ASP X 32 95.17 -69.13 -61.17
C ASP X 32 95.46 -68.12 -60.05
N LEU X 33 96.73 -67.81 -59.82
CA LEU X 33 97.10 -66.87 -58.76
C LEU X 33 96.59 -65.47 -59.08
N ALA X 34 96.78 -65.02 -60.33
CA ALA X 34 96.35 -63.67 -60.69
C ALA X 34 94.83 -63.53 -60.60
N SER X 35 94.10 -64.53 -61.09
CA SER X 35 92.64 -64.47 -61.03
C SER X 35 92.14 -64.52 -59.59
N LEU X 36 92.79 -65.33 -58.75
CA LEU X 36 92.34 -65.47 -57.37
C LEU X 36 92.48 -64.16 -56.60
N MET X 37 93.60 -63.47 -56.78
CA MET X 37 93.82 -62.23 -56.04
C MET X 37 93.01 -61.07 -56.62
N ASP X 38 92.84 -61.03 -57.94
CA ASP X 38 92.04 -59.98 -58.55
C ASP X 38 90.58 -60.07 -58.10
N LYS X 39 90.03 -61.28 -58.05
CA LYS X 39 88.67 -61.46 -57.52
C LYS X 39 88.62 -61.08 -56.05
N THR X 40 89.65 -61.45 -55.28
CA THR X 40 89.67 -61.13 -53.86
C THR X 40 89.76 -59.62 -53.63
N TYR X 41 90.58 -58.93 -54.43
CA TYR X 41 90.69 -57.48 -54.29
C TYR X 41 89.41 -56.76 -54.69
N GLU X 42 88.68 -57.29 -55.68
CA GLU X 42 87.41 -56.70 -56.06
C GLU X 42 86.42 -56.74 -54.90
N ARG X 43 86.41 -57.85 -54.15
CA ARG X 43 85.61 -57.94 -52.94
C ARG X 43 86.17 -57.08 -51.81
N LYS X 44 87.38 -56.54 -51.98
CA LYS X 44 88.07 -55.79 -50.92
C LYS X 44 88.28 -56.67 -49.69
N LEU X 45 89.03 -57.75 -49.90
CA LEU X 45 89.28 -58.78 -48.90
C LEU X 45 90.79 -58.98 -48.76
N PRO X 46 91.29 -59.15 -47.54
CA PRO X 46 92.74 -59.26 -47.34
C PRO X 46 93.29 -60.53 -47.96
N VAL X 47 94.57 -60.46 -48.34
CA VAL X 47 95.29 -61.58 -48.92
C VAL X 47 96.59 -61.79 -48.14
N SER X 48 97.12 -63.00 -48.26
CA SER X 48 98.35 -63.35 -47.57
C SER X 48 99.57 -62.99 -48.40
N SER X 49 100.72 -62.97 -47.74
CA SER X 49 101.99 -62.79 -48.46
C SER X 49 102.41 -64.05 -49.20
N LEU X 50 101.81 -65.20 -48.87
CA LEU X 50 102.15 -66.43 -49.57
C LEU X 50 101.69 -66.39 -51.03
N THR X 51 100.49 -65.86 -51.28
CA THR X 51 99.94 -65.87 -52.63
C THR X 51 100.79 -65.05 -53.58
N ILE X 52 101.19 -63.84 -53.16
CA ILE X 52 102.02 -63.00 -54.01
C ILE X 52 103.41 -63.61 -54.17
N SER X 53 103.93 -64.23 -53.11
CA SER X 53 105.24 -64.86 -53.18
C SER X 53 105.24 -66.00 -54.20
N ARG X 54 104.16 -66.79 -54.22
CA ARG X 54 104.04 -67.84 -55.24
C ARG X 54 104.01 -67.23 -56.64
N PHE X 55 103.33 -66.09 -56.80
CA PHE X 55 103.35 -65.38 -58.07
C PHE X 55 104.76 -64.93 -58.42
N VAL X 56 105.51 -64.43 -57.42
CA VAL X 56 106.88 -64.00 -57.67
C VAL X 56 107.76 -65.19 -58.01
N ASP X 57 107.62 -66.30 -57.28
CA ASP X 57 108.49 -67.46 -57.50
C ASP X 57 108.25 -68.13 -58.85
N ASN X 58 107.10 -67.88 -59.48
CA ASN X 58 106.78 -68.47 -60.77
C ASN X 58 107.02 -67.49 -61.92
N ILE X 59 107.99 -66.59 -61.79
CA ILE X 59 108.33 -65.65 -62.84
C ILE X 59 109.28 -66.31 -63.83
N ALA X 60 108.95 -66.24 -65.12
CA ALA X 60 109.77 -66.84 -66.15
C ALA X 60 109.99 -65.94 -67.36
N SER X 61 109.50 -64.70 -67.34
CA SER X 61 109.67 -63.79 -68.46
C SER X 61 109.65 -62.36 -67.96
N ARG X 62 110.16 -61.44 -68.79
CA ARG X 62 110.17 -60.04 -68.42
C ARG X 62 108.76 -59.47 -68.35
N GLU X 63 107.87 -59.94 -69.23
CA GLU X 63 106.46 -59.54 -69.15
C GLU X 63 105.83 -60.01 -67.85
N ASP X 64 106.26 -61.16 -67.34
CA ASP X 64 105.73 -61.66 -66.08
C ASP X 64 106.15 -60.78 -64.91
N ILE X 65 107.34 -60.17 -64.98
CA ILE X 65 107.78 -59.28 -63.91
C ILE X 65 106.91 -58.03 -63.87
N ASP X 66 106.54 -57.50 -65.04
CA ASP X 66 105.66 -56.33 -65.08
C ASP X 66 104.32 -56.62 -64.41
N HIS X 67 103.84 -57.86 -64.52
CA HIS X 67 102.67 -58.26 -63.75
C HIS X 67 102.96 -58.25 -62.26
N ALA X 68 104.16 -58.71 -61.87
CA ALA X 68 104.49 -58.79 -60.45
C ALA X 68 104.61 -57.40 -59.83
N GLU X 69 105.29 -56.47 -60.52
CA GLU X 69 105.44 -55.12 -59.98
C GLU X 69 104.10 -54.40 -59.92
N TYR X 70 103.19 -54.70 -60.85
CA TYR X 70 101.83 -54.20 -60.73
C TYR X 70 101.14 -54.78 -59.51
N TYR X 71 101.34 -56.08 -59.26
CA TYR X 71 100.75 -56.70 -58.07
C TYR X 71 101.48 -56.29 -56.81
N LEU X 72 102.78 -56.02 -56.89
CA LEU X 72 103.49 -55.47 -55.75
C LEU X 72 102.92 -54.11 -55.37
N TYR X 73 102.62 -53.28 -56.36
CA TYR X 73 102.00 -51.98 -56.09
C TYR X 73 100.63 -52.15 -55.44
N LYS X 74 99.83 -53.09 -55.95
CA LYS X 74 98.49 -53.30 -55.39
C LYS X 74 98.54 -54.02 -54.05
N PHE X 75 99.57 -54.84 -53.82
CA PHE X 75 99.71 -55.48 -52.51
C PHE X 75 100.18 -54.49 -51.45
N ARG X 76 100.93 -53.46 -51.86
CA ARG X 76 101.26 -52.39 -50.94
C ARG X 76 100.00 -51.65 -50.48
N HIS X 77 98.98 -51.60 -51.34
CA HIS X 77 97.68 -51.04 -50.99
C HIS X 77 96.70 -52.10 -50.49
N SER X 78 97.17 -53.33 -50.28
CA SER X 78 96.35 -54.35 -49.66
C SER X 78 96.34 -54.18 -48.15
N PRO X 79 95.32 -54.73 -47.48
CA PRO X 79 95.26 -54.58 -46.01
C PRO X 79 96.41 -55.22 -45.27
N ASN X 80 97.14 -56.14 -45.90
CA ASN X 80 98.26 -56.84 -45.26
C ASN X 80 99.60 -56.40 -45.84
N CYS X 81 99.73 -55.10 -46.12
CA CYS X 81 100.96 -54.59 -46.70
C CYS X 81 102.15 -54.77 -45.75
N TRP X 82 101.92 -54.56 -44.46
CA TRP X 82 103.01 -54.67 -43.49
C TRP X 82 103.53 -56.10 -43.35
N TYR X 83 102.76 -57.09 -43.80
CA TYR X 83 103.16 -58.49 -43.66
C TYR X 83 104.07 -58.97 -44.79
N LEU X 84 104.74 -58.06 -45.49
CA LEU X 84 105.66 -58.46 -46.54
C LEU X 84 106.86 -59.19 -45.93
N ARG X 85 107.01 -60.46 -46.29
CA ARG X 85 108.10 -61.26 -45.76
C ARG X 85 109.42 -60.84 -46.40
N ASP X 86 110.52 -61.09 -45.67
CA ASP X 86 111.84 -60.73 -46.19
C ASP X 86 112.18 -61.51 -47.45
N TRP X 87 111.86 -62.81 -47.46
CA TRP X 87 112.22 -63.63 -48.61
C TRP X 87 111.41 -63.28 -49.85
N THR X 88 110.15 -62.88 -49.68
CA THR X 88 109.34 -62.52 -50.84
C THR X 88 109.94 -61.34 -51.60
N ILE X 89 110.41 -60.33 -50.87
CA ILE X 89 111.15 -59.24 -51.52
C ILE X 89 112.45 -59.76 -52.11
N HIS X 90 113.15 -60.63 -51.36
CA HIS X 90 114.42 -61.16 -51.83
C HIS X 90 114.26 -61.97 -53.11
N THR X 91 113.20 -62.79 -53.18
CA THR X 91 112.98 -63.60 -54.37
C THR X 91 112.72 -62.72 -55.59
N TRP X 92 111.96 -61.64 -55.42
CA TRP X 92 111.73 -60.72 -56.53
C TRP X 92 113.02 -60.06 -56.99
N ILE X 93 113.95 -59.83 -56.07
CA ILE X 93 115.25 -59.27 -56.44
C ILE X 93 116.00 -60.23 -57.33
N ARG X 94 116.05 -61.51 -56.94
CA ARG X 94 116.78 -62.50 -57.73
C ARG X 94 116.14 -62.69 -59.11
N GLN X 95 114.81 -62.68 -59.18
CA GLN X 95 114.14 -62.79 -60.47
C GLN X 95 114.48 -61.61 -61.36
N CYS X 96 114.52 -60.39 -60.80
CA CYS X 96 114.92 -59.23 -61.58
C CYS X 96 116.37 -59.34 -62.04
N LEU X 97 117.25 -59.84 -61.17
CA LEU X 97 118.66 -59.93 -61.52
C LEU X 97 118.92 -60.89 -62.67
N LYS X 98 118.00 -61.82 -62.94
CA LYS X 98 118.20 -62.75 -64.04
C LYS X 98 117.99 -62.08 -65.39
N TYR X 99 116.93 -61.29 -65.53
CA TYR X 99 116.54 -60.74 -66.82
C TYR X 99 117.03 -59.31 -67.00
N GLY X 100 116.62 -58.38 -66.12
CA GLY X 100 117.02 -57.00 -66.28
C GLY X 100 118.18 -56.54 -65.40
N ALA X 101 118.01 -56.66 -64.09
CA ALA X 101 119.02 -56.32 -63.09
C ALA X 101 119.40 -54.84 -63.08
N GLN X 102 118.74 -54.01 -63.87
CA GLN X 102 119.17 -52.62 -63.99
C GLN X 102 118.05 -51.60 -63.80
N ASP X 103 116.85 -51.88 -64.29
CA ASP X 103 115.78 -50.90 -64.36
C ASP X 103 114.63 -51.15 -63.40
N LYS X 104 114.03 -52.34 -63.44
CA LYS X 104 112.86 -52.60 -62.61
C LYS X 104 113.19 -52.56 -61.12
N ALA X 105 114.34 -53.11 -60.73
CA ALA X 105 114.74 -53.05 -59.32
C ALA X 105 114.97 -51.62 -58.87
N LEU X 106 115.67 -50.83 -59.68
CA LEU X 106 115.93 -49.43 -59.32
C LEU X 106 114.65 -48.62 -59.30
N TYR X 107 113.75 -48.87 -60.27
CA TYR X 107 112.50 -48.11 -60.32
C TYR X 107 111.64 -48.36 -59.09
N THR X 108 111.57 -49.62 -58.64
CA THR X 108 110.85 -49.91 -57.41
C THR X 108 111.52 -49.26 -56.21
N LEU X 109 112.85 -49.25 -56.17
CA LEU X 109 113.56 -48.57 -55.10
C LEU X 109 113.39 -47.06 -55.19
N LYS X 110 113.30 -46.52 -56.41
CA LYS X 110 113.06 -45.08 -56.54
C LYS X 110 111.68 -44.71 -56.03
N ASN X 111 110.68 -45.56 -56.27
CA ASN X 111 109.35 -45.38 -55.70
C ASN X 111 109.24 -46.22 -54.43
N LYS X 112 109.93 -45.75 -53.40
CA LYS X 112 109.96 -46.46 -52.12
C LYS X 112 108.58 -46.55 -51.49
N VAL X 113 107.82 -45.45 -51.53
CA VAL X 113 106.53 -45.41 -50.87
C VAL X 113 105.51 -46.29 -51.59
N GLN X 114 105.49 -46.21 -52.92
CA GLN X 114 104.43 -46.88 -53.68
C GLN X 114 104.54 -48.40 -53.59
N TYR X 115 105.75 -48.95 -53.64
CA TYR X 115 105.95 -50.39 -53.64
C TYR X 115 106.37 -50.92 -52.27
N GLY X 116 107.28 -50.24 -51.59
CA GLY X 116 107.65 -50.62 -50.23
C GLY X 116 108.33 -51.96 -50.10
N ILE X 117 109.24 -52.30 -51.02
CA ILE X 117 110.00 -53.54 -50.88
C ILE X 117 110.94 -53.45 -49.68
N PHE X 118 111.69 -52.34 -49.59
CA PHE X 118 112.60 -52.02 -48.49
C PHE X 118 113.50 -53.20 -48.14
N PRO X 119 114.44 -53.57 -49.02
CA PRO X 119 115.30 -54.74 -48.74
C PRO X 119 116.55 -54.39 -47.94
N ASP X 120 116.35 -54.13 -46.64
CA ASP X 120 117.47 -53.87 -45.73
C ASP X 120 118.14 -55.20 -45.37
N ASN X 121 118.86 -55.74 -46.34
CA ASN X 121 119.53 -57.03 -46.19
C ASN X 121 120.85 -56.95 -46.94
N TYR X 122 121.49 -58.12 -47.16
CA TYR X 122 122.69 -58.17 -47.97
C TYR X 122 122.39 -57.94 -49.46
N THR X 123 121.11 -57.98 -49.85
CA THR X 123 120.75 -57.79 -51.25
C THR X 123 121.16 -56.42 -51.78
N PHE X 124 121.33 -55.43 -50.90
CA PHE X 124 121.86 -54.15 -51.34
C PHE X 124 123.27 -54.31 -51.89
N ASN X 125 124.11 -55.11 -51.22
CA ASN X 125 125.43 -55.41 -51.75
C ASN X 125 125.35 -56.24 -53.02
N LEU X 126 124.44 -57.23 -53.05
CA LEU X 126 124.26 -58.03 -54.24
C LEU X 126 123.78 -57.18 -55.41
N LEU X 127 122.82 -56.28 -55.15
CA LEU X 127 122.36 -55.38 -56.21
C LEU X 127 123.47 -54.45 -56.65
N MET X 128 124.26 -53.93 -55.70
CA MET X 128 125.40 -53.09 -56.05
C MET X 128 126.45 -53.88 -56.82
N ASP X 129 126.71 -55.11 -56.42
CA ASP X 129 127.78 -55.89 -57.04
C ASP X 129 127.52 -56.11 -58.53
N TYR X 130 126.28 -56.45 -58.89
CA TYR X 130 125.96 -56.63 -60.31
C TYR X 130 125.99 -55.32 -61.07
N PHE X 131 125.76 -54.19 -60.40
CA PHE X 131 125.98 -52.90 -61.04
C PHE X 131 127.47 -52.70 -61.36
N ILE X 132 128.34 -53.10 -60.44
CA ILE X 132 129.78 -52.97 -60.67
C ILE X 132 130.22 -53.91 -61.80
N LYS X 133 129.73 -55.15 -61.80
CA LYS X 133 130.14 -56.13 -62.80
C LYS X 133 129.70 -55.74 -64.21
N LYS X 134 128.70 -54.87 -64.34
CA LYS X 134 128.29 -54.36 -65.64
C LYS X 134 128.78 -52.93 -65.88
N GLU X 135 129.67 -52.43 -65.01
CA GLU X 135 130.23 -51.08 -65.13
C GLU X 135 129.13 -50.02 -65.18
N ASN X 136 128.37 -49.95 -64.09
CA ASN X 136 127.25 -49.02 -63.96
C ASN X 136 127.58 -47.99 -62.88
N TYR X 137 127.49 -46.71 -63.24
CA TYR X 137 127.85 -45.64 -62.33
C TYR X 137 126.69 -44.71 -62.00
N LYS X 138 125.98 -44.21 -63.02
CA LYS X 138 124.92 -43.24 -62.78
C LYS X 138 123.81 -43.86 -61.92
N ASP X 139 123.41 -45.09 -62.22
CA ASP X 139 122.41 -45.76 -61.41
C ASP X 139 122.98 -46.21 -60.08
N ALA X 140 124.29 -46.47 -60.02
CA ALA X 140 124.91 -46.87 -58.75
C ALA X 140 124.84 -45.74 -57.73
N LEU X 141 125.04 -44.50 -58.17
CA LEU X 141 124.93 -43.37 -57.25
C LEU X 141 123.50 -43.22 -56.72
N SER X 142 122.50 -43.38 -57.59
CA SER X 142 121.12 -43.20 -57.18
C SER X 142 120.70 -44.23 -56.16
N VAL X 143 121.07 -45.50 -56.37
CA VAL X 143 120.69 -46.54 -55.43
C VAL X 143 121.43 -46.36 -54.10
N VAL X 144 122.66 -45.86 -54.15
CA VAL X 144 123.38 -45.57 -52.90
C VAL X 144 122.67 -44.48 -52.11
N PHE X 145 122.21 -43.43 -52.80
CA PHE X 145 121.46 -42.36 -52.13
C PHE X 145 120.20 -42.91 -51.47
N GLU X 146 119.49 -43.79 -52.16
CA GLU X 146 118.25 -44.35 -51.62
C GLU X 146 118.51 -45.37 -50.52
N ILE X 147 119.72 -45.91 -50.43
CA ILE X 147 120.10 -46.68 -49.24
C ILE X 147 120.24 -45.76 -48.04
N MET X 148 120.78 -44.55 -48.26
CA MET X 148 120.90 -43.58 -47.18
C MET X 148 119.53 -43.17 -46.66
N MET X 149 118.55 -43.02 -47.56
CA MET X 149 117.19 -42.70 -47.12
C MET X 149 116.63 -43.78 -46.21
N GLN X 150 116.90 -45.04 -46.54
CA GLN X 150 116.53 -46.14 -45.66
C GLN X 150 117.56 -46.41 -44.58
N GLU X 151 118.67 -45.68 -44.58
CA GLU X 151 119.73 -45.76 -43.57
C GLU X 151 120.03 -47.20 -43.17
N ALA X 152 120.45 -47.99 -44.17
CA ALA X 152 120.75 -49.41 -43.99
C ALA X 152 122.24 -49.69 -43.98
N PHE X 153 123.05 -48.72 -43.54
CA PHE X 153 124.50 -48.89 -43.43
C PHE X 153 124.83 -49.51 -42.08
N GLU X 154 124.48 -50.78 -41.93
CA GLU X 154 124.66 -51.51 -40.68
C GLU X 154 125.53 -52.75 -40.81
N VAL X 155 125.53 -53.40 -41.96
CA VAL X 155 126.28 -54.65 -42.15
C VAL X 155 127.77 -54.37 -42.13
N PRO X 156 128.60 -55.36 -41.78
CA PRO X 156 130.06 -55.14 -41.82
C PRO X 156 130.58 -54.81 -43.21
N SER X 157 129.87 -55.21 -44.27
CA SER X 157 130.28 -54.91 -45.63
C SER X 157 129.94 -53.48 -46.05
N THR X 158 129.62 -52.61 -45.10
CA THR X 158 129.29 -51.22 -45.41
C THR X 158 130.47 -50.47 -46.01
N GLN X 159 131.69 -51.00 -45.90
CA GLN X 159 132.83 -50.37 -46.54
C GLN X 159 132.66 -50.34 -48.06
N LEU X 160 132.11 -51.42 -48.63
CA LEU X 160 131.90 -51.49 -50.07
C LEU X 160 131.05 -50.33 -50.56
N LEU X 161 129.94 -50.05 -49.86
CA LEU X 161 129.10 -48.92 -50.23
C LEU X 161 129.85 -47.60 -50.08
N SER X 162 130.71 -47.50 -49.07
CA SER X 162 131.45 -46.26 -48.84
C SER X 162 132.45 -45.98 -49.96
N LEU X 163 132.93 -47.03 -50.65
CA LEU X 163 133.95 -46.84 -51.66
C LEU X 163 133.42 -46.05 -52.86
N TYR X 164 132.28 -46.49 -53.40
CA TYR X 164 131.83 -45.96 -54.68
C TYR X 164 131.28 -44.55 -54.55
N VAL X 165 130.89 -44.12 -53.35
CA VAL X 165 130.59 -42.71 -53.15
C VAL X 165 131.85 -41.88 -53.28
N LEU X 166 132.96 -42.37 -52.72
CA LEU X 166 134.23 -41.68 -52.86
C LEU X 166 134.73 -41.71 -54.29
N TYR X 167 134.36 -42.74 -55.05
CA TYR X 167 134.80 -42.82 -56.44
C TYR X 167 134.25 -41.66 -57.26
N HIS X 168 132.96 -41.35 -57.08
CA HIS X 168 132.39 -40.23 -57.82
C HIS X 168 132.87 -38.89 -57.29
N CYS X 169 133.34 -38.83 -56.04
CA CYS X 169 133.92 -37.60 -55.51
C CYS X 169 135.15 -37.18 -56.32
N LEU X 170 135.99 -38.16 -56.68
CA LEU X 170 137.09 -37.88 -57.59
C LEU X 170 136.58 -37.47 -58.97
N ALA X 171 135.52 -38.13 -59.44
CA ALA X 171 135.05 -37.94 -60.80
C ALA X 171 134.19 -36.70 -60.97
N GLU X 172 133.75 -36.05 -59.90
CA GLU X 172 132.85 -34.91 -60.01
C GLU X 172 133.67 -33.62 -60.09
N LYS X 173 133.51 -32.89 -61.18
CA LYS X 173 134.02 -31.53 -61.34
C LYS X 173 132.86 -30.70 -61.87
N THR X 174 132.02 -30.20 -60.96
CA THR X 174 130.80 -29.53 -61.35
C THR X 174 130.35 -28.62 -60.20
N ASP X 175 129.84 -27.44 -60.57
CA ASP X 175 129.24 -26.54 -59.58
C ASP X 175 127.93 -27.14 -59.11
N LEU X 176 127.96 -27.76 -57.92
CA LEU X 176 126.82 -28.50 -57.42
C LEU X 176 125.66 -27.57 -57.09
N SER X 177 124.48 -28.16 -56.92
CA SER X 177 123.25 -27.44 -56.63
C SER X 177 122.87 -27.63 -55.17
N TRP X 178 121.70 -27.09 -54.81
CA TRP X 178 121.22 -27.18 -53.44
C TRP X 178 121.01 -28.64 -53.02
N GLU X 179 120.40 -29.43 -53.90
CA GLU X 179 120.14 -30.83 -53.57
C GLU X 179 121.39 -31.69 -53.69
N GLU X 180 122.24 -31.41 -54.68
CA GLU X 180 123.44 -32.22 -54.89
C GLU X 180 124.39 -32.12 -53.70
N GLU X 181 124.59 -30.91 -53.18
CA GLU X 181 125.46 -30.74 -52.02
C GLU X 181 124.93 -31.47 -50.80
N ARG X 182 123.62 -31.37 -50.57
CA ARG X 182 123.01 -32.06 -49.43
C ARG X 182 123.11 -33.58 -49.57
N ASN X 183 122.86 -34.10 -50.78
CA ASN X 183 122.89 -35.55 -50.98
C ASN X 183 124.30 -36.11 -50.78
N PHE X 184 125.31 -35.42 -51.31
CA PHE X 184 126.68 -35.90 -51.18
C PHE X 184 127.13 -35.94 -49.73
N GLY X 185 126.79 -34.90 -48.97
CA GLY X 185 127.13 -34.90 -47.55
C GLY X 185 126.38 -35.98 -46.78
N ALA X 186 125.10 -36.16 -47.06
CA ALA X 186 124.31 -37.18 -46.38
C ALA X 186 124.78 -38.58 -46.75
N SER X 187 125.19 -38.78 -48.00
CA SER X 187 125.68 -40.09 -48.45
C SER X 187 127.10 -40.38 -48.00
N LEU X 188 127.74 -39.46 -47.30
CA LEU X 188 129.06 -39.68 -46.73
C LEU X 188 129.08 -39.61 -45.22
N LEU X 189 128.26 -38.73 -44.62
CA LEU X 189 128.24 -38.57 -43.18
C LEU X 189 127.76 -39.84 -42.49
N LEU X 190 126.50 -40.20 -42.71
CA LEU X 190 125.95 -41.39 -42.07
C LEU X 190 126.63 -42.68 -42.51
N PRO X 191 126.87 -42.94 -43.81
CA PRO X 191 127.59 -44.16 -44.17
C PRO X 191 128.98 -44.23 -43.58
N GLY X 192 129.65 -43.10 -43.43
CA GLY X 192 130.96 -43.10 -42.82
C GLY X 192 130.91 -43.42 -41.34
N LEU X 193 131.25 -44.65 -41.00
CA LEU X 193 131.26 -45.09 -39.61
C LEU X 193 132.51 -45.89 -39.28
N LYS X 194 133.41 -46.10 -40.24
CA LYS X 194 134.61 -46.91 -40.03
C LYS X 194 135.62 -46.11 -39.23
N GLN X 195 135.46 -46.16 -37.90
CA GLN X 195 136.49 -45.63 -37.01
C GLN X 195 137.77 -46.45 -37.09
N LYS X 196 137.70 -47.67 -37.64
CA LYS X 196 138.89 -48.48 -37.83
C LYS X 196 139.88 -47.81 -38.78
N ASN X 197 139.37 -47.24 -39.87
CA ASN X 197 140.20 -46.67 -40.92
C ASN X 197 140.12 -45.15 -40.90
N SER X 198 141.20 -44.52 -41.39
CA SER X 198 141.22 -43.06 -41.50
C SER X 198 140.35 -42.56 -42.64
N VAL X 199 140.13 -43.38 -43.67
CA VAL X 199 139.36 -42.93 -44.82
C VAL X 199 137.92 -42.63 -44.42
N GLY X 200 137.35 -43.43 -43.52
CA GLY X 200 136.02 -43.13 -43.03
C GLY X 200 135.97 -41.82 -42.27
N LEU X 201 137.02 -41.52 -41.50
CA LEU X 201 137.09 -40.25 -40.79
C LEU X 201 137.18 -39.08 -41.77
N SER X 202 137.96 -39.22 -42.83
CA SER X 202 138.08 -38.16 -43.83
C SER X 202 136.74 -37.90 -44.51
N SER X 203 136.01 -38.96 -44.83
CA SER X 203 134.70 -38.80 -45.46
C SER X 203 133.74 -38.05 -44.56
N GLN X 204 133.77 -38.33 -43.25
CA GLN X 204 132.92 -37.61 -42.31
C GLN X 204 133.25 -36.12 -42.30
N LEU X 205 134.54 -35.78 -42.33
CA LEU X 205 134.93 -34.38 -42.43
C LEU X 205 134.47 -33.78 -43.75
N TYR X 206 134.59 -34.55 -44.84
CA TYR X 206 134.17 -34.05 -46.14
C TYR X 206 132.65 -33.83 -46.17
N GLY X 207 131.88 -34.73 -45.57
CA GLY X 207 130.45 -34.54 -45.52
C GLY X 207 130.05 -33.35 -44.66
N TYR X 208 130.76 -33.13 -43.55
CA TYR X 208 130.46 -31.98 -42.69
C TYR X 208 130.67 -30.67 -43.43
N ALA X 209 131.76 -30.57 -44.19
CA ALA X 209 132.05 -29.33 -44.90
C ALA X 209 130.97 -29.02 -45.94
N LEU X 210 130.48 -30.04 -46.63
CA LEU X 210 129.41 -29.84 -47.61
C LEU X 210 128.15 -29.31 -46.92
N LEU X 211 127.78 -29.91 -45.79
CA LEU X 211 126.60 -29.44 -45.07
C LEU X 211 126.82 -28.04 -44.50
N GLY X 212 128.04 -27.74 -44.06
CA GLY X 212 128.33 -26.40 -43.59
C GLY X 212 128.15 -25.36 -44.68
N LYS X 213 128.56 -25.69 -45.91
CA LYS X 213 128.28 -24.82 -47.05
C LYS X 213 126.79 -24.67 -47.26
N VAL X 214 126.03 -25.76 -47.15
CA VAL X 214 124.59 -25.71 -47.33
C VAL X 214 123.96 -24.84 -46.24
N GLU X 215 124.37 -25.03 -44.99
CA GLU X 215 123.75 -24.32 -43.88
C GLU X 215 124.11 -22.85 -43.88
N LEU X 216 125.39 -22.52 -44.13
CA LEU X 216 125.85 -21.14 -44.02
C LEU X 216 125.42 -20.27 -45.19
N GLN X 217 125.02 -20.85 -46.32
CA GLN X 217 124.77 -20.07 -47.51
C GLN X 217 123.31 -19.66 -47.66
N GLN X 218 122.38 -20.62 -47.61
CA GLN X 218 120.96 -20.33 -47.77
C GLN X 218 120.16 -20.56 -46.50
N GLY X 219 120.21 -21.76 -45.93
CA GLY X 219 119.41 -22.04 -44.76
C GLY X 219 119.74 -23.40 -44.16
N LEU X 220 119.09 -23.68 -43.03
CA LEU X 220 119.30 -24.90 -42.27
C LEU X 220 118.14 -25.87 -42.34
N ARG X 221 116.92 -25.37 -42.55
CA ARG X 221 115.74 -26.22 -42.44
C ARG X 221 115.77 -27.37 -43.44
N ALA X 222 116.14 -27.10 -44.69
CA ALA X 222 116.07 -28.12 -45.74
C ALA X 222 117.15 -29.19 -45.60
N VAL X 223 118.12 -29.00 -44.70
CA VAL X 223 119.14 -30.02 -44.48
C VAL X 223 118.51 -31.30 -43.95
N TYR X 224 117.59 -31.16 -42.99
CA TYR X 224 116.98 -32.30 -42.31
C TYR X 224 115.52 -32.52 -42.72
N CYS X 225 115.05 -31.85 -43.78
CA CYS X 225 113.64 -31.94 -44.13
C CYS X 225 113.23 -33.35 -44.51
N ASN X 226 113.96 -33.97 -45.43
CA ASN X 226 113.60 -35.29 -45.95
C ASN X 226 114.61 -36.37 -45.63
N MET X 227 115.64 -36.08 -44.86
CA MET X 227 116.71 -37.05 -44.61
C MET X 227 116.97 -37.17 -43.12
N PRO X 228 117.40 -38.35 -42.65
CA PRO X 228 117.68 -38.54 -41.22
C PRO X 228 118.98 -37.88 -40.77
N LEU X 229 118.93 -36.57 -40.61
CA LEU X 229 120.05 -35.78 -40.14
C LEU X 229 119.66 -35.04 -38.86
N LEU X 230 120.60 -34.29 -38.31
CA LEU X 230 120.38 -33.55 -37.07
C LEU X 230 120.04 -32.11 -37.41
N TRP X 231 118.99 -31.59 -36.77
CA TRP X 231 118.53 -30.24 -37.01
C TRP X 231 119.28 -29.20 -36.18
N GLN X 232 120.21 -29.61 -35.33
CA GLN X 232 120.99 -28.66 -34.55
C GLN X 232 121.89 -27.85 -35.49
N PRO X 233 121.89 -26.52 -35.37
CA PRO X 233 122.72 -25.71 -36.28
C PRO X 233 124.21 -25.80 -35.96
N GLY X 234 125.03 -25.17 -36.80
CA GLY X 234 126.47 -25.16 -36.59
C GLY X 234 127.16 -26.45 -37.00
N TYR X 235 127.02 -26.82 -38.27
CA TYR X 235 127.72 -28.02 -38.76
C TYR X 235 129.21 -27.78 -38.93
N LEU X 236 129.62 -26.52 -39.17
CA LEU X 236 131.04 -26.22 -39.27
C LEU X 236 131.77 -26.50 -37.97
N HIS X 237 131.17 -26.12 -36.85
CA HIS X 237 131.77 -26.42 -35.55
C HIS X 237 131.71 -27.91 -35.22
N ARG X 238 130.84 -28.65 -35.90
CA ARG X 238 130.77 -30.10 -35.73
C ARG X 238 131.89 -30.83 -36.46
N ALA X 239 132.56 -30.16 -37.41
CA ALA X 239 133.70 -30.74 -38.10
C ALA X 239 135.02 -30.41 -37.44
N LEU X 240 135.13 -29.24 -36.82
CA LEU X 240 136.37 -28.87 -36.15
C LEU X 240 136.68 -29.80 -34.98
N GLN X 241 135.65 -30.29 -34.30
CA GLN X 241 135.86 -31.21 -33.19
C GLN X 241 136.49 -32.52 -33.66
N VAL X 242 136.21 -32.93 -34.90
CA VAL X 242 136.87 -34.11 -35.45
C VAL X 242 138.37 -33.88 -35.58
N MET X 243 138.77 -32.71 -36.07
CA MET X 243 140.18 -32.38 -36.14
C MET X 243 140.80 -32.19 -34.77
N GLU X 244 139.99 -31.94 -33.74
CA GLU X 244 140.49 -31.88 -32.37
C GLU X 244 140.64 -33.26 -31.75
N LYS X 245 140.08 -34.30 -32.38
CA LYS X 245 140.25 -35.67 -31.92
C LYS X 245 141.61 -36.25 -32.29
N VAL X 246 142.36 -35.57 -33.16
CA VAL X 246 143.65 -36.05 -33.64
C VAL X 246 144.70 -35.87 -32.55
N ALA X 247 144.31 -35.30 -31.41
CA ALA X 247 145.23 -35.18 -30.28
C ALA X 247 145.76 -36.53 -29.84
N SER X 248 144.97 -37.59 -30.00
CA SER X 248 145.39 -38.95 -29.71
C SER X 248 145.32 -39.88 -30.92
N SER X 249 144.29 -39.75 -31.76
CA SER X 249 144.17 -40.59 -32.94
C SER X 249 145.24 -40.21 -33.96
N PRO X 250 146.02 -41.17 -34.45
CA PRO X 250 147.13 -40.84 -35.37
C PRO X 250 146.81 -40.96 -36.85
N GLU X 251 145.56 -41.22 -37.25
CA GLU X 251 145.24 -41.52 -38.63
C GLU X 251 144.19 -40.53 -39.16
N ASP X 252 144.43 -40.03 -40.38
CA ASP X 252 143.52 -39.11 -41.03
C ASP X 252 143.68 -39.21 -42.54
N GLY X 253 142.68 -38.73 -43.26
CA GLY X 253 142.83 -38.52 -44.69
C GLY X 253 143.40 -37.14 -44.97
N GLN X 254 142.66 -36.10 -44.57
CA GLN X 254 143.17 -34.74 -44.45
C GLN X 254 143.48 -34.12 -45.80
N LEU X 255 143.34 -34.88 -46.89
CA LEU X 255 143.62 -34.32 -48.21
C LEU X 255 142.38 -33.66 -48.80
N CYS X 256 141.30 -34.43 -48.95
CA CYS X 256 140.06 -33.88 -49.49
C CYS X 256 139.38 -32.96 -48.48
N GLY X 257 139.57 -33.23 -47.19
CA GLY X 257 138.96 -32.37 -46.17
C GLY X 257 139.50 -30.96 -46.20
N GLU X 258 140.83 -30.82 -46.27
CA GLU X 258 141.43 -29.49 -46.32
C GLU X 258 141.05 -28.76 -47.60
N ALA X 259 141.03 -29.47 -48.74
CA ALA X 259 140.70 -28.84 -50.00
C ALA X 259 139.27 -28.30 -50.00
N LEU X 260 138.33 -29.08 -49.46
CA LEU X 260 136.95 -28.63 -49.40
C LEU X 260 136.77 -27.53 -48.37
N ASP X 261 137.48 -27.62 -47.25
CA ASP X 261 137.39 -26.57 -46.23
C ASP X 261 137.91 -25.24 -46.77
N VAL X 262 138.97 -25.28 -47.57
CA VAL X 262 139.45 -24.05 -48.22
C VAL X 262 138.39 -23.50 -49.16
N LEU X 263 137.72 -24.38 -49.90
CA LEU X 263 136.63 -23.93 -50.78
C LEU X 263 135.52 -23.26 -49.98
N ASP X 264 135.16 -23.84 -48.83
CA ASP X 264 134.21 -23.17 -47.94
C ASP X 264 134.78 -21.86 -47.43
N ARG X 265 136.07 -21.85 -47.07
CA ARG X 265 136.70 -20.63 -46.60
C ARG X 265 136.72 -19.56 -47.69
N VAL X 266 137.04 -19.95 -48.93
CA VAL X 266 137.08 -19.00 -50.03
C VAL X 266 135.70 -18.42 -50.28
N LEU X 267 134.66 -19.26 -50.28
CA LEU X 267 133.32 -18.79 -50.56
C LEU X 267 132.85 -17.80 -49.50
N LYS X 268 133.11 -18.09 -48.23
CA LYS X 268 132.66 -17.19 -47.15
C LYS X 268 133.51 -15.94 -47.06
N ALA X 269 134.79 -16.02 -47.42
CA ALA X 269 135.66 -14.84 -47.38
C ALA X 269 135.34 -13.85 -48.49
N VAL X 270 134.54 -14.25 -49.48
CA VAL X 270 134.14 -13.36 -50.56
C VAL X 270 132.68 -12.97 -50.37
N THR X 271 131.90 -13.87 -49.78
CA THR X 271 130.47 -13.61 -49.59
C THR X 271 130.25 -12.40 -48.67
N ALA X 272 130.99 -12.32 -47.57
CA ALA X 272 130.82 -11.22 -46.63
C ALA X 272 131.18 -9.86 -47.21
N PRO X 273 132.35 -9.67 -47.86
CA PRO X 273 132.66 -8.34 -48.39
C PRO X 273 131.94 -8.02 -49.69
N ALA X 274 131.75 -9.03 -50.54
CA ALA X 274 131.10 -8.86 -51.84
C ALA X 274 129.69 -9.40 -51.72
N GLN X 275 128.77 -8.55 -51.26
CA GLN X 275 127.38 -8.96 -51.15
C GLN X 275 126.68 -9.01 -52.50
N GLY X 276 127.09 -8.18 -53.45
CA GLY X 276 126.50 -8.17 -54.77
C GLY X 276 127.06 -9.19 -55.74
N THR X 277 128.00 -10.02 -55.29
CA THR X 277 128.62 -11.04 -56.14
C THR X 277 128.16 -12.44 -55.80
N SER X 278 128.25 -12.84 -54.53
CA SER X 278 127.87 -14.19 -54.10
C SER X 278 126.52 -14.24 -53.43
N GLU X 279 126.10 -13.17 -52.75
CA GLU X 279 124.83 -13.14 -52.04
C GLU X 279 123.69 -12.59 -52.88
N GLU X 280 123.95 -12.24 -54.14
CA GLU X 280 122.93 -11.72 -55.03
C GLU X 280 122.24 -12.81 -55.85
N GLN X 281 122.65 -14.07 -55.68
CA GLN X 281 122.04 -15.15 -56.44
C GLN X 281 120.56 -15.32 -56.15
N PRO X 282 120.09 -15.28 -54.90
CA PRO X 282 118.66 -15.49 -54.64
C PRO X 282 117.81 -14.32 -55.11
N GLN X 283 117.06 -14.53 -56.19
CA GLN X 283 116.20 -13.47 -56.72
C GLN X 283 114.85 -14.01 -57.19
N GLU X 284 114.39 -15.12 -56.63
CA GLU X 284 113.11 -15.70 -57.06
C GLU X 284 111.94 -14.89 -56.51
N GLY X 285 111.84 -14.79 -55.20
CA GLY X 285 110.75 -14.05 -54.58
C GLY X 285 111.16 -13.26 -53.36
N GLU X 286 110.67 -12.03 -53.25
CA GLU X 286 110.95 -11.16 -52.11
C GLU X 286 109.76 -11.01 -51.18
N GLU X 287 108.58 -10.65 -51.71
CA GLU X 287 107.40 -10.50 -50.88
C GLU X 287 106.96 -11.84 -50.27
N SER X 288 107.02 -12.91 -51.08
CA SER X 288 106.63 -14.23 -50.57
C SER X 288 107.58 -14.72 -49.50
N GLN X 289 108.88 -14.51 -49.69
CA GLN X 289 109.86 -15.00 -48.73
C GLN X 289 109.72 -14.31 -47.38
N ARG X 290 109.51 -12.99 -47.38
CA ARG X 290 109.38 -12.25 -46.12
C ARG X 290 108.11 -12.65 -45.38
N SER X 291 107.00 -12.82 -46.10
CA SER X 291 105.74 -13.16 -45.45
C SER X 291 105.78 -14.57 -44.87
N GLU X 292 106.43 -15.49 -45.56
CA GLU X 292 106.51 -16.89 -45.14
C GLU X 292 107.81 -17.22 -44.43
N GLU X 293 108.59 -16.21 -44.04
CA GLU X 293 109.84 -16.45 -43.35
C GLU X 293 109.60 -17.11 -42.00
N LEU X 294 110.37 -18.16 -41.72
CA LEU X 294 110.34 -18.85 -40.45
C LEU X 294 111.73 -18.80 -39.82
N VAL X 295 111.80 -18.30 -38.59
CA VAL X 295 113.07 -18.15 -37.88
C VAL X 295 113.16 -19.26 -36.85
N GLU X 296 113.91 -20.31 -37.18
CA GLU X 296 114.03 -21.45 -36.28
C GLU X 296 114.91 -21.13 -35.08
N GLN X 297 115.99 -20.39 -35.29
CA GLN X 297 116.90 -20.08 -34.21
C GLN X 297 116.30 -19.04 -33.26
N LEU X 298 116.84 -19.00 -32.04
CA LEU X 298 116.39 -18.08 -31.02
C LEU X 298 117.27 -16.83 -31.01
N ASP X 299 116.90 -15.87 -30.17
CA ASP X 299 117.69 -14.66 -30.03
C ASP X 299 119.02 -14.96 -29.35
N VAL X 300 119.02 -15.85 -28.36
CA VAL X 300 120.24 -16.15 -27.62
C VAL X 300 121.24 -16.89 -28.49
N GLU X 301 120.77 -17.66 -29.47
CA GLU X 301 121.68 -18.39 -30.35
C GLU X 301 122.50 -17.43 -31.19
N GLU X 302 123.82 -17.59 -31.13
CA GLU X 302 124.71 -16.74 -31.89
C GLU X 302 124.55 -16.99 -33.38
N THR X 303 124.52 -15.92 -34.17
CA THR X 303 124.35 -16.04 -35.60
C THR X 303 125.55 -16.74 -36.23
N GLU X 304 125.27 -17.69 -37.13
CA GLU X 304 126.34 -18.43 -37.79
C GLU X 304 127.23 -17.51 -38.61
N GLN X 305 126.67 -16.40 -39.11
CA GLN X 305 127.48 -15.43 -39.85
C GLN X 305 128.55 -14.82 -38.96
N SER X 306 128.20 -14.50 -37.71
CA SER X 306 129.17 -13.96 -36.76
C SER X 306 130.20 -14.99 -36.31
N LYS X 307 129.96 -16.27 -36.57
CA LYS X 307 130.90 -17.32 -36.20
C LYS X 307 131.98 -17.54 -37.26
N LEU X 308 131.89 -16.88 -38.41
CA LEU X 308 132.91 -17.05 -39.44
C LEU X 308 134.30 -16.65 -38.98
N PRO X 309 134.52 -15.48 -38.36
CA PRO X 309 135.86 -15.21 -37.81
C PRO X 309 136.27 -16.20 -36.74
N GLN X 310 135.32 -16.67 -35.93
CA GLN X 310 135.63 -17.67 -34.91
C GLN X 310 136.07 -18.97 -35.57
N TYR X 311 135.41 -19.36 -36.67
CA TYR X 311 135.79 -20.58 -37.37
C TYR X 311 137.18 -20.48 -37.97
N LEU X 312 137.50 -19.32 -38.55
CA LEU X 312 138.82 -19.15 -39.17
C LEU X 312 139.94 -19.22 -38.15
N GLU X 313 139.75 -18.58 -36.99
CA GLU X 313 140.81 -18.56 -35.99
C GLU X 313 141.14 -19.95 -35.49
N ARG X 314 140.12 -20.76 -35.20
CA ARG X 314 140.36 -22.11 -34.72
C ARG X 314 140.89 -23.01 -35.84
N PHE X 315 140.28 -22.93 -37.03
CA PHE X 315 140.66 -23.82 -38.13
C PHE X 315 142.11 -23.61 -38.55
N GLU X 316 142.55 -22.36 -38.62
CA GLU X 316 143.90 -22.06 -39.12
C GLU X 316 144.97 -22.70 -38.25
N ALA X 317 144.82 -22.64 -36.93
CA ALA X 317 145.82 -23.22 -36.05
C ALA X 317 145.78 -24.75 -36.06
N LEU X 318 144.59 -25.33 -36.20
CA LEU X 318 144.46 -26.79 -36.09
C LEU X 318 145.24 -27.50 -37.19
N ARG X 319 145.15 -27.00 -38.43
CA ARG X 319 145.77 -27.71 -39.56
C ARG X 319 147.28 -27.82 -39.39
N SER X 320 147.92 -26.76 -38.90
CA SER X 320 149.37 -26.80 -38.70
C SER X 320 149.74 -27.79 -37.59
N LYS X 321 148.94 -27.83 -36.52
CA LYS X 321 149.25 -28.71 -35.40
C LYS X 321 149.16 -30.18 -35.80
N LEU X 322 148.16 -30.54 -36.60
CA LEU X 322 147.97 -31.95 -36.95
C LEU X 322 149.08 -32.48 -37.84
N GLN X 323 149.66 -31.62 -38.69
CA GLN X 323 150.74 -32.06 -39.57
C GLN X 323 151.99 -32.45 -38.78
N ALA X 324 152.17 -31.85 -37.60
CA ALA X 324 153.37 -32.12 -36.82
C ALA X 324 153.42 -33.56 -36.32
N LEU X 325 152.30 -34.07 -35.83
CA LEU X 325 152.26 -35.40 -35.23
C LEU X 325 151.34 -36.39 -35.94
N GLY X 326 150.39 -35.92 -36.74
CA GLY X 326 149.49 -36.84 -37.41
C GLY X 326 150.18 -37.73 -38.42
N LYS X 327 151.09 -37.16 -39.22
CA LYS X 327 151.84 -37.90 -40.23
C LYS X 327 150.94 -38.62 -41.22
N VAL X 328 149.78 -38.02 -41.51
CA VAL X 328 148.79 -38.62 -42.40
C VAL X 328 148.31 -37.53 -43.36
N GLU X 329 148.96 -37.44 -44.52
CA GLU X 329 148.53 -36.52 -45.58
C GLU X 329 148.81 -37.18 -46.92
N SER X 330 147.77 -37.71 -47.56
CA SER X 330 147.94 -38.40 -48.83
C SER X 330 146.59 -38.50 -49.53
N GLU X 331 146.64 -38.60 -50.85
CA GLU X 331 145.46 -38.81 -51.67
C GLU X 331 145.17 -40.30 -51.90
N SER X 332 145.96 -41.19 -51.31
CA SER X 332 145.84 -42.62 -51.54
C SER X 332 144.56 -43.22 -50.96
N LEU X 333 143.74 -42.42 -50.26
CA LEU X 333 142.49 -42.93 -49.73
C LEU X 333 141.60 -43.49 -50.83
N LEU X 334 141.75 -42.99 -52.06
CA LEU X 334 141.05 -43.59 -53.19
C LEU X 334 141.51 -45.03 -53.40
N THR X 335 142.81 -45.28 -53.27
CA THR X 335 143.35 -46.62 -53.41
C THR X 335 143.38 -47.39 -52.10
N LEU X 336 143.61 -46.71 -50.97
CA LEU X 336 143.59 -47.37 -49.68
C LEU X 336 142.21 -47.95 -49.38
N SER X 337 141.16 -47.19 -49.68
CA SER X 337 139.81 -47.71 -49.54
C SER X 337 139.54 -48.80 -50.57
N THR X 338 140.15 -48.69 -51.76
CA THR X 338 139.94 -49.69 -52.80
C THR X 338 140.41 -51.07 -52.34
N GLN X 339 141.57 -51.13 -51.70
CA GLN X 339 142.11 -52.41 -51.24
C GLN X 339 141.34 -52.98 -50.04
N LEU X 340 140.48 -52.17 -49.40
CA LEU X 340 139.67 -52.69 -48.30
C LEU X 340 138.69 -53.75 -48.81
N ALA X 341 138.00 -53.47 -49.92
CA ALA X 341 137.07 -54.44 -50.46
C ALA X 341 137.77 -55.57 -51.20
N LYS X 342 138.94 -55.30 -51.78
CA LYS X 342 139.62 -56.35 -52.53
C LYS X 342 140.26 -57.39 -51.63
N ALA X 343 140.58 -57.03 -50.38
CA ALA X 343 141.25 -57.96 -49.47
C ALA X 343 140.42 -58.27 -48.23
N GLN X 344 139.94 -57.25 -47.51
CA GLN X 344 139.22 -57.51 -46.27
C GLN X 344 137.80 -57.99 -46.53
N LEU X 345 137.13 -57.44 -47.53
CA LEU X 345 135.75 -57.81 -47.80
C LEU X 345 135.56 -59.30 -48.07
N PRO X 346 136.43 -60.00 -48.81
CA PRO X 346 136.26 -61.46 -48.94
C PRO X 346 136.17 -62.17 -47.60
N THR X 347 136.93 -61.75 -46.60
CA THR X 347 136.72 -62.26 -45.25
C THR X 347 135.35 -61.86 -44.73
N CYS X 348 134.97 -60.59 -44.91
CA CYS X 348 133.62 -60.15 -44.56
C CYS X 348 132.57 -60.81 -45.44
N GLU X 349 132.93 -61.10 -46.68
CA GLU X 349 132.03 -61.86 -47.55
C GLU X 349 131.76 -63.25 -46.99
N ALA X 350 132.81 -63.92 -46.48
CA ALA X 350 132.63 -65.21 -45.85
C ALA X 350 131.88 -65.09 -44.52
N GLU X 351 131.96 -63.93 -43.87
CA GLU X 351 131.22 -63.73 -42.63
C GLU X 351 129.72 -63.83 -42.86
N ASP X 352 129.23 -63.27 -43.96
CA ASP X 352 127.81 -63.31 -44.28
C ASP X 352 127.40 -64.57 -45.04
N ILE X 353 128.36 -65.40 -45.44
CA ILE X 353 128.00 -66.67 -46.09
C ILE X 353 127.23 -67.56 -45.13
N ALA X 354 127.74 -67.72 -43.91
CA ALA X 354 127.03 -68.49 -42.89
C ALA X 354 125.71 -67.80 -42.53
N VAL X 355 125.73 -66.47 -42.40
CA VAL X 355 124.52 -65.74 -42.09
C VAL X 355 123.50 -65.87 -43.22
N TYR X 356 123.99 -65.92 -44.46
CA TYR X 356 123.10 -66.14 -45.60
C TYR X 356 122.37 -67.47 -45.49
N GLU X 357 123.09 -68.52 -45.06
CA GLU X 357 122.46 -69.81 -44.83
C GLU X 357 121.43 -69.73 -43.71
N GLN X 358 121.75 -69.00 -42.64
CA GLN X 358 120.82 -68.87 -41.52
C GLN X 358 119.52 -68.19 -41.96
N ARG X 359 119.64 -67.07 -42.66
CA ARG X 359 118.44 -66.36 -43.13
C ARG X 359 117.68 -67.18 -44.15
N LEU X 360 118.39 -67.87 -45.04
CA LEU X 360 117.72 -68.77 -45.99
C LEU X 360 117.02 -69.91 -45.27
N GLN X 361 117.65 -70.48 -44.25
CA GLN X 361 117.02 -71.57 -43.52
C GLN X 361 115.79 -71.09 -42.76
N GLN X 362 115.86 -69.88 -42.18
CA GLN X 362 114.71 -69.34 -41.47
C GLN X 362 113.53 -69.15 -42.40
N TRP X 363 113.78 -68.65 -43.62
CA TRP X 363 112.72 -68.50 -44.59
C TRP X 363 112.10 -69.84 -44.97
N HIS X 364 112.93 -70.87 -45.13
CA HIS X 364 112.42 -72.20 -45.44
C HIS X 364 111.50 -72.70 -44.34
N GLY X 365 111.87 -72.48 -43.09
CA GLY X 365 111.01 -72.88 -41.99
C GLY X 365 109.69 -72.14 -41.97
N GLU X 366 109.72 -70.84 -42.28
CA GLU X 366 108.48 -70.06 -42.27
C GLU X 366 107.57 -70.45 -43.43
N ARG X 367 108.14 -70.76 -44.60
CA ARG X 367 107.33 -71.19 -45.73
C ARG X 367 106.60 -72.49 -45.41
N VAL X 368 107.29 -73.45 -44.79
CA VAL X 368 106.62 -74.67 -44.35
C VAL X 368 105.56 -74.35 -43.32
N ARG X 369 105.87 -73.45 -42.39
CA ARG X 369 104.88 -73.03 -41.39
C ARG X 369 103.68 -72.37 -42.05
N LEU X 370 103.93 -71.49 -43.03
CA LEU X 370 102.83 -70.82 -43.72
C LEU X 370 101.98 -71.81 -44.50
N ILE X 371 102.63 -72.74 -45.22
CA ILE X 371 101.89 -73.70 -46.03
C ILE X 371 101.04 -74.62 -45.15
N GLN X 372 101.61 -75.14 -44.07
CA GLN X 372 100.85 -75.99 -43.18
C GLN X 372 99.78 -75.22 -42.44
N ARG X 373 99.98 -73.91 -42.24
CA ARG X 373 98.94 -73.08 -41.62
C ARG X 373 97.71 -73.00 -42.51
N GLU X 374 97.91 -72.70 -43.79
CA GLU X 374 96.78 -72.60 -44.71
C GLU X 374 96.10 -73.96 -44.92
N GLN X 375 96.90 -75.02 -45.05
CA GLN X 375 96.33 -76.35 -45.30
C GLN X 375 95.49 -76.82 -44.12
N GLU X 376 95.93 -76.53 -42.90
CA GLU X 376 95.17 -76.95 -41.72
C GLU X 376 93.78 -76.33 -41.69
N GLN X 377 93.70 -75.04 -42.04
CA GLN X 377 92.40 -74.39 -42.07
C GLN X 377 91.57 -74.82 -43.28
N ARG X 378 92.23 -75.19 -44.38
CA ARG X 378 91.50 -75.64 -45.56
C ARG X 378 90.72 -76.91 -45.26
N GLU X 379 91.35 -77.89 -44.60
CA GLU X 379 90.62 -79.06 -44.17
C GLU X 379 89.63 -78.73 -43.05
N ARG X 380 89.96 -77.75 -42.21
CA ARG X 380 89.03 -77.32 -41.18
C ARG X 380 87.76 -76.75 -41.80
N ALA X 381 87.90 -75.93 -42.85
CA ALA X 381 86.74 -75.35 -43.50
C ALA X 381 85.88 -76.41 -44.18
N ARG X 382 86.51 -77.35 -44.88
CA ARG X 382 85.76 -78.37 -45.59
C ARG X 382 85.08 -79.34 -44.61
N GLN X 383 85.76 -79.68 -43.51
CA GLN X 383 85.11 -80.48 -42.48
C GLN X 383 83.92 -79.75 -41.87
N ASP X 384 84.08 -78.45 -41.62
CA ASP X 384 82.95 -77.65 -41.17
C ASP X 384 81.87 -77.57 -42.25
N TYR X 385 82.26 -77.37 -43.50
CA TYR X 385 81.29 -77.28 -44.58
C TYR X 385 80.57 -78.60 -44.79
N GLU X 386 81.29 -79.72 -44.78
CA GLU X 386 80.66 -81.03 -44.94
C GLU X 386 79.72 -81.33 -43.78
N ALA X 387 80.13 -80.99 -42.55
CA ALA X 387 79.25 -81.17 -41.41
C ALA X 387 78.04 -80.26 -41.49
N ARG X 388 78.22 -79.03 -41.99
CA ARG X 388 77.09 -78.11 -42.11
C ARG X 388 76.06 -78.64 -43.11
N ARG X 389 76.52 -79.16 -44.25
CA ARG X 389 75.60 -79.67 -45.25
C ARG X 389 75.00 -81.01 -44.86
N ALA X 390 75.76 -81.84 -44.15
CA ALA X 390 75.22 -83.12 -43.68
C ALA X 390 74.08 -82.90 -42.69
N ALA X 391 74.25 -81.94 -41.78
CA ALA X 391 73.22 -81.58 -40.80
C ALA X 391 72.98 -80.08 -40.93
N LYS X 392 72.00 -79.71 -41.75
CA LYS X 392 71.69 -78.31 -42.02
C LYS X 392 70.81 -77.77 -40.90
N ALA X 393 71.43 -77.17 -39.89
CA ALA X 393 70.71 -76.60 -38.75
C ALA X 393 70.89 -75.08 -38.79
N SER X 394 69.78 -74.38 -39.02
CA SER X 394 69.79 -72.92 -39.07
C SER X 394 68.57 -72.38 -38.33
N ALA X 395 68.70 -71.15 -37.84
CA ALA X 395 67.62 -70.50 -37.11
C ALA X 395 66.68 -69.78 -38.08
N VAL Y 78 -0.55 -29.60 66.50
CA VAL Y 78 -0.98 -29.28 65.14
C VAL Y 78 -1.23 -30.58 64.37
N GLU Y 79 -2.42 -30.69 63.79
CA GLU Y 79 -2.81 -31.89 63.06
C GLU Y 79 -2.39 -31.76 61.60
N SER Y 80 -1.67 -32.76 61.11
CA SER Y 80 -1.22 -32.75 59.72
C SER Y 80 -2.40 -32.82 58.77
N PHE Y 81 -2.25 -32.19 57.60
CA PHE Y 81 -3.34 -32.15 56.63
C PHE Y 81 -3.72 -33.53 56.14
N ALA Y 82 -2.76 -34.45 56.05
CA ALA Y 82 -3.06 -35.80 55.59
C ALA Y 82 -4.02 -36.50 56.54
N SER Y 83 -3.83 -36.31 57.86
CA SER Y 83 -4.73 -36.92 58.83
C SER Y 83 -6.15 -36.38 58.71
N MET Y 84 -6.29 -35.12 58.29
CA MET Y 84 -7.62 -34.52 58.17
C MET Y 84 -8.43 -35.19 57.08
N LEU Y 85 -7.80 -35.53 55.96
CA LEU Y 85 -8.52 -36.15 54.86
C LEU Y 85 -8.99 -37.56 55.23
N ARG Y 86 -8.18 -38.30 56.00
CA ARG Y 86 -8.54 -39.67 56.34
C ARG Y 86 -9.84 -39.74 57.13
N HIS Y 87 -10.02 -38.85 58.09
CA HIS Y 87 -11.20 -38.87 58.95
C HIS Y 87 -12.33 -37.97 58.46
N SER Y 88 -12.14 -37.29 57.32
CA SER Y 88 -13.19 -36.42 56.82
C SER Y 88 -14.39 -37.23 56.38
N PRO Y 89 -15.61 -36.72 56.56
CA PRO Y 89 -16.80 -37.46 56.11
C PRO Y 89 -16.82 -37.73 54.62
N LEU Y 90 -16.26 -36.83 53.80
CA LEU Y 90 -16.25 -37.03 52.36
C LEU Y 90 -15.46 -38.28 51.97
N THR Y 91 -14.29 -38.48 52.58
CA THR Y 91 -13.50 -39.66 52.27
C THR Y 91 -14.19 -40.93 52.73
N GLN Y 92 -14.84 -40.89 53.90
CA GLN Y 92 -15.54 -42.06 54.42
C GLN Y 92 -16.75 -42.43 53.58
N MET Y 93 -17.26 -41.50 52.77
CA MET Y 93 -18.41 -41.80 51.93
C MET Y 93 -18.07 -42.84 50.86
N GLY Y 94 -16.89 -42.74 50.27
CA GLY Y 94 -16.51 -43.61 49.18
C GLY Y 94 -17.05 -43.10 47.86
N PRO Y 95 -17.49 -44.01 46.99
CA PRO Y 95 -18.13 -43.58 45.75
C PRO Y 95 -19.40 -42.78 46.04
N ALA Y 96 -19.64 -41.77 45.21
CA ALA Y 96 -20.77 -40.87 45.44
C ALA Y 96 -22.09 -41.45 44.94
N LYS Y 97 -22.07 -42.52 44.16
CA LYS Y 97 -23.29 -43.07 43.60
C LYS Y 97 -24.09 -43.82 44.65
N ASN Y 98 -25.38 -43.51 44.74
CA ASN Y 98 -26.32 -44.19 45.64
C ASN Y 98 -25.87 -44.08 47.11
N LYS Y 99 -25.78 -42.83 47.57
CA LYS Y 99 -25.46 -42.54 48.96
C LYS Y 99 -26.53 -41.61 49.53
N LEU Y 100 -27.06 -41.96 50.70
CA LEU Y 100 -28.10 -41.16 51.34
C LEU Y 100 -27.44 -40.03 52.11
N VAL Y 101 -27.57 -38.80 51.61
CA VAL Y 101 -26.94 -37.62 52.19
C VAL Y 101 -28.01 -36.58 52.46
N ILE Y 102 -28.00 -36.02 53.66
CA ILE Y 102 -28.94 -34.97 54.04
C ILE Y 102 -28.37 -33.63 53.62
N GLY Y 103 -29.26 -32.69 53.27
CA GLY Y 103 -28.85 -31.38 52.83
C GLY Y 103 -29.79 -30.31 53.34
N GLN Y 104 -29.38 -29.06 53.14
CA GLN Y 104 -30.12 -27.90 53.60
C GLN Y 104 -30.40 -26.98 52.42
N ILE Y 105 -31.63 -26.49 52.35
CA ILE Y 105 -32.05 -25.60 51.27
C ILE Y 105 -31.64 -24.17 51.62
N PHE Y 106 -31.01 -23.49 50.65
CA PHE Y 106 -30.55 -22.11 50.87
C PHE Y 106 -31.14 -21.12 49.90
N HIS Y 107 -31.88 -21.55 48.87
CA HIS Y 107 -32.50 -20.62 47.94
C HIS Y 107 -33.73 -21.29 47.34
N ILE Y 108 -34.80 -20.51 47.20
CA ILE Y 108 -36.10 -21.02 46.78
C ILE Y 108 -36.55 -20.26 45.54
N VAL Y 109 -36.89 -21.00 44.49
CA VAL Y 109 -37.60 -20.45 43.35
C VAL Y 109 -39.00 -21.06 43.36
N GLU Y 110 -39.84 -20.63 42.41
CA GLU Y 110 -41.24 -21.05 42.42
C GLU Y 110 -41.38 -22.56 42.32
N ASP Y 111 -40.48 -23.21 41.58
CA ASP Y 111 -40.54 -24.67 41.44
C ASP Y 111 -39.21 -25.36 41.66
N ASP Y 112 -38.09 -24.64 41.78
CA ASP Y 112 -36.77 -25.22 41.91
C ASP Y 112 -36.25 -24.98 43.32
N LEU Y 113 -35.70 -26.02 43.94
CA LEU Y 113 -35.15 -25.96 45.28
C LEU Y 113 -33.64 -26.14 45.19
N TYR Y 114 -32.89 -25.08 45.47
CA TYR Y 114 -31.43 -25.13 45.46
C TYR Y 114 -30.96 -25.70 46.79
N ILE Y 115 -30.46 -26.93 46.76
CA ILE Y 115 -30.11 -27.67 47.97
C ILE Y 115 -28.60 -27.79 48.07
N ASP Y 116 -28.06 -27.48 49.24
CA ASP Y 116 -26.64 -27.70 49.53
C ASP Y 116 -26.52 -28.94 50.41
N PHE Y 117 -25.77 -29.94 49.94
CA PHE Y 117 -25.61 -31.20 50.65
C PHE Y 117 -24.21 -31.36 51.25
N GLY Y 118 -23.46 -30.27 51.36
CA GLY Y 118 -22.11 -30.31 51.87
C GLY Y 118 -21.04 -30.56 50.85
N GLY Y 119 -21.41 -30.86 49.61
CA GLY Y 119 -20.44 -31.07 48.54
C GLY Y 119 -19.94 -29.75 47.99
N LYS Y 120 -19.16 -29.86 46.92
CA LYS Y 120 -18.55 -28.68 46.32
C LYS Y 120 -19.61 -27.76 45.71
N PHE Y 121 -20.60 -28.31 45.04
CA PHE Y 121 -21.62 -27.54 44.35
C PHE Y 121 -23.00 -27.74 44.99
N HIS Y 122 -24.02 -27.15 44.38
CA HIS Y 122 -25.39 -27.19 44.88
C HIS Y 122 -26.26 -27.95 43.89
N CYS Y 123 -26.99 -28.95 44.37
CA CYS Y 123 -27.92 -29.69 43.54
C CYS Y 123 -29.26 -28.99 43.47
N VAL Y 124 -29.99 -29.23 42.40
CA VAL Y 124 -31.28 -28.60 42.15
C VAL Y 124 -32.33 -29.68 42.00
N CYS Y 125 -33.45 -29.52 42.72
CA CYS Y 125 -34.55 -30.47 42.65
C CYS Y 125 -35.86 -29.69 42.62
N LYS Y 126 -36.91 -30.36 42.16
CA LYS Y 126 -38.23 -29.77 42.05
C LYS Y 126 -39.07 -30.08 43.29
N ARG Y 127 -39.97 -29.15 43.62
CA ARG Y 127 -40.82 -29.32 44.79
C ARG Y 127 -41.81 -30.47 44.58
N PRO Y 128 -41.87 -31.43 45.49
CA PRO Y 128 -42.86 -32.51 45.36
C PRO Y 128 -44.27 -32.01 45.54
N GLU Y 129 -45.21 -32.76 44.96
CA GLU Y 129 -46.62 -32.36 45.00
C GLU Y 129 -47.25 -32.56 46.38
N VAL Y 130 -46.60 -33.32 47.26
CA VAL Y 130 -47.11 -33.60 48.60
C VAL Y 130 -46.26 -32.85 49.61
N ASP Y 131 -46.92 -32.16 50.53
CA ASP Y 131 -46.24 -31.37 51.57
C ASP Y 131 -45.30 -30.34 50.96
N GLY Y 132 -45.72 -29.74 49.84
CA GLY Y 132 -44.88 -28.77 49.17
C GLY Y 132 -44.82 -27.43 49.87
N GLU Y 133 -45.75 -27.14 50.76
CA GLU Y 133 -45.80 -25.84 51.42
C GLU Y 133 -44.77 -25.70 52.53
N LYS Y 134 -44.19 -26.80 53.01
CA LYS Y 134 -43.24 -26.75 54.12
C LYS Y 134 -41.79 -26.83 53.65
N TYR Y 135 -41.55 -26.75 52.35
CA TYR Y 135 -40.19 -26.67 51.82
C TYR Y 135 -39.82 -25.19 51.74
N GLN Y 136 -39.16 -24.70 52.78
CA GLN Y 136 -38.79 -23.30 52.89
C GLN Y 136 -37.28 -23.19 53.07
N LYS Y 137 -36.80 -21.94 53.15
CA LYS Y 137 -35.38 -21.70 53.31
C LYS Y 137 -34.90 -22.24 54.65
N GLY Y 138 -33.75 -22.94 54.61
CA GLY Y 138 -33.18 -23.53 55.80
C GLY Y 138 -33.74 -24.89 56.17
N THR Y 139 -34.73 -25.39 55.44
CA THR Y 139 -35.28 -26.70 55.74
C THR Y 139 -34.32 -27.80 55.31
N ARG Y 140 -34.24 -28.85 56.12
CA ARG Y 140 -33.36 -29.98 55.84
C ARG Y 140 -34.14 -31.08 55.13
N VAL Y 141 -33.55 -31.64 54.07
CA VAL Y 141 -34.16 -32.69 53.28
C VAL Y 141 -33.14 -33.81 53.09
N ARG Y 142 -33.62 -34.94 52.57
CA ARG Y 142 -32.81 -36.11 52.32
C ARG Y 142 -32.59 -36.29 50.83
N LEU Y 143 -31.37 -36.63 50.45
CA LEU Y 143 -30.97 -36.73 49.06
C LEU Y 143 -30.32 -38.07 48.79
N ARG Y 144 -30.35 -38.48 47.53
CA ARG Y 144 -29.63 -39.65 47.04
C ARG Y 144 -28.65 -39.16 45.98
N LEU Y 145 -27.39 -38.98 46.37
CA LEU Y 145 -26.39 -38.50 45.43
C LEU Y 145 -26.11 -39.56 44.37
N LEU Y 146 -26.06 -39.12 43.12
CA LEU Y 146 -25.67 -39.98 42.00
C LEU Y 146 -24.32 -39.61 41.42
N ASP Y 147 -24.13 -38.34 41.07
CA ASP Y 147 -22.83 -37.82 40.67
C ASP Y 147 -22.53 -36.60 41.52
N LEU Y 148 -21.32 -36.56 42.10
CA LEU Y 148 -20.94 -35.43 42.94
C LEU Y 148 -20.88 -34.15 42.13
N GLU Y 149 -20.38 -34.23 40.90
CA GLU Y 149 -20.34 -33.08 40.02
C GLU Y 149 -20.56 -33.56 38.58
N LEU Y 150 -21.60 -33.04 37.94
CA LEU Y 150 -21.90 -33.45 36.56
C LEU Y 150 -20.86 -32.84 35.63
N THR Y 151 -20.20 -33.70 34.85
CA THR Y 151 -19.13 -33.26 33.95
C THR Y 151 -18.92 -34.33 32.89
N SER Y 152 -18.87 -33.92 31.63
CA SER Y 152 -18.68 -34.84 30.52
C SER Y 152 -17.73 -34.22 29.51
N ARG Y 153 -17.18 -35.08 28.65
CA ARG Y 153 -16.24 -34.68 27.61
C ARG Y 153 -16.89 -34.85 26.24
N PHE Y 154 -16.78 -33.83 25.40
CA PHE Y 154 -17.25 -33.88 24.03
C PHE Y 154 -16.08 -33.75 23.08
N LEU Y 155 -16.25 -34.27 21.87
CA LEU Y 155 -15.19 -34.24 20.88
C LEU Y 155 -14.84 -32.81 20.50
N GLY Y 156 -13.56 -32.56 20.25
CA GLY Y 156 -13.10 -31.23 19.94
C GLY Y 156 -12.91 -30.32 21.12
N ALA Y 157 -13.10 -30.83 22.34
CA ALA Y 157 -12.95 -30.05 23.56
C ALA Y 157 -11.67 -30.48 24.27
N THR Y 158 -10.73 -29.54 24.44
CA THR Y 158 -9.52 -29.84 25.18
C THR Y 158 -9.82 -30.13 26.65
N THR Y 159 -10.74 -29.36 27.23
CA THR Y 159 -11.11 -29.49 28.63
C THR Y 159 -12.59 -29.79 28.75
N ASP Y 160 -12.95 -30.62 29.73
CA ASP Y 160 -14.35 -30.95 29.95
C ASP Y 160 -15.14 -29.69 30.33
N THR Y 161 -16.39 -29.65 29.90
CA THR Y 161 -17.28 -28.52 30.17
C THR Y 161 -18.12 -28.85 31.39
N THR Y 162 -17.80 -28.24 32.53
CA THR Y 162 -18.53 -28.48 33.75
C THR Y 162 -19.92 -27.84 33.69
N ILE Y 163 -20.80 -28.30 34.57
CA ILE Y 163 -22.13 -27.73 34.71
C ILE Y 163 -22.27 -26.90 35.98
N LEU Y 164 -21.29 -26.93 36.88
CA LEU Y 164 -21.30 -26.18 38.13
C LEU Y 164 -22.47 -26.56 39.02
N GLU Y 165 -22.94 -27.80 38.92
CA GLU Y 165 -24.05 -28.29 39.72
C GLU Y 165 -23.80 -29.74 40.08
N ALA Y 166 -24.75 -30.33 40.79
CA ALA Y 166 -24.68 -31.73 41.20
C ALA Y 166 -26.04 -32.38 40.96
N ASP Y 167 -26.01 -33.70 40.82
CA ASP Y 167 -27.20 -34.48 40.53
C ASP Y 167 -27.67 -35.21 41.78
N ALA Y 168 -28.94 -35.01 42.14
CA ALA Y 168 -29.51 -35.64 43.32
C ALA Y 168 -31.02 -35.68 43.16
N VAL Y 169 -31.66 -36.55 43.95
CA VAL Y 169 -33.10 -36.71 43.93
C VAL Y 169 -33.63 -36.57 45.36
N LEU Y 170 -34.92 -36.26 45.44
CA LEU Y 170 -35.57 -36.03 46.73
C LEU Y 170 -36.23 -37.33 47.23
N LEU Y 171 -35.96 -37.68 48.48
CA LEU Y 171 -36.61 -38.80 49.13
C LEU Y 171 -37.59 -38.36 50.19
N GLY Y 172 -37.74 -37.06 50.41
CA GLY Y 172 -38.65 -36.53 51.39
C GLY Y 172 -37.96 -35.44 52.20
N LEU Y 173 -38.59 -35.05 53.29
CA LEU Y 173 -38.06 -34.06 54.22
C LEU Y 173 -37.38 -34.76 55.39
N GLN Y 174 -36.47 -34.04 56.05
CA GLN Y 174 -35.73 -34.60 57.17
C GLN Y 174 -36.64 -34.85 58.36
N GLU Y 175 -36.57 -36.04 58.93
CA GLU Y 175 -37.43 -36.44 60.04
C GLU Y 175 -36.78 -36.00 61.35
N SER Y 176 -37.14 -34.80 61.80
CA SER Y 176 -36.59 -34.27 63.04
C SER Y 176 -37.11 -35.08 64.23
N ARG Z 58 -104.63 0.96 7.74
CA ARG Z 58 -105.98 1.34 8.12
C ARG Z 58 -106.48 2.51 7.27
N ALA Z 59 -105.60 3.02 6.41
CA ALA Z 59 -105.94 4.19 5.62
C ALA Z 59 -106.96 3.84 4.54
N ILE Z 60 -107.68 4.87 4.09
CA ILE Z 60 -108.69 4.75 3.05
C ILE Z 60 -108.06 5.22 1.75
N SER Z 61 -108.01 4.34 0.75
CA SER Z 61 -107.32 4.63 -0.50
C SER Z 61 -108.27 4.69 -1.69
N ARG Z 62 -109.04 3.63 -1.94
CA ARG Z 62 -109.88 3.56 -3.14
C ARG Z 62 -111.36 3.36 -2.81
N THR Z 63 -111.75 3.54 -1.54
CA THR Z 63 -113.16 3.36 -1.18
C THR Z 63 -114.06 4.42 -1.79
N SER Z 64 -113.51 5.58 -2.15
CA SER Z 64 -114.32 6.64 -2.72
C SER Z 64 -114.89 6.25 -4.07
N GLU Z 65 -116.17 6.53 -4.28
CA GLU Z 65 -116.82 6.22 -5.54
C GLU Z 65 -116.37 7.20 -6.63
N ASP Z 66 -116.22 6.67 -7.84
CA ASP Z 66 -115.63 7.43 -8.95
C ASP Z 66 -116.71 8.24 -9.66
N ASP Z 67 -116.73 9.55 -9.40
CA ASP Z 67 -117.58 10.47 -10.14
C ASP Z 67 -116.98 11.87 -10.09
N PRO Z 68 -116.52 12.41 -11.22
CA PRO Z 68 -115.96 13.77 -11.21
C PRO Z 68 -116.97 14.84 -10.81
N ALA Z 69 -118.27 14.58 -10.99
CA ALA Z 69 -119.27 15.60 -10.74
C ALA Z 69 -119.51 15.82 -9.24
N LYS Z 70 -119.52 14.74 -8.45
CA LYS Z 70 -119.88 14.82 -7.05
C LYS Z 70 -118.67 14.73 -6.13
N HIS Z 71 -117.47 15.00 -6.64
CA HIS Z 71 -116.28 15.02 -5.80
C HIS Z 71 -116.36 16.19 -4.83
N ARG Z 72 -116.37 15.89 -3.54
CA ARG Z 72 -116.52 16.88 -2.49
C ARG Z 72 -115.20 17.05 -1.74
N GLU Z 73 -115.19 18.02 -0.82
CA GLU Z 73 -113.95 18.35 -0.11
C GLU Z 73 -113.52 17.25 0.84
N GLN Z 74 -114.47 16.55 1.49
CA GLN Z 74 -114.11 15.53 2.45
C GLN Z 74 -113.51 14.29 1.82
N HIS Z 75 -113.55 14.17 0.49
CA HIS Z 75 -112.94 13.05 -0.22
C HIS Z 75 -111.47 13.31 -0.57
N GLU Z 76 -110.81 14.17 0.19
CA GLU Z 76 -109.42 14.49 -0.09
C GLU Z 76 -108.52 13.28 0.12
N GLY Z 77 -107.53 13.13 -0.74
CA GLY Z 77 -106.63 12.00 -0.65
C GLY Z 77 -107.26 10.65 -0.91
N GLN Z 78 -108.12 10.57 -1.93
CA GLN Z 78 -108.78 9.32 -2.30
C GLN Z 78 -108.57 9.05 -3.78
N HIS Z 79 -108.35 7.78 -4.12
CA HIS Z 79 -108.14 7.36 -5.49
C HIS Z 79 -109.44 6.82 -6.06
N TYR Z 80 -109.83 7.31 -7.23
CA TYR Z 80 -111.02 6.84 -7.92
C TYR Z 80 -110.61 6.19 -9.24
N ASN Z 81 -111.15 5.01 -9.50
CA ASN Z 81 -110.80 4.27 -10.70
C ASN Z 81 -111.45 4.88 -11.93
N ILE Z 82 -110.73 4.85 -13.05
CA ILE Z 82 -111.24 5.28 -14.34
C ILE Z 82 -110.92 4.18 -15.36
N SER Z 83 -111.90 3.84 -16.18
CA SER Z 83 -111.78 2.72 -17.09
C SER Z 83 -110.70 2.97 -18.13
N LEU Z 84 -110.08 1.88 -18.59
CA LEU Z 84 -109.04 2.00 -19.61
C LEU Z 84 -109.59 2.56 -20.91
N GLN Z 85 -110.78 2.11 -21.32
CA GLN Z 85 -111.39 2.64 -22.53
C GLN Z 85 -111.73 4.12 -22.37
N GLU Z 86 -111.99 4.56 -21.14
CA GLU Z 86 -112.24 5.98 -20.90
C GLU Z 86 -111.02 6.82 -21.23
N LEU Z 87 -109.83 6.34 -20.86
CA LEU Z 87 -108.61 7.06 -21.20
C LEU Z 87 -108.43 7.18 -22.71
N LYS Z 88 -108.86 6.15 -23.45
CA LYS Z 88 -108.70 6.17 -24.90
C LYS Z 88 -109.53 7.27 -25.54
N THR Z 89 -110.75 7.48 -25.06
CA THR Z 89 -111.65 8.48 -25.64
C THR Z 89 -111.55 9.85 -24.97
N VAL Z 90 -110.86 9.95 -23.84
CA VAL Z 90 -110.72 11.23 -23.15
C VAL Z 90 -109.31 11.80 -23.28
N PHE Z 91 -108.27 10.95 -23.33
CA PHE Z 91 -106.88 11.40 -23.40
C PHE Z 91 -106.21 10.78 -24.61
N PRO Z 92 -106.55 11.24 -25.83
CA PRO Z 92 -105.80 10.80 -27.01
C PRO Z 92 -104.50 11.56 -27.21
N HIS Z 93 -104.31 12.68 -26.53
CA HIS Z 93 -103.08 13.45 -26.60
C HIS Z 93 -102.05 12.82 -25.66
N GLY Z 94 -100.94 13.53 -25.44
CA GLY Z 94 -99.86 12.96 -24.67
C GLY Z 94 -100.11 12.96 -23.17
N LEU Z 95 -100.45 11.80 -22.62
CA LEU Z 95 -100.47 11.62 -21.18
C LEU Z 95 -99.04 11.70 -20.66
N PRO Z 96 -98.84 12.22 -19.45
CA PRO Z 96 -97.47 12.34 -18.90
C PRO Z 96 -96.78 10.99 -18.90
N PRO Z 97 -95.53 10.93 -19.40
CA PRO Z 97 -94.86 9.62 -19.54
C PRO Z 97 -94.70 8.86 -18.24
N ARG Z 98 -94.44 9.56 -17.13
CA ARG Z 98 -94.31 8.87 -15.85
C ARG Z 98 -95.64 8.24 -15.43
N PHE Z 99 -96.74 8.95 -15.62
CA PHE Z 99 -98.05 8.39 -15.29
C PHE Z 99 -98.52 7.37 -16.32
N ALA Z 100 -98.19 7.59 -17.60
CA ALA Z 100 -98.58 6.63 -18.63
C ALA Z 100 -97.88 5.30 -18.43
N MET Z 101 -96.62 5.33 -17.97
CA MET Z 101 -95.93 4.08 -17.68
C MET Z 101 -96.49 3.42 -16.43
N GLN Z 102 -96.95 4.21 -15.46
CA GLN Z 102 -97.48 3.64 -14.23
C GLN Z 102 -98.77 2.87 -14.48
N VAL Z 103 -99.68 3.43 -15.29
CA VAL Z 103 -100.96 2.78 -15.53
C VAL Z 103 -100.77 1.49 -16.34
N LYS Z 104 -99.82 1.50 -17.29
CA LYS Z 104 -99.59 0.31 -18.10
C LYS Z 104 -99.16 -0.87 -17.24
N THR Z 105 -98.27 -0.64 -16.28
CA THR Z 105 -97.82 -1.73 -15.42
C THR Z 105 -98.92 -2.16 -14.46
N PHE Z 106 -99.57 -1.20 -13.81
CA PHE Z 106 -100.64 -1.54 -12.87
C PHE Z 106 -101.87 -2.10 -13.57
N ASN Z 107 -102.07 -1.74 -14.84
CA ASN Z 107 -103.25 -2.11 -15.61
C ASN Z 107 -104.51 -1.49 -15.00
N GLU Z 108 -104.33 -0.61 -14.02
CA GLU Z 108 -105.41 0.12 -13.38
C GLU Z 108 -105.05 1.60 -13.35
N ALA Z 109 -105.96 2.43 -13.83
CA ALA Z 109 -105.75 3.88 -13.84
C ALA Z 109 -106.46 4.48 -12.64
N CYS Z 110 -105.68 5.10 -11.74
CA CYS Z 110 -106.21 5.73 -10.55
C CYS Z 110 -105.61 7.12 -10.40
N LEU Z 111 -106.42 8.03 -9.87
CA LEU Z 111 -106.00 9.42 -9.65
C LEU Z 111 -106.50 9.87 -8.29
N MET Z 112 -105.63 10.56 -7.56
CA MET Z 112 -105.96 11.02 -6.20
C MET Z 112 -106.58 12.40 -6.26
N VAL Z 113 -107.57 12.62 -5.41
CA VAL Z 113 -108.30 13.88 -5.37
C VAL Z 113 -107.46 14.92 -4.65
N ARG Z 114 -106.93 15.88 -5.38
CA ARG Z 114 -106.11 16.94 -4.81
C ARG Z 114 -106.95 18.18 -4.51
N LYS Z 115 -106.48 18.98 -3.56
CA LYS Z 115 -107.16 20.22 -3.23
C LYS Z 115 -107.26 21.18 -4.41
N PRO Z 116 -106.20 21.45 -5.19
CA PRO Z 116 -106.38 22.31 -6.37
C PRO Z 116 -107.39 21.77 -7.37
N ALA Z 117 -107.50 20.45 -7.49
CA ALA Z 117 -108.53 19.87 -8.35
C ALA Z 117 -109.93 20.20 -7.83
N LEU Z 118 -110.13 20.10 -6.51
CA LEU Z 118 -111.43 20.42 -5.94
C LEU Z 118 -111.74 21.91 -6.05
N GLU Z 119 -110.74 22.76 -5.82
CA GLU Z 119 -110.96 24.20 -5.91
C GLU Z 119 -111.33 24.61 -7.33
N LEU Z 120 -110.64 24.05 -8.33
CA LEU Z 120 -110.98 24.36 -9.71
C LEU Z 120 -112.31 23.75 -10.12
N LEU Z 121 -112.64 22.58 -9.57
CA LEU Z 121 -113.94 21.97 -9.86
C LEU Z 121 -115.08 22.84 -9.35
N HIS Z 122 -114.92 23.44 -8.16
CA HIS Z 122 -115.97 24.28 -7.60
C HIS Z 122 -116.23 25.50 -8.48
N TYR Z 123 -115.18 26.11 -9.00
CA TYR Z 123 -115.35 27.28 -9.86
C TYR Z 123 -116.00 26.91 -11.18
N LEU Z 124 -115.69 25.72 -11.71
CA LEU Z 124 -116.30 25.30 -12.97
C LEU Z 124 -117.80 25.12 -12.83
N LYS Z 125 -118.25 24.59 -11.69
CA LYS Z 125 -119.69 24.37 -11.49
C LYS Z 125 -120.45 25.69 -11.45
N ASN Z 126 -119.78 26.79 -11.10
CA ASN Z 126 -120.41 28.10 -11.01
C ASN Z 126 -120.14 28.97 -12.24
N THR Z 127 -119.59 28.39 -13.31
CA THR Z 127 -119.26 29.17 -14.50
C THR Z 127 -120.54 29.69 -15.16
N ASN Z 128 -120.52 30.96 -15.55
CA ASN Z 128 -121.63 31.59 -16.27
C ASN Z 128 -121.20 31.77 -17.72
N PHE Z 129 -121.80 31.00 -18.61
CA PHE Z 129 -121.41 31.04 -20.02
C PHE Z 129 -121.73 32.38 -20.68
N ALA Z 130 -122.67 33.15 -20.11
CA ALA Z 130 -122.94 34.48 -20.63
C ALA Z 130 -121.73 35.39 -20.46
N HIS Z 131 -121.05 35.28 -19.32
CA HIS Z 131 -119.86 36.06 -19.07
C HIS Z 131 -118.71 35.59 -19.97
N PRO Z 132 -117.72 36.45 -20.23
CA PRO Z 132 -116.60 36.05 -21.07
C PRO Z 132 -115.73 34.98 -20.43
N ALA Z 133 -114.68 34.56 -21.13
CA ALA Z 133 -113.85 33.46 -20.66
C ALA Z 133 -113.14 33.82 -19.36
N VAL Z 134 -112.97 32.81 -18.51
CA VAL Z 134 -112.28 32.95 -17.24
C VAL Z 134 -110.96 32.20 -17.32
N ARG Z 135 -109.87 32.86 -16.96
CA ARG Z 135 -108.54 32.28 -17.09
C ARG Z 135 -108.08 31.71 -15.75
N TYR Z 136 -107.78 30.41 -15.74
CA TYR Z 136 -107.24 29.73 -14.57
C TYR Z 136 -105.84 29.24 -14.90
N VAL Z 137 -104.90 29.47 -14.00
CA VAL Z 137 -103.51 29.05 -14.19
C VAL Z 137 -103.08 28.24 -12.98
N LEU Z 138 -102.27 27.20 -13.24
CA LEU Z 138 -101.73 26.35 -12.20
C LEU Z 138 -100.21 26.53 -12.16
N TYR Z 139 -99.69 26.83 -10.98
CA TYR Z 139 -98.26 27.06 -10.80
C TYR Z 139 -97.78 26.31 -9.56
N GLY Z 140 -96.49 25.98 -9.56
CA GLY Z 140 -95.90 25.29 -8.43
C GLY Z 140 -94.53 24.78 -8.78
N GLU Z 141 -93.88 24.20 -7.77
CA GLU Z 141 -92.55 23.66 -7.96
C GLU Z 141 -92.62 22.37 -8.79
N LYS Z 142 -91.45 21.95 -9.27
CA LYS Z 142 -91.36 20.82 -10.18
C LYS Z 142 -91.77 19.52 -9.49
N GLY Z 143 -92.56 18.71 -10.18
CA GLY Z 143 -92.97 17.42 -9.66
C GLY Z 143 -94.12 17.45 -8.69
N THR Z 144 -94.97 18.46 -8.74
CA THR Z 144 -96.13 18.56 -7.85
C THR Z 144 -97.41 18.05 -8.49
N GLY Z 145 -97.35 17.49 -9.68
CA GLY Z 145 -98.54 16.96 -10.32
C GLY Z 145 -99.45 17.99 -10.93
N LYS Z 146 -98.89 19.06 -11.51
CA LYS Z 146 -99.71 20.07 -12.17
C LYS Z 146 -100.42 19.49 -13.39
N THR Z 147 -99.73 18.67 -14.18
CA THR Z 147 -100.34 18.09 -15.37
C THR Z 147 -101.49 17.16 -15.01
N LEU Z 148 -101.31 16.32 -13.98
CA LEU Z 148 -102.37 15.41 -13.58
C LEU Z 148 -103.58 16.18 -13.03
N SER Z 149 -103.33 17.29 -12.34
CA SER Z 149 -104.44 18.14 -11.91
C SER Z 149 -105.21 18.69 -13.10
N LEU Z 150 -104.49 19.09 -14.15
CA LEU Z 150 -105.14 19.49 -15.39
C LEU Z 150 -105.90 18.33 -16.01
N CYS Z 151 -105.32 17.12 -15.98
CA CYS Z 151 -105.99 15.96 -16.53
C CYS Z 151 -107.25 15.60 -15.73
N HIS Z 152 -107.24 15.86 -14.42
CA HIS Z 152 -108.44 15.67 -13.62
C HIS Z 152 -109.55 16.61 -14.09
N ILE Z 153 -109.20 17.86 -14.39
CA ILE Z 153 -110.17 18.80 -14.95
C ILE Z 153 -110.61 18.35 -16.33
N LEU Z 154 -109.67 17.84 -17.14
CA LEU Z 154 -110.00 17.44 -18.50
C LEU Z 154 -111.01 16.30 -18.52
N HIS Z 155 -110.84 15.32 -17.62
CA HIS Z 155 -111.79 14.21 -17.56
C HIS Z 155 -113.17 14.67 -17.11
N PHE Z 156 -113.22 15.63 -16.17
CA PHE Z 156 -114.50 16.13 -15.70
C PHE Z 156 -115.29 16.80 -16.82
N CYS Z 157 -114.61 17.63 -17.62
CA CYS Z 157 -115.30 18.31 -18.71
C CYS Z 157 -115.70 17.34 -19.82
N ALA Z 158 -114.89 16.31 -20.07
CA ALA Z 158 -115.28 15.29 -21.03
C ALA Z 158 -116.50 14.51 -20.54
N LYS Z 159 -116.58 14.26 -19.24
CA LYS Z 159 -117.74 13.59 -18.67
C LYS Z 159 -119.00 14.43 -18.84
N GLN Z 160 -118.87 15.76 -18.80
CA GLN Z 160 -119.98 16.67 -19.03
C GLN Z 160 -120.16 17.00 -20.51
N ASN Z 161 -119.41 16.33 -21.39
CA ASN Z 161 -119.54 16.50 -22.84
C ASN Z 161 -119.23 17.93 -23.27
N TRP Z 162 -118.00 18.35 -22.97
CA TRP Z 162 -117.49 19.65 -23.35
C TRP Z 162 -116.60 19.53 -24.58
N LEU Z 163 -116.40 20.65 -25.26
CA LEU Z 163 -115.46 20.71 -26.37
C LEU Z 163 -114.05 20.90 -25.83
N ILE Z 164 -113.15 19.98 -26.17
CA ILE Z 164 -111.83 19.89 -25.56
C ILE Z 164 -110.78 20.35 -26.55
N LEU Z 165 -109.93 21.28 -26.12
CA LEU Z 165 -108.73 21.69 -26.85
C LEU Z 165 -107.56 21.53 -25.88
N HIS Z 166 -107.01 20.32 -25.82
CA HIS Z 166 -105.96 19.99 -24.86
C HIS Z 166 -104.60 19.97 -25.55
N ILE Z 167 -103.66 20.71 -24.99
CA ILE Z 167 -102.28 20.76 -25.47
C ILE Z 167 -101.42 19.99 -24.47
N PRO Z 168 -100.76 18.90 -24.88
CA PRO Z 168 -99.92 18.16 -23.92
C PRO Z 168 -98.75 18.98 -23.40
N ASP Z 169 -97.97 19.57 -24.31
CA ASP Z 169 -96.83 20.40 -23.95
C ASP Z 169 -96.61 21.41 -25.06
N ALA Z 170 -96.86 22.69 -24.76
CA ALA Z 170 -96.63 23.74 -25.76
C ALA Z 170 -95.17 23.89 -26.14
N HIS Z 171 -94.26 23.37 -25.30
CA HIS Z 171 -92.84 23.49 -25.60
C HIS Z 171 -92.45 22.65 -26.82
N ILE Z 172 -93.19 21.57 -27.10
CA ILE Z 172 -92.89 20.74 -28.26
C ILE Z 172 -93.04 21.54 -29.55
N TRP Z 173 -94.03 22.43 -29.59
CA TRP Z 173 -94.25 23.29 -30.74
C TRP Z 173 -93.27 24.44 -30.82
N VAL Z 174 -92.30 24.52 -29.90
CA VAL Z 174 -91.33 25.59 -29.87
C VAL Z 174 -89.92 25.09 -30.17
N LYS Z 175 -89.55 23.94 -29.62
CA LYS Z 175 -88.20 23.42 -29.72
C LYS Z 175 -88.17 22.11 -30.49
N ASN Z 176 -87.02 21.84 -31.10
CA ASN Z 176 -86.73 20.57 -31.77
C ASN Z 176 -87.78 20.25 -32.84
N CYS Z 177 -87.80 21.08 -33.88
CA CYS Z 177 -88.63 20.86 -35.05
C CYS Z 177 -87.74 20.48 -36.22
N ARG Z 178 -87.98 19.29 -36.78
CA ARG Z 178 -87.16 18.82 -37.90
C ARG Z 178 -87.46 19.60 -39.17
N ASP Z 179 -88.74 19.87 -39.43
CA ASP Z 179 -89.17 20.58 -40.63
C ASP Z 179 -89.61 21.99 -40.29
N LEU Z 180 -89.18 22.95 -41.11
CA LEU Z 180 -89.55 24.36 -40.95
C LEU Z 180 -89.96 24.88 -42.32
N LEU Z 181 -91.25 24.76 -42.63
CA LEU Z 181 -91.79 25.16 -43.93
C LEU Z 181 -92.38 26.56 -43.84
N GLN Z 182 -92.05 27.40 -44.81
CA GLN Z 182 -92.60 28.75 -44.85
C GLN Z 182 -94.09 28.70 -45.19
N SER Z 183 -94.82 29.67 -44.66
CA SER Z 183 -96.26 29.71 -44.79
C SER Z 183 -96.68 30.31 -46.12
N ASN Z 184 -97.95 30.13 -46.47
CA ASN Z 184 -98.54 30.64 -47.70
C ASN Z 184 -99.52 31.77 -47.48
N TYR Z 185 -100.33 31.71 -46.41
CA TYR Z 185 -101.26 32.80 -46.12
C TYR Z 185 -100.50 34.09 -45.82
N ASN Z 186 -99.42 34.00 -45.05
CA ASN Z 186 -98.54 35.13 -44.78
C ASN Z 186 -97.11 34.69 -45.09
N LYS Z 187 -96.42 35.47 -45.92
CA LYS Z 187 -95.08 35.07 -46.34
C LYS Z 187 -94.10 35.05 -45.18
N GLN Z 188 -94.20 36.01 -44.26
CA GLN Z 188 -93.26 36.12 -43.16
C GLN Z 188 -93.70 35.30 -41.95
N ARG Z 189 -94.00 34.02 -42.18
CA ARG Z 189 -94.35 33.09 -41.11
C ARG Z 189 -93.93 31.69 -41.53
N PHE Z 190 -93.78 30.82 -40.53
CA PHE Z 190 -93.31 29.46 -40.74
C PHE Z 190 -94.36 28.46 -40.26
N ASP Z 191 -94.19 27.21 -40.70
CA ASP Z 191 -95.12 26.14 -40.39
C ASP Z 191 -94.37 24.97 -39.78
N GLN Z 192 -95.10 24.16 -39.00
CA GLN Z 192 -94.57 22.97 -38.35
C GLN Z 192 -95.49 21.80 -38.67
N PRO Z 193 -95.42 21.27 -39.89
CA PRO Z 193 -96.39 20.24 -40.30
C PRO Z 193 -96.37 19.00 -39.44
N LEU Z 194 -95.19 18.56 -38.97
CA LEU Z 194 -95.12 17.33 -38.20
C LEU Z 194 -95.85 17.45 -36.87
N GLU Z 195 -95.69 18.58 -36.18
CA GLU Z 195 -96.37 18.76 -34.90
C GLU Z 195 -97.86 19.02 -35.10
N ALA Z 196 -98.21 19.84 -36.10
CA ALA Z 196 -99.61 20.16 -36.33
C ALA Z 196 -100.40 18.93 -36.74
N SER Z 197 -99.83 18.10 -37.62
CA SER Z 197 -100.54 16.92 -38.10
C SER Z 197 -100.82 15.94 -36.97
N THR Z 198 -99.85 15.76 -36.07
CA THR Z 198 -100.05 14.83 -34.96
C THR Z 198 -101.17 15.29 -34.04
N TRP Z 199 -101.25 16.61 -33.80
CA TRP Z 199 -102.31 17.13 -32.93
C TRP Z 199 -103.68 16.91 -33.54
N LEU Z 200 -103.81 17.11 -34.85
CA LEU Z 200 -105.10 16.95 -35.50
C LEU Z 200 -105.61 15.51 -35.39
N LYS Z 201 -104.71 14.54 -35.55
CA LYS Z 201 -105.11 13.14 -35.39
C LYS Z 201 -105.59 12.87 -33.97
N ASN Z 202 -104.88 13.40 -32.97
CA ASN Z 202 -105.31 13.24 -31.59
C ASN Z 202 -106.62 13.97 -31.33
N PHE Z 203 -106.79 15.15 -31.92
CA PHE Z 203 -108.03 15.91 -31.71
C PHE Z 203 -109.20 15.26 -32.44
N LYS Z 204 -108.94 14.59 -33.57
CA LYS Z 204 -110.01 13.91 -34.29
C LYS Z 204 -110.63 12.80 -33.44
N THR Z 205 -109.79 12.03 -32.76
CA THR Z 205 -110.28 10.92 -31.94
C THR Z 205 -110.81 11.37 -30.58
N ALA Z 206 -110.52 12.61 -30.18
CA ALA Z 206 -111.02 13.10 -28.89
C ALA Z 206 -112.54 13.19 -28.87
N ASN Z 207 -113.12 13.66 -29.97
CA ASN Z 207 -114.57 13.81 -30.07
C ASN Z 207 -114.98 13.63 -31.53
N GLU Z 208 -116.16 13.07 -31.72
CA GLU Z 208 -116.66 12.79 -33.07
C GLU Z 208 -118.04 13.40 -33.30
N HIS Z 209 -118.85 13.46 -32.24
CA HIS Z 209 -120.19 14.02 -32.38
C HIS Z 209 -120.14 15.50 -32.77
N PHE Z 210 -119.24 16.26 -32.16
CA PHE Z 210 -119.16 17.68 -32.47
C PHE Z 210 -118.53 17.93 -33.82
N LEU Z 211 -117.60 17.06 -34.26
CA LEU Z 211 -116.92 17.29 -35.53
C LEU Z 211 -117.87 17.26 -36.71
N SER Z 212 -119.00 16.55 -36.58
CA SER Z 212 -120.02 16.54 -37.62
C SER Z 212 -121.14 17.54 -37.34
N GLN Z 213 -121.44 17.80 -36.07
CA GLN Z 213 -122.49 18.76 -35.73
C GLN Z 213 -122.09 20.18 -36.12
N ILE Z 214 -120.81 20.51 -35.98
CA ILE Z 214 -120.32 21.84 -36.31
C ILE Z 214 -120.36 22.03 -37.83
N LYS Z 215 -120.95 23.13 -38.26
CA LYS Z 215 -121.00 23.48 -39.68
C LYS Z 215 -120.11 24.68 -39.93
N VAL Z 216 -119.23 24.58 -40.92
CA VAL Z 216 -118.34 25.67 -41.29
C VAL Z 216 -119.05 26.60 -42.26
N GLN Z 217 -119.07 27.89 -41.93
CA GLN Z 217 -119.69 28.89 -42.80
C GLN Z 217 -118.62 29.92 -43.16
N GLU Z 218 -117.86 29.61 -44.21
CA GLU Z 218 -116.85 30.50 -44.76
C GLU Z 218 -116.45 29.98 -46.13
N LYS Z 219 -115.46 30.63 -46.73
CA LYS Z 219 -114.87 30.18 -48.00
C LYS Z 219 -113.39 29.95 -47.76
N TYR Z 220 -112.98 28.68 -47.78
CA TYR Z 220 -111.60 28.30 -47.53
C TYR Z 220 -111.02 27.64 -48.78
N VAL Z 221 -109.84 28.09 -49.19
CA VAL Z 221 -109.15 27.56 -50.36
C VAL Z 221 -107.81 26.99 -49.90
N TRP Z 222 -107.59 25.71 -50.17
CA TRP Z 222 -106.31 25.09 -49.83
C TRP Z 222 -105.28 25.32 -50.95
N ASN Z 223 -105.59 24.87 -52.16
CA ASN Z 223 -104.77 25.10 -53.33
C ASN Z 223 -105.66 25.53 -54.48
N LYS Z 224 -105.06 25.73 -55.65
CA LYS Z 224 -105.84 26.12 -56.81
C LYS Z 224 -106.74 25.00 -57.33
N ARG Z 225 -106.56 23.77 -56.85
CA ARG Z 225 -107.32 22.63 -57.31
C ARG Z 225 -108.41 22.18 -56.34
N GLU Z 226 -108.16 22.28 -55.03
CA GLU Z 226 -109.12 21.84 -54.02
C GLU Z 226 -109.43 22.99 -53.06
N SER Z 227 -110.67 23.02 -52.59
CA SER Z 227 -111.11 24.03 -51.65
C SER Z 227 -112.33 23.51 -50.89
N THR Z 228 -112.62 24.15 -49.77
CA THR Z 228 -113.77 23.81 -48.95
C THR Z 228 -114.69 25.01 -48.85
N GLU Z 229 -115.96 24.81 -49.18
CA GLU Z 229 -116.95 25.88 -49.14
C GLU Z 229 -117.75 25.81 -47.84
N LYS Z 230 -118.67 26.76 -47.67
CA LYS Z 230 -119.46 26.82 -46.46
C LYS Z 230 -120.49 25.70 -46.43
N GLY Z 231 -120.92 25.35 -45.20
CA GLY Z 231 -121.89 24.31 -44.98
C GLY Z 231 -121.30 22.94 -44.72
N ARG Z 232 -120.04 22.72 -45.07
CA ARG Z 232 -119.42 21.43 -44.83
C ARG Z 232 -119.15 21.24 -43.33
N PRO Z 233 -119.28 20.02 -42.82
CA PRO Z 233 -118.94 19.77 -41.41
C PRO Z 233 -117.45 19.96 -41.17
N LEU Z 234 -117.13 20.41 -39.95
CA LEU Z 234 -115.73 20.65 -39.60
C LEU Z 234 -114.93 19.37 -39.55
N GLY Z 235 -115.58 18.21 -39.37
CA GLY Z 235 -114.86 16.95 -39.38
C GLY Z 235 -114.18 16.67 -40.70
N GLU Z 236 -114.79 17.09 -41.81
CA GLU Z 236 -114.16 16.91 -43.10
C GLU Z 236 -112.93 17.81 -43.25
N VAL Z 237 -112.96 18.99 -42.64
CA VAL Z 237 -111.83 19.92 -42.76
C VAL Z 237 -110.58 19.35 -42.08
N VAL Z 238 -110.74 18.85 -40.86
CA VAL Z 238 -109.59 18.31 -40.13
C VAL Z 238 -109.07 17.04 -40.81
N GLU Z 239 -109.96 16.23 -41.37
CA GLU Z 239 -109.53 15.06 -42.11
C GLU Z 239 -108.75 15.45 -43.36
N GLN Z 240 -109.11 16.57 -44.00
CA GLN Z 240 -108.33 17.08 -45.10
C GLN Z 240 -106.95 17.52 -44.64
N GLY Z 241 -106.87 18.14 -43.46
CA GLY Z 241 -105.57 18.57 -42.94
C GLY Z 241 -104.67 17.42 -42.59
N ILE Z 242 -105.24 16.33 -42.07
CA ILE Z 242 -104.43 15.16 -41.71
C ILE Z 242 -103.82 14.54 -42.97
N MET Z 243 -104.63 14.37 -44.01
CA MET Z 243 -104.12 13.75 -45.24
C MET Z 243 -103.14 14.67 -45.96
N ARG Z 244 -103.39 15.98 -45.94
CA ARG Z 244 -102.54 16.95 -46.60
C ARG Z 244 -101.69 17.64 -45.53
N VAL Z 245 -100.51 17.07 -45.27
CA VAL Z 245 -99.65 17.58 -44.21
C VAL Z 245 -99.13 18.98 -44.52
N ARG Z 246 -99.03 19.34 -45.81
CA ARG Z 246 -98.52 20.66 -46.16
C ARG Z 246 -99.42 21.77 -45.64
N ASN Z 247 -100.74 21.57 -45.73
CA ASN Z 247 -101.71 22.55 -45.25
C ASN Z 247 -102.29 22.19 -43.90
N ALA Z 248 -101.68 21.22 -43.18
CA ALA Z 248 -102.18 20.86 -41.87
C ALA Z 248 -102.05 22.01 -40.88
N THR Z 249 -100.95 22.77 -40.96
CA THR Z 249 -100.77 23.91 -40.08
C THR Z 249 -101.85 24.96 -40.30
N ASP Z 250 -102.18 25.23 -41.56
CA ASP Z 250 -103.28 26.15 -41.85
C ASP Z 250 -104.61 25.60 -41.37
N ALA Z 251 -104.78 24.27 -41.40
CA ALA Z 251 -105.99 23.65 -40.88
C ALA Z 251 -106.14 23.91 -39.39
N VAL Z 252 -105.05 23.86 -38.64
CA VAL Z 252 -105.10 24.10 -37.20
C VAL Z 252 -105.62 25.51 -36.92
N GLY Z 253 -105.10 26.50 -37.65
CA GLY Z 253 -105.61 27.85 -37.48
C GLY Z 253 -107.07 27.99 -37.86
N ILE Z 254 -107.48 27.33 -38.94
CA ILE Z 254 -108.88 27.36 -39.34
C ILE Z 254 -109.76 26.70 -38.29
N VAL Z 255 -109.33 25.56 -37.75
CA VAL Z 255 -110.09 24.90 -36.70
C VAL Z 255 -110.19 25.80 -35.46
N LEU Z 256 -109.08 26.44 -35.09
CA LEU Z 256 -109.09 27.30 -33.91
C LEU Z 256 -110.02 28.50 -34.10
N LYS Z 257 -109.91 29.18 -35.25
CA LYS Z 257 -110.69 30.39 -35.45
C LYS Z 257 -112.18 30.09 -35.61
N GLU Z 258 -112.51 28.96 -36.24
CA GLU Z 258 -113.91 28.61 -36.43
C GLU Z 258 -114.60 28.33 -35.10
N LEU Z 259 -113.94 27.60 -34.21
CA LEU Z 259 -114.52 27.30 -32.90
C LEU Z 259 -114.69 28.57 -32.08
N LYS Z 260 -113.71 29.47 -32.13
CA LYS Z 260 -113.78 30.71 -31.36
C LYS Z 260 -114.96 31.57 -31.80
N ARG Z 261 -115.14 31.71 -33.12
CA ARG Z 261 -116.24 32.53 -33.63
C ARG Z 261 -117.59 31.94 -33.28
N GLN Z 262 -117.74 30.62 -33.38
CA GLN Z 262 -118.99 29.95 -33.09
C GLN Z 262 -119.18 29.66 -31.60
N SER Z 263 -118.19 29.95 -30.76
CA SER Z 263 -118.32 29.68 -29.34
C SER Z 263 -119.35 30.56 -28.66
N SER Z 264 -119.69 31.70 -29.25
CA SER Z 264 -120.70 32.59 -28.67
C SER Z 264 -122.08 31.94 -28.63
N LEU Z 265 -122.33 30.94 -29.47
CA LEU Z 265 -123.61 30.26 -29.48
C LEU Z 265 -123.73 29.33 -28.27
N GLY Z 266 -124.95 28.87 -28.03
CA GLY Z 266 -125.22 27.97 -26.93
C GLY Z 266 -124.95 26.52 -27.21
N ILE Z 267 -124.43 26.20 -28.39
CA ILE Z 267 -124.15 24.82 -28.76
C ILE Z 267 -122.82 24.32 -28.20
N PHE Z 268 -121.99 25.20 -27.67
CA PHE Z 268 -120.63 24.86 -27.27
C PHE Z 268 -120.47 25.00 -25.76
N HIS Z 269 -119.66 24.10 -25.19
CA HIS Z 269 -119.11 24.24 -23.84
C HIS Z 269 -117.60 24.08 -24.00
N LEU Z 270 -116.94 25.17 -24.38
CA LEU Z 270 -115.56 25.11 -24.83
C LEU Z 270 -114.59 25.12 -23.65
N LEU Z 271 -113.70 24.14 -23.62
CA LEU Z 271 -112.62 24.09 -22.65
C LEU Z 271 -111.30 23.97 -23.41
N VAL Z 272 -110.38 24.88 -23.14
CA VAL Z 272 -109.06 24.88 -23.77
C VAL Z 272 -108.02 24.66 -22.68
N ALA Z 273 -107.28 23.57 -22.78
CA ALA Z 273 -106.24 23.23 -21.83
C ALA Z 273 -104.88 23.38 -22.51
N VAL Z 274 -104.09 24.33 -22.04
CA VAL Z 274 -102.76 24.59 -22.57
C VAL Z 274 -101.76 24.37 -21.43
N ASP Z 275 -100.82 23.45 -21.65
CA ASP Z 275 -99.80 23.14 -20.66
C ASP Z 275 -98.46 23.68 -21.14
N GLY Z 276 -97.82 24.49 -20.31
CA GLY Z 276 -96.61 25.18 -20.72
C GLY Z 276 -96.92 26.48 -21.43
N VAL Z 277 -97.82 27.27 -20.84
CA VAL Z 277 -98.24 28.53 -21.45
C VAL Z 277 -97.08 29.51 -21.53
N ASN Z 278 -96.06 29.34 -20.69
CA ASN Z 278 -94.90 30.21 -20.72
C ASN Z 278 -94.16 30.14 -22.05
N ALA Z 279 -94.38 29.08 -22.83
CA ALA Z 279 -93.74 28.94 -24.13
C ALA Z 279 -94.40 29.79 -25.21
N LEU Z 280 -95.55 30.39 -24.93
CA LEU Z 280 -96.23 31.23 -25.91
C LEU Z 280 -95.66 32.63 -26.01
N TRP Z 281 -94.73 33.00 -25.12
CA TRP Z 281 -94.11 34.32 -25.14
C TRP Z 281 -92.59 34.29 -25.05
N GLY Z 282 -91.99 33.22 -24.55
CA GLY Z 282 -90.55 33.16 -24.43
C GLY Z 282 -89.87 32.97 -25.77
N ARG Z 283 -88.54 33.09 -25.74
CA ARG Z 283 -87.75 32.97 -26.95
C ARG Z 283 -87.73 31.51 -27.43
N THR Z 284 -87.46 31.35 -28.72
CA THR Z 284 -87.55 30.05 -29.39
C THR Z 284 -86.17 29.62 -29.84
N THR Z 285 -85.84 28.34 -29.61
CA THR Z 285 -84.53 27.82 -30.00
C THR Z 285 -84.40 27.71 -31.52
N LEU Z 286 -85.51 27.42 -32.20
CA LEU Z 286 -85.47 27.17 -33.64
C LEU Z 286 -84.89 28.35 -34.39
N LYS Z 287 -84.00 28.05 -35.34
CA LYS Z 287 -83.34 29.05 -36.17
C LYS Z 287 -83.80 28.88 -37.62
N ARG Z 288 -83.20 29.69 -38.50
CA ARG Z 288 -83.52 29.70 -39.92
C ARG Z 288 -82.27 29.37 -40.73
N GLU Z 289 -82.39 29.54 -42.06
CA GLU Z 289 -81.28 29.20 -42.96
C GLU Z 289 -80.02 29.98 -42.63
N ASP Z 290 -80.15 31.16 -42.05
CA ASP Z 290 -79.02 31.96 -41.62
C ASP Z 290 -78.54 31.59 -40.22
N LYS Z 291 -79.16 30.59 -39.58
CA LYS Z 291 -78.86 30.20 -38.20
C LYS Z 291 -79.01 31.37 -37.25
N SER Z 292 -80.11 32.12 -37.41
CA SER Z 292 -80.45 33.22 -36.54
C SER Z 292 -81.75 32.90 -35.83
N PRO Z 293 -81.86 33.16 -34.52
CA PRO Z 293 -83.07 32.81 -33.79
C PRO Z 293 -84.28 33.56 -34.32
N ILE Z 294 -85.44 32.90 -34.23
CA ILE Z 294 -86.71 33.47 -34.68
C ILE Z 294 -87.55 33.81 -33.48
N ALA Z 295 -88.36 34.86 -33.62
CA ALA Z 295 -89.26 35.26 -32.55
C ALA Z 295 -90.38 34.24 -32.39
N PRO Z 296 -90.95 34.14 -31.19
CA PRO Z 296 -92.09 33.21 -31.00
C PRO Z 296 -93.33 33.60 -31.79
N GLU Z 297 -93.41 34.82 -32.30
CA GLU Z 297 -94.55 35.24 -33.10
C GLU Z 297 -94.41 34.83 -34.56
N GLU Z 298 -93.22 34.43 -34.99
CA GLU Z 298 -93.03 33.96 -36.36
C GLU Z 298 -93.80 32.67 -36.60
N LEU Z 299 -93.85 31.79 -35.60
CA LEU Z 299 -94.51 30.51 -35.76
C LEU Z 299 -96.03 30.69 -35.86
N ALA Z 300 -96.63 30.06 -36.86
CA ALA Z 300 -98.07 30.20 -37.08
C ALA Z 300 -98.86 29.52 -35.97
N LEU Z 301 -98.41 28.35 -35.51
CA LEU Z 301 -99.15 27.63 -34.48
C LEU Z 301 -99.24 28.43 -33.19
N ILE Z 302 -98.13 29.05 -32.78
CA ILE Z 302 -98.15 29.87 -31.57
C ILE Z 302 -98.96 31.13 -31.79
N HIS Z 303 -98.82 31.76 -32.96
CA HIS Z 303 -99.52 33.01 -33.24
C HIS Z 303 -101.03 32.82 -33.20
N ASN Z 304 -101.52 31.72 -33.77
CA ASN Z 304 -102.96 31.46 -33.75
C ASN Z 304 -103.43 31.01 -32.38
N LEU Z 305 -102.63 30.17 -31.70
CA LEU Z 305 -102.98 29.77 -30.34
C LEU Z 305 -102.94 30.95 -29.39
N ARG Z 306 -102.11 31.96 -29.69
CA ARG Z 306 -102.08 33.18 -28.87
C ARG Z 306 -103.44 33.87 -28.89
N LYS Z 307 -104.12 33.85 -30.04
CA LYS Z 307 -105.45 34.44 -30.13
C LYS Z 307 -106.49 33.64 -29.35
N MET Z 308 -106.16 32.44 -28.90
CA MET Z 308 -107.09 31.59 -28.17
C MET Z 308 -107.02 31.77 -26.67
N VAL Z 309 -106.11 32.60 -26.17
CA VAL Z 309 -106.01 32.88 -24.74
C VAL Z 309 -106.36 34.31 -24.38
N LYS Z 310 -106.45 35.22 -25.35
CA LYS Z 310 -106.87 36.59 -25.09
C LYS Z 310 -108.36 36.61 -24.87
N ASN Z 311 -108.78 37.10 -23.70
CA ASN Z 311 -110.17 36.99 -23.25
C ASN Z 311 -111.04 37.93 -24.06
N ASP Z 312 -111.65 37.43 -25.14
CA ASP Z 312 -112.61 38.21 -25.90
C ASP Z 312 -113.87 37.45 -26.28
N TRP Z 313 -113.86 36.12 -26.30
CA TRP Z 313 -115.02 35.34 -26.69
C TRP Z 313 -115.87 34.99 -25.46
N GLN Z 314 -117.07 34.48 -25.74
CA GLN Z 314 -118.03 34.15 -24.70
C GLN Z 314 -118.27 32.64 -24.68
N GLY Z 315 -118.94 32.18 -23.62
CA GLY Z 315 -119.32 30.78 -23.53
C GLY Z 315 -118.17 29.81 -23.51
N GLY Z 316 -117.13 30.12 -22.73
CA GLY Z 316 -115.99 29.22 -22.65
C GLY Z 316 -115.16 29.49 -21.42
N ALA Z 317 -114.28 28.53 -21.13
CA ALA Z 317 -113.36 28.64 -20.01
C ALA Z 317 -112.06 27.95 -20.40
N ILE Z 318 -110.94 28.54 -20.01
CA ILE Z 318 -109.61 28.04 -20.37
C ILE Z 318 -108.84 27.77 -19.08
N VAL Z 319 -108.24 26.59 -18.99
CA VAL Z 319 -107.40 26.21 -17.86
C VAL Z 319 -105.96 26.16 -18.34
N LEU Z 320 -105.10 26.94 -17.71
CA LEU Z 320 -103.70 27.07 -18.11
C LEU Z 320 -102.79 26.52 -17.03
N THR Z 321 -101.53 26.31 -17.40
CA THR Z 321 -100.53 25.81 -16.47
C THR Z 321 -99.15 26.23 -16.96
N VAL Z 322 -98.42 26.95 -16.11
CA VAL Z 322 -97.06 27.39 -16.42
C VAL Z 322 -96.09 26.41 -15.77
N SER Z 323 -95.24 25.80 -16.60
CA SER Z 323 -94.36 24.73 -16.16
C SER Z 323 -92.90 25.14 -16.34
N GLN Z 324 -92.01 24.22 -15.98
CA GLN Z 324 -90.57 24.46 -16.05
C GLN Z 324 -89.80 23.34 -16.73
N THR Z 325 -90.32 22.12 -16.74
CA THR Z 325 -89.55 20.99 -17.28
C THR Z 325 -89.18 21.20 -18.74
N GLY Z 326 -90.13 21.65 -19.55
CA GLY Z 326 -89.88 21.89 -20.97
C GLY Z 326 -89.55 23.32 -21.33
N SER Z 327 -89.33 24.19 -20.35
CA SER Z 327 -89.12 25.60 -20.63
C SER Z 327 -87.76 25.83 -21.27
N LEU Z 328 -87.65 26.95 -21.97
CA LEU Z 328 -86.42 27.34 -22.65
C LEU Z 328 -85.91 28.64 -22.07
N PHE Z 329 -84.61 28.69 -21.77
CA PHE Z 329 -83.96 29.88 -21.24
C PHE Z 329 -84.59 30.32 -19.92
N LYS Z 330 -84.95 29.35 -19.08
CA LYS Z 330 -85.48 29.61 -17.76
C LYS Z 330 -84.73 28.78 -16.73
N PRO Z 331 -84.40 29.35 -15.59
CA PRO Z 331 -83.63 28.61 -14.58
C PRO Z 331 -84.47 27.53 -13.92
N ARG Z 332 -83.77 26.55 -13.33
CA ARG Z 332 -84.43 25.42 -12.69
C ARG Z 332 -85.28 25.86 -11.50
N ASN Z 333 -84.76 26.78 -10.70
CA ASN Z 333 -85.46 27.13 -9.46
C ASN Z 333 -86.71 27.96 -9.70
N ALA Z 334 -86.76 28.73 -10.78
CA ALA Z 334 -87.87 29.64 -11.01
C ALA Z 334 -89.14 28.85 -11.31
N TYR Z 335 -90.20 29.11 -10.53
CA TYR Z 335 -91.50 28.48 -10.76
C TYR Z 335 -92.67 29.44 -10.65
N LEU Z 336 -92.46 30.66 -10.15
CA LEU Z 336 -93.57 31.59 -9.99
C LEU Z 336 -94.04 32.10 -11.35
N PRO Z 337 -95.33 32.45 -11.47
CA PRO Z 337 -95.87 32.79 -12.79
C PRO Z 337 -95.20 33.96 -13.48
N GLN Z 338 -94.77 34.97 -12.74
CA GLN Z 338 -94.33 36.21 -13.37
C GLN Z 338 -93.00 36.02 -14.11
N GLU Z 339 -92.02 35.40 -13.47
CA GLU Z 339 -90.72 35.23 -14.13
C GLU Z 339 -90.79 34.21 -15.26
N LEU Z 340 -91.62 33.17 -15.12
CA LEU Z 340 -91.78 32.21 -16.20
C LEU Z 340 -92.43 32.86 -17.43
N LEU Z 341 -93.47 33.67 -17.21
CA LEU Z 341 -94.12 34.35 -18.32
C LEU Z 341 -93.32 35.54 -18.81
N GLY Z 342 -92.60 36.22 -17.92
CA GLY Z 342 -91.87 37.41 -18.29
C GLY Z 342 -92.77 38.63 -18.32
N LYS Z 343 -92.19 39.73 -18.81
CA LYS Z 343 -92.94 40.98 -18.92
C LYS Z 343 -94.09 40.84 -19.91
N GLU Z 344 -93.80 40.32 -21.11
CA GLU Z 344 -94.82 40.24 -22.15
C GLU Z 344 -95.87 39.18 -21.83
N GLY Z 345 -95.43 38.03 -21.31
CA GLY Z 345 -96.37 36.95 -21.04
C GLY Z 345 -97.39 37.31 -19.97
N PHE Z 346 -96.91 37.88 -18.86
CA PHE Z 346 -97.83 38.30 -17.80
C PHE Z 346 -98.69 39.47 -18.21
N ASP Z 347 -98.19 40.31 -19.12
CA ASP Z 347 -98.94 41.49 -19.54
C ASP Z 347 -100.23 41.11 -20.26
N ALA Z 348 -100.17 40.10 -21.12
CA ALA Z 348 -101.31 39.68 -21.93
C ALA Z 348 -102.07 38.50 -21.31
N LEU Z 349 -102.11 38.42 -19.99
CA LEU Z 349 -102.82 37.35 -19.32
C LEU Z 349 -103.70 37.82 -18.16
N ASP Z 350 -103.53 39.04 -17.68
CA ASP Z 350 -104.36 39.55 -16.60
C ASP Z 350 -105.79 39.77 -17.11
N PRO Z 351 -106.80 39.50 -16.27
CA PRO Z 351 -106.74 38.90 -14.93
C PRO Z 351 -106.77 37.38 -14.98
N PHE Z 352 -106.41 36.71 -13.89
CA PHE Z 352 -106.49 35.26 -13.80
C PHE Z 352 -106.58 34.87 -12.33
N ILE Z 353 -106.69 33.58 -12.08
CA ILE Z 353 -106.77 33.03 -10.74
C ILE Z 353 -105.57 32.11 -10.54
N PRO Z 354 -104.52 32.59 -9.88
CA PRO Z 354 -103.30 31.77 -9.69
C PRO Z 354 -103.44 30.70 -8.62
N ILE Z 355 -104.02 29.56 -9.01
CA ILE Z 355 -104.17 28.44 -8.09
C ILE Z 355 -102.81 27.79 -7.86
N LEU Z 356 -102.46 27.61 -6.60
CA LEU Z 356 -101.16 27.06 -6.22
C LEU Z 356 -101.28 25.56 -5.95
N VAL Z 357 -100.37 24.79 -6.54
CA VAL Z 357 -100.30 23.35 -6.31
C VAL Z 357 -99.20 23.10 -5.28
N SER Z 358 -99.55 22.39 -4.22
CA SER Z 358 -98.64 22.13 -3.10
C SER Z 358 -98.17 20.68 -3.13
N ASN Z 359 -97.34 20.33 -2.15
CA ASN Z 359 -96.87 18.97 -1.97
C ASN Z 359 -97.93 18.17 -1.21
N TYR Z 360 -97.59 16.94 -0.84
CA TYR Z 360 -98.53 16.11 -0.09
C TYR Z 360 -98.66 16.59 1.34
N ASN Z 361 -99.86 16.47 1.87
CA ASN Z 361 -100.07 16.59 3.31
C ASN Z 361 -99.87 15.24 3.96
N PRO Z 362 -99.70 15.19 5.29
CA PRO Z 362 -99.52 13.89 5.95
C PRO Z 362 -100.64 12.89 5.67
N LYS Z 363 -101.88 13.36 5.57
CA LYS Z 363 -102.98 12.46 5.23
C LYS Z 363 -102.82 11.91 3.82
N GLU Z 364 -102.49 12.77 2.86
CA GLU Z 364 -102.31 12.31 1.49
C GLU Z 364 -101.14 11.36 1.36
N PHE Z 365 -100.05 11.63 2.09
CA PHE Z 365 -98.86 10.80 1.98
C PHE Z 365 -99.14 9.35 2.37
N GLU Z 366 -99.90 9.15 3.45
CA GLU Z 366 -100.25 7.80 3.86
C GLU Z 366 -101.13 7.11 2.82
N SER Z 367 -102.07 7.85 2.23
CA SER Z 367 -102.95 7.27 1.23
C SER Z 367 -102.17 6.80 0.00
N CYS Z 368 -101.21 7.61 -0.46
CA CYS Z 368 -100.42 7.22 -1.62
C CYS Z 368 -99.57 5.99 -1.33
N ILE Z 369 -98.96 5.93 -0.15
CA ILE Z 369 -98.16 4.76 0.21
C ILE Z 369 -99.04 3.52 0.33
N GLN Z 370 -100.20 3.65 0.98
CA GLN Z 370 -101.11 2.51 1.09
C GLN Z 370 -101.63 2.08 -0.26
N TYR Z 371 -101.77 3.03 -1.20
CA TYR Z 371 -102.22 2.67 -2.55
C TYR Z 371 -101.22 1.75 -3.23
N TYR Z 372 -99.92 2.04 -3.10
CA TYR Z 372 -98.91 1.19 -3.72
C TYR Z 372 -98.86 -0.18 -3.06
N LEU Z 373 -99.03 -0.24 -1.73
CA LEU Z 373 -99.03 -1.51 -1.04
C LEU Z 373 -100.21 -2.40 -1.44
N GLU Z 374 -101.33 -1.79 -1.87
CA GLU Z 374 -102.43 -2.57 -2.39
C GLU Z 374 -102.13 -3.19 -3.74
N ASN Z 375 -101.33 -2.50 -4.56
CA ASN Z 375 -100.89 -3.02 -5.85
C ASN Z 375 -99.58 -3.79 -5.76
N ASN Z 376 -99.05 -3.99 -4.54
CA ASN Z 376 -97.82 -4.74 -4.33
C ASN Z 376 -96.66 -4.14 -5.12
N TRP Z 377 -96.56 -2.81 -5.11
CA TRP Z 377 -95.48 -2.14 -5.85
C TRP Z 377 -94.20 -2.08 -5.03
N LEU Z 378 -94.29 -1.61 -3.78
CA LEU Z 378 -93.13 -1.58 -2.90
C LEU Z 378 -92.81 -3.00 -2.46
N GLN Z 379 -91.81 -3.60 -3.09
CA GLN Z 379 -91.50 -5.00 -2.87
C GLN Z 379 -90.36 -5.24 -1.88
N HIS Z 380 -89.80 -4.18 -1.30
CA HIS Z 380 -88.75 -4.37 -0.31
C HIS Z 380 -89.34 -4.98 0.97
N GLU Z 381 -88.54 -5.81 1.63
CA GLU Z 381 -89.03 -6.53 2.81
C GLU Z 381 -89.41 -5.57 3.93
N LYS Z 382 -88.59 -4.55 4.16
CA LYS Z 382 -88.82 -3.62 5.26
C LYS Z 382 -89.61 -2.38 4.85
N ALA Z 383 -90.05 -2.31 3.59
CA ALA Z 383 -90.82 -1.15 3.15
C ALA Z 383 -92.20 -1.09 3.78
N HIS Z 384 -92.68 -2.19 4.36
CA HIS Z 384 -94.00 -2.22 4.97
C HIS Z 384 -94.02 -1.63 6.37
N THR Z 385 -92.88 -1.37 6.98
CA THR Z 385 -92.83 -0.86 8.34
C THR Z 385 -92.90 0.66 8.35
N GLU Z 386 -93.10 1.21 9.55
CA GLU Z 386 -93.17 2.66 9.70
C GLU Z 386 -91.82 3.31 9.46
N GLU Z 387 -90.73 2.60 9.78
CA GLU Z 387 -89.39 3.15 9.54
C GLU Z 387 -89.17 3.43 8.06
N GLY Z 388 -89.60 2.52 7.19
CA GLY Z 388 -89.52 2.79 5.76
C GLY Z 388 -90.38 3.96 5.34
N LYS Z 389 -91.55 4.12 5.97
CA LYS Z 389 -92.41 5.26 5.65
C LYS Z 389 -91.73 6.57 6.04
N LYS Z 390 -91.05 6.60 7.18
CA LYS Z 390 -90.34 7.81 7.59
C LYS Z 390 -89.24 8.16 6.60
N GLU Z 391 -88.49 7.16 6.14
CA GLU Z 391 -87.42 7.41 5.18
C GLU Z 391 -87.99 7.93 3.86
N LEU Z 392 -89.11 7.36 3.41
CA LEU Z 392 -89.75 7.85 2.19
C LEU Z 392 -90.20 9.30 2.35
N LEU Z 393 -90.75 9.64 3.52
CA LEU Z 393 -91.17 11.02 3.75
C LEU Z 393 -89.99 11.97 3.73
N PHE Z 394 -88.88 11.60 4.35
CA PHE Z 394 -87.74 12.50 4.42
C PHE Z 394 -87.06 12.64 3.05
N LEU Z 395 -86.80 11.51 2.38
CA LEU Z 395 -86.09 11.56 1.11
C LEU Z 395 -86.91 12.27 0.04
N SER Z 396 -88.22 12.00 -0.03
CA SER Z 396 -89.06 12.61 -1.05
C SER Z 396 -89.58 13.98 -0.66
N ASN Z 397 -89.43 14.38 0.60
CA ASN Z 397 -89.99 15.65 1.09
C ASN Z 397 -91.48 15.73 0.81
N ARG Z 398 -92.17 14.60 1.03
CA ARG Z 398 -93.60 14.44 0.74
C ARG Z 398 -94.02 15.12 -0.56
N ASN Z 399 -93.21 14.88 -1.60
CA ASN Z 399 -93.44 15.42 -2.93
C ASN Z 399 -93.83 14.30 -3.88
N PRO Z 400 -94.96 14.42 -4.58
CA PRO Z 400 -95.41 13.31 -5.43
C PRO Z 400 -94.42 12.92 -6.52
N GLY Z 401 -93.74 13.90 -7.11
CA GLY Z 401 -92.81 13.58 -8.19
C GLY Z 401 -91.62 12.77 -7.72
N GLN Z 402 -91.02 13.16 -6.60
CA GLN Z 402 -89.87 12.42 -6.09
C GLN Z 402 -90.28 11.06 -5.53
N LEU Z 403 -91.49 10.96 -4.98
CA LEU Z 403 -91.94 9.69 -4.40
C LEU Z 403 -92.07 8.62 -5.47
N GLU Z 404 -92.59 8.98 -6.64
CA GLU Z 404 -92.76 8.01 -7.71
C GLU Z 404 -91.42 7.46 -8.17
N ARG Z 405 -90.41 8.33 -8.29
CA ARG Z 405 -89.08 7.88 -8.72
C ARG Z 405 -88.48 6.91 -7.70
N LEU Z 406 -88.64 7.19 -6.42
CA LEU Z 406 -88.10 6.32 -5.39
C LEU Z 406 -88.79 4.96 -5.40
N CYS Z 407 -90.12 4.95 -5.42
CA CYS Z 407 -90.87 3.70 -5.36
C CYS Z 407 -90.66 2.83 -6.58
N ALA Z 408 -90.13 3.37 -7.67
CA ALA Z 408 -89.92 2.59 -8.89
C ALA Z 408 -88.75 1.62 -8.79
N TYR Z 409 -87.92 1.72 -7.75
CA TYR Z 409 -86.77 0.83 -7.63
C TYR Z 409 -86.53 0.31 -6.22
N LEU Z 410 -87.39 0.60 -5.26
CA LEU Z 410 -87.22 0.07 -3.91
C LEU Z 410 -88.33 -0.93 -3.59
N ARG AA 233 -20.78 97.75 45.78
CA ARG AA 233 -22.22 97.87 46.02
C ARG AA 233 -22.92 98.56 44.85
N LYS AA 234 -22.14 99.01 43.88
CA LYS AA 234 -22.66 99.75 42.73
C LYS AA 234 -22.67 98.86 41.50
N ASN AA 235 -23.83 98.78 40.84
CA ASN AA 235 -23.94 97.97 39.63
C ASN AA 235 -23.14 98.60 38.50
N ILE AA 236 -22.45 97.75 37.73
CA ILE AA 236 -21.61 98.24 36.64
C ILE AA 236 -22.42 98.86 35.52
N PHE AA 237 -23.71 98.51 35.40
CA PHE AA 237 -24.54 99.05 34.34
C PHE AA 237 -25.15 100.40 34.70
N LYS AA 238 -24.98 100.85 35.95
CA LYS AA 238 -25.48 102.14 36.40
C LYS AA 238 -24.31 103.10 36.57
N GLY AA 239 -24.40 104.27 35.95
CA GLY AA 239 -23.36 105.27 36.07
C GLY AA 239 -23.29 106.10 34.80
N ARG AA 240 -22.21 106.87 34.69
CA ARG AA 240 -21.98 107.71 33.53
C ARG AA 240 -21.69 106.86 32.30
N ARG AA 241 -22.23 107.28 31.16
CA ARG AA 241 -22.01 106.62 29.88
C ARG AA 241 -21.58 107.67 28.86
N LEU AA 242 -21.39 107.23 27.62
CA LEU AA 242 -21.07 108.12 26.52
C LEU AA 242 -22.37 108.61 25.89
N ASN AA 243 -22.58 109.93 25.93
CA ASN AA 243 -23.80 110.56 25.44
C ASN AA 243 -23.69 110.99 23.98
N ILE AA 244 -22.60 110.65 23.31
CA ILE AA 244 -22.40 111.09 21.92
C ILE AA 244 -23.47 110.50 21.01
N PHE AA 245 -23.79 109.22 21.19
CA PHE AA 245 -24.79 108.54 20.36
C PHE AA 245 -26.16 108.66 21.02
N GLU AA 246 -27.12 109.21 20.30
CA GLU AA 246 -28.48 109.31 20.81
C GLU AA 246 -29.13 107.92 20.86
N PRO AA 247 -30.01 107.69 21.83
CA PRO AA 247 -30.72 106.40 21.88
C PRO AA 247 -31.72 106.29 20.73
N GLN AA 248 -31.51 105.27 19.90
CA GLN AA 248 -32.34 105.06 18.72
C GLN AA 248 -33.57 104.25 19.10
N ALA AA 249 -34.75 104.78 18.79
CA ALA AA 249 -36.00 104.12 19.16
C ALA AA 249 -36.24 102.87 18.31
N VAL AA 250 -36.04 102.98 17.00
CA VAL AA 250 -36.34 101.88 16.08
C VAL AA 250 -35.16 101.69 15.13
N THR AA 251 -35.13 100.53 14.50
CA THR AA 251 -34.11 100.19 13.53
C THR AA 251 -34.53 100.66 12.14
N GLU AA 252 -33.82 100.21 11.11
CA GLU AA 252 -34.17 100.57 9.74
C GLU AA 252 -35.52 99.98 9.37
N GLU AA 253 -36.37 100.80 8.74
CA GLU AA 253 -37.71 100.35 8.39
C GLU AA 253 -37.68 99.32 7.27
N ALA AA 254 -36.89 99.58 6.23
CA ALA AA 254 -36.80 98.68 5.08
C ALA AA 254 -35.37 98.20 4.91
N PRO AA 255 -35.03 97.01 5.41
CA PRO AA 255 -33.66 96.49 5.20
C PRO AA 255 -33.41 96.17 3.73
N GLU AA 256 -32.19 96.45 3.29
CA GLU AA 256 -31.79 96.17 1.90
C GLU AA 256 -31.26 94.74 1.79
N THR AA 257 -32.19 93.79 1.97
CA THR AA 257 -31.84 92.38 1.82
C THR AA 257 -31.91 91.94 0.36
N GLU AA 258 -32.71 92.62 -0.46
CA GLU AA 258 -32.88 92.28 -1.86
C GLU AA 258 -31.95 93.14 -2.71
N ALA AA 259 -30.65 92.91 -2.54
CA ALA AA 259 -29.63 93.65 -3.26
C ALA AA 259 -28.38 92.79 -3.33
N VAL AA 260 -27.27 93.38 -3.74
CA VAL AA 260 -26.00 92.67 -3.87
C VAL AA 260 -25.49 92.34 -2.47
N PRO AA 261 -25.25 91.07 -2.16
CA PRO AA 261 -24.78 90.72 -0.82
C PRO AA 261 -23.32 91.09 -0.62
N SER AA 262 -23.05 91.86 0.43
CA SER AA 262 -21.68 92.21 0.76
C SER AA 262 -20.91 90.96 1.17
N LEU AA 263 -19.65 90.89 0.73
CA LEU AA 263 -18.85 89.69 0.99
C LEU AA 263 -18.63 89.48 2.48
N TRP AA 264 -18.40 90.57 3.22
CA TRP AA 264 -18.10 90.45 4.64
C TRP AA 264 -19.29 89.95 5.44
N ASP AA 265 -20.51 90.35 5.05
CA ASP AA 265 -21.70 89.83 5.72
C ASP AA 265 -21.83 88.32 5.54
N ILE AA 266 -21.55 87.83 4.33
CA ILE AA 266 -21.57 86.39 4.09
C ILE AA 266 -20.48 85.71 4.92
N GLU AA 267 -19.30 86.31 4.99
CA GLU AA 267 -18.23 85.78 5.84
C GLU AA 267 -18.64 85.80 7.31
N PHE AA 268 -19.38 86.84 7.72
CA PHE AA 268 -19.87 86.90 9.09
C PHE AA 268 -20.84 85.76 9.38
N ALA AA 269 -21.68 85.43 8.41
CA ALA AA 269 -22.60 84.30 8.57
C ALA AA 269 -21.83 83.00 8.74
N LYS AA 270 -20.77 82.81 7.95
CA LYS AA 270 -19.97 81.60 8.07
C LYS AA 270 -19.31 81.50 9.44
N GLN AA 271 -18.74 82.61 9.92
CA GLN AA 271 -18.08 82.59 11.22
C GLN AA 271 -19.08 82.38 12.35
N LEU AA 272 -20.25 83.02 12.27
CA LEU AA 272 -21.24 82.90 13.33
C LEU AA 272 -21.82 81.49 13.38
N ALA AA 273 -22.06 80.89 12.20
CA ALA AA 273 -22.67 79.56 12.17
C ALA AA 273 -21.67 78.46 12.54
N ALA AA 274 -20.41 78.59 12.09
CA ALA AA 274 -19.43 77.54 12.32
C ALA AA 274 -19.16 77.36 13.81
N VAL AA 275 -19.05 78.46 14.55
CA VAL AA 275 -18.84 78.37 16.00
C VAL AA 275 -20.07 77.74 16.66
N THR AA 276 -21.27 78.13 16.22
CA THR AA 276 -22.49 77.61 16.82
C THR AA 276 -22.63 76.11 16.60
N GLU AA 277 -22.37 75.65 15.38
CA GLU AA 277 -22.56 74.24 15.06
C GLU AA 277 -21.50 73.39 15.74
N ARG AA 278 -21.95 72.27 16.30
CA ARG AA 278 -21.11 71.29 16.97
C ARG AA 278 -21.40 69.92 16.38
N PRO AA 279 -20.47 68.97 16.52
CA PRO AA 279 -20.75 67.61 16.05
C PRO AA 279 -21.96 67.03 16.76
N PHE AA 280 -22.70 66.20 16.04
CA PHE AA 280 -23.98 65.68 16.53
C PHE AA 280 -23.79 64.96 17.85
N GLN AA 281 -24.63 65.30 18.83
CA GLN AA 281 -24.53 64.75 20.16
C GLN AA 281 -25.53 63.65 20.46
N ASN AA 282 -26.58 63.52 19.64
CA ASN AA 282 -27.59 62.50 19.86
C ASN AA 282 -28.20 62.11 18.52
N GLY AA 283 -28.82 60.94 18.50
CA GLY AA 283 -29.47 60.49 17.28
C GLY AA 283 -30.56 61.43 16.81
N PHE AA 284 -31.34 61.97 17.75
CA PHE AA 284 -32.41 62.90 17.39
C PHE AA 284 -31.85 64.16 16.75
N GLU AA 285 -30.73 64.67 17.28
CA GLU AA 285 -30.14 65.88 16.71
C GLU AA 285 -29.65 65.67 15.29
N GLU AA 286 -29.18 64.45 14.97
CA GLU AA 286 -28.75 64.19 13.60
C GLU AA 286 -29.93 64.14 12.64
N MET AA 287 -31.10 63.74 13.12
CA MET AA 287 -32.28 63.68 12.26
C MET AA 287 -32.75 65.09 11.88
N ILE AA 288 -32.82 65.99 12.86
CA ILE AA 288 -33.35 67.32 12.60
C ILE AA 288 -32.45 68.10 11.67
N GLN AA 289 -31.14 67.93 11.78
CA GLN AA 289 -30.23 68.57 10.84
C GLN AA 289 -30.40 68.00 9.44
N TRP AA 290 -30.56 66.68 9.33
CA TRP AA 290 -30.81 66.07 8.03
C TRP AA 290 -32.15 66.51 7.46
N THR AA 291 -33.18 66.59 8.30
CA THR AA 291 -34.50 66.97 7.82
C THR AA 291 -34.50 68.38 7.23
N LYS AA 292 -33.82 69.32 7.90
CA LYS AA 292 -33.69 70.65 7.34
C LYS AA 292 -32.88 70.64 6.05
N GLU AA 293 -31.82 69.83 6.01
CA GLU AA 293 -30.96 69.79 4.84
C GLU AA 293 -31.61 69.10 3.66
N GLY AA 294 -32.63 68.27 3.89
CA GLY AA 294 -33.33 67.58 2.83
C GLY AA 294 -32.93 66.13 2.63
N LYS AA 295 -31.98 65.63 3.43
CA LYS AA 295 -31.59 64.23 3.29
C LYS AA 295 -32.75 63.29 3.61
N LEU AA 296 -33.49 63.59 4.67
CA LEU AA 296 -34.57 62.73 5.14
C LEU AA 296 -35.91 63.26 4.66
N TRP AA 297 -36.90 62.38 4.65
CA TRP AA 297 -38.24 62.74 4.23
C TRP AA 297 -38.93 63.59 5.29
N GLU AA 298 -39.99 64.29 4.88
CA GLU AA 298 -40.79 65.11 5.78
C GLU AA 298 -42.00 64.28 6.22
N PHE AA 299 -41.89 63.65 7.38
CA PHE AA 299 -42.99 62.84 7.90
C PHE AA 299 -44.10 63.75 8.44
N PRO AA 300 -45.36 63.37 8.27
CA PRO AA 300 -45.89 62.14 7.63
C PRO AA 300 -45.69 62.16 6.12
N ILE AA 301 -45.53 61.00 5.50
CA ILE AA 301 -45.13 60.93 4.11
C ILE AA 301 -46.32 61.21 3.21
N ASN AA 302 -46.13 62.14 2.26
CA ASN AA 302 -47.06 62.32 1.15
C ASN AA 302 -46.31 62.04 -0.13
N ASN AA 303 -46.85 61.12 -0.95
CA ASN AA 303 -46.14 60.63 -2.11
C ASN AA 303 -45.97 61.67 -3.21
N GLU AA 304 -46.66 62.81 -3.12
CA GLU AA 304 -46.57 63.86 -4.11
C GLU AA 304 -45.73 65.04 -3.63
N ALA AA 305 -44.87 64.82 -2.63
CA ALA AA 305 -44.04 65.89 -2.11
C ALA AA 305 -42.96 66.27 -3.11
N GLY AA 306 -42.81 67.57 -3.35
CA GLY AA 306 -41.82 68.07 -4.27
C GLY AA 306 -42.22 68.05 -5.73
N PHE AA 307 -43.44 67.59 -6.04
CA PHE AA 307 -43.94 67.49 -7.41
C PHE AA 307 -45.31 68.15 -7.47
N ASP AA 308 -45.34 69.43 -7.80
CA ASP AA 308 -46.59 70.17 -7.91
C ASP AA 308 -47.14 70.20 -9.32
N ASP AA 309 -46.44 69.57 -10.27
CA ASP AA 309 -46.90 69.47 -11.66
C ASP AA 309 -47.19 70.84 -12.26
N ASP AA 310 -46.24 71.74 -12.12
CA ASP AA 310 -46.28 73.10 -12.67
C ASP AA 310 -47.43 73.93 -12.12
N GLY AA 311 -48.04 73.50 -11.01
CA GLY AA 311 -49.09 74.28 -10.38
C GLY AA 311 -50.31 74.48 -11.26
N SER AA 312 -50.76 73.39 -11.88
CA SER AA 312 -51.86 73.41 -12.83
C SER AA 312 -53.07 72.73 -12.20
N GLU AA 313 -54.21 73.41 -12.27
CA GLU AA 313 -55.46 72.83 -11.81
C GLU AA 313 -55.91 71.73 -12.76
N PHE AA 314 -56.97 71.02 -12.35
CA PHE AA 314 -57.39 69.85 -13.10
C PHE AA 314 -57.90 70.21 -14.49
N HIS AA 315 -58.22 71.50 -14.75
CA HIS AA 315 -58.77 71.85 -16.05
C HIS AA 315 -57.74 71.75 -17.16
N GLU AA 316 -56.48 72.12 -16.92
CA GLU AA 316 -55.46 72.01 -17.96
C GLU AA 316 -55.14 70.57 -18.32
N HIS AA 317 -55.72 69.60 -17.62
CA HIS AA 317 -55.54 68.19 -17.91
C HIS AA 317 -56.81 67.50 -18.43
N ILE AA 318 -57.97 68.12 -18.31
CA ILE AA 318 -59.24 67.51 -18.69
C ILE AA 318 -59.82 68.14 -19.95
N PHE AA 319 -60.09 69.44 -19.92
CA PHE AA 319 -60.78 70.13 -21.01
C PHE AA 319 -59.74 70.68 -21.99
N LEU AA 320 -59.66 70.08 -23.18
CA LEU AA 320 -58.72 70.49 -24.21
C LEU AA 320 -59.43 71.05 -25.44
N ASP AA 321 -60.68 71.50 -25.31
CA ASP AA 321 -61.42 71.98 -26.47
C ASP AA 321 -60.84 73.29 -27.01
N LYS AA 322 -60.26 74.12 -26.14
CA LYS AA 322 -59.75 75.42 -26.59
C LYS AA 322 -58.59 75.27 -27.57
N TYR AA 323 -57.96 74.10 -27.62
CA TYR AA 323 -56.87 73.85 -28.56
C TYR AA 323 -57.35 73.32 -29.90
N LEU AA 324 -58.65 73.05 -30.05
CA LEU AA 324 -59.21 72.53 -31.29
C LEU AA 324 -59.97 73.59 -32.07
N GLN AA 325 -59.72 74.87 -31.79
CA GLN AA 325 -60.45 75.94 -32.48
C GLN AA 325 -60.15 75.94 -33.97
N ASP AA 326 -58.88 75.72 -34.34
CA ASP AA 326 -58.47 75.76 -35.74
C ASP AA 326 -58.47 74.35 -36.31
N PHE AA 327 -59.67 73.84 -36.57
CA PHE AA 327 -59.84 72.51 -37.14
C PHE AA 327 -61.18 72.46 -37.87
N PRO AA 328 -61.31 71.63 -38.90
CA PRO AA 328 -62.60 71.47 -39.58
C PRO AA 328 -63.64 70.86 -38.63
N LYS AA 329 -64.74 71.58 -38.42
CA LYS AA 329 -65.70 71.21 -37.39
C LYS AA 329 -66.59 70.04 -37.77
N GLN AA 330 -66.69 69.70 -39.06
CA GLN AA 330 -67.64 68.70 -39.51
C GLN AA 330 -67.02 67.48 -40.15
N GLY AA 331 -65.77 67.56 -40.62
CA GLY AA 331 -65.14 66.44 -41.28
C GLY AA 331 -64.70 65.38 -40.29
N PRO AA 332 -64.06 64.33 -40.82
CA PRO AA 332 -63.52 63.28 -39.95
C PRO AA 332 -62.38 63.76 -39.06
N ILE AA 333 -61.81 64.93 -39.34
CA ILE AA 333 -60.74 65.45 -38.48
C ILE AA 333 -61.27 65.67 -37.06
N ARG AA 334 -62.45 66.26 -36.94
CA ARG AA 334 -63.05 66.44 -35.61
C ARG AA 334 -63.29 65.10 -34.94
N HIS AA 335 -63.76 64.11 -35.70
CA HIS AA 335 -63.95 62.77 -35.13
C HIS AA 335 -62.63 62.19 -34.65
N PHE AA 336 -61.57 62.38 -35.43
CA PHE AA 336 -60.26 61.85 -35.02
C PHE AA 336 -59.67 62.64 -33.87
N MET AA 337 -59.74 63.97 -33.93
CA MET AA 337 -59.10 64.80 -32.92
C MET AA 337 -59.74 64.62 -31.55
N GLU AA 338 -61.07 64.54 -31.51
CA GLU AA 338 -61.74 64.39 -30.21
C GLU AA 338 -61.43 63.05 -29.56
N LEU AA 339 -61.10 62.03 -30.36
CA LEU AA 339 -60.58 60.79 -29.77
C LEU AA 339 -59.23 61.02 -29.12
N VAL AA 340 -58.36 61.81 -29.78
CA VAL AA 340 -57.05 62.11 -29.21
C VAL AA 340 -57.20 62.91 -27.92
N THR AA 341 -58.07 63.92 -27.92
CA THR AA 341 -58.26 64.73 -26.74
C THR AA 341 -58.89 63.92 -25.60
N CYS AA 342 -59.82 63.03 -25.94
CA CYS AA 342 -60.39 62.15 -24.92
C CYS AA 342 -59.33 61.24 -24.31
N GLY AA 343 -58.44 60.71 -25.16
CA GLY AA 343 -57.35 59.89 -24.65
C GLY AA 343 -56.38 60.67 -23.79
N LEU AA 344 -56.05 61.90 -24.20
CA LEU AA 344 -55.16 62.74 -23.40
C LEU AA 344 -55.78 63.11 -22.07
N SER AA 345 -57.10 63.26 -22.01
CA SER AA 345 -57.76 63.59 -20.75
C SER AA 345 -57.55 62.50 -19.71
N LYS AA 346 -57.60 61.24 -20.15
CA LYS AA 346 -57.43 60.11 -19.23
C LYS AA 346 -55.97 59.81 -18.91
N ASN AA 347 -55.02 60.51 -19.55
CA ASN AA 347 -53.61 60.20 -19.36
C ASN AA 347 -53.08 60.90 -18.11
N PRO AA 348 -52.66 60.18 -17.08
CA PRO AA 348 -52.15 60.83 -15.87
C PRO AA 348 -50.66 61.13 -15.93
N TYR AA 349 -49.93 60.39 -16.77
CA TYR AA 349 -48.48 60.43 -16.77
C TYR AA 349 -47.90 61.59 -17.57
N LEU AA 350 -48.71 62.33 -18.31
CA LEU AA 350 -48.24 63.38 -19.20
C LEU AA 350 -48.61 64.74 -18.64
N SER AA 351 -47.65 65.67 -18.66
CA SER AA 351 -47.89 67.02 -18.19
C SER AA 351 -48.68 67.82 -19.22
N VAL AA 352 -49.20 68.97 -18.77
CA VAL AA 352 -50.05 69.78 -19.64
C VAL AA 352 -49.25 70.31 -20.82
N LYS AA 353 -48.01 70.76 -20.59
CA LYS AA 353 -47.21 71.29 -21.68
C LYS AA 353 -46.90 70.22 -22.72
N GLN AA 354 -46.70 68.97 -22.29
CA GLN AA 354 -46.47 67.89 -23.24
C GLN AA 354 -47.73 67.58 -24.04
N LYS AA 355 -48.90 67.70 -23.41
CA LYS AA 355 -50.15 67.42 -24.11
C LYS AA 355 -50.38 68.40 -25.26
N VAL AA 356 -50.03 69.67 -25.05
CA VAL AA 356 -50.18 70.65 -26.12
C VAL AA 356 -49.23 70.35 -27.27
N GLU AA 357 -48.08 69.73 -26.99
CA GLU AA 357 -47.16 69.35 -28.06
C GLU AA 357 -47.81 68.36 -29.01
N HIS AA 358 -48.54 67.38 -28.49
CA HIS AA 358 -49.23 66.43 -29.34
C HIS AA 358 -50.27 67.12 -30.21
N ILE AA 359 -51.04 68.05 -29.63
CA ILE AA 359 -52.03 68.78 -30.41
C ILE AA 359 -51.36 69.64 -31.47
N GLU AA 360 -50.26 70.30 -31.11
CA GLU AA 360 -49.55 71.14 -32.07
C GLU AA 360 -48.97 70.30 -33.21
N TRP AA 361 -48.48 69.09 -32.91
CA TRP AA 361 -47.91 68.26 -33.96
C TRP AA 361 -48.96 67.86 -34.98
N PHE AA 362 -50.18 67.57 -34.53
CA PHE AA 362 -51.25 67.24 -35.47
C PHE AA 362 -51.60 68.42 -36.36
N ARG AA 363 -51.59 69.63 -35.80
CA ARG AA 363 -51.75 70.82 -36.64
C ARG AA 363 -50.64 70.91 -37.65
N ASN AA 364 -49.41 70.63 -37.24
CA ASN AA 364 -48.28 70.65 -38.17
C ASN AA 364 -48.46 69.57 -39.24
N TYR AA 365 -48.87 68.36 -38.85
CA TYR AA 365 -48.94 67.26 -39.80
C TYR AA 365 -50.02 67.50 -40.85
N PHE AA 366 -51.20 67.95 -40.42
CA PHE AA 366 -52.27 68.21 -41.38
C PHE AA 366 -52.00 69.44 -42.24
N ASN AA 367 -51.22 70.39 -41.73
CA ASN AA 367 -50.88 71.56 -42.53
C ASN AA 367 -49.88 71.21 -43.63
N GLU AA 368 -48.90 70.37 -43.31
CA GLU AA 368 -47.92 69.97 -44.31
C GLU AA 368 -48.57 69.17 -45.43
N LYS AA 369 -49.44 68.23 -45.08
CA LYS AA 369 -50.10 67.37 -46.07
C LYS AA 369 -51.50 67.92 -46.33
N ARG AA 370 -51.59 68.81 -47.32
CA ARG AA 370 -52.86 69.39 -47.74
C ARG AA 370 -53.39 68.83 -49.04
N VAL AA 371 -52.50 68.55 -50.01
CA VAL AA 371 -52.94 68.06 -51.30
C VAL AA 371 -53.56 66.66 -51.18
N ILE AA 372 -53.04 65.84 -50.25
CA ILE AA 372 -53.58 64.49 -50.09
C ILE AA 372 -55.02 64.52 -49.61
N LEU AA 373 -55.38 65.49 -48.77
CA LEU AA 373 -56.75 65.57 -48.28
C LEU AA 373 -57.72 66.01 -49.37
N LYS AA 374 -57.24 66.79 -50.34
CA LYS AA 374 -58.12 67.22 -51.44
C LYS AA 374 -58.60 66.04 -52.27
N GLU AA 375 -57.71 65.08 -52.55
CA GLU AA 375 -58.07 63.90 -53.31
C GLU AA 375 -58.64 62.79 -52.44
N SER AA 376 -58.74 62.99 -51.13
CA SER AA 376 -59.32 61.99 -50.25
C SER AA 376 -60.79 61.75 -50.56
N GLY AA 377 -61.49 62.78 -51.05
CA GLY AA 377 -62.90 62.72 -51.33
C GLY AA 377 -63.74 63.74 -50.58
N ILE AA 378 -63.22 64.29 -49.49
CA ILE AA 378 -63.88 65.35 -48.73
C ILE AA 378 -62.92 66.51 -48.59
N GLN AA 379 -63.39 67.71 -48.92
CA GLN AA 379 -62.57 68.91 -48.79
C GLN AA 379 -62.57 69.37 -47.34
N LEU AA 380 -61.39 69.47 -46.75
CA LEU AA 380 -61.24 69.82 -45.34
C LEU AA 380 -60.37 71.06 -45.22
N ASN AA 381 -60.78 71.96 -44.33
CA ASN AA 381 -60.08 73.23 -44.15
C ASN AA 381 -58.80 73.05 -43.34
N LEU BA 46 -83.20 48.84 -25.91
CA LEU BA 46 -82.50 49.99 -26.49
C LEU BA 46 -83.48 50.93 -27.18
N SER BA 47 -83.64 52.13 -26.61
CA SER BA 47 -84.54 53.13 -27.15
C SER BA 47 -83.79 54.45 -27.30
N GLU BA 48 -84.46 55.42 -27.94
CA GLU BA 48 -83.85 56.73 -28.12
C GLU BA 48 -83.60 57.42 -26.80
N TYR BA 49 -84.44 57.16 -25.78
CA TYR BA 49 -84.21 57.72 -24.46
C TYR BA 49 -82.90 57.21 -23.87
N ALA BA 50 -82.62 55.91 -24.04
CA ALA BA 50 -81.38 55.35 -23.51
C ALA BA 50 -80.16 55.89 -24.23
N VAL BA 51 -80.29 56.20 -25.53
CA VAL BA 51 -79.16 56.73 -26.28
C VAL BA 51 -78.74 58.09 -25.73
N ARG BA 52 -79.72 58.97 -25.46
CA ARG BA 52 -79.40 60.28 -24.91
C ARG BA 52 -78.75 60.15 -23.54
N MET BA 53 -79.29 59.28 -22.68
CA MET BA 53 -78.72 59.10 -21.35
C MET BA 53 -77.31 58.54 -21.42
N SER BA 54 -77.07 57.59 -22.31
CA SER BA 54 -75.72 57.05 -22.47
C SER BA 54 -74.75 58.12 -22.95
N ARG BA 55 -75.19 58.97 -23.89
CA ARG BA 55 -74.33 60.04 -24.36
C ARG BA 55 -74.17 61.14 -23.33
N LEU BA 56 -75.27 61.50 -22.64
CA LEU BA 56 -75.19 62.57 -21.66
C LEU BA 56 -74.27 62.20 -20.51
N SER BA 57 -74.33 60.94 -20.05
CA SER BA 57 -73.41 60.49 -19.02
C SER BA 57 -71.97 60.52 -19.51
N ALA BA 58 -71.75 60.12 -20.77
CA ALA BA 58 -70.39 60.11 -21.32
C ALA BA 58 -69.83 61.53 -21.42
N ARG BA 59 -70.68 62.50 -21.75
CA ARG BA 59 -70.22 63.88 -21.86
C ARG BA 59 -69.70 64.40 -20.53
N LEU BA 60 -70.40 64.12 -19.43
CA LEU BA 60 -70.01 64.67 -18.13
C LEU BA 60 -68.75 63.99 -17.61
N PHE BA 61 -68.69 62.65 -17.69
CA PHE BA 61 -67.54 61.93 -17.16
C PHE BA 61 -66.33 62.00 -18.09
N GLY BA 62 -66.51 62.42 -19.34
CA GLY BA 62 -65.41 62.69 -20.24
C GLY BA 62 -65.09 61.63 -21.26
N GLU BA 63 -65.92 60.59 -21.39
CA GLU BA 63 -65.67 59.56 -22.39
C GLU BA 63 -66.08 60.06 -23.77
N VAL BA 64 -66.06 59.17 -24.76
CA VAL BA 64 -66.42 59.53 -26.12
C VAL BA 64 -67.93 59.57 -26.25
N ALA BA 65 -68.45 60.66 -26.82
CA ALA BA 65 -69.89 60.83 -26.94
C ALA BA 65 -70.44 60.14 -28.20
N ARG BA 66 -69.91 60.51 -29.36
CA ARG BA 66 -70.38 59.92 -30.61
C ARG BA 66 -70.01 58.44 -30.68
N PRO BA 67 -70.77 57.64 -31.41
CA PRO BA 67 -70.44 56.22 -31.53
C PRO BA 67 -69.07 56.02 -32.16
N THR BA 68 -68.36 55.01 -31.67
CA THR BA 68 -66.99 54.73 -32.10
C THR BA 68 -66.85 53.24 -32.37
N ASP BA 69 -66.10 52.91 -33.41
CA ASP BA 69 -65.88 51.52 -33.79
C ASP BA 69 -65.00 50.82 -32.74
N SER BA 70 -65.06 49.48 -32.76
CA SER BA 70 -64.22 48.71 -31.86
C SER BA 70 -62.74 48.93 -32.16
N LYS BA 71 -62.38 48.99 -33.44
CA LYS BA 71 -60.98 49.23 -33.80
C LYS BA 71 -60.60 50.69 -33.59
N SER BA 72 -61.55 51.61 -33.68
CA SER BA 72 -61.26 53.02 -33.55
C SER BA 72 -61.00 53.45 -32.11
N MET BA 73 -61.33 52.61 -31.13
CA MET BA 73 -61.07 52.95 -29.73
C MET BA 73 -59.62 52.76 -29.34
N LYS BA 74 -58.81 52.12 -30.19
CA LYS BA 74 -57.41 51.92 -29.84
C LYS BA 74 -56.63 53.22 -29.80
N VAL BA 75 -57.00 54.20 -30.64
CA VAL BA 75 -56.30 55.48 -30.64
C VAL BA 75 -56.48 56.19 -29.30
N VAL BA 76 -57.66 56.03 -28.68
CA VAL BA 76 -57.84 56.53 -27.32
C VAL BA 76 -56.92 55.79 -26.35
N LYS BA 77 -56.82 54.47 -26.51
CA LYS BA 77 -55.97 53.68 -25.63
C LYS BA 77 -54.50 54.02 -25.81
N LEU BA 78 -54.09 54.40 -27.02
CA LEU BA 78 -52.69 54.74 -27.27
C LEU BA 78 -52.25 55.94 -26.44
N PHE BA 79 -53.09 56.96 -26.34
CA PHE BA 79 -52.75 58.15 -25.59
C PHE BA 79 -53.13 58.07 -24.12
N SER BA 80 -54.13 57.25 -23.78
CA SER BA 80 -54.53 57.11 -22.38
C SER BA 80 -53.42 56.49 -21.55
N GLU BA 81 -52.75 55.47 -22.08
CA GLU BA 81 -51.70 54.77 -21.35
C GLU BA 81 -50.33 55.25 -21.79
N GLN BA 82 -49.34 54.98 -20.95
CA GLN BA 82 -47.97 55.32 -21.27
C GLN BA 82 -47.41 54.32 -22.28
N PRO BA 83 -46.74 54.79 -23.33
CA PRO BA 83 -46.18 53.85 -24.32
C PRO BA 83 -45.13 52.95 -23.69
N LEU BA 84 -44.98 51.76 -24.29
CA LEU BA 84 -44.09 50.75 -23.71
C LEU BA 84 -42.65 51.22 -23.67
N ALA BA 85 -42.21 51.96 -24.70
CA ALA BA 85 -40.81 52.39 -24.78
C ALA BA 85 -40.45 53.47 -23.78
N LYS BA 86 -41.43 54.09 -23.11
CA LYS BA 86 -41.17 55.17 -22.17
C LYS BA 86 -41.36 54.77 -20.72
N ARG BA 87 -41.77 53.54 -20.45
CA ARG BA 87 -41.94 53.10 -19.06
C ARG BA 87 -40.57 53.00 -18.38
N LYS BA 88 -40.55 53.33 -17.09
CA LYS BA 88 -39.29 53.30 -16.34
C LYS BA 88 -38.71 51.90 -16.27
N GLU BA 89 -39.56 50.87 -16.36
CA GLU BA 89 -39.07 49.50 -16.35
C GLU BA 89 -38.31 49.16 -17.62
N THR BA 90 -38.52 49.89 -18.71
CA THR BA 90 -37.92 49.54 -19.99
C THR BA 90 -36.59 50.26 -20.22
N TYR BA 91 -36.61 51.59 -20.25
CA TYR BA 91 -35.39 52.33 -20.57
C TYR BA 91 -34.39 52.36 -19.43
N ASP BA 92 -34.83 52.12 -18.20
CA ASP BA 92 -33.95 52.01 -17.05
C ASP BA 92 -33.77 50.57 -16.59
N TRP BA 93 -33.99 49.61 -17.51
CA TRP BA 93 -33.85 48.20 -17.16
C TRP BA 93 -32.42 47.85 -16.78
N TYR BA 94 -31.45 48.36 -17.53
CA TYR BA 94 -30.05 47.99 -17.34
C TYR BA 94 -29.35 48.96 -16.41
N PRO BA 95 -28.76 48.50 -15.31
CA PRO BA 95 -27.85 49.37 -14.55
C PRO BA 95 -26.67 49.78 -15.42
N ASN BA 96 -26.21 51.01 -15.22
CA ASN BA 96 -25.13 51.55 -16.05
C ASN BA 96 -23.81 50.92 -15.67
N HIS BA 97 -23.47 49.79 -16.32
CA HIS BA 97 -22.23 49.09 -16.01
C HIS BA 97 -21.00 49.94 -16.33
N ASN BA 98 -21.12 50.88 -17.27
CA ASN BA 98 -19.98 51.73 -17.60
C ASN BA 98 -19.53 52.54 -16.40
N THR BA 99 -20.47 53.14 -15.68
CA THR BA 99 -20.11 53.90 -14.48
C THR BA 99 -19.66 52.97 -13.35
N TYR BA 100 -20.32 51.82 -13.21
CA TYR BA 100 -19.92 50.88 -12.17
C TYR BA 100 -18.50 50.36 -12.39
N PHE BA 101 -18.18 50.02 -13.64
CA PHE BA 101 -16.84 49.50 -13.93
C PHE BA 101 -15.79 50.60 -13.86
N ALA BA 102 -16.08 51.76 -14.42
CA ALA BA 102 -15.09 52.84 -14.45
C ALA BA 102 -14.80 53.37 -13.04
N LEU BA 103 -15.83 53.51 -12.21
CA LEU BA 103 -15.63 54.02 -10.86
C LEU BA 103 -14.71 53.12 -10.06
N MET BA 104 -14.99 51.82 -10.05
CA MET BA 104 -14.14 50.89 -9.33
C MET BA 104 -12.77 50.74 -9.98
N GLY BA 105 -12.66 51.03 -11.27
CA GLY BA 105 -11.36 51.07 -11.91
C GLY BA 105 -10.49 52.19 -11.39
N THR BA 106 -11.07 53.39 -11.25
CA THR BA 106 -10.31 54.53 -10.75
C THR BA 106 -9.99 54.38 -9.27
N LEU BA 107 -10.94 53.88 -8.48
CA LEU BA 107 -10.68 53.67 -7.05
C LEU BA 107 -9.62 52.61 -6.83
N ARG BA 108 -9.52 51.62 -7.73
CA ARG BA 108 -8.46 50.63 -7.61
C ARG BA 108 -7.09 51.25 -7.77
N PHE BA 109 -6.94 52.16 -8.74
CA PHE BA 109 -5.67 52.83 -8.95
C PHE BA 109 -5.36 53.85 -7.86
N LEU BA 110 -6.37 54.29 -7.12
CA LEU BA 110 -6.17 55.28 -6.06
C LEU BA 110 -5.98 54.64 -4.69
N GLY BA 111 -5.94 53.31 -4.61
CA GLY BA 111 -5.64 52.65 -3.36
C GLY BA 111 -6.77 52.63 -2.36
N LEU BA 112 -7.96 53.04 -2.75
CA LEU BA 112 -9.10 53.03 -1.83
C LEU BA 112 -9.95 51.78 -1.95
N TYR BA 113 -9.89 51.08 -3.09
CA TYR BA 113 -10.58 49.82 -3.28
C TYR BA 113 -9.59 48.81 -3.85
N ARG BA 114 -9.52 47.64 -3.23
CA ARG BA 114 -8.61 46.58 -3.65
C ARG BA 114 -9.44 45.42 -4.18
N ASP BA 115 -9.31 45.14 -5.48
CA ASP BA 115 -10.08 44.10 -6.14
C ASP BA 115 -9.21 42.87 -6.30
N GLU BA 116 -9.62 41.76 -5.69
CA GLU BA 116 -8.87 40.52 -5.81
C GLU BA 116 -8.91 39.99 -7.24
N HIS BA 117 -10.07 40.06 -7.90
CA HIS BA 117 -10.22 39.45 -9.21
C HIS BA 117 -9.32 40.10 -10.24
N GLN BA 118 -9.25 41.43 -10.25
CA GLN BA 118 -8.37 42.11 -11.20
C GLN BA 118 -6.90 41.83 -10.90
N ASP BA 119 -6.55 41.67 -9.62
CA ASP BA 119 -5.19 41.29 -9.28
C ASP BA 119 -4.85 39.91 -9.81
N PHE BA 120 -5.83 39.00 -9.80
CA PHE BA 120 -5.58 37.65 -10.32
C PHE BA 120 -5.24 37.68 -11.80
N ARG BA 121 -5.97 38.48 -12.58
CA ARG BA 121 -5.67 38.58 -14.01
C ARG BA 121 -4.29 39.15 -14.25
N ASP BA 122 -3.92 40.21 -13.53
CA ASP BA 122 -2.62 40.83 -13.74
C ASP BA 122 -1.49 39.90 -13.36
N GLU BA 123 -1.64 39.15 -12.27
CA GLU BA 123 -0.59 38.23 -11.85
C GLU BA 123 -0.38 37.12 -12.88
N GLN BA 124 -1.48 36.56 -13.40
CA GLN BA 124 -1.35 35.53 -14.43
C GLN BA 124 -0.85 36.11 -15.73
N LEU BA 125 -1.28 37.33 -16.07
CA LEU BA 125 -0.81 37.97 -17.29
C LEU BA 125 0.69 38.20 -17.26
N ARG BA 126 1.23 38.52 -16.08
CA ARG BA 126 2.67 38.69 -15.94
C ARG BA 126 3.40 37.38 -16.22
N LEU BA 127 2.86 36.26 -15.73
CA LEU BA 127 3.51 34.97 -15.93
C LEU BA 127 3.55 34.57 -17.40
N LYS BA 128 2.50 34.89 -18.16
CA LYS BA 128 2.50 34.60 -19.59
C LYS BA 128 3.60 35.36 -20.31
N LYS BA 129 3.82 36.63 -19.94
CA LYS BA 129 4.90 37.39 -20.54
C LYS BA 129 6.25 36.77 -20.21
N LEU BA 130 6.43 36.32 -18.96
CA LEU BA 130 7.68 35.69 -18.58
C LEU BA 130 7.91 34.39 -19.36
N ARG BA 131 6.86 33.61 -19.57
CA ARG BA 131 6.97 32.37 -20.31
C ARG BA 131 7.19 32.59 -21.80
N GLY BA 132 7.05 33.82 -22.29
CA GLY BA 132 7.29 34.15 -23.68
C GLY BA 132 6.08 34.14 -24.58
N LYS BA 133 4.88 34.09 -24.02
CA LYS BA 133 3.64 34.01 -24.79
C LYS BA 133 2.76 35.19 -24.41
N GLY BA 134 2.90 36.29 -25.15
CA GLY BA 134 2.12 37.48 -24.91
C GLY BA 134 1.27 37.88 -26.10
N LYS BA 135 0.61 39.04 -26.00
CA LYS BA 135 -0.24 39.53 -27.08
C LYS BA 135 0.58 40.38 -28.03
N PRO BA 136 0.67 40.02 -29.30
CA PRO BA 136 1.45 40.83 -30.25
C PRO BA 136 0.77 42.17 -30.51
N ARG BA 137 1.57 43.11 -31.01
CA ARG BA 137 1.07 44.43 -31.37
C ARG BA 137 0.20 44.34 -32.63
N LYS BA 138 -0.28 45.50 -33.07
CA LYS BA 138 -1.08 45.55 -34.28
C LYS BA 138 -0.24 45.17 -35.50
N GLY BA 139 -0.85 44.42 -36.42
CA GLY BA 139 -0.16 44.00 -37.62
C GLY BA 139 1.03 43.09 -37.36
N GLU BA 140 0.87 42.13 -36.45
CA GLU BA 140 1.94 41.19 -36.16
C GLU BA 140 1.44 39.75 -36.02
N GLY BA 141 0.17 39.49 -36.30
CA GLY BA 141 -0.40 38.17 -36.10
C GLY BA 141 0.08 37.11 -37.06
N LYS BA 142 -0.26 37.26 -38.35
CA LYS BA 142 0.09 36.25 -39.35
C LYS BA 142 0.68 36.85 -40.61
N ARG BA 143 0.80 38.17 -40.71
CA ARG BA 143 1.39 38.78 -41.90
C ARG BA 143 2.89 38.53 -42.01
N ALA BA 144 3.53 38.05 -40.94
CA ALA BA 144 4.96 37.76 -40.98
C ALA BA 144 5.21 36.27 -40.98
N ASP CA 65 6.07 31.45 -52.18
CA ASP CA 65 5.73 31.88 -53.53
C ASP CA 65 6.70 31.29 -54.56
N THR CA 66 6.51 31.64 -55.82
CA THR CA 66 7.35 31.11 -56.89
C THR CA 66 8.74 31.75 -56.90
N LYS CA 67 8.86 32.99 -56.41
CA LYS CA 67 10.15 33.66 -56.41
C LYS CA 67 11.14 32.94 -55.51
N MET CA 68 10.68 32.47 -54.34
CA MET CA 68 11.57 31.75 -53.43
C MET CA 68 12.06 30.45 -54.06
N LEU CA 69 11.20 29.78 -54.82
CA LEU CA 69 11.60 28.52 -55.46
C LEU CA 69 12.73 28.74 -56.46
N TRP CA 70 12.66 29.81 -57.24
CA TRP CA 70 13.71 30.09 -58.21
C TRP CA 70 15.03 30.44 -57.54
N LYS CA 71 14.98 31.09 -56.37
CA LYS CA 71 16.20 31.52 -55.70
C LYS CA 71 17.08 30.35 -55.29
N HIS CA 72 16.54 29.13 -55.27
CA HIS CA 72 17.35 27.96 -54.99
C HIS CA 72 18.41 27.80 -56.08
N LYS CA 73 19.63 27.46 -55.66
CA LYS CA 73 20.75 27.40 -56.59
C LYS CA 73 20.61 26.23 -57.56
N ALA CA 74 19.89 25.17 -57.17
CA ALA CA 74 19.72 24.02 -58.05
C ALA CA 74 18.90 24.40 -59.29
N LEU CA 75 17.85 25.19 -59.11
CA LEU CA 75 16.99 25.55 -60.23
C LEU CA 75 17.70 26.48 -61.20
N GLN CA 76 18.43 27.47 -60.69
CA GLN CA 76 19.17 28.38 -61.56
C GLN CA 76 20.27 27.64 -62.31
N LYS CA 77 20.97 26.73 -61.63
CA LYS CA 77 22.07 26.02 -62.26
C LYS CA 77 21.59 25.12 -63.40
N TYR CA 78 20.45 24.45 -63.19
CA TYR CA 78 19.92 23.57 -64.23
C TYR CA 78 19.52 24.36 -65.48
N MET CA 79 18.88 25.51 -65.30
CA MET CA 79 18.51 26.33 -66.45
C MET CA 79 19.73 26.85 -67.18
N GLU CA 80 20.84 27.05 -66.48
CA GLU CA 80 22.09 27.38 -67.15
C GLU CA 80 22.54 26.24 -68.05
N ASN CA 81 22.41 25.00 -67.59
CA ASN CA 81 22.76 23.85 -68.42
C ASN CA 81 21.89 23.77 -69.66
N LEU CA 82 20.59 24.04 -69.51
CA LEU CA 82 19.71 24.07 -70.68
C LEU CA 82 20.12 25.19 -71.63
N SER CA 83 20.48 26.35 -71.09
CA SER CA 83 20.93 27.44 -71.95
C SER CA 83 22.21 27.07 -72.69
N LYS CA 84 23.15 26.43 -72.00
CA LYS CA 84 24.38 25.98 -72.66
C LYS CA 84 24.08 24.86 -73.65
N GLU CA 85 23.22 23.91 -73.28
CA GLU CA 85 22.89 22.82 -74.19
C GLU CA 85 22.16 23.33 -75.43
N TYR CA 86 21.20 24.24 -75.25
CA TYR CA 86 20.42 24.75 -76.38
C TYR CA 86 21.32 25.48 -77.37
N GLN CA 87 22.24 26.30 -76.86
CA GLN CA 87 23.20 26.96 -77.74
C GLN CA 87 24.12 25.94 -78.40
N THR CA 88 24.52 24.90 -77.66
CA THR CA 88 25.38 23.87 -78.22
C THR CA 88 24.69 23.13 -79.36
N LEU CA 89 23.37 22.94 -79.27
CA LEU CA 89 22.64 22.28 -80.35
C LEU CA 89 22.73 23.09 -81.64
N GLU CA 90 22.63 24.42 -81.54
CA GLU CA 90 22.73 25.27 -82.72
C GLU CA 90 24.12 25.20 -83.34
N GLN CA 91 25.16 25.21 -82.50
CA GLN CA 91 26.53 25.24 -83.01
C GLN CA 91 26.86 23.99 -83.81
N CYS CA 92 26.45 22.82 -83.30
CA CYS CA 92 26.74 21.57 -84.01
C CYS CA 92 26.03 21.52 -85.35
N LEU CA 93 24.76 21.96 -85.39
CA LEU CA 93 23.98 21.86 -86.62
C LEU CA 93 24.45 22.87 -87.67
N GLN CA 94 24.69 24.12 -87.25
CA GLN CA 94 25.10 25.15 -88.21
C GLN CA 94 26.46 24.85 -88.80
N HIS CA 95 27.41 24.41 -87.97
CA HIS CA 95 28.80 24.28 -88.41
C HIS CA 95 29.12 22.87 -88.91
N ILE CA 96 28.93 21.86 -88.05
CA ILE CA 96 29.32 20.50 -88.41
C ILE CA 96 28.36 19.95 -89.45
N PRO CA 97 28.85 19.32 -90.53
CA PRO CA 97 27.95 18.63 -91.46
C PRO CA 97 27.39 17.36 -90.84
N VAL CA 98 26.44 17.52 -89.92
CA VAL CA 98 25.91 16.37 -89.18
C VAL CA 98 25.16 15.44 -90.13
N ASN CA 99 25.26 14.14 -89.87
CA ASN CA 99 24.54 13.16 -90.66
C ASN CA 99 23.03 13.33 -90.49
N GLU CA 100 22.28 12.93 -91.52
CA GLU CA 100 20.84 13.17 -91.53
C GLU CA 100 20.15 12.49 -90.36
N GLU CA 101 20.56 11.26 -90.03
CA GLU CA 101 19.97 10.57 -88.89
C GLU CA 101 20.25 11.31 -87.59
N ASN CA 102 21.49 11.78 -87.42
CA ASN CA 102 21.83 12.54 -86.21
C ASN CA 102 21.31 13.97 -86.26
N ARG CA 103 21.25 14.56 -87.46
CA ARG CA 103 20.80 15.96 -87.57
C ARG CA 103 19.35 16.11 -87.12
N ARG CA 104 18.49 15.17 -87.50
CA ARG CA 104 17.09 15.24 -87.11
C ARG CA 104 16.93 15.10 -85.59
N SER CA 105 17.74 14.25 -84.97
CA SER CA 105 17.65 14.09 -83.51
C SER CA 105 17.99 15.39 -82.79
N LEU CA 106 19.03 16.09 -83.26
CA LEU CA 106 19.38 17.39 -82.68
C LEU CA 106 18.29 18.42 -82.96
N ASN CA 107 17.70 18.37 -84.15
CA ASN CA 107 16.62 19.30 -84.49
C ASN CA 107 15.43 19.12 -83.56
N ARG CA 108 15.05 17.87 -83.29
CA ARG CA 108 13.94 17.61 -82.37
C ARG CA 108 14.28 18.09 -80.96
N ARG CA 109 15.53 17.85 -80.52
CA ARG CA 109 15.95 18.35 -79.21
C ARG CA 109 16.02 19.86 -79.19
N HIS CA 110 16.39 20.48 -80.32
CA HIS CA 110 16.46 21.93 -80.39
C HIS CA 110 15.09 22.56 -80.18
N ALA CA 111 14.04 21.98 -80.79
CA ALA CA 111 12.70 22.53 -80.63
C ALA CA 111 12.19 22.38 -79.20
N GLU CA 112 12.51 21.26 -78.55
CA GLU CA 112 12.01 21.01 -77.20
C GLU CA 112 12.56 22.03 -76.21
N LEU CA 113 13.84 22.38 -76.32
CA LEU CA 113 14.47 23.31 -75.40
C LEU CA 113 14.28 24.76 -75.80
N ALA CA 114 13.64 25.03 -76.93
CA ALA CA 114 13.43 26.41 -77.36
C ALA CA 114 12.62 27.23 -76.37
N PRO CA 115 11.48 26.75 -75.84
CA PRO CA 115 10.78 27.55 -74.83
C PRO CA 115 11.53 27.64 -73.51
N LEU CA 116 12.27 26.60 -73.14
CA LEU CA 116 12.95 26.60 -71.84
C LEU CA 116 14.10 27.60 -71.82
N ALA CA 117 14.89 27.65 -72.89
CA ALA CA 117 16.04 28.56 -72.93
C ALA CA 117 15.59 30.01 -72.90
N ALA CA 118 14.53 30.36 -73.63
CA ALA CA 118 14.06 31.74 -73.67
C ALA CA 118 13.55 32.19 -72.31
N ILE CA 119 12.90 31.28 -71.56
CA ILE CA 119 12.37 31.63 -70.25
C ILE CA 119 13.49 32.04 -69.30
N TYR CA 120 14.58 31.26 -69.29
CA TYR CA 120 15.69 31.56 -68.38
C TYR CA 120 16.36 32.89 -68.74
N GLN CA 121 16.48 33.18 -70.03
CA GLN CA 121 17.11 34.44 -70.44
C GLN CA 121 16.32 35.64 -69.96
N GLU CA 122 14.98 35.55 -70.03
CA GLU CA 122 14.15 36.64 -69.52
C GLU CA 122 14.31 36.80 -68.01
N ILE CA 123 14.57 35.70 -67.30
CA ILE CA 123 14.81 35.80 -65.86
C ILE CA 123 16.08 36.59 -65.58
N GLN CA 124 17.15 36.33 -66.34
CA GLN CA 124 18.40 37.04 -66.13
C GLN CA 124 18.23 38.54 -66.36
N GLU CA 125 17.52 38.91 -67.42
CA GLU CA 125 17.27 40.32 -67.68
C GLU CA 125 16.43 40.94 -66.56
N THR CA 126 15.44 40.19 -66.07
CA THR CA 126 14.62 40.70 -64.97
C THR CA 126 15.45 40.82 -63.68
N GLU CA 127 16.35 39.87 -63.44
CA GLU CA 127 17.19 39.93 -62.26
C GLU CA 127 18.16 41.11 -62.32
N GLN CA 128 18.69 41.40 -63.51
CA GLN CA 128 19.60 42.53 -63.65
C GLN CA 128 18.89 43.85 -63.36
N ALA CA 129 17.63 43.97 -63.77
CA ALA CA 129 16.88 45.19 -63.49
C ALA CA 129 16.69 45.39 -61.99
N ILE CA 130 16.66 44.31 -61.21
CA ILE CA 130 16.60 44.44 -59.76
C ILE CA 130 17.89 45.08 -59.24
N GLU CA 131 19.02 44.74 -59.85
CA GLU CA 131 20.30 45.33 -59.44
C GLU CA 131 20.31 46.84 -59.66
N GLU CA 132 19.56 47.32 -60.66
CA GLU CA 132 19.45 48.76 -60.86
C GLU CA 132 18.72 49.42 -59.68
N LEU CA 133 17.74 48.72 -59.12
CA LEU CA 133 16.99 49.27 -57.98
C LEU CA 133 17.90 49.51 -56.78
N GLU CA 134 18.81 48.57 -56.51
CA GLU CA 134 19.75 48.74 -55.40
C GLU CA 134 20.67 49.93 -55.64
N SER CA 135 21.17 50.08 -56.87
CA SER CA 135 22.06 51.20 -57.17
C SER CA 135 21.35 52.54 -57.05
N MET CA 136 20.10 52.61 -57.52
CA MET CA 136 19.36 53.86 -57.43
C MET CA 136 19.12 54.28 -55.98
N CYS CA 137 18.77 53.32 -55.12
CA CYS CA 137 18.56 53.62 -53.71
C CYS CA 137 19.84 54.07 -53.03
N LYS CA 138 21.01 53.73 -53.59
CA LYS CA 138 22.27 54.19 -53.01
C LYS CA 138 22.47 55.67 -53.23
N SER CA 139 22.47 56.11 -54.50
CA SER CA 139 22.62 57.51 -54.85
C SER CA 139 21.26 58.18 -54.68
N LEU CA 140 21.07 58.86 -53.55
CA LEU CA 140 19.79 59.48 -53.22
C LEU CA 140 19.99 60.99 -53.10
N ASN CA 141 19.20 61.74 -53.86
CA ASN CA 141 19.15 63.19 -53.76
C ASN CA 141 17.79 63.61 -53.20
N LYS CA 142 17.75 64.84 -52.69
CA LYS CA 142 16.48 65.36 -52.14
C LYS CA 142 15.41 65.46 -53.21
N GLN CA 143 15.78 65.96 -54.40
CA GLN CA 143 14.83 65.98 -55.50
C GLN CA 143 14.63 64.59 -56.10
N ASP CA 144 15.70 63.79 -56.17
CA ASP CA 144 15.60 62.45 -56.72
C ASP CA 144 14.87 61.50 -55.78
N GLU CA 145 14.70 61.88 -54.51
CA GLU CA 145 14.00 61.00 -53.57
C GLU CA 145 12.56 60.76 -54.01
N LYS CA 146 11.88 61.82 -54.47
CA LYS CA 146 10.50 61.67 -54.93
C LYS CA 146 10.43 60.79 -56.17
N GLN CA 147 11.36 60.99 -57.12
CA GLN CA 147 11.35 60.22 -58.35
C GLN CA 147 11.57 58.74 -58.10
N LEU CA 148 12.54 58.41 -57.24
CA LEU CA 148 12.85 57.00 -56.98
C LEU CA 148 11.70 56.30 -56.25
N GLN CA 149 11.12 56.96 -55.25
CA GLN CA 149 10.00 56.36 -54.53
C GLN CA 149 8.77 56.20 -55.43
N GLU CA 150 8.64 57.01 -56.47
CA GLU CA 150 7.53 56.89 -57.41
C GLU CA 150 7.84 55.97 -58.58
N LEU CA 151 9.09 55.56 -58.76
CA LEU CA 151 9.48 54.67 -59.84
C LEU CA 151 10.04 53.34 -59.34
N ALA CA 152 11.02 53.38 -58.44
CA ALA CA 152 11.63 52.14 -57.96
C ALA CA 152 10.64 51.30 -57.16
N LEU CA 153 9.79 51.94 -56.35
CA LEU CA 153 8.78 51.21 -55.61
C LEU CA 153 7.70 50.63 -56.53
N GLU CA 154 7.62 51.12 -57.77
CA GLU CA 154 6.69 50.59 -58.76
C GLU CA 154 7.37 49.60 -59.71
N GLU CA 155 8.62 49.85 -60.08
CA GLU CA 155 9.33 48.91 -60.95
C GLU CA 155 9.59 47.59 -60.23
N ARG CA 156 9.96 47.66 -58.94
CA ARG CA 156 10.21 46.43 -58.19
C ARG CA 156 8.96 45.58 -58.08
N GLN CA 157 7.82 46.20 -57.81
CA GLN CA 157 6.56 45.46 -57.82
C GLN CA 157 6.23 44.95 -59.22
N THR CA 158 6.50 45.77 -60.25
CA THR CA 158 6.30 45.32 -61.63
C THR CA 158 7.21 44.13 -61.94
N ILE CA 159 8.46 44.18 -61.47
CA ILE CA 159 9.39 43.07 -61.67
C ILE CA 159 8.87 41.82 -60.98
N ASP CA 160 8.34 41.96 -59.76
CA ASP CA 160 7.78 40.82 -59.05
C ASP CA 160 6.55 40.26 -59.78
N GLN CA 161 5.88 41.08 -60.58
CA GLN CA 161 4.76 40.60 -61.37
C GLN CA 161 5.23 39.72 -62.53
N LYS CA 162 6.36 40.07 -63.14
CA LYS CA 162 6.82 39.34 -64.31
C LYS CA 162 7.45 38.00 -63.94
N ILE CA 163 8.18 37.95 -62.82
CA ILE CA 163 8.87 36.73 -62.44
C ILE CA 163 7.88 35.62 -62.11
N ASN CA 164 6.67 35.97 -61.67
CA ASN CA 164 5.66 34.95 -61.40
C ASN CA 164 5.29 34.19 -62.66
N MET CA 165 5.16 34.90 -63.79
CA MET CA 165 4.82 34.23 -65.05
C MET CA 165 5.91 33.27 -65.48
N LEU CA 166 7.17 33.67 -65.36
CA LEU CA 166 8.28 32.83 -65.80
C LEU CA 166 8.42 31.58 -64.94
N TYR CA 167 8.31 31.73 -63.62
CA TYR CA 167 8.56 30.60 -62.73
C TYR CA 167 7.40 29.60 -62.77
N ASN CA 168 6.16 30.11 -62.79
CA ASN CA 168 5.01 29.20 -62.84
C ASN CA 168 4.99 28.40 -64.13
N GLU CA 169 5.30 29.04 -65.26
CA GLU CA 169 5.31 28.33 -66.53
C GLU CA 169 6.39 27.25 -66.57
N LEU CA 170 7.50 27.47 -65.86
CA LEU CA 170 8.58 26.48 -65.85
C LEU CA 170 8.11 25.16 -65.28
N PHE CA 171 7.34 25.19 -64.18
CA PHE CA 171 6.81 23.96 -63.61
C PHE CA 171 5.55 23.49 -64.30
N GLN CA 172 4.81 24.40 -64.95
CA GLN CA 172 3.65 24.01 -65.74
C GLN CA 172 4.02 23.43 -67.10
N SER CA 173 5.28 23.59 -67.52
CA SER CA 173 5.76 23.02 -68.77
C SER CA 173 6.71 21.86 -68.59
N LEU CA 174 7.49 21.84 -67.50
CA LEU CA 174 8.36 20.71 -67.22
C LEU CA 174 7.55 19.44 -67.02
N VAL CA 175 6.55 19.50 -66.14
CA VAL CA 175 5.59 18.42 -65.93
C VAL CA 175 6.30 17.10 -65.65
N PRO CA 176 6.82 16.89 -64.43
CA PRO CA 176 7.48 15.62 -64.11
C PRO CA 176 6.64 14.42 -64.54
N LYS CA 177 7.33 13.36 -64.95
CA LYS CA 177 6.69 12.24 -65.63
C LYS CA 177 5.57 11.63 -64.79
N GLU CA 178 4.44 11.39 -65.44
CA GLU CA 178 3.24 10.89 -64.79
C GLU CA 178 2.70 9.69 -65.56
N LYS CA 179 2.09 8.76 -64.82
CA LYS CA 179 1.52 7.55 -65.40
C LYS CA 179 0.18 7.27 -64.74
N TYR CA 180 -0.58 6.36 -65.37
CA TYR CA 180 -1.90 5.95 -64.89
C TYR CA 180 -2.81 7.17 -64.88
N ASP CA 181 -3.49 7.47 -63.78
CA ASP CA 181 -4.32 8.66 -63.61
C ASP CA 181 -5.59 8.58 -64.44
N LYS CA 182 -5.72 7.55 -65.27
CA LYS CA 182 -6.91 7.35 -66.09
C LYS CA 182 -7.37 5.90 -66.00
N ASN CA 183 -7.23 5.31 -64.82
CA ASN CA 183 -7.69 3.95 -64.55
C ASN CA 183 -8.53 3.95 -63.28
N ASP CA 184 -9.63 3.20 -63.31
CA ASP CA 184 -10.50 3.11 -62.15
C ASP CA 184 -9.74 2.52 -60.96
N VAL CA 185 -9.92 3.12 -59.79
CA VAL CA 185 -9.17 2.76 -58.60
C VAL CA 185 -10.13 2.18 -57.57
N ILE CA 186 -9.74 1.05 -56.96
CA ILE CA 186 -10.52 0.39 -55.94
C ILE CA 186 -9.99 0.82 -54.58
N LEU CA 187 -10.87 1.35 -53.73
CA LEU CA 187 -10.51 1.80 -52.39
C LEU CA 187 -11.01 0.77 -51.38
N GLU CA 188 -10.09 0.19 -50.62
CA GLU CA 188 -10.41 -0.83 -49.63
C GLU CA 188 -10.09 -0.31 -48.24
N VAL CA 189 -11.05 -0.41 -47.33
CA VAL CA 189 -10.88 -0.03 -45.93
C VAL CA 189 -11.17 -1.23 -45.06
N THR CA 190 -10.35 -1.42 -44.02
CA THR CA 190 -10.51 -2.54 -43.10
C THR CA 190 -10.60 -2.06 -41.67
N ALA CA 191 -10.56 -2.99 -40.72
CA ALA CA 191 -10.60 -2.68 -39.30
C ALA CA 191 -9.25 -3.07 -38.70
N GLY CA 192 -8.49 -2.07 -38.26
CA GLY CA 192 -7.19 -2.34 -37.69
C GLY CA 192 -7.30 -3.17 -36.43
N ARG CA 193 -6.26 -3.97 -36.17
CA ARG CA 193 -6.23 -4.87 -35.03
C ARG CA 193 -5.13 -4.38 -34.08
N THR CA 194 -5.47 -3.41 -33.25
CA THR CA 194 -4.57 -2.90 -32.24
C THR CA 194 -5.20 -2.75 -30.86
N THR CA 195 -6.53 -2.70 -30.75
CA THR CA 195 -7.21 -2.50 -29.49
C THR CA 195 -8.54 -3.24 -29.52
N GLY CA 196 -8.96 -3.73 -28.36
CA GLY CA 196 -10.24 -4.40 -28.26
C GLY CA 196 -11.41 -3.43 -28.34
N GLY CA 197 -12.60 -4.00 -28.44
CA GLY CA 197 -13.81 -3.21 -28.56
C GLY CA 197 -14.08 -2.79 -29.99
N ASP CA 198 -14.98 -1.82 -30.14
CA ASP CA 198 -15.38 -1.32 -31.45
C ASP CA 198 -14.82 0.06 -31.74
N ILE CA 199 -13.82 0.50 -30.97
CA ILE CA 199 -13.26 1.83 -31.18
C ILE CA 199 -12.63 1.96 -32.55
N CYS CA 200 -11.95 0.90 -33.02
CA CYS CA 200 -11.39 0.90 -34.37
C CYS CA 200 -12.45 0.60 -35.43
N GLN CA 201 -13.35 -0.33 -35.15
CA GLN CA 201 -14.38 -0.68 -36.13
C GLN CA 201 -15.34 0.48 -36.38
N GLN CA 202 -15.75 1.18 -35.32
CA GLN CA 202 -16.63 2.32 -35.49
C GLN CA 202 -15.94 3.43 -36.27
N PHE CA 203 -14.66 3.66 -36.01
CA PHE CA 203 -13.94 4.72 -36.71
C PHE CA 203 -13.81 4.43 -38.20
N THR CA 204 -13.82 3.15 -38.59
CA THR CA 204 -13.74 2.81 -40.00
C THR CA 204 -14.94 3.34 -40.78
N ARG CA 205 -16.13 3.29 -40.16
CA ARG CA 205 -17.33 3.77 -40.82
C ARG CA 205 -17.23 5.25 -41.15
N GLU CA 206 -16.69 6.05 -40.21
CA GLU CA 206 -16.68 7.49 -40.40
C GLU CA 206 -15.80 7.90 -41.58
N ILE CA 207 -14.61 7.31 -41.70
CA ILE CA 207 -13.72 7.70 -42.79
C ILE CA 207 -14.22 7.14 -44.11
N PHE CA 208 -14.89 6.00 -44.09
CA PHE CA 208 -15.45 5.45 -45.32
C PHE CA 208 -16.51 6.39 -45.90
N ASP CA 209 -17.38 6.92 -45.04
CA ASP CA 209 -18.35 7.92 -45.50
C ASP CA 209 -17.70 9.25 -45.83
N MET CA 210 -16.50 9.51 -45.29
CA MET CA 210 -15.79 10.73 -45.66
C MET CA 210 -15.39 10.73 -47.13
N TYR CA 211 -14.83 9.61 -47.60
CA TYR CA 211 -14.44 9.53 -49.01
C TYR CA 211 -15.67 9.49 -49.90
N GLN CA 212 -16.74 8.82 -49.47
CA GLN CA 212 -17.94 8.74 -50.27
C GLN CA 212 -18.53 10.13 -50.52
N ASN CA 213 -18.56 10.97 -49.48
CA ASN CA 213 -18.99 12.35 -49.68
C ASN CA 213 -17.95 13.15 -50.44
N TYR CA 214 -16.67 12.80 -50.27
CA TYR CA 214 -15.61 13.50 -50.99
C TYR CA 214 -15.72 13.28 -52.50
N SER CA 215 -16.12 12.08 -52.91
CA SER CA 215 -16.26 11.79 -54.34
C SER CA 215 -17.30 12.70 -54.98
N CYS CA 216 -18.42 12.94 -54.28
CA CYS CA 216 -19.43 13.85 -54.79
C CYS CA 216 -18.90 15.28 -54.90
N TYR CA 217 -17.99 15.67 -54.01
CA TYR CA 217 -17.38 16.99 -54.10
C TYR CA 217 -16.47 17.09 -55.32
N LYS CA 218 -15.79 16.00 -55.67
CA LYS CA 218 -14.93 15.96 -56.84
C LYS CA 218 -15.66 15.49 -58.09
N HIS CA 219 -16.98 15.31 -58.01
CA HIS CA 219 -17.79 14.90 -59.16
C HIS CA 219 -17.30 13.57 -59.74
N TRP CA 220 -16.89 12.67 -58.87
CA TRP CA 220 -16.47 11.34 -59.30
C TRP CA 220 -17.68 10.40 -59.27
N GLN CA 221 -17.42 9.12 -59.56
CA GLN CA 221 -18.45 8.10 -59.55
C GLN CA 221 -18.08 7.05 -58.51
N PHE CA 222 -19.01 6.76 -57.60
CA PHE CA 222 -18.78 5.83 -56.50
C PHE CA 222 -19.55 4.54 -56.78
N GLU CA 223 -18.85 3.41 -56.70
CA GLU CA 223 -19.42 2.10 -56.97
C GLU CA 223 -19.09 1.18 -55.81
N LEU CA 224 -20.11 0.81 -55.03
CA LEU CA 224 -19.91 -0.06 -53.88
C LEU CA 224 -19.73 -1.51 -54.36
N LEU CA 225 -18.64 -2.14 -53.94
CA LEU CA 225 -18.36 -3.52 -54.29
C LEU CA 225 -18.66 -4.49 -53.16
N ASN CA 226 -18.11 -4.23 -51.97
CA ASN CA 226 -18.32 -5.08 -50.81
C ASN CA 226 -18.54 -4.20 -49.59
N TYR CA 227 -19.45 -4.63 -48.71
CA TYR CA 227 -19.78 -3.87 -47.52
C TYR CA 227 -20.21 -4.85 -46.44
N THR CA 228 -19.36 -5.04 -45.44
CA THR CA 228 -19.61 -6.01 -44.36
C THR CA 228 -19.71 -5.28 -43.02
N PRO CA 229 -20.91 -5.01 -42.54
CA PRO CA 229 -21.04 -4.36 -41.22
C PRO CA 229 -20.61 -5.27 -40.09
N ALA CA 230 -20.16 -4.65 -39.00
CA ALA CA 230 -19.76 -5.37 -37.81
C ALA CA 230 -20.92 -5.51 -36.84
N ASP CA 231 -20.70 -6.28 -35.77
CA ASP CA 231 -21.75 -6.53 -34.79
C ASP CA 231 -22.14 -5.26 -34.06
N TYR CA 232 -21.16 -4.55 -33.52
CA TYR CA 232 -21.43 -3.36 -32.70
C TYR CA 232 -21.43 -2.09 -33.54
N GLY CA 233 -22.23 -2.07 -34.61
CA GLY CA 233 -22.39 -0.90 -35.45
C GLY CA 233 -21.09 -0.38 -36.03
N GLY CA 234 -20.41 -1.19 -36.84
CA GLY CA 234 -19.16 -0.77 -37.44
C GLY CA 234 -18.91 -1.42 -38.78
N LEU CA 235 -17.73 -1.22 -39.35
CA LEU CA 235 -17.35 -1.78 -40.64
C LEU CA 235 -16.14 -2.70 -40.44
N HIS CA 236 -16.38 -4.00 -40.53
CA HIS CA 236 -15.26 -4.95 -40.46
C HIS CA 236 -14.32 -4.75 -41.64
N HIS CA 237 -14.87 -4.64 -42.84
CA HIS CA 237 -14.10 -4.34 -44.04
C HIS CA 237 -15.04 -3.89 -45.14
N ALA CA 238 -14.49 -3.17 -46.11
CA ALA CA 238 -15.29 -2.67 -47.22
C ALA CA 238 -14.38 -2.39 -48.40
N ALA CA 239 -14.99 -2.29 -49.58
CA ALA CA 239 -14.25 -2.00 -50.80
C ALA CA 239 -15.19 -1.35 -51.80
N ALA CA 240 -14.67 -0.37 -52.54
CA ALA CA 240 -15.47 0.33 -53.53
C ALA CA 240 -14.58 0.75 -54.69
N ARG CA 241 -15.21 0.98 -55.84
CA ARG CA 241 -14.52 1.41 -57.05
C ARG CA 241 -14.89 2.85 -57.36
N ILE CA 242 -13.88 3.71 -57.54
CA ILE CA 242 -14.08 5.11 -57.81
C ILE CA 242 -13.55 5.41 -59.22
N SER CA 243 -14.40 5.97 -60.07
CA SER CA 243 -14.05 6.28 -61.45
C SER CA 243 -14.09 7.79 -61.66
N GLY CA 244 -13.14 8.29 -62.44
CA GLY CA 244 -13.07 9.72 -62.68
C GLY CA 244 -11.85 10.05 -63.53
N ASP CA 245 -11.54 11.34 -63.57
CA ASP CA 245 -10.42 11.82 -64.39
C ASP CA 245 -9.13 11.94 -63.60
N GLY CA 246 -9.20 12.31 -62.33
CA GLY CA 246 -8.00 12.45 -61.52
C GLY CA 246 -8.05 11.64 -60.25
N VAL CA 247 -8.59 10.43 -60.31
CA VAL CA 247 -8.79 9.62 -59.10
C VAL CA 247 -7.45 9.23 -58.48
N TYR CA 248 -6.63 8.50 -59.23
CA TYR CA 248 -5.37 8.02 -58.66
C TYR CA 248 -4.41 9.16 -58.38
N LYS CA 249 -4.56 10.28 -59.08
CA LYS CA 249 -3.70 11.44 -58.83
C LYS CA 249 -3.93 11.98 -57.41
N HIS CA 250 -5.18 12.26 -57.07
CA HIS CA 250 -5.48 12.78 -55.74
C HIS CA 250 -5.42 11.70 -54.67
N LEU CA 251 -5.97 10.52 -54.95
CA LEU CA 251 -6.02 9.45 -53.95
C LEU CA 251 -4.81 8.52 -54.05
N LYS CA 252 -3.62 9.10 -54.01
CA LYS CA 252 -2.39 8.32 -54.05
C LYS CA 252 -1.70 8.24 -52.69
N TYR CA 253 -1.71 9.34 -51.93
CA TYR CA 253 -1.06 9.37 -50.62
C TYR CA 253 -2.03 9.12 -49.47
N GLU CA 254 -3.27 8.74 -49.77
CA GLU CA 254 -4.25 8.40 -48.76
C GLU CA 254 -4.15 6.95 -48.31
N GLY CA 255 -3.26 6.17 -48.90
CA GLY CA 255 -3.10 4.78 -48.53
C GLY CA 255 -2.12 4.59 -47.40
N GLY CA 256 -2.57 3.95 -46.31
CA GLY CA 256 -1.72 3.74 -45.15
C GLY CA 256 -2.52 3.33 -43.93
N ILE CA 257 -2.18 3.92 -42.78
CA ILE CA 257 -2.88 3.65 -41.53
C ILE CA 257 -3.31 4.99 -40.94
N HIS CA 258 -4.58 5.10 -40.58
CA HIS CA 258 -5.15 6.32 -40.01
C HIS CA 258 -5.46 6.07 -38.54
N ARG CA 259 -4.62 6.61 -37.67
CA ARG CA 259 -4.79 6.43 -36.24
C ARG CA 259 -5.83 7.40 -35.69
N VAL CA 260 -6.59 6.93 -34.69
CA VAL CA 260 -7.67 7.72 -34.09
C VAL CA 260 -7.47 7.72 -32.58
N GLN CA 261 -7.58 8.90 -31.98
CA GLN CA 261 -7.52 9.06 -30.53
C GLN CA 261 -8.74 9.86 -30.10
N ARG CA 262 -9.67 9.20 -29.42
CA ARG CA 262 -10.92 9.87 -29.03
C ARG CA 262 -11.50 9.19 -27.79
N ILE CA 263 -12.38 9.92 -27.12
CA ILE CA 263 -13.13 9.38 -25.99
C ILE CA 263 -14.39 8.72 -26.56
N PRO CA 264 -14.62 7.43 -26.30
CA PRO CA 264 -15.77 6.75 -26.89
C PRO CA 264 -17.09 7.44 -26.59
N GLU CA 265 -17.92 7.62 -27.62
CA GLU CA 265 -19.22 8.25 -27.46
C GLU CA 265 -20.37 7.34 -27.87
N VAL CA 266 -20.29 6.75 -29.05
CA VAL CA 266 -21.33 5.86 -29.57
C VAL CA 266 -20.70 4.50 -29.85
N GLY CA 267 -21.31 3.44 -29.35
CA GLY CA 267 -20.87 2.09 -29.61
C GLY CA 267 -20.66 1.32 -28.33
N LEU CA 268 -20.06 0.13 -28.48
CA LEU CA 268 -19.77 -0.72 -27.33
C LEU CA 268 -18.75 -0.08 -26.40
N SER CA 269 -17.78 0.65 -26.94
CA SER CA 269 -16.75 1.28 -26.12
C SER CA 269 -17.28 2.41 -25.26
N SER CA 270 -18.52 2.86 -25.48
CA SER CA 270 -19.09 3.96 -24.72
C SER CA 270 -19.36 3.61 -23.26
N ARG CA 271 -19.29 2.32 -22.90
CA ARG CA 271 -19.53 1.93 -21.52
C ARG CA 271 -18.50 2.50 -20.55
N MET CA 272 -17.28 2.79 -21.03
CA MET CA 272 -16.25 3.41 -20.22
C MET CA 272 -15.67 4.59 -21.00
N GLN CA 273 -15.83 5.80 -20.47
CA GLN CA 273 -15.40 7.00 -21.17
C GLN CA 273 -13.95 7.34 -20.79
N ARG CA 274 -13.04 6.54 -21.33
CA ARG CA 274 -11.60 6.79 -21.21
C ARG CA 274 -10.98 6.82 -22.59
N ILE CA 275 -10.04 7.75 -22.80
CA ILE CA 275 -9.44 7.95 -24.12
C ILE CA 275 -8.77 6.67 -24.57
N HIS CA 276 -9.08 6.25 -25.79
CA HIS CA 276 -8.52 5.03 -26.37
C HIS CA 276 -7.93 5.34 -27.73
N THR CA 277 -6.91 4.58 -28.11
CA THR CA 277 -6.23 4.75 -29.38
C THR CA 277 -6.49 3.54 -30.28
N GLY CA 278 -6.98 3.81 -31.50
CA GLY CA 278 -7.24 2.76 -32.45
C GLY CA 278 -6.66 3.11 -33.80
N THR CA 279 -6.65 2.12 -34.69
CA THR CA 279 -6.08 2.28 -36.02
C THR CA 279 -6.96 1.59 -37.05
N MET CA 280 -6.85 2.05 -38.30
CA MET CA 280 -7.50 1.42 -39.43
C MET CA 280 -6.63 1.61 -40.65
N SER CA 281 -6.72 0.67 -41.59
CA SER CA 281 -5.87 0.64 -42.77
C SER CA 281 -6.68 0.92 -44.02
N VAL CA 282 -6.14 1.76 -44.89
CA VAL CA 282 -6.76 2.11 -46.17
C VAL CA 282 -5.85 1.63 -47.28
N ILE CA 283 -6.43 0.87 -48.22
CA ILE CA 283 -5.68 0.30 -49.35
C ILE CA 283 -6.20 0.92 -50.62
N VAL CA 284 -5.31 1.52 -51.40
CA VAL CA 284 -5.65 2.12 -52.69
C VAL CA 284 -4.90 1.34 -53.76
N LEU CA 285 -5.66 0.67 -54.63
CA LEU CA 285 -5.07 -0.16 -55.68
C LEU CA 285 -5.60 0.29 -57.04
N PRO CA 286 -4.72 0.66 -57.98
CA PRO CA 286 -5.18 1.04 -59.32
C PRO CA 286 -5.49 -0.20 -60.14
N GLN CA 287 -6.76 -0.34 -60.53
CA GLN CA 287 -7.16 -1.49 -61.32
C GLN CA 287 -6.62 -1.37 -62.75
N PRO CA 288 -6.11 -2.45 -63.34
CA PRO CA 288 -5.55 -2.37 -64.69
C PRO CA 288 -6.61 -2.24 -65.77
N ASP CA 289 -6.18 -2.24 -67.03
CA ASP CA 289 -7.07 -2.04 -68.17
C ASP CA 289 -7.66 -3.37 -68.62
N GLU CA 290 -8.32 -3.36 -69.78
CA GLU CA 290 -8.96 -4.55 -70.32
C GLU CA 290 -7.93 -5.44 -71.02
N VAL CA 291 -8.39 -6.60 -71.46
CA VAL CA 291 -7.56 -7.59 -72.13
C VAL CA 291 -8.22 -7.98 -73.45
N ASP CA 292 -7.44 -7.98 -74.53
CA ASP CA 292 -7.94 -8.41 -75.83
C ASP CA 292 -6.78 -9.08 -76.56
N VAL CA 293 -6.88 -10.39 -76.76
CA VAL CA 293 -5.80 -11.14 -77.39
C VAL CA 293 -5.79 -10.86 -78.88
N LYS CA 294 -4.60 -10.53 -79.40
CA LYS CA 294 -4.39 -10.26 -80.82
C LYS CA 294 -3.41 -11.28 -81.37
N LEU CA 295 -3.85 -12.09 -82.33
CA LEU CA 295 -3.02 -13.10 -82.95
C LEU CA 295 -3.15 -13.03 -84.46
N ASP CA 296 -2.09 -13.46 -85.14
CA ASP CA 296 -2.01 -13.39 -86.60
C ASP CA 296 -1.04 -14.46 -87.07
N PRO CA 297 -1.06 -14.82 -88.36
CA PRO CA 297 -0.12 -15.86 -88.84
C PRO CA 297 1.34 -15.49 -88.67
N LYS CA 298 1.67 -14.22 -88.52
CA LYS CA 298 3.05 -13.83 -88.27
C LYS CA 298 3.54 -14.29 -86.90
N ASP CA 299 2.63 -14.56 -85.97
CA ASP CA 299 2.99 -14.90 -84.60
C ASP CA 299 2.85 -16.38 -84.27
N LEU CA 300 2.43 -17.20 -85.22
CA LEU CA 300 2.20 -18.62 -84.98
C LEU CA 300 2.98 -19.45 -85.99
N ARG CA 301 3.72 -20.42 -85.49
CA ARG CA 301 4.41 -21.41 -86.32
C ARG CA 301 3.80 -22.77 -86.06
N ILE CA 302 3.26 -23.38 -87.11
CA ILE CA 302 2.48 -24.62 -86.99
C ILE CA 302 3.33 -25.75 -87.54
N ASP CA 303 3.76 -26.64 -86.64
CA ASP CA 303 4.50 -27.85 -87.04
C ASP CA 303 3.51 -29.00 -87.14
N THR CA 304 3.19 -29.42 -88.36
CA THR CA 304 2.23 -30.49 -88.60
C THR CA 304 2.95 -31.83 -88.54
N PHE CA 305 3.45 -32.14 -87.34
CA PHE CA 305 4.15 -33.38 -87.10
C PHE CA 305 3.14 -34.51 -86.83
N ARG CA 306 3.66 -35.72 -86.70
CA ARG CA 306 2.81 -36.89 -86.54
C ARG CA 306 2.44 -37.08 -85.07
N ALA CA 307 1.69 -38.15 -84.79
CA ALA CA 307 1.26 -38.45 -83.44
C ALA CA 307 1.47 -39.94 -83.17
N LYS CA 308 1.34 -40.32 -81.90
CA LYS CA 308 1.51 -41.70 -81.47
C LYS CA 308 0.23 -42.21 -80.85
N GLY CA 309 -0.15 -43.43 -81.20
CA GLY CA 309 -1.37 -44.04 -80.71
C GLY CA 309 -1.61 -45.43 -81.24
N ALA CA 310 -2.85 -45.72 -81.64
CA ALA CA 310 -3.21 -47.04 -82.15
C ALA CA 310 -4.32 -46.86 -83.18
N GLY CA 311 -3.94 -46.84 -84.46
CA GLY CA 311 -4.92 -46.71 -85.53
C GLY CA 311 -4.59 -47.54 -86.74
N GLY CA 312 -3.57 -48.38 -86.63
CA GLY CA 312 -3.20 -49.25 -87.74
C GLY CA 312 -2.60 -48.45 -88.89
N GLN CA 313 -3.15 -48.67 -90.09
CA GLN CA 313 -2.65 -48.00 -91.28
C GLN CA 313 -2.86 -46.49 -91.22
N HIS CA 314 -3.91 -46.05 -90.51
CA HIS CA 314 -4.26 -44.62 -90.52
C HIS CA 314 -3.20 -43.78 -89.82
N VAL CA 315 -2.76 -44.20 -88.64
CA VAL CA 315 -1.78 -43.42 -87.89
C VAL CA 315 -0.45 -43.37 -88.64
N ASN CA 316 -0.04 -44.49 -89.24
CA ASN CA 316 1.24 -44.56 -89.93
C ASN CA 316 1.31 -43.63 -91.14
N LYS CA 317 0.17 -43.24 -91.69
CA LYS CA 317 0.12 -42.43 -92.92
C LYS CA 317 -0.69 -41.15 -92.72
N THR CA 318 -0.56 -40.51 -91.56
CA THR CA 318 -1.29 -39.29 -91.29
C THR CA 318 -0.52 -38.44 -90.28
N ASP CA 319 -0.43 -37.15 -90.55
CA ASP CA 319 0.17 -36.19 -89.63
C ASP CA 319 -0.90 -35.51 -88.79
N SER CA 320 -1.55 -36.32 -87.95
CA SER CA 320 -2.70 -35.88 -87.16
C SER CA 320 -2.25 -35.31 -85.82
N ALA CA 321 -1.41 -34.27 -85.89
CA ALA CA 321 -0.97 -33.56 -84.70
C ALA CA 321 -0.57 -32.15 -85.09
N VAL CA 322 -0.75 -31.22 -84.16
CA VAL CA 322 -0.44 -29.81 -84.37
C VAL CA 322 0.40 -29.33 -83.20
N ARG CA 323 1.52 -28.67 -83.50
CA ARG CA 323 2.38 -28.07 -82.49
C ARG CA 323 2.39 -26.55 -82.72
N LEU CA 324 1.54 -25.84 -81.98
CA LEU CA 324 1.47 -24.39 -82.08
C LEU CA 324 2.58 -23.76 -81.24
N VAL CA 325 3.39 -22.92 -81.87
CA VAL CA 325 4.47 -22.21 -81.20
C VAL CA 325 4.20 -20.72 -81.34
N HIS CA 326 4.05 -20.04 -80.21
CA HIS CA 326 3.80 -18.61 -80.20
C HIS CA 326 5.14 -17.90 -80.35
N ILE CA 327 5.39 -17.31 -81.52
CA ILE CA 327 6.70 -16.71 -81.80
C ILE CA 327 7.03 -15.58 -80.84
N PRO CA 328 6.14 -14.60 -80.57
CA PRO CA 328 6.53 -13.51 -79.66
C PRO CA 328 6.90 -13.97 -78.26
N THR CA 329 6.23 -15.00 -77.74
CA THR CA 329 6.43 -15.43 -76.36
C THR CA 329 7.28 -16.69 -76.24
N GLY CA 330 7.12 -17.64 -77.15
CA GLY CA 330 7.84 -18.90 -77.08
C GLY CA 330 7.03 -20.07 -76.53
N LEU CA 331 5.73 -19.87 -76.27
CA LEU CA 331 4.91 -20.94 -75.74
C LEU CA 331 4.71 -22.03 -76.79
N VAL CA 332 4.70 -23.29 -76.34
CA VAL CA 332 4.49 -24.43 -77.20
C VAL CA 332 3.22 -25.13 -76.74
N VAL CA 333 2.20 -25.14 -77.60
CA VAL CA 333 0.94 -25.82 -77.34
C VAL CA 333 0.76 -26.90 -78.39
N GLU CA 334 0.62 -28.15 -77.94
CA GLU CA 334 0.50 -29.30 -78.83
C GLU CA 334 -0.81 -30.02 -78.54
N CYS CA 335 -1.61 -30.24 -79.58
CA CYS CA 335 -2.88 -30.94 -79.46
C CYS CA 335 -2.93 -32.08 -80.46
N GLN CA 336 -3.09 -33.30 -79.96
CA GLN CA 336 -3.15 -34.50 -80.79
C GLN CA 336 -4.24 -35.44 -80.29
N GLN CA 337 -5.40 -34.88 -79.97
CA GLN CA 337 -6.45 -35.66 -79.31
C GLN CA 337 -7.24 -36.51 -80.31
N GLU CA 338 -7.91 -35.86 -81.26
CA GLU CA 338 -8.84 -36.55 -82.15
C GLU CA 338 -8.08 -37.21 -83.30
N ARG CA 339 -8.83 -37.79 -84.23
CA ARG CA 339 -8.23 -38.49 -85.37
C ARG CA 339 -7.87 -37.52 -86.49
N SER CA 340 -8.71 -36.52 -86.73
CA SER CA 340 -8.50 -35.58 -87.82
C SER CA 340 -7.63 -34.42 -87.37
N GLN CA 341 -6.78 -33.93 -88.28
CA GLN CA 341 -5.96 -32.76 -87.98
C GLN CA 341 -6.82 -31.52 -87.79
N ILE CA 342 -7.97 -31.46 -88.46
CA ILE CA 342 -8.86 -30.30 -88.31
C ILE CA 342 -9.35 -30.17 -86.88
N LYS CA 343 -9.76 -31.28 -86.27
CA LYS CA 343 -10.15 -31.26 -84.87
C LYS CA 343 -8.99 -30.87 -83.98
N ASN CA 344 -7.80 -31.42 -84.25
CA ASN CA 344 -6.62 -31.08 -83.45
C ASN CA 344 -6.24 -29.61 -83.63
N LYS CA 345 -6.33 -29.10 -84.86
CA LYS CA 345 -5.97 -27.71 -85.10
C LYS CA 345 -6.95 -26.75 -84.43
N GLU CA 346 -8.23 -27.09 -84.44
CA GLU CA 346 -9.24 -26.23 -83.81
C GLU CA 346 -9.00 -26.11 -82.31
N ILE CA 347 -8.74 -27.24 -81.64
CA ILE CA 347 -8.54 -27.22 -80.21
C ILE CA 347 -7.23 -26.52 -79.86
N ALA CA 348 -6.19 -26.71 -80.67
CA ALA CA 348 -4.90 -26.11 -80.37
C ALA CA 348 -4.98 -24.59 -80.36
N PHE CA 349 -5.71 -24.00 -81.32
CA PHE CA 349 -5.88 -22.56 -81.34
C PHE CA 349 -6.62 -22.07 -80.10
N ARG CA 350 -7.65 -22.80 -79.68
CA ARG CA 350 -8.42 -22.40 -78.52
C ARG CA 350 -7.58 -22.45 -77.25
N VAL CA 351 -6.75 -23.49 -77.11
CA VAL CA 351 -5.94 -23.64 -75.90
C VAL CA 351 -4.87 -22.55 -75.82
N LEU CA 352 -4.26 -22.20 -76.96
CA LEU CA 352 -3.22 -21.18 -76.95
C LEU CA 352 -3.77 -19.83 -76.53
N ARG CA 353 -4.96 -19.46 -76.99
CA ARG CA 353 -5.59 -18.22 -76.57
C ARG CA 353 -5.92 -18.24 -75.09
N ALA CA 354 -6.42 -19.37 -74.59
CA ALA CA 354 -6.77 -19.47 -73.17
C ALA CA 354 -5.55 -19.38 -72.28
N ARG CA 355 -4.46 -20.06 -72.66
CA ARG CA 355 -3.25 -20.03 -71.83
C ARG CA 355 -2.62 -18.63 -71.83
N LEU CA 356 -2.61 -17.96 -72.98
CA LEU CA 356 -2.06 -16.61 -73.04
C LEU CA 356 -2.87 -15.64 -72.18
N TYR CA 357 -4.18 -15.79 -72.19
CA TYR CA 357 -5.04 -14.93 -71.37
C TYR CA 357 -4.79 -15.17 -69.88
N GLN CA 358 -4.53 -16.41 -69.49
CA GLN CA 358 -4.26 -16.71 -68.09
C GLN CA 358 -2.98 -16.04 -67.62
N GLN CA 359 -1.97 -15.98 -68.50
CA GLN CA 359 -0.70 -15.36 -68.12
C GLN CA 359 -0.88 -13.88 -67.80
N ILE CA 360 -1.73 -13.18 -68.55
CA ILE CA 360 -1.96 -11.76 -68.30
C ILE CA 360 -2.59 -11.55 -66.93
N ILE CA 361 -3.57 -12.39 -66.57
CA ILE CA 361 -4.22 -12.26 -65.28
C ILE CA 361 -3.23 -12.48 -64.15
N GLU CA 362 -2.40 -13.51 -64.26
CA GLU CA 362 -1.41 -13.78 -63.23
C GLU CA 362 -0.40 -12.66 -63.11
N LYS CA 363 -0.10 -11.97 -64.22
CA LYS CA 363 0.73 -10.77 -64.15
C LYS CA 363 0.03 -9.68 -63.36
N ASP CA 364 -1.28 -9.52 -63.54
CA ASP CA 364 -2.02 -8.52 -62.79
C ASP CA 364 -2.03 -8.84 -61.30
N LYS CA 365 -2.16 -10.13 -60.95
CA LYS CA 365 -2.20 -10.52 -59.55
C LYS CA 365 -0.89 -10.18 -58.83
N ARG CA 366 0.24 -10.44 -59.47
CA ARG CA 366 1.52 -10.17 -58.84
C ARG CA 366 1.71 -8.67 -58.59
N GLN CA 367 1.31 -7.83 -59.54
CA GLN CA 367 1.45 -6.39 -59.36
C GLN CA 367 0.57 -5.89 -58.21
N GLN CA 368 -0.67 -6.37 -58.13
CA GLN CA 368 -1.57 -5.94 -57.07
C GLN CA 368 -1.14 -6.45 -55.71
N GLN CA 369 -0.73 -7.73 -55.64
CA GLN CA 369 -0.30 -8.30 -54.36
C GLN CA 369 0.95 -7.60 -53.85
N SER CA 370 1.90 -7.29 -54.75
CA SER CA 370 3.11 -6.59 -54.34
C SER CA 370 2.83 -5.18 -53.87
N ALA CA 371 1.66 -4.62 -54.19
CA ALA CA 371 1.28 -3.29 -53.74
C ALA CA 371 0.37 -3.31 -52.51
N ARG CA 372 -0.59 -4.23 -52.46
CA ARG CA 372 -1.50 -4.29 -51.33
C ARG CA 372 -0.87 -4.92 -50.09
N LYS CA 373 0.22 -5.66 -50.25
CA LYS CA 373 0.97 -6.20 -49.13
C LYS CA 373 2.07 -5.26 -48.67
N LEU CA 374 2.18 -4.08 -49.27
CA LEU CA 374 3.09 -3.04 -48.84
C LEU CA 374 2.41 -1.98 -47.97
N GLN CA 375 1.28 -1.46 -48.44
CA GLN CA 375 0.54 -0.45 -47.67
C GLN CA 375 0.00 -1.05 -46.38
N VAL CA 376 -0.48 -2.30 -46.42
CA VAL CA 376 -0.98 -2.96 -45.22
C VAL CA 376 0.14 -3.12 -44.20
N GLY CA 377 1.31 -3.57 -44.66
CA GLY CA 377 2.42 -3.79 -43.75
C GLY CA 377 2.08 -4.84 -42.71
N THR CA 378 2.38 -4.53 -41.46
CA THR CA 378 2.09 -5.42 -40.34
C THR CA 378 0.90 -4.94 -39.51
N ARG CA 379 0.23 -3.87 -39.93
CA ARG CA 379 -0.95 -3.35 -39.25
C ARG CA 379 -0.65 -3.00 -37.80
N ALA CA 380 0.24 -2.02 -37.63
CA ALA CA 380 0.69 -1.61 -36.31
C ALA CA 380 0.66 -0.09 -36.20
N GLN CA 381 0.54 0.41 -34.97
CA GLN CA 381 0.51 1.85 -34.75
C GLN CA 381 1.81 2.51 -35.19
N SER CA 382 2.90 1.74 -35.26
CA SER CA 382 4.18 2.31 -35.63
C SER CA 382 4.14 2.95 -37.01
N GLU CA 383 3.36 2.38 -37.92
CA GLU CA 383 3.18 2.92 -39.26
C GLU CA 383 1.86 3.68 -39.32
N ARG CA 384 1.92 4.94 -39.76
CA ARG CA 384 0.72 5.75 -39.86
C ARG CA 384 1.03 6.98 -40.69
N ILE CA 385 0.03 7.43 -41.47
CA ILE CA 385 0.18 8.61 -42.31
C ILE CA 385 -0.65 9.78 -41.81
N ARG CA 386 -1.60 9.56 -40.91
CA ARG CA 386 -2.45 10.63 -40.41
C ARG CA 386 -3.02 10.21 -39.07
N THR CA 387 -3.05 11.14 -38.11
CA THR CA 387 -3.58 10.88 -36.78
C THR CA 387 -4.77 11.78 -36.52
N TYR CA 388 -5.90 11.18 -36.15
CA TYR CA 388 -7.13 11.90 -35.83
C TYR CA 388 -7.25 11.99 -34.32
N ASN CA 389 -7.03 13.17 -33.76
CA ASN CA 389 -7.07 13.40 -32.32
C ASN CA 389 -8.33 14.22 -32.02
N PHE CA 390 -9.43 13.52 -31.74
CA PHE CA 390 -10.68 14.21 -31.42
C PHE CA 390 -10.61 14.92 -30.07
N THR CA 391 -9.76 14.43 -29.16
CA THR CA 391 -9.65 15.04 -27.84
C THR CA 391 -9.18 16.49 -27.94
N GLN CA 392 -8.20 16.76 -28.79
CA GLN CA 392 -7.68 18.11 -28.98
C GLN CA 392 -8.12 18.76 -30.28
N ASP CA 393 -8.96 18.08 -31.07
CA ASP CA 393 -9.51 18.63 -32.31
C ASP CA 393 -8.39 19.01 -33.29
N ARG CA 394 -7.60 18.00 -33.66
CA ARG CA 394 -6.52 18.18 -34.61
CA ARG CA 394 -6.50 18.17 -34.59
C ARG CA 394 -6.43 16.97 -35.52
N VAL CA 395 -6.18 17.22 -36.81
CA VAL CA 395 -5.95 16.19 -37.81
C VAL CA 395 -4.63 16.51 -38.47
N SER CA 396 -3.61 15.70 -38.19
CA SER CA 396 -2.25 16.00 -38.60
C SER CA 396 -1.71 14.91 -39.53
N ASP CA 397 -1.05 15.32 -40.60
CA ASP CA 397 -0.37 14.41 -41.50
C ASP CA 397 1.12 14.41 -41.18
N HIS CA 398 1.67 13.22 -40.95
CA HIS CA 398 3.07 13.13 -40.52
C HIS CA 398 4.04 13.51 -41.63
N ARG CA 399 3.69 13.24 -42.89
CA ARG CA 399 4.60 13.51 -43.99
C ARG CA 399 4.87 15.01 -44.14
N ILE CA 400 3.80 15.81 -44.23
CA ILE CA 400 3.95 17.24 -44.46
C ILE CA 400 3.96 18.07 -43.19
N ALA CA 401 3.76 17.44 -42.03
CA ALA CA 401 3.72 18.14 -40.75
C ALA CA 401 2.70 19.27 -40.77
N TYR CA 402 1.53 18.98 -41.33
CA TYR CA 402 0.45 19.95 -41.47
C TYR CA 402 -0.73 19.51 -40.61
N GLU CA 403 -1.20 20.41 -39.76
CA GLU CA 403 -2.24 20.11 -38.79
C GLU CA 403 -3.50 20.90 -39.11
N VAL CA 404 -4.65 20.22 -39.08
CA VAL CA 404 -5.94 20.82 -39.40
C VAL CA 404 -6.86 20.69 -38.20
N ARG CA 405 -7.58 21.76 -37.89
CA ARG CA 405 -8.55 21.78 -36.81
C ARG CA 405 -9.94 21.45 -37.33
N ASP CA 406 -10.92 21.45 -36.43
CA ASP CA 406 -12.33 21.26 -36.77
C ASP CA 406 -12.54 19.93 -37.49
N ILE CA 407 -12.29 18.84 -36.76
CA ILE CA 407 -12.43 17.50 -37.32
C ILE CA 407 -13.86 17.24 -37.76
N LYS CA 408 -14.84 17.92 -37.16
CA LYS CA 408 -16.23 17.70 -37.51
C LYS CA 408 -16.47 17.95 -39.00
N GLU CA 409 -15.95 19.07 -39.51
CA GLU CA 409 -16.06 19.36 -40.94
C GLU CA 409 -15.07 18.53 -41.74
N PHE CA 410 -13.94 18.14 -41.14
CA PHE CA 410 -12.93 17.38 -41.87
C PHE CA 410 -13.46 16.01 -42.27
N LEU CA 411 -14.26 15.38 -41.41
CA LEU CA 411 -14.78 14.05 -41.68
C LEU CA 411 -16.00 14.06 -42.58
N CYS CA 412 -16.50 15.23 -42.98
CA CYS CA 412 -17.62 15.33 -43.91
C CYS CA 412 -17.15 15.57 -45.34
N GLY CA 413 -15.89 15.28 -45.65
CA GLY CA 413 -15.39 15.50 -46.99
C GLY CA 413 -15.36 16.96 -47.35
N GLY CA 414 -15.60 17.26 -48.63
CA GLY CA 414 -15.63 18.64 -49.07
C GLY CA 414 -14.25 19.26 -49.04
N LYS CA 415 -14.21 20.56 -48.69
CA LYS CA 415 -12.96 21.31 -48.71
C LYS CA 415 -12.00 20.89 -47.60
N GLY CA 416 -12.49 20.18 -46.57
CA GLY CA 416 -11.61 19.77 -45.50
C GLY CA 416 -10.53 18.81 -45.96
N LEU CA 417 -10.91 17.80 -46.74
CA LEU CA 417 -9.93 16.85 -47.25
C LEU CA 417 -9.24 17.38 -48.50
N ASP CA 418 -9.94 18.15 -49.32
CA ASP CA 418 -9.35 18.68 -50.55
C ASP CA 418 -8.17 19.59 -50.25
N GLN CA 419 -8.31 20.45 -49.23
CA GLN CA 419 -7.21 21.34 -48.87
C GLN CA 419 -5.97 20.55 -48.45
N LEU CA 420 -6.16 19.48 -47.70
CA LEU CA 420 -5.03 18.66 -47.26
C LEU CA 420 -4.32 18.01 -48.44
N ILE CA 421 -5.09 17.52 -49.42
CA ILE CA 421 -4.50 16.80 -50.54
C ILE CA 421 -3.64 17.74 -51.39
N GLN CA 422 -4.04 19.02 -51.51
CA GLN CA 422 -3.30 19.95 -52.35
C GLN CA 422 -1.85 20.09 -51.89
N ARG CA 423 -1.63 20.19 -50.58
CA ARG CA 423 -0.28 20.29 -50.07
C ARG CA 423 0.48 18.98 -50.23
N LEU CA 424 -0.22 17.85 -50.16
CA LEU CA 424 0.43 16.56 -50.37
C LEU CA 424 0.97 16.44 -51.79
N LEU CA 425 0.21 16.89 -52.78
CA LEU CA 425 0.67 16.82 -54.15
C LEU CA 425 1.78 17.83 -54.43
N GLN CA 426 1.67 19.03 -53.86
CA GLN CA 426 2.72 20.03 -54.03
C GLN CA 426 4.03 19.57 -53.41
N SER CA 427 3.96 18.90 -52.25
CA SER CA 427 5.15 18.33 -51.66
C SER CA 427 5.73 17.24 -52.54
N ALA CA 428 4.86 16.44 -53.17
CA ALA CA 428 5.33 15.38 -54.07
C ALA CA 428 6.08 15.97 -55.26
N ASP CA 429 5.54 17.03 -55.86
CA ASP CA 429 6.22 17.68 -56.98
C ASP CA 429 7.53 18.31 -56.53
N GLU CA 430 7.54 18.91 -55.34
CA GLU CA 430 8.75 19.55 -54.84
C GLU CA 430 9.89 18.55 -54.67
N GLU CA 431 9.58 17.37 -54.10
CA GLU CA 431 10.61 16.36 -53.89
C GLU CA 431 11.15 15.84 -55.22
N ALA CA 432 10.25 15.53 -56.16
CA ALA CA 432 10.68 14.98 -57.44
C ALA CA 432 11.49 16.00 -58.23
N ILE CA 433 11.06 17.26 -58.26
CA ILE CA 433 11.78 18.28 -59.01
C ILE CA 433 13.13 18.55 -58.38
N ALA CA 434 13.19 18.65 -57.05
CA ALA CA 434 14.45 18.92 -56.37
C ALA CA 434 15.47 17.81 -56.63
N GLU CA 435 15.03 16.55 -56.59
CA GLU CA 435 15.94 15.45 -56.88
C GLU CA 435 16.36 15.45 -58.34
N LEU CA 436 15.44 15.76 -59.25
CA LEU CA 436 15.78 15.79 -60.67
C LEU CA 436 16.86 16.82 -60.96
N LEU CA 437 16.76 18.00 -60.36
CA LEU CA 437 17.79 19.02 -60.56
C LEU CA 437 19.16 18.52 -60.09
N ASP CA 438 19.20 17.85 -58.94
CA ASP CA 438 20.43 17.21 -58.53
C ASP CA 438 20.80 16.06 -59.47
N GLU CA 439 19.81 15.30 -59.93
CA GLU CA 439 20.08 14.23 -60.88
C GLU CA 439 20.60 14.78 -62.21
N HIS CA 440 20.20 16.00 -62.57
CA HIS CA 440 20.80 16.65 -63.73
C HIS CA 440 22.30 16.88 -63.50
N LEU CA 441 22.67 17.28 -62.28
CA LEU CA 441 24.08 17.40 -61.94
C LEU CA 441 24.78 16.05 -61.98
N LYS CA 442 24.10 15.00 -61.49
CA LYS CA 442 24.70 13.67 -61.53
C LYS CA 442 24.93 13.20 -62.96
N SER CA 443 23.99 13.48 -63.85
CA SER CA 443 24.20 13.18 -65.27
C SER CA 443 25.30 14.05 -65.87
N ALA CA 444 25.45 15.28 -65.36
CA ALA CA 444 26.50 16.18 -65.83
C ALA CA 444 27.83 15.92 -65.17
N LYS CA 445 27.88 15.09 -64.13
CA LYS CA 445 29.13 14.77 -63.45
C LYS CA 445 29.42 13.27 -63.48
N ASN DA 55 9.78 14.59 56.20
CA ASN DA 55 10.29 13.83 55.07
C ASN DA 55 11.01 12.58 55.54
N ASP DA 56 12.04 12.75 56.38
CA ASP DA 56 12.76 11.60 56.92
C ASP DA 56 11.84 10.74 57.79
N LEU DA 57 11.03 11.38 58.64
CA LEU DA 57 10.05 10.63 59.42
C LEU DA 57 8.97 10.04 58.52
N ARG DA 58 8.64 10.72 57.42
CA ARG DA 58 7.74 10.13 56.43
C ARG DA 58 8.36 8.88 55.81
N ASP DA 59 9.67 8.90 55.58
CA ASP DA 59 10.35 7.68 55.17
C ASP DA 59 10.35 6.64 56.28
N ARG DA 60 10.47 7.09 57.53
CA ARG DA 60 10.49 6.17 58.66
C ARG DA 60 9.17 5.40 58.78
N ILE DA 61 8.04 6.11 58.66
CA ILE DA 61 6.76 5.45 58.82
C ILE DA 61 6.46 4.51 57.65
N LEU DA 62 6.90 4.87 56.44
CA LEU DA 62 6.70 3.99 55.30
C LEU DA 62 7.56 2.73 55.42
N SER DA 63 8.79 2.86 55.90
CA SER DA 63 9.72 1.75 55.98
C SER DA 63 9.63 0.99 57.30
N GLU DA 64 8.84 1.47 58.25
CA GLU DA 64 8.74 0.77 59.54
C GLU DA 64 8.20 -0.66 59.41
N PRO DA 65 7.06 -0.91 58.73
CA PRO DA 65 6.54 -2.29 58.70
C PRO DA 65 7.32 -3.23 57.80
N LEU DA 66 8.28 -2.73 57.03
CA LEU DA 66 9.03 -3.59 56.12
C LEU DA 66 10.03 -4.50 56.86
N LYS DA 67 10.33 -4.20 58.11
CA LYS DA 67 11.34 -4.94 58.86
C LYS DA 67 10.76 -6.06 59.71
N HIS DA 68 9.45 -6.27 59.67
CA HIS DA 68 8.80 -7.31 60.46
C HIS DA 68 7.93 -8.16 59.54
N ALA DA 69 8.18 -9.48 59.54
CA ALA DA 69 7.39 -10.37 58.71
C ALA DA 69 5.97 -10.51 59.23
N ASP DA 70 5.80 -10.55 60.54
CA ASP DA 70 4.50 -10.71 61.20
C ASP DA 70 4.01 -9.40 61.78
N PHE DA 71 4.24 -8.28 61.06
CA PHE DA 71 3.93 -6.97 61.60
C PHE DA 71 2.44 -6.82 61.92
N PHE DA 72 1.58 -7.35 61.07
CA PHE DA 72 0.14 -7.23 61.26
C PHE DA 72 -0.47 -8.39 62.02
N ASN DA 73 0.34 -9.36 62.44
CA ASN DA 73 -0.12 -10.50 63.24
C ASN DA 73 -1.27 -11.23 62.56
N LEU DA 74 -1.10 -11.49 61.26
CA LEU DA 74 -2.13 -12.16 60.47
C LEU DA 74 -2.11 -13.67 60.62
N LYS DA 75 -1.11 -14.23 61.31
CA LYS DA 75 -1.00 -15.68 61.42
C LYS DA 75 -2.12 -16.28 62.26
N GLU DA 76 -2.81 -15.48 63.08
CA GLU DA 76 -3.87 -15.97 63.93
C GLU DA 76 -5.25 -15.94 63.28
N LEU DA 77 -5.37 -15.31 62.12
CA LEU DA 77 -6.68 -15.20 61.47
C LEU DA 77 -7.19 -16.55 60.99
N PHE DA 78 -6.31 -17.38 60.45
CA PHE DA 78 -6.71 -18.63 59.81
C PHE DA 78 -5.74 -19.73 60.22
N SER DA 79 -6.12 -20.96 59.90
CA SER DA 79 -5.28 -22.12 60.15
C SER DA 79 -5.72 -23.23 59.20
N VAL DA 80 -4.99 -24.35 59.25
CA VAL DA 80 -5.31 -25.47 58.37
C VAL DA 80 -6.69 -26.04 58.71
N ARG DA 81 -7.00 -26.15 59.99
CA ARG DA 81 -8.32 -26.63 60.39
C ARG DA 81 -9.41 -25.66 59.96
N SER DA 82 -9.15 -24.34 60.08
CA SER DA 82 -10.15 -23.36 59.67
C SER DA 82 -10.44 -23.46 58.18
N LEU DA 83 -9.41 -23.62 57.36
CA LEU DA 83 -9.62 -23.76 55.92
C LEU DA 83 -10.35 -25.05 55.58
N PHE DA 84 -10.02 -26.14 56.28
CA PHE DA 84 -10.62 -27.43 55.96
C PHE DA 84 -12.13 -27.43 56.14
N ASP DA 85 -12.61 -26.77 57.20
CA ASP DA 85 -14.04 -26.71 57.43
C ASP DA 85 -14.76 -25.79 56.45
N ALA DA 86 -14.03 -25.03 55.64
CA ALA DA 86 -14.61 -24.16 54.63
C ALA DA 86 -14.60 -24.78 53.24
N ARG DA 87 -14.31 -26.08 53.14
CA ARG DA 87 -14.33 -26.81 51.87
C ARG DA 87 -13.37 -26.18 50.85
N VAL DA 88 -12.21 -25.73 51.34
CA VAL DA 88 -11.21 -25.13 50.45
C VAL DA 88 -10.32 -26.17 49.80
N HIS DA 89 -10.32 -27.40 50.30
CA HIS DA 89 -9.48 -28.46 49.77
C HIS DA 89 -10.15 -29.27 48.66
N LEU DA 90 -11.35 -28.88 48.23
CA LEU DA 90 -12.06 -29.57 47.17
C LEU DA 90 -11.81 -28.90 45.83
N GLY DA 91 -11.97 -29.67 44.76
CA GLY DA 91 -11.78 -29.15 43.41
C GLY DA 91 -12.70 -29.77 42.39
N HIS DA 92 -12.49 -29.44 41.12
CA HIS DA 92 -13.32 -29.96 40.04
C HIS DA 92 -12.93 -31.41 39.75
N LYS DA 93 -13.51 -31.99 38.70
CA LYS DA 93 -13.21 -33.35 38.31
C LYS DA 93 -11.80 -33.44 37.74
N ALA DA 94 -11.32 -34.67 37.60
CA ALA DA 94 -9.98 -34.89 37.07
C ALA DA 94 -9.88 -34.47 35.61
N GLY DA 95 -10.99 -34.45 34.89
CA GLY DA 95 -10.95 -34.07 33.49
C GLY DA 95 -10.64 -32.60 33.26
N CYS DA 96 -11.06 -31.74 34.18
CA CYS DA 96 -10.89 -30.30 34.03
C CYS DA 96 -9.60 -29.79 34.66
N ARG DA 97 -8.75 -30.69 35.14
CA ARG DA 97 -7.51 -30.29 35.79
C ARG DA 97 -6.60 -29.56 34.81
N HIS DA 98 -6.34 -28.28 35.08
CA HIS DA 98 -5.42 -27.52 34.27
C HIS DA 98 -3.99 -28.03 34.48
N ARG DA 99 -3.17 -27.88 33.44
CA ARG DA 99 -1.83 -28.47 33.50
C ARG DA 99 -0.93 -27.77 34.51
N PHE DA 100 -1.10 -26.46 34.70
CA PHE DA 100 -0.24 -25.72 35.61
C PHE DA 100 -0.61 -25.90 37.07
N MET DA 101 -1.77 -26.49 37.37
CA MET DA 101 -2.19 -26.71 38.74
C MET DA 101 -1.75 -28.06 39.29
N GLU DA 102 -1.00 -28.83 38.50
CA GLU DA 102 -0.51 -30.13 39.00
C GLU DA 102 0.36 -30.00 40.25
N PRO DA 103 1.33 -29.09 40.34
CA PRO DA 103 2.13 -29.02 41.57
C PRO DA 103 1.31 -28.69 42.81
N TYR DA 104 0.23 -27.93 42.67
CA TYR DA 104 -0.57 -27.50 43.82
C TYR DA 104 -1.60 -28.53 44.25
N LEU DA 105 -1.70 -29.66 43.55
CA LEU DA 105 -2.69 -30.68 43.86
C LEU DA 105 -2.07 -31.75 44.77
N PHE DA 106 -2.67 -31.96 45.94
CA PHE DA 106 -2.24 -33.04 46.81
C PHE DA 106 -2.49 -34.39 46.17
N GLY DA 107 -3.63 -34.56 45.50
CA GLY DA 107 -3.96 -35.81 44.85
C GLY DA 107 -5.35 -35.75 44.28
N SER DA 108 -5.78 -36.89 43.75
CA SER DA 108 -7.12 -37.04 43.18
C SER DA 108 -7.85 -38.15 43.90
N ARG DA 109 -9.06 -37.86 44.37
CA ARG DA 109 -9.88 -38.81 45.12
C ARG DA 109 -11.07 -39.20 44.26
N LEU DA 110 -11.00 -40.38 43.65
CA LEU DA 110 -12.07 -40.92 42.82
C LEU DA 110 -12.46 -39.94 41.72
N GLY DA 111 -11.45 -39.44 41.02
CA GLY DA 111 -11.66 -38.50 39.93
C GLY DA 111 -11.87 -37.07 40.36
N GLN DA 112 -11.86 -36.79 41.65
CA GLN DA 112 -12.03 -35.44 42.18
C GLN DA 112 -10.70 -34.97 42.75
N ASP DA 113 -10.21 -33.84 42.24
CA ASP DA 113 -8.91 -33.33 42.68
C ASP DA 113 -9.01 -32.72 44.07
N ILE DA 114 -7.96 -32.92 44.86
CA ILE DA 114 -7.89 -32.38 46.22
C ILE DA 114 -6.71 -31.43 46.27
N ILE DA 115 -6.97 -30.17 46.64
CA ILE DA 115 -5.94 -29.15 46.67
C ILE DA 115 -5.16 -29.26 47.97
N ASP DA 116 -3.83 -29.21 47.87
CA ASP DA 116 -2.97 -29.31 49.04
C ASP DA 116 -3.06 -28.02 49.85
N LEU DA 117 -3.73 -28.08 51.01
CA LEU DA 117 -3.91 -26.89 51.83
C LEU DA 117 -2.60 -26.41 52.46
N GLU DA 118 -1.62 -27.29 52.61
CA GLU DA 118 -0.33 -26.86 53.16
C GLU DA 118 0.32 -25.82 52.25
N GLN DA 119 0.23 -26.02 50.94
CA GLN DA 119 0.70 -25.00 50.01
C GLN DA 119 -0.26 -23.82 49.95
N THR DA 120 -1.56 -24.06 50.19
CA THR DA 120 -2.51 -22.95 50.25
C THR DA 120 -2.22 -22.03 51.43
N ALA DA 121 -1.91 -22.61 52.59
CA ALA DA 121 -1.61 -21.78 53.76
C ALA DA 121 -0.36 -20.95 53.54
N ALA DA 122 0.67 -21.53 52.91
CA ALA DA 122 1.88 -20.77 52.62
C ALA DA 122 1.58 -19.62 51.66
N HIS DA 123 0.79 -19.88 50.62
CA HIS DA 123 0.46 -18.82 49.67
C HIS DA 123 -0.47 -17.78 50.30
N LEU DA 124 -1.48 -18.23 51.04
CA LEU DA 124 -2.44 -17.29 51.64
C LEU DA 124 -1.77 -16.40 52.66
N GLN DA 125 -0.77 -16.92 53.38
CA GLN DA 125 -0.05 -16.11 54.36
C GLN DA 125 0.65 -14.93 53.68
N LEU DA 126 1.29 -15.18 52.54
CA LEU DA 126 1.93 -14.08 51.81
C LEU DA 126 0.90 -13.16 51.16
N ALA DA 127 -0.20 -13.73 50.67
CA ALA DA 127 -1.21 -12.92 49.99
C ALA DA 127 -1.84 -11.91 50.95
N LEU DA 128 -2.24 -12.37 52.13
CA LEU DA 128 -2.80 -11.46 53.12
C LEU DA 128 -1.75 -10.47 53.59
N ASN DA 129 -0.51 -10.93 53.80
CA ASN DA 129 0.56 -10.02 54.20
C ASN DA 129 0.84 -8.97 53.14
N PHE DA 130 0.82 -9.38 51.87
CA PHE DA 130 1.03 -8.42 50.79
C PHE DA 130 -0.16 -7.47 50.65
N THR DA 131 -1.37 -7.98 50.86
CA THR DA 131 -2.56 -7.14 50.74
C THR DA 131 -2.57 -6.04 51.79
N ALA DA 132 -2.21 -6.36 53.03
CA ALA DA 132 -2.25 -5.37 54.09
C ALA DA 132 -1.24 -4.25 53.85
N HIS DA 133 -0.03 -4.61 53.42
CA HIS DA 133 1.03 -3.61 53.26
C HIS DA 133 0.66 -2.57 52.20
N VAL DA 134 0.09 -3.01 51.08
CA VAL DA 134 -0.31 -2.05 50.06
C VAL DA 134 -1.49 -1.22 50.52
N ALA DA 135 -2.30 -1.75 51.44
CA ALA DA 135 -3.35 -0.95 52.06
C ALA DA 135 -2.79 0.01 53.10
N TYR DA 136 -1.72 -0.40 53.78
CA TYR DA 136 -1.08 0.47 54.77
C TYR DA 136 -0.53 1.73 54.12
N ARG DA 137 0.01 1.59 52.91
CA ARG DA 137 0.62 2.70 52.19
C ARG DA 137 -0.39 3.52 51.39
N GLU DA 138 -1.67 3.46 51.75
CA GLU DA 138 -2.73 4.20 51.05
C GLU DA 138 -2.79 3.82 49.58
N GLY DA 139 -3.07 2.54 49.34
CA GLY DA 139 -3.14 2.00 47.99
C GLY DA 139 -4.57 1.64 47.61
N ILE DA 140 -4.87 1.78 46.33
CA ILE DA 140 -6.19 1.47 45.81
C ILE DA 140 -6.28 -0.02 45.54
N ILE DA 141 -7.30 -0.66 46.10
CA ILE DA 141 -7.51 -2.09 45.97
C ILE DA 141 -8.86 -2.31 45.28
N LEU DA 142 -8.85 -3.13 44.24
CA LEU DA 142 -10.04 -3.41 43.45
C LEU DA 142 -10.40 -4.88 43.54
N PHE DA 143 -11.65 -5.18 43.85
CA PHE DA 143 -12.15 -6.54 43.91
C PHE DA 143 -12.84 -6.86 42.59
N VAL DA 144 -12.31 -7.86 41.88
CA VAL DA 144 -12.83 -8.26 40.58
C VAL DA 144 -13.27 -9.71 40.67
N SER DA 145 -14.53 -9.97 40.31
CA SER DA 145 -15.06 -11.33 40.36
C SER DA 145 -16.27 -11.39 39.44
N ARG DA 146 -16.13 -12.08 38.31
CA ARG DA 146 -17.22 -12.24 37.36
C ARG DA 146 -17.90 -13.58 37.62
N HIS DA 147 -18.71 -13.60 38.68
CA HIS DA 147 -19.46 -14.80 39.06
C HIS DA 147 -20.82 -14.34 39.60
N ARG DA 148 -21.89 -14.83 39.00
CA ARG DA 148 -23.23 -14.37 39.35
C ARG DA 148 -23.86 -15.21 40.45
N GLN DA 149 -23.11 -15.45 41.52
CA GLN DA 149 -23.65 -15.97 42.76
C GLN DA 149 -23.16 -15.24 43.99
N PHE DA 150 -22.01 -14.57 43.93
CA PHE DA 150 -21.47 -13.80 45.03
C PHE DA 150 -21.26 -12.35 44.66
N ALA DA 151 -21.89 -11.88 43.58
CA ALA DA 151 -21.67 -10.52 43.12
C ALA DA 151 -22.11 -9.50 44.17
N HIS DA 152 -23.26 -9.73 44.80
CA HIS DA 152 -23.72 -8.82 45.83
C HIS DA 152 -22.84 -8.91 47.08
N LEU DA 153 -22.48 -10.13 47.48
CA LEU DA 153 -21.67 -10.29 48.69
C LEU DA 153 -20.31 -9.63 48.53
N ILE DA 154 -19.67 -9.82 47.38
CA ILE DA 154 -18.37 -9.20 47.15
C ILE DA 154 -18.51 -7.68 47.06
N GLU DA 155 -19.59 -7.21 46.44
CA GLU DA 155 -19.82 -5.77 46.33
C GLU DA 155 -20.02 -5.16 47.71
N THR DA 156 -20.75 -5.84 48.59
CA THR DA 156 -20.92 -5.34 49.95
C THR DA 156 -19.63 -5.47 50.76
N THR DA 157 -18.82 -6.49 50.48
CA THR DA 157 -17.56 -6.66 51.22
C THR DA 157 -16.63 -5.49 50.98
N ALA DA 158 -16.53 -5.03 49.74
CA ALA DA 158 -15.66 -3.89 49.45
C ALA DA 158 -16.16 -2.61 50.10
N ARG DA 159 -17.47 -2.44 50.19
CA ARG DA 159 -18.02 -1.23 50.81
C ARG DA 159 -17.63 -1.14 52.28
N ASP DA 160 -17.69 -2.26 53.00
CA ASP DA 160 -17.31 -2.25 54.41
C ASP DA 160 -15.83 -1.94 54.59
N CYS DA 161 -14.98 -2.50 53.74
CA CYS DA 161 -13.55 -2.23 53.82
C CYS DA 161 -13.18 -0.84 53.30
N GLY DA 162 -14.11 -0.15 52.64
CA GLY DA 162 -13.83 1.14 52.05
C GLY DA 162 -13.13 1.07 50.71
N GLU DA 163 -12.91 -0.13 50.18
CA GLU DA 163 -12.23 -0.30 48.90
C GLU DA 163 -13.24 -0.53 47.78
N TYR DA 164 -12.74 -0.58 46.56
CA TYR DA 164 -13.57 -0.61 45.37
C TYR DA 164 -13.77 -2.04 44.88
N ALA DA 165 -14.89 -2.26 44.20
CA ALA DA 165 -15.22 -3.56 43.64
C ALA DA 165 -15.77 -3.39 42.24
N HIS DA 166 -15.53 -4.39 41.39
CA HIS DA 166 -16.03 -4.42 40.02
C HIS DA 166 -16.45 -5.85 39.70
N THR DA 167 -17.70 -6.19 40.01
CA THR DA 167 -18.23 -7.51 39.73
C THR DA 167 -19.20 -7.50 38.56
N ARG DA 168 -19.28 -6.40 37.82
CA ARG DA 168 -20.16 -6.30 36.66
C ARG DA 168 -19.39 -6.69 35.40
N TYR DA 169 -19.98 -6.43 34.24
CA TYR DA 169 -19.32 -6.71 32.97
C TYR DA 169 -18.10 -5.81 32.81
N PHE DA 170 -16.98 -6.40 32.42
CA PHE DA 170 -15.71 -5.69 32.31
C PHE DA 170 -15.56 -5.16 30.89
N LYS DA 171 -15.49 -3.84 30.75
CA LYS DA 171 -15.34 -3.23 29.43
C LYS DA 171 -13.93 -3.48 28.89
N GLY DA 172 -13.81 -3.42 27.57
CA GLY DA 172 -12.57 -3.81 26.93
C GLY DA 172 -11.40 -2.90 27.26
N GLY DA 173 -11.61 -1.59 27.13
CA GLY DA 173 -10.52 -0.64 27.29
C GLY DA 173 -10.49 0.05 28.64
N LEU DA 174 -10.76 -0.71 29.71
CA LEU DA 174 -10.87 -0.08 31.03
C LEU DA 174 -9.50 0.18 31.63
N LEU DA 175 -8.73 -0.88 31.91
CA LEU DA 175 -7.44 -0.70 32.54
C LEU DA 175 -6.37 -0.18 31.58
N THR DA 176 -6.48 -0.55 30.30
CA THR DA 176 -5.47 -0.13 29.33
C THR DA 176 -5.73 1.29 28.85
N ASN DA 177 -6.90 1.53 28.25
CA ASN DA 177 -7.27 2.87 27.79
C ASN DA 177 -8.08 3.58 28.87
N ALA DA 178 -7.44 3.72 30.04
CA ALA DA 178 -8.11 4.37 31.17
C ALA DA 178 -8.50 5.82 30.91
N PRO DA 179 -7.67 6.69 30.31
CA PRO DA 179 -8.09 8.09 30.17
C PRO DA 179 -9.39 8.29 29.42
N LEU DA 180 -9.66 7.49 28.38
CA LEU DA 180 -10.90 7.66 27.64
C LEU DA 180 -12.10 7.09 28.39
N LEU DA 181 -11.93 5.95 29.07
CA LEU DA 181 -13.07 5.29 29.71
C LEU DA 181 -13.52 6.05 30.96
N LEU DA 182 -12.58 6.47 31.80
CA LEU DA 182 -12.92 7.04 33.11
C LEU DA 182 -12.85 8.57 33.12
N GLY DA 183 -11.70 9.13 32.80
CA GLY DA 183 -11.53 10.56 32.81
C GLY DA 183 -10.14 11.00 32.40
N PRO DA 184 -9.91 12.31 32.29
CA PRO DA 184 -8.62 12.82 31.83
C PRO DA 184 -7.45 12.35 32.69
N GLY DA 185 -7.49 12.63 33.98
CA GLY DA 185 -6.45 12.14 34.88
C GLY DA 185 -7.00 11.16 35.90
N VAL DA 186 -6.65 9.88 35.76
CA VAL DA 186 -7.18 8.83 36.60
C VAL DA 186 -6.01 8.07 37.21
N ARG DA 187 -6.09 7.79 38.51
CA ARG DA 187 -5.08 7.01 39.20
C ARG DA 187 -5.44 5.53 39.11
N LEU DA 188 -4.58 4.75 38.47
CA LEU DA 188 -4.85 3.33 38.30
C LEU DA 188 -4.75 2.60 39.63
N PRO DA 189 -5.54 1.54 39.82
CA PRO DA 189 -5.46 0.78 41.07
C PRO DA 189 -4.06 0.19 41.27
N ASP DA 190 -3.62 0.17 42.52
CA ASP DA 190 -2.32 -0.36 42.86
C ASP DA 190 -2.33 -1.83 43.20
N LEU DA 191 -3.50 -2.46 43.27
CA LEU DA 191 -3.61 -3.89 43.53
C LEU DA 191 -4.99 -4.35 43.09
N ILE DA 192 -5.06 -5.56 42.54
CA ILE DA 192 -6.31 -6.15 42.07
C ILE DA 192 -6.47 -7.51 42.74
N ILE DA 193 -7.65 -7.76 43.29
CA ILE DA 193 -7.96 -9.02 43.95
C ILE DA 193 -8.96 -9.77 43.08
N PHE DA 194 -8.62 -10.99 42.70
CA PHE DA 194 -9.49 -11.85 41.91
C PHE DA 194 -10.06 -12.94 42.82
N LEU DA 195 -11.33 -12.84 43.17
CA LEU DA 195 -11.98 -13.94 43.85
C LEU DA 195 -12.39 -15.04 42.89
N HIS DA 196 -12.43 -14.75 41.60
CA HIS DA 196 -12.66 -15.77 40.56
C HIS DA 196 -11.92 -15.33 39.30
N THR DA 197 -10.97 -16.15 38.85
CA THR DA 197 -10.15 -15.80 37.70
C THR DA 197 -10.80 -16.15 36.37
N LEU DA 198 -12.00 -16.73 36.38
CA LEU DA 198 -12.70 -17.12 35.17
C LEU DA 198 -13.97 -16.32 35.01
N ASN DA 199 -14.34 -16.04 33.77
CA ASN DA 199 -15.59 -15.37 33.47
C ASN DA 199 -16.70 -16.40 33.34
N ASN DA 200 -17.86 -16.00 32.83
CA ASN DA 200 -18.98 -16.90 32.72
C ASN DA 200 -18.90 -17.83 31.51
N VAL DA 201 -17.92 -17.63 30.62
CA VAL DA 201 -17.72 -18.50 29.47
C VAL DA 201 -16.47 -19.37 29.64
N PHE DA 202 -16.00 -19.53 30.88
CA PHE DA 202 -14.89 -20.42 31.21
C PHE DA 202 -13.61 -20.05 30.46
N GLU DA 203 -13.39 -18.75 30.30
CA GLU DA 203 -12.15 -18.20 29.77
C GLU DA 203 -11.46 -17.35 30.84
N PRO DA 204 -10.14 -17.22 30.78
CA PRO DA 204 -9.45 -16.36 31.75
C PRO DA 204 -9.95 -14.92 31.65
N HIS DA 205 -10.08 -14.28 32.81
CA HIS DA 205 -10.62 -12.93 32.87
C HIS DA 205 -9.67 -11.95 32.18
N VAL DA 206 -10.26 -10.92 31.56
CA VAL DA 206 -9.46 -9.94 30.82
C VAL DA 206 -8.58 -9.15 31.77
N ALA DA 207 -9.09 -8.86 32.97
CA ALA DA 207 -8.32 -8.06 33.92
C ALA DA 207 -7.02 -8.74 34.31
N VAL DA 208 -6.98 -10.07 34.28
CA VAL DA 208 -5.74 -10.78 34.57
C VAL DA 208 -4.66 -10.44 33.56
N ARG DA 209 -5.03 -10.43 32.27
CA ARG DA 209 -4.05 -10.09 31.24
C ARG DA 209 -3.74 -8.61 31.23
N ASP DA 210 -4.76 -7.75 31.38
CA ASP DA 210 -4.55 -6.32 31.32
C ASP DA 210 -3.70 -5.82 32.48
N ALA DA 211 -3.92 -6.38 33.68
CA ALA DA 211 -3.17 -5.93 34.85
C ALA DA 211 -1.67 -6.17 34.67
N ALA DA 212 -1.30 -7.32 34.09
CA ALA DA 212 0.11 -7.59 33.82
C ALA DA 212 0.68 -6.57 32.84
N LYS DA 213 -0.13 -6.13 31.87
CA LYS DA 213 0.32 -5.12 30.93
C LYS DA 213 0.61 -3.80 31.62
N MET DA 214 -0.23 -3.40 32.57
CA MET DA 214 -0.09 -2.13 33.26
C MET DA 214 0.76 -2.21 34.51
N ASN DA 215 1.36 -3.37 34.78
CA ASN DA 215 2.24 -3.58 35.94
C ASN DA 215 1.48 -3.32 37.24
N ILE DA 216 0.39 -4.07 37.41
CA ILE DA 216 -0.42 -4.00 38.63
C ILE DA 216 -0.46 -5.38 39.28
N PRO DA 217 0.11 -5.55 40.46
CA PRO DA 217 0.12 -6.87 41.09
C PRO DA 217 -1.29 -7.37 41.35
N THR DA 218 -1.49 -8.67 41.18
CA THR DA 218 -2.79 -9.31 41.33
C THR DA 218 -2.71 -10.44 42.34
N VAL DA 219 -3.61 -10.43 43.30
CA VAL DA 219 -3.74 -11.50 44.29
C VAL DA 219 -5.07 -12.19 44.02
N GLY DA 220 -5.01 -13.37 43.44
CA GLY DA 220 -6.22 -14.05 42.99
C GLY DA 220 -6.28 -15.49 43.45
N ILE DA 221 -7.48 -15.90 43.86
CA ILE DA 221 -7.72 -17.29 44.21
C ILE DA 221 -7.85 -18.09 42.91
N VAL DA 222 -7.04 -19.13 42.78
CA VAL DA 222 -7.04 -19.98 41.59
C VAL DA 222 -7.62 -21.33 41.96
N ASP DA 223 -8.64 -21.76 41.22
CA ASP DA 223 -9.23 -23.06 41.42
C ASP DA 223 -8.34 -24.11 40.75
N THR DA 224 -8.82 -25.35 40.62
CA THR DA 224 -8.03 -26.38 40.00
C THR DA 224 -8.06 -26.32 38.48
N ASN DA 225 -8.87 -25.44 37.88
CA ASN DA 225 -8.93 -25.29 36.43
C ASN DA 225 -8.56 -23.89 35.98
N CYS DA 226 -7.86 -23.13 36.80
CA CYS DA 226 -7.45 -21.77 36.46
C CYS DA 226 -6.00 -21.74 35.99
N ASN DA 227 -5.57 -20.56 35.55
CA ASN DA 227 -4.22 -20.36 35.03
C ASN DA 227 -3.47 -19.40 35.96
N PRO DA 228 -2.64 -19.90 36.86
CA PRO DA 228 -1.92 -19.01 37.79
C PRO DA 228 -0.64 -18.44 37.21
N ALA DA 229 -0.49 -18.53 35.89
CA ALA DA 229 0.78 -18.12 35.26
C ALA DA 229 1.04 -16.63 35.46
N LEU DA 230 0.06 -15.78 35.15
CA LEU DA 230 0.27 -14.34 35.22
C LEU DA 230 -0.07 -13.75 36.58
N ILE DA 231 -0.65 -14.52 37.49
CA ILE DA 231 -1.03 -14.00 38.81
C ILE DA 231 0.20 -14.04 39.70
N THR DA 232 0.57 -12.88 40.25
CA THR DA 232 1.83 -12.79 40.99
C THR DA 232 1.73 -13.44 42.37
N TYR DA 233 0.55 -13.48 42.97
CA TYR DA 233 0.34 -14.10 44.28
C TYR DA 233 -0.84 -15.06 44.20
N PRO DA 234 -0.66 -16.20 43.55
CA PRO DA 234 -1.76 -17.16 43.45
C PRO DA 234 -2.02 -17.85 44.79
N VAL DA 235 -3.30 -18.11 45.04
CA VAL DA 235 -3.72 -18.82 46.25
C VAL DA 235 -4.58 -20.01 45.84
N PRO DA 236 -4.00 -21.20 45.67
CA PRO DA 236 -4.79 -22.35 45.22
C PRO DA 236 -5.84 -22.74 46.25
N GLY DA 237 -7.10 -22.63 45.86
CA GLY DA 237 -8.19 -22.96 46.75
C GLY DA 237 -9.47 -23.22 45.99
N ASN DA 238 -10.57 -23.24 46.73
CA ASN DA 238 -11.90 -23.47 46.17
C ASN DA 238 -12.66 -22.16 46.10
N ASP DA 239 -13.22 -21.86 44.93
CA ASP DA 239 -13.96 -20.61 44.71
C ASP DA 239 -15.42 -20.84 44.37
N ASP DA 240 -15.94 -22.05 44.57
CA ASP DA 240 -17.31 -22.38 44.20
C ASP DA 240 -18.24 -22.58 45.38
N SER DA 241 -17.82 -23.30 46.41
CA SER DA 241 -18.67 -23.54 47.56
C SER DA 241 -18.89 -22.23 48.33
N PRO DA 242 -20.12 -21.92 48.73
CA PRO DA 242 -20.38 -20.66 49.44
C PRO DA 242 -19.55 -20.48 50.70
N PRO DA 243 -19.36 -21.52 51.53
CA PRO DA 243 -18.50 -21.32 52.71
C PRO DA 243 -17.09 -20.93 52.38
N ALA DA 244 -16.53 -21.41 51.26
CA ALA DA 244 -15.17 -21.04 50.90
C ALA DA 244 -15.09 -19.58 50.48
N VAL DA 245 -16.02 -19.13 49.64
CA VAL DA 245 -15.98 -17.76 49.15
C VAL DA 245 -16.21 -16.78 50.30
N ARG DA 246 -17.11 -17.13 51.23
CA ARG DA 246 -17.36 -16.25 52.36
C ARG DA 246 -16.13 -16.13 53.25
N LEU DA 247 -15.38 -17.22 53.43
CA LEU DA 247 -14.20 -17.18 54.27
C LEU DA 247 -13.14 -16.25 53.69
N PHE DA 248 -12.93 -16.32 52.37
CA PHE DA 248 -11.92 -15.46 51.74
C PHE DA 248 -12.26 -13.99 51.88
N CYS DA 249 -13.54 -13.64 51.70
CA CYS DA 249 -13.93 -12.24 51.83
C CYS DA 249 -13.71 -11.73 53.24
N ARG DA 250 -14.07 -12.54 54.26
CA ARG DA 250 -13.89 -12.10 55.63
C ARG DA 250 -12.41 -11.95 55.98
N LEU DA 251 -11.57 -12.85 55.48
CA LEU DA 251 -10.13 -12.74 55.73
C LEU DA 251 -9.57 -11.47 55.11
N PHE DA 252 -10.01 -11.13 53.90
CA PHE DA 252 -9.59 -9.87 53.30
C PHE DA 252 -10.29 -8.67 53.94
N GLN DA 253 -11.44 -8.88 54.59
CA GLN DA 253 -12.07 -7.79 55.32
C GLN DA 253 -11.22 -7.37 56.52
N VAL DA 254 -10.82 -8.34 57.35
CA VAL DA 254 -10.03 -8.00 58.53
C VAL DA 254 -8.62 -7.56 58.15
N ALA DA 255 -8.07 -8.13 57.07
CA ALA DA 255 -6.73 -7.73 56.64
C ALA DA 255 -6.68 -6.26 56.24
N ILE DA 256 -7.71 -5.80 55.52
CA ILE DA 256 -7.77 -4.39 55.14
C ILE DA 256 -8.03 -3.52 56.36
N SER DA 257 -8.97 -3.91 57.21
CA SER DA 257 -9.33 -3.08 58.36
C SER DA 257 -8.16 -2.91 59.30
N ARG DA 258 -7.41 -3.99 59.57
CA ARG DA 258 -6.23 -3.88 60.42
C ARG DA 258 -5.19 -2.97 59.79
N ALA DA 259 -4.99 -3.08 58.48
CA ALA DA 259 -4.03 -2.21 57.80
C ALA DA 259 -4.45 -0.75 57.87
N LYS DA 260 -5.75 -0.48 57.68
CA LYS DA 260 -6.23 0.90 57.78
C LYS DA 260 -6.08 1.42 59.20
N GLU DA 261 -6.42 0.61 60.20
CA GLU DA 261 -6.35 1.07 61.58
C GLU DA 261 -4.91 1.27 62.03
N LYS DA 262 -4.04 0.29 61.79
CA LYS DA 262 -2.66 0.40 62.24
C LYS DA 262 -1.90 1.50 61.51
N ARG DA 263 -2.32 1.86 60.30
CA ARG DA 263 -1.79 3.06 59.67
C ARG DA 263 -2.17 4.30 60.45
N ARG DA 264 -3.40 4.35 60.96
CA ARG DA 264 -3.86 5.50 61.73
C ARG DA 264 -3.18 5.57 63.09
N GLN DA 265 -2.95 4.42 63.73
CA GLN DA 265 -2.34 4.41 65.04
C GLN DA 265 -0.91 4.93 64.99
N VAL DA 266 -0.13 4.49 64.00
CA VAL DA 266 1.24 4.96 63.86
C VAL DA 266 1.26 6.44 63.50
N GLU DA 267 0.29 6.89 62.70
CA GLU DA 267 0.18 8.31 62.39
C GLU DA 267 -0.03 9.13 63.66
N ALA DA 268 -0.88 8.66 64.56
CA ALA DA 268 -1.10 9.37 65.82
C ALA DA 268 0.19 9.44 66.64
N LEU DA 269 0.94 8.34 66.68
CA LEU DA 269 2.22 8.33 67.39
C LEU DA 269 3.20 9.31 66.76
N TYR DA 270 3.22 9.37 65.42
CA TYR DA 270 4.09 10.32 64.73
C TYR DA 270 3.70 11.75 65.06
N ARG DA 271 2.40 12.03 65.16
CA ARG DA 271 1.94 13.38 65.45
C ARG DA 271 2.42 13.85 66.82
N LEU DA 272 2.36 12.97 67.82
CA LEU DA 272 2.84 13.32 69.14
C LEU DA 272 4.35 13.23 69.28
N GLN DA 273 5.04 12.62 68.30
CA GLN DA 273 6.50 12.63 68.31
C GLN DA 273 7.04 14.05 68.19
N GLY DA 274 6.44 14.85 67.32
CA GLY DA 274 6.84 16.23 67.13
C GLY DA 274 5.68 17.20 67.19
N AYA EA 2 -25.46 -45.37 21.36
CA AYA EA 2 -24.14 -44.86 21.68
CB AYA EA 2 -23.29 -45.95 22.32
C AYA EA 2 -23.44 -44.31 20.48
O AYA EA 2 -23.69 -44.77 19.34
CT AYA EA 2 -26.45 -45.32 22.23
OT AYA EA 2 -26.55 -44.42 23.05
CM AYA EA 2 -27.43 -46.45 22.17
N THR EA 3 -22.57 -43.33 20.68
CA THR EA 3 -21.82 -42.70 19.61
C THR EA 3 -20.87 -43.70 18.95
N PRO EA 4 -20.81 -43.70 17.62
CA PRO EA 4 -19.83 -44.53 16.93
C PRO EA 4 -18.41 -44.17 17.35
N SER EA 5 -17.55 -45.18 17.46
CA SER EA 5 -16.19 -44.95 17.91
C SER EA 5 -15.41 -44.13 16.90
N LEU EA 6 -14.63 -43.18 17.41
CA LEU EA 6 -13.78 -42.34 16.58
C LEU EA 6 -12.30 -42.73 16.72
N ARG EA 7 -12.04 -43.99 17.02
CA ARG EA 7 -10.71 -44.49 17.32
C ARG EA 7 -10.12 -45.14 16.07
N GLY EA 8 -8.96 -44.66 15.65
CA GLY EA 8 -8.31 -45.20 14.46
C GLY EA 8 -9.13 -45.05 13.20
N ARG EA 9 -9.77 -43.90 13.02
CA ARG EA 9 -10.57 -43.63 11.84
C ARG EA 9 -9.95 -42.57 10.94
N LEU EA 10 -9.66 -41.38 11.48
CA LEU EA 10 -9.13 -40.30 10.68
C LEU EA 10 -7.69 -40.57 10.27
N ALA EA 11 -7.27 -39.91 9.20
CA ALA EA 11 -5.91 -40.04 8.68
C ALA EA 11 -4.96 -39.23 9.55
N ARG EA 12 -4.17 -39.92 10.37
CA ARG EA 12 -3.22 -39.28 11.26
C ARG EA 12 -1.86 -39.97 11.14
N LEU EA 13 -0.81 -39.24 11.52
CA LEU EA 13 0.55 -39.75 11.40
C LEU EA 13 0.75 -41.01 12.24
N GLY EA 14 0.25 -41.02 13.46
CA GLY EA 14 0.39 -42.17 14.33
C GLY EA 14 -0.74 -43.16 14.17
N ASN EA 15 -1.20 -43.37 12.95
CA ASN EA 15 -2.31 -44.28 12.68
C ASN EA 15 -1.88 -45.36 11.70
N PRO EA 16 -1.69 -46.61 12.16
CA PRO EA 16 -1.34 -47.68 11.20
C PRO EA 16 -2.49 -48.07 10.28
N ARG EA 17 -3.71 -48.08 10.81
CA ARG EA 17 -4.87 -48.40 10.00
C ARG EA 17 -5.12 -47.32 8.95
N ARG EA 18 -5.48 -47.75 7.75
CA ARG EA 18 -5.76 -46.80 6.68
C ARG EA 18 -7.04 -46.03 6.99
N PRO EA 19 -7.19 -44.83 6.41
CA PRO EA 19 -8.34 -43.98 6.77
C PRO EA 19 -9.67 -44.66 6.46
N ILE EA 20 -10.66 -44.40 7.32
CA ILE EA 20 -11.99 -44.94 7.16
C ILE EA 20 -12.97 -43.80 6.95
N LEU EA 21 -12.65 -42.63 7.50
CA LEU EA 21 -13.49 -41.45 7.39
C LEU EA 21 -12.68 -40.30 6.81
N LYS EA 22 -13.29 -39.55 5.91
CA LYS EA 22 -12.68 -38.37 5.29
C LYS EA 22 -13.67 -37.22 5.33
N PRO EA 23 -13.85 -36.59 6.49
CA PRO EA 23 -14.86 -35.54 6.61
C PRO EA 23 -14.52 -34.32 5.76
N ASN EA 24 -15.57 -33.68 5.25
CA ASN EA 24 -15.39 -32.46 4.49
C ASN EA 24 -14.90 -31.32 5.37
N LYS EA 25 -15.46 -31.20 6.58
CA LYS EA 25 -15.10 -30.18 7.53
C LYS EA 25 -14.76 -30.82 8.87
N PRO EA 26 -13.91 -30.18 9.68
CA PRO EA 26 -13.47 -30.82 10.92
C PRO EA 26 -14.63 -31.10 11.86
N LEU EA 27 -14.50 -32.19 12.61
CA LEU EA 27 -15.52 -32.62 13.57
C LEU EA 27 -15.36 -31.85 14.87
N ILE EA 28 -15.67 -30.56 14.81
CA ILE EA 28 -15.62 -29.67 15.96
C ILE EA 28 -17.03 -29.14 16.20
N LEU EA 29 -17.53 -29.33 17.42
CA LEU EA 29 -18.87 -28.88 17.75
C LEU EA 29 -18.91 -27.35 17.77
N ALA EA 30 -19.86 -26.79 17.04
CA ALA EA 30 -20.03 -25.34 17.02
C ALA EA 30 -20.83 -24.89 18.23
N ASN EA 31 -20.88 -23.56 18.42
CA ASN EA 31 -21.63 -22.96 19.51
C ASN EA 31 -23.06 -22.61 19.12
N HIS EA 32 -23.56 -23.16 18.02
CA HIS EA 32 -24.92 -22.88 17.57
C HIS EA 32 -25.44 -24.06 16.76
N VAL EA 33 -26.76 -24.23 16.80
CA VAL EA 33 -27.41 -25.30 16.07
C VAL EA 33 -28.08 -24.71 14.84
N GLY EA 34 -28.29 -25.56 13.84
CA GLY EA 34 -28.91 -25.09 12.60
C GLY EA 34 -30.37 -24.76 12.79
N GLU EA 35 -30.85 -23.84 11.95
CA GLU EA 35 -32.24 -23.44 12.01
C GLU EA 35 -33.14 -24.56 11.50
N ARG EA 36 -34.39 -24.55 11.96
CA ARG EA 36 -35.36 -25.53 11.50
C ARG EA 36 -35.66 -25.32 10.03
N ARG EA 37 -35.88 -26.42 9.32
CA ARG EA 37 -36.16 -26.38 7.88
C ARG EA 37 -37.67 -26.38 7.66
N ARG EA 38 -38.14 -25.42 6.86
CA ARG EA 38 -39.57 -25.29 6.59
C ARG EA 38 -40.07 -26.50 5.81
N GLU EA 39 -41.25 -26.99 6.19
CA GLU EA 39 -41.82 -28.16 5.55
C GLU EA 39 -42.36 -27.81 4.18
N LYS EA 40 -41.95 -28.57 3.17
CA LYS EA 40 -42.43 -28.34 1.81
C LYS EA 40 -43.93 -28.64 1.72
N GLY EA 41 -44.63 -27.83 0.94
CA GLY EA 41 -46.06 -27.98 0.82
C GLY EA 41 -46.47 -28.99 -0.24
N GLU EA 42 -47.72 -29.45 -0.12
CA GLU EA 42 -48.31 -30.37 -1.07
C GLU EA 42 -49.71 -29.90 -1.42
N ALA EA 43 -50.19 -30.28 -2.59
CA ALA EA 43 -51.52 -29.88 -3.03
C ALA EA 43 -52.57 -30.42 -2.08
N THR EA 44 -53.53 -29.55 -1.71
CA THR EA 44 -54.59 -29.90 -0.80
C THR EA 44 -55.92 -29.98 -1.53
N CYS EA 45 -56.89 -30.66 -0.91
CA CYS EA 45 -58.22 -30.85 -1.46
C CYS EA 45 -58.16 -31.51 -2.83
N ILE EA 46 -57.57 -32.70 -2.86
CA ILE EA 46 -57.51 -33.52 -4.05
C ILE EA 46 -58.53 -34.66 -3.99
N THR EA 47 -58.65 -35.33 -2.84
CA THR EA 47 -59.64 -36.38 -2.69
C THR EA 47 -61.06 -35.84 -2.71
N GLU EA 48 -61.24 -34.54 -2.52
CA GLU EA 48 -62.56 -33.91 -2.60
C GLU EA 48 -62.81 -33.26 -3.95
N MET EA 49 -61.76 -32.86 -4.67
CA MET EA 49 -61.95 -32.30 -6.00
C MET EA 49 -62.29 -33.39 -7.01
N SER EA 50 -61.67 -34.57 -6.87
CA SER EA 50 -61.91 -35.64 -7.82
C SER EA 50 -63.36 -36.11 -7.80
N VAL EA 51 -63.93 -36.28 -6.60
CA VAL EA 51 -65.33 -36.67 -6.51
C VAL EA 51 -66.24 -35.56 -7.02
N MET EA 52 -65.84 -34.30 -6.85
CA MET EA 52 -66.61 -33.19 -7.42
C MET EA 52 -66.62 -33.26 -8.94
N MET EA 53 -65.48 -33.60 -9.56
CA MET EA 53 -65.42 -33.69 -11.00
C MET EA 53 -66.27 -34.83 -11.54
N ALA EA 54 -66.48 -35.88 -10.74
CA ALA EA 54 -67.31 -37.00 -11.19
C ALA EA 54 -68.75 -36.56 -11.40
N CYS EA 55 -69.29 -35.75 -10.47
CA CYS EA 55 -70.67 -35.29 -10.61
C CYS EA 55 -70.81 -34.31 -11.76
N TRP EA 56 -69.80 -33.45 -11.97
CA TRP EA 56 -69.88 -32.49 -13.06
C TRP EA 56 -69.89 -33.18 -14.42
N LYS EA 57 -69.05 -34.20 -14.59
CA LYS EA 57 -69.02 -34.91 -15.87
C LYS EA 57 -70.26 -35.79 -16.06
N GLN EA 58 -70.88 -36.21 -14.96
CA GLN EA 58 -72.06 -37.06 -15.02
C GLN EA 58 -73.37 -36.27 -15.14
N ASN EA 59 -73.32 -34.94 -15.04
CA ASN EA 59 -74.53 -34.14 -15.07
C ASN EA 59 -74.34 -32.88 -15.92
N GLU EA 60 -73.51 -32.96 -16.97
CA GLU EA 60 -73.33 -31.88 -17.93
C GLU EA 60 -72.88 -30.58 -17.26
N PHE EA 61 -71.97 -30.70 -16.29
CA PHE EA 61 -71.35 -29.55 -15.64
C PHE EA 61 -72.38 -28.60 -15.03
N ARG EA 62 -73.40 -29.17 -14.41
CA ARG EA 62 -74.42 -28.39 -13.71
C ARG EA 62 -74.47 -28.83 -12.25
N ASP EA 63 -74.47 -27.85 -11.34
CA ASP EA 63 -74.48 -28.11 -9.91
C ASP EA 63 -75.88 -28.25 -9.34
N GLU EA 64 -76.85 -28.63 -10.18
CA GLU EA 64 -78.20 -28.86 -9.69
C GLU EA 64 -78.29 -30.13 -8.84
N ALA EA 65 -77.37 -31.07 -9.03
CA ALA EA 65 -77.35 -32.29 -8.25
C ALA EA 65 -76.01 -32.55 -7.58
N CYS EA 66 -75.05 -31.63 -7.71
CA CYS EA 66 -73.73 -31.77 -7.11
C CYS EA 66 -73.57 -30.93 -5.86
N ARG EA 67 -74.67 -30.50 -5.24
CA ARG EA 67 -74.60 -29.60 -4.09
C ARG EA 67 -73.83 -30.22 -2.94
N LYS EA 68 -74.00 -31.53 -2.71
CA LYS EA 68 -73.28 -32.19 -1.64
C LYS EA 68 -71.77 -32.15 -1.86
N GLU EA 69 -71.33 -32.37 -3.11
CA GLU EA 69 -69.91 -32.36 -3.41
C GLU EA 69 -69.35 -30.94 -3.43
N ILE EA 70 -70.13 -29.97 -3.93
CA ILE EA 70 -69.65 -28.60 -4.02
C ILE EA 70 -69.37 -28.03 -2.64
N GLN EA 71 -70.27 -28.27 -1.69
CA GLN EA 71 -70.11 -27.72 -0.34
C GLN EA 71 -68.87 -28.30 0.34
N ASP EA 72 -68.63 -29.60 0.18
CA ASP EA 72 -67.44 -30.20 0.78
C ASP EA 72 -66.17 -29.61 0.19
N PHE EA 73 -66.16 -29.33 -1.12
CA PHE EA 73 -65.01 -28.68 -1.73
C PHE EA 73 -64.78 -27.30 -1.12
N PHE EA 74 -65.85 -26.54 -0.89
CA PHE EA 74 -65.71 -25.28 -0.17
C PHE EA 74 -65.25 -25.50 1.25
N ASP EA 75 -65.78 -26.52 1.92
CA ASP EA 75 -65.37 -26.81 3.29
C ASP EA 75 -63.90 -27.18 3.37
N CYS EA 76 -63.42 -27.99 2.42
CA CYS EA 76 -62.01 -28.35 2.40
C CYS EA 76 -61.14 -27.12 2.16
N ALA EA 77 -61.57 -26.23 1.26
CA ALA EA 77 -60.79 -25.02 1.00
C ALA EA 77 -60.68 -24.15 2.25
N SER EA 78 -61.79 -24.00 2.97
CA SER EA 78 -61.74 -23.26 4.23
C SER EA 78 -60.91 -23.99 5.27
N ARG EA 79 -61.05 -25.32 5.33
CA ARG EA 79 -60.27 -26.10 6.29
C ARG EA 79 -58.78 -26.01 6.00
N ALA EA 80 -58.40 -26.12 4.72
CA ALA EA 80 -57.00 -25.99 4.35
C ALA EA 80 -56.50 -24.56 4.56
N GLU EA 81 -57.36 -23.57 4.29
CA GLU EA 81 -56.99 -22.18 4.50
C GLU EA 81 -56.70 -21.91 5.98
N ALA EA 82 -57.55 -22.44 6.87
CA ALA EA 82 -57.36 -22.19 8.29
C ALA EA 82 -56.05 -22.76 8.80
N ALA EA 83 -55.72 -23.99 8.40
CA ALA EA 83 -54.49 -24.62 8.88
C ALA EA 83 -53.25 -23.97 8.29
N ARG EA 84 -53.33 -23.52 7.04
CA ARG EA 84 -52.17 -22.91 6.40
C ARG EA 84 -51.85 -21.55 7.01
N LYS EA 85 -52.87 -20.79 7.40
CA LYS EA 85 -52.68 -19.45 7.91
C LYS EA 85 -52.51 -19.41 9.42
N MET EA 86 -52.24 -20.54 10.05
CA MET EA 86 -51.98 -20.59 11.48
C MET EA 86 -50.80 -21.47 11.85
N ARG EA 87 -50.28 -22.29 10.93
CA ARG EA 87 -49.19 -23.19 11.26
C ARG EA 87 -47.91 -22.42 11.57
N SER EA 88 -47.64 -21.35 10.82
CA SER EA 88 -46.36 -20.65 10.94
C SER EA 88 -46.19 -20.01 12.32
N ILE EA 89 -47.23 -19.35 12.83
CA ILE EA 89 -47.09 -18.57 14.06
C ILE EA 89 -46.90 -19.49 15.27
N GLN EA 90 -47.71 -20.55 15.36
CA GLN EA 90 -47.67 -21.39 16.55
C GLN EA 90 -46.48 -22.33 16.57
N GLU EA 91 -46.01 -22.79 15.39
CA GLU EA 91 -44.91 -23.74 15.35
C GLU EA 91 -43.61 -23.15 15.87
N ASN EA 92 -43.45 -21.82 15.82
CA ASN EA 92 -42.22 -21.20 16.30
C ASN EA 92 -42.03 -21.44 17.80
N LEU EA 93 -43.09 -21.33 18.58
CA LEU EA 93 -43.00 -21.46 20.03
C LEU EA 93 -43.62 -22.75 20.56
N GLY EA 94 -44.24 -23.57 19.70
CA GLY EA 94 -44.76 -24.84 20.16
C GLY EA 94 -43.66 -25.79 20.61
N GLU EA 95 -42.57 -25.87 19.81
CA GLU EA 95 -41.29 -26.44 20.19
C GLU EA 95 -41.30 -27.97 20.27
N LEU EA 96 -42.50 -28.57 20.17
CA LEU EA 96 -42.66 -30.03 20.19
C LEU EA 96 -41.87 -30.68 21.33
N GLY EA 97 -41.69 -29.94 22.43
CA GLY EA 97 -40.90 -30.40 23.56
C GLY EA 97 -39.43 -30.07 23.48
N SER EA 98 -38.94 -29.56 22.36
CA SER EA 98 -37.54 -29.22 22.18
C SER EA 98 -37.40 -27.72 21.93
N LEU EA 99 -36.51 -27.07 22.66
CA LEU EA 99 -36.38 -25.62 22.66
C LEU EA 99 -36.15 -25.06 21.26
N PRO EA 100 -36.68 -23.89 20.95
CA PRO EA 100 -36.45 -23.29 19.63
C PRO EA 100 -34.99 -23.01 19.39
N PRO EA 101 -34.58 -22.84 18.13
CA PRO EA 101 -33.15 -22.62 17.85
C PRO EA 101 -32.55 -21.43 18.56
N LYS EA 102 -33.32 -20.36 18.78
CA LYS EA 102 -32.77 -19.20 19.47
C LYS EA 102 -32.41 -19.52 20.92
N LYS EA 103 -33.25 -20.31 21.61
CA LYS EA 103 -32.96 -20.65 23.00
C LYS EA 103 -31.76 -21.59 23.10
N LEU EA 104 -31.64 -22.53 22.16
CA LEU EA 104 -30.49 -23.45 22.19
C LEU EA 104 -29.19 -22.71 21.93
N ASN EA 105 -29.21 -21.71 21.06
CA ASN EA 105 -28.00 -20.94 20.78
C ASN EA 105 -27.51 -20.22 22.04
N LYS EA 106 -28.43 -19.62 22.79
CA LYS EA 106 -28.04 -18.95 24.03
C LYS EA 106 -27.54 -19.95 25.05
N LEU EA 107 -28.19 -21.12 25.14
CA LEU EA 107 -27.76 -22.14 26.08
C LEU EA 107 -26.35 -22.64 25.75
N LEU EA 108 -26.06 -22.83 24.46
CA LEU EA 108 -24.73 -23.29 24.07
C LEU EA 108 -23.67 -22.22 24.31
N HIS EA 109 -24.02 -20.94 24.14
CA HIS EA 109 -23.05 -19.88 24.38
C HIS EA 109 -22.63 -19.83 25.83
N ARG EA 110 -23.52 -20.18 26.76
CA ARG EA 110 -23.17 -20.18 28.18
C ARG EA 110 -22.18 -21.29 28.51
N PHE EA 111 -22.16 -22.37 27.73
CA PHE EA 111 -21.26 -23.49 27.94
C PHE EA 111 -20.57 -23.81 26.63
N PRO EA 112 -19.66 -22.94 26.18
CA PRO EA 112 -19.08 -23.11 24.84
C PRO EA 112 -18.10 -24.27 24.80
N ASN EA 113 -17.76 -24.68 23.59
CA ASN EA 113 -16.75 -25.70 23.36
C ASN EA 113 -15.38 -25.04 23.29
N LYS EA 114 -14.36 -25.78 23.72
CA LYS EA 114 -13.00 -25.25 23.85
C LYS EA 114 -12.05 -26.04 22.95
N PRO EA 115 -11.87 -25.61 21.70
CA PRO EA 115 -10.87 -26.27 20.85
C PRO EA 115 -9.45 -25.87 21.23
N HIS EA 116 -9.25 -24.62 21.62
CA HIS EA 116 -7.92 -24.10 21.91
C HIS EA 116 -7.50 -24.45 23.34
N VAL EA 117 -6.31 -23.99 23.71
CA VAL EA 117 -5.70 -24.24 25.02
C VAL EA 117 -5.89 -25.68 25.51
N SER FA 88 -18.85 45.70 -16.24
CA SER FA 88 -18.63 44.29 -15.97
C SER FA 88 -18.12 44.08 -14.56
N PHE FA 89 -18.40 45.04 -13.67
CA PHE FA 89 -17.97 44.92 -12.28
C PHE FA 89 -18.67 43.75 -11.60
N PHE FA 90 -19.94 43.53 -11.90
CA PHE FA 90 -20.68 42.43 -11.31
C PHE FA 90 -20.17 41.06 -11.74
N THR FA 91 -19.37 40.99 -12.81
CA THR FA 91 -18.93 39.70 -13.33
C THR FA 91 -17.74 39.13 -12.56
N LYS FA 92 -17.09 39.93 -11.73
CA LYS FA 92 -15.91 39.46 -11.00
C LYS FA 92 -16.30 38.60 -9.81
N LEU FA 93 -15.32 37.88 -9.28
CA LEU FA 93 -15.55 36.96 -8.17
C LEU FA 93 -14.56 37.18 -7.04
N THR FA 94 -14.57 36.29 -6.05
CA THR FA 94 -13.68 36.37 -4.90
C THR FA 94 -12.38 35.63 -5.18
N ALA FA 95 -11.33 36.00 -4.44
CA ALA FA 95 -10.03 35.38 -4.63
C ALA FA 95 -10.06 33.89 -4.32
N ASP FA 96 -10.74 33.51 -3.23
CA ASP FA 96 -10.80 32.10 -2.86
C ASP FA 96 -11.50 31.27 -3.92
N GLU FA 97 -12.54 31.84 -4.55
CA GLU FA 97 -13.24 31.13 -5.61
C GLU FA 97 -12.33 30.89 -6.81
N LEU FA 98 -11.52 31.90 -7.17
CA LEU FA 98 -10.64 31.76 -8.31
C LEU FA 98 -9.56 30.71 -8.08
N TRP FA 99 -8.90 30.75 -6.92
CA TRP FA 99 -7.84 29.80 -6.64
C TRP FA 99 -8.39 28.38 -6.45
N LYS FA 100 -9.60 28.26 -5.89
CA LYS FA 100 -10.19 26.94 -5.72
C LYS FA 100 -10.44 26.26 -7.06
N GLY FA 101 -10.63 27.03 -8.12
CA GLY FA 101 -10.87 26.48 -9.43
C GLY FA 101 -9.61 26.30 -10.25
N ALA FA 102 -8.70 27.27 -10.18
CA ALA FA 102 -7.47 27.19 -10.96
C ALA FA 102 -6.61 26.01 -10.53
N LEU FA 103 -6.51 25.78 -9.22
CA LEU FA 103 -5.69 24.67 -8.73
C LEU FA 103 -6.25 23.32 -9.18
N ALA FA 104 -7.58 23.20 -9.22
CA ALA FA 104 -8.24 21.97 -9.63
C ALA FA 104 -7.82 20.79 -8.77
N GLU FA 105 -7.66 21.03 -7.47
CA GLU FA 105 -7.28 19.99 -6.52
C GLU FA 105 -8.49 19.32 -5.88
N SER FA 106 -9.64 19.36 -6.55
CA SER FA 106 -10.85 18.72 -6.02
C SER FA 106 -11.62 17.91 -7.05
N GLY FA 107 -11.15 17.83 -8.28
CA GLY FA 107 -11.86 17.13 -9.33
C GLY FA 107 -11.67 15.63 -9.24
N ALA FA 108 -12.16 14.95 -10.28
CA ALA FA 108 -12.07 13.49 -10.35
C ALA FA 108 -10.71 13.01 -10.84
N GLY FA 109 -9.84 13.92 -11.30
CA GLY FA 109 -8.54 13.50 -11.76
C GLY FA 109 -7.66 12.94 -10.66
N ALA FA 110 -7.65 13.59 -9.51
CA ALA FA 110 -6.83 13.16 -8.37
C ALA FA 110 -7.61 12.24 -7.44
N ARG FA 111 -8.19 11.17 -7.99
CA ARG FA 111 -8.93 10.20 -7.21
C ARG FA 111 -8.32 8.80 -7.23
N LYS FA 112 -8.04 8.27 -8.41
CA LYS FA 112 -7.48 6.93 -8.57
C LYS FA 112 -6.19 6.96 -9.37
N GLY FA 113 -5.38 8.00 -9.17
CA GLY FA 113 -4.15 8.14 -9.90
C GLY FA 113 -4.31 8.57 -11.35
N ARG FA 114 -5.49 9.05 -11.74
CA ARG FA 114 -5.69 9.49 -13.11
C ARG FA 114 -4.80 10.67 -13.47
N GLY FA 115 -4.46 11.51 -12.49
CA GLY FA 115 -3.62 12.65 -12.74
C GLY FA 115 -2.15 12.35 -12.47
N LYS FA 116 -1.36 12.27 -13.54
CA LYS FA 116 0.07 11.98 -13.44
C LYS FA 116 0.91 13.20 -13.84
N ARG FA 117 0.42 14.40 -13.50
CA ARG FA 117 1.15 15.62 -13.85
C ARG FA 117 2.51 15.65 -13.18
N THR FA 118 2.57 15.27 -11.90
CA THR FA 118 3.77 15.19 -11.07
C THR FA 118 4.37 16.56 -10.79
N LYS FA 119 3.78 17.64 -11.30
CA LYS FA 119 4.23 18.99 -11.02
C LYS FA 119 3.28 19.63 -10.02
N LYS FA 120 3.83 20.12 -8.91
CA LYS FA 120 3.02 20.67 -7.83
C LYS FA 120 2.64 22.11 -8.17
N LYS FA 121 1.38 22.32 -8.50
CA LYS FA 121 0.88 23.68 -8.73
C LYS FA 121 0.83 24.43 -7.40
N ARG FA 122 1.34 25.65 -7.39
CA ARG FA 122 1.49 26.42 -6.17
C ARG FA 122 0.52 27.59 -6.16
N ARG FA 123 -0.10 27.82 -5.01
CA ARG FA 123 -1.02 28.93 -4.80
C ARG FA 123 -0.28 30.08 -4.13
N LYS FA 124 -0.41 31.27 -4.69
CA LYS FA 124 0.27 32.47 -4.20
C LYS FA 124 -0.77 33.43 -3.65
N ASP FA 125 -0.72 33.68 -2.35
CA ASP FA 125 -1.61 34.67 -1.75
C ASP FA 125 -1.25 36.05 -2.28
N LEU FA 126 -2.17 36.66 -3.03
CA LEU FA 126 -1.91 37.93 -3.68
C LEU FA 126 -2.02 39.12 -2.73
N ASN FA 127 -2.46 38.91 -1.49
CA ASN FA 127 -2.53 39.98 -0.50
C ASN FA 127 -1.34 39.96 0.45
N ARG FA 128 -0.28 39.21 0.14
CA ARG FA 128 0.88 39.15 1.00
C ARG FA 128 1.52 40.52 1.15
N GLY FA 129 1.66 41.26 0.04
CA GLY FA 129 2.13 42.62 0.11
C GLY FA 129 1.00 43.60 -0.13
N GLN FA 130 0.52 44.24 0.94
CA GLN FA 130 -0.59 45.19 0.84
C GLN FA 130 -0.27 46.45 1.62
N ILE FA 131 -0.51 47.61 1.01
CA ILE FA 131 -0.40 48.90 1.66
C ILE FA 131 -1.71 49.62 1.39
N ILE FA 132 -2.65 49.54 2.34
CA ILE FA 132 -3.98 50.10 2.13
C ILE FA 132 -3.85 51.61 1.94
N GLY FA 133 -4.23 52.08 0.76
CA GLY FA 133 -4.05 53.47 0.37
C GLY FA 133 -3.09 53.64 -0.79
N GLU FA 134 -2.08 52.79 -0.89
CA GLU FA 134 -1.13 52.88 -1.98
C GLU FA 134 -1.80 52.51 -3.30
N GLY FA 135 -1.48 53.27 -4.35
CA GLY FA 135 -2.04 53.02 -5.66
C GLY FA 135 -1.02 53.32 -6.74
N ARG FA 136 -1.37 52.93 -7.97
CA ARG FA 136 -0.48 53.17 -9.10
C ARG FA 136 -0.28 54.67 -9.34
N HIS FA 137 -1.36 55.45 -9.22
CA HIS FA 137 -1.24 56.90 -9.38
C HIS FA 137 -0.42 57.54 -8.27
N GLY FA 138 -0.29 56.87 -7.12
CA GLY FA 138 0.52 57.39 -6.04
C GLY FA 138 -0.11 58.55 -5.30
N PHE FA 139 -1.22 58.29 -4.63
CA PHE FA 139 -1.92 59.30 -3.85
C PHE FA 139 -1.62 59.10 -2.37
N LEU FA 140 -1.16 60.16 -1.71
CA LEU FA 140 -0.84 60.13 -0.29
C LEU FA 140 -2.08 60.56 0.49
N TRP FA 141 -2.80 59.58 1.04
CA TRP FA 141 -4.00 59.87 1.80
C TRP FA 141 -3.65 60.01 3.27
N PRO FA 142 -3.88 61.16 3.89
CA PRO FA 142 -3.58 61.30 5.32
C PRO FA 142 -4.46 60.41 6.19
N GLY FA 143 -3.84 59.41 6.83
CA GLY FA 143 -4.58 58.50 7.67
C GLY FA 143 -4.30 57.04 7.37
N LEU FA 144 -4.02 56.73 6.11
CA LEU FA 144 -3.76 55.36 5.69
C LEU FA 144 -2.27 55.06 5.60
N ASN FA 145 -1.55 55.78 4.74
CA ASN FA 145 -0.12 55.55 4.55
C ASN FA 145 0.74 56.59 5.26
N ILE FA 146 0.50 57.87 5.00
CA ILE FA 146 1.24 58.94 5.66
C ILE FA 146 0.58 59.25 7.00
N PRO FA 147 1.33 59.70 7.99
CA PRO FA 147 0.72 60.01 9.29
C PRO FA 147 -0.24 61.19 9.20
N LEU FA 148 -1.26 61.14 10.06
CA LEU FA 148 -2.29 62.18 10.04
C LEU FA 148 -1.74 63.54 10.42
N MET FA 149 -1.00 63.61 11.53
CA MET FA 149 -0.46 64.85 12.05
C MET FA 149 1.04 64.91 11.81
N ARG FA 150 1.51 66.03 11.27
CA ARG FA 150 2.92 66.26 11.00
C ARG FA 150 3.36 67.50 11.76
N ASN FA 151 4.22 67.31 12.77
CA ASN FA 151 4.74 68.40 13.59
C ASN FA 151 3.61 69.21 14.22
N GLY FA 152 2.56 68.53 14.65
CA GLY FA 152 1.39 69.18 15.19
C GLY FA 152 0.42 69.74 14.18
N ALA FA 153 0.72 69.59 12.89
CA ALA FA 153 -0.16 70.07 11.82
C ALA FA 153 -0.70 68.88 11.05
N VAL FA 154 -2.02 68.85 10.86
CA VAL FA 154 -2.66 67.73 10.19
C VAL FA 154 -2.39 67.83 8.69
N GLN FA 155 -1.87 66.76 8.11
CA GLN FA 155 -1.54 66.74 6.69
C GLN FA 155 -2.82 66.71 5.84
N THR FA 156 -2.66 67.07 4.57
CA THR FA 156 -3.74 67.07 3.61
C THR FA 156 -3.44 66.07 2.49
N ILE FA 157 -4.39 65.92 1.57
CA ILE FA 157 -4.22 65.03 0.45
C ILE FA 157 -3.14 65.56 -0.48
N ALA FA 158 -2.23 64.69 -0.90
CA ALA FA 158 -1.16 65.08 -1.79
C ALA FA 158 -0.77 63.90 -2.67
N GLN FA 159 -0.18 64.21 -3.81
CA GLN FA 159 0.28 63.21 -4.75
C GLN FA 159 1.74 62.86 -4.46
N ARG FA 160 2.39 62.12 -5.36
CA ARG FA 160 3.78 61.74 -5.20
C ARG FA 160 4.52 62.05 -6.49
N SER FA 161 5.80 62.40 -6.35
CA SER FA 161 6.61 62.72 -7.52
C SER FA 161 6.84 61.48 -8.36
N LYS FA 162 7.07 61.70 -9.67
CA LYS FA 162 7.23 60.59 -10.59
C LYS FA 162 8.46 59.76 -10.25
N GLU FA 163 9.58 60.42 -9.93
CA GLU FA 163 10.78 59.69 -9.55
C GLU FA 163 10.58 58.92 -8.26
N ASP FA 164 9.90 59.54 -7.28
CA ASP FA 164 9.65 58.86 -6.02
C ASP FA 164 8.75 57.64 -6.20
N GLN FA 165 7.70 57.77 -7.01
CA GLN FA 165 6.78 56.66 -7.22
C GLN FA 165 7.47 55.48 -7.91
N GLU FA 166 8.37 55.77 -8.85
CA GLU FA 166 9.07 54.70 -9.55
C GLU FA 166 9.91 53.87 -8.58
N LYS FA 167 10.59 54.52 -7.65
CA LYS FA 167 11.39 53.79 -6.67
C LYS FA 167 10.52 52.93 -5.77
N VAL FA 168 9.35 53.45 -5.36
CA VAL FA 168 8.46 52.68 -4.48
C VAL FA 168 7.97 51.43 -5.20
N GLU FA 169 7.58 51.56 -6.47
CA GLU FA 169 7.20 50.39 -7.24
C GLU FA 169 8.37 49.44 -7.41
N ALA FA 170 9.57 49.98 -7.61
CA ALA FA 170 10.76 49.13 -7.72
C ALA FA 170 11.03 48.38 -6.43
N ASP FA 171 10.61 48.94 -5.29
CA ASP FA 171 10.77 48.23 -4.03
C ASP FA 171 9.85 47.02 -3.95
N MET FA 172 8.62 47.16 -4.46
CA MET FA 172 7.66 46.06 -4.38
C MET FA 172 8.09 44.87 -5.24
N VAL FA 173 8.56 45.14 -6.46
CA VAL FA 173 8.91 44.05 -7.37
C VAL FA 173 10.12 43.27 -6.83
N GLN FA 174 11.07 43.96 -6.21
CA GLN FA 174 12.21 43.27 -5.62
C GLN FA 174 11.77 42.39 -4.47
N GLN FA 175 10.79 42.84 -3.70
CA GLN FA 175 10.27 42.01 -2.60
C GLN FA 175 9.63 40.73 -3.14
N ARG FA 176 8.88 40.83 -4.24
CA ARG FA 176 8.25 39.64 -4.80
C ARG FA 176 9.29 38.70 -5.39
N GLU FA 177 10.34 39.24 -6.02
CA GLU FA 177 11.41 38.39 -6.53
C GLU FA 177 12.13 37.67 -5.41
N GLU FA 178 12.35 38.37 -4.29
CA GLU FA 178 12.99 37.73 -3.14
C GLU FA 178 12.11 36.62 -2.57
N TRP FA 179 10.80 36.83 -2.56
CA TRP FA 179 9.88 35.80 -2.06
C TRP FA 179 9.96 34.53 -2.90
N ASP FA 180 10.07 34.67 -4.21
CA ASP FA 180 10.22 33.50 -5.08
C ASP FA 180 11.51 32.75 -4.77
N ARG FA 181 12.60 33.48 -4.54
CA ARG FA 181 13.88 32.84 -4.23
C ARG FA 181 13.85 32.09 -2.91
N ARG FA 182 12.92 32.44 -2.00
CA ARG FA 182 12.81 31.78 -0.72
C ARG FA 182 11.80 30.64 -0.72
N ARG FA 183 11.25 30.31 -1.89
CA ARG FA 183 10.31 29.19 -2.02
C ARG FA 183 10.87 28.04 -2.83
N LYS FA 184 11.73 28.31 -3.82
CA LYS FA 184 12.31 27.24 -4.63
C LYS FA 184 13.19 26.32 -3.80
N MET FA 185 14.00 26.90 -2.91
CA MET FA 185 14.93 26.11 -2.11
C MET FA 185 14.18 25.20 -1.16
N LYS FA 186 14.67 23.97 -1.02
CA LYS FA 186 14.09 22.99 -0.12
C LYS FA 186 15.14 22.51 0.87
N VAL FA 187 14.74 22.33 2.12
CA VAL FA 187 15.66 21.89 3.17
C VAL FA 187 16.12 20.47 2.88
N LYS FA 188 17.42 20.23 3.00
CA LYS FA 188 17.99 18.91 2.79
C LYS FA 188 17.76 18.08 4.04
N ARG FA 189 16.86 17.11 3.96
CA ARG FA 189 16.53 16.27 5.10
C ARG FA 189 17.71 15.36 5.45
N GLU FA 190 17.63 14.77 6.64
CA GLU FA 190 18.67 13.83 7.06
C GLU FA 190 18.72 12.64 6.10
N ARG FA 191 19.91 12.33 5.61
CA ARG FA 191 20.08 11.22 4.69
C ARG FA 191 19.87 9.90 5.42
N GLY FA 192 18.87 9.14 4.97
CA GLY FA 192 18.60 7.84 5.56
C GLY FA 192 19.52 6.77 5.02
N TRP FA 193 18.98 5.55 4.90
CA TRP FA 193 19.75 4.46 4.32
C TRP FA 193 20.05 4.70 2.84
N SER FA 194 19.19 5.44 2.16
CA SER FA 194 19.38 5.79 0.76
C SER FA 194 18.92 7.22 0.56
N GLY FA 195 18.89 7.66 -0.70
CA GLY FA 195 18.52 9.04 -0.98
C GLY FA 195 17.04 9.31 -0.98
N ASN FA 196 16.23 8.28 -1.23
CA ASN FA 196 14.79 8.46 -1.36
C ASN FA 196 13.97 7.67 -0.34
N THR FA 197 14.46 6.53 0.13
CA THR FA 197 13.72 5.75 1.10
C THR FA 197 13.77 6.44 2.47
N TRP FA 198 12.83 6.07 3.33
CA TRP FA 198 12.74 6.63 4.67
C TRP FA 198 13.47 5.79 5.71
N GLY FA 199 14.12 4.71 5.31
CA GLY FA 199 14.85 3.89 6.25
C GLY FA 199 16.00 4.62 6.92
N GLY FA 200 15.98 4.68 8.24
CA GLY FA 200 17.05 5.33 8.98
C GLY FA 200 16.88 6.83 9.20
N VAL FA 201 15.74 7.40 8.83
CA VAL FA 201 15.49 8.81 9.04
C VAL FA 201 14.90 9.02 10.44
N SER FA 202 15.49 9.93 11.20
CA SER FA 202 15.04 10.20 12.55
C SER FA 202 13.90 11.21 12.55
N LEU FA 203 12.96 11.01 13.48
CA LEU FA 203 11.78 11.88 13.59
C LEU FA 203 11.82 12.76 14.83
N GLY FA 204 12.93 12.75 15.58
CA GLY FA 204 13.03 13.52 16.79
C GLY FA 204 12.43 12.81 17.99
N PRO FA 205 12.41 13.48 19.14
CA PRO FA 205 11.91 12.83 20.35
C PRO FA 205 10.44 12.52 20.23
N PRO FA 206 9.97 11.47 20.91
CA PRO FA 206 8.53 11.17 20.91
C PRO FA 206 7.75 12.23 21.68
N ASP FA 207 6.45 12.28 21.39
CA ASP FA 207 5.60 13.28 22.02
C ASP FA 207 5.48 13.05 23.51
N PRO FA 208 5.35 14.12 24.31
CA PRO FA 208 5.19 13.95 25.75
C PRO FA 208 3.90 13.21 26.09
N GLY FA 209 3.94 12.47 27.18
CA GLY FA 209 2.82 11.66 27.59
C GLY FA 209 1.71 12.48 28.22
N PRO FA 210 0.58 11.82 28.47
CA PRO FA 210 -0.57 12.53 29.06
C PRO FA 210 -0.33 13.01 30.48
N ASN FA 211 0.67 12.48 31.17
CA ASN FA 211 0.96 12.85 32.55
C ASN FA 211 1.97 14.00 32.65
N GLY FA 212 2.33 14.61 31.53
CA GLY FA 212 3.32 15.67 31.53
C GLY FA 212 4.76 15.21 31.46
N GLU FA 213 5.00 13.90 31.39
CA GLU FA 213 6.35 13.39 31.26
C GLU FA 213 6.94 13.77 29.91
N THR FA 214 8.22 14.16 29.91
CA THR FA 214 8.91 14.60 28.71
C THR FA 214 10.04 13.63 28.40
N TYR FA 215 10.15 13.23 27.15
CA TYR FA 215 11.18 12.29 26.69
C TYR FA 215 12.00 12.98 25.61
N ASP FA 216 13.07 13.67 26.02
CA ASP FA 216 14.01 14.23 25.07
C ASP FA 216 15.24 13.36 24.87
N ASP FA 217 15.51 12.42 25.78
CA ASP FA 217 16.63 11.50 25.58
C ASP FA 217 16.30 10.42 24.56
N PHE FA 218 15.04 10.03 24.46
CA PHE FA 218 14.65 9.04 23.47
C PHE FA 218 14.80 9.59 22.06
N ASP FA 219 15.23 8.72 21.15
CA ASP FA 219 15.32 9.05 19.74
C ASP FA 219 14.68 7.93 18.93
N THR FA 220 14.01 8.29 17.84
CA THR FA 220 13.30 7.33 17.01
C THR FA 220 13.87 7.30 15.61
N ARG FA 221 13.79 6.12 14.99
CA ARG FA 221 14.23 5.92 13.62
C ARG FA 221 13.18 5.13 12.86
N ILE FA 222 13.05 5.41 11.57
CA ILE FA 222 12.10 4.72 10.72
C ILE FA 222 12.79 3.53 10.07
N LEU FA 223 12.18 2.35 10.19
CA LEU FA 223 12.77 1.13 9.65
C LEU FA 223 12.12 0.68 8.34
N GLU FA 224 10.84 0.95 8.14
CA GLU FA 224 10.15 0.50 6.93
C GLU FA 224 8.88 1.29 6.75
N VAL FA 225 8.72 1.90 5.58
CA VAL FA 225 7.47 2.55 5.18
C VAL FA 225 7.00 1.89 3.90
N ARG FA 226 5.76 1.42 3.90
CA ARG FA 226 5.24 0.66 2.76
C ARG FA 226 3.77 0.98 2.57
N ASN FA 227 3.40 1.34 1.34
CA ASN FA 227 2.02 1.62 1.03
C ASN FA 227 1.22 0.32 0.97
N VAL FA 228 0.06 0.31 1.62
CA VAL FA 228 -0.79 -0.87 1.71
C VAL FA 228 -2.14 -0.54 1.10
N PHE FA 229 -2.60 -1.37 0.18
CA PHE FA 229 -3.87 -1.19 -0.51
C PHE FA 229 -4.89 -2.20 -0.01
N ASN FA 230 -6.13 -1.76 0.13
CA ASN FA 230 -7.24 -2.62 0.52
C ASN FA 230 -8.41 -2.37 -0.44
N MET FA 231 -9.21 -3.40 -0.64
CA MET FA 231 -10.34 -3.35 -1.58
C MET FA 231 -11.61 -3.01 -0.82
N THR FA 232 -12.26 -1.93 -1.21
CA THR FA 232 -13.49 -1.47 -0.57
C THR FA 232 -14.62 -1.48 -1.58
N ALA FA 233 -15.85 -1.60 -1.05
CA ALA FA 233 -17.02 -1.72 -1.91
C ALA FA 233 -17.24 -0.46 -2.75
N LYS FA 234 -17.10 0.71 -2.14
CA LYS FA 234 -17.41 1.97 -2.82
C LYS FA 234 -16.20 2.56 -3.52
N GLU FA 235 -15.14 2.87 -2.77
CA GLU FA 235 -14.00 3.57 -3.35
C GLU FA 235 -13.21 2.67 -4.29
N GLY FA 236 -13.05 1.40 -3.93
CA GLY FA 236 -12.19 0.51 -4.70
C GLY FA 236 -10.89 0.23 -3.98
N ARG FA 237 -9.80 0.84 -4.44
CA ARG FA 237 -8.50 0.68 -3.80
C ARG FA 237 -8.35 1.75 -2.72
N LYS FA 238 -8.28 1.33 -1.47
CA LYS FA 238 -8.15 2.23 -0.32
C LYS FA 238 -6.69 2.19 0.13
N ARG FA 239 -5.89 3.12 -0.39
CA ARG FA 239 -4.48 3.16 -0.06
C ARG FA 239 -4.26 3.61 1.39
N SER FA 240 -3.46 2.85 2.12
CA SER FA 240 -3.11 3.17 3.50
C SER FA 240 -1.61 3.01 3.68
N VAL FA 241 -1.02 3.89 4.48
CA VAL FA 241 0.42 3.90 4.70
C VAL FA 241 0.70 3.37 6.11
N ARG FA 242 1.51 2.31 6.19
CA ARG FA 242 1.96 1.76 7.46
C ARG FA 242 3.46 1.97 7.59
N VAL FA 243 3.91 2.22 8.82
CA VAL FA 243 5.33 2.43 9.11
C VAL FA 243 5.69 1.64 10.35
N LEU FA 244 6.98 1.32 10.46
CA LEU FA 244 7.52 0.57 11.59
C LEU FA 244 8.74 1.31 12.11
N VAL FA 245 8.65 1.83 13.33
CA VAL FA 245 9.71 2.66 13.90
C VAL FA 245 10.19 2.01 15.20
N ALA FA 246 11.40 2.39 15.60
CA ALA FA 246 12.00 1.94 16.84
C ALA FA 246 12.50 3.14 17.61
N VAL FA 247 12.31 3.13 18.92
CA VAL FA 247 12.74 4.22 19.79
C VAL FA 247 13.76 3.67 20.78
N GLY FA 248 14.63 4.56 21.24
CA GLY FA 248 15.65 4.19 22.20
C GLY FA 248 16.35 5.39 22.81
N ASN FA 249 16.84 5.24 24.04
CA ASN FA 249 17.51 6.33 24.74
C ASN FA 249 19.03 6.24 24.68
N GLY FA 250 19.57 5.10 24.25
CA GLY FA 250 21.00 4.90 24.25
C GLY FA 250 21.58 4.39 25.55
N LYS FA 251 20.75 4.15 26.56
CA LYS FA 251 21.19 3.64 27.85
C LYS FA 251 20.82 2.17 28.06
N GLY FA 252 20.30 1.50 27.04
CA GLY FA 252 19.96 0.10 27.12
C GLY FA 252 18.47 -0.20 26.99
N ALA FA 253 17.61 0.79 26.91
CA ALA FA 253 16.17 0.59 26.78
C ALA FA 253 15.72 1.02 25.40
N ALA FA 254 15.05 0.12 24.68
CA ALA FA 254 14.56 0.43 23.34
C ALA FA 254 13.32 -0.41 23.07
N GLY FA 255 12.54 0.03 22.08
CA GLY FA 255 11.32 -0.66 21.73
C GLY FA 255 10.89 -0.33 20.32
N PHE FA 256 9.93 -1.11 19.82
CA PHE FA 256 9.44 -0.98 18.46
C PHE FA 256 7.92 -1.08 18.46
N ALA FA 257 7.30 -0.48 17.45
CA ALA FA 257 5.86 -0.58 17.26
C ALA FA 257 5.54 -0.21 15.81
N ILE FA 258 4.31 -0.51 15.40
CA ILE FA 258 3.85 -0.26 14.05
C ILE FA 258 2.66 0.67 14.10
N GLY FA 259 2.60 1.61 13.16
CA GLY FA 259 1.49 2.54 13.09
C GLY FA 259 0.98 2.72 11.67
N LYS FA 260 -0.32 2.54 11.47
CA LYS FA 260 -0.92 2.58 10.14
C LYS FA 260 -2.06 3.59 10.13
N ALA FA 261 -2.07 4.45 9.10
CA ALA FA 261 -3.13 5.43 8.93
C ALA FA 261 -3.25 5.77 7.45
N THR FA 262 -4.21 6.63 7.13
CA THR FA 262 -4.44 7.00 5.74
C THR FA 262 -3.40 7.98 5.24
N GLU FA 263 -2.82 8.78 6.12
CA GLU FA 263 -1.85 9.80 5.76
C GLU FA 263 -0.48 9.44 6.32
N ARG FA 264 0.57 9.71 5.55
CA ARG FA 264 1.93 9.41 5.99
C ARG FA 264 2.30 10.21 7.22
N ALA FA 265 1.91 11.49 7.26
CA ALA FA 265 2.21 12.31 8.43
C ALA FA 265 1.54 11.78 9.68
N ASP FA 266 0.29 11.34 9.57
CA ASP FA 266 -0.39 10.74 10.71
C ASP FA 266 0.19 9.37 11.05
N ALA FA 267 0.77 8.68 10.06
CA ALA FA 267 1.38 7.38 10.33
C ALA FA 267 2.58 7.52 11.26
N PHE FA 268 3.41 8.54 11.05
CA PHE FA 268 4.57 8.73 11.91
C PHE FA 268 4.17 9.04 13.34
N ARG FA 269 3.14 9.87 13.51
CA ARG FA 269 2.73 10.27 14.86
C ARG FA 269 2.23 9.07 15.67
N LYS FA 270 1.43 8.20 15.04
CA LYS FA 270 0.92 7.04 15.75
C LYS FA 270 2.04 6.09 16.14
N ALA FA 271 3.01 5.90 15.25
CA ALA FA 271 4.09 4.94 15.53
C ALA FA 271 4.97 5.39 16.67
N LYS FA 272 5.28 6.69 16.75
CA LYS FA 272 6.14 7.18 17.82
C LYS FA 272 5.49 6.99 19.19
N ASN FA 273 4.24 7.42 19.33
CA ASN FA 273 3.57 7.34 20.62
C ASN FA 273 3.38 5.89 21.05
N ARG FA 274 3.02 5.00 20.13
CA ARG FA 274 2.84 3.60 20.47
C ARG FA 274 4.17 2.88 20.69
N ALA FA 275 5.29 3.49 20.30
CA ALA FA 275 6.58 2.82 20.48
C ALA FA 275 7.02 2.83 21.93
N VAL FA 276 6.83 3.94 22.63
CA VAL FA 276 7.28 4.03 24.02
C VAL FA 276 6.47 3.14 24.94
N HIS FA 277 5.29 2.68 24.49
CA HIS FA 277 4.52 1.75 25.31
C HIS FA 277 5.16 0.37 25.38
N TYR FA 278 5.84 -0.04 24.32
CA TYR FA 278 6.51 -1.34 24.27
C TYR FA 278 8.02 -1.09 24.36
N LEU FA 279 8.59 -1.29 25.54
CA LEU FA 279 10.01 -1.07 25.77
C LEU FA 279 10.64 -2.32 26.37
N HIS FA 280 11.83 -2.66 25.86
CA HIS FA 280 12.65 -3.73 26.40
C HIS FA 280 13.88 -3.13 27.06
N TYR FA 281 14.52 -3.94 27.91
CA TYR FA 281 15.82 -3.59 28.48
C TYR FA 281 16.81 -4.67 28.05
N ILE FA 282 17.77 -4.29 27.21
CA ILE FA 282 18.75 -5.24 26.66
C ILE FA 282 20.02 -5.12 27.48
N GLU FA 283 20.41 -6.22 28.14
CA GLU FA 283 21.64 -6.20 28.93
C GLU FA 283 22.86 -6.06 28.03
N ARG FA 284 23.82 -5.25 28.46
CA ARG FA 284 25.02 -4.95 27.69
C ARG FA 284 26.24 -5.24 28.54
N TYR FA 285 26.96 -6.32 28.22
CA TYR FA 285 28.20 -6.61 28.92
C TYR FA 285 29.20 -5.47 28.70
N GLU FA 286 29.56 -4.80 29.80
CA GLU FA 286 30.44 -3.63 29.75
C GLU FA 286 29.92 -2.54 28.82
N ASP FA 287 28.62 -2.59 28.49
CA ASP FA 287 27.94 -1.54 27.73
C ASP FA 287 28.55 -1.35 26.35
N HIS FA 288 29.08 -2.42 25.78
CA HIS FA 288 29.64 -2.31 24.44
C HIS FA 288 29.36 -3.54 23.59
N THR FA 289 28.77 -4.58 24.17
CA THR FA 289 28.58 -5.84 23.48
C THR FA 289 27.58 -6.68 24.27
N ILE FA 290 27.01 -7.69 23.60
CA ILE FA 290 26.14 -8.63 24.27
C ILE FA 290 26.98 -9.62 25.08
N TYR FA 291 26.32 -10.28 26.03
CA TYR FA 291 27.05 -11.15 26.96
C TYR FA 291 27.64 -12.36 26.25
N HIS FA 292 26.89 -12.99 25.35
CA HIS FA 292 27.36 -14.19 24.68
C HIS FA 292 26.72 -14.29 23.30
N ASP FA 293 27.29 -15.17 22.48
CA ASP FA 293 26.79 -15.35 21.12
C ASP FA 293 25.37 -15.90 21.15
N ILE FA 294 24.52 -15.35 20.27
CA ILE FA 294 23.10 -15.68 20.23
C ILE FA 294 22.76 -16.20 18.85
N SER FA 295 22.09 -17.34 18.79
CA SER FA 295 21.62 -17.92 17.53
C SER FA 295 20.14 -18.25 17.69
N LEU FA 296 19.31 -17.65 16.86
CA LEU FA 296 17.86 -17.79 16.95
C LEU FA 296 17.26 -17.94 15.57
N LYS FA 297 16.05 -18.50 15.52
CA LYS FA 297 15.28 -18.67 14.29
C LYS FA 297 13.85 -18.23 14.57
N PHE FA 298 13.55 -16.96 14.30
CA PHE FA 298 12.20 -16.44 14.48
C PHE FA 298 11.42 -16.66 13.20
N LYS FA 299 10.36 -17.48 13.30
CA LYS FA 299 9.56 -17.87 12.14
C LYS FA 299 10.47 -18.38 11.02
N ARG FA 300 10.59 -17.63 9.93
CA ARG FA 300 11.42 -18.01 8.80
C ARG FA 300 12.59 -17.06 8.59
N THR FA 301 13.13 -16.51 9.68
CA THR FA 301 14.28 -15.62 9.61
C THR FA 301 15.37 -16.15 10.53
N HIS FA 302 16.52 -16.52 9.95
CA HIS FA 302 17.67 -16.99 10.70
C HIS FA 302 18.64 -15.85 10.87
N ILE FA 303 18.84 -15.41 12.11
CA ILE FA 303 19.76 -14.34 12.43
C ILE FA 303 20.72 -14.82 13.50
N LYS FA 304 22.02 -14.67 13.24
CA LYS FA 304 23.07 -15.12 14.16
C LYS FA 304 23.95 -13.92 14.52
N MET FA 305 24.14 -13.71 15.81
CA MET FA 305 24.95 -12.60 16.30
C MET FA 305 26.10 -13.13 17.15
N LYS FA 306 27.25 -12.45 17.06
CA LYS FA 306 28.46 -12.88 17.74
C LYS FA 306 29.02 -11.74 18.58
N LYS FA 307 29.63 -12.11 19.70
CA LYS FA 307 30.32 -11.15 20.55
C LYS FA 307 31.63 -10.70 19.88
N GLN FA 308 31.98 -9.44 20.10
CA GLN FA 308 33.18 -8.89 19.50
C GLN FA 308 33.91 -8.03 20.52
N PRO FA 309 35.23 -7.86 20.37
CA PRO FA 309 35.98 -6.96 21.26
C PRO FA 309 35.64 -5.50 20.99
N ARG FA 310 36.32 -4.59 21.70
CA ARG FA 310 35.99 -3.17 21.61
C ARG FA 310 36.36 -2.57 20.26
N GLY FA 311 37.47 -3.00 19.67
CA GLY FA 311 37.98 -2.32 18.48
C GLY FA 311 37.08 -2.46 17.26
N TYR FA 312 36.54 -3.64 17.02
CA TYR FA 312 35.75 -3.94 15.83
C TYR FA 312 34.27 -3.88 16.19
N GLY FA 313 33.58 -2.88 15.68
CA GLY FA 313 32.22 -2.61 16.09
C GLY FA 313 31.27 -2.37 14.95
N LEU FA 314 30.02 -2.81 15.14
CA LEU FA 314 28.89 -2.49 14.25
C LEU FA 314 29.16 -2.96 12.82
N HIS FA 315 29.27 -4.27 12.66
CA HIS FA 315 29.30 -4.92 11.36
C HIS FA 315 28.08 -5.84 11.30
N CYS FA 316 26.93 -5.27 10.93
CA CYS FA 316 25.67 -6.00 10.96
C CYS FA 316 24.77 -5.48 9.84
N HIS FA 317 23.60 -6.10 9.73
CA HIS FA 317 22.61 -5.67 8.75
C HIS FA 317 22.20 -4.22 9.02
N ARG FA 318 21.92 -3.48 7.94
CA ARG FA 318 21.71 -2.04 8.06
C ARG FA 318 20.51 -1.72 8.95
N ALA FA 319 19.54 -2.63 9.04
CA ALA FA 319 18.45 -2.44 9.99
C ALA FA 319 18.90 -2.74 11.41
N ILE FA 320 19.75 -3.74 11.58
CA ILE FA 320 20.25 -4.07 12.92
C ILE FA 320 21.14 -2.96 13.45
N MET FA 321 21.94 -2.35 12.57
CA MET FA 321 22.79 -1.24 13.01
C MET FA 321 21.97 -0.09 13.56
N THR FA 322 20.81 0.18 12.94
CA THR FA 322 19.95 1.25 13.44
C THR FA 322 19.41 0.93 14.83
N ILE FA 323 19.02 -0.33 15.05
CA ILE FA 323 18.53 -0.72 16.37
C ILE FA 323 19.66 -0.74 17.38
N CYS FA 324 20.85 -1.19 16.97
CA CYS FA 324 21.97 -1.28 17.90
C CYS FA 324 22.38 0.09 18.41
N ARG FA 325 22.41 1.09 17.52
CA ARG FA 325 22.77 2.44 17.96
C ARG FA 325 21.76 3.01 18.94
N LEU FA 326 20.49 2.64 18.80
CA LEU FA 326 19.47 3.11 19.74
C LEU FA 326 19.59 2.39 21.08
N ILE FA 327 19.81 1.08 21.06
CA ILE FA 327 19.96 0.34 22.31
C ILE FA 327 21.21 0.79 23.06
N GLY FA 328 22.32 0.92 22.35
CA GLY FA 328 23.59 1.28 22.95
C GLY FA 328 24.72 0.32 22.64
N ILE FA 329 24.45 -0.83 22.03
CA ILE FA 329 25.51 -1.76 21.67
C ILE FA 329 26.39 -1.13 20.61
N LYS FA 330 27.71 -1.20 20.81
CA LYS FA 330 28.66 -0.54 19.92
C LYS FA 330 29.64 -1.52 19.29
N ASP FA 331 29.47 -2.82 19.51
CA ASP FA 331 30.38 -3.83 18.94
C ASP FA 331 29.55 -5.09 18.72
N LEU FA 332 29.27 -5.42 17.47
CA LEU FA 332 28.42 -6.57 17.19
C LEU FA 332 28.66 -7.04 15.75
N TYR FA 333 28.43 -8.33 15.53
CA TYR FA 333 28.45 -8.93 14.20
C TYR FA 333 27.20 -9.77 14.03
N ALA FA 334 26.44 -9.51 12.96
CA ALA FA 334 25.18 -10.19 12.73
C ALA FA 334 25.07 -10.62 11.28
N LYS FA 335 24.64 -11.86 11.07
CA LYS FA 335 24.38 -12.41 9.75
C LYS FA 335 22.93 -12.85 9.67
N VAL FA 336 22.23 -12.39 8.64
CA VAL FA 336 20.80 -12.67 8.46
C VAL FA 336 20.66 -13.66 7.32
N SER FA 337 19.96 -14.77 7.59
CA SER FA 337 19.74 -15.81 6.60
C SER FA 337 18.25 -16.07 6.45
N GLY FA 338 17.85 -16.47 5.25
CA GLY FA 338 16.46 -16.71 4.97
C GLY FA 338 15.71 -15.45 4.61
N SER FA 339 14.46 -15.34 5.05
CA SER FA 339 13.66 -14.16 4.76
C SER FA 339 14.23 -12.95 5.47
N VAL FA 340 14.17 -11.80 4.80
CA VAL FA 340 14.75 -10.56 5.33
C VAL FA 340 13.62 -9.56 5.56
N ASN FA 341 12.44 -10.07 5.88
CA ASN FA 341 11.31 -9.18 6.15
C ASN FA 341 11.62 -8.31 7.36
N MET FA 342 11.33 -7.01 7.23
CA MET FA 342 11.73 -6.05 8.26
C MET FA 342 11.03 -6.32 9.58
N LEU FA 343 9.74 -6.67 9.54
CA LEU FA 343 9.00 -6.90 10.77
C LEU FA 343 9.51 -8.13 11.51
N ASN FA 344 9.78 -9.23 10.79
CA ASN FA 344 10.29 -10.43 11.44
C ASN FA 344 11.68 -10.20 12.01
N LEU FA 345 12.52 -9.47 11.29
CA LEU FA 345 13.89 -9.21 11.77
C LEU FA 345 13.87 -8.40 13.06
N THR FA 346 13.00 -7.39 13.15
CA THR FA 346 12.94 -6.57 14.34
C THR FA 346 12.44 -7.37 15.54
N ARG FA 347 11.36 -8.14 15.36
CA ARG FA 347 10.83 -8.94 16.45
C ARG FA 347 11.82 -10.03 16.86
N GLY FA 348 12.47 -10.66 15.89
CA GLY FA 348 13.42 -11.72 16.21
C GLY FA 348 14.63 -11.21 16.96
N LEU FA 349 15.11 -10.01 16.61
CA LEU FA 349 16.25 -9.44 17.31
C LEU FA 349 15.93 -9.14 18.77
N PHE FA 350 14.79 -8.48 19.01
CA PHE FA 350 14.43 -8.14 20.38
C PHE FA 350 14.13 -9.39 21.20
N LEU FA 351 13.46 -10.37 20.60
CA LEU FA 351 13.18 -11.61 21.32
C LEU FA 351 14.47 -12.32 21.71
N GLY FA 352 15.44 -12.36 20.78
CA GLY FA 352 16.71 -12.97 21.11
C GLY FA 352 17.49 -12.20 22.16
N LEU FA 353 17.52 -10.87 22.04
CA LEU FA 353 18.26 -10.05 22.99
C LEU FA 353 17.60 -10.01 24.36
N SER FA 354 16.26 -10.08 24.41
CA SER FA 354 15.57 -10.13 25.70
C SER FA 354 15.76 -11.48 26.39
N ARG FA 355 16.14 -12.51 25.64
CA ARG FA 355 16.41 -13.83 26.18
C ARG FA 355 17.87 -14.01 26.58
N GLN FA 356 18.66 -12.95 26.47
CA GLN FA 356 20.08 -13.01 26.80
C GLN FA 356 20.29 -13.34 28.28
N GLU FA 357 21.30 -14.15 28.55
CA GLU FA 357 21.64 -14.58 29.91
C GLU FA 357 22.95 -13.91 30.33
N THR FA 358 22.92 -13.21 31.46
CA THR FA 358 24.09 -12.50 31.94
C THR FA 358 25.02 -13.42 32.72
N HIS FA 359 26.22 -12.90 33.02
CA HIS FA 359 27.18 -13.67 33.80
C HIS FA 359 26.69 -13.93 35.21
N GLN FA 360 26.09 -12.91 35.84
CA GLN FA 360 25.62 -13.06 37.21
C GLN FA 360 24.54 -14.13 37.31
N GLN FA 361 23.60 -14.14 36.37
CA GLN FA 361 22.56 -15.17 36.37
C GLN FA 361 23.16 -16.55 36.14
N LEU FA 362 24.15 -16.64 35.24
CA LEU FA 362 24.80 -17.92 35.01
C LEU FA 362 25.52 -18.42 36.26
N ALA FA 363 26.19 -17.51 36.97
CA ALA FA 363 26.90 -17.90 38.19
C ALA FA 363 25.92 -18.38 39.26
N ASP FA 364 24.80 -17.69 39.42
CA ASP FA 364 23.83 -18.05 40.45
C ASP FA 364 23.22 -19.43 40.20
N LYS FA 365 22.88 -19.73 38.95
CA LYS FA 365 22.27 -21.02 38.65
C LYS FA 365 23.28 -22.15 38.63
N LYS FA 366 24.57 -21.85 38.56
CA LYS FA 366 25.61 -22.86 38.64
C LYS FA 366 26.33 -22.87 39.98
N SER FA 367 26.26 -21.79 40.75
CA SER FA 367 26.94 -21.67 42.04
C SER FA 367 28.45 -21.90 41.91
N LEU FA 368 29.03 -21.43 40.80
CA LEU FA 368 30.45 -21.53 40.56
C LEU FA 368 30.95 -20.22 39.98
N HIS FA 369 32.25 -19.97 40.18
CA HIS FA 369 32.86 -18.77 39.64
C HIS FA 369 32.94 -18.83 38.13
N VAL FA 370 32.83 -17.67 37.49
CA VAL FA 370 33.01 -17.52 36.05
C VAL FA 370 34.23 -16.65 35.82
N VAL FA 371 35.22 -17.19 35.12
CA VAL FA 371 36.52 -16.56 34.96
C VAL FA 371 36.69 -16.15 33.50
N GLU FA 372 37.06 -14.88 33.29
CA GLU FA 372 37.25 -14.34 31.95
C GLU FA 372 38.74 -14.32 31.63
N PHE FA 373 39.11 -15.00 30.55
CA PHE FA 373 40.51 -15.08 30.11
C PHE FA 373 40.69 -14.15 28.92
N ARG FA 374 41.10 -12.91 29.18
CA ARG FA 374 41.42 -11.99 28.11
C ARG FA 374 42.65 -12.47 27.35
N GLU FA 375 42.58 -12.38 26.02
CA GLU FA 375 43.71 -12.83 25.20
C GLU FA 375 44.87 -11.86 25.25
N GLU FA 376 44.61 -10.56 25.34
CA GLU FA 376 45.66 -9.57 25.42
C GLU FA 376 46.24 -9.41 26.83
N CYS FA 377 45.55 -9.94 27.84
CA CYS FA 377 46.02 -9.85 29.23
C CYS FA 377 46.77 -11.10 29.66
N GLY FA 378 47.03 -12.04 28.76
CA GLY FA 378 47.74 -13.24 29.10
C GLY FA 378 46.90 -14.23 29.88
N PRO FA 379 47.56 -15.13 30.60
CA PRO FA 379 46.82 -16.16 31.35
C PRO FA 379 46.27 -15.67 32.68
N LEU FA 380 46.16 -14.36 32.85
CA LEU FA 380 45.64 -13.81 34.09
C LEU FA 380 44.16 -14.16 34.23
N PRO FA 381 43.75 -14.84 35.30
CA PRO FA 381 42.32 -15.21 35.48
C PRO FA 381 41.47 -14.11 36.10
N ILE FA 382 41.00 -13.20 35.25
CA ILE FA 382 40.11 -12.14 35.70
C ILE FA 382 38.77 -12.73 36.08
N VAL FA 383 38.25 -12.33 37.24
CA VAL FA 383 36.94 -12.78 37.73
C VAL FA 383 35.94 -11.67 37.48
N VAL FA 384 34.79 -12.02 36.88
CA VAL FA 384 33.78 -11.05 36.52
C VAL FA 384 32.50 -11.16 37.36
N ALA FA 385 32.16 -12.36 37.83
CA ALA FA 385 30.96 -12.54 38.63
C ALA FA 385 31.19 -13.65 39.64
N SER FA 386 30.65 -13.46 40.84
CA SER FA 386 30.77 -14.43 41.91
C SER FA 386 29.40 -14.90 42.36
N PRO FA 387 29.20 -16.21 42.55
CA PRO FA 387 27.88 -16.70 42.95
C PRO FA 387 27.54 -16.34 44.38
N GLN FA 388 26.60 -15.41 44.55
CA GLN FA 388 26.18 -15.02 45.88
C GLN FA 388 25.48 -16.18 46.57
N GLY FA 389 25.85 -16.43 47.83
CA GLY FA 389 25.30 -17.55 48.56
C GLY FA 389 26.26 -18.72 48.67
N ALA FA 390 25.71 -19.94 48.57
CA ALA FA 390 26.52 -21.14 48.71
C ALA FA 390 27.36 -21.38 47.46
N LEU FA 391 28.63 -21.70 47.66
CA LEU FA 391 29.55 -22.00 46.56
C LEU FA 391 29.77 -23.50 46.51
N ARG FA 392 29.48 -24.10 45.35
CA ARG FA 392 29.62 -25.55 45.20
C ARG FA 392 31.09 -25.93 45.13
N LYS FA 393 31.46 -26.95 45.91
CA LYS FA 393 32.82 -27.48 45.89
C LYS FA 393 33.01 -28.59 44.88
N ASP FA 394 31.94 -29.06 44.24
CA ASP FA 394 32.05 -30.13 43.26
C ASP FA 394 32.37 -29.53 41.90
N PRO FA 395 33.50 -29.88 41.29
CA PRO FA 395 33.85 -29.32 39.99
C PRO FA 395 32.92 -29.82 38.89
N GLU FA 396 32.85 -29.02 37.82
CA GLU FA 396 32.04 -29.40 36.67
C GLU FA 396 32.59 -30.68 36.05
N PRO FA 397 31.74 -31.64 35.68
CA PRO FA 397 32.22 -32.86 35.03
C PRO FA 397 32.86 -32.54 33.69
N GLU FA 398 34.13 -32.91 33.55
CA GLU FA 398 34.89 -32.60 32.35
C GLU FA 398 34.63 -33.67 31.30
N ASP FA 399 33.98 -33.28 30.20
CA ASP FA 399 33.73 -34.18 29.09
C ASP FA 399 34.88 -34.05 28.09
N GLU FA 400 35.43 -35.19 27.68
CA GLU FA 400 36.54 -35.18 26.73
C GLU FA 400 36.12 -34.61 25.38
N VAL FA 401 34.95 -35.02 24.89
CA VAL FA 401 34.43 -34.52 23.62
C VAL FA 401 33.07 -33.87 23.87
N PRO FA 402 32.97 -32.55 23.84
CA PRO FA 402 31.67 -31.91 24.08
C PRO FA 402 30.68 -32.21 22.97
N ASP FA 403 29.40 -32.25 23.35
CA ASP FA 403 28.30 -32.49 22.43
C ASP FA 403 27.59 -31.15 22.23
N ILE FA 404 28.03 -30.40 21.22
CA ILE FA 404 27.47 -29.08 20.93
C ILE FA 404 27.11 -29.03 19.45
N THR FA 405 26.14 -28.18 19.13
CA THR FA 405 25.69 -28.00 17.75
C THR FA 405 26.48 -26.88 17.11
N LEU FA 406 27.24 -27.21 16.08
CA LEU FA 406 28.07 -26.25 15.36
C LEU FA 406 27.40 -25.88 14.04
N ASP FA 407 27.53 -24.60 13.66
CA ASP FA 407 27.03 -24.13 12.39
C ASP FA 407 28.15 -24.21 11.35
N TRP FA 408 27.81 -24.75 10.18
CA TRP FA 408 28.82 -24.96 9.15
C TRP FA 408 29.49 -23.67 8.71
N GLU FA 409 28.76 -22.55 8.76
CA GLU FA 409 29.36 -21.27 8.40
C GLU FA 409 30.47 -20.88 9.37
N ASP FA 410 30.25 -21.11 10.66
CA ASP FA 410 31.27 -20.75 11.65
C ASP FA 410 32.55 -21.57 11.47
N VAL FA 411 32.40 -22.88 11.24
CA VAL FA 411 33.58 -23.73 11.09
C VAL FA 411 34.29 -23.44 9.78
N LYS FA 412 33.54 -23.19 8.71
CA LYS FA 412 34.16 -22.87 7.43
C LYS FA 412 35.00 -21.60 7.53
N ALA FA 413 34.48 -20.57 8.20
CA ALA FA 413 35.25 -19.34 8.36
C ALA FA 413 36.45 -19.56 9.27
N ALA FA 414 36.30 -20.40 10.31
CA ALA FA 414 37.40 -20.64 11.23
C ALA FA 414 38.56 -21.35 10.55
N GLN FA 415 38.26 -22.31 9.68
CA GLN FA 415 39.31 -23.05 8.98
C GLN FA 415 39.91 -22.27 7.81
N GLY FA 416 39.33 -21.13 7.45
CA GLY FA 416 39.86 -20.33 6.36
C GLY FA 416 39.49 -20.87 4.99
N MET FA 417 38.19 -21.09 4.77
CA MET FA 417 37.70 -21.55 3.48
C MET FA 417 36.71 -20.61 2.82
N LYS FA 418 36.25 -19.57 3.53
CA LYS FA 418 35.35 -18.59 2.95
C LYS FA 418 36.18 -17.54 2.21
N ARG FA 419 36.12 -17.56 0.89
CA ARG FA 419 36.94 -16.70 0.03
C ARG FA 419 36.07 -15.82 -0.86
N SER FA 420 34.95 -15.34 -0.33
CA SER FA 420 34.08 -14.48 -1.10
C SER FA 420 34.73 -13.12 -1.34
N VAL FA 421 34.19 -12.39 -2.31
CA VAL FA 421 34.69 -11.07 -2.65
C VAL FA 421 33.85 -9.98 -1.98
N TRP FA 422 33.06 -10.34 -0.96
CA TRP FA 422 32.29 -9.37 -0.21
C TRP FA 422 32.48 -9.45 1.29
N SER FA 423 33.14 -10.49 1.80
CA SER FA 423 33.31 -10.64 3.24
C SER FA 423 34.36 -9.67 3.78
N GLY FA 424 35.47 -9.51 3.06
CA GLY FA 424 36.58 -8.72 3.57
C GLY FA 424 36.68 -7.32 3.00
N LEU FA 425 35.58 -6.83 2.42
CA LEU FA 425 35.60 -5.52 1.80
C LEU FA 425 35.74 -4.41 2.85
N LYS FA 426 36.41 -3.33 2.47
CA LYS FA 426 36.52 -2.16 3.31
C LYS FA 426 35.29 -1.28 3.13
N ARG FA 427 34.65 -0.91 4.24
CA ARG FA 427 33.45 -0.11 4.21
C ARG FA 427 33.67 1.20 4.97
N ALA FA 428 32.62 2.02 5.02
CA ALA FA 428 32.70 3.32 5.67
C ALA FA 428 32.61 3.14 7.18
N ALA FA 429 32.54 4.25 7.90
CA ALA FA 429 32.45 4.21 9.35
C ALA FA 429 31.09 3.67 9.78
N THR FA 430 31.00 3.29 11.06
CA THR FA 430 29.76 2.78 11.62
C THR FA 430 28.69 3.85 11.67
N GLU GA 55 -76.35 74.99 15.26
CA GLU GA 55 -75.52 73.79 15.28
C GLU GA 55 -75.00 73.51 16.69
N GLU GA 56 -74.84 72.22 17.01
CA GLU GA 56 -74.31 71.79 18.29
C GLU GA 56 -72.86 71.30 18.17
N VAL GA 57 -72.22 71.49 17.02
CA VAL GA 57 -70.85 71.03 16.80
C VAL GA 57 -69.99 72.24 16.49
N VAL GA 58 -68.84 72.32 17.15
CA VAL GA 58 -67.87 73.40 16.93
C VAL GA 58 -66.58 72.75 16.45
N ILE GA 59 -66.15 73.11 15.25
CA ILE GA 59 -64.91 72.56 14.69
C ILE GA 59 -63.74 73.22 15.40
N PRO GA 60 -62.88 72.45 16.07
CA PRO GA 60 -61.73 73.06 16.73
C PRO GA 60 -60.72 73.57 15.72
N LYS GA 61 -59.94 74.57 16.15
CA LYS GA 61 -58.95 75.18 15.27
C LYS GA 61 -57.70 74.32 15.21
N LYS GA 62 -57.14 74.21 14.01
CA LYS GA 62 -55.98 73.35 13.80
C LYS GA 62 -54.73 73.96 14.42
N LYS GA 63 -53.75 73.10 14.68
CA LYS GA 63 -52.45 73.51 15.20
C LYS GA 63 -51.40 73.33 14.10
N THR GA 64 -50.63 74.40 13.86
CA THR GA 64 -49.61 74.40 12.83
C THR GA 64 -48.22 74.41 13.46
N TRP GA 65 -47.36 73.48 13.05
CA TRP GA 65 -46.01 73.38 13.57
C TRP GA 65 -45.06 73.06 12.43
N ASP GA 66 -43.79 73.40 12.64
CA ASP GA 66 -42.77 73.09 11.65
C ASP GA 66 -42.51 71.58 11.60
N LYS GA 67 -41.96 71.13 10.48
CA LYS GA 67 -41.80 69.70 10.23
C LYS GA 67 -40.65 69.07 11.03
N VAL GA 68 -39.86 69.87 11.73
CA VAL GA 68 -38.78 69.34 12.58
C VAL GA 68 -39.07 69.50 14.06
N ALA GA 69 -40.11 70.25 14.43
CA ALA GA 69 -40.40 70.46 15.85
C ALA GA 69 -40.86 69.19 16.53
N ILE GA 70 -41.39 68.23 15.77
CA ILE GA 70 -41.90 67.00 16.38
C ILE GA 70 -40.77 66.18 16.98
N LEU GA 71 -39.60 66.17 16.33
CA LEU GA 71 -38.46 65.43 16.87
C LEU GA 71 -37.89 66.11 18.10
N GLN GA 72 -37.88 67.44 18.12
CA GLN GA 72 -37.36 68.17 19.27
C GLN GA 72 -38.21 67.92 20.51
N ALA GA 73 -39.51 67.67 20.33
CA ALA GA 73 -40.35 67.28 21.46
C ALA GA 73 -39.88 65.96 22.05
N LEU GA 74 -39.52 64.99 21.19
CA LEU GA 74 -38.98 63.74 21.69
C LEU GA 74 -37.55 63.90 22.17
N ALA GA 75 -36.79 64.82 21.56
CA ALA GA 75 -35.41 65.04 21.98
C ALA GA 75 -35.32 65.60 23.39
N SER GA 76 -36.36 66.30 23.85
CA SER GA 76 -36.35 66.86 25.19
C SER GA 76 -36.38 65.76 26.25
N THR GA 77 -37.16 64.69 26.00
CA THR GA 77 -37.30 63.63 26.99
C THR GA 77 -35.97 62.92 27.22
N VAL GA 78 -35.19 62.69 26.17
CA VAL GA 78 -33.94 61.95 26.27
C VAL GA 78 -32.81 62.93 26.57
N HIS GA 79 -32.08 62.68 27.64
CA HIS GA 79 -30.91 63.47 28.00
C HIS GA 79 -29.63 62.72 27.66
N ARG GA 80 -28.50 63.32 28.00
CA ARG GA 80 -27.21 62.70 27.76
C ARG GA 80 -27.04 61.47 28.65
N ASP GA 81 -26.22 60.53 28.17
CA ASP GA 81 -25.97 59.29 28.89
C ASP GA 81 -24.62 59.35 29.58
N SER GA 82 -24.58 58.86 30.83
CA SER GA 82 -23.36 58.96 31.63
C SER GA 82 -22.24 58.08 31.09
N THR GA 83 -22.55 56.81 30.82
CA THR GA 83 -21.53 55.84 30.43
C THR GA 83 -21.29 55.79 28.93
N ALA GA 84 -22.05 56.53 28.14
CA ALA GA 84 -21.94 56.45 26.69
C ALA GA 84 -20.81 57.33 26.17
N ALA GA 85 -20.07 56.81 25.21
CA ALA GA 85 -19.07 57.60 24.50
C ALA GA 85 -19.78 58.61 23.60
N PRO GA 86 -19.07 59.65 23.16
CA PRO GA 86 -19.71 60.65 22.29
C PRO GA 86 -20.30 59.99 21.05
N TYR GA 87 -21.45 60.52 20.63
CA TYR GA 87 -22.20 59.90 19.53
C TYR GA 87 -21.42 59.93 18.23
N VAL GA 88 -20.48 60.86 18.08
CA VAL GA 88 -19.72 60.96 16.83
C VAL GA 88 -18.87 59.72 16.62
N PHE GA 89 -18.37 59.11 17.69
CA PHE GA 89 -17.51 57.95 17.61
C PHE GA 89 -18.34 56.67 17.71
N GLN GA 90 -17.76 55.59 17.19
CA GLN GA 90 -18.42 54.29 17.23
C GLN GA 90 -18.55 53.79 18.67
N ASP GA 91 -19.58 52.98 18.91
CA ASP GA 91 -19.80 52.41 20.23
C ASP GA 91 -19.01 51.14 20.47
N ASP GA 92 -18.29 50.66 19.46
CA ASP GA 92 -17.48 49.46 19.62
C ASP GA 92 -16.30 49.73 20.55
N PRO GA 93 -16.01 48.84 21.50
CA PRO GA 93 -14.90 49.11 22.45
C PRO GA 93 -13.56 49.35 21.79
N TYR GA 94 -13.25 48.61 20.71
CA TYR GA 94 -11.97 48.78 20.05
C TYR GA 94 -11.84 50.15 19.40
N LEU GA 95 -12.95 50.80 19.06
CA LEU GA 95 -12.94 52.12 18.44
C LEU GA 95 -13.29 53.25 19.39
N ILE GA 96 -13.72 52.93 20.61
CA ILE GA 96 -14.01 53.99 21.60
C ILE GA 96 -12.71 54.67 21.98
N PRO GA 97 -12.62 56.00 21.89
CA PRO GA 97 -11.40 56.69 22.31
C PRO GA 97 -11.13 56.48 23.79
N THR GA 98 -9.84 56.36 24.12
CA THR GA 98 -9.42 56.10 25.49
C THR GA 98 -8.80 57.31 26.18
N SER GA 99 -8.51 58.38 25.44
CA SER GA 99 -7.89 59.56 26.03
C SER GA 99 -8.21 60.76 25.16
N SER GA 100 -7.98 61.95 25.72
CA SER GA 100 -8.21 63.18 24.97
C SER GA 100 -7.27 63.31 23.77
N VAL GA 101 -6.11 62.66 23.81
CA VAL GA 101 -5.22 62.64 22.65
C VAL GA 101 -5.86 61.87 21.50
N GLU GA 102 -6.51 60.75 21.82
CA GLU GA 102 -7.13 59.93 20.78
C GLU GA 102 -8.28 60.67 20.11
N SER GA 103 -9.01 61.49 20.87
CA SER GA 103 -10.21 62.13 20.33
C SER GA 103 -9.87 63.03 19.15
N HIS GA 104 -8.80 63.83 19.27
CA HIS GA 104 -8.38 64.65 18.14
C HIS GA 104 -7.90 63.78 16.98
N SER GA 105 -7.17 62.70 17.27
CA SER GA 105 -6.68 61.85 16.21
C SER GA 105 -7.80 61.07 15.54
N PHE GA 106 -8.74 60.53 16.33
CA PHE GA 106 -9.84 59.77 15.76
C PHE GA 106 -10.77 60.66 14.95
N LEU GA 107 -11.22 61.77 15.53
CA LEU GA 107 -12.22 62.60 14.87
C LEU GA 107 -11.68 63.22 13.59
N LEU GA 108 -10.43 63.72 13.62
CA LEU GA 108 -9.86 64.32 12.43
C LEU GA 108 -9.62 63.28 11.34
N ALA GA 109 -9.39 62.03 11.72
CA ALA GA 109 -9.29 60.96 10.73
C ALA GA 109 -10.61 60.80 9.97
N LYS GA 110 -11.74 60.81 10.69
CA LYS GA 110 -13.03 60.72 10.05
C LYS GA 110 -13.31 61.96 9.19
N LYS GA 111 -12.93 63.14 9.68
CA LYS GA 111 -13.13 64.35 8.90
C LYS GA 111 -12.32 64.33 7.61
N SER GA 112 -11.09 63.80 7.66
CA SER GA 112 -10.31 63.63 6.45
C SER GA 112 -10.98 62.66 5.49
N GLY GA 113 -11.72 61.69 6.02
CA GLY GA 113 -12.45 60.77 5.15
C GLY GA 113 -13.50 61.46 4.30
N GLU GA 114 -14.25 62.38 4.91
CA GLU GA 114 -15.26 63.11 4.16
C GLU GA 114 -14.60 63.97 3.07
N ASN GA 115 -13.49 64.62 3.40
CA ASN GA 115 -12.78 65.40 2.40
C ASN GA 115 -12.19 64.51 1.32
N ALA GA 116 -11.68 63.34 1.69
CA ALA GA 116 -11.12 62.42 0.71
C ALA GA 116 -12.20 61.95 -0.27
N ALA GA 117 -13.38 61.61 0.23
CA ALA GA 117 -14.45 61.18 -0.65
C ALA GA 117 -14.95 62.32 -1.53
N LYS GA 118 -15.12 63.51 -0.94
CA LYS GA 118 -15.59 64.66 -1.72
C LYS GA 118 -14.60 65.06 -2.80
N PHE GA 119 -13.31 64.81 -2.57
CA PHE GA 119 -12.33 65.05 -3.63
C PHE GA 119 -12.59 64.13 -4.82
N ILE GA 120 -12.92 62.86 -4.56
CA ILE GA 120 -13.22 61.93 -5.64
C ILE GA 120 -14.49 62.34 -6.36
N ILE GA 121 -15.50 62.78 -5.61
CA ILE GA 121 -16.76 63.20 -6.21
C ILE GA 121 -16.54 64.38 -7.16
N ASN GA 122 -15.77 65.37 -6.72
CA ASN GA 122 -15.49 66.53 -7.54
C ASN GA 122 -14.49 66.25 -8.66
N SER GA 123 -13.64 65.22 -8.49
CA SER GA 123 -12.65 64.93 -9.53
C SER GA 123 -13.29 64.29 -10.75
N TYR GA 124 -14.30 63.44 -10.54
CA TYR GA 124 -14.95 62.70 -11.62
C TYR GA 124 -16.45 62.90 -11.51
N PRO GA 125 -16.96 64.06 -11.94
CA PRO GA 125 -18.41 64.32 -11.81
C PRO GA 125 -19.28 63.34 -12.57
N LYS GA 126 -18.79 62.78 -13.68
CA LYS GA 126 -19.62 61.96 -14.54
C LYS GA 126 -20.02 60.63 -13.91
N TYR GA 127 -19.39 60.23 -12.81
CA TYR GA 127 -19.73 58.99 -12.15
C TYR GA 127 -20.80 59.15 -11.08
N PHE GA 128 -21.34 60.36 -10.92
CA PHE GA 128 -22.36 60.62 -9.90
C PHE GA 128 -23.53 61.43 -10.43
N GLN GA 129 -23.67 61.57 -11.75
CA GLN GA 129 -24.76 62.34 -12.32
C GLN GA 129 -26.09 61.59 -12.27
N LYS GA 130 -26.07 60.29 -12.07
CA LYS GA 130 -27.31 59.51 -12.00
C LYS GA 130 -28.11 59.92 -10.77
N ASP GA 131 -29.40 60.12 -10.95
CA ASP GA 131 -30.29 60.56 -9.87
C ASP GA 131 -31.46 59.60 -9.77
N ILE GA 132 -31.67 59.04 -8.57
CA ILE GA 132 -32.83 58.20 -8.30
C ILE GA 132 -33.50 58.70 -7.03
N ALA GA 133 -33.23 59.95 -6.66
CA ALA GA 133 -33.74 60.52 -5.42
C ALA GA 133 -35.04 61.27 -5.72
N GLU GA 134 -36.11 60.88 -5.03
CA GLU GA 134 -37.41 61.53 -5.17
C GLU GA 134 -38.03 61.70 -3.79
N PRO GA 135 -38.18 62.93 -3.29
CA PRO GA 135 -37.88 64.22 -3.94
C PRO GA 135 -36.39 64.48 -4.11
N HIS GA 136 -36.03 65.43 -4.98
CA HIS GA 136 -34.64 65.68 -5.29
C HIS GA 136 -33.89 66.21 -4.07
N ILE GA 137 -32.64 65.81 -3.95
CA ILE GA 137 -31.76 66.27 -2.88
C ILE GA 137 -30.60 67.03 -3.52
N PRO GA 138 -30.65 68.36 -3.52
CA PRO GA 138 -29.56 69.15 -4.11
C PRO GA 138 -28.29 69.13 -3.29
N CYS GA 139 -28.32 68.60 -2.07
CA CYS GA 139 -27.14 68.57 -1.20
C CYS GA 139 -26.29 67.33 -1.39
N LEU GA 140 -26.66 66.45 -2.32
CA LEU GA 140 -25.88 65.25 -2.61
C LEU GA 140 -25.31 65.22 -4.02
N MET GA 141 -25.75 66.11 -4.90
CA MET GA 141 -25.21 66.13 -6.25
C MET GA 141 -23.77 66.65 -6.23
N PRO GA 142 -22.92 66.17 -7.13
CA PRO GA 142 -21.55 66.68 -7.21
C PRO GA 142 -21.54 68.15 -7.61
N GLU GA 143 -20.54 68.86 -7.10
CA GLU GA 143 -20.36 70.28 -7.40
C GLU GA 143 -19.32 70.44 -8.50
N TYR GA 144 -19.21 71.67 -8.99
CA TYR GA 144 -18.26 72.01 -10.05
C TYR GA 144 -17.49 73.25 -9.63
N PHE GA 145 -16.17 73.21 -9.85
CA PHE GA 145 -15.31 74.35 -9.58
C PHE GA 145 -14.72 74.98 -10.83
N GLU GA 146 -14.48 74.18 -11.87
CA GLU GA 146 -14.01 74.73 -13.13
C GLU GA 146 -15.11 75.58 -13.76
N PRO GA 147 -14.75 76.66 -14.45
CA PRO GA 147 -15.78 77.52 -15.07
C PRO GA 147 -16.58 76.76 -16.12
N GLN GA 148 -17.90 76.70 -15.91
CA GLN GA 148 -18.77 76.01 -16.85
C GLN GA 148 -18.80 76.70 -18.21
N ILE GA 149 -18.46 77.98 -18.26
CA ILE GA 149 -18.41 78.74 -19.51
C ILE GA 149 -16.95 79.07 -19.79
N GLU GA 150 -16.42 78.56 -20.91
CA GLU GA 150 -15.06 78.83 -21.32
C GLU GA 150 -14.95 80.02 -22.27
N ASP GA 151 -16.07 80.67 -22.59
CA ASP GA 151 -16.04 81.84 -23.44
C ASP GA 151 -15.66 83.08 -22.63
N VAL GA 152 -15.19 84.10 -23.34
CA VAL GA 152 -14.77 85.35 -22.72
C VAL GA 152 -15.97 86.29 -22.75
N SER GA 153 -16.65 86.45 -21.62
CA SER GA 153 -17.81 87.31 -21.51
C SER GA 153 -17.98 87.75 -20.07
N GLU GA 154 -18.75 88.82 -19.88
CA GLU GA 154 -19.00 89.33 -18.54
C GLU GA 154 -19.77 88.32 -17.70
N ALA GA 155 -20.75 87.64 -18.31
CA ALA GA 155 -21.54 86.66 -17.56
C ALA GA 155 -20.67 85.51 -17.07
N ALA GA 156 -19.74 85.03 -17.91
CA ALA GA 156 -18.83 83.98 -17.48
C ALA GA 156 -17.84 84.50 -16.43
N LEU GA 157 -17.51 85.79 -16.48
CA LEU GA 157 -16.60 86.36 -15.50
C LEU GA 157 -17.20 86.30 -14.09
N GLN GA 158 -18.50 86.55 -13.96
CA GLN GA 158 -19.15 86.50 -12.66
C GLN GA 158 -19.12 85.09 -12.07
N GLU GA 159 -19.14 84.06 -12.92
CA GLU GA 159 -19.09 82.69 -12.42
C GLU GA 159 -17.77 82.42 -11.70
N ARG GA 160 -16.66 82.88 -12.27
CA ARG GA 160 -15.37 82.68 -11.63
C ARG GA 160 -15.24 83.46 -10.33
N ILE GA 161 -15.88 84.63 -10.26
CA ILE GA 161 -15.84 85.42 -9.03
C ILE GA 161 -16.56 84.69 -7.91
N LYS GA 162 -17.73 84.09 -8.21
CA LYS GA 162 -18.54 83.44 -7.18
C LYS GA 162 -18.02 82.06 -6.80
N LEU GA 163 -17.15 81.46 -7.63
CA LEU GA 163 -16.60 80.14 -7.35
C LEU GA 163 -15.27 80.20 -6.61
N ARG GA 164 -14.98 81.31 -5.92
CA ARG GA 164 -13.75 81.48 -5.14
C ARG GA 164 -12.51 81.25 -6.01
N LYS GA 165 -12.52 81.84 -7.20
CA LYS GA 165 -11.38 81.78 -8.12
C LYS GA 165 -10.80 83.18 -8.25
N VAL GA 166 -9.51 83.30 -8.00
CA VAL GA 166 -8.82 84.60 -8.03
C VAL GA 166 -7.95 84.74 -9.27
N LYS GA 167 -7.12 83.74 -9.57
CA LYS GA 167 -6.26 83.82 -10.74
C LYS GA 167 -7.07 83.82 -12.02
N ALA GA 168 -8.12 83.01 -12.09
CA ALA GA 168 -8.98 83.00 -13.28
C ALA GA 168 -9.70 84.34 -13.43
N SER GA 169 -10.15 84.92 -12.32
CA SER GA 169 -10.89 86.17 -12.39
C SER GA 169 -10.00 87.33 -12.85
N VAL GA 170 -8.78 87.42 -12.32
CA VAL GA 170 -7.91 88.55 -12.65
C VAL GA 170 -7.45 88.45 -14.10
N ASP GA 171 -7.14 87.24 -14.57
CA ASP GA 171 -6.74 87.07 -15.96
C ASP GA 171 -7.90 87.41 -16.91
N MET GA 172 -9.11 86.97 -16.55
CA MET GA 172 -10.26 87.23 -17.42
C MET GA 172 -10.65 88.71 -17.42
N PHE GA 173 -10.52 89.36 -16.26
CA PHE GA 173 -10.86 90.79 -16.19
C PHE GA 173 -9.92 91.61 -17.07
N ASP GA 174 -8.64 91.28 -17.08
CA ASP GA 174 -7.70 91.99 -17.94
C ASP GA 174 -8.04 91.82 -19.41
N GLN GA 175 -8.43 90.60 -19.80
CA GLN GA 175 -8.86 90.35 -21.18
C GLN GA 175 -10.11 91.15 -21.51
N LEU GA 176 -11.05 91.24 -20.56
CA LEU GA 176 -12.26 92.02 -20.78
C LEU GA 176 -11.94 93.50 -20.97
N LEU GA 177 -11.00 94.03 -20.18
CA LEU GA 177 -10.60 95.42 -20.34
C LEU GA 177 -9.91 95.64 -21.68
N GLN GA 178 -9.05 94.71 -22.10
CA GLN GA 178 -8.41 94.82 -23.40
C GLN GA 178 -9.41 94.66 -24.54
N ALA GA 179 -10.50 93.92 -24.31
CA ALA GA 179 -11.52 93.76 -25.33
C ALA GA 179 -12.31 95.04 -25.55
N GLY GA 180 -12.23 96.00 -24.62
CA GLY GA 180 -12.92 97.26 -24.76
C GLY GA 180 -14.33 97.30 -24.19
N THR GA 181 -14.86 96.16 -23.77
CA THR GA 181 -16.21 96.13 -23.21
C THR GA 181 -16.23 96.74 -21.82
N THR GA 182 -17.29 97.49 -21.53
CA THR GA 182 -17.43 98.14 -20.24
C THR GA 182 -17.72 97.11 -19.15
N VAL GA 183 -17.30 97.44 -17.93
CA VAL GA 183 -17.47 96.58 -16.75
C VAL GA 183 -18.23 97.36 -15.69
N SER GA 184 -19.23 96.73 -15.09
CA SER GA 184 -20.03 97.37 -14.06
C SER GA 184 -19.18 97.66 -12.82
N LEU GA 185 -19.49 98.77 -12.16
CA LEU GA 185 -18.74 99.17 -10.97
C LEU GA 185 -18.92 98.16 -9.83
N GLU GA 186 -20.15 97.66 -9.65
CA GLU GA 186 -20.40 96.70 -8.58
C GLU GA 186 -19.60 95.42 -8.80
N THR GA 187 -19.52 94.95 -10.05
CA THR GA 187 -18.69 93.80 -10.35
C THR GA 187 -17.23 94.10 -10.07
N THR GA 188 -16.77 95.31 -10.41
CA THR GA 188 -15.40 95.71 -10.07
C THR GA 188 -15.20 95.74 -8.56
N ASN GA 189 -16.17 96.25 -7.82
CA ASN GA 189 -16.09 96.22 -6.36
C ASN GA 189 -16.09 94.79 -5.84
N SER GA 190 -16.94 93.94 -6.43
CA SER GA 190 -16.99 92.54 -6.00
C SER GA 190 -15.67 91.83 -6.27
N LEU GA 191 -15.03 92.12 -7.40
CA LEU GA 191 -13.73 91.53 -7.69
C LEU GA 191 -12.68 91.97 -6.68
N LEU GA 192 -12.72 93.26 -6.29
CA LEU GA 192 -11.77 93.76 -5.30
C LEU GA 192 -11.95 93.06 -3.95
N ASP GA 193 -13.19 92.85 -3.54
CA ASP GA 193 -13.45 92.23 -2.24
C ASP GA 193 -12.85 90.83 -2.18
N LEU GA 194 -12.98 90.05 -3.26
CA LEU GA 194 -12.38 88.72 -3.29
C LEU GA 194 -10.87 88.80 -3.23
N LEU GA 195 -10.28 89.77 -3.95
CA LEU GA 195 -8.82 89.89 -3.96
C LEU GA 195 -8.29 90.48 -2.67
N CYS GA 196 -9.00 91.47 -2.11
CA CYS GA 196 -8.53 92.11 -0.88
C CYS GA 196 -8.52 91.15 0.30
N TYR GA 197 -9.58 90.33 0.43
CA TYR GA 197 -9.69 89.45 1.59
C TYR GA 197 -8.55 88.44 1.64
N TYR GA 198 -8.21 87.84 0.50
CA TYR GA 198 -7.15 86.86 0.44
C TYR GA 198 -5.80 87.46 0.06
N GLY GA 199 -5.72 88.77 -0.11
CA GLY GA 199 -4.48 89.39 -0.54
C GLY GA 199 -4.05 88.97 -1.93
N ASN GA 200 -4.99 88.91 -2.87
CA ASN GA 200 -4.72 88.50 -4.25
C ASN GA 200 -4.14 87.09 -4.29
N GLN GA 201 -4.65 86.21 -3.44
CA GLN GA 201 -4.18 84.83 -3.34
C GLN GA 201 -5.39 83.89 -3.33
N GLU GA 202 -5.10 82.58 -3.38
CA GLU GA 202 -6.14 81.57 -3.38
C GLU GA 202 -6.54 81.22 -1.95
N PRO GA 203 -7.79 80.80 -1.73
CA PRO GA 203 -8.21 80.36 -0.40
C PRO GA 203 -7.64 79.01 -0.03
N SER GA 204 -8.02 78.48 1.13
CA SER GA 204 -7.56 77.17 1.56
C SER GA 204 -8.42 76.09 0.91
N ALA GA 205 -7.78 75.19 0.16
CA ALA GA 205 -8.46 74.12 -0.54
C ALA GA 205 -7.96 72.77 -0.04
N ASN GA 206 -8.67 71.72 -0.43
CA ASN GA 206 -8.29 70.37 -0.04
C ASN GA 206 -6.97 69.97 -0.68
N TYR GA 207 -6.84 70.16 -1.99
CA TYR GA 207 -5.63 69.84 -2.72
C TYR GA 207 -5.71 70.45 -4.10
N ASN GA 208 -4.54 70.81 -4.64
CA ASN GA 208 -4.45 71.39 -5.98
C ASN GA 208 -3.96 70.35 -6.98
N HIS GA 236 2.76 84.47 11.11
CA HIS GA 236 1.84 85.31 11.86
C HIS GA 236 2.38 86.72 12.03
N LEU GA 237 3.61 86.82 12.54
CA LEU GA 237 4.24 88.12 12.71
C LEU GA 237 4.53 88.76 11.37
N GLY GA 238 4.44 90.09 11.33
CA GLY GA 238 4.71 90.83 10.12
C GLY GA 238 3.43 91.27 9.41
N VAL GA 239 3.57 92.26 8.55
CA VAL GA 239 2.44 92.81 7.81
C VAL GA 239 2.22 91.97 6.56
N THR GA 240 1.07 91.28 6.49
CA THR GA 240 0.76 90.51 5.30
C THR GA 240 0.41 91.40 4.12
N TRP GA 241 -0.12 92.60 4.38
CA TRP GA 241 -0.43 93.53 3.31
C TRP GA 241 0.86 94.03 2.66
N ARG GA 242 0.83 94.16 1.35
CA ARG GA 242 1.99 94.58 0.56
C ARG GA 242 1.66 95.85 -0.20
N THR GA 243 2.64 96.75 -0.30
CA THR GA 243 2.45 97.99 -1.05
C THR GA 243 2.23 97.70 -2.53
N LYS GA 244 3.01 96.77 -3.10
CA LYS GA 244 2.84 96.37 -4.49
C LYS GA 244 1.79 95.26 -4.54
N ASN GA 245 0.52 95.68 -4.51
CA ASN GA 245 -0.60 94.77 -4.51
C ASN GA 245 -1.59 95.16 -5.59
N ASN GA 246 -2.33 94.17 -6.08
CA ASN GA 246 -3.34 94.42 -7.11
C ASN GA 246 -4.52 95.22 -6.59
N ALA GA 247 -4.79 95.16 -5.28
CA ALA GA 247 -5.93 95.88 -4.72
C ALA GA 247 -5.78 97.39 -4.90
N GLU GA 248 -4.59 97.92 -4.63
CA GLU GA 248 -4.36 99.35 -4.84
C GLU GA 248 -4.34 99.70 -6.32
N ARG GA 249 -3.81 98.80 -7.15
CA ARG GA 249 -3.71 99.08 -8.59
C ARG GA 249 -5.09 99.22 -9.23
N ILE GA 250 -5.98 98.26 -8.95
CA ILE GA 250 -7.31 98.32 -9.52
C ILE GA 250 -8.11 99.49 -8.94
N PHE GA 251 -7.89 99.79 -7.66
CA PHE GA 251 -8.62 100.87 -7.02
C PHE GA 251 -8.33 102.21 -7.68
N ALA GA 252 -7.07 102.47 -8.02
CA ALA GA 252 -6.72 103.71 -8.71
C ALA GA 252 -7.34 103.74 -10.11
N LEU GA 253 -7.38 102.60 -10.79
CA LEU GA 253 -7.95 102.53 -12.13
C LEU GA 253 -9.45 102.71 -12.15
N MET GA 254 -10.11 102.69 -10.99
CA MET GA 254 -11.56 102.79 -10.95
C MET GA 254 -12.01 104.16 -11.47
N PRO GA 255 -12.89 104.22 -12.47
CA PRO GA 255 -13.36 105.54 -12.93
C PRO GA 255 -14.24 106.25 -11.92
N GLU GA 256 -15.13 105.53 -11.25
CA GLU GA 256 -16.00 106.09 -10.22
C GLU GA 256 -15.83 105.28 -8.95
N LYS GA 257 -15.61 105.98 -7.83
CA LYS GA 257 -15.39 105.35 -6.54
C LYS GA 257 -16.47 105.83 -5.57
N ASN GA 258 -17.23 104.89 -5.02
CA ASN GA 258 -18.32 105.19 -4.11
C ASN GA 258 -17.88 104.96 -2.67
N ALA GA 259 -18.84 105.10 -1.75
CA ALA GA 259 -18.54 104.91 -0.33
C ALA GA 259 -18.12 103.48 -0.03
N HIS GA 260 -18.79 102.51 -0.65
CA HIS GA 260 -18.49 101.11 -0.37
C HIS GA 260 -17.08 100.74 -0.82
N SER GA 261 -16.63 101.32 -1.94
CA SER GA 261 -15.29 101.01 -2.43
C SER GA 261 -14.22 101.45 -1.44
N TYR GA 262 -14.40 102.62 -0.82
CA TYR GA 262 -13.47 103.05 0.23
C TYR GA 262 -13.64 102.22 1.50
N CYS GA 263 -14.88 101.87 1.83
CA CYS GA 263 -15.13 101.13 3.07
C CYS GA 263 -14.48 99.74 3.03
N THR GA 264 -14.61 99.02 1.91
CA THR GA 264 -14.02 97.69 1.83
C THR GA 264 -12.50 97.76 1.76
N MET GA 265 -11.95 98.84 1.22
CA MET GA 265 -10.50 98.97 1.15
C MET GA 265 -9.91 99.24 2.54
N ILE GA 266 -10.59 100.05 3.35
CA ILE GA 266 -10.10 100.35 4.69
C ILE GA 266 -10.13 99.10 5.56
N ARG GA 267 -11.21 98.32 5.48
CA ARG GA 267 -11.32 97.12 6.31
C ARG GA 267 -10.24 96.10 5.99
N GLY GA 268 -9.94 95.91 4.71
CA GLY GA 268 -8.90 94.97 4.34
C GLY GA 268 -7.53 95.39 4.85
N MET GA 269 -7.24 96.69 4.79
CA MET GA 269 -5.95 97.18 5.27
C MET GA 269 -5.79 96.96 6.77
N VAL GA 270 -6.84 97.24 7.54
CA VAL GA 270 -6.76 97.04 8.98
C VAL GA 270 -6.66 95.55 9.31
N LYS GA 271 -7.39 94.71 8.55
CA LYS GA 271 -7.35 93.28 8.81
C LYS GA 271 -5.96 92.69 8.58
N HIS GA 272 -5.25 93.19 7.56
CA HIS GA 272 -3.92 92.70 7.21
C HIS GA 272 -2.81 93.44 7.93
N GLN GA 273 -3.09 94.01 9.10
CA GLN GA 273 -2.09 94.71 9.92
C GLN GA 273 -1.41 95.84 9.16
N ALA GA 274 -2.18 96.56 8.36
CA ALA GA 274 -1.70 97.75 7.64
C ALA GA 274 -2.65 98.90 7.87
N PRO GA 275 -2.70 99.43 9.10
CA PRO GA 275 -3.63 100.53 9.39
C PRO GA 275 -3.12 101.90 9.00
N THR GA 276 -1.82 102.03 8.70
CA THR GA 276 -1.28 103.32 8.28
C THR GA 276 -1.91 103.77 6.96
N GLN GA 277 -2.06 102.85 6.01
CA GLN GA 277 -2.71 103.19 4.75
C GLN GA 277 -4.20 103.39 4.92
N ALA GA 278 -4.83 102.65 5.85
CA ALA GA 278 -6.26 102.77 6.07
C ALA GA 278 -6.62 104.14 6.63
N LEU GA 279 -5.85 104.63 7.59
CA LEU GA 279 -6.12 105.95 8.17
C LEU GA 279 -5.92 107.05 7.14
N ASN GA 280 -4.88 106.92 6.30
CA ASN GA 280 -4.66 107.90 5.24
C ASN GA 280 -5.82 107.89 4.25
N LEU GA 281 -6.32 106.70 3.90
CA LEU GA 281 -7.46 106.62 2.99
C LEU GA 281 -8.71 107.22 3.61
N TYR GA 282 -8.88 107.06 4.93
CA TYR GA 282 -10.04 107.64 5.60
C TYR GA 282 -10.04 109.16 5.50
N THR GA 283 -8.85 109.78 5.60
CA THR GA 283 -8.76 111.22 5.42
C THR GA 283 -9.18 111.61 4.01
N VAL GA 284 -8.76 110.83 3.01
CA VAL GA 284 -9.23 111.07 1.65
C VAL GA 284 -10.73 110.83 1.54
N LEU GA 285 -11.25 109.84 2.30
CA LEU GA 285 -12.68 109.59 2.30
C LEU GA 285 -13.46 110.77 2.85
N LEU GA 286 -12.94 111.40 3.91
CA LEU GA 286 -13.59 112.58 4.47
C LEU GA 286 -13.60 113.73 3.47
N ASN GA 287 -12.52 113.90 2.72
CA ASN GA 287 -12.46 114.97 1.73
C ASN GA 287 -13.49 114.75 0.62
N ASN GA 288 -13.87 113.50 0.37
CA ASN GA 288 -14.85 113.18 -0.66
C ASN GA 288 -16.28 113.34 -0.18
N ARG GA 289 -16.49 113.67 1.09
CA ARG GA 289 -17.82 113.87 1.66
C ARG GA 289 -18.70 112.64 1.48
N LEU GA 290 -18.11 111.47 1.68
CA LEU GA 290 -18.82 110.19 1.59
C LEU GA 290 -18.88 109.56 2.99
N ARG GA 291 -20.09 109.23 3.43
CA ARG GA 291 -20.28 108.68 4.76
C ARG GA 291 -19.76 107.25 4.84
N ALA GA 292 -19.22 106.89 5.99
CA ALA GA 292 -18.71 105.55 6.24
C ALA GA 292 -19.77 104.70 6.93
N ASP GA 293 -19.76 103.41 6.61
CA ASP GA 293 -20.75 102.48 7.14
C ASP GA 293 -20.37 102.07 8.56
N VAL GA 294 -21.13 101.12 9.12
CA VAL GA 294 -20.88 100.66 10.48
C VAL GA 294 -19.52 99.97 10.59
N TYR GA 295 -19.19 99.14 9.60
CA TYR GA 295 -17.97 98.34 9.70
C TYR GA 295 -16.71 99.19 9.59
N THR GA 296 -16.78 100.31 8.88
CA THR GA 296 -15.60 101.15 8.71
C THR GA 296 -15.11 101.70 10.04
N PHE GA 297 -16.05 102.19 10.87
CA PHE GA 297 -15.66 102.71 12.18
C PHE GA 297 -15.17 101.59 13.09
N ASN GA 298 -15.62 100.36 12.86
CA ASN GA 298 -15.11 99.23 13.63
C ASN GA 298 -13.62 99.03 13.40
N SER GA 299 -13.18 99.12 12.15
CA SER GA 299 -11.77 98.95 11.85
C SER GA 299 -10.95 100.17 12.25
N LEU GA 300 -11.52 101.37 12.14
CA LEU GA 300 -10.77 102.59 12.45
C LEU GA 300 -10.38 102.64 13.92
N ILE GA 301 -11.28 102.23 14.82
CA ILE GA 301 -10.99 102.29 16.25
C ILE GA 301 -9.80 101.40 16.60
N GLU GA 302 -9.78 100.18 16.05
CA GLU GA 302 -8.62 99.31 16.22
C GLU GA 302 -7.39 99.89 15.51
N ALA GA 303 -7.60 100.53 14.35
CA ALA GA 303 -6.48 101.06 13.58
C ALA GA 303 -5.76 102.17 14.33
N THR GA 304 -6.51 103.07 14.97
CA THR GA 304 -5.90 104.24 15.61
C THR GA 304 -4.98 103.83 16.76
N ALA GA 305 -5.39 102.84 17.55
CA ALA GA 305 -4.58 102.42 18.69
C ALA GA 305 -3.30 101.73 18.24
N LEU GA 306 -3.38 100.90 17.20
CA LEU GA 306 -2.22 100.11 16.80
C LEU GA 306 -1.18 100.91 16.03
N VAL GA 307 -1.59 102.00 15.37
CA VAL GA 307 -0.66 102.75 14.52
C VAL GA 307 0.45 103.39 15.36
N VAL GA 308 0.07 104.06 16.44
CA VAL GA 308 1.03 104.79 17.26
C VAL GA 308 1.05 104.19 18.67
N ASN GA 309 2.08 104.56 19.42
CA ASN GA 309 2.28 104.08 20.78
C ASN GA 309 2.19 105.22 21.79
N GLU GA 310 1.19 106.08 21.63
CA GLU GA 310 0.99 107.19 22.55
C GLU GA 310 0.43 106.69 23.88
N LYS GA 311 0.20 107.61 24.80
CA LYS GA 311 -0.36 107.26 26.09
C LYS GA 311 -1.86 106.99 25.97
N PHE GA 312 -2.45 106.52 27.07
CA PHE GA 312 -3.88 106.20 27.07
C PHE GA 312 -4.73 107.44 26.82
N GLU GA 313 -4.36 108.57 27.44
CA GLU GA 313 -5.16 109.78 27.30
C GLU GA 313 -5.20 110.25 25.84
N GLU GA 314 -4.07 110.21 25.14
CA GLU GA 314 -4.06 110.58 23.73
C GLU GA 314 -4.85 109.57 22.91
N LYS GA 315 -4.72 108.28 23.22
CA LYS GA 315 -5.50 107.26 22.52
C LYS GA 315 -7.00 107.44 22.78
N TRP GA 316 -7.38 107.72 24.03
CA TRP GA 316 -8.79 107.85 24.35
C TRP GA 316 -9.41 109.06 23.65
N ASN GA 317 -8.65 110.15 23.51
CA ASN GA 317 -9.15 111.30 22.77
C ASN GA 317 -9.41 110.94 21.30
N ASN GA 318 -8.50 110.17 20.70
CA ASN GA 318 -8.72 109.73 19.32
C ASN GA 318 -9.92 108.80 19.22
N ILE GA 319 -10.10 107.92 20.22
CA ILE GA 319 -11.25 107.01 20.22
C ILE GA 319 -12.56 107.81 20.30
N LEU GA 320 -12.60 108.80 21.20
CA LEU GA 320 -13.79 109.64 21.29
C LEU GA 320 -13.98 110.50 20.04
N ASP GA 321 -12.87 110.89 19.39
CA ASP GA 321 -12.98 111.68 18.17
C ASP GA 321 -13.69 110.91 17.07
N LEU GA 322 -13.38 109.62 16.91
CA LEU GA 322 -14.03 108.80 15.90
C LEU GA 322 -15.52 108.65 16.18
N LEU GA 323 -15.88 108.48 17.46
CA LEU GA 323 -17.29 108.32 17.81
C LEU GA 323 -18.08 109.57 17.48
N LYS GA 324 -17.50 110.75 17.72
CA LYS GA 324 -18.17 112.00 17.35
C LYS GA 324 -18.35 112.11 15.84
N GLN GA 325 -17.34 111.69 15.08
CA GLN GA 325 -17.47 111.66 13.62
C GLN GA 325 -18.54 110.68 13.18
N MET GA 326 -18.68 109.57 13.90
CA MET GA 326 -19.69 108.57 13.54
C MET GA 326 -21.10 109.14 13.70
N VAL GA 327 -21.33 109.95 14.73
CA VAL GA 327 -22.64 110.56 14.94
C VAL GA 327 -22.94 111.55 13.82
N THR GA 328 -21.93 112.27 13.34
CA THR GA 328 -22.14 113.25 12.28
C THR GA 328 -22.69 112.61 11.01
N GLN GA 329 -22.23 111.40 10.70
CA GLN GA 329 -22.70 110.67 9.53
C GLN GA 329 -23.92 109.80 9.84
N ASN GA 330 -24.42 109.83 11.08
CA ASN GA 330 -25.61 109.07 11.49
C ASN GA 330 -25.43 107.57 11.23
N VAL GA 331 -24.43 107.00 11.92
CA VAL GA 331 -24.09 105.59 11.79
C VAL GA 331 -24.25 104.94 13.15
N LYS GA 332 -25.03 103.84 13.20
CA LYS GA 332 -25.29 103.15 14.45
C LYS GA 332 -24.33 101.97 14.60
N PRO GA 333 -23.50 101.94 15.64
CA PRO GA 333 -22.57 100.82 15.81
C PRO GA 333 -23.30 99.52 16.10
N ASN GA 334 -22.68 98.42 15.69
CA ASN GA 334 -23.21 97.09 15.93
C ASN GA 334 -22.62 96.53 17.22
N LEU GA 335 -22.91 95.26 17.51
CA LEU GA 335 -22.37 94.60 18.70
C LEU GA 335 -20.86 94.47 18.62
N GLN GA 336 -20.33 94.12 17.44
CA GLN GA 336 -18.89 93.91 17.29
C GLN GA 336 -18.10 95.20 17.46
N THR GA 337 -18.73 96.36 17.26
CA THR GA 337 -18.02 97.62 17.44
C THR GA 337 -17.56 97.80 18.88
N PHE GA 338 -18.42 97.48 19.84
CA PHE GA 338 -18.04 97.60 21.25
C PHE GA 338 -17.14 96.47 21.71
N ASN GA 339 -17.30 95.27 21.16
CA ASN GA 339 -16.52 94.13 21.60
C ASN GA 339 -15.04 94.31 21.28
N THR GA 340 -14.72 94.84 20.10
CA THR GA 340 -13.32 95.05 19.75
C THR GA 340 -12.68 96.14 20.59
N ILE GA 341 -13.48 97.13 21.02
CA ILE GA 341 -12.95 98.17 21.90
C ILE GA 341 -12.53 97.57 23.24
N LEU GA 342 -13.39 96.71 23.82
CA LEU GA 342 -13.07 96.09 25.09
C LEU GA 342 -11.87 95.17 24.96
N LYS GA 343 -11.76 94.43 23.85
CA LYS GA 343 -10.62 93.55 23.65
C LYS GA 343 -9.33 94.34 23.56
N CYS GA 344 -9.34 95.47 22.85
CA CYS GA 344 -8.14 96.30 22.76
C CYS GA 344 -7.81 96.98 24.08
N LEU GA 345 -8.82 97.27 24.90
CA LEU GA 345 -8.59 97.87 26.20
C LEU GA 345 -7.97 96.91 27.20
N ARG GA 346 -7.87 95.62 26.87
CA ARG GA 346 -7.24 94.67 27.78
C ARG GA 346 -5.78 94.97 28.00
N ARG GA 347 -5.13 95.68 27.06
CA ARG GA 347 -3.74 96.07 27.26
C ARG GA 347 -3.61 97.00 28.47
N PHE GA 348 -4.52 97.95 28.61
CA PHE GA 348 -4.54 98.86 29.76
C PHE GA 348 -5.32 98.19 30.89
N TYR GA 349 -4.62 97.32 31.63
CA TYR GA 349 -5.28 96.52 32.65
C TYR GA 349 -5.75 97.35 33.85
N ALA GA 350 -5.26 98.58 33.99
CA ALA GA 350 -5.64 99.45 35.10
C ALA GA 350 -6.38 100.70 34.64
N PHE GA 351 -5.82 101.43 33.67
CA PHE GA 351 -6.42 102.70 33.25
C PHE GA 351 -7.72 102.49 32.48
N GLY GA 352 -7.94 101.31 31.91
CA GLY GA 352 -9.14 101.03 31.14
C GLY GA 352 -10.30 100.46 31.93
N LYS GA 353 -10.17 100.31 33.24
CA LYS GA 353 -11.26 99.75 34.03
C LYS GA 353 -12.49 100.66 34.01
N LEU GA 354 -12.30 101.94 34.36
CA LEU GA 354 -13.43 102.87 34.36
C LEU GA 354 -13.99 103.11 32.96
N PRO GA 355 -13.18 103.38 31.93
CA PRO GA 355 -13.77 103.57 30.58
C PRO GA 355 -14.53 102.36 30.07
N ALA GA 356 -14.14 101.14 30.48
CA ALA GA 356 -14.82 99.94 30.00
C ALA GA 356 -16.28 99.92 30.46
N LEU GA 357 -16.54 100.33 31.70
CA LEU GA 357 -17.91 100.36 32.21
C LEU GA 357 -18.75 101.37 31.44
N GLN GA 358 -18.16 102.48 31.03
CA GLN GA 358 -18.90 103.50 30.29
C GLN GA 358 -19.40 102.96 28.96
N THR GA 359 -18.56 102.19 28.25
CA THR GA 359 -18.99 101.59 27.00
C THR GA 359 -20.10 100.58 27.22
N LEU GA 360 -20.02 99.79 28.29
CA LEU GA 360 -21.04 98.79 28.57
C LEU GA 360 -22.39 99.43 28.82
N ARG GA 361 -22.42 100.52 29.60
CA ARG GA 361 -23.68 101.22 29.83
C ARG GA 361 -24.22 101.83 28.54
N GLU GA 362 -23.33 102.28 27.66
CA GLU GA 362 -23.77 102.84 26.37
C GLU GA 362 -24.48 101.78 25.54
N MET GA 363 -24.01 100.53 25.60
CA MET GA 363 -24.63 99.46 24.83
C MET GA 363 -26.08 99.25 25.25
N LYS GA 364 -26.35 99.29 26.56
CA LYS GA 364 -27.72 99.15 27.04
C LYS GA 364 -28.59 100.32 26.57
N ALA GA 365 -28.05 101.53 26.61
CA ALA GA 365 -28.82 102.70 26.19
C ALA GA 365 -29.14 102.66 24.71
N ILE GA 366 -28.17 102.27 23.88
CA ILE GA 366 -28.40 102.21 22.43
C ILE GA 366 -29.43 101.13 22.11
N GLY GA 367 -29.32 99.97 22.73
CA GLY GA 367 -30.29 98.90 22.52
C GLY GA 367 -29.66 97.58 22.13
N ILE GA 368 -28.36 97.60 21.85
CA ILE GA 368 -27.64 96.38 21.47
C ILE GA 368 -27.38 95.58 22.73
N GLU GA 369 -28.01 94.41 22.83
CA GLU GA 369 -27.83 93.58 24.01
C GLU GA 369 -26.45 92.94 23.99
N PRO GA 370 -25.66 93.09 25.06
CA PRO GA 370 -24.34 92.46 25.09
C PRO GA 370 -24.45 90.95 24.99
N SER GA 371 -23.51 90.33 24.27
CA SER GA 371 -23.46 88.90 24.11
C SER GA 371 -22.50 88.30 25.14
N LEU GA 372 -22.23 87.00 25.00
CA LEU GA 372 -21.28 86.35 25.90
C LEU GA 372 -19.87 86.90 25.71
N ALA GA 373 -19.50 87.22 24.47
CA ALA GA 373 -18.18 87.76 24.21
C ALA GA 373 -17.99 89.13 24.87
N THR GA 374 -19.05 89.93 24.93
CA THR GA 374 -18.95 91.25 25.53
C THR GA 374 -18.60 91.15 27.01
N TYR GA 375 -19.26 90.24 27.74
CA TYR GA 375 -18.91 90.04 29.14
C TYR GA 375 -17.55 89.36 29.30
N HIS GA 376 -17.13 88.60 28.28
CA HIS GA 376 -15.84 87.92 28.36
C HIS GA 376 -14.68 88.90 28.46
N TYR GA 377 -14.72 89.98 27.67
CA TYR GA 377 -13.65 90.96 27.73
C TYR GA 377 -13.74 91.81 29.01
N VAL GA 378 -14.94 91.99 29.55
CA VAL GA 378 -15.09 92.80 30.75
C VAL GA 378 -14.46 92.11 31.95
N ILE GA 379 -14.75 90.83 32.14
CA ILE GA 379 -14.24 90.12 33.31
C ILE GA 379 -12.72 89.98 33.24
N GLN GA 380 -12.18 89.70 32.05
CA GLN GA 380 -10.74 89.52 31.92
C GLN GA 380 -9.99 90.83 32.17
N LEU GA 381 -10.54 91.96 31.73
CA LEU GA 381 -9.90 93.24 31.97
C LEU GA 381 -9.80 93.55 33.45
N PHE GA 382 -10.86 93.27 34.21
CA PHE GA 382 -10.86 93.51 35.65
C PHE GA 382 -10.15 92.42 36.43
N TYR GA 383 -9.87 91.27 35.81
CA TYR GA 383 -9.21 90.16 36.48
C TYR GA 383 -7.73 90.19 36.17
N GLN GA 384 -6.92 90.51 37.17
CA GLN GA 384 -5.47 90.53 37.07
C GLN GA 384 -4.88 89.81 38.28
N HIS GA 385 -3.55 89.71 38.31
CA HIS GA 385 -2.85 89.02 39.38
C HIS GA 385 -2.76 89.94 40.60
N GLU GA 386 -3.92 90.20 41.20
CA GLU GA 386 -4.03 91.06 42.37
C GLU GA 386 -4.69 90.27 43.51
N SER GA 387 -4.06 90.31 44.68
CA SER GA 387 -4.57 89.57 45.83
C SER GA 387 -5.96 90.00 46.28
N PRO GA 388 -6.27 91.30 46.40
CA PRO GA 388 -7.63 91.66 46.89
C PRO GA 388 -8.75 91.23 45.96
N SER GA 389 -8.64 91.58 44.67
CA SER GA 389 -9.69 91.30 43.69
C SER GA 389 -11.05 91.84 44.14
N LYS GA 390 -11.03 93.01 44.80
CA LYS GA 390 -12.26 93.63 45.25
C LYS GA 390 -13.08 94.15 44.07
N GLY GA 391 -12.42 94.75 43.09
CA GLY GA 391 -13.14 95.21 41.91
C GLY GA 391 -13.69 94.07 41.07
N SER GA 392 -12.88 93.02 40.89
CA SER GA 392 -13.32 91.89 40.06
C SER GA 392 -14.53 91.19 40.66
N SER GA 393 -14.56 91.05 41.99
CA SER GA 393 -15.70 90.40 42.63
C SER GA 393 -16.99 91.17 42.36
N LEU GA 394 -16.92 92.50 42.41
CA LEU GA 394 -18.10 93.31 42.09
C LEU GA 394 -18.50 93.14 40.63
N ILE GA 395 -17.53 93.01 39.73
CA ILE GA 395 -17.82 92.86 38.31
C ILE GA 395 -18.60 91.58 38.05
N ILE GA 396 -18.11 90.45 38.57
CA ILE GA 396 -18.70 89.16 38.25
C ILE GA 396 -20.07 89.02 38.91
N TYR GA 397 -20.22 89.52 40.14
CA TYR GA 397 -21.48 89.35 40.85
C TYR GA 397 -22.62 90.07 40.16
N ASP GA 398 -22.36 91.28 39.65
CA ASP GA 398 -23.39 92.01 38.92
C ASP GA 398 -23.75 91.31 37.62
N ILE GA 399 -22.74 90.75 36.93
CA ILE GA 399 -22.99 90.13 35.62
C ILE GA 399 -23.85 88.88 35.78
N MET GA 400 -23.50 88.00 36.72
CA MET GA 400 -24.17 86.72 36.84
C MET GA 400 -25.65 86.88 37.15
N ASN GA 401 -25.99 87.84 38.01
CA ASN GA 401 -27.40 88.12 38.29
C ASN GA 401 -28.09 88.62 37.03
N GLU GA 402 -27.41 89.47 36.25
CA GLU GA 402 -27.99 89.97 35.00
C GLU GA 402 -28.20 88.84 34.00
N VAL GA 403 -27.22 87.93 33.88
CA VAL GA 403 -27.29 86.85 32.90
C VAL GA 403 -28.15 85.69 33.38
N MET GA 404 -28.48 85.65 34.67
CA MET GA 404 -29.24 84.53 35.23
C MET GA 404 -30.57 84.37 34.53
N GLY GA 405 -30.90 83.12 34.16
CA GLY GA 405 -32.15 82.83 33.49
C GLY GA 405 -32.30 83.42 32.11
N LYS GA 406 -31.24 83.36 31.30
CA LYS GA 406 -31.27 83.86 29.93
C LYS GA 406 -30.68 82.83 28.98
N ARG GA 407 -31.30 82.69 27.82
CA ARG GA 407 -30.78 81.85 26.74
C ARG GA 407 -30.12 82.74 25.70
N PHE GA 408 -28.86 82.47 25.40
CA PHE GA 408 -28.06 83.30 24.51
C PHE GA 408 -27.94 82.67 23.13
N SER GA 409 -28.19 83.46 22.10
CA SER GA 409 -27.99 83.15 20.71
C SER GA 409 -26.62 83.65 20.24
N PRO GA 410 -25.99 82.97 19.28
CA PRO GA 410 -24.67 83.42 18.82
C PRO GA 410 -24.76 84.78 18.14
N ARG GA 411 -23.94 85.72 18.60
CA ARG GA 411 -23.94 87.08 18.06
C ARG GA 411 -22.54 87.65 17.87
N ASP GA 412 -21.48 86.89 18.11
CA ASP GA 412 -20.12 87.40 18.02
C ASP GA 412 -19.18 86.24 17.74
N PRO GA 413 -18.15 86.44 16.92
CA PRO GA 413 -17.20 85.34 16.65
C PRO GA 413 -16.46 84.85 17.89
N ASP GA 414 -16.39 85.67 18.95
CA ASP GA 414 -15.68 85.29 20.16
C ASP GA 414 -16.63 84.90 21.30
N ASP GA 415 -17.89 84.58 20.97
CA ASP GA 415 -18.83 84.14 22.00
C ASP GA 415 -18.43 82.83 22.65
N ASP GA 416 -17.65 82.00 21.96
CA ASP GA 416 -17.28 80.69 22.49
C ASP GA 416 -16.25 80.78 23.61
N MET GA 417 -15.58 81.92 23.76
CA MET GA 417 -14.51 82.07 24.75
C MET GA 417 -15.00 82.62 26.08
N PHE GA 418 -16.30 82.88 26.23
CA PHE GA 418 -16.80 83.42 27.50
C PHE GA 418 -16.81 82.36 28.59
N PHE GA 419 -17.29 81.15 28.27
CA PHE GA 419 -17.43 80.12 29.30
C PHE GA 419 -16.09 79.69 29.86
N GLN GA 420 -15.08 79.53 29.00
CA GLN GA 420 -13.75 79.19 29.49
C GLN GA 420 -13.16 80.32 30.33
N SER GA 421 -13.39 81.57 29.93
CA SER GA 421 -12.85 82.70 30.67
C SER GA 421 -13.61 82.91 31.98
N ALA GA 422 -14.91 82.66 31.98
CA ALA GA 422 -15.69 82.80 33.21
C ALA GA 422 -15.21 81.81 34.27
N MET GA 423 -14.85 80.59 33.85
CA MET GA 423 -14.36 79.60 34.80
C MET GA 423 -12.98 79.96 35.33
N ARG GA 424 -12.18 80.71 34.55
CA ARG GA 424 -10.89 81.17 35.05
C ARG GA 424 -11.07 82.11 36.23
N VAL GA 425 -12.06 82.99 36.17
CA VAL GA 425 -12.35 83.87 37.30
C VAL GA 425 -12.77 83.05 38.51
N CYS GA 426 -13.63 82.06 38.31
CA CYS GA 426 -14.08 81.21 39.41
C CYS GA 426 -12.96 80.38 40.01
N SER GA 427 -11.91 80.10 39.24
CA SER GA 427 -10.78 79.33 39.77
C SER GA 427 -10.04 80.12 40.84
N SER GA 428 -9.75 81.39 40.57
CA SER GA 428 -9.03 82.22 41.54
C SER GA 428 -9.93 82.55 42.72
N LEU GA 429 -11.17 82.96 42.46
CA LEU GA 429 -12.08 83.33 43.55
C LEU GA 429 -12.47 82.14 44.41
N ARG GA 430 -12.32 80.91 43.89
CA ARG GA 430 -12.62 79.69 44.64
C ARG GA 430 -14.06 79.70 45.16
N ASP GA 431 -14.98 80.18 44.34
CA ASP GA 431 -16.39 80.29 44.70
C ASP GA 431 -17.16 79.20 43.97
N LEU GA 432 -17.55 78.16 44.72
CA LEU GA 432 -18.33 77.07 44.11
C LEU GA 432 -19.71 77.54 43.69
N GLU GA 433 -20.34 78.40 44.49
CA GLU GA 433 -21.66 78.91 44.13
C GLU GA 433 -21.62 79.72 42.85
N LEU GA 434 -20.55 80.51 42.66
CA LEU GA 434 -20.39 81.26 41.42
C LEU GA 434 -20.23 80.31 40.23
N ALA GA 435 -19.48 79.22 40.40
CA ALA GA 435 -19.28 78.28 39.31
C ALA GA 435 -20.59 77.60 38.91
N TYR GA 436 -21.43 77.27 39.88
CA TYR GA 436 -22.70 76.62 39.56
C TYR GA 436 -23.59 77.53 38.72
N GLN GA 437 -23.58 78.83 39.00
CA GLN GA 437 -24.32 79.77 38.16
C GLN GA 437 -23.76 79.79 36.74
N VAL GA 438 -22.43 79.73 36.61
CA VAL GA 438 -21.82 79.62 35.29
C VAL GA 438 -22.20 78.31 34.63
N HIS GA 439 -22.12 77.20 35.38
CA HIS GA 439 -22.45 75.91 34.82
C HIS GA 439 -23.94 75.78 34.57
N GLY GA 440 -24.77 76.34 35.45
CA GLY GA 440 -26.20 76.31 35.24
C GLY GA 440 -26.62 77.06 33.98
N LEU GA 441 -25.95 78.18 33.70
CA LEU GA 441 -26.21 78.92 32.47
C LEU GA 441 -25.87 78.09 31.24
N LEU GA 442 -24.76 77.33 31.32
CA LEU GA 442 -24.33 76.54 30.18
C LEU GA 442 -25.34 75.46 29.82
N ASN GA 443 -26.02 74.90 30.81
CA ASN GA 443 -26.95 73.80 30.59
C ASN GA 443 -28.36 74.26 30.22
N THR GA 444 -28.59 75.56 30.14
CA THR GA 444 -29.91 76.06 29.79
C THR GA 444 -30.06 76.11 28.27
N GLY GA 445 -31.05 75.39 27.75
CA GLY GA 445 -31.31 75.40 26.32
C GLY GA 445 -30.13 74.90 25.51
N ASP GA 446 -29.79 75.63 24.46
CA ASP GA 446 -28.69 75.27 23.57
C ASP GA 446 -27.45 76.12 23.81
N ASN GA 447 -27.32 76.71 25.00
CA ASN GA 447 -26.14 77.50 25.33
C ASN GA 447 -24.89 76.66 25.48
N TRP GA 448 -25.04 75.33 25.61
CA TRP GA 448 -23.89 74.44 25.72
C TRP GA 448 -23.07 74.39 24.44
N LYS GA 449 -23.64 74.77 23.30
CA LYS GA 449 -22.91 74.77 22.04
C LYS GA 449 -21.90 75.90 21.94
N LEU GA 450 -21.91 76.85 22.87
CA LEU GA 450 -20.99 77.98 22.87
C LEU GA 450 -19.83 77.78 23.83
N ILE GA 451 -19.52 76.54 24.20
CA ILE GA 451 -18.44 76.28 25.14
C ILE GA 451 -17.08 76.58 24.50
N GLY GA 452 -16.91 76.22 23.23
CA GLY GA 452 -15.68 76.46 22.52
C GLY GA 452 -15.18 75.19 21.87
N SER GA 453 -13.86 75.16 21.62
CA SER GA 453 -13.23 74.03 20.97
C SER GA 453 -12.99 72.89 21.96
N ASP GA 454 -12.33 71.84 21.49
CA ASP GA 454 -12.09 70.68 22.34
C ASP GA 454 -11.15 71.02 23.49
N HIS GA 455 -10.02 71.67 23.19
CA HIS GA 455 -9.10 72.03 24.26
C HIS GA 455 -9.70 73.08 25.19
N ARG GA 456 -10.53 73.98 24.66
CA ARG GA 456 -11.26 74.90 25.51
C ARG GA 456 -12.26 74.15 26.39
N ARG GA 457 -12.94 73.14 25.84
CA ARG GA 457 -13.86 72.33 26.64
C ARG GA 457 -13.11 71.58 27.73
N ASN GA 458 -11.96 70.99 27.40
CA ASN GA 458 -11.16 70.31 28.40
C ASN GA 458 -10.68 71.28 29.49
N PHE GA 459 -10.22 72.46 29.07
CA PHE GA 459 -9.77 73.45 30.04
C PHE GA 459 -10.92 73.98 30.88
N TYR GA 460 -12.09 74.19 30.27
CA TYR GA 460 -13.24 74.67 31.01
C TYR GA 460 -13.64 73.70 32.11
N TYR GA 461 -13.69 72.41 31.79
CA TYR GA 461 -13.99 71.39 32.80
C TYR GA 461 -12.81 71.11 33.72
N SER GA 462 -11.59 71.43 33.29
CA SER GA 462 -10.43 71.23 34.16
C SER GA 462 -10.52 72.10 35.39
N LYS GA 463 -10.74 73.41 35.19
CA LYS GA 463 -10.84 74.32 36.34
C LYS GA 463 -12.12 74.07 37.13
N PHE GA 464 -13.22 73.74 36.44
CA PHE GA 464 -14.49 73.55 37.12
C PHE GA 464 -14.48 72.30 37.99
N PHE GA 465 -13.91 71.20 37.48
CA PHE GA 465 -13.90 69.96 38.25
C PHE GA 465 -12.99 70.06 39.47
N ASN GA 466 -11.86 70.76 39.35
CA ASN GA 466 -10.98 70.93 40.49
C ASN GA 466 -11.68 71.68 41.61
N LEU GA 467 -12.54 72.63 41.27
CA LEU GA 467 -13.32 73.33 42.27
C LEU GA 467 -14.32 72.40 42.95
N LEU GA 468 -14.83 71.40 42.23
CA LEU GA 468 -15.79 70.48 42.80
C LEU GA 468 -15.17 69.54 43.83
N CYS GA 469 -13.85 69.47 43.89
CA CYS GA 469 -13.19 68.51 44.78
C CYS GA 469 -13.29 68.95 46.24
N PHE GA 470 -12.73 70.11 46.56
CA PHE GA 470 -12.64 70.55 47.95
C PHE GA 470 -13.80 71.45 48.38
N MET GA 471 -14.38 72.21 47.45
CA MET GA 471 -15.45 73.12 47.81
C MET GA 471 -16.75 72.41 48.18
N GLU GA 472 -16.89 71.13 47.83
CA GLU GA 472 -18.11 70.39 48.08
C GLU GA 472 -17.79 69.06 48.72
N GLN GA 473 -18.81 68.46 49.33
CA GLN GA 473 -18.65 67.16 49.97
C GLN GA 473 -18.29 66.09 48.94
N ILE GA 474 -17.50 65.11 49.37
CA ILE GA 474 -17.03 64.06 48.48
C ILE GA 474 -18.18 63.24 47.92
N ASP GA 475 -19.30 63.16 48.66
CA ASP GA 475 -20.45 62.40 48.18
C ASP GA 475 -21.01 63.01 46.89
N VAL GA 476 -21.07 64.34 46.82
CA VAL GA 476 -21.56 64.99 45.60
C VAL GA 476 -20.46 65.10 44.57
N THR GA 477 -19.20 65.21 45.01
CA THR GA 477 -18.09 65.29 44.07
C THR GA 477 -17.97 64.03 43.25
N LEU GA 478 -18.18 62.86 43.88
CA LEU GA 478 -18.13 61.60 43.14
C LEU GA 478 -19.22 61.55 42.07
N LYS GA 479 -20.41 62.06 42.38
CA LYS GA 479 -21.49 62.06 41.39
C LYS GA 479 -21.12 62.90 40.18
N TRP GA 480 -20.52 64.08 40.40
CA TRP GA 480 -20.06 64.89 39.28
C TRP GA 480 -18.87 64.23 38.57
N TYR GA 481 -18.05 63.49 39.31
CA TYR GA 481 -16.94 62.78 38.68
C TYR GA 481 -17.44 61.73 37.70
N LYS GA 482 -18.48 60.99 38.07
CA LYS GA 482 -19.02 59.97 37.18
C LYS GA 482 -19.69 60.60 35.96
N ASP GA 483 -20.44 61.68 36.16
CA ASP GA 483 -21.19 62.29 35.06
C ASP GA 483 -20.27 62.99 34.08
N LEU GA 484 -19.31 63.77 34.58
CA LEU GA 484 -18.44 64.54 33.70
C LEU GA 484 -17.37 63.69 33.04
N ILE GA 485 -16.96 62.60 33.68
CA ILE GA 485 -15.85 61.79 33.20
C ILE GA 485 -16.31 60.35 33.05
N PRO GA 486 -16.01 59.67 31.93
CA PRO GA 486 -15.31 60.17 30.73
C PRO GA 486 -16.26 60.60 29.62
N SER GA 487 -17.54 60.84 29.94
CA SER GA 487 -18.50 61.16 28.90
C SER GA 487 -18.19 62.49 28.23
N VAL GA 488 -17.80 63.48 29.00
CA VAL GA 488 -17.58 64.83 28.49
C VAL GA 488 -16.11 65.08 28.16
N PHE GA 489 -15.22 64.75 29.09
CA PHE GA 489 -13.80 65.03 28.90
C PHE GA 489 -12.98 63.98 29.63
N PHE GA 490 -11.73 63.83 29.20
CA PHE GA 490 -10.78 62.93 29.85
C PHE GA 490 -9.95 63.69 30.87
N PRO GA 491 -9.84 63.20 32.10
CA PRO GA 491 -9.13 63.95 33.14
C PRO GA 491 -7.64 64.07 32.84
N HIS GA 492 -7.06 65.17 33.30
CA HIS GA 492 -5.62 65.36 33.22
C HIS GA 492 -4.94 64.74 34.45
N SER GA 493 -3.63 64.58 34.36
CA SER GA 493 -2.88 63.98 35.47
C SER GA 493 -2.99 64.84 36.73
N GLN GA 494 -2.93 66.16 36.58
CA GLN GA 494 -3.08 67.04 37.73
C GLN GA 494 -4.49 66.97 38.30
N THR GA 495 -5.50 66.79 37.45
CA THR GA 495 -6.87 66.67 37.94
C THR GA 495 -7.05 65.43 38.81
N MET GA 496 -6.37 64.33 38.44
CA MET GA 496 -6.42 63.13 39.27
C MET GA 496 -5.78 63.38 40.62
N ILE GA 497 -4.72 64.18 40.67
CA ILE GA 497 -4.09 64.52 41.94
C ILE GA 497 -5.06 65.28 42.83
N ASP GA 498 -5.82 66.21 42.25
CA ASP GA 498 -6.80 66.97 43.03
C ASP GA 498 -7.88 66.04 43.58
N LEU GA 499 -8.31 65.05 42.79
CA LEU GA 499 -9.30 64.09 43.28
C LEU GA 499 -8.72 63.27 44.43
N LEU GA 500 -7.45 62.88 44.34
CA LEU GA 500 -6.82 62.13 45.41
C LEU GA 500 -6.75 62.95 46.69
N GLN GA 501 -6.47 64.26 46.56
CA GLN GA 501 -6.42 65.12 47.73
C GLN GA 501 -7.80 65.21 48.40
N ALA GA 502 -8.86 65.26 47.61
CA ALA GA 502 -10.21 65.33 48.17
C ALA GA 502 -10.54 64.06 48.96
N LEU GA 503 -10.15 62.90 48.44
CA LEU GA 503 -10.40 61.64 49.16
C LEU GA 503 -9.64 61.60 50.48
N ASP GA 504 -8.38 62.05 50.47
CA ASP GA 504 -7.57 62.02 51.69
C ASP GA 504 -8.15 62.94 52.75
N VAL GA 505 -8.58 64.13 52.36
CA VAL GA 505 -9.18 65.06 53.31
C VAL GA 505 -10.52 64.53 53.83
N ALA GA 506 -11.28 63.88 52.96
CA ALA GA 506 -12.58 63.33 53.34
C ALA GA 506 -12.48 62.03 54.13
N ASN GA 507 -11.26 61.57 54.43
CA ASN GA 507 -11.02 60.36 55.22
C ASN GA 507 -11.67 59.14 54.56
N ARG GA 508 -11.43 58.98 53.27
CA ARG GA 508 -11.93 57.83 52.51
C ARG GA 508 -10.82 57.34 51.59
N LEU GA 509 -10.23 56.20 51.93
CA LEU GA 509 -9.20 55.57 51.10
C LEU GA 509 -9.67 54.26 50.50
N ASP GA 510 -10.93 53.88 50.69
CA ASP GA 510 -11.43 52.63 50.12
C ASP GA 510 -11.69 52.74 48.61
N MET GA 511 -11.83 53.96 48.09
CA MET GA 511 -12.06 54.18 46.67
C MET GA 511 -10.77 54.25 45.87
N VAL GA 512 -9.61 54.19 46.53
CA VAL GA 512 -8.34 54.30 45.81
C VAL GA 512 -8.15 53.20 44.77
N PRO GA 513 -8.41 51.92 45.06
CA PRO GA 513 -8.25 50.90 44.02
C PRO GA 513 -9.12 51.15 42.79
N GLN GA 514 -10.34 51.65 42.97
CA GLN GA 514 -11.18 51.95 41.83
C GLN GA 514 -10.67 53.15 41.04
N ILE GA 515 -10.07 54.13 41.73
CA ILE GA 515 -9.52 55.29 41.04
C ILE GA 515 -8.38 54.87 40.12
N TRP GA 516 -7.51 53.97 40.59
CA TRP GA 516 -6.42 53.49 39.74
C TRP GA 516 -6.95 52.73 38.54
N LYS GA 517 -7.99 51.91 38.72
CA LYS GA 517 -8.59 51.21 37.60
C LYS GA 517 -9.14 52.18 36.57
N ASP GA 518 -9.83 53.22 37.02
CA ASP GA 518 -10.32 54.25 36.10
C ASP GA 518 -9.17 55.06 35.52
N SER GA 519 -8.07 55.21 36.25
CA SER GA 519 -6.93 55.96 35.75
C SER GA 519 -6.34 55.31 34.50
N LYS GA 520 -6.24 53.99 34.50
CA LYS GA 520 -5.73 53.29 33.32
C LYS GA 520 -6.67 53.47 32.13
N GLU GA 521 -7.98 53.44 32.38
CA GLU GA 521 -8.94 53.61 31.31
C GLU GA 521 -8.90 55.03 30.74
N TYR GA 522 -8.57 56.02 31.57
CA TYR GA 522 -8.58 57.41 31.16
C TYR GA 522 -7.25 57.88 30.57
N GLY GA 523 -6.43 56.95 30.06
CA GLY GA 523 -5.17 57.32 29.47
C GLY GA 523 -4.06 57.65 30.46
N HIS GA 524 -4.26 57.36 31.74
CA HIS GA 524 -3.25 57.61 32.76
C HIS GA 524 -2.59 56.32 33.24
N THR GA 525 -2.42 55.36 32.33
CA THR GA 525 -1.84 54.08 32.70
C THR GA 525 -0.38 54.23 33.09
N PHE GA 526 0.37 55.07 32.38
CA PHE GA 526 1.81 55.21 32.56
C PHE GA 526 2.20 56.64 32.92
N ARG GA 527 1.46 57.25 33.84
CA ARG GA 527 1.78 58.58 34.35
C ARG GA 527 2.60 58.42 35.63
N ASN GA 528 3.86 58.86 35.59
CA ASN GA 528 4.73 58.71 36.76
C ASN GA 528 4.22 59.55 37.94
N GLU GA 529 3.68 60.73 37.65
CA GLU GA 529 3.18 61.60 38.71
C GLU GA 529 2.01 60.94 39.45
N LEU GA 530 1.11 60.29 38.72
CA LEU GA 530 -0.05 59.70 39.36
C LEU GA 530 0.31 58.42 40.12
N LYS GA 531 1.27 57.65 39.60
CA LYS GA 531 1.66 56.41 40.28
C LYS GA 531 2.25 56.68 41.64
N GLU GA 532 3.09 57.71 41.76
CA GLU GA 532 3.74 58.01 43.03
C GLU GA 532 2.71 58.43 44.09
N GLU GA 533 1.73 59.25 43.70
CA GLU GA 533 0.74 59.72 44.66
C GLU GA 533 -0.08 58.57 45.22
N ILE GA 534 -0.52 57.65 44.36
CA ILE GA 534 -1.34 56.53 44.83
C ILE GA 534 -0.56 55.62 45.76
N LEU GA 535 0.69 55.31 45.41
CA LEU GA 535 1.50 54.41 46.24
C LEU GA 535 1.77 55.03 47.61
N MET GA 536 2.07 56.33 47.65
CA MET GA 536 2.34 56.98 48.93
C MET GA 536 1.12 56.98 49.83
N LEU GA 537 -0.06 57.24 49.26
CA LEU GA 537 -1.27 57.35 50.07
C LEU GA 537 -1.66 56.00 50.68
N MET GA 538 -1.56 54.92 49.90
CA MET GA 538 -1.96 53.61 50.39
C MET GA 538 -1.06 53.12 51.52
N ALA GA 539 0.25 53.33 51.38
CA ALA GA 539 1.21 52.83 52.36
C ALA GA 539 1.64 53.88 53.37
N ARG GA 540 0.98 55.05 53.40
CA ARG GA 540 1.33 56.07 54.36
C ARG GA 540 1.08 55.61 55.79
N ASP GA 541 -0.06 54.95 56.02
CA ASP GA 541 -0.47 54.51 57.35
C ASP GA 541 -0.91 53.06 57.30
N GLN GA 542 -0.86 52.42 58.46
CA GLN GA 542 -1.34 51.05 58.57
C GLN GA 542 -2.86 51.00 58.45
N HIS GA 543 -3.36 49.91 57.89
CA HIS GA 543 -4.76 49.72 57.61
C HIS GA 543 -5.21 48.34 58.08
N PRO GA 544 -6.50 48.16 58.33
CA PRO GA 544 -7.01 46.82 58.68
C PRO GA 544 -6.78 45.83 57.55
N PRO GA 545 -6.73 44.54 57.86
CA PRO GA 545 -6.39 43.54 56.81
C PRO GA 545 -7.31 43.58 55.61
N GLU GA 546 -8.61 43.85 55.82
CA GLU GA 546 -9.53 43.90 54.69
C GLU GA 546 -9.16 45.02 53.72
N LEU GA 547 -8.81 46.19 54.25
CA LEU GA 547 -8.42 47.31 53.39
C LEU GA 547 -7.02 47.13 52.83
N GLN GA 548 -6.12 46.51 53.59
CA GLN GA 548 -4.75 46.33 53.13
C GLN GA 548 -4.68 45.42 51.92
N VAL GA 549 -5.50 44.37 51.88
CA VAL GA 549 -5.52 43.47 50.73
C VAL GA 549 -5.95 44.23 49.48
N ALA GA 550 -6.91 45.15 49.62
CA ALA GA 550 -7.35 45.94 48.48
C ALA GA 550 -6.21 46.80 47.93
N PHE GA 551 -5.41 47.40 48.81
CA PHE GA 551 -4.26 48.17 48.36
C PHE GA 551 -3.19 47.26 47.75
N ALA GA 552 -3.04 46.05 48.28
CA ALA GA 552 -2.07 45.11 47.71
C ALA GA 552 -2.44 44.72 46.29
N ASP GA 553 -3.73 44.48 46.03
CA ASP GA 553 -4.16 44.16 44.68
C ASP GA 553 -3.91 45.32 43.73
N CYS GA 554 -4.21 46.54 44.17
CA CYS GA 554 -3.93 47.70 43.34
C CYS GA 554 -2.42 47.88 43.12
N ALA GA 555 -1.63 47.67 44.18
CA ALA GA 555 -0.18 47.81 44.06
C ALA GA 555 0.40 46.79 43.08
N ALA GA 556 -0.12 45.56 43.11
CA ALA GA 556 0.34 44.54 42.18
C ALA GA 556 0.05 44.95 40.73
N ASP GA 557 -1.13 45.53 40.49
CA ASP GA 557 -1.42 46.06 39.16
C ASP GA 557 -0.47 47.19 38.80
N ILE GA 558 -0.18 48.07 39.76
CA ILE GA 558 0.81 49.12 39.52
C ILE GA 558 2.17 48.52 39.24
N LYS GA 559 2.53 47.46 39.97
CA LYS GA 559 3.80 46.79 39.73
C LYS GA 559 3.88 46.22 38.32
N SER GA 560 2.78 45.64 37.83
CA SER GA 560 2.76 45.10 36.48
C SER GA 560 2.92 46.21 35.43
N THR GA 561 2.33 47.38 35.69
CA THR GA 561 2.45 48.49 34.75
C THR GA 561 3.90 48.94 34.61
N TYR GA 562 4.64 48.96 35.72
CA TYR GA 562 6.07 49.27 35.64
C TYR GA 562 6.82 48.24 34.82
N GLU GA 563 6.40 46.97 34.91
CA GLU GA 563 7.07 45.91 34.15
C GLU GA 563 6.88 46.08 32.65
N SER GA 564 5.69 46.52 32.23
CA SER GA 564 5.33 46.62 30.82
C SER GA 564 5.19 48.07 30.37
N GLN GA 565 6.08 48.95 30.84
CA GLN GA 565 6.07 50.33 30.39
C GLN GA 565 6.40 50.42 28.91
N ASP GA 566 5.74 51.35 28.23
CA ASP GA 566 6.04 51.60 26.82
C ASP GA 566 7.30 52.43 26.62
N ALA GA 567 7.87 52.96 27.70
CA ALA GA 567 9.13 53.70 27.64
C ALA GA 567 10.34 52.80 27.81
N ARG GA 568 10.14 51.48 27.92
CA ARG GA 568 11.27 50.56 28.06
C ARG GA 568 12.16 50.59 26.82
N GLN GA 569 11.61 50.97 25.67
CA GLN GA 569 12.44 51.10 24.47
C GLN GA 569 13.49 52.18 24.65
N THR GA 570 13.11 53.31 25.25
CA THR GA 570 14.06 54.40 25.48
C THR GA 570 14.81 54.22 26.79
N ALA GA 571 14.08 54.22 27.92
CA ALA GA 571 14.69 54.02 29.23
C ALA GA 571 13.64 53.58 30.25
N PRO GA 572 13.79 52.42 30.86
CA PRO GA 572 12.89 52.04 31.95
C PRO GA 572 13.43 52.50 33.30
N GLU GA 573 12.60 53.20 34.08
CA GLU GA 573 13.01 53.73 35.37
C GLU GA 573 12.05 53.27 36.46
N TRP GA 574 12.60 52.78 37.56
CA TRP GA 574 11.82 52.42 38.74
C TRP GA 574 12.16 53.39 39.86
N PRO GA 575 11.26 54.27 40.28
CA PRO GA 575 11.59 55.25 41.32
C PRO GA 575 11.93 54.58 42.63
N ALA GA 576 12.82 55.23 43.40
CA ALA GA 576 13.22 54.70 44.69
C ALA GA 576 12.03 54.63 45.64
N SER GA 577 11.19 55.67 45.66
CA SER GA 577 10.01 55.66 46.51
C SER GA 577 9.03 54.56 46.08
N SER GA 578 8.87 54.39 44.76
CA SER GA 578 7.89 53.44 44.26
C SER GA 578 8.19 52.01 44.73
N LEU GA 579 9.46 51.62 44.70
CA LEU GA 579 9.83 50.28 45.14
C LEU GA 579 9.59 50.11 46.63
N ASN GA 580 9.83 51.15 47.43
CA ASN GA 580 9.71 51.04 48.88
C ASN GA 580 8.27 50.80 49.29
N TYR GA 581 7.34 51.61 48.78
CA TYR GA 581 5.94 51.48 49.20
C TYR GA 581 5.35 50.15 48.74
N VAL GA 582 5.71 49.68 47.54
CA VAL GA 582 5.21 48.40 47.06
C VAL GA 582 5.68 47.27 47.97
N ALA GA 583 6.94 47.31 48.39
CA ALA GA 583 7.46 46.30 49.31
C ALA GA 583 6.74 46.35 50.65
N VAL GA 584 6.50 47.56 51.17
CA VAL GA 584 5.81 47.69 52.44
C VAL GA 584 4.37 47.23 52.33
N LEU GA 585 3.73 47.50 51.19
CA LEU GA 585 2.31 47.17 51.02
C LEU GA 585 2.08 45.67 51.10
N PHE GA 586 2.96 44.88 50.50
CA PHE GA 586 2.78 43.41 50.52
C PHE GA 586 3.35 42.81 51.79
N LEU GA 587 3.02 43.39 52.94
CA LEU GA 587 3.41 42.84 54.23
C LEU GA 587 2.23 42.59 55.15
N ARG GA 588 1.33 43.55 55.28
CA ARG GA 588 0.23 43.52 56.22
C ARG GA 588 -1.04 42.89 55.65
N ALA GA 589 -1.04 42.55 54.36
CA ALA GA 589 -2.19 41.95 53.71
C ALA GA 589 -2.16 40.43 53.74
N GLY GA 590 -1.46 39.83 54.69
CA GLY GA 590 -1.28 38.39 54.71
C GLY GA 590 -0.50 37.88 53.51
N ARG GA 591 0.49 38.65 53.06
CA ARG GA 591 1.29 38.32 51.88
C ARG GA 591 2.77 38.33 52.23
N THR GA 592 3.11 37.64 53.32
CA THR GA 592 4.51 37.57 53.74
C THR GA 592 5.36 36.88 52.68
N GLN GA 593 4.82 35.88 52.00
CA GLN GA 593 5.54 35.26 50.90
C GLN GA 593 5.87 36.25 49.80
N GLU GA 594 4.91 37.13 49.47
CA GLU GA 594 5.16 38.16 48.48
C GLU GA 594 6.21 39.16 48.95
N ALA GA 595 6.30 39.39 50.26
CA ALA GA 595 7.30 40.32 50.78
C ALA GA 595 8.71 39.82 50.58
N TRP GA 596 8.90 38.49 50.58
CA TRP GA 596 10.25 37.94 50.45
C TRP GA 596 10.88 38.30 49.11
N LYS GA 597 10.09 38.26 48.03
CA LYS GA 597 10.60 38.66 46.73
C LYS GA 597 10.95 40.13 46.66
N MET GA 598 10.35 40.96 47.51
CA MET GA 598 10.61 42.39 47.52
C MET GA 598 11.93 42.75 48.20
N LEU GA 599 12.44 41.88 49.07
CA LEU GA 599 13.71 42.19 49.75
C LEU GA 599 14.86 42.27 48.76
N GLY GA 600 14.89 41.38 47.77
CA GLY GA 600 15.97 41.39 46.80
C GLY GA 600 15.92 42.52 45.80
N LEU GA 601 14.80 43.25 45.73
CA LEU GA 601 14.71 44.37 44.80
C LEU GA 601 15.47 45.59 45.30
N PHE GA 602 15.59 45.76 46.62
CA PHE GA 602 16.33 46.90 47.16
C PHE GA 602 17.80 46.86 46.76
N ARG GA 603 18.42 45.68 46.84
CA ARG GA 603 19.82 45.56 46.47
C ARG GA 603 20.03 45.59 44.97
N LYS GA 604 19.08 45.06 44.19
CA LYS GA 604 19.21 45.07 42.74
C LYS GA 604 19.16 46.50 42.20
N HIS GA 605 18.26 47.33 42.74
CA HIS GA 605 18.11 48.71 42.30
C HIS GA 605 18.89 49.69 43.16
N ASN GA 606 19.69 49.20 44.11
CA ASN GA 606 20.49 50.05 44.99
C ASN GA 606 19.62 51.05 45.74
N LYS GA 607 18.53 50.55 46.32
CA LYS GA 607 17.59 51.37 47.09
C LYS GA 607 17.74 51.03 48.57
N ILE GA 608 17.90 52.06 49.39
CA ILE GA 608 18.09 51.90 50.83
C ILE GA 608 16.72 51.82 51.48
N PRO GA 609 16.37 50.72 52.15
CA PRO GA 609 15.07 50.64 52.81
C PRO GA 609 15.01 51.53 54.04
N ARG GA 610 13.79 51.94 54.39
CA ARG GA 610 13.59 52.74 55.59
C ARG GA 610 13.72 51.88 56.85
N ALA GA 611 14.02 52.56 57.96
CA ALA GA 611 14.14 51.86 59.24
C ALA GA 611 12.81 51.28 59.69
N GLU GA 612 11.69 51.92 59.33
CA GLU GA 612 10.38 51.41 59.72
C GLU GA 612 10.12 50.04 59.08
N LEU GA 613 10.53 49.87 57.83
CA LEU GA 613 10.37 48.57 57.18
C LEU GA 613 11.16 47.48 57.90
N LEU GA 614 12.38 47.80 58.34
CA LEU GA 614 13.19 46.83 59.07
C LEU GA 614 12.58 46.53 60.43
N ASN GA 615 12.03 47.54 61.10
CA ASN GA 615 11.45 47.35 62.43
C ASN GA 615 10.27 46.40 62.38
N GLU GA 616 9.39 46.57 61.39
CA GLU GA 616 8.23 45.70 61.25
C GLU GA 616 8.59 44.30 60.77
N PHE GA 617 9.83 44.09 60.29
CA PHE GA 617 10.23 42.77 59.85
C PHE GA 617 10.33 41.80 61.02
N LEU GA 618 10.60 42.30 62.23
CA LEU GA 618 10.77 41.43 63.38
C LEU GA 618 9.49 40.66 63.70
N ASP GA 619 8.34 41.31 63.55
CA ASP GA 619 7.07 40.64 63.82
C ASP GA 619 6.87 39.43 62.90
N SER GA 620 7.19 39.58 61.62
CA SER GA 620 7.10 38.45 60.71
C SER GA 620 8.12 37.37 61.06
N ALA GA 621 9.35 37.78 61.42
CA ALA GA 621 10.38 36.81 61.73
C ALA GA 621 10.08 36.05 63.02
N LYS GA 622 9.62 36.77 64.06
CA LYS GA 622 9.35 36.11 65.33
C LYS GA 622 8.11 35.24 65.26
N ALA GA 623 7.14 35.59 64.42
CA ALA GA 623 5.93 34.77 64.29
C ALA GA 623 6.26 33.38 63.77
N SER GA 624 7.12 33.30 62.77
CA SER GA 624 7.55 32.00 62.25
C SER GA 624 8.59 31.32 63.13
N SER GA 625 9.22 32.07 64.03
CA SER GA 625 10.28 31.55 64.90
C SER GA 625 11.38 30.90 64.08
N SER GA 626 11.72 31.53 62.96
CA SER GA 626 12.74 31.00 62.06
C SER GA 626 13.97 31.89 62.11
N PRO GA 627 15.08 31.43 62.72
CA PRO GA 627 16.29 32.26 62.78
C PRO GA 627 16.85 32.63 61.42
N ALA GA 628 16.74 31.73 60.44
CA ALA GA 628 17.32 31.99 59.11
C ALA GA 628 16.67 33.19 58.44
N GLN GA 629 15.34 33.30 58.56
CA GLN GA 629 14.65 34.44 57.96
C GLN GA 629 15.05 35.75 58.61
N ALA GA 630 15.25 35.74 59.93
CA ALA GA 630 15.66 36.96 60.63
C ALA GA 630 17.05 37.41 60.18
N ILE GA 631 17.96 36.46 59.96
CA ILE GA 631 19.31 36.82 59.55
C ILE GA 631 19.30 37.46 58.15
N GLU GA 632 18.36 37.06 57.29
CA GLU GA 632 18.30 37.64 55.96
C GLU GA 632 18.08 39.16 56.02
N LEU GA 633 17.34 39.63 57.02
CA LEU GA 633 17.21 41.06 57.23
C LEU GA 633 18.55 41.69 57.59
N VAL GA 634 19.33 41.01 58.43
CA VAL GA 634 20.62 41.55 58.84
C VAL GA 634 21.59 41.58 57.66
N LYS GA 635 21.54 40.56 56.80
CA LYS GA 635 22.45 40.50 55.66
C LYS GA 635 22.24 41.68 54.71
N LEU GA 636 20.99 42.00 54.41
CA LEU GA 636 20.71 43.12 53.52
C LEU GA 636 20.99 44.45 54.20
N ALA GA 637 20.62 44.58 55.47
CA ALA GA 637 20.80 45.84 56.19
C ALA GA 637 22.29 46.16 56.38
N SER GA 638 23.10 45.14 56.64
CA SER GA 638 24.54 45.37 56.83
C SER GA 638 25.20 45.85 55.55
N ALA GA 639 24.64 45.50 54.39
CA ALA GA 639 25.22 45.94 53.12
C ALA GA 639 25.16 47.45 52.96
N PHE GA 640 24.12 48.07 53.50
CA PHE GA 640 23.92 49.51 53.39
C PHE GA 640 24.56 50.28 54.53
N SER GA 641 25.26 49.61 55.45
CA SER GA 641 25.95 50.24 56.57
C SER GA 641 25.00 51.09 57.41
N LEU GA 642 23.80 50.57 57.64
CA LEU GA 642 22.83 51.26 58.48
C LEU GA 642 23.22 51.12 59.95
N PRO GA 643 23.36 52.22 60.68
CA PRO GA 643 23.67 52.10 62.12
C PRO GA 643 22.59 51.40 62.91
N VAL GA 644 21.35 51.40 62.43
CA VAL GA 644 20.27 50.67 63.11
C VAL GA 644 20.51 49.17 63.03
N CYS GA 645 21.14 48.70 61.95
CA CYS GA 645 21.36 47.27 61.78
C CYS GA 645 22.21 46.70 62.91
N GLU GA 646 23.25 47.43 63.33
CA GLU GA 646 24.08 46.96 64.43
C GLU GA 646 23.27 46.84 65.71
N GLY GA 647 22.41 47.82 65.99
CA GLY GA 647 21.56 47.73 67.17
C GLY GA 647 20.52 46.63 67.05
N LEU GA 648 19.92 46.49 65.86
CA LEU GA 648 18.91 45.46 65.67
C LEU GA 648 19.50 44.05 65.75
N THR GA 649 20.76 43.89 65.37
CA THR GA 649 21.38 42.56 65.40
C THR GA 649 21.44 42.01 66.81
N ARG GA 650 21.79 42.86 67.78
CA ARG GA 650 21.88 42.40 69.17
C ARG GA 650 20.52 41.94 69.69
N ARG GA 651 19.45 42.66 69.33
CA ARG GA 651 18.11 42.27 69.75
C ARG GA 651 17.70 40.95 69.10
N VAL GA 652 18.02 40.76 67.82
CA VAL GA 652 17.67 39.52 67.13
C VAL GA 652 18.43 38.34 67.71
N MET GA 653 19.69 38.56 68.12
CA MET GA 653 20.49 37.48 68.70
C MET GA 653 19.84 36.96 69.98
N ALA GA 654 19.34 37.85 70.82
CA ALA GA 654 18.74 37.42 72.09
C ALA GA 654 17.44 36.66 71.88
N GLU GA 655 16.66 37.01 70.85
CA GLU GA 655 15.34 36.41 70.67
C GLU GA 655 15.44 35.05 69.99
N PHE GA 656 15.90 35.01 68.74
CA PHE GA 656 15.90 33.79 67.96
C PHE GA 656 17.07 33.85 66.97
N THR GA 657 18.14 33.10 67.25
CA THR GA 657 19.27 32.99 66.35
C THR GA 657 20.03 31.71 66.65
N LEU GA 658 20.56 31.09 65.59
CA LEU GA 658 21.40 29.91 65.77
C LEU GA 658 22.78 30.30 66.25
N THR GA 659 23.45 29.35 66.90
CA THR GA 659 24.79 29.62 67.44
C THR GA 659 25.78 29.92 66.34
N GLN GA 660 25.74 29.17 65.24
CA GLN GA 660 26.68 29.38 64.14
C GLN GA 660 26.41 30.71 63.45
N GLU GA 661 25.15 31.12 63.37
CA GLU GA 661 24.79 32.35 62.66
C GLU GA 661 25.28 33.59 63.39
N GLN GA 662 25.37 33.54 64.72
CA GLN GA 662 25.75 34.71 65.50
C GLN GA 662 27.19 35.14 65.17
N ARG GA 663 28.10 34.18 65.07
CA ARG GA 663 29.49 34.52 64.76
C ARG GA 663 29.62 35.09 63.35
N GLU GA 664 28.88 34.55 62.39
CA GLU GA 664 28.96 35.04 61.02
C GLU GA 664 28.42 36.46 60.91
N ALA GA 665 27.40 36.81 61.70
CA ALA GA 665 26.81 38.14 61.61
C ALA GA 665 27.81 39.23 62.00
N LEU GA 666 28.58 39.00 63.06
CA LEU GA 666 29.53 40.02 63.51
C LEU GA 666 30.64 40.23 62.48
N GLY GA 667 31.13 39.14 61.87
CA GLY GA 667 32.22 39.25 60.93
C GLY GA 667 31.86 40.03 59.67
N GLU GA 668 30.60 39.95 59.24
CA GLU GA 668 30.19 40.64 58.01
C GLU GA 668 30.34 42.14 58.14
N LEU GA 669 29.99 42.69 59.30
CA LEU GA 669 30.11 44.13 59.53
C LEU GA 669 31.57 44.56 59.57
N THR HA 70 -16.55 22.47 35.57
CA THR HA 70 -17.17 23.71 35.14
C THR HA 70 -18.11 24.25 36.23
N VAL HA 71 -17.72 24.05 37.48
CA VAL HA 71 -18.54 24.53 38.59
C VAL HA 71 -18.55 26.06 38.63
N ASP HA 72 -17.38 26.68 38.45
CA ASP HA 72 -17.30 28.14 38.54
C ASP HA 72 -18.05 28.82 37.39
N PHE HA 73 -17.99 28.23 36.19
CA PHE HA 73 -18.68 28.83 35.06
C PHE HA 73 -20.18 28.86 35.28
N ILE HA 74 -20.73 27.81 35.89
CA ILE HA 74 -22.13 27.83 36.27
C ILE HA 74 -22.40 28.92 37.28
N LYS HA 75 -21.50 29.06 38.27
CA LYS HA 75 -21.69 30.09 39.29
C LYS HA 75 -21.68 31.49 38.70
N LYS HA 76 -20.78 31.74 37.74
CA LYS HA 76 -20.75 33.05 37.08
C LYS HA 76 -22.04 33.30 36.32
N GLN HA 77 -22.57 32.29 35.64
CA GLN HA 77 -23.82 32.45 34.92
C GLN HA 77 -24.98 32.73 35.87
N ILE HA 78 -24.97 32.09 37.04
CA ILE HA 78 -26.07 32.28 37.99
C ILE HA 78 -26.14 33.73 38.46
N GLU HA 79 -24.99 34.32 38.80
CA GLU HA 79 -25.01 35.65 39.38
C GLU HA 79 -25.35 36.71 38.34
N GLU HA 80 -24.84 36.56 37.12
CA GLU HA 80 -25.11 37.57 36.09
C GLU HA 80 -26.53 37.48 35.56
N PHE HA 81 -27.11 36.27 35.57
CA PHE HA 81 -28.52 36.14 35.18
C PHE HA 81 -29.43 36.87 36.17
N ASN HA 82 -29.11 36.79 37.46
CA ASN HA 82 -29.86 37.57 38.45
C ASN HA 82 -29.67 39.06 38.21
N ILE HA 83 -28.44 39.49 37.91
CA ILE HA 83 -28.19 40.88 37.56
C ILE HA 83 -28.91 41.24 36.26
N GLY HA 84 -28.84 40.37 35.26
CA GLY HA 84 -29.52 40.63 34.01
C GLY HA 84 -31.03 40.72 34.18
N LYS HA 85 -31.60 39.86 35.02
CA LYS HA 85 -33.03 39.93 35.30
C LYS HA 85 -33.41 41.27 35.92
N ARG HA 86 -32.55 41.81 36.77
CA ARG HA 86 -32.85 43.10 37.39
C ARG HA 86 -32.90 44.22 36.36
N HIS HA 87 -31.98 44.19 35.40
CA HIS HA 87 -32.00 45.19 34.32
C HIS HA 87 -33.26 45.06 33.48
N LEU HA 88 -33.66 43.83 33.17
CA LEU HA 88 -34.87 43.63 32.36
C LEU HA 88 -36.10 44.17 33.08
N ALA HA 89 -36.19 43.94 34.39
CA ALA HA 89 -37.31 44.50 35.15
C ALA HA 89 -37.23 46.01 35.23
N ASN HA 90 -36.02 46.56 35.28
CA ASN HA 90 -35.88 48.02 35.37
C ASN HA 90 -36.41 48.72 34.13
N MET HA 91 -36.08 48.19 32.95
CA MET HA 91 -36.52 48.82 31.71
C MET HA 91 -37.98 48.53 31.41
N MET HA 92 -38.49 47.37 31.84
CA MET HA 92 -39.90 47.03 31.63
C MET HA 92 -40.83 47.80 32.57
N GLY HA 93 -40.29 48.43 33.60
CA GLY HA 93 -41.10 49.21 34.53
C GLY HA 93 -42.06 48.38 35.35
N GLU HA 94 -41.61 47.23 35.84
CA GLU HA 94 -42.42 46.35 36.68
C GLU HA 94 -41.75 46.18 38.04
N ASP HA 95 -42.31 45.31 38.85
CA ASP HA 95 -41.76 45.04 40.17
C ASP HA 95 -40.72 43.93 40.05
N PRO HA 96 -39.44 44.23 40.32
CA PRO HA 96 -38.39 43.21 40.17
C PRO HA 96 -38.53 42.04 41.12
N GLU HA 97 -39.28 42.18 42.22
CA GLU HA 97 -39.42 41.09 43.17
C GLU HA 97 -40.28 39.96 42.62
N THR HA 98 -41.11 40.24 41.62
CA THR HA 98 -42.01 39.25 41.04
C THR HA 98 -41.84 39.20 39.52
N PHE HA 99 -40.60 39.33 39.05
CA PHE HA 99 -40.30 39.25 37.63
C PHE HA 99 -40.11 37.77 37.28
N THR HA 100 -41.23 37.07 37.15
CA THR HA 100 -41.23 35.64 36.95
C THR HA 100 -40.72 35.27 35.56
N GLN HA 101 -40.42 33.98 35.38
CA GLN HA 101 -39.85 33.51 34.12
C GLN HA 101 -40.82 33.73 32.96
N GLU HA 102 -42.12 33.53 33.20
CA GLU HA 102 -43.11 33.79 32.15
C GLU HA 102 -43.08 35.27 31.75
N ASP HA 103 -42.93 36.16 32.73
CA ASP HA 103 -42.76 37.57 32.40
C ASP HA 103 -41.47 37.82 31.63
N ILE HA 104 -40.42 37.06 31.93
CA ILE HA 104 -39.17 37.20 31.19
C ILE HA 104 -39.37 36.79 29.73
N ASP HA 105 -40.08 35.68 29.49
CA ASP HA 105 -40.29 35.22 28.13
C ASP HA 105 -41.08 36.23 27.31
N ARG HA 106 -42.15 36.78 27.88
CA ARG HA 106 -42.94 37.75 27.15
C ARG HA 106 -42.19 39.07 26.97
N ALA HA 107 -41.25 39.37 27.86
CA ALA HA 107 -40.40 40.55 27.67
C ALA HA 107 -39.39 40.33 26.56
N ILE HA 108 -38.73 39.16 26.56
CA ILE HA 108 -37.74 38.88 25.53
C ILE HA 108 -38.38 38.80 24.16
N ALA HA 109 -39.54 38.13 24.07
CA ALA HA 109 -40.22 38.01 22.78
C ALA HA 109 -40.63 39.36 22.23
N TYR HA 110 -40.76 40.38 23.07
CA TYR HA 110 -41.09 41.72 22.59
C TYR HA 110 -39.84 42.49 22.16
N LEU HA 111 -38.82 42.53 23.03
CA LEU HA 111 -37.63 43.31 22.73
C LEU HA 111 -36.90 42.79 21.49
N PHE HA 112 -36.95 41.49 21.25
CA PHE HA 112 -36.25 40.86 20.13
C PHE HA 112 -37.25 40.03 19.34
N PRO HA 113 -38.01 40.67 18.44
CA PRO HA 113 -39.07 39.97 17.68
C PRO HA 113 -38.53 39.11 16.55
N SER HA 114 -38.12 37.90 16.89
CA SER HA 114 -37.55 36.96 15.93
C SER HA 114 -38.68 36.16 15.30
N GLY HA 115 -38.82 36.29 13.98
CA GLY HA 115 -39.75 35.44 13.27
C GLY HA 115 -39.07 34.22 12.71
N LEU HA 116 -39.14 33.10 13.44
CA LEU HA 116 -38.53 31.85 13.04
C LEU HA 116 -39.46 30.72 13.41
N PHE HA 117 -39.56 29.72 12.53
CA PHE HA 117 -40.47 28.61 12.77
C PHE HA 117 -39.94 27.65 13.84
N GLU HA 118 -38.62 27.52 13.95
CA GLU HA 118 -38.04 26.64 14.97
C GLU HA 118 -38.23 27.27 16.34
N LYS HA 119 -38.99 26.61 17.20
CA LYS HA 119 -39.27 27.15 18.52
C LYS HA 119 -38.02 27.23 19.37
N ARG HA 120 -37.05 26.33 19.14
CA ARG HA 120 -35.83 26.31 19.93
C ARG HA 120 -34.79 27.32 19.44
N ALA HA 121 -34.99 27.93 18.28
CA ALA HA 121 -34.04 28.87 17.72
C ALA HA 121 -34.33 30.31 18.10
N ARG HA 122 -35.42 30.57 18.82
CA ARG HA 122 -35.76 31.92 19.24
C ARG HA 122 -34.87 32.35 20.40
N PRO HA 123 -34.69 33.66 20.59
CA PRO HA 123 -33.88 34.14 21.71
C PRO HA 123 -34.43 33.67 23.04
N ILE HA 124 -33.52 33.30 23.94
CA ILE HA 124 -33.87 32.76 25.25
C ILE HA 124 -32.97 33.37 26.30
N MET HA 125 -33.52 33.55 27.51
CA MET HA 125 -32.74 33.97 28.67
C MET HA 125 -33.40 33.33 29.89
N LYS HA 126 -32.86 32.18 30.31
CA LYS HA 126 -33.47 31.43 31.39
C LYS HA 126 -32.48 31.10 32.50
N HIS HA 127 -32.89 30.29 33.45
CA HIS HA 127 -32.00 29.86 34.51
C HIS HA 127 -30.89 29.00 33.93
N PRO HA 128 -29.62 29.35 34.18
CA PRO HA 128 -28.52 28.56 33.59
C PRO HA 128 -28.54 27.09 34.01
N GLU HA 129 -29.12 26.76 35.16
CA GLU HA 129 -29.27 25.35 35.51
C GLU HA 129 -30.18 24.63 34.53
N GLU HA 130 -31.26 25.30 34.10
CA GLU HA 130 -32.16 24.70 33.12
C GLU HA 130 -31.57 24.71 31.71
N ILE HA 131 -30.68 25.66 31.40
CA ILE HA 131 -30.13 25.76 30.05
C ILE HA 131 -28.97 24.80 29.88
N PHE HA 132 -27.92 24.97 30.68
CA PHE HA 132 -26.75 24.10 30.56
C PHE HA 132 -27.11 22.68 30.96
N PRO HA 133 -26.61 21.68 30.25
CA PRO HA 133 -26.88 20.29 30.63
C PRO HA 133 -26.23 19.93 31.95
N LYS HA 134 -26.84 18.98 32.65
CA LYS HA 134 -26.30 18.51 33.93
C LYS HA 134 -24.91 17.93 33.72
N GLN HA 135 -23.98 18.32 34.60
CA GLN HA 135 -22.59 17.95 34.48
C GLN HA 135 -22.20 16.96 35.57
N ARG HA 136 -21.27 16.07 35.24
CA ARG HA 136 -20.71 15.16 36.23
C ARG HA 136 -19.82 15.91 37.20
N ALA HA 137 -19.93 15.56 38.47
CA ALA HA 137 -19.06 16.14 39.48
C ALA HA 137 -17.68 15.48 39.43
N ILE HA 138 -16.72 16.10 40.13
CA ILE HA 138 -15.38 15.53 40.18
C ILE HA 138 -15.42 14.23 40.95
N GLN HA 139 -14.82 13.19 40.37
CA GLN HA 139 -14.95 11.83 40.89
C GLN HA 139 -13.83 11.43 41.83
N TRP HA 140 -12.80 12.27 42.00
CA TRP HA 140 -11.65 11.90 42.81
C TRP HA 140 -11.13 13.12 43.54
N GLY HA 141 -10.41 12.87 44.63
CA GLY HA 141 -9.79 13.93 45.40
C GLY HA 141 -8.45 14.33 44.82
N GLU HA 142 -7.73 15.15 45.60
CA GLU HA 142 -6.41 15.60 45.16
C GLU HA 142 -5.42 14.44 45.10
N ASP HA 143 -5.60 13.43 45.94
CA ASP HA 143 -4.72 12.26 45.93
C ASP HA 143 -5.12 11.23 44.91
N GLY HA 144 -6.23 11.44 44.19
CA GLY HA 144 -6.66 10.55 43.14
C GLY HA 144 -7.61 9.44 43.56
N ARG HA 145 -7.87 9.30 44.85
CA ARG HA 145 -8.78 8.25 45.30
C ARG HA 145 -10.20 8.55 44.87
N PRO HA 146 -10.86 7.66 44.14
CA PRO HA 146 -12.27 7.90 43.78
C PRO HA 146 -13.15 7.98 45.02
N PHE HA 147 -14.14 8.87 44.97
CA PHE HA 147 -15.03 9.05 46.12
C PHE HA 147 -15.97 7.87 46.29
N HIS HA 148 -16.59 7.43 45.19
CA HIS HA 148 -17.51 6.30 45.23
C HIS HA 148 -16.74 4.99 45.14
N PHE HA 149 -17.37 3.92 45.60
CA PHE HA 149 -16.71 2.62 45.64
C PHE HA 149 -16.93 1.80 44.38
N LEU HA 150 -17.67 2.31 43.40
CA LEU HA 150 -17.89 1.61 42.13
C LEU HA 150 -17.38 2.40 40.95
N PHE HA 151 -16.44 3.32 41.18
CA PHE HA 151 -15.97 4.20 40.11
C PHE HA 151 -15.24 3.41 39.02
N TYR HA 152 -14.68 2.26 39.35
CA TYR HA 152 -13.91 1.48 38.39
C TYR HA 152 -14.76 0.52 37.59
N THR HA 153 -16.08 0.58 37.74
CA THR HA 153 -16.98 -0.18 36.88
C THR HA 153 -17.38 0.59 35.63
N GLY HA 154 -16.89 1.80 35.47
CA GLY HA 154 -17.24 2.63 34.33
C GLY HA 154 -18.50 3.46 34.52
N LYS HA 155 -19.57 2.82 34.99
CA LYS HA 155 -20.85 3.47 35.24
C LYS HA 155 -21.16 3.35 36.73
N GLN HA 156 -20.69 4.31 37.51
CA GLN HA 156 -20.88 4.24 38.96
C GLN HA 156 -22.33 4.50 39.34
N SER HA 157 -22.98 5.48 38.70
CA SER HA 157 -24.33 5.86 39.12
C SER HA 157 -25.33 4.76 38.85
N TYR HA 158 -25.27 4.15 37.66
CA TYR HA 158 -26.24 3.11 37.33
C TYR HA 158 -26.05 1.86 38.19
N TYR HA 159 -24.80 1.44 38.39
CA TYR HA 159 -24.56 0.21 39.15
C TYR HA 159 -24.82 0.41 40.64
N SER HA 160 -24.56 1.61 41.16
CA SER HA 160 -24.92 1.89 42.55
C SER HA 160 -26.42 1.81 42.74
N LEU HA 161 -27.18 2.31 41.77
CA LEU HA 161 -28.64 2.17 41.82
C LEU HA 161 -29.04 0.70 41.76
N MET HA 162 -28.38 -0.09 40.91
CA MET HA 162 -28.66 -1.51 40.85
C MET HA 162 -28.27 -2.20 42.15
N HIS HA 163 -27.14 -1.83 42.74
CA HIS HA 163 -26.72 -2.44 44.00
C HIS HA 163 -27.70 -2.12 45.12
N ASP HA 164 -28.14 -0.87 45.21
CA ASP HA 164 -29.12 -0.50 46.24
C ASP HA 164 -30.45 -1.21 46.00
N THR HA 165 -30.89 -1.26 44.74
CA THR HA 165 -32.17 -1.90 44.43
C THR HA 165 -32.14 -3.39 44.78
N TYR HA 166 -31.04 -4.07 44.43
CA TYR HA 166 -30.91 -5.47 44.78
C TYR HA 166 -30.85 -5.67 46.29
N GLY HA 167 -30.17 -4.76 46.99
CA GLY HA 167 -30.10 -4.86 48.43
C GLY HA 167 -31.46 -4.74 49.11
N LYS HA 168 -32.31 -3.86 48.59
CA LYS HA 168 -33.66 -3.71 49.13
C LYS HA 168 -34.45 -5.00 48.97
N LEU HA 169 -34.27 -5.69 47.84
CA LEU HA 169 -34.98 -6.95 47.62
C LEU HA 169 -34.58 -7.99 48.66
N LEU HA 170 -33.28 -8.11 48.94
CA LEU HA 170 -32.84 -9.07 49.94
C LEU HA 170 -33.35 -8.70 51.32
N ASP HA 171 -33.33 -7.41 51.66
CA ASP HA 171 -33.87 -6.97 52.94
C ASP HA 171 -35.35 -7.28 53.05
N VAL HA 172 -36.11 -7.03 51.97
CA VAL HA 172 -37.52 -7.38 51.96
C VAL HA 172 -37.68 -8.90 52.06
N GLU HA 173 -36.88 -9.65 51.32
CA GLU HA 173 -36.94 -11.10 51.42
C GLU HA 173 -36.55 -11.57 52.81
N LYS HA 174 -35.49 -10.98 53.38
CA LYS HA 174 -35.12 -11.30 54.76
C LYS HA 174 -36.22 -10.89 55.73
N HIS HA 175 -36.79 -9.69 55.56
CA HIS HA 175 -37.86 -9.24 56.43
C HIS HA 175 -39.10 -10.11 56.27
N HIS HA 176 -39.43 -10.48 55.03
CA HIS HA 176 -40.56 -11.37 54.80
C HIS HA 176 -40.29 -12.76 55.38
N ASN HA 177 -39.05 -13.23 55.29
CA ASN HA 177 -38.70 -14.52 55.89
C ASN HA 177 -38.86 -14.48 57.40
N GLN HA 178 -38.45 -13.38 58.04
CA GLN HA 178 -38.66 -13.24 59.47
C GLN HA 178 -40.14 -13.17 59.82
N LEU HA 179 -40.92 -12.45 59.01
CA LEU HA 179 -42.35 -12.37 59.24
C LEU HA 179 -43.02 -13.74 59.12
N ARG HA 180 -42.61 -14.53 58.13
CA ARG HA 180 -43.13 -15.88 58.01
C ARG HA 180 -42.74 -16.73 59.22
N ALA HA 181 -41.54 -16.53 59.74
CA ALA HA 181 -41.13 -17.23 60.96
C ALA HA 181 -42.01 -16.81 62.14
N LYS HA 182 -42.34 -15.53 62.24
CA LYS HA 182 -43.18 -15.01 63.29
C LYS HA 182 -44.67 -15.15 62.99
N ASP HA 183 -45.02 -15.65 61.80
CA ASP HA 183 -46.41 -15.87 61.38
C ASP HA 183 -47.20 -14.56 61.40
N LEU HA 184 -46.71 -13.59 60.62
CA LEU HA 184 -47.37 -12.30 60.45
C LEU HA 184 -47.22 -11.85 59.01
N LEU HA 185 -48.33 -11.38 58.42
CA LEU HA 185 -48.34 -10.83 57.07
C LEU HA 185 -49.07 -9.49 57.14
N ALA HA 186 -48.31 -8.42 57.45
CA ALA HA 186 -48.87 -7.09 57.59
C ALA HA 186 -48.67 -6.23 56.35
N GLU HA 187 -48.09 -6.77 55.29
CA GLU HA 187 -47.85 -6.02 54.06
C GLU HA 187 -48.91 -6.36 53.01
N LYS HA 188 -49.09 -5.42 52.08
CA LYS HA 188 -50.06 -5.57 51.00
C LYS HA 188 -49.41 -5.13 49.70
N THR HA 189 -49.92 -5.67 48.59
CA THR HA 189 -49.40 -5.36 47.26
C THR HA 189 -49.96 -4.01 46.82
N LYS HA 190 -49.07 -3.02 46.68
CA LYS HA 190 -49.46 -1.68 46.25
C LYS HA 190 -48.97 -1.36 44.84
N ILE HA 191 -48.63 -2.39 44.06
CA ILE HA 191 -48.14 -2.18 42.71
C ILE HA 191 -49.24 -1.61 41.81
N LEU HA 192 -50.49 -2.04 42.02
CA LEU HA 192 -51.60 -1.64 41.15
C LEU HA 192 -51.91 -0.17 41.37
N LYS HA 193 -51.45 0.68 40.44
CA LYS HA 193 -51.77 2.10 40.45
C LYS HA 193 -52.49 2.50 39.16
N ASP HA 194 -53.36 1.63 38.67
CA ASP HA 194 -54.08 1.91 37.42
C ASP HA 194 -54.94 3.16 37.48
N PRO HA 195 -55.76 3.41 38.51
CA PRO HA 195 -56.55 4.65 38.50
C PRO HA 195 -55.73 5.91 38.43
N ILE HA 196 -54.55 5.94 39.05
CA ILE HA 196 -53.67 7.09 38.94
C ILE HA 196 -53.04 7.15 37.56
N GLY HA 197 -52.90 6.01 36.88
CA GLY HA 197 -52.26 5.98 35.58
C GLY HA 197 -50.76 6.06 35.68
N SER HA 198 -50.15 5.05 36.30
CA SER HA 198 -48.73 5.04 36.57
C SER HA 198 -47.98 4.28 35.48
N ARG HA 199 -46.88 4.86 35.01
CA ARG HA 199 -45.99 4.22 34.06
C ARG HA 199 -44.56 4.37 34.55
N TRP HA 200 -43.72 3.41 34.17
CA TRP HA 200 -42.33 3.43 34.60
C TRP HA 200 -41.56 4.54 33.87
N LEU HA 201 -40.35 4.80 34.36
CA LEU HA 201 -39.52 5.82 33.75
C LEU HA 201 -39.12 5.43 32.33
N ILE HA 202 -39.11 6.42 31.44
CA ILE HA 202 -38.59 6.23 30.10
C ILE HA 202 -37.06 6.22 30.16
N LYS HA 203 -36.43 5.55 29.19
CA LYS HA 203 -34.98 5.48 29.18
C LYS HA 203 -34.35 6.87 29.12
N GLU HA 204 -34.95 7.78 28.32
CA GLU HA 204 -34.44 9.14 28.26
C GLU HA 204 -34.60 9.85 29.60
N GLU HA 205 -35.74 9.66 30.27
CA GLU HA 205 -35.95 10.27 31.58
C GLU HA 205 -35.00 9.67 32.62
N LEU HA 206 -34.77 8.36 32.56
CA LEU HA 206 -33.87 7.74 33.52
C LEU HA 206 -32.44 8.23 33.34
N GLU HA 207 -32.01 8.44 32.10
CA GLU HA 207 -30.67 8.95 31.86
C GLU HA 207 -30.49 10.35 32.42
N GLU HA 208 -31.57 11.11 32.53
CA GLU HA 208 -31.53 12.46 33.09
C GLU HA 208 -31.70 12.47 34.60
N MET HA 209 -32.01 11.33 35.20
CA MET HA 209 -32.07 11.20 36.65
C MET HA 209 -30.77 10.70 37.25
N LEU HA 210 -30.12 9.74 36.60
CA LEU HA 210 -28.80 9.27 37.02
C LEU HA 210 -27.67 10.09 36.44
N VAL HA 211 -27.97 11.04 35.54
CA VAL HA 211 -26.98 11.90 34.90
C VAL HA 211 -25.94 11.05 34.18
N GLU HA 212 -26.38 9.92 33.63
CA GLU HA 212 -25.47 9.01 32.94
C GLU HA 212 -26.21 8.30 31.81
N LYS HA 213 -25.50 8.09 30.69
CA LYS HA 213 -26.08 7.38 29.56
C LYS HA 213 -26.28 5.91 29.87
N LEU HA 214 -27.37 5.35 29.35
CA LEU HA 214 -27.71 3.94 29.54
C LEU HA 214 -27.93 3.28 28.18
N SER HA 215 -28.21 1.98 28.21
CA SER HA 215 -28.48 1.21 27.01
C SER HA 215 -29.78 0.45 27.18
N ASP HA 216 -30.32 -0.03 26.05
CA ASP HA 216 -31.62 -0.70 26.07
C ASP HA 216 -31.57 -1.98 26.91
N GLN HA 217 -30.49 -2.75 26.79
CA GLN HA 217 -30.37 -3.95 27.61
C GLN HA 217 -30.28 -3.62 29.08
N ASP HA 218 -29.53 -2.57 29.44
CA ASP HA 218 -29.41 -2.19 30.85
C ASP HA 218 -30.73 -1.68 31.39
N TYR HA 219 -31.46 -0.89 30.60
CA TYR HA 219 -32.74 -0.35 31.06
C TYR HA 219 -33.76 -1.46 31.29
N ALA HA 220 -33.83 -2.43 30.38
CA ALA HA 220 -34.80 -3.51 30.53
C ALA HA 220 -34.50 -4.35 31.77
N GLN HA 221 -33.22 -4.61 32.03
CA GLN HA 221 -32.85 -5.37 33.22
C GLN HA 221 -33.25 -4.63 34.50
N PHE HA 222 -33.02 -3.32 34.53
CA PHE HA 222 -33.36 -2.54 35.72
C PHE HA 222 -34.86 -2.53 35.97
N ILE HA 223 -35.66 -2.36 34.92
CA ILE HA 223 -37.11 -2.31 35.08
C ILE HA 223 -37.63 -3.67 35.56
N ARG HA 224 -37.10 -4.75 35.00
CA ARG HA 224 -37.55 -6.08 35.43
C ARG HA 224 -37.21 -6.34 36.88
N LEU HA 225 -36.06 -5.82 37.34
CA LEU HA 225 -35.70 -5.98 38.75
C LEU HA 225 -36.68 -5.25 39.65
N LEU HA 226 -37.13 -4.06 39.24
CA LEU HA 226 -38.13 -3.35 40.02
C LEU HA 226 -39.44 -4.13 40.09
N GLU HA 227 -39.81 -4.79 39.00
CA GLU HA 227 -41.02 -5.59 39.01
C GLU HA 227 -40.92 -6.71 40.04
N ARG HA 228 -39.76 -7.35 40.14
CA ARG HA 228 -39.54 -8.35 41.20
C ARG HA 228 -39.65 -7.71 42.58
N LEU HA 229 -39.05 -6.52 42.75
CA LEU HA 229 -39.15 -5.83 44.03
C LEU HA 229 -40.58 -5.43 44.33
N SER HA 230 -41.31 -4.97 43.32
CA SER HA 230 -42.69 -4.52 43.52
C SER HA 230 -43.66 -5.67 43.68
N ALA HA 231 -43.33 -6.88 43.20
CA ALA HA 231 -44.21 -8.01 43.32
C ALA HA 231 -44.17 -8.66 44.70
N LEU HA 232 -43.18 -8.33 45.52
CA LEU HA 232 -43.05 -8.87 46.86
C LEU HA 232 -43.83 -8.01 47.84
N PRO HA 233 -44.00 -8.47 49.08
CA PRO HA 233 -44.61 -7.61 50.10
C PRO HA 233 -43.84 -6.30 50.24
N CYS HA 234 -44.59 -5.21 50.38
CA CYS HA 234 -44.05 -3.87 50.27
C CYS HA 234 -43.91 -3.22 51.65
N GLY HA 235 -42.75 -2.64 51.91
CA GLY HA 235 -42.53 -1.86 53.11
C GLY HA 235 -42.62 -0.37 52.83
N ALA HA 236 -42.71 0.41 53.91
CA ALA HA 236 -42.86 1.85 53.77
C ALA HA 236 -41.64 2.49 53.10
N THR HA 237 -40.44 2.07 53.50
CA THR HA 237 -39.23 2.63 52.90
C THR HA 237 -39.11 2.27 51.43
N GLU HA 238 -39.46 1.03 51.09
CA GLU HA 238 -39.35 0.58 49.69
C GLU HA 238 -40.30 1.35 48.79
N GLU HA 239 -41.52 1.63 49.26
CA GLU HA 239 -42.50 2.32 48.43
C GLU HA 239 -42.03 3.73 48.07
N ASP HA 240 -41.40 4.43 49.02
CA ASP HA 240 -40.81 5.73 48.69
C ASP HA 240 -39.71 5.57 47.66
N PHE HA 241 -38.88 4.53 47.79
CA PHE HA 241 -37.84 4.26 46.80
C PHE HA 241 -38.45 3.95 45.43
N VAL HA 242 -39.52 3.15 45.41
CA VAL HA 242 -40.12 2.75 44.14
C VAL HA 242 -40.82 3.93 43.49
N ASN HA 243 -41.53 4.74 44.27
CA ASN HA 243 -42.33 5.83 43.71
C ASN HA 243 -41.49 6.89 43.02
N ARG HA 244 -40.19 6.96 43.32
CA ARG HA 244 -39.32 7.88 42.59
C ARG HA 244 -39.22 7.48 41.12
N PHE HA 245 -39.43 6.20 40.82
CA PHE HA 245 -39.37 5.68 39.47
C PHE HA 245 -40.76 5.63 38.82
N ARG HA 246 -41.78 6.13 39.49
CA ARG HA 246 -43.14 6.15 38.96
C ARG HA 246 -43.42 7.47 38.26
N ARG HA 247 -44.15 7.40 37.16
CA ARG HA 247 -44.63 8.58 36.44
C ARG HA 247 -46.11 8.43 36.16
N SER HA 248 -46.82 9.56 36.20
CA SER HA 248 -48.27 9.58 36.02
C SER HA 248 -48.62 10.06 34.63
N ILE HA 249 -49.41 9.28 33.91
CA ILE HA 249 -49.89 9.65 32.59
C ILE HA 249 -50.99 10.69 32.75
N PRO HA 250 -51.23 11.54 31.75
CA PRO HA 250 -52.34 12.50 31.86
C PRO HA 250 -53.69 11.80 31.74
N ILE HA 251 -54.77 12.56 31.92
CA ILE HA 251 -56.11 11.96 31.86
C ILE HA 251 -56.42 11.54 30.43
N GLN HA 252 -56.86 10.30 30.27
CA GLN HA 252 -57.22 9.75 28.98
C GLN HA 252 -58.73 9.56 28.92
N SER HA 253 -59.36 10.19 27.93
CA SER HA 253 -60.81 10.09 27.76
C SER HA 253 -61.17 10.59 26.36
N LYS HA 254 -62.20 9.99 25.78
CA LYS HA 254 -62.69 10.39 24.47
C LYS HA 254 -64.11 10.93 24.51
N LYS HA 255 -64.64 11.23 25.69
CA LYS HA 255 -65.95 11.85 25.79
C LYS HA 255 -65.90 13.28 25.27
N GLN HA 256 -66.94 13.67 24.56
CA GLN HA 256 -67.04 15.03 24.05
C GLN HA 256 -67.69 15.93 25.10
N LEU HA 257 -67.51 17.23 24.92
CA LEU HA 257 -68.11 18.23 25.80
C LEU HA 257 -69.49 18.58 25.29
N ILE HA 258 -70.51 18.22 26.06
CA ILE HA 258 -71.90 18.48 25.66
C ILE HA 258 -72.18 19.96 25.79
N GLU HA 259 -72.54 20.60 24.68
CA GLU HA 259 -72.85 22.02 24.70
C GLU HA 259 -74.22 22.24 25.32
N PRO HA 260 -74.34 23.04 26.38
CA PRO HA 260 -75.64 23.27 27.01
C PRO HA 260 -76.60 23.95 26.05
N LEU HA 261 -77.89 23.65 26.21
CA LEU HA 261 -78.91 24.26 25.39
C LEU HA 261 -78.98 25.76 25.64
N GLN HA 262 -79.29 26.50 24.58
CA GLN HA 262 -79.39 27.96 24.64
C GLN HA 262 -80.83 28.38 24.36
N TYR HA 263 -81.29 29.38 25.09
CA TYR HA 263 -82.62 29.96 24.90
C TYR HA 263 -82.47 31.43 24.53
N ASP HA 264 -83.19 31.87 23.51
CA ASP HA 264 -83.05 33.23 23.01
C ASP HA 264 -84.38 33.73 22.47
N GLU HA 265 -84.85 34.84 23.00
CA GLU HA 265 -86.05 35.54 22.52
C GLU HA 265 -87.24 34.59 22.42
N GLN HA 266 -87.63 34.06 23.58
CA GLN HA 266 -88.71 33.09 23.72
C GLN HA 266 -88.46 31.81 22.93
N GLY HA 267 -87.27 31.64 22.37
CA GLY HA 267 -86.93 30.44 21.63
C GLY HA 267 -86.39 29.39 22.57
N MET HA 268 -86.93 28.18 22.48
CA MET HA 268 -86.62 27.11 23.41
C MET HA 268 -85.94 25.96 22.69
N ALA HA 269 -84.87 25.45 23.31
CA ALA HA 269 -84.18 24.24 22.86
C ALA HA 269 -83.66 24.39 21.43
N PHE HA 270 -82.75 25.34 21.24
CA PHE HA 270 -82.00 25.47 20.00
C PHE HA 270 -80.52 25.43 20.30
N SER HA 271 -79.78 24.62 19.54
CA SER HA 271 -78.34 24.45 19.71
C SER HA 271 -77.65 24.74 18.39
N ARG HA 272 -76.36 25.02 18.48
CA ARG HA 272 -75.54 25.40 17.32
C ARG HA 272 -74.42 24.40 17.14
N GLY HA 273 -74.08 24.12 15.88
CA GLY HA 273 -73.02 23.20 15.57
C GLY HA 273 -72.12 23.74 14.48
N GLU HA 274 -70.89 23.24 14.47
CA GLU HA 274 -69.89 23.63 13.50
C GLU HA 274 -69.33 22.38 12.82
N GLY HA 275 -69.27 22.41 11.51
CA GLY HA 275 -68.75 21.28 10.75
C GLY HA 275 -67.93 21.74 9.57
N LYS HA 276 -66.94 20.93 9.22
CA LYS HA 276 -66.05 21.24 8.11
C LYS HA 276 -65.57 19.95 7.47
N ARG HA 277 -65.62 19.88 6.14
CA ARG HA 277 -65.15 18.69 5.43
C ARG HA 277 -64.82 19.08 3.99
N LYS HA 278 -63.55 18.90 3.61
CA LYS HA 278 -63.10 19.05 2.23
C LYS HA 278 -63.43 20.45 1.68
N THR HA 279 -62.84 21.45 2.34
CA THR HA 279 -63.01 22.86 1.95
C THR HA 279 -64.48 23.24 1.90
N ALA HA 280 -65.20 22.96 2.97
CA ALA HA 280 -66.63 23.29 3.05
C ALA HA 280 -67.02 23.36 4.51
N LYS HA 281 -67.36 24.57 4.98
CA LYS HA 281 -67.77 24.79 6.36
C LYS HA 281 -69.29 24.90 6.42
N ALA HA 282 -69.89 24.23 7.40
CA ALA HA 282 -71.34 24.22 7.56
C ALA HA 282 -71.70 24.75 8.94
N GLU HA 283 -72.66 25.67 8.98
CA GLU HA 283 -73.18 26.23 10.21
C GLU HA 283 -74.63 25.79 10.35
N VAL HA 284 -74.91 24.96 11.35
CA VAL HA 284 -76.23 24.38 11.54
C VAL HA 284 -76.74 24.73 12.93
N VAL HA 285 -77.94 25.30 12.99
CA VAL HA 285 -78.66 25.53 14.23
C VAL HA 285 -79.97 24.76 14.16
N VAL HA 286 -80.24 23.95 15.17
CA VAL HA 286 -81.38 23.04 15.17
C VAL HA 286 -82.33 23.42 16.29
N TYR HA 287 -83.61 23.59 15.94
CA TYR HA 287 -84.65 23.88 16.91
C TYR HA 287 -85.38 22.59 17.26
N GLY HA 288 -85.55 22.34 18.56
CA GLY HA 288 -86.21 21.16 19.04
C GLY HA 288 -87.71 21.27 19.19
N GLN HA 289 -88.31 22.38 18.75
CA GLN HA 289 -89.73 22.63 18.93
C GLN HA 289 -90.50 22.70 17.61
N GLY HA 290 -89.87 22.33 16.50
CA GLY HA 290 -90.49 22.42 15.20
C GLY HA 290 -90.71 21.06 14.54
N SER HA 291 -91.35 21.11 13.38
CA SER HA 291 -91.59 19.93 12.58
C SER HA 291 -90.35 19.58 11.77
N GLY HA 292 -90.47 18.56 10.91
CA GLY HA 292 -89.32 18.10 10.16
C GLY HA 292 -89.09 18.86 8.86
N ARG HA 293 -88.17 19.81 8.89
CA ARG HA 293 -87.82 20.57 7.70
C ARG HA 293 -86.44 21.19 7.91
N ILE HA 294 -85.70 21.31 6.81
CA ILE HA 294 -84.36 21.90 6.82
C ILE HA 294 -84.32 23.00 5.77
N ASP HA 295 -83.84 24.17 6.15
CA ASP HA 295 -83.77 25.34 5.27
C ASP HA 295 -82.30 25.72 5.11
N VAL HA 296 -81.71 25.33 3.98
CA VAL HA 296 -80.30 25.59 3.70
C VAL HA 296 -80.20 26.80 2.78
N ASN HA 297 -79.46 27.81 3.21
CA ASN HA 297 -79.20 29.00 2.40
C ASN HA 297 -80.48 29.68 1.95
N GLY HA 298 -81.52 29.61 2.77
CA GLY HA 298 -82.79 30.25 2.45
C GLY HA 298 -83.67 29.48 1.49
N VAL HA 299 -83.28 28.28 1.09
CA VAL HA 299 -84.08 27.46 0.18
C VAL HA 299 -84.29 26.10 0.82
N ASP HA 300 -85.33 25.42 0.35
CA ASP HA 300 -85.65 24.08 0.86
C ASP HA 300 -84.53 23.10 0.52
N TYR HA 301 -84.32 22.13 1.42
CA TYR HA 301 -83.21 21.20 1.23
C TYR HA 301 -83.39 20.33 0.01
N LEU HA 302 -84.63 19.97 -0.33
CA LEU HA 302 -84.87 19.14 -1.52
C LEU HA 302 -84.42 19.86 -2.78
N LEU HA 303 -84.74 21.15 -2.89
CA LEU HA 303 -84.30 21.92 -4.05
C LEU HA 303 -82.79 22.08 -4.06
N TYR HA 304 -82.18 22.27 -2.88
CA TYR HA 304 -80.75 22.53 -2.81
C TYR HA 304 -79.92 21.27 -3.00
N PHE HA 305 -80.48 20.09 -2.73
CA PHE HA 305 -79.78 18.81 -2.87
C PHE HA 305 -80.59 17.90 -3.77
N PRO HA 306 -80.56 18.12 -5.09
CA PRO HA 306 -81.29 17.23 -6.00
C PRO HA 306 -80.82 15.79 -5.95
N VAL HA 307 -79.54 15.56 -5.66
CA VAL HA 307 -78.99 14.21 -5.67
C VAL HA 307 -79.56 13.43 -4.49
N THR HA 308 -80.01 12.20 -4.77
CA THR HA 308 -80.57 11.36 -3.71
C THR HA 308 -79.53 11.04 -2.65
N GLN HA 309 -78.28 10.79 -3.07
CA GLN HA 309 -77.24 10.45 -2.12
C GLN HA 309 -76.97 11.59 -1.14
N ASP HA 310 -76.97 12.83 -1.63
CA ASP HA 310 -76.71 13.96 -0.75
C ASP HA 310 -77.81 14.11 0.31
N ARG HA 311 -79.07 13.93 -0.09
CA ARG HA 311 -80.16 13.96 0.88
C ARG HA 311 -80.13 12.75 1.81
N GLU HA 312 -79.47 11.66 1.41
CA GLU HA 312 -79.26 10.53 2.32
C GLU HA 312 -78.28 10.88 3.42
N GLN HA 313 -77.28 11.72 3.11
CA GLN HA 313 -76.31 12.11 4.13
C GLN HA 313 -76.99 12.90 5.25
N LEU HA 314 -77.89 13.80 4.90
CA LEU HA 314 -78.60 14.57 5.92
C LEU HA 314 -79.52 13.67 6.75
N MET HA 315 -80.08 12.62 6.15
CA MET HA 315 -80.93 11.70 6.88
C MET HA 315 -80.14 10.92 7.93
N PHE HA 316 -78.88 10.60 7.61
CA PHE HA 316 -78.09 9.67 8.43
C PHE HA 316 -78.02 10.04 9.91
N PRO HA 317 -77.76 11.30 10.31
CA PRO HA 317 -77.78 11.61 11.75
C PRO HA 317 -79.16 11.48 12.35
N LEU HA 318 -80.16 12.07 11.71
CA LEU HA 318 -81.52 12.04 12.25
C LEU HA 318 -82.08 10.63 12.30
N HIS HA 319 -81.85 9.84 11.25
CA HIS HA 319 -82.40 8.48 11.22
C HIS HA 319 -81.76 7.60 12.29
N PHE HA 320 -80.49 7.86 12.62
CA PHE HA 320 -79.83 7.04 13.64
C PHE HA 320 -80.46 7.26 15.01
N LEU HA 321 -81.00 8.44 15.28
CA LEU HA 321 -81.62 8.76 16.54
C LEU HA 321 -83.14 8.63 16.52
N ASP HA 322 -83.72 8.23 15.39
CA ASP HA 322 -85.17 8.09 15.24
C ASP HA 322 -85.90 9.40 15.58
N ARG HA 323 -85.37 10.51 15.08
CA ARG HA 323 -85.96 11.83 15.26
C ARG HA 323 -85.98 12.59 13.94
N LEU HA 324 -86.50 11.93 12.90
CA LEU HA 324 -86.52 12.53 11.57
C LEU HA 324 -87.41 13.77 11.53
N GLY HA 325 -88.59 13.70 12.12
CA GLY HA 325 -89.56 14.79 12.05
C GLY HA 325 -89.71 15.60 13.31
N LYS HA 326 -88.81 15.48 14.29
CA LYS HA 326 -88.96 16.15 15.56
C LYS HA 326 -88.08 17.39 15.70
N HIS HA 327 -87.43 17.82 14.63
CA HIS HA 327 -86.52 18.95 14.71
C HIS HA 327 -86.63 19.83 13.48
N ASP HA 328 -86.62 21.15 13.69
CA ASP HA 328 -86.62 22.13 12.62
C ASP HA 328 -85.26 22.81 12.60
N MET HA 329 -84.63 22.84 11.43
CA MET HA 329 -83.26 23.30 11.30
C MET HA 329 -83.14 24.32 10.18
N THR HA 330 -82.17 25.22 10.33
CA THR HA 330 -81.74 26.12 9.27
C THR HA 330 -80.22 26.08 9.18
N CYS HA 331 -79.70 26.02 7.96
CA CYS HA 331 -78.27 25.79 7.75
C CYS HA 331 -77.70 26.88 6.86
N ALA HA 332 -76.38 27.02 6.91
CA ALA HA 332 -75.66 27.97 6.06
C ALA HA 332 -74.29 27.37 5.77
N VAL HA 333 -74.13 26.82 4.56
CA VAL HA 333 -72.91 26.14 4.17
C VAL HA 333 -72.34 26.83 2.94
N SER HA 334 -71.02 27.00 2.92
CA SER HA 334 -70.34 27.70 1.85
C SER HA 334 -69.10 26.92 1.41
N GLY HA 335 -68.77 27.02 0.13
CA GLY HA 335 -67.57 26.40 -0.41
C GLY HA 335 -67.73 24.93 -0.73
N GLY HA 336 -66.95 24.45 -1.70
CA GLY HA 336 -66.97 23.05 -2.07
C GLY HA 336 -68.09 22.70 -3.03
N GLY HA 337 -68.11 21.42 -3.40
CA GLY HA 337 -69.10 20.90 -4.31
C GLY HA 337 -70.35 20.43 -3.59
N ARG HA 338 -71.18 19.68 -4.32
CA ARG HA 338 -72.42 19.18 -3.74
C ARG HA 338 -72.16 18.19 -2.61
N SER HA 339 -71.18 17.30 -2.80
CA SER HA 339 -70.91 16.28 -1.80
C SER HA 339 -70.14 16.86 -0.61
N ALA HA 340 -69.26 17.82 -0.86
CA ALA HA 340 -68.54 18.45 0.25
C ALA HA 340 -69.49 19.16 1.19
N GLN HA 341 -70.44 19.92 0.64
CA GLN HA 341 -71.44 20.58 1.49
C GLN HA 341 -72.32 19.58 2.20
N ALA HA 342 -72.74 18.52 1.50
CA ALA HA 342 -73.60 17.52 2.11
C ALA HA 342 -72.90 16.83 3.28
N GLY HA 343 -71.63 16.50 3.11
CA GLY HA 343 -70.87 15.93 4.22
C GLY HA 343 -70.68 16.92 5.35
N ALA HA 344 -70.44 18.19 5.02
CA ALA HA 344 -70.24 19.20 6.06
C ALA HA 344 -71.50 19.40 6.89
N VAL HA 345 -72.65 19.49 6.23
CA VAL HA 345 -73.91 19.66 6.96
C VAL HA 345 -74.18 18.43 7.82
N ARG HA 346 -73.84 17.25 7.32
CA ARG HA 346 -74.00 16.03 8.11
C ARG HA 346 -73.16 16.10 9.38
N LEU HA 347 -71.91 16.56 9.27
CA LEU HA 347 -71.06 16.66 10.44
C LEU HA 347 -71.58 17.68 11.43
N ALA HA 348 -72.06 18.82 10.95
CA ALA HA 348 -72.53 19.87 11.83
C ALA HA 348 -73.76 19.45 12.62
N MET HA 349 -74.68 18.72 11.97
CA MET HA 349 -75.87 18.25 12.68
C MET HA 349 -75.49 17.26 13.78
N ALA HA 350 -74.52 16.38 13.52
CA ALA HA 350 -74.13 15.39 14.51
C ALA HA 350 -73.60 16.06 15.77
N ARG HA 351 -72.78 17.10 15.62
CA ARG HA 351 -72.28 17.81 16.79
C ARG HA 351 -73.35 18.67 17.43
N ALA HA 352 -74.24 19.26 16.64
CA ALA HA 352 -75.28 20.12 17.20
C ALA HA 352 -76.39 19.31 17.88
N LEU HA 353 -76.58 18.06 17.48
CA LEU HA 353 -77.63 17.24 18.08
C LEU HA 353 -77.19 16.57 19.38
N CYS HA 354 -75.92 16.70 19.77
CA CYS HA 354 -75.47 16.09 21.02
C CYS HA 354 -76.15 16.71 22.24
N SER HA 355 -76.57 17.96 22.15
CA SER HA 355 -77.22 18.61 23.29
C SER HA 355 -78.55 17.94 23.62
N PHE HA 356 -79.34 17.59 22.60
CA PHE HA 356 -80.67 17.04 22.83
C PHE HA 356 -80.66 15.56 23.17
N VAL HA 357 -79.54 14.88 23.01
CA VAL HA 357 -79.46 13.43 23.16
C VAL HA 357 -78.73 13.09 24.46
N THR HA 358 -79.13 11.98 25.07
CA THR HA 358 -78.50 11.52 26.29
C THR HA 358 -77.04 11.15 26.03
N GLU HA 359 -76.29 11.02 27.13
CA GLU HA 359 -74.85 10.81 27.01
C GLU HA 359 -74.52 9.43 26.45
N ASP HA 360 -75.32 8.42 26.82
CA ASP HA 360 -75.02 7.06 26.37
C ASP HA 360 -75.10 6.94 24.85
N GLU HA 361 -76.12 7.56 24.24
CA GLU HA 361 -76.24 7.51 22.79
C GLU HA 361 -75.22 8.39 22.08
N VAL HA 362 -74.65 9.38 22.79
CA VAL HA 362 -73.56 10.15 22.22
C VAL HA 362 -72.36 9.25 21.96
N GLU HA 363 -72.08 8.32 22.87
CA GLU HA 363 -71.04 7.32 22.62
C GLU HA 363 -71.39 6.46 21.41
N TRP HA 364 -72.66 6.08 21.28
CA TRP HA 364 -73.10 5.35 20.10
C TRP HA 364 -72.87 6.19 18.84
N MET HA 365 -73.02 7.50 18.95
CA MET HA 365 -72.78 8.37 17.81
C MET HA 365 -71.32 8.31 17.37
N ARG HA 366 -70.39 8.31 18.33
CA ARG HA 366 -68.97 8.23 17.98
C ARG HA 366 -68.63 6.89 17.35
N GLN HA 367 -69.16 5.80 17.89
CA GLN HA 367 -68.86 4.48 17.35
C GLN HA 367 -69.35 4.32 15.92
N ALA HA 368 -70.32 5.12 15.50
CA ALA HA 368 -70.81 5.08 14.12
C ALA HA 368 -70.06 6.02 13.20
N GLY HA 369 -69.15 6.83 13.73
CA GLY HA 369 -68.35 7.74 12.93
C GLY HA 369 -69.00 9.07 12.61
N LEU HA 370 -70.11 9.41 13.25
CA LEU HA 370 -70.77 10.68 12.97
C LEU HA 370 -69.96 11.87 13.47
N LEU HA 371 -69.39 11.76 14.66
CA LEU HA 371 -68.80 12.92 15.33
C LEU HA 371 -67.33 13.16 14.96
N THR HA 372 -66.70 12.24 14.23
CA THR HA 372 -65.29 12.38 13.89
C THR HA 372 -65.15 13.09 12.55
N ALA HA 373 -64.32 14.13 12.52
CA ALA HA 373 -64.09 14.88 11.30
C ALA HA 373 -63.33 14.01 10.29
N ASP HA 374 -63.61 14.24 9.01
CA ASP HA 374 -62.96 13.48 7.95
C ASP HA 374 -61.64 14.15 7.60
N PRO HA 375 -60.49 13.49 7.81
CA PRO HA 375 -59.20 14.14 7.56
C PRO HA 375 -58.73 14.07 6.11
N ARG HA 376 -59.49 13.44 5.22
CA ARG HA 376 -59.05 13.24 3.84
C ARG HA 376 -59.24 14.52 3.05
N VAL HA 377 -58.13 15.15 2.67
CA VAL HA 377 -58.14 16.38 1.88
C VAL HA 377 -57.27 16.15 0.64
N ARG HA 378 -57.54 16.91 -0.40
CA ARG HA 378 -56.80 16.77 -1.65
C ARG HA 378 -55.33 17.09 -1.43
N GLU HA 379 -54.46 16.25 -2.00
CA GLU HA 379 -53.02 16.46 -1.92
C GLU HA 379 -52.55 17.44 -3.00
N ARG HA 380 -51.29 17.83 -2.89
CA ARG HA 380 -50.68 18.74 -3.85
C ARG HA 380 -50.21 17.98 -5.08
N LYS HA 381 -49.68 18.72 -6.05
CA LYS HA 381 -49.07 18.15 -7.25
C LYS HA 381 -47.56 18.34 -7.17
N LYS HA 382 -46.82 17.24 -7.13
CA LYS HA 382 -45.38 17.33 -6.99
C LYS HA 382 -44.75 17.86 -8.27
N PRO HA 383 -43.68 18.65 -8.17
CA PRO HA 383 -43.00 19.13 -9.39
C PRO HA 383 -42.25 18.02 -10.09
N GLY HA 384 -42.67 17.72 -11.32
CA GLY HA 384 -42.08 16.62 -12.06
C GLY HA 384 -42.97 15.42 -12.22
N GLN HA 385 -44.25 15.51 -11.84
CA GLN HA 385 -45.20 14.42 -11.95
C GLN HA 385 -46.48 14.93 -12.58
N GLU HA 386 -47.18 14.04 -13.27
CA GLU HA 386 -48.45 14.43 -13.89
C GLU HA 386 -49.50 14.80 -12.87
N GLY HA 387 -49.57 14.05 -11.77
CA GLY HA 387 -50.54 14.34 -10.73
C GLY HA 387 -49.95 14.24 -9.33
N ALA HA 388 -50.80 13.91 -8.36
CA ALA HA 388 -50.32 13.79 -6.99
C ALA HA 388 -49.42 12.57 -6.80
N ARG HA 389 -49.69 11.49 -7.53
CA ARG HA 389 -48.88 10.28 -7.41
C ARG HA 389 -48.40 9.79 -8.77
N ARG HA 390 -49.18 10.02 -9.81
CA ARG HA 390 -48.83 9.53 -11.13
C ARG HA 390 -47.61 10.27 -11.68
N LYS HA 391 -46.67 9.52 -12.23
CA LYS HA 391 -45.47 10.06 -12.85
C LYS HA 391 -45.56 9.91 -14.36
N PHE HA 392 -44.69 10.62 -15.06
CA PHE HA 392 -44.66 10.53 -16.51
C PHE HA 392 -44.26 9.14 -16.96
N THR HA 393 -44.52 8.85 -18.23
CA THR HA 393 -44.14 7.56 -18.79
C THR HA 393 -42.63 7.38 -18.70
N TRP HA 394 -42.21 6.22 -18.21
CA TRP HA 394 -40.79 5.93 -17.94
C TRP HA 394 -40.28 5.00 -19.04
N LYS HA 395 -39.66 5.60 -20.07
CA LYS HA 395 -39.06 4.82 -21.15
C LYS HA 395 -37.71 4.27 -20.68
N LYS HA 396 -37.62 2.94 -20.57
CA LYS HA 396 -36.40 2.33 -20.06
C LYS HA 396 -35.23 2.54 -21.01
N ARG HA 397 -35.47 2.48 -22.31
CA ARG HA 397 -34.40 2.61 -23.29
C ARG HA 397 -34.75 3.65 -24.36
N SER IA 60 -59.61 -56.37 23.71
CA SER IA 60 -59.58 -56.60 22.26
C SER IA 60 -58.15 -56.77 21.78
N SER IA 61 -57.62 -57.99 21.89
CA SER IA 61 -56.25 -58.28 21.48
C SER IA 61 -56.23 -58.50 19.98
N PHE IA 62 -55.57 -57.59 19.26
CA PHE IA 62 -55.45 -57.66 17.81
C PHE IA 62 -53.97 -57.81 17.45
N SER IA 63 -53.68 -58.78 16.59
CA SER IA 63 -52.32 -59.09 16.17
C SER IA 63 -52.10 -58.61 14.74
N ILE IA 64 -51.00 -57.91 14.52
CA ILE IA 64 -50.69 -57.39 13.19
C ILE IA 64 -50.35 -58.54 12.23
N TYR IA 65 -49.66 -59.56 12.74
CA TYR IA 65 -49.18 -60.62 11.87
C TYR IA 65 -50.34 -61.42 11.30
N PRO IA 66 -50.22 -61.91 10.05
CA PRO IA 66 -51.32 -62.63 9.43
C PRO IA 66 -51.56 -63.96 10.14
N PRO IA 67 -52.78 -64.50 10.06
CA PRO IA 67 -53.02 -65.84 10.58
C PRO IA 67 -52.27 -66.90 9.78
N ILE IA 68 -51.34 -67.60 10.43
CA ILE IA 68 -50.50 -68.60 9.77
C ILE IA 68 -51.38 -69.73 9.24
N PRO IA 69 -51.19 -70.15 7.99
CA PRO IA 69 -52.03 -71.24 7.44
C PRO IA 69 -51.91 -72.54 8.22
N GLY IA 70 -50.75 -72.84 8.78
CA GLY IA 70 -50.59 -74.05 9.54
C GLY IA 70 -51.51 -74.16 10.75
N GLN IA 71 -51.75 -73.05 11.43
CA GLN IA 71 -52.61 -73.02 12.60
C GLN IA 71 -54.07 -72.92 12.15
N GLU IA 72 -55.00 -72.78 13.10
CA GLU IA 72 -56.41 -72.62 12.79
C GLU IA 72 -56.92 -71.41 13.56
N ASN IA 73 -57.00 -70.26 12.90
CA ASN IA 73 -57.44 -69.02 13.52
C ASN IA 73 -58.91 -68.79 13.17
N SER IA 74 -59.73 -68.61 14.21
CA SER IA 74 -61.16 -68.40 14.02
C SER IA 74 -61.45 -66.95 13.63
N LEU IA 75 -60.95 -66.57 12.44
CA LEU IA 75 -61.13 -65.23 11.89
C LEU IA 75 -61.55 -65.39 10.43
N ARG IA 76 -62.86 -65.54 10.21
CA ARG IA 76 -63.43 -65.77 8.88
C ARG IA 76 -64.13 -64.51 8.40
N TRP IA 77 -63.75 -64.03 7.22
CA TRP IA 77 -64.44 -62.91 6.60
C TRP IA 77 -65.44 -63.42 5.57
N ALA IA 78 -66.68 -62.95 5.68
CA ALA IA 78 -67.78 -63.34 4.78
C ALA IA 78 -67.87 -64.86 4.63
N GLY IA 79 -67.63 -65.60 5.71
CA GLY IA 79 -67.82 -67.03 5.72
C GLY IA 79 -66.71 -67.85 5.12
N LYS IA 80 -65.60 -67.23 4.69
CA LYS IA 80 -64.48 -67.96 4.11
C LYS IA 80 -63.20 -67.61 4.87
N LYS IA 81 -62.21 -68.50 4.73
CA LYS IA 81 -60.98 -68.40 5.51
C LYS IA 81 -60.11 -67.27 4.97
N PHE IA 82 -58.91 -67.15 5.57
CA PHE IA 82 -57.98 -66.09 5.18
C PHE IA 82 -57.40 -66.34 3.79
N GLU IA 83 -56.96 -67.56 3.52
CA GLU IA 83 -56.33 -67.85 2.24
C GLU IA 83 -57.33 -67.89 1.09
N GLU IA 84 -58.62 -68.08 1.38
CA GLU IA 84 -59.63 -68.14 0.34
C GLU IA 84 -59.97 -66.77 -0.23
N ILE IA 85 -59.61 -65.69 0.45
CA ILE IA 85 -59.97 -64.35 0.02
C ILE IA 85 -59.15 -63.95 -1.19
N PRO IA 86 -59.73 -63.32 -2.21
CA PRO IA 86 -58.98 -62.95 -3.42
C PRO IA 86 -57.85 -61.97 -3.12
N ILE IA 87 -57.05 -61.73 -4.17
CA ILE IA 87 -55.84 -60.92 -4.08
C ILE IA 87 -55.97 -59.75 -5.05
N ALA IA 88 -55.49 -58.58 -4.64
CA ALA IA 88 -55.46 -57.39 -5.48
C ALA IA 88 -54.00 -56.95 -5.65
N HIS IA 89 -53.42 -57.25 -6.80
CA HIS IA 89 -52.03 -56.89 -7.07
C HIS IA 89 -51.95 -55.44 -7.54
N ILE IA 90 -51.03 -54.68 -6.96
CA ILE IA 90 -50.85 -53.28 -7.29
C ILE IA 90 -49.39 -53.09 -7.68
N LYS IA 91 -49.14 -52.82 -8.96
CA LYS IA 91 -47.79 -52.49 -9.44
C LYS IA 91 -47.75 -50.98 -9.68
N ALA IA 92 -47.17 -50.26 -8.73
CA ALA IA 92 -47.09 -48.80 -8.79
C ALA IA 92 -45.69 -48.41 -9.24
N SER IA 93 -45.51 -48.24 -10.54
CA SER IA 93 -44.23 -47.81 -11.09
C SER IA 93 -44.15 -46.29 -11.01
N TYR IA 94 -43.09 -45.72 -11.59
CA TYR IA 94 -42.90 -44.28 -11.56
C TYR IA 94 -43.63 -43.56 -12.67
N ASN IA 95 -44.21 -44.29 -13.62
CA ASN IA 95 -44.96 -43.68 -14.71
C ASN IA 95 -46.34 -44.28 -14.92
N ASN IA 96 -46.66 -45.41 -14.28
CA ASN IA 96 -47.94 -46.05 -14.50
C ASN IA 96 -48.32 -46.85 -13.26
N THR IA 97 -49.63 -47.06 -13.08
CA THR IA 97 -50.16 -47.83 -11.97
C THR IA 97 -51.12 -48.87 -12.53
N GLN IA 98 -50.82 -50.14 -12.32
CA GLN IA 98 -51.62 -51.24 -12.84
C GLN IA 98 -52.23 -52.02 -11.68
N ILE IA 99 -53.54 -52.24 -11.75
CA ILE IA 99 -54.28 -52.92 -10.69
C ILE IA 99 -54.94 -54.15 -11.29
N GLN IA 100 -54.71 -55.30 -10.67
CA GLN IA 100 -55.35 -56.54 -11.10
C GLN IA 100 -55.81 -57.31 -9.87
N VAL IA 101 -57.04 -57.80 -9.92
CA VAL IA 101 -57.61 -58.61 -8.84
C VAL IA 101 -57.69 -60.05 -9.33
N VAL IA 102 -57.20 -60.98 -8.51
CA VAL IA 102 -57.20 -62.39 -8.86
C VAL IA 102 -57.82 -63.19 -7.72
N SER IA 103 -58.35 -64.36 -8.06
CA SER IA 103 -58.99 -65.22 -7.08
C SER IA 103 -57.96 -65.95 -6.24
N ALA IA 104 -58.44 -66.71 -5.25
CA ALA IA 104 -57.55 -67.49 -4.42
C ALA IA 104 -56.79 -68.54 -5.22
N ALA IA 105 -57.38 -69.03 -6.30
CA ALA IA 105 -56.72 -69.95 -7.22
C ALA IA 105 -55.91 -69.24 -8.30
N HIS IA 106 -55.62 -67.95 -8.09
CA HIS IA 106 -54.84 -67.14 -9.03
C HIS IA 106 -55.50 -67.09 -10.40
N GLN IA 107 -56.84 -67.00 -10.40
CA GLN IA 107 -57.60 -66.80 -11.63
C GLN IA 107 -58.01 -65.34 -11.73
N PRO IA 108 -57.61 -64.61 -12.77
CA PRO IA 108 -57.88 -63.17 -12.82
C PRO IA 108 -59.38 -62.88 -12.93
N LEU IA 109 -59.83 -61.89 -12.17
CA LEU IA 109 -61.21 -61.42 -12.24
C LEU IA 109 -61.34 -60.16 -13.08
N ALA IA 110 -60.63 -59.09 -12.70
CA ALA IA 110 -60.73 -57.82 -13.38
C ALA IA 110 -59.36 -57.15 -13.41
N HIS IA 111 -59.15 -56.31 -14.41
CA HIS IA 111 -57.90 -55.61 -14.61
C HIS IA 111 -58.18 -54.16 -14.93
N ALA IA 112 -57.37 -53.25 -14.38
CA ALA IA 112 -57.52 -51.83 -14.64
C ALA IA 112 -56.18 -51.14 -14.43
N SER IA 113 -55.98 -50.04 -15.14
CA SER IA 113 -54.76 -49.28 -15.04
C SER IA 113 -55.03 -47.85 -15.47
N CYS IA 114 -54.11 -46.96 -15.14
CA CYS IA 114 -54.28 -45.55 -15.49
C CYS IA 114 -54.38 -45.35 -17.00
N GLY IA 115 -53.71 -46.20 -17.79
CA GLY IA 115 -53.79 -46.07 -19.22
C GLY IA 115 -55.18 -46.37 -19.76
N THR IA 116 -55.81 -47.44 -19.25
CA THR IA 116 -57.10 -47.86 -19.77
C THR IA 116 -58.24 -46.93 -19.35
N GLU IA 117 -58.02 -46.09 -18.35
CA GLU IA 117 -59.06 -45.21 -17.84
C GLU IA 117 -59.08 -43.85 -18.54
N GLY IA 118 -58.39 -43.71 -19.67
CA GLY IA 118 -58.37 -42.49 -20.42
C GLY IA 118 -57.15 -41.60 -20.18
N PHE IA 119 -56.51 -41.74 -19.03
CA PHE IA 119 -55.29 -40.98 -18.78
C PHE IA 119 -54.20 -41.42 -19.75
N ARG IA 120 -53.42 -40.45 -20.22
CA ARG IA 120 -52.47 -40.67 -21.30
C ARG IA 120 -51.20 -39.89 -21.03
N ASN IA 121 -50.05 -40.54 -21.29
CA ASN IA 121 -48.73 -39.93 -21.16
C ASN IA 121 -48.41 -39.57 -19.71
N ALA IA 122 -47.89 -38.37 -19.49
CA ALA IA 122 -47.46 -37.98 -18.14
C ALA IA 122 -48.62 -38.00 -17.16
N LYS IA 123 -49.83 -37.76 -17.63
CA LYS IA 123 -50.97 -37.66 -16.72
C LYS IA 123 -51.21 -38.96 -15.97
N LYS IA 124 -50.95 -40.11 -16.59
CA LYS IA 124 -51.27 -41.38 -15.96
C LYS IA 124 -50.37 -41.71 -14.78
N GLY IA 125 -49.25 -41.02 -14.62
CA GLY IA 125 -48.35 -41.24 -13.50
C GLY IA 125 -48.70 -40.51 -12.24
N THR IA 126 -49.68 -39.61 -12.30
CA THR IA 126 -50.07 -38.83 -11.14
C THR IA 126 -50.91 -39.67 -10.18
N GLY IA 127 -51.09 -39.14 -8.96
CA GLY IA 127 -51.87 -39.86 -7.96
C GLY IA 127 -53.34 -39.99 -8.33
N ILE IA 128 -53.91 -38.93 -8.91
CA ILE IA 128 -55.33 -38.95 -9.25
C ILE IA 128 -55.64 -40.07 -10.24
N ALA IA 129 -54.75 -40.28 -11.21
CA ALA IA 129 -54.95 -41.36 -12.17
C ALA IA 129 -54.99 -42.71 -11.49
N ALA IA 130 -54.09 -42.95 -10.52
CA ALA IA 130 -54.14 -44.19 -9.77
C ALA IA 130 -55.40 -44.28 -8.91
N GLN IA 131 -55.87 -43.15 -8.40
CA GLN IA 131 -57.09 -43.15 -7.60
C GLN IA 131 -58.30 -43.55 -8.44
N THR IA 132 -58.39 -43.04 -9.66
CA THR IA 132 -59.49 -43.42 -10.54
C THR IA 132 -59.40 -44.88 -10.95
N ALA IA 133 -58.19 -45.39 -11.16
CA ALA IA 133 -58.03 -46.80 -11.51
C ALA IA 133 -58.51 -47.70 -10.38
N GLY IA 134 -58.24 -47.32 -9.14
CA GLY IA 134 -58.73 -48.09 -8.00
C GLY IA 134 -60.24 -48.13 -7.94
N ILE IA 135 -60.89 -47.00 -8.25
CA ILE IA 135 -62.35 -46.97 -8.28
C ILE IA 135 -62.89 -47.88 -9.38
N ALA IA 136 -62.29 -47.82 -10.57
CA ALA IA 136 -62.78 -48.61 -11.69
C ALA IA 136 -62.57 -50.11 -11.45
N ALA IA 137 -61.40 -50.48 -10.92
CA ALA IA 137 -61.12 -51.89 -10.69
C ALA IA 137 -62.06 -52.48 -9.64
N ALA IA 138 -62.37 -51.72 -8.59
CA ALA IA 138 -63.28 -52.21 -7.57
C ALA IA 138 -64.68 -52.42 -8.12
N ALA IA 139 -65.15 -51.49 -8.98
CA ALA IA 139 -66.49 -51.63 -9.54
C ALA IA 139 -66.61 -52.88 -10.39
N LYS IA 140 -65.60 -53.14 -11.23
CA LYS IA 140 -65.61 -54.36 -12.02
C LYS IA 140 -65.49 -55.60 -11.13
N ALA IA 141 -64.70 -55.50 -10.06
CA ALA IA 141 -64.57 -56.63 -9.14
C ALA IA 141 -65.86 -56.87 -8.37
N THR IA 142 -66.49 -55.80 -7.87
CA THR IA 142 -67.73 -55.97 -7.11
C THR IA 142 -68.84 -56.55 -7.97
N GLY IA 143 -68.81 -56.28 -9.29
CA GLY IA 143 -69.78 -56.88 -10.18
C GLY IA 143 -69.70 -58.39 -10.20
N LYS IA 144 -68.49 -58.94 -10.05
CA LYS IA 144 -68.31 -60.38 -10.02
C LYS IA 144 -68.56 -60.97 -8.63
N GLY IA 145 -68.86 -60.15 -7.63
CA GLY IA 145 -69.25 -60.64 -6.33
C GLY IA 145 -68.10 -60.96 -5.40
N VAL IA 146 -67.25 -59.97 -5.13
CA VAL IA 146 -66.18 -60.09 -4.15
C VAL IA 146 -66.30 -58.94 -3.17
N THR IA 147 -66.22 -59.25 -1.87
CA THR IA 147 -66.35 -58.25 -0.82
C THR IA 147 -65.01 -57.86 -0.22
N HIS IA 148 -64.22 -58.82 0.22
CA HIS IA 148 -62.93 -58.58 0.83
C HIS IA 148 -61.81 -59.03 -0.10
N VAL IA 149 -60.67 -58.36 0.00
CA VAL IA 149 -59.53 -58.67 -0.86
C VAL IA 149 -58.24 -58.32 -0.10
N ARG IA 150 -57.21 -59.14 -0.32
CA ARG IA 150 -55.89 -58.93 0.26
C ARG IA 150 -55.03 -58.24 -0.79
N VAL IA 151 -54.66 -56.99 -0.53
CA VAL IA 151 -53.98 -56.17 -1.52
C VAL IA 151 -52.47 -56.32 -1.35
N VAL IA 152 -51.79 -56.63 -2.46
CA VAL IA 152 -50.33 -56.76 -2.49
C VAL IA 152 -49.78 -55.61 -3.31
N VAL IA 153 -48.91 -54.81 -2.69
CA VAL IA 153 -48.32 -53.66 -3.34
C VAL IA 153 -46.97 -54.06 -3.91
N LYS IA 154 -46.75 -53.75 -5.18
CA LYS IA 154 -45.51 -54.08 -5.88
C LYS IA 154 -44.83 -52.78 -6.30
N GLY IA 155 -43.57 -52.63 -5.91
CA GLY IA 155 -42.80 -51.48 -6.30
C GLY IA 155 -43.12 -50.24 -5.47
N LEU IA 156 -42.29 -49.22 -5.64
CA LEU IA 156 -42.47 -47.94 -4.97
C LEU IA 156 -42.73 -46.88 -6.03
N GLY IA 157 -43.84 -46.17 -5.88
CA GLY IA 157 -44.22 -45.15 -6.83
C GLY IA 157 -45.22 -44.16 -6.26
N PRO IA 158 -45.57 -43.14 -7.05
CA PRO IA 158 -46.51 -42.13 -6.55
C PRO IA 158 -47.95 -42.60 -6.43
N GLY IA 159 -48.28 -43.75 -7.02
CA GLY IA 159 -49.64 -44.25 -7.01
C GLY IA 159 -49.96 -45.26 -5.92
N ARG IA 160 -49.07 -45.47 -4.95
CA ARG IA 160 -49.32 -46.47 -3.92
C ARG IA 160 -50.49 -46.04 -3.01
N LEU IA 161 -50.45 -44.80 -2.51
CA LEU IA 161 -51.49 -44.35 -1.59
C LEU IA 161 -52.85 -44.26 -2.28
N SER IA 162 -52.88 -43.69 -3.48
CA SER IA 162 -54.15 -43.46 -4.16
C SER IA 162 -54.84 -44.78 -4.51
N ALA IA 163 -54.09 -45.76 -4.99
CA ALA IA 163 -54.68 -47.04 -5.36
C ALA IA 163 -55.25 -47.77 -4.15
N ILE IA 164 -54.59 -47.63 -3.00
CA ILE IA 164 -55.08 -48.29 -1.79
C ILE IA 164 -56.45 -47.75 -1.39
N LYS IA 165 -56.56 -46.42 -1.32
CA LYS IA 165 -57.85 -45.82 -1.00
C LYS IA 165 -58.80 -45.79 -2.19
N GLY IA 166 -58.28 -45.99 -3.41
CA GLY IA 166 -59.16 -46.12 -4.55
C GLY IA 166 -60.06 -47.34 -4.46
N LEU IA 167 -59.50 -48.47 -4.02
CA LEU IA 167 -60.32 -49.66 -3.81
C LEU IA 167 -61.28 -49.46 -2.65
N THR IA 168 -60.89 -48.70 -1.63
CA THR IA 168 -61.77 -48.45 -0.49
C THR IA 168 -63.02 -47.68 -0.91
N MET IA 169 -62.85 -46.66 -1.75
CA MET IA 169 -63.98 -45.84 -2.18
C MET IA 169 -64.71 -46.39 -3.39
N GLY IA 170 -64.20 -47.45 -4.01
CA GLY IA 170 -64.84 -48.08 -5.13
C GLY IA 170 -65.82 -49.17 -4.78
N GLY IA 171 -66.13 -49.35 -3.50
CA GLY IA 171 -67.01 -50.42 -3.08
C GLY IA 171 -66.32 -51.73 -2.79
N LEU IA 172 -65.05 -51.69 -2.41
CA LEU IA 172 -64.28 -52.88 -2.09
C LEU IA 172 -63.58 -52.69 -0.75
N GLU IA 173 -63.53 -53.76 0.04
CA GLU IA 173 -62.99 -53.70 1.39
C GLU IA 173 -61.70 -54.51 1.45
N VAL IA 174 -60.65 -53.92 2.02
CA VAL IA 174 -59.36 -54.57 2.16
C VAL IA 174 -59.14 -54.92 3.63
N ILE IA 175 -58.43 -56.02 3.85
CA ILE IA 175 -58.13 -56.46 5.22
C ILE IA 175 -56.65 -56.62 5.48
N SER IA 176 -55.82 -56.84 4.46
CA SER IA 176 -54.40 -57.09 4.66
C SER IA 176 -53.61 -56.35 3.59
N ILE IA 177 -52.47 -55.78 3.99
CA ILE IA 177 -51.58 -55.05 3.09
C ILE IA 177 -50.22 -55.74 3.10
N THR IA 178 -49.71 -56.03 1.91
CA THR IA 178 -48.40 -56.64 1.77
C THR IA 178 -47.59 -55.86 0.74
N ASP IA 179 -46.31 -55.64 1.04
CA ASP IA 179 -45.40 -54.97 0.13
C ASP IA 179 -44.42 -56.01 -0.41
N ASN IA 180 -44.42 -56.19 -1.74
CA ASN IA 180 -43.55 -57.18 -2.37
C ASN IA 180 -42.64 -56.51 -3.38
N THR IA 181 -42.05 -55.38 -2.99
CA THR IA 181 -41.16 -54.66 -3.88
C THR IA 181 -39.97 -55.54 -4.25
N PRO IA 182 -39.59 -55.60 -5.53
CA PRO IA 182 -38.42 -56.41 -5.92
C PRO IA 182 -37.14 -55.87 -5.32
N ILE IA 183 -36.55 -56.62 -4.39
CA ILE IA 183 -35.36 -56.21 -3.68
C ILE IA 183 -34.25 -57.21 -3.97
N PRO IA 184 -33.37 -56.91 -4.92
CA PRO IA 184 -32.27 -57.83 -5.24
C PRO IA 184 -31.27 -57.90 -4.09
N HIS IA 185 -30.76 -59.10 -3.85
CA HIS IA 185 -29.79 -59.30 -2.78
C HIS IA 185 -28.36 -59.40 -3.31
N 5F0 IA 186 -27.88 -58.26 -4.06
CA 5F0 IA 186 -26.53 -58.23 -4.60
C1 5F0 IA 186 -26.17 -56.79 -4.98
O1 5F0 IA 186 -26.54 -55.90 -4.30
CB 5F0 IA 186 -26.41 -59.14 -5.82
C 5F0 IA 186 -27.54 -58.87 -6.81
O 5F0 IA 186 -28.41 -58.00 -6.55
OD1 5F0 IA 186 -25.42 -56.53 -6.12
CXT 5F0 IA 186 -24.74 -55.31 -6.09
N GLY IA 187 -27.62 -59.63 -8.03
CA GLY IA 187 -28.70 -59.36 -8.97
C GLY IA 187 -28.23 -58.63 -10.20
N CYS IA 188 -29.18 -58.25 -11.06
CA CYS IA 188 -28.85 -57.53 -12.28
C CYS IA 188 -28.32 -56.14 -11.95
N ARG IA 189 -27.33 -55.71 -12.71
CA ARG IA 189 -26.78 -54.37 -12.54
C ARG IA 189 -27.73 -53.35 -13.15
N PRO IA 190 -28.23 -52.39 -12.37
CA PRO IA 190 -29.18 -51.42 -12.92
C PRO IA 190 -28.50 -50.42 -13.84
N ARG IA 191 -29.32 -49.57 -14.46
CA ARG IA 191 -28.82 -48.61 -15.42
C ARG IA 191 -27.97 -47.53 -14.72
N LYS IA 192 -27.23 -46.80 -15.52
CA LYS IA 192 -26.33 -45.78 -14.98
C LYS IA 192 -27.13 -44.59 -14.47
N ALA IA 193 -26.41 -43.60 -13.93
CA ALA IA 193 -27.05 -42.43 -13.35
C ALA IA 193 -27.46 -41.45 -14.45
N ARG IA 194 -28.30 -40.49 -14.08
CA ARG IA 194 -28.79 -39.46 -14.98
C ARG IA 194 -28.23 -38.11 -14.55
N ARG IA 195 -27.36 -37.54 -15.38
CA ARG IA 195 -26.75 -36.24 -15.09
C ARG IA 195 -27.65 -35.11 -15.60
N LEU IA 196 -28.82 -35.01 -14.99
CA LEU IA 196 -29.80 -33.99 -15.37
C LEU IA 196 -29.32 -32.60 -14.95
N MET JA 288 57.27 -43.39 -15.50
CA MET JA 288 55.87 -43.00 -15.71
C MET JA 288 55.27 -43.79 -16.88
N ALA JA 289 53.96 -44.02 -16.82
CA ALA JA 289 53.26 -44.78 -17.87
C ALA JA 289 51.78 -44.47 -17.78
N ARG JA 290 51.06 -44.74 -18.88
CA ARG JA 290 49.61 -44.58 -18.95
C ARG JA 290 49.00 -45.81 -19.61
N LYS JA 291 47.70 -45.98 -19.42
CA LYS JA 291 47.01 -47.13 -19.99
C LYS JA 291 46.75 -47.01 -21.48
N LYS JA 292 47.20 -45.95 -22.15
CA LYS JA 292 46.94 -45.78 -23.59
C LYS JA 292 48.24 -45.75 -24.39
N VAL JA 293 49.29 -46.42 -23.92
CA VAL JA 293 50.59 -46.36 -24.58
C VAL JA 293 50.51 -47.04 -25.93
N ARG JA 294 50.94 -46.32 -26.98
CA ARG JA 294 50.95 -46.83 -28.35
C ARG JA 294 52.34 -47.33 -28.70
N PRO JA 295 52.47 -48.56 -29.21
CA PRO JA 295 53.81 -49.13 -29.48
C PRO JA 295 54.47 -48.57 -30.73
N ARG JA 296 55.12 -47.42 -30.56
CA ARG JA 296 55.86 -46.82 -31.68
C ARG JA 296 56.96 -47.75 -32.15
N LEU JA 297 57.06 -47.92 -33.47
CA LEU JA 297 58.04 -48.81 -34.07
C LEU JA 297 58.99 -48.12 -35.03
N ILE JA 298 58.56 -47.02 -35.65
CA ILE JA 298 59.42 -46.33 -36.61
C ILE JA 298 60.65 -45.74 -35.94
N ALA JA 299 60.51 -45.27 -34.70
CA ALA JA 299 61.66 -44.72 -33.98
C ALA JA 299 62.75 -45.75 -33.80
N GLU JA 300 62.38 -46.98 -33.42
CA GLU JA 300 63.37 -48.04 -33.32
C GLU JA 300 63.89 -48.43 -34.70
N LEU JA 301 63.03 -48.43 -35.71
CA LEU JA 301 63.45 -48.75 -37.07
C LEU JA 301 64.47 -47.74 -37.59
N ALA JA 302 64.23 -46.45 -37.33
CA ALA JA 302 65.18 -45.44 -37.77
C ALA JA 302 66.51 -45.58 -37.05
N ARG JA 303 66.48 -45.97 -35.78
CA ARG JA 303 67.71 -46.12 -35.01
C ARG JA 303 68.60 -47.21 -35.61
N ARG JA 304 68.01 -48.34 -35.98
CA ARG JA 304 68.80 -49.44 -36.55
C ARG JA 304 69.40 -49.05 -37.89
N VAL JA 305 68.60 -48.44 -38.76
CA VAL JA 305 69.08 -48.08 -40.09
C VAL JA 305 70.16 -47.00 -39.99
N ARG JA 306 69.95 -46.01 -39.12
CA ARG JA 306 70.96 -44.96 -38.94
C ARG JA 306 72.25 -45.53 -38.39
N ALA JA 307 72.15 -46.44 -37.42
CA ALA JA 307 73.34 -47.11 -36.91
C ALA JA 307 73.99 -47.99 -37.98
N LEU JA 308 73.16 -48.67 -38.77
CA LEU JA 308 73.69 -49.51 -39.84
C LEU JA 308 74.37 -48.68 -40.91
N ARG JA 309 73.80 -47.52 -41.26
CA ARG JA 309 74.37 -46.70 -42.32
C ARG JA 309 75.73 -46.15 -41.94
N GLU JA 310 75.88 -45.65 -40.70
CA GLU JA 310 77.15 -45.05 -40.30
C GLU JA 310 78.26 -46.09 -40.23
N GLN JA 311 77.94 -47.31 -39.77
CA GLN JA 311 78.94 -48.37 -39.77
C GLN JA 311 79.36 -48.74 -41.18
N ARG JA 312 78.40 -48.84 -42.10
CA ARG JA 312 78.72 -49.22 -43.47
C ARG JA 312 79.46 -48.09 -44.20
N GLU JA 313 79.05 -46.84 -43.94
CA GLU JA 313 79.63 -45.67 -44.61
C GLU JA 313 80.59 -44.91 -43.70
N ARG JA 314 81.35 -45.60 -42.88
CA ARG JA 314 82.30 -44.94 -42.00
C ARG JA 314 83.40 -44.29 -42.84
N PRO JA 315 83.59 -42.98 -42.75
CA PRO JA 315 84.60 -42.32 -43.59
C PRO JA 315 85.99 -42.84 -43.28
N ARG JA 316 86.81 -42.95 -44.33
CA ARG JA 316 88.18 -43.41 -44.17
C ARG JA 316 89.06 -42.26 -43.72
N ASP JA 317 90.18 -42.61 -43.06
CA ASP JA 317 91.07 -41.60 -42.53
C ASP JA 317 91.72 -40.76 -43.62
N SER JA 318 91.94 -41.35 -44.80
CA SER JA 318 92.54 -40.59 -45.89
C SER JA 318 91.62 -39.49 -46.38
N GLN JA 319 90.35 -39.81 -46.63
CA GLN JA 319 89.40 -38.82 -47.12
C GLN JA 319 88.91 -37.89 -46.03
N ARG JA 320 89.00 -38.29 -44.76
CA ARG JA 320 88.52 -37.43 -43.67
C ARG JA 320 89.49 -36.29 -43.38
N TYR JA 321 90.80 -36.56 -43.49
CA TYR JA 321 91.82 -35.58 -43.11
C TYR JA 321 92.53 -34.99 -44.32
N ALA JA 322 92.06 -35.25 -45.53
CA ALA JA 322 92.65 -34.63 -46.71
C ALA JA 322 92.44 -33.13 -46.65
N LEU JA 323 93.50 -32.37 -46.94
CA LEU JA 323 93.49 -30.93 -46.78
C LEU JA 323 94.03 -30.24 -48.03
N ASP JA 324 93.39 -29.15 -48.42
CA ASP JA 324 93.89 -28.28 -49.47
C ASP JA 324 94.87 -27.28 -48.86
N TYR JA 325 96.06 -27.19 -49.43
CA TYR JA 325 97.14 -26.42 -48.83
C TYR JA 325 97.17 -24.97 -49.29
N GLU JA 326 96.21 -24.55 -50.11
CA GLU JA 326 96.11 -23.15 -50.52
C GLU JA 326 95.03 -22.39 -49.75
N THR JA 327 93.80 -22.92 -49.74
CA THR JA 327 92.71 -22.29 -49.01
C THR JA 327 92.72 -22.67 -47.52
N MET JA 328 93.52 -23.66 -47.13
CA MET JA 328 93.57 -24.14 -45.75
C MET JA 328 92.19 -24.57 -45.28
N MET JA 329 91.42 -25.19 -46.17
CA MET JA 329 90.05 -25.61 -45.90
C MET JA 329 89.94 -27.11 -46.05
N ARG JA 330 89.20 -27.73 -45.14
CA ARG JA 330 89.04 -29.19 -45.13
C ARG JA 330 87.89 -29.56 -46.07
N PRO JA 331 88.14 -30.26 -47.17
CA PRO JA 331 87.05 -30.61 -48.09
C PRO JA 331 85.97 -31.47 -47.45
N HIS JA 332 86.32 -32.32 -46.47
CA HIS JA 332 85.33 -33.20 -45.88
C HIS JA 332 84.50 -32.49 -44.83
N SER JA 333 85.15 -31.97 -43.79
CA SER JA 333 84.43 -31.34 -42.68
C SER JA 333 84.04 -29.89 -42.97
N GLY JA 334 84.59 -29.27 -44.00
CA GLY JA 334 84.30 -27.88 -44.27
C GLY JA 334 84.89 -26.92 -43.28
N ASN JA 335 85.90 -27.34 -42.53
CA ASN JA 335 86.52 -26.52 -41.50
C ASN JA 335 87.77 -25.84 -42.03
N ARG JA 336 88.02 -24.62 -41.55
CA ARG JA 336 89.20 -23.85 -41.89
C ARG JA 336 90.14 -23.82 -40.70
N LEU JA 337 91.40 -24.16 -40.94
CA LEU JA 337 92.36 -24.24 -39.85
C LEU JA 337 92.69 -22.85 -39.31
N PRO JA 338 92.99 -22.74 -38.01
CA PRO JA 338 93.35 -21.43 -37.45
C PRO JA 338 94.67 -20.94 -38.00
N MET JA 339 94.82 -19.61 -38.03
CA MET JA 339 96.01 -19.00 -38.61
C MET JA 339 97.29 -19.33 -37.84
N ARG JA 340 97.16 -19.74 -36.58
CA ARG JA 340 98.34 -20.14 -35.81
C ARG JA 340 98.93 -21.47 -36.27
N ALA JA 341 98.21 -22.22 -37.11
CA ALA JA 341 98.68 -23.51 -37.60
C ALA JA 341 99.00 -23.49 -39.09
N TRP JA 342 98.91 -22.33 -39.74
CA TRP JA 342 99.20 -22.26 -41.16
C TRP JA 342 100.68 -22.50 -41.44
N ALA JA 343 101.56 -21.90 -40.65
CA ALA JA 343 102.99 -21.97 -40.93
C ALA JA 343 103.52 -23.40 -40.82
N ASP JA 344 103.08 -24.15 -39.81
CA ASP JA 344 103.61 -25.48 -39.59
C ASP JA 344 103.13 -26.48 -40.64
N VAL JA 345 101.99 -26.22 -41.29
CA VAL JA 345 101.49 -27.15 -42.29
C VAL JA 345 102.39 -27.14 -43.53
N ARG JA 346 102.78 -25.95 -44.00
CA ARG JA 346 103.56 -25.84 -45.21
C ARG JA 346 105.06 -26.07 -44.99
N HIS JA 347 105.52 -26.09 -43.74
CA HIS JA 347 106.95 -26.20 -43.45
C HIS JA 347 107.29 -27.46 -42.66
N GLU JA 348 106.42 -28.46 -42.67
CA GLU JA 348 106.66 -29.69 -41.92
C GLU JA 348 105.81 -30.80 -42.51
N SER JA 349 106.03 -32.02 -42.00
CA SER JA 349 105.30 -33.19 -42.45
C SER JA 349 104.73 -33.93 -41.24
N ARG JA 350 103.63 -34.64 -41.46
CA ARG JA 350 102.96 -35.38 -40.40
C ARG JA 350 103.72 -36.66 -40.08
N LEU JA 351 103.16 -37.49 -39.20
CA LEU JA 351 103.86 -38.70 -38.76
C LEU JA 351 103.99 -39.71 -39.89
N LEU JA 352 102.89 -40.01 -40.59
CA LEU JA 352 102.92 -41.08 -41.59
C LEU JA 352 103.71 -40.67 -42.83
N GLN JA 353 103.79 -39.37 -43.12
CA GLN JA 353 104.62 -38.92 -44.25
C GLN JA 353 106.08 -39.22 -44.01
N LEU JA 354 106.55 -39.12 -42.77
CA LEU JA 354 107.93 -39.46 -42.43
C LEU JA 354 108.09 -40.89 -41.92
N LEU JA 355 107.02 -41.68 -41.92
CA LEU JA 355 107.08 -43.06 -41.45
C LEU JA 355 106.91 -44.09 -42.54
N ASN JA 356 106.33 -43.72 -43.69
CA ASN JA 356 106.10 -44.69 -44.76
C ASN JA 356 107.42 -45.21 -45.33
N ARG JA 357 108.42 -44.34 -45.48
CA ARG JA 357 109.70 -44.73 -46.08
C ARG JA 357 110.61 -45.36 -45.03
N LEU JA 358 110.11 -46.41 -44.39
CA LEU JA 358 110.85 -47.20 -43.42
C LEU JA 358 110.50 -48.67 -43.62
N PRO JA 359 111.44 -49.59 -43.29
CA PRO JA 359 111.23 -51.00 -43.63
C PRO JA 359 109.95 -51.61 -43.08
N LEU JA 360 109.78 -51.58 -41.77
CA LEU JA 360 108.59 -52.13 -41.12
C LEU JA 360 107.75 -51.01 -40.52
N PHE JA 361 107.64 -49.90 -41.25
CA PHE JA 361 106.97 -48.69 -40.78
C PHE JA 361 107.59 -48.21 -39.47
N GLY JA 362 108.90 -48.37 -39.36
CA GLY JA 362 109.67 -47.83 -38.24
C GLY JA 362 109.31 -48.38 -36.87
N LEU JA 363 109.14 -49.69 -36.76
CA LEU JA 363 108.94 -50.28 -35.44
C LEU JA 363 110.21 -50.16 -34.60
N GLY JA 364 110.04 -49.75 -33.36
CA GLY JA 364 111.18 -49.53 -32.47
C GLY JA 364 111.92 -48.25 -32.70
N ARG JA 365 111.44 -47.39 -33.60
CA ARG JA 365 112.09 -46.12 -33.86
C ARG JA 365 111.65 -45.06 -32.85
N LEU JA 366 112.40 -43.97 -32.80
CA LEU JA 366 112.10 -42.85 -31.93
C LEU JA 366 111.60 -41.68 -32.77
N VAL JA 367 110.44 -41.15 -32.38
CA VAL JA 367 109.79 -40.06 -33.10
C VAL JA 367 109.59 -38.89 -32.16
N THR JA 368 110.03 -37.70 -32.58
CA THR JA 368 109.85 -36.48 -31.82
C THR JA 368 108.85 -35.57 -32.52
N ARG JA 369 108.53 -34.46 -31.86
CA ARG JA 369 107.54 -33.51 -32.36
C ARG JA 369 108.08 -32.10 -32.19
N LYS JA 370 107.77 -31.23 -33.17
CA LYS JA 370 108.32 -29.88 -33.15
C LYS JA 370 107.79 -29.07 -31.96
N SER JA 371 106.59 -29.37 -31.50
CA SER JA 371 106.02 -28.62 -30.38
C SER JA 371 106.85 -28.80 -29.12
N TRP JA 372 107.27 -30.03 -28.82
CA TRP JA 372 108.10 -30.26 -27.64
C TRP JA 372 109.49 -29.68 -27.82
N LEU JA 373 110.03 -29.75 -29.03
CA LEU JA 373 111.40 -29.29 -29.26
C LEU JA 373 111.54 -27.80 -29.02
N TRP JA 374 110.53 -27.02 -29.40
CA TRP JA 374 110.64 -25.57 -29.28
C TRP JA 374 110.51 -25.12 -27.83
N GLN JA 375 109.61 -25.73 -27.06
CA GLN JA 375 109.33 -25.25 -25.72
C GLN JA 375 110.10 -25.98 -24.62
N HIS JA 376 110.51 -27.22 -24.86
CA HIS JA 376 111.20 -28.01 -23.85
C HIS JA 376 112.64 -28.26 -24.28
N ASP JA 377 113.58 -27.88 -23.42
CA ASP JA 377 114.99 -28.19 -23.68
C ASP JA 377 115.25 -29.68 -23.50
N GLU JA 378 114.57 -30.31 -22.54
CA GLU JA 378 114.72 -31.74 -22.34
C GLU JA 378 114.12 -32.51 -23.51
N PRO JA 379 114.71 -33.64 -23.87
CA PRO JA 379 114.22 -34.40 -25.03
C PRO JA 379 112.92 -35.12 -24.72
N CYS JA 380 112.01 -35.09 -25.68
CA CYS JA 380 110.74 -35.81 -25.61
C CYS JA 380 110.55 -36.57 -26.91
N TYR JA 381 110.20 -37.86 -26.80
CA TYR JA 381 110.14 -38.71 -27.98
C TYR JA 381 109.20 -39.87 -27.72
N TRP JA 382 108.85 -40.57 -28.80
CA TRP JA 382 107.98 -41.74 -28.75
C TRP JA 382 108.72 -42.95 -29.29
N ARG JA 383 108.60 -44.08 -28.60
CA ARG JA 383 109.13 -45.34 -29.10
C ARG JA 383 107.97 -46.15 -29.67
N LEU JA 384 107.91 -46.25 -30.99
CA LEU JA 384 106.78 -46.88 -31.66
C LEU JA 384 106.74 -48.37 -31.36
N THR JA 385 105.53 -48.87 -31.09
CA THR JA 385 105.30 -50.29 -30.87
C THR JA 385 104.69 -50.96 -32.10
N ARG JA 386 103.54 -50.45 -32.55
CA ARG JA 386 102.91 -50.97 -33.76
C ARG JA 386 102.20 -49.82 -34.46
N VAL JA 387 102.00 -50.00 -35.77
CA VAL JA 387 101.40 -48.97 -36.61
C VAL JA 387 100.72 -49.64 -37.79
N ARG JA 388 99.49 -49.23 -38.07
CA ARG JA 388 98.71 -49.78 -39.18
C ARG JA 388 98.14 -48.64 -40.00
N PRO JA 389 98.70 -48.34 -41.17
CA PRO JA 389 98.15 -47.28 -42.01
C PRO JA 389 96.90 -47.73 -42.73
N ASP JA 390 96.23 -46.78 -43.37
CA ASP JA 390 95.04 -47.04 -44.16
C ASP JA 390 95.40 -47.12 -45.64
N TYR JA 391 94.82 -48.09 -46.33
CA TYR JA 391 95.14 -48.32 -47.73
C TYR JA 391 94.41 -47.38 -48.68
N ALA JA 392 93.47 -46.57 -48.18
CA ALA JA 392 92.72 -45.67 -49.05
C ALA JA 392 93.63 -44.63 -49.68
N ALA JA 393 94.56 -44.08 -48.92
CA ALA JA 393 95.45 -43.05 -49.44
C ALA JA 393 96.36 -43.64 -50.51
N GLU JA 394 96.48 -42.92 -51.63
CA GLU JA 394 97.36 -43.38 -52.70
C GLU JA 394 98.82 -43.26 -52.30
N ASN JA 395 99.17 -42.26 -51.51
CA ASN JA 395 100.54 -42.06 -51.05
C ASN JA 395 100.80 -42.67 -49.67
N LEU JA 396 99.79 -43.29 -49.06
CA LEU JA 396 99.91 -43.90 -47.74
C LEU JA 396 100.45 -42.89 -46.71
N ASP JA 397 99.67 -41.83 -46.49
CA ASP JA 397 100.06 -40.76 -45.58
C ASP JA 397 99.11 -40.63 -44.40
N HIS JA 398 98.43 -41.71 -44.01
CA HIS JA 398 97.50 -41.66 -42.89
C HIS JA 398 97.51 -43.01 -42.18
N GLY JA 399 97.10 -42.98 -40.92
CA GLY JA 399 97.01 -44.20 -40.13
C GLY JA 399 97.06 -43.89 -38.66
N LYS JA 400 96.79 -44.93 -37.88
CA LYS JA 400 96.83 -44.87 -36.42
C LYS JA 400 98.03 -45.65 -35.91
N ALA JA 401 98.70 -45.09 -34.90
CA ALA JA 401 99.93 -45.68 -34.39
C ALA JA 401 99.91 -45.68 -32.86
N TRP JA 402 100.67 -46.61 -32.29
CA TRP JA 402 100.86 -46.72 -30.85
C TRP JA 402 102.32 -46.46 -30.53
N GLY JA 403 102.65 -46.42 -29.24
CA GLY JA 403 104.02 -46.19 -28.85
C GLY JA 403 104.17 -46.11 -27.35
N ILE JA 404 105.40 -45.79 -26.94
CA ILE JA 404 105.77 -45.62 -25.53
C ILE JA 404 106.14 -44.17 -25.32
N LEU JA 405 105.63 -43.58 -24.24
CA LEU JA 405 105.78 -42.16 -23.99
C LEU JA 405 107.01 -41.86 -23.14
N THR JA 406 107.77 -40.84 -23.56
CA THR JA 406 108.92 -40.35 -22.82
C THR JA 406 108.82 -38.84 -22.76
N PHE JA 407 108.36 -38.32 -21.63
CA PHE JA 407 108.14 -36.88 -21.45
C PHE JA 407 109.11 -36.35 -20.40
N LYS JA 408 109.91 -35.35 -20.79
CA LYS JA 408 110.88 -34.72 -19.90
C LYS JA 408 111.81 -35.74 -19.27
N GLY JA 409 112.16 -36.77 -20.03
CA GLY JA 409 113.01 -37.84 -19.55
C GLY JA 409 112.31 -38.89 -18.71
N LYS JA 410 111.01 -38.74 -18.47
CA LYS JA 410 110.25 -39.70 -17.68
C LYS JA 410 109.57 -40.69 -18.62
N THR JA 411 109.83 -41.98 -18.41
CA THR JA 411 109.37 -43.04 -19.28
C THR JA 411 108.24 -43.81 -18.60
N GLU JA 412 107.16 -44.05 -19.35
CA GLU JA 412 106.06 -44.87 -18.86
C GLU JA 412 106.26 -46.32 -19.26
N SER JA 413 105.64 -47.22 -18.49
CA SER JA 413 105.80 -48.66 -18.66
C SER JA 413 104.65 -49.31 -19.41
N GLU JA 414 103.79 -48.51 -20.06
CA GLU JA 414 102.64 -49.04 -20.78
C GLU JA 414 102.55 -48.38 -22.16
N ALA JA 415 101.92 -49.09 -23.09
CA ALA JA 415 101.75 -48.60 -24.45
C ALA JA 415 100.47 -47.78 -24.57
N ARG JA 416 100.58 -46.63 -25.22
CA ARG JA 416 99.44 -45.72 -25.41
C ARG JA 416 99.32 -45.36 -26.87
N GLU JA 417 98.08 -45.31 -27.37
CA GLU JA 417 97.84 -44.92 -28.75
C GLU JA 417 98.25 -43.47 -28.95
N ILE JA 418 98.90 -43.20 -30.08
CA ILE JA 418 99.47 -41.89 -30.33
C ILE JA 418 98.35 -40.92 -30.69
N GLU JA 419 98.31 -39.79 -29.99
CA GLU JA 419 97.33 -38.74 -30.23
C GLU JA 419 97.94 -37.65 -31.11
N GLN JA 420 97.09 -36.96 -31.86
CA GLN JA 420 97.49 -35.82 -32.69
C GLN JA 420 98.48 -36.26 -33.77
N VAL JA 421 98.16 -37.37 -34.43
CA VAL JA 421 99.03 -37.88 -35.49
C VAL JA 421 98.99 -36.98 -36.72
N MET JA 422 97.81 -36.49 -37.09
CA MET JA 422 97.66 -35.74 -38.32
C MET JA 422 98.34 -34.38 -38.30
N TYR JA 423 98.79 -33.91 -37.15
CA TYR JA 423 99.42 -32.60 -37.06
C TYR JA 423 100.71 -32.56 -37.86
N HIS JA 424 100.91 -31.47 -38.59
CA HIS JA 424 102.10 -31.30 -39.42
C HIS JA 424 103.24 -30.68 -38.61
N ASP JA 425 103.69 -31.44 -37.61
CA ASP JA 425 104.83 -31.01 -36.79
C ASP JA 425 105.82 -32.10 -36.46
N TRP JA 426 105.57 -33.36 -36.81
CA TRP JA 426 106.43 -34.45 -36.37
C TRP JA 426 107.77 -34.44 -37.10
N ARG JA 427 108.77 -35.04 -36.45
CA ARG JA 427 110.09 -35.22 -37.01
C ARG JA 427 110.63 -36.58 -36.61
N LEU JA 428 111.66 -37.03 -37.32
CA LEU JA 428 112.29 -38.32 -37.07
C LEU JA 428 113.76 -38.11 -36.72
N VAL JA 429 114.21 -38.78 -35.66
CA VAL JA 429 115.60 -38.65 -35.20
C VAL JA 429 116.47 -39.66 -35.94
N PRO JA 430 117.75 -39.35 -36.18
CA PRO JA 430 118.62 -40.29 -36.87
C PRO JA 430 119.10 -41.41 -35.96
N LYS JA 431 119.66 -42.44 -36.59
CA LYS JA 431 120.22 -43.57 -35.84
C LYS JA 431 121.40 -43.14 -34.97
N HIS JA 432 122.30 -42.33 -35.52
CA HIS JA 432 123.49 -41.94 -34.78
C HIS JA 432 123.20 -40.91 -33.69
N GLU JA 433 122.07 -40.21 -33.78
CA GLU JA 433 121.66 -39.28 -32.75
C GLU JA 433 120.70 -39.91 -31.74
N GLU JA 434 120.41 -41.20 -31.87
CA GLU JA 434 119.45 -41.84 -30.98
C GLU JA 434 119.93 -41.82 -29.54
N GLU JA 435 121.21 -42.14 -29.31
CA GLU JA 435 121.73 -42.16 -27.95
C GLU JA 435 122.02 -40.77 -27.41
N ALA JA 436 122.22 -39.78 -28.28
CA ALA JA 436 122.41 -38.41 -27.81
C ALA JA 436 121.15 -37.88 -27.13
N PHE JA 437 119.99 -38.09 -27.76
CA PHE JA 437 118.73 -37.66 -27.16
C PHE JA 437 118.28 -38.60 -26.04
N THR JA 438 118.61 -39.88 -26.14
CA THR JA 438 118.22 -40.82 -25.09
C THR JA 438 118.91 -40.49 -23.78
N ALA JA 439 120.18 -40.07 -23.83
CA ALA JA 439 120.89 -39.69 -22.63
C ALA JA 439 120.21 -38.50 -21.96
N PHE JA 440 119.99 -38.59 -20.65
CA PHE JA 440 119.26 -37.58 -19.92
C PHE JA 440 119.97 -37.31 -18.59
N THR JA 441 119.89 -36.06 -18.14
CA THR JA 441 120.44 -35.63 -16.87
C THR JA 441 119.28 -35.34 -15.92
N LEU JA 442 119.16 -36.16 -14.87
CA LEU JA 442 118.06 -35.99 -13.93
C LEU JA 442 118.32 -34.78 -13.02
N VAL JA 443 117.37 -33.87 -13.00
CA VAL JA 443 117.45 -32.65 -12.19
C VAL JA 443 116.36 -32.73 -11.13
N PRO JA 444 116.69 -32.70 -9.84
CA PRO JA 444 115.66 -32.75 -8.80
C PRO JA 444 114.80 -31.50 -8.80
N GLU JA 445 113.56 -31.67 -8.36
CA GLU JA 445 112.61 -30.56 -8.32
C GLU JA 445 112.80 -29.73 -7.06
N ASP JA 446 112.74 -28.41 -7.22
CA ASP JA 446 112.96 -27.47 -6.13
C ASP JA 446 111.67 -26.81 -5.66
N THR JA 447 110.52 -27.25 -6.16
CA THR JA 447 109.26 -26.65 -5.76
C THR JA 447 108.96 -26.97 -4.29
N PRO JA 448 108.40 -26.01 -3.55
CA PRO JA 448 108.10 -26.26 -2.13
C PRO JA 448 107.07 -27.38 -1.97
N LEU JA 449 107.23 -28.15 -0.91
CA LEU JA 449 106.30 -29.23 -0.58
C LEU JA 449 105.15 -28.77 0.31
N SER JA 450 105.18 -27.53 0.80
CA SER JA 450 104.14 -27.01 1.66
C SER JA 450 104.02 -25.51 1.45
N VAL JA 451 102.78 -25.01 1.45
CA VAL JA 451 102.50 -23.59 1.27
C VAL JA 451 101.52 -23.13 2.34
N PRO JA 452 101.54 -21.86 2.71
CA PRO JA 452 100.58 -21.37 3.72
C PRO JA 452 99.16 -21.41 3.20
N TYR JA 453 98.23 -21.58 4.12
CA TYR JA 453 96.82 -21.55 3.79
C TYR JA 453 96.40 -20.13 3.39
N PRO JA 454 95.31 -19.99 2.64
CA PRO JA 454 94.75 -18.67 2.42
C PRO JA 454 94.33 -18.04 3.74
N PRO JA 455 94.38 -16.70 3.84
CA PRO JA 455 94.25 -16.07 5.16
C PRO JA 455 92.97 -16.40 5.91
N LEU JA 456 91.80 -16.21 5.28
CA LEU JA 456 90.56 -16.45 6.00
C LEU JA 456 90.38 -17.93 6.34
N LEU JA 457 90.74 -18.82 5.40
CA LEU JA 457 90.65 -20.24 5.69
C LEU JA 457 91.66 -20.65 6.76
N ARG JA 458 92.79 -19.96 6.84
CA ARG JA 458 93.75 -20.22 7.91
C ARG JA 458 93.17 -19.89 9.28
N ALA JA 459 92.39 -18.81 9.35
CA ALA JA 459 91.82 -18.40 10.63
C ALA JA 459 90.85 -19.45 11.17
N MET JA 460 90.04 -20.04 10.28
CA MET JA 460 89.07 -21.05 10.74
C MET JA 460 89.78 -22.27 11.29
N ILE JA 461 90.91 -22.66 10.70
CA ILE JA 461 91.67 -23.79 11.22
C ILE JA 461 92.16 -23.50 12.64
N LEU JA 462 92.68 -22.30 12.86
CA LEU JA 462 93.10 -21.92 14.21
C LEU JA 462 91.92 -21.83 15.15
N ALA JA 463 90.79 -21.30 14.67
CA ALA JA 463 89.62 -21.11 15.53
C ALA JA 463 89.07 -22.44 16.02
N GLN JA 464 89.01 -23.45 15.14
CA GLN JA 464 88.42 -24.74 15.52
C GLN JA 464 89.26 -25.43 16.59
N ARG JA 465 90.58 -25.51 16.38
CA ARG JA 465 91.41 -26.23 17.34
C ARG JA 465 91.48 -25.49 18.67
N GLN JA 466 91.46 -24.16 18.65
CA GLN JA 466 91.40 -23.40 19.89
C GLN JA 466 90.09 -23.66 20.63
N LYS JA 467 88.99 -23.73 19.89
CA LYS JA 467 87.69 -24.02 20.52
C LYS JA 467 87.65 -25.41 21.12
N TYR JA 468 88.22 -26.39 20.42
CA TYR JA 468 88.21 -27.77 20.90
C TYR JA 468 89.27 -28.06 21.94
N GLY JA 469 90.20 -27.13 22.19
CA GLY JA 469 91.21 -27.29 23.22
C GLY JA 469 92.62 -27.48 22.71
N ASP JA 470 92.81 -27.71 21.42
CA ASP JA 470 94.15 -27.86 20.85
C ASP JA 470 94.77 -26.48 20.72
N THR JA 471 95.66 -26.13 21.66
CA THR JA 471 96.23 -24.79 21.74
C THR JA 471 97.62 -24.70 21.15
N SER JA 472 98.06 -25.69 20.38
CA SER JA 472 99.37 -25.62 19.75
C SER JA 472 99.38 -24.49 18.72
N THR JA 473 100.48 -23.72 18.72
CA THR JA 473 100.61 -22.56 17.86
C THR JA 473 101.38 -22.87 16.57
N GLU JA 474 101.49 -24.14 16.21
CA GLU JA 474 102.15 -24.50 14.97
C GLU JA 474 101.32 -24.04 13.78
N GLU JA 475 101.98 -23.35 12.84
CA GLU JA 475 101.27 -22.78 11.70
C GLU JA 475 100.78 -23.89 10.77
N PRO JA 476 99.50 -23.90 10.41
CA PRO JA 476 99.01 -24.93 9.48
C PRO JA 476 99.64 -24.78 8.11
N MET JA 477 99.80 -25.92 7.44
CA MET JA 477 100.40 -25.95 6.12
C MET JA 477 99.58 -26.87 5.21
N LEU JA 478 99.78 -26.70 3.91
CA LEU JA 478 99.06 -27.44 2.90
C LEU JA 478 100.04 -28.34 2.15
N ASN JA 479 99.70 -29.63 2.03
CA ASN JA 479 100.58 -30.61 1.42
C ASN JA 479 100.43 -30.52 -0.10
N LEU JA 480 101.33 -29.78 -0.74
CA LEU JA 480 101.37 -29.69 -2.20
C LEU JA 480 102.19 -30.83 -2.80
N GLU JA 481 101.73 -32.04 -2.55
CA GLU JA 481 102.39 -33.23 -3.06
C GLU JA 481 101.47 -34.10 -3.89
N ARG JA 482 100.20 -34.19 -3.51
CA ARG JA 482 99.22 -34.96 -4.25
C ARG JA 482 98.58 -34.15 -5.37
N ALA JA 483 98.92 -32.86 -5.50
CA ALA JA 483 98.35 -31.99 -6.50
C ALA JA 483 99.29 -31.72 -7.67
N ARG JA 484 100.17 -32.67 -7.99
CA ARG JA 484 101.03 -32.51 -9.15
C ARG JA 484 100.20 -32.41 -10.42
N ILE JA 485 100.50 -31.43 -11.25
CA ILE JA 485 99.76 -31.19 -12.48
C ILE JA 485 100.69 -31.42 -13.67
N ASP JA 486 100.27 -32.30 -14.58
CA ASP JA 486 101.03 -32.51 -15.80
C ASP JA 486 100.90 -31.29 -16.70
N PRO JA 487 101.95 -30.95 -17.46
CA PRO JA 487 101.84 -29.80 -18.37
C PRO JA 487 100.79 -30.03 -19.43
N TRP JA 488 100.19 -28.93 -19.89
CA TRP JA 488 99.07 -29.00 -20.81
C TRP JA 488 99.41 -29.67 -22.13
N ASP JA 489 100.69 -29.65 -22.52
CA ASP JA 489 101.10 -30.29 -23.78
C ASP JA 489 101.20 -31.80 -23.67
N TYR JA 490 101.14 -32.35 -22.46
CA TYR JA 490 101.21 -33.79 -22.29
C TYR JA 490 99.96 -34.44 -22.90
N PRO JA 491 100.12 -35.40 -23.82
CA PRO JA 491 98.95 -36.01 -24.44
C PRO JA 491 98.16 -36.86 -23.44
N ALA JA 492 96.85 -36.74 -23.50
CA ALA JA 492 95.96 -37.47 -22.61
C ALA JA 492 95.63 -38.85 -23.19
N LYS JA 493 95.17 -39.74 -22.32
CA LYS JA 493 94.85 -41.09 -22.73
C LYS JA 493 93.63 -41.09 -23.64
N LEU JA 494 93.81 -41.55 -24.88
CA LEU JA 494 92.69 -41.65 -25.80
C LEU JA 494 91.67 -42.68 -25.32
N GLU JA 495 92.15 -43.82 -24.83
CA GLU JA 495 91.26 -44.84 -24.27
C GLU JA 495 90.70 -44.38 -22.93
N ALA JA 496 89.45 -44.74 -22.68
CA ALA JA 496 88.80 -44.41 -21.42
C ALA JA 496 89.34 -45.33 -20.32
N LYS JA 497 88.75 -45.21 -19.12
CA LYS JA 497 89.15 -45.99 -17.96
C LYS JA 497 87.96 -46.80 -17.48
N THR JA 498 88.14 -48.11 -17.39
CA THR JA 498 87.08 -48.99 -16.90
C THR JA 498 87.05 -48.99 -15.37
N LYS JA 499 86.03 -49.63 -14.81
CA LYS JA 499 85.89 -49.68 -13.37
C LYS JA 499 87.10 -50.36 -12.74
N THR JA 500 87.62 -49.75 -11.67
CA THR JA 500 88.78 -50.27 -10.97
C THR JA 500 88.43 -50.68 -9.55
MG MG KA . 19.36 10.46 -4.42
MG MG LA . -8.62 -39.20 -20.11
MG MG MA . -22.54 -58.98 -25.43
MG MG NA . 1.76 -41.18 -19.32
MG MG OA . 22.65 -1.29 -24.04
MG MG PA . -20.81 -39.80 -28.14
MG MG QA . 57.45 -34.21 -36.55
MG MG RA . 47.52 -5.19 -27.10
MG MG SA . 43.68 0.44 -28.67
MG MG TA . -18.92 -23.20 -19.32
MG MG UA . 50.95 -7.00 -41.62
MG MG VA . -6.14 -13.75 -5.22
MG MG WA . -11.34 -30.76 1.70
MG MG XA . -10.35 -57.34 -20.41
MG MG YA . 7.01 -40.74 -24.42
MG MG ZA . 12.61 -47.72 1.72
MG MG AB . -6.03 -46.80 -3.88
MG MG BB . -2.64 -55.27 -14.73
MG MG CB . 16.03 -55.93 3.69
MG MG DB . -49.76 30.90 -23.57
MG MG EB . -49.97 6.26 -32.21
MG MG FB . 56.14 -22.39 -39.10
MG MG GB . -39.52 39.74 -27.91
MG MG HB . -35.42 13.74 8.49
MG MG IB . 44.72 -26.99 -27.66
MG MG JB . 20.16 -37.70 -26.58
MG MG KB . -20.44 15.91 -22.97
MG MG LB . -45.93 -43.15 -31.19
MG MG MB . 18.55 6.75 -15.13
MG MG NB . -16.74 12.51 -19.71
MG MG OB . -17.82 34.63 -33.18
MG MG PB . 4.61 -31.42 -5.93
MG MG QB . -54.86 11.99 -13.39
MG MG RB . -24.83 -26.34 -21.22
MG MG SB . -16.89 14.98 -15.49
MG MG TB . 6.99 20.42 -22.65
MG MG UB . -42.22 14.22 -21.08
MG MG VB . 64.78 -23.17 -36.38
MG MG WB . 62.72 -41.41 -13.23
MG MG XB . -52.43 45.45 -39.76
MG MG YB . -25.47 -42.17 -25.43
MG MG ZB . -19.73 -13.42 -19.73
MG MG AC . 75.66 -7.06 -33.01
MG MG BC . 18.68 14.49 -21.16
MG MG CC . -33.77 -68.24 -7.61
MG MG DC . 4.10 -44.32 -0.22
MG MG EC . -17.12 -36.19 -15.27
MG MG FC . 60.01 -22.29 -22.01
MG MG GC . -29.83 19.23 -33.32
MG MG HC . -18.88 -28.57 -16.81
MG MG IC . 3.81 -62.18 8.77
MG MG JC . -28.44 -38.83 -33.07
MG MG KC . 17.37 -23.79 -3.19
MG MG LC . 2.26 -3.90 -9.69
MG MG MC . 1.82 -14.51 -7.30
MG MG NC . 84.44 -12.33 -21.32
MG MG OC . -9.25 -69.30 -9.88
MG MG PC . -11.71 -62.48 -27.13
MG MG QC . -43.71 12.60 -34.95
MG MG RC . -29.97 -69.02 -22.64
MG MG SC . 84.81 -27.18 -35.91
MG MG TC . -29.50 -54.14 -22.96
MG MG UC . -15.94 32.34 -21.86
MG MG VC . 72.98 -44.55 -10.64
MG MG WC . -38.26 14.74 -2.27
MG MG XC . 14.78 -25.26 -17.42
MG MG YC . 59.52 -13.47 -35.01
MG MG ZC . -26.65 -26.24 -10.31
MG MG AD . 3.78 -40.28 -4.86
MG MG BD . -28.88 8.39 16.01
MG MG CD . -65.89 15.83 -27.47
MG MG DD . -1.91 -53.42 8.11
MG MG ED . -44.04 12.31 9.54
MG MG FD . -46.81 19.96 11.89
MG MG GD . 64.58 -7.62 -15.64
MG MG HD . 41.19 -36.66 -27.22
MG MG ID . -23.41 15.54 -29.28
MG MG JD . -17.96 -14.79 -31.58
MG MG KD . -3.13 -15.00 11.41
MG MG LD . 21.49 8.63 -21.59
MG MG MD . -25.02 7.54 -18.73
MG MG ND . -18.75 23.89 -27.52
MG MG OD . -71.21 14.83 -37.13
MG MG PD . -17.96 36.37 -21.40
MG MG QD . 48.52 0.49 -37.65
MG MG RD . -45.75 -1.25 -11.87
MG MG SD . -57.12 9.00 -23.52
MG MG TD . -17.36 19.30 -11.97
MG MG UD . 7.49 -45.09 13.72
MG MG VD . -14.97 5.14 16.16
MG MG WD . -15.90 -39.90 -17.42
MG MG XD . 13.80 -9.23 -0.60
MG MG YD . 12.11 -4.64 -18.79
MG MG ZD . 45.52 -19.61 -28.18
MG MG AE . 88.03 -23.85 -19.41
MG MG BE . 58.93 5.16 -21.39
MG MG CE . 64.18 -1.79 -22.51
MG MG DE . 28.57 15.18 -21.05
MG MG EE . -1.74 -55.59 -31.97
MG MG FE . -13.37 -50.79 5.42
MG MG GE . -17.88 38.37 -37.83
MG MG HE . -82.64 12.12 -21.97
MG MG IE . 9.73 -55.10 8.02
MG MG JE . 6.15 -56.66 5.80
MG MG KE . -44.21 -61.05 -20.59
MG MG LE . -9.17 -56.06 -17.24
MG MG ME . 10.81 -45.07 -2.08
MG MG NE . 11.06 -50.03 -3.79
MG MG OE . 26.82 -58.45 5.28
MG MG PE . -44.90 4.75 -36.00
MG MG QE . 86.08 -5.94 -29.03
MG MG RE . -13.49 -68.43 0.15
MG MG SE . 95.91 -27.52 -27.84
MG MG TE . -59.61 24.36 -38.33
MG MG UE . 77.86 -43.75 -10.16
MG MG VE . -68.61 18.01 -34.94
MG MG WE . 60.24 3.07 -38.75
MG MG XE . 5.03 -32.26 -2.83
MG MG YE . -8.37 32.53 -19.83
N1 SPM ZE . 8.35 -27.65 5.37
C2 SPM ZE . 6.90 -27.73 5.27
C3 SPM ZE . 6.31 -28.02 6.65
C4 SPM ZE . 6.69 -29.42 7.09
N5 SPM ZE . 5.99 -29.75 8.32
C6 SPM ZE . 6.21 -31.14 8.65
C7 SPM ZE . 5.51 -32.04 7.62
C8 SPM ZE . 6.24 -33.37 7.52
C9 SPM ZE . 7.70 -33.11 7.18
N10 SPM ZE . 8.38 -34.36 6.88
C11 SPM ZE . 9.78 -34.07 6.61
C12 SPM ZE . 10.51 -35.36 6.22
C13 SPM ZE . 11.92 -35.01 5.76
N14 SPM ZE . 12.60 -36.20 5.32
N1 SPD AF . 4.04 -38.97 -13.19
C2 SPD AF . 3.87 -40.40 -13.36
C3 SPD AF . 5.13 -41.14 -12.93
C4 SPD AF . 4.97 -42.63 -13.20
C5 SPD AF . 6.21 -43.38 -12.72
N6 SPD AF . 6.14 -44.76 -13.14
C7 SPD AF . 7.33 -45.47 -12.71
C8 SPD AF . 7.23 -46.94 -13.09
C9 SPD AF . 8.53 -47.66 -12.74
N10 SPD AF . 8.76 -47.55 -11.31
K K BF . -8.39 -6.13 -15.78
K K CF . -48.14 8.29 -28.70
K K DF . -11.25 29.39 -21.81
K K EF . -16.43 -11.86 1.42
K K FF . -17.67 -30.61 -18.01
K K GF . -7.96 -16.35 -30.39
K K HF . 80.49 -10.96 -22.33
K K IF . -25.79 -61.84 -1.12
K K JF . 15.77 -11.65 -4.13
K K KF . -29.65 40.28 -38.59
K K LF . -16.07 -27.08 -9.19
MG MG MF . -21.41 -25.61 7.12
MG MG NF . 1.14 -26.78 -23.60
MG MG OF . -37.18 -22.01 -34.66
MG MG PF . -10.88 -9.48 -26.39
MG MG QF . 42.19 2.75 -36.92
MG MG RF . 36.95 5.92 -36.08
ZN ZN SF . 41.36 16.01 0.47
FE5 FS2 TF . -18.39 -61.55 26.88
FE6 FS2 TF . -20.00 -60.58 24.95
S5 FS2 TF . -18.96 -62.51 24.98
S6 FS2 TF . -19.20 -59.51 26.69
FE5 FS2 UF . 63.29 -3.67 -8.12
FE6 FS2 UF . 64.48 -4.92 -6.06
S5 FS2 UF . 62.49 -5.32 -6.91
S6 FS2 UF . 65.41 -3.56 -7.51
PG ATP VF . -93.53 19.21 -14.20
O1G ATP VF . -92.63 19.99 -13.31
O2G ATP VF . -94.50 20.09 -14.99
O3G ATP VF . -92.79 18.28 -15.16
PB ATP VF . -95.92 18.25 -12.69
O1B ATP VF . -96.93 18.78 -13.62
O2B ATP VF . -95.80 18.95 -11.34
O3B ATP VF . -94.48 18.25 -13.35
PA ATP VF . -96.82 15.47 -13.13
O1A ATP VF . -95.99 14.99 -14.26
O2A ATP VF . -98.23 15.91 -13.50
O3A ATP VF . -96.13 16.70 -12.40
O5' ATP VF . -96.92 14.39 -11.99
C5' ATP VF . -95.75 13.91 -11.30
C4' ATP VF . -96.01 12.49 -10.86
O4' ATP VF . -96.50 12.50 -9.50
C3' ATP VF . -97.04 11.73 -11.67
O3' ATP VF . -96.44 11.08 -12.78
C2' ATP VF . -97.60 10.74 -10.65
O2' ATP VF . -96.75 9.60 -10.52
C1' ATP VF . -97.57 11.57 -9.37
N9 ATP VF . -98.80 12.32 -9.13
C8 ATP VF . -98.98 13.67 -9.27
N7 ATP VF . -100.19 14.08 -8.98
C5 ATP VF . -100.85 12.92 -8.61
C6 ATP VF . -102.18 12.66 -8.19
N6 ATP VF . -103.11 13.61 -8.05
N1 ATP VF . -102.50 11.38 -7.90
C2 ATP VF . -101.57 10.43 -8.03
N3 ATP VF . -100.31 10.55 -8.42
C4 ATP VF . -100.01 11.82 -8.70
MG MG WF . -96.32 19.13 -15.69
PB GDP XF . -104.86 37.65 -39.56
O1B GDP XF . -104.52 37.62 -38.09
O2B GDP XF . -103.73 38.29 -40.33
O3B GDP XF . -106.13 38.43 -39.77
O3A GDP XF . -105.07 36.14 -40.09
PA GDP XF . -106.23 35.22 -39.47
O1A GDP XF . -106.18 35.23 -37.97
O2A GDP XF . -107.58 35.66 -39.98
O5' GDP XF . -105.87 33.75 -40.04
C5' GDP XF . -106.41 32.58 -39.44
C4' GDP XF . -105.82 31.35 -40.12
O4' GDP XF . -106.66 30.91 -41.18
C3' GDP XF . -104.46 31.67 -40.73
O3' GDP XF . -103.43 31.02 -40.00
C2' GDP XF . -104.52 31.13 -42.16
O2' GDP XF . -103.50 30.16 -42.35
C1' GDP XF . -105.88 30.49 -42.30
N9 GDP XF . -106.53 30.90 -43.57
C8 GDP XF . -107.46 31.88 -43.69
N7 GDP XF . -107.85 32.01 -44.98
C5 GDP XF . -107.17 31.11 -45.70
C6 GDP XF . -107.10 30.72 -47.13
O6 GDP XF . -107.81 31.29 -47.99
N1 GDP XF . -106.26 29.73 -47.48
C2 GDP XF . -105.48 29.10 -46.58
N2 GDP XF . -104.67 28.12 -47.01
N3 GDP XF . -105.49 29.41 -45.25
C4 GDP XF . -106.30 30.38 -44.77
MG MG YF . -14.47 -23.81 40.30
#